data_8ZOF
#
_entry.id   8ZOF
#
_cell.length_a   1.00
_cell.length_b   1.00
_cell.length_c   1.00
_cell.angle_alpha   90.00
_cell.angle_beta   90.00
_cell.angle_gamma   90.00
#
_symmetry.space_group_name_H-M   'P 1'
#
loop_
_entity.id
_entity.type
_entity.pdbx_description
1 polymer VCPI-5
2 polymer VCPI-4
3 polymer VCPI-1
4 polymer 'Photosystem I P700 chlorophyll a apoprotein A1'
5 polymer 'Photosystem I P700 chlorophyll a apoprotein A2'
6 polymer 'Photosystem I reaction center subunit II'
7 polymer 'Photosystem I reaction center subunit IV'
8 polymer 'Photosystem I reaction center subunit III'
9 polymer 'Photosystem I reaction center subunit VIII'
10 polymer 'Photosystem I reaction center subunit IX'
11 polymer 'PSI subunit V'
12 polymer PsaM
13 polymer PsaS
14 polymer 'Photosystem I iron-sulfur center'
15 non-polymer "(3S,5R,6S,3'S,5'R,6'S)-5,6,5',6'-DIEPOXY-5,6,5',6'- TETRAHYDRO-BETA,BETA-CAROTENE-3,3'-DIOL"
16 non-polymer (1~{R},3~{S})-6-[(3~{E},5~{E},7~{E},9~{E},11~{E},13~{E},15~{Z},17~{E})-16-(hydroxymethyl)-3,7,12-trimethyl-18-[(1~{S},4~{S},6~{R})-2,2,6-trimethyl-4-oxidanyl-7-oxabicyclo[4.1.0]heptan-1-yl]octadeca-1,3,5,7,9,11,13,15,17-nonaenylidene]-1,5,5-trimethyl-cyclohexane-1,3-diol
17 non-polymer 'CHLOROPHYLL A'
18 non-polymer 1,2-DI-O-ACYL-3-O-[6-DEOXY-6-SULFO-ALPHA-D-GLUCOPYRANOSYL]-SN-GLYCEROL
19 non-polymer 'DIGALACTOSYL DIACYL GLYCEROL (DGDG)'
20 non-polymer '[(2~{Z},4~{E},6~{E},8~{E},10~{E},12~{E},14~{E})-17-[(4~{S},6~{R})-4-acetyloxy-2,2,6-trimethyl-6-oxidanyl-cyclohexylidene]-6,11,15-trimethyl-2-[(~{E})-2-[(1~{S},4~{S},6~{R})-2,2,6-trimethyl-4-oxidanyl-7-oxabicyclo[4.1.0]heptan-1-yl]ethenyl]heptadeca-2,4,6,8,10,12,14,16-octaenyl] octanoate'
21 non-polymer PHYLLOQUINONE
22 non-polymer 1,2-DIPALMITOYL-PHOSPHATIDYL-GLYCEROLE
23 non-polymer BETA-CAROTENE
24 non-polymer 'IRON/SULFUR CLUSTER'
25 non-polymer 1,2-DISTEAROYL-MONOGALACTOSYL-DIGLYCERIDE
#
loop_
_entity_poly.entity_id
_entity_poly.type
_entity_poly.pdbx_seq_one_letter_code
_entity_poly.pdbx_strand_id
1 'polypeptide(L)'
;MFRKLALALLCSSAVAFQVPAPLTRGSVRLHAEGKPAAPPAAAPPAAAPAAAAPAAAAPAAAAVKPPPPPPPPKVFSKSV
PFLLKPAGLDGMVGDVGFDPLGFATFIDIRWLREAELKNGRVAMLAFLGFIVQEFIRLPGDLYSEPNGVKAFFQVGPQPL
LQIFLFCGFLEFNMHKGKLTQVDMFEDGKREPGNFGFDPLGFGKDPAKRERYALAELKNGRLAMIAIGGLVHHALVTGHA
TFSS
;
5
2 'polypeptide(L)'
;MKLLSFACLLGAATAFVPSMPTTTRTRGAVRMMAEKSKAVPFLPRPAALDGSVVGDVGFDPVGFTSWLPLSYLQEAEIKH
CRIAMLATLGWIVADFVHLPGAVHEVSSLAAHDVAVKSGALAQILIWTSIAEAISVIAISQMLEGSGRQPGDFKFDPLNF
AKDEKSLKKMQLSELKNGRLAMLAFSGIVTQAALTGHAFPYM
;
4
3 'polypeptide(L)'
;MVGIHKTLLVAAVTMASVSAFVPPAPAAPRTRGVMKMGLDGMIGSSAPFKNFDPLGFAAKADQKTLNKYRESELKHGRVA
MLAVLGWIVQEFWHPLYDGKLSSNPLKALTEVPLIGWAQIFVAINVIEYLQNKIKELPGYRPGDYLGTWEWVEQSDEGWD
SYQTKELNNGRLAMVAIAGLIVQDLITGQAALEQITAGNTGVFSGLGK
;
1
4 'polypeptide(L)'
;MSTTRKSTIVDFNPVETSFEKWAKPGQFSRTLAKGPKTTTWIWNLHADAHDFDIQTNSLQEVSRKIFSAHFGQLAVIFLW
LSGMHFHGAYFSNYSAWLTNPTSTKPSAQIVWPIVGQEVLNADVGGNFQGIQITSGFFQLWRAEGITSEVELYWTAVGGL
VASFLMLFAGWFHYHKAAPKLEWFQNVESMLNHHLAGLLGLGSLSWAGHQIHIALPINKLLDLGVSPEEIPLPYEFILNR
DLIAQLYPSFNKGLTPFFTLNWGEYSDFLTFKGGLNPVTGGLWLTDTAHHHLAIAVLFIVAGHMYKTNWFLGHSIKTILE
AHKGPFTGEGHKGLYEVLTTSWHAQLAINLALFGSLSIIVAHHMYAMPPYPYIAIDYPTQLSLFTHHVWIGGFCIVGGAA
HGAIFFVRDYNAANNYNNLIDRVIRHRDAIISHLNWVCIFLGCHSFGLYVHNDTMRALGRSQDLFSDNAIALKPIFAQFI
QNLHTLAPGSTAPNALTTVSYAFGGDVISVGSKIAMMPISLGTADFLVHHIHAFTIHVTVLILLKGVLYSRNSRLIPDKA
NLGFRFPCDGPGRGGTCQVSAWDHVFLGLFWMYNSISIVIFHFSWKMQSDVWGTVSPTGAVSHITGGNFAQSSITINGWL
RDFLWSQAAQVVQSYGSSLSAYGLIFLGAHFIWAFSLMFLFSGRGYWQELIESIVWAHNKLKVAPSIQPRALSITQGRAV
GVAHYLLGGIGTTWAFFLARIISVG
;
a
5 'polypeptide(L)'
;MVYKFPKFSKALAEDPSTRRIWYGIATAHDFESHDAMTESKLYQKIFASHFGHIAIIFLWTAGNLFHVAWQGNFEAWILN
PLKVRPIAHAIWDPHFGQAAYKAFLKTSSPANLALSGVYEWWYTIGMRTNNDLYQGSFFLILLSSLLLFAGWLHLQPSFR
PSLDWFKANEYRLNHHLSGLFGVSSLAWTGHLVHVAIPESRGIHVGWDNFLTVLPHPEGLTPFFSGNWKAYAQNPDTASH
IFGSGEGSGTAILTFLGGFHPQTKSLWLTDMAHHHLAIAVLFIVAGHMYRTNWLIGHQMKLILEAHRPPGGRLGIGHIGL
YETITNSLHFQLGLALAALGVATSLTAQHMYALPPYAFLASNFPTQAALYTHHQYIAGFLMVGAFAHGAIFFVRDYDPAV
NTRNGEKNVLARMLEHKEAIISHLSWVSLFLGFHTLGIYVHNDVVVAFGQPEKQILVEPLFAEWIQAASGKTLYNFDLLL
ASSNSPASVASSQLWLPGWLSAINDGKNSLFLPIGPGDFLVHHAIALGLHTTTLILVKGALDARGSKLMPDKKDFGYSFP
CDGPGRGGTCDISAWDAFYLAMFWMLNTIGWVTFYWHWKHLTLWQGNQVQFNESSNYIMGWLRDYLWLNSSPLINGYNPF
GMNSLSVWAWMFLFGHLVWATGFMFLISWRGYWQELIETIVWAHERTPLANLVRWKDKPVALSIVQARLVGLAHFTIGYV
LTYAAFVIASTIGKLGY
;
b
6 'polypeptide(L)'
;MNLKLKQSDFPKFEGSTGGWLSAAKNEEKYVIIWTSKDASLFEMPTGGTAKMNAGNNVAYFARKEQCLALGSQLRGFKIT
NYKIFRIYPPLDITLLHPFDGVFPEKVNQGRSPVGKRDASIGGNPNPASLKFQSNT
;
d
7 'polypeptide(L)' MIQKGSTVRILRKESYWYNESGTVVVVDQSKVRYPVLVRFTKVNYAGTNTNNFGLNEVEEVVTKKSS e
8 'polypeptide(L)'
;MTKIVKFAFLPLLTFLGLPMISNADIGGLNPCKDSEVFQKRLAKTVKKLENRLKKYEEGTPPQIAIQQQITQTKQRFTRY
ADSNLLCGNDGLPHLITDGRWSHGSEFLLPSILFLYISGWIGWVGRKYIRTVGQTSNPTEKEIIIDVPLAISIMTSGFLW
PFAAWQEFLSGDLIASDETITTSPK
;
f
9 'polypeptide(L)' MSLDLLPSFFVPLVGLVLPLFSIIGLFLYIEKENREVFDPTTYKF i
10 'polypeptide(L)' MKDFLKYLSTAPVLLTAWLTFTAGFVIEINRFYPDALTFPF j
11 'polypeptide(L)'
;MVSFIKPYRQDPFVGHLATPITTSAFTRAYLKVLPAYRPGLTPLSRGAEIGFTHGYFLIGPFYTYGPLRSVEFSLTSLAA
GLLAAITLLLILTVGLSIYGQVTYDVYDNALIVKLVRQMVGSERTQDLPQIKGTSELDTVLGWQKFSEGFFSGGLIGSIV
AAVGIALYSTYL
;
l
12 'polypeptide(L)' MIYDSQVYIALVIAVVASVLAIRLGATLYN m
13 'polypeptide(L)'
;(UNK)(UNK)(UNK)(UNK)(UNK)(UNK)(UNK)(UNK)(UNK)(UNK)(UNK)(UNK)(UNK)(UNK)(UNK)(UNK)
(UNK)(UNK)(UNK)(UNK)(UNK)(UNK)(UNK)(UNK)(UNK)(UNK)(UNK)(UNK)(UNK)(UNK)(UNK)(UNK)
(UNK)(UNK)(UNK)(UNK)(UNK)(UNK)(UNK)(UNK)(UNK)(UNK)(UNK)(UNK)(UNK)(UNK)(UNK)(UNK)
(UNK)(UNK)(UNK)(UNK)(UNK)(UNK)(UNK)
;
g
14 'polypeptide(L)'
;MSHTVKIYDTCIGCTQCVRACPTDVLEMVPWDGCKAGQIASAPRTEDCVGCKRCETACPTDFLSVRVYLGGETTRSLGLA
Y
;
c
#
loop_
_chem_comp.id
_chem_comp.type
_chem_comp.name
_chem_comp.formula
A1L1F non-polymer '[(2~{Z},4~{E},6~{E},8~{E},10~{E},12~{E},14~{E})-17-[(4~{S},6~{R})-4-acetyloxy-2,2,6-trimethyl-6-oxidanyl-cyclohexylidene]-6,11,15-trimethyl-2-[(~{E})-2-[(1~{S},4~{S},6~{R})-2,2,6-trimethyl-4-oxidanyl-7-oxabicyclo[4.1.0]heptan-1-yl]ethenyl]heptadeca-2,4,6,8,10,12,14,16-octaenyl] octanoate' 'C50 H72 O7'
A1L1G non-polymer (1~{R},3~{S})-6-[(3~{E},5~{E},7~{E},9~{E},11~{E},13~{E},15~{Z},17~{E})-16-(hydroxymethyl)-3,7,12-trimethyl-18-[(1~{S},4~{S},6~{R})-2,2,6-trimethyl-4-oxidanyl-7-oxabicyclo[4.1.0]heptan-1-yl]octadeca-1,3,5,7,9,11,13,15,17-nonaenylidene]-1,5,5-trimethyl-cyclohexane-1,3-diol 'C40 H56 O5'
BCR non-polymer BETA-CAROTENE 'C40 H56'
CLA non-polymer 'CHLOROPHYLL A' 'C55 H72 Mg N4 O5'
DGD saccharide 'DIGALACTOSYL DIACYL GLYCEROL (DGDG)' 'C51 H96 O15'
LHG non-polymer 1,2-DIPALMITOYL-PHOSPHATIDYL-GLYCEROLE 'C38 H75 O10 P'
LMG non-polymer 1,2-DISTEAROYL-MONOGALACTOSYL-DIGLYCERIDE 'C45 H86 O10'
PQN non-polymer PHYLLOQUINONE 'C31 H46 O2'
SF4 non-polymer 'IRON/SULFUR CLUSTER' 'Fe4 S4'
SQD non-polymer 1,2-DI-O-ACYL-3-O-[6-DEOXY-6-SULFO-ALPHA-D-GLUCOPYRANOSYL]-SN-GLYCEROL 'C41 H78 O12 S'
XAT non-polymer '(3S,5R,6S,3'S,5'R,6'S)-5,6,5',6'-DIEPOXY-5,6,5',6'- TETRAHYDRO-BETA,BETA-CAROTENE-3,3'-DIOL' 'C40 H56 O4'
#
# COMPACT_ATOMS: atom_id res chain seq x y z
N LYS A 74 -35.30 37.31 37.81
CA LYS A 74 -35.77 36.16 37.06
C LYS A 74 -37.24 35.88 37.33
N VAL A 75 -37.94 35.37 36.32
CA VAL A 75 -39.39 35.20 36.41
C VAL A 75 -39.76 33.85 36.99
N PHE A 76 -39.16 32.77 36.46
CA PHE A 76 -39.45 31.39 36.84
C PHE A 76 -40.82 30.96 36.34
N SER A 77 -40.93 29.72 35.88
CA SER A 77 -42.17 29.24 35.27
C SER A 77 -43.27 29.09 36.31
N LYS A 78 -44.51 29.19 35.82
CA LYS A 78 -45.68 29.00 36.70
C LYS A 78 -45.99 27.52 36.89
N SER A 79 -45.81 26.70 35.86
CA SER A 79 -46.04 25.27 35.99
C SER A 79 -44.91 24.61 36.76
N VAL A 80 -43.69 24.69 36.24
CA VAL A 80 -42.50 24.17 36.91
C VAL A 80 -41.85 25.31 37.69
N PRO A 81 -42.16 25.47 38.98
CA PRO A 81 -41.77 26.70 39.68
C PRO A 81 -40.27 26.83 39.93
N PHE A 82 -39.51 25.75 39.83
CA PHE A 82 -38.07 25.81 40.05
C PHE A 82 -37.28 26.00 38.76
N LEU A 83 -37.96 26.25 37.65
CA LEU A 83 -37.32 26.43 36.36
C LEU A 83 -37.63 27.81 35.82
N LEU A 84 -36.68 28.37 35.06
CA LEU A 84 -36.89 29.67 34.44
C LEU A 84 -38.01 29.60 33.42
N LYS A 85 -38.67 30.73 33.21
CA LYS A 85 -39.80 30.78 32.29
C LYS A 85 -39.33 30.51 30.87
N PRO A 86 -39.90 29.54 30.18
CA PRO A 86 -39.49 29.26 28.79
C PRO A 86 -39.91 30.40 27.87
N ALA A 87 -39.16 30.53 26.78
CA ALA A 87 -39.38 31.59 25.80
C ALA A 87 -40.16 31.07 24.61
N GLY A 88 -40.84 32.00 23.93
CA GLY A 88 -41.57 31.70 22.71
C GLY A 88 -42.98 31.21 22.90
N LEU A 89 -43.48 31.14 24.13
CA LEU A 89 -44.83 30.68 24.40
C LEU A 89 -45.80 31.81 24.72
N ASP A 90 -45.36 33.07 24.64
CA ASP A 90 -46.08 34.17 25.27
C ASP A 90 -47.53 34.26 24.78
N GLY A 91 -47.72 34.52 23.50
CA GLY A 91 -49.06 34.75 22.98
C GLY A 91 -49.76 33.49 22.54
N MET A 92 -50.03 32.58 23.48
CA MET A 92 -50.66 31.31 23.15
C MET A 92 -51.86 31.10 24.05
N VAL A 93 -52.68 30.11 23.70
CA VAL A 93 -53.95 29.87 24.39
C VAL A 93 -53.86 28.69 25.35
N GLY A 94 -52.65 28.23 25.67
CA GLY A 94 -52.47 27.17 26.63
C GLY A 94 -51.25 27.38 27.48
N ASP A 95 -50.72 28.61 27.47
CA ASP A 95 -49.45 28.92 28.14
C ASP A 95 -49.62 28.75 29.65
N VAL A 96 -48.97 27.72 30.20
CA VAL A 96 -48.72 27.63 31.62
C VAL A 96 -47.22 27.63 31.92
N GLY A 97 -46.40 27.95 30.93
CA GLY A 97 -44.97 27.97 31.11
C GLY A 97 -44.34 26.60 31.16
N PHE A 98 -44.96 25.59 30.56
CA PHE A 98 -44.49 24.21 30.61
C PHE A 98 -43.65 23.93 29.36
N ASP A 99 -42.33 24.05 29.50
CA ASP A 99 -41.39 23.63 28.47
C ASP A 99 -40.01 23.44 29.09
N PRO A 100 -39.83 22.46 29.99
CA PRO A 100 -38.52 22.27 30.61
C PRO A 100 -37.42 21.95 29.61
N LEU A 101 -37.73 21.19 28.57
CA LEU A 101 -36.73 20.82 27.58
C LEU A 101 -36.53 21.88 26.50
N GLY A 102 -37.31 22.96 26.54
CA GLY A 102 -37.14 24.04 25.58
C GLY A 102 -37.37 23.64 24.13
N PHE A 103 -38.37 22.79 23.89
CA PHE A 103 -38.67 22.37 22.53
C PHE A 103 -39.11 23.53 21.65
N ALA A 104 -39.67 24.59 22.25
CA ALA A 104 -40.09 25.76 21.48
C ALA A 104 -38.92 26.63 21.03
N THR A 105 -37.71 26.37 21.53
CA THR A 105 -36.57 27.20 21.15
C THR A 105 -35.95 26.74 19.83
N PHE A 106 -35.86 25.43 19.61
CA PHE A 106 -35.27 24.89 18.39
C PHE A 106 -36.31 24.32 17.43
N ILE A 107 -37.60 24.46 17.73
CA ILE A 107 -38.69 24.10 16.83
C ILE A 107 -39.67 25.25 16.80
N ASP A 108 -40.21 25.55 15.61
CA ASP A 108 -41.15 26.64 15.47
C ASP A 108 -42.38 26.42 16.36
N ILE A 109 -42.75 27.44 17.12
CA ILE A 109 -43.86 27.31 18.05
C ILE A 109 -45.18 27.13 17.30
N ARG A 110 -45.33 27.79 16.15
CA ARG A 110 -46.55 27.60 15.36
C ARG A 110 -46.68 26.17 14.89
N TRP A 111 -45.59 25.59 14.39
CA TRP A 111 -45.63 24.18 13.99
C TRP A 111 -45.89 23.28 15.18
N LEU A 112 -45.32 23.61 16.34
CA LEU A 112 -45.54 22.80 17.52
C LEU A 112 -47.00 22.82 17.94
N ARG A 113 -47.65 24.00 17.89
CA ARG A 113 -49.06 24.06 18.23
C ARG A 113 -49.92 23.34 17.20
N GLU A 114 -49.58 23.48 15.92
CA GLU A 114 -50.32 22.75 14.90
C GLU A 114 -50.24 21.25 15.12
N ALA A 115 -49.03 20.77 15.43
CA ALA A 115 -48.85 19.34 15.68
C ALA A 115 -49.57 18.90 16.94
N GLU A 116 -49.51 19.71 18.01
CA GLU A 116 -50.21 19.36 19.23
C GLU A 116 -51.71 19.27 19.00
N LEU A 117 -52.27 20.26 18.30
CA LEU A 117 -53.70 20.25 18.04
C LEU A 117 -54.11 19.07 17.17
N LYS A 118 -53.32 18.76 16.12
CA LYS A 118 -53.69 17.64 15.26
C LYS A 118 -53.57 16.32 16.01
N ASN A 119 -52.49 16.14 16.78
CA ASN A 119 -52.34 14.92 17.56
C ASN A 119 -53.48 14.78 18.57
N GLY A 120 -53.86 15.88 19.21
CA GLY A 120 -54.96 15.83 20.16
C GLY A 120 -56.28 15.47 19.51
N ARG A 121 -56.59 16.10 18.37
CA ARG A 121 -57.84 15.80 17.69
C ARG A 121 -57.89 14.35 17.22
N VAL A 122 -56.78 13.87 16.66
CA VAL A 122 -56.71 12.48 16.22
C VAL A 122 -56.89 11.54 17.41
N ALA A 123 -56.26 11.85 18.54
CA ALA A 123 -56.38 11.01 19.72
C ALA A 123 -57.81 11.01 20.27
N MET A 124 -58.47 12.16 20.28
CA MET A 124 -59.87 12.22 20.70
C MET A 124 -60.75 11.36 19.81
N LEU A 125 -60.60 11.51 18.49
CA LEU A 125 -61.40 10.70 17.57
C LEU A 125 -61.10 9.23 17.76
N ALA A 126 -59.84 8.88 18.01
CA ALA A 126 -59.48 7.48 18.15
C ALA A 126 -59.98 6.88 19.46
N PHE A 127 -60.00 7.66 20.53
CA PHE A 127 -60.57 7.20 21.80
C PHE A 127 -62.07 6.96 21.65
N LEU A 128 -62.78 7.92 21.05
CA LEU A 128 -64.19 7.72 20.76
C LEU A 128 -64.40 6.49 19.87
N GLY A 129 -63.48 6.28 18.92
CA GLY A 129 -63.56 5.12 18.07
C GLY A 129 -63.42 3.82 18.84
N PHE A 130 -62.49 3.77 19.79
CA PHE A 130 -62.40 2.60 20.67
C PHE A 130 -63.72 2.34 21.36
N ILE A 131 -64.24 3.36 22.04
CA ILE A 131 -65.41 3.14 22.89
C ILE A 131 -66.61 2.71 22.06
N VAL A 132 -66.77 3.31 20.87
CA VAL A 132 -67.88 2.95 20.00
C VAL A 132 -67.66 1.56 19.39
N GLN A 133 -66.43 1.25 18.97
CA GLN A 133 -66.14 -0.02 18.31
C GLN A 133 -66.43 -1.19 19.24
N GLU A 134 -65.98 -1.09 20.50
CA GLU A 134 -66.23 -2.21 21.40
C GLU A 134 -67.72 -2.34 21.72
N PHE A 135 -68.47 -1.25 21.64
CA PHE A 135 -69.91 -1.25 21.91
C PHE A 135 -70.74 -1.59 20.67
N ILE A 136 -70.63 -0.79 19.61
CA ILE A 136 -71.59 -0.83 18.52
C ILE A 136 -71.16 -1.79 17.42
N ARG A 137 -70.03 -1.50 16.78
CA ARG A 137 -69.52 -2.27 15.64
C ARG A 137 -70.46 -2.20 14.44
N LEU A 138 -69.97 -2.62 13.26
CA LEU A 138 -70.72 -2.65 12.02
C LEU A 138 -71.14 -4.08 11.69
N PRO A 139 -72.22 -4.25 10.93
CA PRO A 139 -72.57 -5.59 10.45
C PRO A 139 -71.50 -6.13 9.50
N GLY A 140 -71.32 -7.45 9.55
CA GLY A 140 -70.34 -8.09 8.70
C GLY A 140 -69.33 -8.91 9.47
N ASP A 141 -68.74 -9.91 8.81
CA ASP A 141 -67.76 -10.77 9.47
C ASP A 141 -66.48 -10.01 9.78
N LEU A 142 -66.05 -9.12 8.89
CA LEU A 142 -64.82 -8.38 9.11
C LEU A 142 -64.92 -7.48 10.33
N TYR A 143 -66.06 -6.81 10.49
CA TYR A 143 -66.23 -5.83 11.57
C TYR A 143 -66.92 -6.49 12.76
N SER A 144 -66.20 -7.41 13.39
CA SER A 144 -66.76 -8.19 14.49
C SER A 144 -65.77 -8.38 15.63
N GLU A 145 -64.81 -7.48 15.78
CA GLU A 145 -63.83 -7.59 16.85
C GLU A 145 -64.02 -6.47 17.87
N PRO A 146 -64.45 -6.78 19.10
CA PRO A 146 -64.55 -5.73 20.12
C PRO A 146 -63.22 -5.10 20.50
N ASN A 147 -62.11 -5.77 20.25
CA ASN A 147 -60.78 -5.27 20.58
C ASN A 147 -60.26 -4.44 19.41
N GLY A 148 -59.89 -3.19 19.67
CA GLY A 148 -59.40 -2.34 18.61
C GLY A 148 -58.11 -2.83 17.98
N VAL A 149 -57.18 -3.31 18.82
CA VAL A 149 -55.90 -3.77 18.30
C VAL A 149 -56.09 -4.98 17.39
N LYS A 150 -56.92 -5.94 17.80
CA LYS A 150 -57.19 -7.08 16.96
C LYS A 150 -58.07 -6.71 15.77
N ALA A 151 -58.93 -5.70 15.93
CA ALA A 151 -59.71 -5.21 14.81
C ALA A 151 -58.83 -4.58 13.73
N PHE A 152 -57.70 -4.00 14.13
CA PHE A 152 -56.77 -3.46 13.15
C PHE A 152 -56.24 -4.53 12.21
N PHE A 153 -56.12 -5.77 12.70
CA PHE A 153 -55.62 -6.87 11.88
C PHE A 153 -56.75 -7.62 11.17
N GLN A 154 -57.88 -7.82 11.83
CA GLN A 154 -58.97 -8.56 11.22
C GLN A 154 -59.56 -7.80 10.05
N VAL A 155 -59.63 -6.47 10.14
CA VAL A 155 -60.27 -5.67 9.10
C VAL A 155 -59.54 -5.80 7.76
N GLY A 156 -58.26 -6.16 7.80
CA GLY A 156 -57.49 -6.31 6.58
C GLY A 156 -56.87 -5.01 6.12
N PRO A 157 -56.02 -5.08 5.11
CA PRO A 157 -55.32 -3.87 4.65
C PRO A 157 -56.18 -2.97 3.77
N GLN A 158 -57.14 -3.55 3.05
CA GLN A 158 -57.96 -2.78 2.13
C GLN A 158 -58.75 -1.67 2.82
N PRO A 159 -59.51 -1.92 3.89
CA PRO A 159 -60.20 -0.81 4.56
C PRO A 159 -59.24 0.20 5.19
N LEU A 160 -58.09 -0.25 5.70
CA LEU A 160 -57.16 0.67 6.34
C LEU A 160 -56.48 1.57 5.32
N LEU A 161 -56.10 1.02 4.17
CA LEU A 161 -55.43 1.82 3.16
C LEU A 161 -56.35 2.89 2.60
N GLN A 162 -57.66 2.61 2.51
CA GLN A 162 -58.61 3.63 2.10
C GLN A 162 -58.68 4.77 3.11
N ILE A 163 -58.63 4.43 4.40
CA ILE A 163 -58.59 5.47 5.44
C ILE A 163 -57.30 6.28 5.31
N PHE A 164 -56.18 5.60 5.03
CA PHE A 164 -54.91 6.29 4.86
C PHE A 164 -54.97 7.28 3.69
N LEU A 165 -55.53 6.83 2.56
CA LEU A 165 -55.60 7.70 1.39
C LEU A 165 -56.58 8.86 1.60
N PHE A 166 -57.70 8.59 2.29
CA PHE A 166 -58.64 9.66 2.59
C PHE A 166 -58.04 10.69 3.52
N CYS A 167 -57.29 10.23 4.54
CA CYS A 167 -56.62 11.15 5.43
C CYS A 167 -55.57 11.96 4.68
N GLY A 168 -54.88 11.34 3.72
CA GLY A 168 -53.94 12.08 2.89
C GLY A 168 -54.61 13.15 2.04
N PHE A 169 -55.74 12.79 1.42
CA PHE A 169 -56.51 13.78 0.66
C PHE A 169 -56.94 14.93 1.54
N LEU A 170 -57.43 14.63 2.74
CA LEU A 170 -57.79 15.67 3.69
C LEU A 170 -56.59 16.54 4.02
N GLU A 171 -55.44 15.92 4.33
CA GLU A 171 -54.26 16.70 4.67
C GLU A 171 -53.88 17.66 3.54
N PHE A 172 -53.88 17.16 2.30
CA PHE A 172 -53.54 17.99 1.17
C PHE A 172 -54.50 19.17 1.02
N ASN A 173 -55.81 18.91 1.06
CA ASN A 173 -56.76 19.98 0.76
C ASN A 173 -56.93 20.97 1.91
N MET A 174 -56.75 20.51 3.16
CA MET A 174 -56.93 21.40 4.30
C MET A 174 -55.75 22.36 4.46
N HIS A 175 -54.53 21.92 4.19
CA HIS A 175 -53.38 22.81 4.26
C HIS A 175 -53.06 23.47 2.93
N LYS A 176 -53.79 23.13 1.87
CA LYS A 176 -53.65 23.76 0.55
C LYS A 176 -52.22 23.68 0.04
N GLY A 177 -51.73 22.46 -0.05
CA GLY A 177 -50.40 22.19 -0.61
C GLY A 177 -49.23 22.27 0.36
N LYS A 178 -49.13 23.37 1.10
CA LYS A 178 -48.02 23.55 2.04
C LYS A 178 -48.22 22.62 3.23
N LEU A 179 -47.54 21.48 3.21
CA LEU A 179 -47.74 20.43 4.21
C LEU A 179 -46.55 20.19 5.12
N THR A 180 -45.38 20.75 4.82
CA THR A 180 -44.17 20.40 5.53
C THR A 180 -43.81 21.47 6.56
N GLN A 181 -42.81 21.14 7.40
CA GLN A 181 -42.40 22.06 8.45
C GLN A 181 -41.79 23.33 7.86
N VAL A 182 -41.07 23.21 6.75
CA VAL A 182 -40.45 24.39 6.15
C VAL A 182 -41.43 25.15 5.27
N ASP A 183 -42.42 24.46 4.69
CA ASP A 183 -43.35 25.12 3.79
C ASP A 183 -44.49 25.80 4.54
N MET A 184 -45.07 25.10 5.53
CA MET A 184 -46.11 25.71 6.34
C MET A 184 -45.54 26.85 7.16
N PHE A 185 -46.33 27.90 7.36
CA PHE A 185 -45.96 29.08 8.11
C PHE A 185 -44.80 29.84 7.48
N GLU A 186 -44.43 29.50 6.24
CA GLU A 186 -43.39 30.26 5.55
C GLU A 186 -43.86 31.67 5.24
N ASP A 187 -45.12 31.82 4.82
CA ASP A 187 -45.71 33.12 4.55
C ASP A 187 -46.49 33.69 5.73
N GLY A 188 -46.51 32.98 6.86
CA GLY A 188 -47.32 33.44 7.97
C GLY A 188 -48.80 33.30 7.65
N LYS A 189 -49.57 34.30 8.09
CA LYS A 189 -51.02 34.41 7.86
C LYS A 189 -51.74 33.07 8.04
N ARG A 190 -51.35 32.33 9.07
CA ARG A 190 -51.92 31.00 9.31
C ARG A 190 -51.90 30.75 10.81
N GLU A 191 -53.05 30.93 11.45
CA GLU A 191 -53.15 30.65 12.88
C GLU A 191 -53.00 29.15 13.11
N PRO A 192 -52.12 28.73 14.02
CA PRO A 192 -51.89 27.29 14.22
C PRO A 192 -53.18 26.56 14.61
N GLY A 193 -53.51 25.53 13.84
CA GLY A 193 -54.71 24.75 14.07
C GLY A 193 -55.98 25.33 13.52
N ASN A 194 -55.93 26.46 12.82
CA ASN A 194 -57.12 27.16 12.33
C ASN A 194 -57.40 26.73 10.90
N PHE A 195 -58.23 25.71 10.74
CA PHE A 195 -58.68 25.28 9.43
C PHE A 195 -59.95 25.98 8.98
N GLY A 196 -60.53 26.85 9.82
CA GLY A 196 -61.78 27.47 9.47
C GLY A 196 -62.98 26.56 9.58
N PHE A 197 -62.81 25.36 10.13
CA PHE A 197 -63.89 24.38 10.22
C PHE A 197 -64.81 24.75 11.36
N ASP A 198 -66.01 25.24 11.04
CA ASP A 198 -66.99 25.60 12.05
C ASP A 198 -68.38 25.66 11.42
N PRO A 199 -68.93 24.53 10.96
CA PRO A 199 -70.25 24.59 10.32
C PRO A 199 -71.38 24.84 11.30
N LEU A 200 -71.31 24.27 12.50
CA LEU A 200 -72.40 24.44 13.47
C LEU A 200 -72.41 25.83 14.10
N GLY A 201 -71.37 26.64 13.86
CA GLY A 201 -71.37 28.01 14.31
C GLY A 201 -70.91 28.25 15.73
N PHE A 202 -70.50 27.20 16.45
CA PHE A 202 -69.98 27.39 17.80
C PHE A 202 -68.65 28.14 17.72
N GLY A 203 -68.60 29.33 18.31
CA GLY A 203 -67.39 30.11 18.28
C GLY A 203 -67.56 31.50 17.68
N LYS A 204 -68.80 31.87 17.36
CA LYS A 204 -69.06 33.22 16.89
C LYS A 204 -68.74 34.25 17.97
N ASP A 205 -69.12 33.96 19.21
CA ASP A 205 -68.81 34.86 20.31
C ASP A 205 -67.35 34.75 20.68
N PRO A 206 -66.58 35.84 20.62
CA PRO A 206 -65.15 35.75 20.96
C PRO A 206 -64.89 35.56 22.45
N ALA A 207 -65.87 35.85 23.31
CA ALA A 207 -65.65 35.71 24.74
C ALA A 207 -65.41 34.25 25.13
N LYS A 208 -66.23 33.34 24.60
CA LYS A 208 -66.09 31.92 24.87
C LYS A 208 -65.10 31.23 23.96
N ARG A 209 -64.56 31.94 22.96
CA ARG A 209 -63.64 31.33 22.02
C ARG A 209 -62.34 30.88 22.69
N GLU A 210 -61.80 31.73 23.58
CA GLU A 210 -60.58 31.37 24.28
C GLU A 210 -60.79 30.17 25.19
N ARG A 211 -61.92 30.14 25.89
CA ARG A 211 -62.24 29.00 26.75
C ARG A 211 -62.39 27.74 25.92
N TYR A 212 -63.03 27.83 24.75
CA TYR A 212 -63.18 26.66 23.89
C TYR A 212 -61.81 26.18 23.39
N ALA A 213 -60.92 27.11 23.04
CA ALA A 213 -59.58 26.72 22.60
C ALA A 213 -58.82 26.00 23.71
N LEU A 214 -58.87 26.54 24.92
CA LEU A 214 -58.20 25.91 26.05
C LEU A 214 -58.80 24.53 26.35
N ALA A 215 -60.12 24.43 26.29
CA ALA A 215 -60.77 23.15 26.52
C ALA A 215 -60.36 22.12 25.46
N GLU A 216 -60.29 22.55 24.19
CA GLU A 216 -59.87 21.66 23.13
C GLU A 216 -58.43 21.18 23.37
N LEU A 217 -57.54 22.09 23.76
CA LEU A 217 -56.16 21.71 24.01
C LEU A 217 -56.06 20.69 25.15
N LYS A 218 -56.75 20.98 26.26
CA LYS A 218 -56.68 20.09 27.41
C LYS A 218 -57.29 18.72 27.09
N ASN A 219 -58.41 18.72 26.39
CA ASN A 219 -59.03 17.46 25.99
C ASN A 219 -58.14 16.68 25.04
N GLY A 220 -57.46 17.38 24.13
CA GLY A 220 -56.55 16.70 23.23
C GLY A 220 -55.39 16.04 23.96
N ARG A 221 -54.80 16.76 24.92
CA ARG A 221 -53.70 16.17 25.69
C ARG A 221 -54.19 14.97 26.50
N LEU A 222 -55.33 15.12 27.18
CA LEU A 222 -55.89 14.00 27.94
C LEU A 222 -56.19 12.83 27.03
N ALA A 223 -56.63 13.09 25.80
CA ALA A 223 -56.95 12.02 24.87
C ALA A 223 -55.70 11.36 24.31
N MET A 224 -54.61 12.10 24.18
CA MET A 224 -53.34 11.46 23.82
C MET A 224 -52.92 10.47 24.90
N ILE A 225 -52.99 10.91 26.17
CA ILE A 225 -52.63 10.01 27.26
C ILE A 225 -53.57 8.80 27.27
N ALA A 226 -54.86 9.04 27.10
CA ALA A 226 -55.84 7.96 27.16
C ALA A 226 -55.75 7.03 25.95
N ILE A 227 -55.40 7.56 24.79
CA ILE A 227 -55.27 6.72 23.61
C ILE A 227 -54.10 5.76 23.79
N GLY A 228 -52.98 6.27 24.31
CA GLY A 228 -51.88 5.38 24.67
C GLY A 228 -52.30 4.35 25.70
N GLY A 229 -53.04 4.78 26.72
CA GLY A 229 -53.47 3.86 27.75
C GLY A 229 -54.33 2.73 27.21
N LEU A 230 -55.32 3.09 26.39
CA LEU A 230 -56.23 2.07 25.85
C LEU A 230 -55.49 1.11 24.93
N VAL A 231 -54.64 1.64 24.05
CA VAL A 231 -53.90 0.77 23.13
C VAL A 231 -53.03 -0.20 23.92
N HIS A 232 -52.36 0.28 24.97
CA HIS A 232 -51.48 -0.61 25.72
C HIS A 232 -52.25 -1.56 26.64
N HIS A 233 -53.44 -1.17 27.09
CA HIS A 233 -54.29 -2.13 27.81
C HIS A 233 -54.69 -3.28 26.90
N ALA A 234 -55.07 -2.97 25.65
CA ALA A 234 -55.43 -4.02 24.72
C ALA A 234 -54.25 -4.95 24.43
N LEU A 235 -53.02 -4.42 24.49
CA LEU A 235 -51.86 -5.23 24.18
C LEU A 235 -51.48 -6.16 25.33
N VAL A 236 -51.61 -5.68 26.57
CA VAL A 236 -51.20 -6.48 27.72
C VAL A 236 -52.28 -7.44 28.20
N THR A 237 -53.55 -7.21 27.86
CA THR A 237 -54.64 -8.08 28.26
C THR A 237 -55.22 -8.84 27.07
N GLY A 238 -55.65 -8.12 26.03
CA GLY A 238 -56.10 -8.72 24.80
C GLY A 238 -57.60 -8.77 24.61
N HIS A 239 -58.39 -8.59 25.67
CA HIS A 239 -59.84 -8.76 25.53
C HIS A 239 -60.51 -7.50 24.98
N ALA A 240 -60.50 -6.41 25.74
CA ALA A 240 -61.21 -5.20 25.39
C ALA A 240 -60.85 -4.13 26.43
N THR A 241 -61.52 -2.98 26.34
CA THR A 241 -61.39 -1.93 27.34
C THR A 241 -62.48 -2.01 28.42
N PHE A 242 -63.73 -2.22 28.01
CA PHE A 242 -64.88 -2.25 28.91
C PHE A 242 -65.01 -0.96 29.70
N GLU B 35 -9.71 30.48 58.59
CA GLU B 35 -8.64 29.71 59.23
C GLU B 35 -9.21 28.90 60.39
N LYS B 36 -8.67 27.69 60.59
CA LYS B 36 -9.03 26.83 61.71
C LYS B 36 -10.53 26.51 61.69
N SER B 37 -10.90 25.74 60.66
CA SER B 37 -12.30 25.34 60.46
C SER B 37 -12.92 24.82 61.74
N LYS B 38 -14.25 25.00 61.86
CA LYS B 38 -14.94 24.67 63.10
C LYS B 38 -14.89 23.17 63.37
N ALA B 39 -15.21 22.35 62.37
CA ALA B 39 -15.27 20.91 62.57
C ALA B 39 -13.90 20.38 62.99
N VAL B 40 -12.92 20.45 62.09
CA VAL B 40 -11.58 20.00 62.42
C VAL B 40 -10.79 21.22 62.89
N PRO B 41 -10.60 21.41 64.19
CA PRO B 41 -10.01 22.66 64.68
C PRO B 41 -8.54 22.83 64.31
N PHE B 42 -7.84 21.76 63.97
CA PHE B 42 -6.43 21.85 63.59
C PHE B 42 -6.23 21.94 62.08
N LEU B 43 -7.31 21.85 61.30
CA LEU B 43 -7.21 22.01 59.86
C LEU B 43 -7.63 23.41 59.44
N PRO B 44 -7.05 23.95 58.37
CA PRO B 44 -7.48 25.26 57.88
C PRO B 44 -8.89 25.21 57.33
N ARG B 45 -9.53 26.37 57.32
CA ARG B 45 -10.86 26.47 56.73
C ARG B 45 -10.80 26.10 55.25
N PRO B 46 -11.77 25.34 54.74
CA PRO B 46 -11.67 24.85 53.35
C PRO B 46 -11.61 25.94 52.28
N ALA B 47 -11.70 27.21 52.69
CA ALA B 47 -11.55 28.39 51.85
C ALA B 47 -12.68 28.57 50.84
N ALA B 48 -13.62 27.63 50.77
CA ALA B 48 -14.80 27.77 49.93
C ALA B 48 -16.09 27.75 50.73
N LEU B 49 -16.03 27.48 52.03
CA LEU B 49 -17.19 27.38 52.90
C LEU B 49 -16.97 28.37 54.06
N ASP B 50 -17.37 29.63 53.87
CA ASP B 50 -17.09 30.61 54.92
C ASP B 50 -18.13 30.54 56.03
N GLY B 51 -19.35 31.02 55.76
CA GLY B 51 -20.46 30.74 56.66
C GLY B 51 -21.82 30.64 55.98
N SER B 52 -21.88 30.98 54.69
CA SER B 52 -23.16 31.26 54.05
C SER B 52 -23.76 30.04 53.36
N VAL B 53 -23.79 28.91 54.06
CA VAL B 53 -24.45 27.70 53.60
C VAL B 53 -25.04 27.00 54.82
N VAL B 54 -26.24 26.45 54.67
CA VAL B 54 -26.84 25.69 55.75
C VAL B 54 -26.06 24.39 55.96
N GLY B 55 -25.83 24.04 57.22
CA GLY B 55 -25.03 22.88 57.55
C GLY B 55 -23.57 23.00 57.16
N ASP B 56 -22.96 24.16 57.43
CA ASP B 56 -21.59 24.46 57.05
C ASP B 56 -20.75 24.56 58.32
N VAL B 57 -20.18 23.44 58.74
CA VAL B 57 -19.25 23.42 59.87
C VAL B 57 -17.80 23.41 59.38
N GLY B 58 -17.57 23.74 58.13
CA GLY B 58 -16.22 23.76 57.57
C GLY B 58 -15.58 22.39 57.49
N PHE B 59 -16.33 21.38 57.08
CA PHE B 59 -15.81 20.01 56.99
C PHE B 59 -15.54 19.68 55.53
N ASP B 60 -14.29 19.85 55.12
CA ASP B 60 -13.82 19.43 53.80
C ASP B 60 -12.32 19.20 53.87
N PRO B 61 -11.85 18.19 54.62
CA PRO B 61 -10.40 17.99 54.75
C PRO B 61 -9.68 17.74 53.43
N VAL B 62 -10.31 17.00 52.51
CA VAL B 62 -9.64 16.61 51.28
C VAL B 62 -9.95 17.62 50.17
N GLY B 63 -10.60 18.73 50.55
CA GLY B 63 -10.79 19.84 49.63
C GLY B 63 -11.58 19.52 48.37
N PHE B 64 -12.71 18.84 48.52
CA PHE B 64 -13.56 18.58 47.36
C PHE B 64 -14.12 19.86 46.77
N THR B 65 -14.36 20.87 47.61
CA THR B 65 -14.89 22.16 47.17
C THR B 65 -13.85 23.01 46.45
N SER B 66 -12.57 22.62 46.49
CA SER B 66 -11.53 23.42 45.85
C SER B 66 -11.49 23.24 44.34
N TRP B 67 -12.10 22.19 43.80
CA TRP B 67 -12.10 21.96 42.36
C TRP B 67 -13.48 21.58 41.82
N LEU B 68 -14.51 21.65 42.64
CA LEU B 68 -15.87 21.39 42.19
C LEU B 68 -16.78 22.52 42.63
N PRO B 69 -17.81 22.84 41.85
CA PRO B 69 -18.74 23.90 42.25
C PRO B 69 -19.43 23.56 43.56
N LEU B 70 -19.60 24.57 44.40
CA LEU B 70 -20.26 24.36 45.69
C LEU B 70 -21.73 24.00 45.51
N SER B 71 -22.41 24.67 44.58
CA SER B 71 -23.82 24.38 44.35
C SER B 71 -24.01 22.94 43.87
N TYR B 72 -23.12 22.47 42.99
CA TYR B 72 -23.20 21.10 42.50
C TYR B 72 -23.08 20.10 43.64
N LEU B 73 -22.10 20.29 44.51
CA LEU B 73 -21.91 19.39 45.65
C LEU B 73 -23.09 19.45 46.60
N GLN B 74 -23.61 20.65 46.84
CA GLN B 74 -24.77 20.79 47.72
C GLN B 74 -25.97 20.06 47.16
N GLU B 75 -26.21 20.19 45.85
CA GLU B 75 -27.32 19.48 45.22
C GLU B 75 -27.13 17.97 45.32
N ALA B 76 -25.92 17.49 45.09
CA ALA B 76 -25.65 16.07 45.21
C ALA B 76 -25.89 15.57 46.62
N GLU B 77 -25.42 16.33 47.62
CA GLU B 77 -25.61 15.93 49.01
C GLU B 77 -27.08 15.89 49.38
N ILE B 78 -27.85 16.89 48.97
CA ILE B 78 -29.27 16.93 49.32
C ILE B 78 -30.02 15.80 48.63
N LYS B 79 -29.68 15.53 47.36
CA LYS B 79 -30.30 14.41 46.65
C LYS B 79 -30.00 13.09 47.34
N HIS B 80 -28.74 12.89 47.76
CA HIS B 80 -28.39 11.68 48.50
C HIS B 80 -29.17 11.60 49.80
N CYS B 81 -29.29 12.72 50.51
CA CYS B 81 -30.00 12.75 51.78
C CYS B 81 -31.44 12.29 51.59
N ARG B 82 -32.14 12.88 50.63
CA ARG B 82 -33.54 12.52 50.41
C ARG B 82 -33.69 11.07 49.96
N ILE B 83 -32.85 10.64 49.01
CA ILE B 83 -32.94 9.27 48.50
C ILE B 83 -32.72 8.28 49.63
N ALA B 84 -31.70 8.51 50.45
CA ALA B 84 -31.38 7.57 51.51
C ALA B 84 -32.39 7.60 52.64
N MET B 85 -33.00 8.76 52.91
CA MET B 85 -34.09 8.79 53.89
C MET B 85 -35.25 7.93 53.43
N LEU B 86 -35.68 8.13 52.18
CA LEU B 86 -36.74 7.28 51.64
C LEU B 86 -36.34 5.81 51.66
N ALA B 87 -35.08 5.53 51.33
CA ALA B 87 -34.62 4.14 51.26
C ALA B 87 -34.58 3.48 52.62
N THR B 88 -34.09 4.18 53.64
CA THR B 88 -34.06 3.61 54.98
C THR B 88 -35.47 3.36 55.49
N LEU B 89 -36.36 4.33 55.32
CA LEU B 89 -37.75 4.13 55.75
C LEU B 89 -38.38 2.96 55.01
N GLY B 90 -38.15 2.86 53.70
CA GLY B 90 -38.73 1.78 52.94
C GLY B 90 -38.19 0.42 53.30
N TRP B 91 -36.87 0.33 53.50
CA TRP B 91 -36.27 -0.94 53.92
C TRP B 91 -36.86 -1.40 55.24
N ILE B 92 -36.88 -0.50 56.24
CA ILE B 92 -37.39 -0.88 57.55
C ILE B 92 -38.87 -1.25 57.49
N VAL B 93 -39.66 -0.47 56.76
CA VAL B 93 -41.11 -0.71 56.71
C VAL B 93 -41.40 -2.01 55.96
N ALA B 94 -40.79 -2.20 54.78
CA ALA B 94 -41.03 -3.38 53.98
C ALA B 94 -40.53 -4.65 54.67
N ASP B 95 -39.72 -4.57 55.69
CA ASP B 95 -39.36 -5.79 56.38
C ASP B 95 -40.43 -6.06 57.40
N PHE B 96 -41.34 -5.12 57.60
CA PHE B 96 -42.46 -5.36 58.50
C PHE B 96 -43.76 -5.57 57.74
N VAL B 97 -44.14 -4.62 56.89
CA VAL B 97 -45.41 -4.64 56.18
C VAL B 97 -45.15 -4.97 54.73
N HIS B 98 -45.95 -5.87 54.18
CA HIS B 98 -45.84 -6.29 52.78
C HIS B 98 -47.11 -5.93 52.02
N LEU B 99 -46.93 -5.49 50.78
CA LEU B 99 -48.08 -5.29 49.92
C LEU B 99 -48.74 -6.63 49.61
N PRO B 100 -50.05 -6.65 49.37
CA PRO B 100 -50.72 -7.91 49.02
C PRO B 100 -50.12 -8.52 47.76
N GLY B 101 -49.99 -9.84 47.77
CA GLY B 101 -49.40 -10.54 46.65
C GLY B 101 -48.22 -11.41 47.05
N ALA B 102 -47.97 -12.46 46.26
CA ALA B 102 -46.88 -13.38 46.58
C ALA B 102 -45.52 -12.78 46.25
N VAL B 103 -45.46 -11.86 45.29
CA VAL B 103 -44.18 -11.27 44.90
C VAL B 103 -43.63 -10.39 46.01
N HIS B 104 -44.50 -9.79 46.82
CA HIS B 104 -44.08 -8.89 47.88
C HIS B 104 -43.82 -9.61 49.20
N GLU B 105 -43.54 -10.91 49.16
CA GLU B 105 -43.34 -11.72 50.35
C GLU B 105 -41.87 -12.11 50.52
N VAL B 106 -40.96 -11.18 50.24
CA VAL B 106 -39.54 -11.41 50.39
C VAL B 106 -38.95 -10.32 51.28
N SER B 107 -37.80 -10.60 51.85
CA SER B 107 -37.10 -9.62 52.65
C SER B 107 -36.54 -8.51 51.76
N SER B 108 -36.30 -7.35 52.37
CA SER B 108 -35.78 -6.22 51.62
C SER B 108 -34.42 -6.52 51.01
N LEU B 109 -33.64 -7.40 51.65
CA LEU B 109 -32.35 -7.79 51.10
C LEU B 109 -32.50 -8.52 49.79
N ALA B 110 -33.49 -9.42 49.69
CA ALA B 110 -33.75 -10.18 48.48
C ALA B 110 -34.83 -9.55 47.61
N ALA B 111 -35.35 -8.39 47.99
CA ALA B 111 -36.43 -7.77 47.24
C ALA B 111 -35.97 -7.18 45.92
N HIS B 112 -34.68 -6.87 45.78
CA HIS B 112 -34.21 -6.24 44.55
C HIS B 112 -34.33 -7.18 43.36
N ASP B 113 -33.91 -8.43 43.53
CA ASP B 113 -33.97 -9.38 42.41
C ASP B 113 -35.39 -9.77 42.07
N VAL B 114 -36.29 -9.74 43.06
CA VAL B 114 -37.69 -10.06 42.79
C VAL B 114 -38.40 -8.88 42.14
N ALA B 115 -38.17 -7.67 42.64
CA ALA B 115 -38.84 -6.49 42.09
C ALA B 115 -38.37 -6.19 40.68
N VAL B 116 -37.09 -6.41 40.38
CA VAL B 116 -36.60 -6.17 39.03
C VAL B 116 -37.20 -7.16 38.05
N LYS B 117 -37.44 -8.41 38.48
CA LYS B 117 -38.02 -9.40 37.59
C LYS B 117 -39.49 -9.11 37.34
N SER B 118 -40.23 -8.70 38.38
CA SER B 118 -41.65 -8.40 38.24
C SER B 118 -41.90 -7.08 37.51
N GLY B 119 -40.86 -6.28 37.28
CA GLY B 119 -41.04 -4.98 36.67
C GLY B 119 -41.43 -3.88 37.62
N ALA B 120 -41.46 -4.16 38.92
CA ALA B 120 -41.79 -3.13 39.90
C ALA B 120 -40.76 -2.01 39.91
N LEU B 121 -39.48 -2.37 39.85
CA LEU B 121 -38.43 -1.34 39.82
C LEU B 121 -38.34 -0.64 38.49
N ALA B 122 -38.92 -1.20 37.43
CA ALA B 122 -38.91 -0.54 36.13
C ALA B 122 -39.74 0.74 36.17
N GLN B 123 -40.90 0.71 36.84
CA GLN B 123 -41.73 1.91 36.95
C GLN B 123 -41.01 3.00 37.72
N ILE B 124 -40.40 2.62 38.84
CA ILE B 124 -39.63 3.58 39.64
C ILE B 124 -38.48 4.14 38.80
N LEU B 125 -37.83 3.29 38.01
CA LEU B 125 -36.75 3.77 37.15
C LEU B 125 -37.26 4.77 36.12
N ILE B 126 -38.42 4.49 35.51
CA ILE B 126 -38.96 5.38 34.49
C ILE B 126 -39.27 6.76 35.10
N TRP B 127 -40.00 6.77 36.21
CA TRP B 127 -40.40 8.05 36.77
C TRP B 127 -39.23 8.79 37.40
N THR B 128 -38.28 8.06 37.99
CA THR B 128 -37.07 8.68 38.51
C THR B 128 -36.23 9.26 37.37
N SER B 129 -36.21 8.59 36.21
CA SER B 129 -35.48 9.13 35.07
C SER B 129 -36.14 10.41 34.55
N ILE B 130 -37.47 10.45 34.53
CA ILE B 130 -38.15 11.69 34.15
C ILE B 130 -37.78 12.82 35.11
N ALA B 131 -37.88 12.54 36.41
CA ALA B 131 -37.53 13.53 37.42
C ALA B 131 -36.08 13.97 37.28
N GLU B 132 -35.19 13.03 36.95
CA GLU B 132 -33.78 13.34 36.85
C GLU B 132 -33.42 14.10 35.58
N ALA B 133 -34.19 13.93 34.50
CA ALA B 133 -34.00 14.78 33.34
C ALA B 133 -34.44 16.21 33.64
N ILE B 134 -35.60 16.36 34.28
CA ILE B 134 -35.99 17.69 34.73
C ILE B 134 -34.93 18.25 35.69
N SER B 135 -34.31 17.39 36.48
CA SER B 135 -33.22 17.81 37.36
C SER B 135 -32.00 18.23 36.56
N VAL B 136 -31.70 17.54 35.47
CA VAL B 136 -30.59 17.97 34.61
C VAL B 136 -30.82 19.41 34.18
N ILE B 137 -32.03 19.70 33.71
CA ILE B 137 -32.36 21.07 33.30
C ILE B 137 -32.20 22.03 34.47
N ALA B 138 -32.71 21.63 35.65
CA ALA B 138 -32.72 22.53 36.80
C ALA B 138 -31.31 22.84 37.29
N ILE B 139 -30.47 21.82 37.41
CA ILE B 139 -29.09 22.01 37.87
C ILE B 139 -28.29 22.80 36.85
N SER B 140 -28.53 22.57 35.55
CA SER B 140 -27.86 23.38 34.54
C SER B 140 -28.23 24.85 34.69
N GLN B 141 -29.52 25.14 34.86
CA GLN B 141 -29.95 26.52 35.01
C GLN B 141 -29.38 27.13 36.28
N MET B 142 -29.35 26.38 37.37
CA MET B 142 -28.79 26.89 38.62
C MET B 142 -27.30 27.20 38.47
N LEU B 143 -26.56 26.33 37.79
CA LEU B 143 -25.13 26.57 37.60
C LEU B 143 -24.88 27.75 36.68
N GLU B 144 -25.76 27.98 35.70
CA GLU B 144 -25.58 29.08 34.74
C GLU B 144 -26.38 30.32 35.12
N GLY B 145 -26.51 30.60 36.41
CA GLY B 145 -27.23 31.78 36.85
C GLY B 145 -28.52 31.45 37.58
N SER B 146 -29.66 31.82 36.98
CA SER B 146 -30.98 31.55 37.55
C SER B 146 -31.12 32.13 38.94
N GLY B 147 -30.85 31.33 39.97
CA GLY B 147 -31.02 31.76 41.34
C GLY B 147 -31.61 30.67 42.20
N ARG B 148 -31.88 29.52 41.58
CA ARG B 148 -32.43 28.38 42.31
C ARG B 148 -31.39 27.86 43.30
N GLN B 149 -31.77 27.81 44.58
CA GLN B 149 -30.87 27.27 45.58
C GLN B 149 -30.68 25.77 45.36
N PRO B 150 -29.51 25.23 45.71
CA PRO B 150 -29.28 23.79 45.52
C PRO B 150 -30.29 22.97 46.30
N GLY B 151 -30.95 22.04 45.60
CA GLY B 151 -31.97 21.22 46.20
C GLY B 151 -33.33 21.87 46.34
N ASP B 152 -33.47 23.12 45.92
CA ASP B 152 -34.73 23.86 46.05
C ASP B 152 -35.58 23.60 44.81
N PHE B 153 -36.53 22.68 44.93
CA PHE B 153 -37.50 22.42 43.87
C PHE B 153 -38.81 23.16 44.11
N LYS B 154 -38.87 24.02 45.13
CA LYS B 154 -40.05 24.78 45.52
C LYS B 154 -41.23 23.88 45.89
N PHE B 155 -40.99 22.59 46.11
CA PHE B 155 -42.06 21.68 46.49
C PHE B 155 -42.43 21.92 47.94
N ASP B 156 -43.60 22.51 48.16
CA ASP B 156 -44.04 22.87 49.50
C ASP B 156 -45.55 23.01 49.53
N PRO B 157 -46.31 21.90 49.46
CA PRO B 157 -47.78 22.00 49.52
C PRO B 157 -48.24 22.63 50.82
N LEU B 158 -47.87 22.02 51.93
CA LEU B 158 -47.95 22.70 53.22
C LEU B 158 -46.83 23.73 53.29
N ASN B 159 -46.84 24.54 54.34
CA ASN B 159 -45.83 25.61 54.44
C ASN B 159 -44.59 25.12 55.17
N PHE B 160 -44.73 24.83 56.46
CA PHE B 160 -43.65 24.26 57.28
C PHE B 160 -42.42 25.17 57.32
N ALA B 161 -42.48 26.29 56.58
CA ALA B 161 -41.36 27.22 56.48
C ALA B 161 -41.94 28.55 56.00
N LYS B 162 -42.15 29.48 56.91
CA LYS B 162 -42.82 30.73 56.61
C LYS B 162 -41.86 31.88 56.34
N ASP B 163 -40.77 31.98 57.10
CA ASP B 163 -39.80 33.05 56.94
C ASP B 163 -38.41 32.45 56.67
N GLU B 164 -37.41 33.31 56.62
CA GLU B 164 -36.05 32.86 56.38
C GLU B 164 -35.53 31.98 57.52
N LYS B 165 -35.83 32.37 58.77
CA LYS B 165 -35.31 31.62 59.91
C LYS B 165 -35.85 30.21 59.94
N SER B 166 -37.17 30.05 59.74
CA SER B 166 -37.76 28.72 59.71
C SER B 166 -37.19 27.88 58.57
N LEU B 167 -37.00 28.50 57.41
CA LEU B 167 -36.44 27.78 56.27
C LEU B 167 -35.02 27.31 56.57
N LYS B 168 -34.20 28.17 57.19
CA LYS B 168 -32.84 27.77 57.53
C LYS B 168 -32.82 26.64 58.55
N LYS B 169 -33.66 26.74 59.58
CA LYS B 169 -33.71 25.69 60.59
C LYS B 169 -34.16 24.38 59.99
N MET B 170 -35.16 24.42 59.10
CA MET B 170 -35.65 23.18 58.51
C MET B 170 -34.67 22.61 57.49
N GLN B 171 -33.92 23.48 56.81
CA GLN B 171 -32.85 23.00 55.94
C GLN B 171 -31.76 22.30 56.73
N LEU B 172 -31.39 22.86 57.88
CA LEU B 172 -30.41 22.19 58.74
C LEU B 172 -30.94 20.86 59.24
N SER B 173 -32.21 20.81 59.63
CA SER B 173 -32.81 19.56 60.07
C SER B 173 -32.82 18.53 58.94
N GLU B 174 -33.18 18.96 57.73
CA GLU B 174 -33.17 18.06 56.59
C GLU B 174 -31.78 17.52 56.30
N LEU B 175 -30.77 18.38 56.34
CA LEU B 175 -29.41 17.95 56.07
C LEU B 175 -28.92 16.95 57.11
N LYS B 176 -29.16 17.25 58.39
CA LYS B 176 -28.70 16.36 59.45
C LYS B 176 -29.43 15.02 59.40
N ASN B 177 -30.74 15.06 59.22
CA ASN B 177 -31.50 13.82 59.12
C ASN B 177 -31.09 13.02 57.90
N GLY B 178 -30.80 13.69 56.79
CA GLY B 178 -30.38 12.99 55.59
C GLY B 178 -29.02 12.33 55.75
N ARG B 179 -28.06 13.03 56.36
CA ARG B 179 -26.76 12.42 56.62
C ARG B 179 -26.90 11.22 57.55
N LEU B 180 -27.70 11.37 58.60
CA LEU B 180 -27.93 10.26 59.52
C LEU B 180 -28.57 9.09 58.81
N ALA B 181 -29.52 9.36 57.91
CA ALA B 181 -30.19 8.27 57.19
C ALA B 181 -29.28 7.62 56.16
N MET B 182 -28.37 8.39 55.55
CA MET B 182 -27.40 7.79 54.65
C MET B 182 -26.51 6.81 55.39
N LEU B 183 -25.96 7.24 56.53
CA LEU B 183 -25.14 6.34 57.32
C LEU B 183 -25.95 5.16 57.84
N ALA B 184 -27.21 5.41 58.21
CA ALA B 184 -28.06 4.34 58.74
C ALA B 184 -28.39 3.31 57.67
N PHE B 185 -28.70 3.74 56.45
CA PHE B 185 -28.94 2.80 55.37
C PHE B 185 -27.68 2.03 55.04
N SER B 186 -26.53 2.69 55.06
CA SER B 186 -25.26 2.00 54.85
C SER B 186 -25.10 0.87 55.86
N GLY B 187 -25.28 1.19 57.15
CA GLY B 187 -25.16 0.17 58.18
C GLY B 187 -26.18 -0.93 58.03
N ILE B 188 -27.43 -0.57 57.71
CA ILE B 188 -28.50 -1.55 57.57
C ILE B 188 -28.17 -2.54 56.47
N VAL B 189 -27.77 -2.03 55.31
CA VAL B 189 -27.47 -2.91 54.18
C VAL B 189 -26.26 -3.78 54.49
N THR B 190 -25.21 -3.19 55.05
CA THR B 190 -24.01 -3.99 55.33
C THR B 190 -24.30 -5.08 56.35
N GLN B 191 -25.04 -4.77 57.41
CA GLN B 191 -25.36 -5.78 58.41
C GLN B 191 -26.28 -6.85 57.86
N ALA B 192 -27.30 -6.45 57.08
CA ALA B 192 -28.22 -7.43 56.53
C ALA B 192 -27.52 -8.36 55.55
N ALA B 193 -26.61 -7.82 54.74
CA ALA B 193 -25.84 -8.67 53.84
C ALA B 193 -24.90 -9.58 54.61
N LEU B 194 -24.24 -9.06 55.64
CA LEU B 194 -23.36 -9.90 56.46
C LEU B 194 -24.14 -11.00 57.15
N THR B 195 -25.22 -10.63 57.87
CA THR B 195 -26.07 -11.58 58.57
C THR B 195 -27.50 -11.39 58.07
N GLY B 196 -28.06 -12.43 57.47
CA GLY B 196 -29.39 -12.34 56.89
C GLY B 196 -30.49 -12.31 57.93
N HIS B 197 -30.46 -11.31 58.80
CA HIS B 197 -31.41 -11.20 59.89
C HIS B 197 -32.59 -10.30 59.50
N ALA B 198 -33.63 -10.33 60.33
CA ALA B 198 -34.80 -9.48 60.16
C ALA B 198 -34.46 -8.07 60.67
N PHE B 199 -35.48 -7.22 60.82
CA PHE B 199 -35.30 -5.80 61.15
C PHE B 199 -34.18 -5.52 62.15
N PRO B 200 -34.04 -6.22 63.28
CA PRO B 200 -32.82 -6.03 64.06
C PRO B 200 -31.65 -6.69 63.33
N TYR B 201 -30.81 -5.87 62.70
CA TYR B 201 -29.74 -6.37 61.85
C TYR B 201 -28.46 -6.63 62.63
N MET B 202 -28.53 -6.63 63.96
CA MET B 202 -27.40 -6.99 64.80
C MET B 202 -26.99 -8.43 64.53
N LEU C 39 65.24 3.98 25.47
CA LEU C 39 66.09 4.81 26.32
C LEU C 39 66.23 6.22 25.76
N ASP C 40 65.11 6.77 25.29
CA ASP C 40 65.04 8.06 24.62
C ASP C 40 63.71 8.70 25.00
N GLY C 41 63.29 9.71 24.23
CA GLY C 41 61.94 10.21 24.32
C GLY C 41 60.96 9.32 23.60
N MET C 42 61.38 8.08 23.30
CA MET C 42 60.56 7.13 22.60
C MET C 42 59.37 6.71 23.48
N ILE C 43 58.32 6.25 22.81
CA ILE C 43 57.13 5.74 23.50
C ILE C 43 57.43 4.35 24.04
N GLY C 44 56.91 4.06 25.23
CA GLY C 44 57.08 2.76 25.82
C GLY C 44 57.67 2.78 27.22
N SER C 45 57.87 3.98 27.76
CA SER C 45 58.43 4.15 29.10
C SER C 45 57.28 4.20 30.11
N SER C 46 57.24 3.20 31.00
CA SER C 46 56.18 3.08 31.97
C SER C 46 56.72 3.29 33.39
N ALA C 47 55.80 3.31 34.35
CA ALA C 47 56.16 3.65 35.72
C ALA C 47 57.16 2.69 36.37
N PRO C 48 56.98 1.35 36.31
CA PRO C 48 57.87 0.49 37.11
C PRO C 48 59.35 0.66 36.80
N PHE C 49 59.70 0.85 35.52
CA PHE C 49 61.09 1.04 35.13
C PHE C 49 61.08 1.97 33.92
N LYS C 50 61.24 3.26 34.18
CA LYS C 50 61.26 4.25 33.11
C LYS C 50 62.57 4.15 32.34
N ASN C 51 62.46 4.13 31.01
CA ASN C 51 63.61 4.01 30.11
C ASN C 51 64.47 2.81 30.50
N PHE C 52 63.84 1.63 30.44
CA PHE C 52 64.43 0.40 30.93
C PHE C 52 65.49 -0.09 29.95
N ASP C 53 66.73 0.35 30.17
CA ASP C 53 67.88 -0.16 29.43
C ASP C 53 69.01 -0.43 30.41
N PRO C 54 68.86 -1.44 31.27
CA PRO C 54 69.91 -1.72 32.27
C PRO C 54 71.24 -2.10 31.65
N LEU C 55 71.23 -2.77 30.50
CA LEU C 55 72.46 -3.19 29.84
C LEU C 55 72.97 -2.18 28.83
N GLY C 56 72.31 -1.04 28.69
CA GLY C 56 72.79 0.02 27.83
C GLY C 56 72.86 -0.33 26.36
N PHE C 57 71.86 -1.06 25.86
CA PHE C 57 71.83 -1.39 24.44
C PHE C 57 71.54 -0.15 23.60
N ALA C 58 70.78 0.80 24.13
CA ALA C 58 70.38 1.98 23.39
C ALA C 58 71.26 3.20 23.63
N ALA C 59 72.08 3.19 24.69
CA ALA C 59 72.91 4.34 24.99
C ALA C 59 73.96 4.62 23.92
N LYS C 60 74.35 3.60 23.15
CA LYS C 60 75.35 3.75 22.10
C LYS C 60 74.78 3.65 20.69
N ALA C 61 73.58 3.11 20.52
CA ALA C 61 73.01 2.93 19.20
C ALA C 61 72.54 4.26 18.62
N ASP C 62 72.59 4.36 17.30
CA ASP C 62 72.10 5.53 16.60
C ASP C 62 70.59 5.43 16.41
N GLN C 63 70.00 6.36 15.66
CA GLN C 63 68.56 6.35 15.49
C GLN C 63 68.09 5.17 14.64
N LYS C 64 68.87 4.79 13.63
CA LYS C 64 68.48 3.68 12.78
C LYS C 64 68.44 2.36 13.55
N THR C 65 69.46 2.10 14.37
CA THR C 65 69.47 0.88 15.17
C THR C 65 68.33 0.88 16.17
N LEU C 66 67.99 2.04 16.73
CA LEU C 66 66.89 2.11 17.67
C LEU C 66 65.55 1.89 16.98
N ASN C 67 65.40 2.40 15.75
CA ASN C 67 64.21 2.10 14.97
C ASN C 67 64.10 0.60 14.70
N LYS C 68 65.23 -0.03 14.37
CA LYS C 68 65.23 -1.48 14.18
C LYS C 68 64.82 -2.21 15.45
N TYR C 69 65.34 -1.76 16.60
CA TYR C 69 65.00 -2.38 17.87
C TYR C 69 63.51 -2.25 18.17
N ARG C 70 62.95 -1.06 17.90
CA ARG C 70 61.52 -0.87 18.14
C ARG C 70 60.69 -1.73 17.21
N GLU C 71 61.10 -1.84 15.94
CA GLU C 71 60.39 -2.72 15.00
C GLU C 71 60.41 -4.16 15.50
N SER C 72 61.58 -4.64 15.93
CA SER C 72 61.69 -6.00 16.42
C SER C 72 60.83 -6.20 17.65
N GLU C 73 60.85 -5.25 18.59
CA GLU C 73 60.07 -5.38 19.80
C GLU C 73 58.57 -5.43 19.50
N LEU C 74 58.10 -4.54 18.62
CA LEU C 74 56.67 -4.51 18.31
C LEU C 74 56.24 -5.76 17.57
N LYS C 75 57.05 -6.24 16.62
CA LYS C 75 56.71 -7.47 15.91
C LYS C 75 56.68 -8.65 16.87
N HIS C 76 57.68 -8.75 17.75
CA HIS C 76 57.70 -9.83 18.73
C HIS C 76 56.48 -9.76 19.65
N GLY C 77 56.13 -8.55 20.09
CA GLY C 77 54.99 -8.42 20.98
C GLY C 77 53.69 -8.82 20.33
N ARG C 78 53.48 -8.38 19.08
CA ARG C 78 52.24 -8.73 18.38
C ARG C 78 52.16 -10.23 18.13
N VAL C 79 53.27 -10.81 17.65
CA VAL C 79 53.29 -12.25 17.40
C VAL C 79 53.06 -13.02 18.70
N ALA C 80 53.60 -12.52 19.81
CA ALA C 80 53.47 -13.21 21.08
C ALA C 80 52.04 -13.10 21.64
N MET C 81 51.40 -11.95 21.46
CA MET C 81 50.00 -11.82 21.84
C MET C 81 49.14 -12.81 21.06
N LEU C 82 49.35 -12.88 19.75
CA LEU C 82 48.62 -13.86 18.94
C LEU C 82 48.92 -15.28 19.41
N ALA C 83 50.19 -15.56 19.72
CA ALA C 83 50.58 -16.91 20.10
C ALA C 83 49.97 -17.32 21.43
N VAL C 84 49.93 -16.41 22.40
CA VAL C 84 49.34 -16.73 23.70
C VAL C 84 47.85 -16.98 23.55
N LEU C 85 47.16 -16.07 22.84
CA LEU C 85 45.73 -16.25 22.65
C LEU C 85 45.44 -17.57 21.93
N GLY C 86 46.21 -17.87 20.90
CA GLY C 86 46.03 -19.13 20.19
C GLY C 86 46.32 -20.34 21.06
N TRP C 87 47.38 -20.26 21.88
CA TRP C 87 47.71 -21.35 22.79
C TRP C 87 46.52 -21.69 23.66
N ILE C 88 45.97 -20.69 24.35
CA ILE C 88 44.87 -20.95 25.27
C ILE C 88 43.64 -21.44 24.51
N VAL C 89 43.23 -20.71 23.47
CA VAL C 89 41.99 -21.02 22.76
C VAL C 89 42.06 -22.41 22.14
N GLN C 90 43.19 -22.72 21.49
CA GLN C 90 43.41 -24.05 20.96
C GLN C 90 43.28 -25.09 22.06
N GLU C 91 43.81 -24.78 23.25
CA GLU C 91 43.73 -25.76 24.34
C GLU C 91 42.28 -26.07 24.70
N PHE C 92 41.42 -25.05 24.82
CA PHE C 92 40.04 -25.34 25.18
C PHE C 92 39.05 -25.20 24.03
N TRP C 93 39.52 -25.03 22.80
CA TRP C 93 38.61 -25.02 21.65
C TRP C 93 39.40 -25.22 20.36
N HIS C 94 39.16 -26.34 19.67
CA HIS C 94 39.77 -26.59 18.36
C HIS C 94 38.71 -27.11 17.41
N PRO C 95 37.76 -26.24 17.00
CA PRO C 95 36.68 -26.70 16.13
C PRO C 95 37.14 -27.18 14.76
N LEU C 96 38.21 -26.60 14.23
CA LEU C 96 38.63 -26.91 12.87
C LEU C 96 39.24 -28.31 12.81
N TYR C 97 39.41 -28.80 11.57
CA TYR C 97 40.00 -30.11 11.30
C TYR C 97 39.17 -31.24 11.89
N ASP C 98 37.86 -31.03 11.99
CA ASP C 98 36.91 -32.03 12.48
C ASP C 98 37.38 -32.59 13.83
N GLY C 99 37.53 -31.68 14.80
CA GLY C 99 38.17 -32.06 16.04
C GLY C 99 39.60 -32.47 15.76
N LYS C 100 40.01 -33.59 16.33
CA LYS C 100 41.38 -34.11 16.17
C LYS C 100 42.36 -33.00 16.53
N LEU C 101 43.57 -33.04 15.97
CA LEU C 101 44.55 -31.97 16.14
C LEU C 101 44.75 -31.65 17.62
N SER C 102 45.34 -32.63 18.31
CA SER C 102 45.36 -32.70 19.77
C SER C 102 45.52 -31.34 20.43
N SER C 103 44.72 -31.11 21.47
CA SER C 103 44.59 -29.78 22.06
C SER C 103 45.90 -29.26 22.63
N ASN C 104 46.86 -30.14 22.89
CA ASN C 104 48.15 -29.69 23.39
C ASN C 104 48.93 -29.04 22.25
N PRO C 105 49.31 -27.77 22.36
CA PRO C 105 50.20 -27.18 21.36
C PRO C 105 51.56 -27.84 21.39
N LEU C 106 52.35 -27.58 20.34
CA LEU C 106 53.63 -28.24 20.10
C LEU C 106 53.42 -29.71 19.74
N LYS C 107 52.17 -30.16 19.79
CA LYS C 107 51.76 -31.45 19.26
C LYS C 107 50.87 -31.30 18.02
N ALA C 108 49.96 -30.34 18.04
CA ALA C 108 49.23 -29.98 16.83
C ALA C 108 50.14 -29.30 15.81
N LEU C 109 51.30 -28.81 16.24
CA LEU C 109 52.26 -28.24 15.31
C LEU C 109 52.73 -29.27 14.29
N THR C 110 52.78 -30.55 14.68
CA THR C 110 53.18 -31.64 13.80
C THR C 110 51.99 -32.42 13.26
N GLU C 111 50.77 -31.89 13.40
CA GLU C 111 49.57 -32.56 12.92
C GLU C 111 48.83 -31.79 11.84
N VAL C 112 49.11 -30.50 11.65
CA VAL C 112 48.48 -29.74 10.58
C VAL C 112 48.89 -30.33 9.23
N PRO C 113 47.98 -30.39 8.24
CA PRO C 113 48.28 -31.12 7.00
C PRO C 113 49.57 -30.76 6.28
N LEU C 114 50.28 -29.73 6.74
CA LEU C 114 51.58 -29.32 6.21
C LEU C 114 51.43 -28.66 4.85
N ILE C 115 50.22 -28.72 4.29
CA ILE C 115 49.86 -27.86 3.17
C ILE C 115 49.07 -26.65 3.65
N GLY C 116 48.47 -26.73 4.85
CA GLY C 116 47.98 -25.53 5.50
C GLY C 116 49.08 -24.74 6.17
N TRP C 117 50.16 -25.40 6.57
CA TRP C 117 51.33 -24.67 7.05
C TRP C 117 51.92 -23.80 5.95
N ALA C 118 51.99 -24.33 4.73
CA ALA C 118 52.56 -23.58 3.63
C ALA C 118 51.75 -22.32 3.34
N GLN C 119 50.43 -22.43 3.40
CA GLN C 119 49.59 -21.26 3.11
C GLN C 119 49.72 -20.19 4.19
N ILE C 120 49.81 -20.60 5.46
CA ILE C 120 50.05 -19.64 6.53
C ILE C 120 51.40 -18.97 6.35
N PHE C 121 52.41 -19.76 6.00
CA PHE C 121 53.75 -19.21 5.76
C PHE C 121 53.72 -18.19 4.62
N VAL C 122 53.04 -18.52 3.52
CA VAL C 122 52.98 -17.63 2.37
C VAL C 122 52.21 -16.36 2.71
N ALA C 123 51.14 -16.49 3.50
CA ALA C 123 50.38 -15.31 3.89
C ALA C 123 51.21 -14.38 4.78
N ILE C 124 51.94 -14.94 5.75
CA ILE C 124 52.82 -14.14 6.58
C ILE C 124 53.88 -13.47 5.72
N ASN C 125 54.41 -14.19 4.74
CA ASN C 125 55.43 -13.66 3.86
C ASN C 125 54.89 -12.49 3.03
N VAL C 126 53.69 -12.63 2.49
CA VAL C 126 53.10 -11.54 1.70
C VAL C 126 52.83 -10.33 2.60
N ILE C 127 52.37 -10.59 3.82
CA ILE C 127 52.13 -9.50 4.77
C ILE C 127 53.42 -8.74 5.06
N GLU C 128 54.51 -9.46 5.26
CA GLU C 128 55.77 -8.80 5.57
C GLU C 128 56.40 -8.15 4.34
N TYR C 129 56.11 -8.67 3.14
CA TYR C 129 56.48 -7.95 1.93
C TYR C 129 55.76 -6.62 1.85
N LEU C 130 54.46 -6.61 2.18
CA LEU C 130 53.71 -5.37 2.21
C LEU C 130 54.25 -4.43 3.28
N GLN C 131 54.65 -4.96 4.43
CA GLN C 131 55.25 -4.14 5.48
C GLN C 131 56.57 -3.54 5.01
N ASN C 132 57.38 -4.32 4.28
CA ASN C 132 58.61 -3.78 3.72
C ASN C 132 58.32 -2.65 2.75
N LYS C 133 57.29 -2.82 1.91
CA LYS C 133 56.91 -1.74 1.01
C LYS C 133 56.46 -0.50 1.77
N ILE C 134 55.74 -0.71 2.89
CA ILE C 134 55.32 0.41 3.74
C ILE C 134 56.53 1.14 4.30
N LYS C 135 57.57 0.39 4.67
CA LYS C 135 58.72 0.98 5.36
C LYS C 135 59.41 2.06 4.54
N GLU C 136 59.23 2.08 3.21
CA GLU C 136 59.85 3.11 2.38
C GLU C 136 58.91 4.29 2.11
N LEU C 137 57.70 4.27 2.65
CA LEU C 137 56.82 5.41 2.50
C LEU C 137 57.37 6.59 3.30
N PRO C 138 57.25 7.81 2.79
CA PRO C 138 57.81 8.97 3.50
C PRO C 138 57.18 9.15 4.87
N GLY C 139 58.00 9.56 5.83
CA GLY C 139 57.52 9.77 7.18
C GLY C 139 57.26 8.50 7.96
N TYR C 140 57.83 7.37 7.53
CA TYR C 140 57.56 6.10 8.18
C TYR C 140 58.11 6.08 9.61
N ARG C 141 57.33 5.51 10.53
CA ARG C 141 57.70 5.31 11.91
C ARG C 141 57.92 3.81 12.16
N PRO C 142 58.82 3.45 13.09
CA PRO C 142 59.30 2.06 13.17
C PRO C 142 58.23 0.99 13.14
N GLY C 143 57.31 0.99 14.11
CA GLY C 143 56.28 -0.02 14.16
C GLY C 143 54.97 0.36 13.54
N ASP C 144 54.88 1.54 12.93
CA ASP C 144 53.61 2.08 12.44
C ASP C 144 53.39 1.57 11.01
N TYR C 145 52.56 0.54 10.88
CA TYR C 145 52.16 0.04 9.56
C TYR C 145 50.79 0.54 9.14
N LEU C 146 50.06 1.20 10.04
CA LEU C 146 48.81 1.86 9.70
C LEU C 146 49.02 3.26 9.13
N GLY C 147 50.24 3.79 9.20
CA GLY C 147 50.49 5.14 8.74
C GLY C 147 49.85 6.21 9.58
N THR C 148 49.85 6.04 10.90
CA THR C 148 49.22 7.03 11.77
C THR C 148 49.95 8.36 11.76
N TRP C 149 51.20 8.40 11.27
CA TRP C 149 51.91 9.66 11.14
C TRP C 149 51.23 10.61 10.17
N GLU C 150 50.39 10.08 9.27
CA GLU C 150 49.65 10.95 8.36
C GLU C 150 48.65 11.83 9.12
N TRP C 151 47.97 11.27 10.11
CA TRP C 151 47.00 12.01 10.90
C TRP C 151 47.57 12.56 12.20
N VAL C 152 48.49 11.82 12.83
CA VAL C 152 48.98 12.17 14.16
C VAL C 152 50.25 13.00 13.97
N GLU C 153 50.07 14.31 13.90
CA GLU C 153 51.15 15.27 14.11
C GLU C 153 50.89 15.96 15.43
N GLN C 154 51.95 16.16 16.23
CA GLN C 154 51.82 16.64 17.60
C GLN C 154 50.97 15.67 18.42
N SER C 155 51.54 14.49 18.63
CA SER C 155 50.86 13.42 19.35
C SER C 155 50.41 13.89 20.74
N ASP C 156 49.33 13.31 21.22
CA ASP C 156 48.77 13.64 22.53
C ASP C 156 49.36 12.72 23.59
N GLU C 157 48.84 12.81 24.82
CA GLU C 157 49.22 11.86 25.85
C GLU C 157 48.39 10.57 25.76
N GLY C 158 47.17 10.66 25.23
CA GLY C 158 46.38 9.46 25.04
C GLY C 158 46.96 8.54 23.98
N TRP C 159 47.46 9.11 22.89
CA TRP C 159 48.08 8.30 21.84
C TRP C 159 49.34 7.62 22.35
N ASP C 160 50.19 8.38 23.05
CA ASP C 160 51.40 7.79 23.63
C ASP C 160 51.05 6.73 24.65
N SER C 161 50.02 6.99 25.48
CA SER C 161 49.62 6.00 26.47
C SER C 161 49.09 4.73 25.83
N TYR C 162 48.35 4.85 24.72
CA TYR C 162 47.84 3.66 24.05
C TYR C 162 48.96 2.87 23.38
N GLN C 163 49.94 3.58 22.79
CA GLN C 163 51.10 2.89 22.23
C GLN C 163 51.87 2.17 23.31
N THR C 164 52.03 2.81 24.47
CA THR C 164 52.70 2.15 25.59
C THR C 164 51.91 0.95 26.10
N LYS C 165 50.58 1.06 26.08
CA LYS C 165 49.75 -0.08 26.46
C LYS C 165 49.97 -1.26 25.53
N GLU C 166 50.00 -1.00 24.22
CA GLU C 166 50.28 -2.06 23.27
C GLU C 166 51.64 -2.66 23.50
N LEU C 167 52.66 -1.81 23.72
CA LEU C 167 54.00 -2.32 23.95
C LEU C 167 54.09 -3.17 25.20
N ASN C 168 53.47 -2.73 26.29
CA ASN C 168 53.54 -3.45 27.55
C ASN C 168 52.79 -4.77 27.46
N ASN C 169 51.61 -4.77 26.81
CA ASN C 169 50.89 -6.02 26.60
C ASN C 169 51.71 -6.98 25.73
N GLY C 170 52.39 -6.45 24.72
CA GLY C 170 53.26 -7.29 23.91
C GLY C 170 54.40 -7.88 24.69
N ARG C 171 55.01 -7.09 25.59
CA ARG C 171 56.11 -7.61 26.41
C ARG C 171 55.61 -8.71 27.35
N LEU C 172 54.47 -8.47 27.98
CA LEU C 172 53.90 -9.48 28.87
C LEU C 172 53.57 -10.75 28.10
N ALA C 173 53.05 -10.60 26.88
CA ALA C 173 52.76 -11.77 26.06
C ALA C 173 54.02 -12.48 25.60
N MET C 174 55.11 -11.75 25.34
CA MET C 174 56.37 -12.41 25.02
C MET C 174 56.85 -13.27 26.17
N VAL C 175 56.84 -12.71 27.39
CA VAL C 175 57.23 -13.49 28.55
C VAL C 175 56.30 -14.69 28.73
N ALA C 176 55.00 -14.47 28.55
CA ALA C 176 54.02 -15.53 28.75
C ALA C 176 54.19 -16.66 27.74
N ILE C 177 54.45 -16.33 26.48
CA ILE C 177 54.58 -17.38 25.47
C ILE C 177 55.90 -18.12 25.64
N ALA C 178 56.96 -17.43 26.05
CA ALA C 178 58.20 -18.13 26.36
C ALA C 178 57.97 -19.12 27.50
N GLY C 179 57.27 -18.68 28.55
CA GLY C 179 56.96 -19.58 29.64
C GLY C 179 56.09 -20.74 29.22
N LEU C 180 55.10 -20.47 28.37
CA LEU C 180 54.22 -21.52 27.88
C LEU C 180 55.01 -22.60 27.15
N ILE C 181 55.86 -22.18 26.20
CA ILE C 181 56.61 -23.14 25.41
C ILE C 181 57.57 -23.93 26.30
N VAL C 182 58.25 -23.25 27.22
CA VAL C 182 59.20 -23.94 28.08
C VAL C 182 58.49 -24.94 29.00
N GLN C 183 57.37 -24.53 29.59
CA GLN C 183 56.62 -25.43 30.47
C GLN C 183 56.10 -26.64 29.69
N ASP C 184 55.56 -26.42 28.50
CA ASP C 184 55.06 -27.55 27.71
C ASP C 184 56.19 -28.47 27.29
N LEU C 185 57.39 -27.92 27.07
CA LEU C 185 58.53 -28.76 26.70
C LEU C 185 58.99 -29.61 27.89
N ILE C 186 59.14 -29.00 29.06
CA ILE C 186 59.73 -29.73 30.18
C ILE C 186 58.71 -30.67 30.81
N THR C 187 57.44 -30.25 30.92
CA THR C 187 56.44 -31.06 31.59
C THR C 187 55.67 -31.96 30.63
N GLY C 188 55.33 -31.47 29.45
CA GLY C 188 54.55 -32.21 28.49
C GLY C 188 53.07 -31.90 28.51
N GLN C 189 52.60 -31.14 29.50
CA GLN C 189 51.20 -30.74 29.59
C GLN C 189 51.03 -29.31 29.11
N ALA C 190 49.81 -29.01 28.66
CA ALA C 190 49.50 -27.67 28.18
C ALA C 190 49.16 -26.77 29.36
N ALA C 191 48.82 -25.51 29.05
CA ALA C 191 48.60 -24.50 30.08
C ALA C 191 47.45 -24.86 31.01
N LEU C 192 46.23 -24.93 30.48
CA LEU C 192 45.07 -25.23 31.32
C LEU C 192 45.06 -26.68 31.80
N GLU C 193 45.87 -27.54 31.18
CA GLU C 193 45.97 -28.91 31.68
C GLU C 193 46.91 -28.99 32.87
N GLN C 194 48.07 -28.33 32.78
CA GLN C 194 48.99 -28.31 33.91
C GLN C 194 48.40 -27.57 35.10
N ILE C 195 47.70 -26.46 34.85
CA ILE C 195 47.05 -25.72 35.92
C ILE C 195 45.96 -26.56 36.59
N THR C 196 45.15 -27.25 35.78
CA THR C 196 44.05 -28.03 36.32
C THR C 196 44.55 -29.15 37.23
N ALA C 197 45.56 -29.89 36.78
CA ALA C 197 46.11 -30.97 37.60
C ALA C 197 46.78 -30.41 38.86
N GLY C 198 47.53 -29.33 38.72
CA GLY C 198 48.22 -28.75 39.85
C GLY C 198 49.73 -28.92 39.78
N ASN C 199 50.25 -29.05 38.56
CA ASN C 199 51.69 -29.23 38.36
C ASN C 199 52.39 -27.86 38.38
N THR C 200 52.31 -27.21 39.54
CA THR C 200 52.91 -25.90 39.73
C THR C 200 53.91 -25.93 40.87
N LYS D 6 1.91 28.29 44.53
CA LYS D 6 3.07 28.75 43.75
C LYS D 6 4.21 27.76 43.87
N SER D 7 3.93 26.50 43.56
CA SER D 7 4.94 25.46 43.64
C SER D 7 6.01 25.67 42.59
N THR D 8 7.19 25.11 42.85
CA THR D 8 8.34 25.24 41.97
C THR D 8 8.39 24.19 40.88
N ILE D 9 7.40 23.29 40.82
CA ILE D 9 7.43 22.20 39.84
C ILE D 9 6.20 22.28 38.93
N VAL D 10 5.11 22.86 39.43
CA VAL D 10 3.85 22.87 38.69
C VAL D 10 3.31 24.29 38.62
N ASP D 11 2.47 24.52 37.61
CA ASP D 11 1.70 25.76 37.47
C ASP D 11 0.24 25.44 37.74
N PHE D 12 -0.40 26.27 38.56
CA PHE D 12 -1.75 25.99 39.04
C PHE D 12 -2.78 26.66 38.13
N ASN D 13 -3.80 25.90 37.76
CA ASN D 13 -4.88 26.37 36.90
C ASN D 13 -4.36 27.02 35.61
N PRO D 14 -3.60 26.29 34.79
CA PRO D 14 -3.10 26.90 33.56
C PRO D 14 -4.16 27.06 32.49
N VAL D 15 -5.02 26.05 32.30
CA VAL D 15 -6.03 26.05 31.26
C VAL D 15 -7.40 25.85 31.92
N GLU D 16 -8.36 26.68 31.54
CA GLU D 16 -9.70 26.58 32.09
C GLU D 16 -10.46 25.41 31.46
N THR D 17 -11.17 24.67 32.31
CA THR D 17 -11.99 23.55 31.85
C THR D 17 -13.28 24.10 31.26
N SER D 18 -13.32 24.18 29.92
CA SER D 18 -14.47 24.74 29.23
C SER D 18 -14.78 23.93 27.99
N PHE D 19 -16.05 23.93 27.60
CA PHE D 19 -16.51 23.27 26.38
C PHE D 19 -16.50 24.19 25.17
N GLU D 20 -16.05 25.44 25.33
CA GLU D 20 -16.10 26.40 24.23
C GLU D 20 -15.23 25.94 23.06
N LYS D 21 -14.02 25.46 23.34
CA LYS D 21 -13.12 25.04 22.29
C LYS D 21 -13.52 23.70 21.67
N TRP D 22 -14.39 22.93 22.34
CA TRP D 22 -14.91 21.71 21.73
C TRP D 22 -15.79 22.01 20.53
N ALA D 23 -16.44 23.17 20.52
CA ALA D 23 -17.31 23.59 19.45
C ALA D 23 -16.61 24.36 18.35
N LYS D 24 -15.28 24.48 18.44
CA LYS D 24 -14.47 25.18 17.44
C LYS D 24 -13.41 24.21 16.94
N PRO D 25 -13.76 23.33 16.00
CA PRO D 25 -12.78 22.37 15.49
C PRO D 25 -11.59 23.08 14.85
N GLY D 26 -10.40 22.51 15.05
CA GLY D 26 -9.20 23.09 14.51
C GLY D 26 -8.67 24.28 15.26
N GLN D 27 -9.14 24.51 16.49
CA GLN D 27 -8.68 25.67 17.25
C GLN D 27 -7.20 25.59 17.58
N PHE D 28 -6.65 24.38 17.64
CA PHE D 28 -5.24 24.23 18.00
C PHE D 28 -4.31 24.77 16.94
N SER D 29 -4.69 24.64 15.66
CA SER D 29 -3.82 25.03 14.57
C SER D 29 -4.08 26.48 14.17
N ARG D 30 -3.00 27.20 13.87
CA ARG D 30 -3.14 28.57 13.38
C ARG D 30 -3.79 28.61 12.01
N THR D 31 -3.54 27.60 11.17
CA THR D 31 -4.08 27.60 9.82
C THR D 31 -5.50 27.05 9.77
N LEU D 32 -5.81 26.04 10.59
CA LEU D 32 -7.12 25.42 10.57
C LEU D 32 -8.16 26.19 11.39
N ALA D 33 -7.74 27.15 12.20
CA ALA D 33 -8.68 27.84 13.08
C ALA D 33 -9.65 28.71 12.30
N LYS D 34 -9.26 29.17 11.11
CA LYS D 34 -10.13 30.05 10.34
C LYS D 34 -11.37 29.35 9.82
N GLY D 35 -11.38 28.03 9.79
CA GLY D 35 -12.53 27.29 9.33
C GLY D 35 -12.30 26.62 8.00
N PRO D 36 -13.09 25.59 7.70
CA PRO D 36 -12.90 24.86 6.44
C PRO D 36 -13.38 25.65 5.23
N LYS D 37 -12.59 25.60 4.17
CA LYS D 37 -13.01 26.08 2.86
C LYS D 37 -13.06 24.98 1.81
N THR D 38 -12.23 23.95 1.95
CA THR D 38 -12.26 22.76 1.12
C THR D 38 -12.26 21.53 2.01
N THR D 39 -12.53 20.38 1.41
CA THR D 39 -12.51 19.13 2.18
C THR D 39 -11.11 18.76 2.67
N THR D 40 -10.07 19.39 2.15
CA THR D 40 -8.72 19.16 2.65
C THR D 40 -8.60 19.59 4.11
N TRP D 41 -9.39 20.57 4.54
CA TRP D 41 -9.36 21.02 5.92
C TRP D 41 -9.74 19.90 6.88
N ILE D 42 -10.72 19.08 6.49
CA ILE D 42 -11.17 17.99 7.35
C ILE D 42 -10.04 17.01 7.60
N TRP D 43 -9.34 16.62 6.53
CA TRP D 43 -8.23 15.68 6.67
C TRP D 43 -7.06 16.30 7.41
N ASN D 44 -6.78 17.59 7.17
CA ASN D 44 -5.72 18.26 7.89
C ASN D 44 -6.03 18.37 9.37
N LEU D 45 -7.31 18.39 9.73
CA LEU D 45 -7.70 18.48 11.13
C LEU D 45 -7.22 17.27 11.92
N HIS D 46 -7.37 16.07 11.36
CA HIS D 46 -6.96 14.86 12.06
C HIS D 46 -5.48 14.58 11.91
N ALA D 47 -4.86 15.06 10.83
CA ALA D 47 -3.42 14.83 10.63
C ALA D 47 -2.56 15.70 11.54
N ASP D 48 -3.11 16.79 12.07
CA ASP D 48 -2.37 17.70 12.93
C ASP D 48 -2.87 17.69 14.37
N ALA D 49 -3.75 16.75 14.73
CA ALA D 49 -4.36 16.77 16.05
C ALA D 49 -3.32 16.57 17.15
N HIS D 50 -2.43 15.60 16.97
CA HIS D 50 -1.43 15.28 17.99
C HIS D 50 -0.06 15.86 17.66
N ASP D 51 0.05 16.67 16.61
CA ASP D 51 1.32 17.34 16.29
C ASP D 51 1.43 18.60 17.15
N PHE D 52 1.70 18.37 18.44
CA PHE D 52 1.74 19.46 19.41
C PHE D 52 2.89 20.43 19.16
N ASP D 53 3.89 20.02 18.36
CA ASP D 53 5.01 20.91 18.08
C ASP D 53 4.57 22.13 17.28
N ILE D 54 3.65 21.96 16.33
CA ILE D 54 3.19 23.07 15.51
C ILE D 54 2.01 23.81 16.13
N GLN D 55 1.45 23.30 17.23
CA GLN D 55 0.35 23.98 17.90
C GLN D 55 0.83 25.02 18.90
N THR D 56 2.00 24.83 19.50
CA THR D 56 2.57 25.78 20.43
C THR D 56 4.04 25.96 20.12
N ASN D 57 4.57 27.13 20.48
CA ASN D 57 5.98 27.44 20.30
C ASN D 57 6.79 27.22 21.57
N SER D 58 6.18 26.68 22.61
CA SER D 58 6.83 26.49 23.90
C SER D 58 6.98 25.00 24.18
N LEU D 59 8.20 24.59 24.52
CA LEU D 59 8.44 23.18 24.88
C LEU D 59 7.65 22.78 26.11
N GLN D 60 7.40 23.72 27.03
CA GLN D 60 6.63 23.41 28.23
C GLN D 60 5.21 22.98 27.88
N GLU D 61 4.55 23.71 26.98
CA GLU D 61 3.18 23.37 26.61
C GLU D 61 3.12 22.02 25.90
N VAL D 62 4.08 21.77 25.01
CA VAL D 62 4.14 20.48 24.33
C VAL D 62 4.33 19.35 25.34
N SER D 63 5.21 19.55 26.32
CA SER D 63 5.44 18.52 27.33
C SER D 63 4.19 18.26 28.15
N ARG D 64 3.47 19.32 28.53
CA ARG D 64 2.24 19.14 29.30
C ARG D 64 1.17 18.40 28.50
N LYS D 65 1.03 18.76 27.22
CA LYS D 65 0.08 18.06 26.36
C LYS D 65 0.46 16.59 26.23
N ILE D 66 1.75 16.30 26.08
CA ILE D 66 2.21 14.91 25.97
C ILE D 66 1.91 14.15 27.24
N PHE D 67 2.12 14.78 28.39
CA PHE D 67 1.87 14.14 29.68
C PHE D 67 0.40 13.78 29.84
N SER D 68 -0.49 14.72 29.52
CA SER D 68 -1.92 14.44 29.61
C SER D 68 -2.36 13.40 28.57
N ALA D 69 -1.75 13.42 27.38
CA ALA D 69 -2.07 12.41 26.37
C ALA D 69 -1.64 11.03 26.84
N HIS D 70 -0.50 10.93 27.53
CA HIS D 70 -0.08 9.67 28.12
C HIS D 70 -1.10 9.19 29.13
N PHE D 71 -1.62 10.11 29.96
CA PHE D 71 -2.64 9.72 30.93
C PHE D 71 -3.90 9.20 30.23
N GLY D 72 -4.33 9.88 29.16
CA GLY D 72 -5.48 9.41 28.41
C GLY D 72 -5.25 8.03 27.80
N GLN D 73 -4.05 7.81 27.27
CA GLN D 73 -3.73 6.50 26.70
C GLN D 73 -3.75 5.41 27.75
N LEU D 74 -3.18 5.70 28.93
CA LEU D 74 -3.20 4.70 30.00
C LEU D 74 -4.62 4.44 30.49
N ALA D 75 -5.47 5.47 30.50
CA ALA D 75 -6.88 5.25 30.83
C ALA D 75 -7.55 4.35 29.81
N VAL D 76 -7.24 4.55 28.52
CA VAL D 76 -7.80 3.69 27.48
C VAL D 76 -7.32 2.26 27.67
N ILE D 77 -6.04 2.07 27.98
CA ILE D 77 -5.50 0.73 28.19
C ILE D 77 -6.17 0.07 29.39
N PHE D 78 -6.37 0.83 30.47
CA PHE D 78 -7.03 0.28 31.65
C PHE D 78 -8.47 -0.10 31.34
N LEU D 79 -9.17 0.72 30.54
CA LEU D 79 -10.53 0.37 30.14
C LEU D 79 -10.54 -0.92 29.31
N TRP D 80 -9.57 -1.07 28.42
CA TRP D 80 -9.47 -2.29 27.61
C TRP D 80 -9.23 -3.52 28.49
N LEU D 81 -8.33 -3.39 29.48
CA LEU D 81 -8.06 -4.50 30.39
C LEU D 81 -9.28 -4.82 31.23
N SER D 82 -10.00 -3.79 31.69
CA SER D 82 -11.23 -4.00 32.45
C SER D 82 -12.27 -4.73 31.60
N GLY D 83 -12.36 -4.37 30.32
CA GLY D 83 -13.28 -5.07 29.44
C GLY D 83 -12.89 -6.53 29.27
N MET D 84 -11.60 -6.81 29.15
CA MET D 84 -11.15 -8.19 29.02
C MET D 84 -11.51 -9.00 30.25
N HIS D 85 -11.26 -8.43 31.43
CA HIS D 85 -11.56 -9.14 32.66
C HIS D 85 -13.07 -9.30 32.85
N PHE D 86 -13.85 -8.31 32.45
CA PHE D 86 -15.30 -8.41 32.55
C PHE D 86 -15.83 -9.50 31.63
N HIS D 87 -15.29 -9.60 30.41
CA HIS D 87 -15.71 -10.66 29.50
C HIS D 87 -15.31 -12.03 30.05
N GLY D 88 -14.13 -12.13 30.65
CA GLY D 88 -13.76 -13.38 31.30
C GLY D 88 -14.69 -13.73 32.44
N ALA D 89 -15.17 -12.72 33.17
CA ALA D 89 -16.03 -12.99 34.31
C ALA D 89 -17.44 -13.39 33.87
N TYR D 90 -17.97 -12.75 32.83
CA TYR D 90 -19.39 -12.88 32.49
C TYR D 90 -19.68 -13.68 31.24
N PHE D 91 -18.85 -13.57 30.20
CA PHE D 91 -19.14 -14.18 28.91
C PHE D 91 -18.07 -15.19 28.53
N SER D 92 -17.61 -15.98 29.51
CA SER D 92 -16.50 -16.91 29.27
C SER D 92 -16.79 -18.24 29.94
N ASN D 93 -16.03 -19.25 29.54
CA ASN D 93 -16.07 -20.58 30.14
C ASN D 93 -14.80 -20.83 30.95
N TYR D 94 -14.33 -19.80 31.65
CA TYR D 94 -13.06 -19.91 32.39
C TYR D 94 -13.15 -20.95 33.49
N SER D 95 -14.29 -21.01 34.19
CA SER D 95 -14.44 -22.02 35.25
C SER D 95 -14.39 -23.43 34.68
N ALA D 96 -15.04 -23.65 33.53
CA ALA D 96 -15.00 -24.96 32.90
C ALA D 96 -13.60 -25.26 32.37
N TRP D 97 -12.91 -24.25 31.84
CA TRP D 97 -11.55 -24.45 31.34
C TRP D 97 -10.58 -24.77 32.45
N LEU D 98 -10.82 -24.25 33.66
CA LEU D 98 -9.93 -24.54 34.78
C LEU D 98 -9.92 -26.03 35.11
N THR D 99 -11.10 -26.67 35.08
CA THR D 99 -11.20 -28.07 35.41
C THR D 99 -10.76 -28.99 34.27
N ASN D 100 -10.60 -28.47 33.07
CA ASN D 100 -10.19 -29.28 31.91
C ASN D 100 -9.39 -28.40 30.95
N PRO D 101 -8.18 -27.99 31.35
CA PRO D 101 -7.40 -27.11 30.47
C PRO D 101 -6.99 -27.74 29.17
N THR D 102 -6.79 -29.07 29.13
CA THR D 102 -6.27 -29.74 27.95
C THR D 102 -7.35 -30.17 26.96
N SER D 103 -8.63 -30.06 27.33
CA SER D 103 -9.71 -30.48 26.46
C SER D 103 -10.77 -29.42 26.20
N THR D 104 -10.68 -28.27 26.85
CA THR D 104 -11.63 -27.17 26.65
C THR D 104 -10.90 -26.01 25.99
N LYS D 105 -11.49 -25.48 24.93
CA LYS D 105 -10.89 -24.35 24.23
C LYS D 105 -11.32 -23.05 24.89
N PRO D 106 -10.40 -22.13 25.16
CA PRO D 106 -10.76 -20.89 25.85
C PRO D 106 -11.66 -20.01 24.98
N SER D 107 -12.79 -19.60 25.53
CA SER D 107 -13.71 -18.70 24.86
C SER D 107 -14.19 -17.66 25.85
N ALA D 108 -14.18 -16.40 25.43
CA ALA D 108 -14.59 -15.30 26.31
C ALA D 108 -15.42 -14.25 25.58
N GLN D 109 -16.06 -14.61 24.46
CA GLN D 109 -16.92 -13.68 23.74
C GLN D 109 -18.04 -14.46 23.09
N ILE D 110 -19.27 -14.22 23.52
CA ILE D 110 -20.43 -14.84 22.91
C ILE D 110 -21.05 -13.86 21.94
N VAL D 111 -21.71 -14.39 20.92
CA VAL D 111 -22.22 -13.61 19.79
C VAL D 111 -23.73 -13.64 19.84
N TRP D 112 -24.35 -12.47 19.70
CA TRP D 112 -25.79 -12.37 19.74
C TRP D 112 -26.41 -13.09 18.55
N PRO D 113 -27.60 -13.66 18.71
CA PRO D 113 -28.28 -14.36 17.59
C PRO D 113 -29.07 -13.42 16.67
N ILE D 114 -28.33 -12.78 15.75
CA ILE D 114 -28.93 -11.91 14.76
C ILE D 114 -28.43 -12.32 13.38
N VAL D 115 -29.21 -12.01 12.35
CA VAL D 115 -28.92 -12.26 10.94
C VAL D 115 -28.18 -13.57 10.71
N GLY D 116 -28.44 -14.57 11.54
CA GLY D 116 -27.81 -15.86 11.39
C GLY D 116 -26.37 -15.94 11.85
N GLN D 117 -25.88 -14.92 12.54
CA GLN D 117 -24.48 -14.87 12.96
C GLN D 117 -24.20 -15.76 14.16
N GLU D 118 -25.21 -16.38 14.75
CA GLU D 118 -25.02 -17.23 15.92
C GLU D 118 -24.21 -18.48 15.61
N VAL D 119 -23.99 -18.79 14.33
CA VAL D 119 -23.10 -19.88 13.96
C VAL D 119 -21.69 -19.64 14.45
N LEU D 120 -21.33 -18.37 14.68
CA LEU D 120 -19.99 -18.05 15.19
C LEU D 120 -19.75 -18.57 16.59
N ASN D 121 -20.82 -18.85 17.35
CA ASN D 121 -20.69 -19.44 18.68
C ASN D 121 -20.27 -20.88 18.52
N ALA D 122 -18.97 -21.15 18.70
CA ALA D 122 -18.40 -22.44 18.40
C ALA D 122 -18.57 -23.41 19.56
N ASP D 123 -18.25 -24.68 19.31
CA ASP D 123 -18.31 -25.71 20.37
C ASP D 123 -16.98 -25.74 21.09
N VAL D 124 -16.70 -24.71 21.87
CA VAL D 124 -15.45 -24.57 22.60
C VAL D 124 -15.34 -25.53 23.76
N GLY D 125 -16.42 -26.22 24.11
CA GLY D 125 -16.39 -27.17 25.20
C GLY D 125 -16.81 -26.56 26.52
N GLY D 126 -17.02 -27.44 27.51
CA GLY D 126 -17.46 -27.01 28.82
C GLY D 126 -18.87 -26.44 28.84
N ASN D 127 -19.78 -27.03 28.07
CA ASN D 127 -21.16 -26.54 28.00
C ASN D 127 -21.15 -25.04 27.73
N PHE D 128 -20.43 -24.63 26.70
CA PHE D 128 -20.33 -23.22 26.35
C PHE D 128 -20.33 -23.07 24.84
N GLN D 129 -20.87 -21.94 24.39
CA GLN D 129 -20.85 -21.55 22.98
C GLN D 129 -20.29 -20.15 22.87
N GLY D 130 -19.33 -19.96 21.99
CA GLY D 130 -18.73 -18.65 21.82
C GLY D 130 -17.55 -18.72 20.88
N ILE D 131 -16.84 -17.59 20.80
CA ILE D 131 -15.69 -17.45 19.92
C ILE D 131 -14.45 -17.89 20.69
N GLN D 132 -13.67 -18.79 20.10
CA GLN D 132 -12.44 -19.25 20.73
C GLN D 132 -11.46 -18.08 20.85
N ILE D 133 -10.82 -17.99 22.01
CA ILE D 133 -9.95 -16.87 22.34
C ILE D 133 -8.50 -17.30 22.17
N THR D 134 -7.74 -16.50 21.42
CA THR D 134 -6.33 -16.80 21.15
C THR D 134 -5.39 -15.79 21.80
N SER D 135 -5.88 -15.00 22.76
CA SER D 135 -5.05 -14.04 23.46
C SER D 135 -4.42 -14.61 24.72
N GLY D 136 -4.75 -15.85 25.08
CA GLY D 136 -4.11 -16.49 26.22
C GLY D 136 -4.45 -15.91 27.56
N PHE D 137 -5.59 -15.26 27.69
CA PHE D 137 -5.97 -14.68 28.98
C PHE D 137 -6.26 -15.75 30.01
N PHE D 138 -6.84 -16.88 29.58
CA PHE D 138 -7.15 -17.96 30.52
C PHE D 138 -5.89 -18.49 31.17
N GLN D 139 -4.84 -18.72 30.37
CA GLN D 139 -3.58 -19.20 30.92
C GLN D 139 -2.94 -18.17 31.84
N LEU D 140 -3.00 -16.89 31.46
CA LEU D 140 -2.46 -15.83 32.31
C LEU D 140 -3.21 -15.75 33.63
N TRP D 141 -4.55 -15.84 33.58
CA TRP D 141 -5.33 -15.79 34.82
C TRP D 141 -5.04 -16.99 35.70
N ARG D 142 -4.86 -18.16 35.09
CA ARG D 142 -4.51 -19.34 35.87
C ARG D 142 -3.14 -19.18 36.51
N ALA D 143 -2.18 -18.60 35.78
CA ALA D 143 -0.86 -18.34 36.34
C ALA D 143 -0.93 -17.31 37.47
N GLU D 144 -1.92 -16.41 37.42
CA GLU D 144 -2.12 -15.44 38.49
C GLU D 144 -2.78 -16.05 39.72
N GLY D 145 -3.24 -17.30 39.63
CA GLY D 145 -3.96 -17.90 40.73
C GLY D 145 -5.44 -17.62 40.75
N ILE D 146 -5.97 -16.96 39.72
CA ILE D 146 -7.40 -16.64 39.67
C ILE D 146 -8.15 -17.93 39.38
N THR D 147 -8.93 -18.39 40.36
CA THR D 147 -9.68 -19.63 40.25
C THR D 147 -11.19 -19.44 40.20
N SER D 148 -11.67 -18.21 40.20
CA SER D 148 -13.10 -17.93 40.19
C SER D 148 -13.38 -16.74 39.29
N GLU D 149 -14.59 -16.71 38.74
CA GLU D 149 -15.01 -15.59 37.91
C GLU D 149 -15.33 -14.35 38.73
N VAL D 150 -15.55 -14.50 40.05
CA VAL D 150 -15.74 -13.34 40.91
C VAL D 150 -14.48 -12.50 40.96
N GLU D 151 -13.32 -13.16 41.02
CA GLU D 151 -12.06 -12.44 41.01
C GLU D 151 -11.86 -11.69 39.69
N LEU D 152 -12.29 -12.28 38.58
CA LEU D 152 -12.24 -11.58 37.31
C LEU D 152 -13.15 -10.35 37.31
N TYR D 153 -14.34 -10.48 37.91
CA TYR D 153 -15.23 -9.33 38.01
C TYR D 153 -14.62 -8.22 38.85
N TRP D 154 -13.98 -8.58 39.96
CA TRP D 154 -13.38 -7.55 40.81
C TRP D 154 -12.17 -6.91 40.14
N THR D 155 -11.41 -7.69 39.37
CA THR D 155 -10.32 -7.11 38.60
C THR D 155 -10.85 -6.16 37.53
N ALA D 156 -11.98 -6.49 36.91
CA ALA D 156 -12.59 -5.58 35.95
C ALA D 156 -13.06 -4.30 36.61
N VAL D 157 -13.65 -4.41 37.80
CA VAL D 157 -14.07 -3.21 38.53
C VAL D 157 -12.87 -2.35 38.89
N GLY D 158 -11.79 -2.98 39.36
CA GLY D 158 -10.57 -2.24 39.64
C GLY D 158 -10.00 -1.59 38.40
N GLY D 159 -10.10 -2.26 37.25
CA GLY D 159 -9.63 -1.66 36.01
C GLY D 159 -10.46 -0.45 35.61
N LEU D 160 -11.78 -0.52 35.80
CA LEU D 160 -12.62 0.65 35.53
C LEU D 160 -12.25 1.81 36.45
N VAL D 161 -12.05 1.52 37.74
CA VAL D 161 -11.68 2.57 38.68
C VAL D 161 -10.34 3.17 38.29
N ALA D 162 -9.38 2.33 37.91
CA ALA D 162 -8.06 2.81 37.50
C ALA D 162 -8.16 3.66 36.24
N SER D 163 -8.99 3.25 35.28
CA SER D 163 -9.16 4.04 34.06
C SER D 163 -9.74 5.43 34.38
N PHE D 164 -10.74 5.48 35.26
CA PHE D 164 -11.25 6.78 35.68
C PHE D 164 -10.18 7.60 36.38
N LEU D 165 -9.35 6.94 37.19
CA LEU D 165 -8.28 7.64 37.89
C LEU D 165 -7.29 8.23 36.91
N MET D 166 -6.94 7.50 35.86
CA MET D 166 -5.99 8.03 34.88
C MET D 166 -6.60 9.18 34.08
N LEU D 167 -7.89 9.07 33.74
CA LEU D 167 -8.57 10.20 33.11
C LEU D 167 -8.52 11.44 33.99
N PHE D 168 -8.84 11.27 35.27
CA PHE D 168 -8.80 12.38 36.21
C PHE D 168 -7.38 12.94 36.33
N ALA D 169 -6.38 12.06 36.31
CA ALA D 169 -5.00 12.52 36.42
C ALA D 169 -4.62 13.37 35.21
N GLY D 170 -5.02 12.94 34.00
CA GLY D 170 -4.74 13.73 32.82
C GLY D 170 -5.41 15.09 32.86
N TRP D 171 -6.69 15.11 33.24
CA TRP D 171 -7.39 16.39 33.37
C TRP D 171 -6.71 17.26 34.42
N PHE D 172 -6.35 16.68 35.56
CA PHE D 172 -5.73 17.44 36.63
C PHE D 172 -4.41 18.05 36.20
N HIS D 173 -3.59 17.27 35.52
CA HIS D 173 -2.26 17.72 35.15
C HIS D 173 -2.23 18.52 33.86
N TYR D 174 -3.36 18.67 33.18
CA TYR D 174 -3.40 19.71 32.15
C TYR D 174 -4.11 20.98 32.59
N HIS D 175 -5.13 20.88 33.45
CA HIS D 175 -5.99 22.02 33.73
C HIS D 175 -5.86 22.58 35.14
N LYS D 176 -5.43 21.78 36.11
CA LYS D 176 -5.38 22.19 37.51
C LYS D 176 -3.95 22.36 38.03
N ALA D 177 -3.05 21.43 37.70
CA ALA D 177 -1.66 21.55 38.14
C ALA D 177 -0.78 20.91 37.06
N ALA D 178 -0.30 21.74 36.13
CA ALA D 178 0.53 21.28 35.04
C ALA D 178 2.00 21.42 35.40
N PRO D 179 2.80 20.35 35.28
CA PRO D 179 4.21 20.45 35.64
C PRO D 179 4.97 21.39 34.72
N LYS D 180 6.06 21.95 35.25
CA LYS D 180 6.89 22.88 34.50
C LYS D 180 7.93 22.12 33.68
N LEU D 181 8.63 22.87 32.82
CA LEU D 181 9.61 22.26 31.93
C LEU D 181 10.76 21.64 32.71
N GLU D 182 11.19 22.30 33.80
CA GLU D 182 12.29 21.77 34.59
C GLU D 182 11.93 20.43 35.22
N TRP D 183 10.66 20.26 35.60
CA TRP D 183 10.21 18.97 36.11
C TRP D 183 10.31 17.89 35.04
N PHE D 184 9.92 18.21 33.81
CA PHE D 184 9.99 17.23 32.73
C PHE D 184 11.44 16.91 32.35
N GLN D 185 12.34 17.87 32.51
CA GLN D 185 13.72 17.71 32.07
C GLN D 185 14.60 17.05 33.12
N ASN D 186 14.03 16.63 34.25
CA ASN D 186 14.78 15.88 35.26
C ASN D 186 14.89 14.42 34.81
N VAL D 187 15.70 14.22 33.77
CA VAL D 187 15.86 12.88 33.21
C VAL D 187 16.59 11.97 34.18
N GLU D 188 17.47 12.52 35.01
CA GLU D 188 18.14 11.70 36.02
C GLU D 188 17.14 11.19 37.04
N SER D 189 16.30 12.08 37.57
CA SER D 189 15.27 11.68 38.53
C SER D 189 14.27 10.73 37.87
N MET D 190 13.88 11.02 36.63
CA MET D 190 12.92 10.17 35.93
C MET D 190 13.48 8.76 35.73
N LEU D 191 14.75 8.67 35.32
CA LEU D 191 15.37 7.37 35.14
C LEU D 191 15.50 6.63 36.46
N ASN D 192 15.91 7.34 37.51
CA ASN D 192 16.01 6.71 38.83
C ASN D 192 14.67 6.13 39.25
N HIS D 193 13.59 6.89 39.07
CA HIS D 193 12.29 6.42 39.51
C HIS D 193 11.78 5.29 38.63
N HIS D 194 11.86 5.44 37.30
CA HIS D 194 11.37 4.40 36.41
C HIS D 194 12.16 3.10 36.58
N LEU D 195 13.44 3.18 36.97
CA LEU D 195 14.22 1.98 37.14
C LEU D 195 13.99 1.35 38.51
N ALA D 196 14.00 2.15 39.57
CA ALA D 196 13.77 1.57 40.90
C ALA D 196 12.28 1.37 41.15
N GLY D 197 11.53 2.46 41.28
CA GLY D 197 10.12 2.35 41.60
C GLY D 197 9.36 1.52 40.60
N LEU D 198 9.15 2.04 39.38
CA LEU D 198 8.32 1.34 38.42
C LEU D 198 8.81 -0.09 38.20
N LEU D 199 9.98 -0.26 37.59
CA LEU D 199 10.43 -1.59 37.21
C LEU D 199 10.72 -2.45 38.43
N GLY D 200 11.64 -2.01 39.29
CA GLY D 200 12.08 -2.85 40.39
C GLY D 200 10.96 -3.14 41.38
N LEU D 201 10.22 -2.11 41.80
CA LEU D 201 9.16 -2.35 42.77
C LEU D 201 7.99 -3.09 42.14
N GLY D 202 7.75 -2.95 40.84
CA GLY D 202 6.76 -3.80 40.21
C GLY D 202 7.17 -5.25 40.18
N SER D 203 8.45 -5.51 39.87
CA SER D 203 8.95 -6.88 39.95
C SER D 203 8.87 -7.42 41.36
N LEU D 204 9.18 -6.59 42.36
CA LEU D 204 9.13 -7.03 43.75
C LEU D 204 7.70 -7.33 44.18
N SER D 205 6.76 -6.46 43.82
CA SER D 205 5.36 -6.68 44.16
C SER D 205 4.82 -7.91 43.47
N TRP D 206 5.19 -8.12 42.21
CA TRP D 206 4.72 -9.31 41.50
C TRP D 206 5.35 -10.57 42.06
N ALA D 207 6.61 -10.50 42.49
CA ALA D 207 7.24 -11.64 43.15
C ALA D 207 6.51 -11.96 44.45
N GLY D 208 6.14 -10.93 45.21
CA GLY D 208 5.37 -11.16 46.42
C GLY D 208 4.03 -11.81 46.13
N HIS D 209 3.32 -11.31 45.12
CA HIS D 209 2.04 -11.92 44.75
C HIS D 209 2.23 -13.36 44.32
N GLN D 210 3.22 -13.63 43.48
CA GLN D 210 3.45 -14.99 43.02
C GLN D 210 3.71 -15.91 44.21
N ILE D 211 4.64 -15.51 45.08
CA ILE D 211 5.05 -16.33 46.21
C ILE D 211 3.87 -16.61 47.14
N HIS D 212 3.03 -15.62 47.38
CA HIS D 212 1.99 -15.78 48.39
C HIS D 212 0.65 -16.23 47.84
N ILE D 213 0.41 -16.11 46.54
CA ILE D 213 -0.88 -16.41 45.95
C ILE D 213 -0.72 -17.40 44.80
N ALA D 214 0.16 -17.06 43.84
CA ALA D 214 0.24 -17.86 42.62
C ALA D 214 0.96 -19.17 42.87
N LEU D 215 2.02 -19.15 43.68
CA LEU D 215 2.75 -20.37 43.98
C LEU D 215 1.88 -21.41 44.69
N PRO D 216 1.14 -21.10 45.76
CA PRO D 216 0.34 -22.16 46.40
C PRO D 216 -0.86 -22.57 45.59
N ILE D 217 -1.59 -21.62 45.00
CA ILE D 217 -2.81 -21.93 44.28
C ILE D 217 -2.50 -22.79 43.05
N ASN D 218 -1.46 -22.43 42.31
CA ASN D 218 -1.11 -23.22 41.13
C ASN D 218 -0.55 -24.58 41.49
N LYS D 219 0.20 -24.66 42.61
CA LYS D 219 0.67 -25.97 43.06
C LYS D 219 -0.49 -26.87 43.43
N LEU D 220 -1.51 -26.32 44.10
CA LEU D 220 -2.70 -27.10 44.42
C LEU D 220 -3.44 -27.49 43.15
N LEU D 221 -3.53 -26.59 42.18
CA LEU D 221 -4.20 -26.89 40.92
C LEU D 221 -3.50 -28.03 40.18
N ASP D 222 -2.17 -28.00 40.14
CA ASP D 222 -1.42 -29.06 39.47
C ASP D 222 -1.52 -30.37 40.23
N LEU D 223 -1.70 -30.32 41.54
CA LEU D 223 -1.86 -31.53 42.33
C LEU D 223 -3.21 -32.20 42.10
N GLY D 224 -4.13 -31.55 41.39
CA GLY D 224 -5.44 -32.09 41.12
C GLY D 224 -6.56 -31.55 41.99
N VAL D 225 -6.25 -30.62 42.90
CA VAL D 225 -7.28 -30.04 43.75
C VAL D 225 -8.19 -29.16 42.91
N SER D 226 -9.50 -29.40 43.01
CA SER D 226 -10.45 -28.61 42.23
C SER D 226 -10.49 -27.17 42.73
N PRO D 227 -10.80 -26.22 41.86
CA PRO D 227 -10.77 -24.80 42.27
C PRO D 227 -11.75 -24.47 43.38
N GLU D 228 -12.81 -25.25 43.57
CA GLU D 228 -13.79 -24.92 44.59
C GLU D 228 -13.27 -25.19 45.99
N GLU D 229 -12.48 -26.25 46.17
CA GLU D 229 -11.93 -26.58 47.48
C GLU D 229 -10.57 -25.95 47.71
N ILE D 230 -10.03 -25.22 46.75
CA ILE D 230 -8.80 -24.45 46.99
C ILE D 230 -9.12 -23.27 47.89
N PRO D 231 -8.31 -23.00 48.92
CA PRO D 231 -8.61 -21.88 49.81
C PRO D 231 -8.57 -20.55 49.08
N LEU D 232 -9.33 -19.59 49.60
CA LEU D 232 -9.33 -18.25 49.03
C LEU D 232 -7.93 -17.65 49.18
N PRO D 233 -7.51 -16.80 48.24
CA PRO D 233 -6.11 -16.33 48.24
C PRO D 233 -5.69 -15.62 49.51
N TYR D 234 -6.60 -14.88 50.16
CA TYR D 234 -6.23 -14.18 51.38
C TYR D 234 -5.92 -15.14 52.52
N GLU D 235 -6.49 -16.35 52.48
CA GLU D 235 -6.22 -17.32 53.53
C GLU D 235 -4.80 -17.84 53.48
N PHE D 236 -4.12 -17.73 52.34
CA PHE D 236 -2.72 -18.12 52.25
C PHE D 236 -1.80 -17.13 52.95
N ILE D 237 -2.28 -15.94 53.25
CA ILE D 237 -1.52 -14.93 53.96
C ILE D 237 -1.81 -14.94 55.45
N LEU D 238 -3.10 -14.99 55.82
CA LEU D 238 -3.47 -15.02 57.22
C LEU D 238 -3.05 -16.31 57.90
N ASN D 239 -2.96 -17.41 57.14
CA ASN D 239 -2.61 -18.71 57.68
C ASN D 239 -1.29 -19.16 57.07
N ARG D 240 -0.23 -19.16 57.88
CA ARG D 240 1.09 -19.60 57.47
C ARG D 240 1.20 -21.12 57.38
N ASP D 241 0.08 -21.83 57.55
CA ASP D 241 0.09 -23.29 57.48
C ASP D 241 -0.48 -23.84 56.20
N LEU D 242 -1.28 -23.06 55.47
CA LEU D 242 -1.78 -23.50 54.17
C LEU D 242 -0.69 -23.44 53.09
N ILE D 243 0.33 -22.61 53.29
CA ILE D 243 1.39 -22.46 52.30
C ILE D 243 2.62 -23.21 52.75
N ALA D 244 2.77 -23.41 54.06
CA ALA D 244 3.89 -24.17 54.60
C ALA D 244 3.75 -25.67 54.38
N GLN D 245 2.57 -26.14 53.96
CA GLN D 245 2.44 -27.56 53.61
C GLN D 245 2.91 -27.81 52.19
N LEU D 246 2.60 -26.90 51.27
CA LEU D 246 3.09 -27.03 49.90
C LEU D 246 4.57 -26.70 49.79
N TYR D 247 5.01 -25.65 50.49
CA TYR D 247 6.40 -25.24 50.51
C TYR D 247 6.84 -25.17 51.97
N PRO D 248 7.46 -26.25 52.48
CA PRO D 248 7.80 -26.33 53.91
C PRO D 248 9.01 -25.49 54.31
N SER D 249 9.04 -24.26 53.82
CA SER D 249 10.07 -23.28 54.19
C SER D 249 9.49 -22.01 54.77
N PHE D 250 8.17 -21.81 54.67
CA PHE D 250 7.54 -20.66 55.29
C PHE D 250 7.45 -20.81 56.81
N ASN D 251 7.66 -22.02 57.33
CA ASN D 251 7.64 -22.23 58.76
C ASN D 251 8.75 -21.47 59.47
N LYS D 252 9.83 -21.12 58.77
CA LYS D 252 10.91 -20.33 59.34
C LYS D 252 10.66 -18.83 59.24
N GLY D 253 9.59 -18.41 58.57
CA GLY D 253 9.27 -17.00 58.47
C GLY D 253 10.31 -16.24 57.66
N LEU D 254 10.45 -14.96 57.98
CA LEU D 254 11.41 -14.09 57.31
C LEU D 254 12.77 -14.07 57.99
N THR D 255 12.96 -14.88 59.04
CA THR D 255 14.27 -14.94 59.68
C THR D 255 15.38 -15.38 58.74
N PRO D 256 15.23 -16.39 57.88
CA PRO D 256 16.31 -16.70 56.93
C PRO D 256 16.66 -15.54 56.01
N PHE D 257 15.68 -14.70 55.66
CA PHE D 257 15.97 -13.56 54.80
C PHE D 257 16.86 -12.54 55.50
N PHE D 258 16.51 -12.18 56.74
CA PHE D 258 17.25 -11.16 57.46
C PHE D 258 18.55 -11.68 58.07
N THR D 259 18.71 -12.99 58.17
CA THR D 259 19.94 -13.59 58.66
C THR D 259 20.83 -14.07 57.53
N LEU D 260 20.55 -13.66 56.29
CA LEU D 260 21.32 -13.99 55.10
C LEU D 260 21.36 -15.48 54.82
N ASN D 261 20.50 -16.27 55.46
CA ASN D 261 20.41 -17.70 55.20
C ASN D 261 19.39 -17.97 54.09
N TRP D 262 19.66 -17.37 52.92
CA TRP D 262 18.75 -17.44 51.79
C TRP D 262 18.64 -18.83 51.19
N GLY D 263 19.51 -19.77 51.58
CA GLY D 263 19.39 -21.13 51.11
C GLY D 263 18.15 -21.85 51.61
N GLU D 264 17.58 -21.39 52.73
CA GLU D 264 16.37 -22.01 53.25
C GLU D 264 15.19 -21.84 52.31
N TYR D 265 15.17 -20.75 51.54
CA TYR D 265 14.07 -20.45 50.65
C TYR D 265 14.17 -21.16 49.31
N SER D 266 15.02 -22.19 49.20
CA SER D 266 15.13 -22.94 47.97
C SER D 266 13.87 -23.75 47.65
N ASP D 267 12.95 -23.87 48.60
CA ASP D 267 11.71 -24.59 48.34
C ASP D 267 10.86 -23.89 47.27
N PHE D 268 10.74 -22.56 47.36
CA PHE D 268 9.91 -21.81 46.43
C PHE D 268 10.68 -20.81 45.58
N LEU D 269 11.98 -20.66 45.80
CA LEU D 269 12.85 -19.87 44.94
C LEU D 269 13.86 -20.84 44.32
N THR D 270 13.46 -21.49 43.24
CA THR D 270 14.28 -22.51 42.60
C THR D 270 14.96 -21.94 41.36
N PHE D 271 15.89 -22.74 40.82
CA PHE D 271 16.51 -22.45 39.53
C PHE D 271 16.56 -23.80 38.81
N LYS D 272 15.50 -24.12 38.08
CA LYS D 272 15.32 -25.42 37.47
C LYS D 272 15.47 -25.41 35.95
N GLY D 273 14.93 -24.41 35.29
CA GLY D 273 14.90 -24.43 33.85
C GLY D 273 13.86 -25.40 33.34
N GLY D 274 13.83 -25.55 32.02
CA GLY D 274 12.88 -26.47 31.43
C GLY D 274 11.45 -26.01 31.63
N LEU D 275 10.54 -26.99 31.68
CA LEU D 275 9.12 -26.71 31.81
C LEU D 275 8.51 -27.63 32.87
N ASN D 276 7.39 -27.18 33.43
CA ASN D 276 6.64 -27.99 34.36
C ASN D 276 6.04 -29.17 33.60
N PRO D 277 6.32 -30.42 33.99
CA PRO D 277 5.77 -31.56 33.24
C PRO D 277 4.26 -31.66 33.32
N VAL D 278 3.62 -31.05 34.32
CA VAL D 278 2.17 -31.14 34.45
C VAL D 278 1.49 -30.15 33.53
N THR D 279 1.95 -28.90 33.52
CA THR D 279 1.29 -27.84 32.77
C THR D 279 2.00 -27.48 31.47
N GLY D 280 3.27 -27.82 31.33
CA GLY D 280 4.02 -27.46 30.14
C GLY D 280 4.58 -26.06 30.14
N GLY D 281 4.32 -25.28 31.20
CA GLY D 281 4.87 -23.95 31.30
C GLY D 281 6.10 -23.91 32.21
N LEU D 282 6.65 -22.71 32.34
CA LEU D 282 7.79 -22.50 33.21
C LEU D 282 7.40 -22.75 34.66
N TRP D 283 8.37 -23.26 35.43
CA TRP D 283 8.15 -23.45 36.86
C TRP D 283 7.88 -22.10 37.52
N LEU D 284 6.73 -21.99 38.20
CA LEU D 284 6.38 -20.72 38.81
C LEU D 284 7.31 -20.35 39.96
N THR D 285 7.94 -21.34 40.59
CA THR D 285 9.01 -21.02 41.55
C THR D 285 10.17 -20.33 40.85
N ASP D 286 10.55 -20.83 39.66
CA ASP D 286 11.56 -20.16 38.86
C ASP D 286 11.12 -18.75 38.48
N THR D 287 9.84 -18.58 38.14
CA THR D 287 9.34 -17.27 37.78
C THR D 287 9.41 -16.30 38.96
N ALA D 288 9.03 -16.76 40.15
CA ALA D 288 9.09 -15.90 41.33
C ALA D 288 10.52 -15.53 41.66
N HIS D 289 11.44 -16.50 41.60
CA HIS D 289 12.85 -16.19 41.82
C HIS D 289 13.37 -15.20 40.79
N HIS D 290 12.95 -15.38 39.53
CA HIS D 290 13.35 -14.46 38.47
C HIS D 290 12.88 -13.04 38.77
N HIS D 291 11.62 -12.89 39.15
CA HIS D 291 11.09 -11.56 39.41
C HIS D 291 11.77 -10.93 40.62
N LEU D 292 12.08 -11.74 41.63
CA LEU D 292 12.81 -11.23 42.78
C LEU D 292 14.19 -10.70 42.37
N ALA D 293 14.92 -11.49 41.60
CA ALA D 293 16.25 -11.06 41.15
C ALA D 293 16.16 -9.82 40.28
N ILE D 294 15.17 -9.77 39.40
CA ILE D 294 14.95 -8.60 38.55
C ILE D 294 14.64 -7.38 39.39
N ALA D 295 13.82 -7.54 40.43
CA ALA D 295 13.50 -6.43 41.32
C ALA D 295 14.74 -5.90 42.00
N VAL D 296 15.57 -6.78 42.54
CA VAL D 296 16.78 -6.33 43.22
C VAL D 296 17.71 -5.62 42.23
N LEU D 297 17.87 -6.21 41.04
CA LEU D 297 18.76 -5.61 40.05
C LEU D 297 18.28 -4.24 39.61
N PHE D 298 16.97 -4.08 39.40
CA PHE D 298 16.44 -2.80 38.94
C PHE D 298 16.45 -1.76 40.04
N ILE D 299 16.18 -2.16 41.29
CA ILE D 299 16.28 -1.22 42.40
C ILE D 299 17.71 -0.72 42.54
N VAL D 300 18.68 -1.63 42.43
CA VAL D 300 20.08 -1.22 42.49
C VAL D 300 20.39 -0.27 41.33
N ALA D 301 19.93 -0.61 40.12
CA ALA D 301 20.19 0.21 38.95
C ALA D 301 19.54 1.58 39.06
N GLY D 302 18.51 1.73 39.89
CA GLY D 302 17.86 3.03 40.04
C GLY D 302 18.65 4.03 40.85
N HIS D 303 19.65 3.60 41.59
CA HIS D 303 20.52 4.49 42.36
C HIS D 303 21.78 4.84 41.57
N MET D 304 21.63 5.33 40.35
CA MET D 304 22.78 5.59 39.49
C MET D 304 22.97 7.07 39.16
N TYR D 305 21.89 7.79 38.90
CA TYR D 305 21.98 9.15 38.40
C TYR D 305 21.76 10.16 39.52
N LYS D 306 22.52 11.25 39.48
CA LYS D 306 22.44 12.28 40.50
C LYS D 306 21.17 13.10 40.31
N THR D 307 20.34 13.15 41.35
CA THR D 307 19.06 13.84 41.28
C THR D 307 18.99 15.06 42.21
N ASN D 308 19.16 14.86 43.52
CA ASN D 308 18.98 15.95 44.46
C ASN D 308 20.04 15.99 45.56
N TRP D 309 20.95 15.02 45.62
CA TRP D 309 22.01 15.00 46.60
C TRP D 309 23.35 14.98 45.88
N PHE D 310 24.43 15.10 46.65
CA PHE D 310 25.78 14.94 46.10
C PHE D 310 26.08 13.44 46.04
N LEU D 311 25.41 12.77 45.11
CA LEU D 311 25.49 11.32 44.97
C LEU D 311 24.87 10.94 43.64
N GLY D 312 25.55 10.04 42.92
CA GLY D 312 25.06 9.59 41.64
C GLY D 312 25.82 10.19 40.49
N HIS D 313 25.36 9.86 39.28
CA HIS D 313 25.99 10.29 38.04
C HIS D 313 25.21 11.42 37.40
N SER D 314 25.93 12.24 36.63
CA SER D 314 25.32 13.19 35.71
C SER D 314 25.48 12.64 34.31
N ILE D 315 24.35 12.46 33.61
CA ILE D 315 24.40 11.89 32.26
C ILE D 315 25.18 12.79 31.32
N LYS D 316 25.16 14.11 31.58
CA LYS D 316 25.94 15.03 30.76
C LYS D 316 27.44 14.76 30.89
N THR D 317 27.91 14.51 32.11
CA THR D 317 29.34 14.27 32.30
C THR D 317 29.76 12.91 31.75
N ILE D 318 28.87 11.91 31.82
CA ILE D 318 29.19 10.60 31.25
C ILE D 318 29.33 10.68 29.74
N LEU D 319 28.36 11.32 29.08
CA LEU D 319 28.37 11.39 27.62
C LEU D 319 29.56 12.20 27.11
N GLU D 320 29.83 13.35 27.76
CA GLU D 320 30.88 14.24 27.27
C GLU D 320 32.27 13.65 27.43
N ALA D 321 32.44 12.65 28.30
CA ALA D 321 33.73 12.01 28.48
C ALA D 321 33.99 10.87 27.49
N HIS D 322 32.98 10.50 26.70
CA HIS D 322 33.12 9.38 25.77
C HIS D 322 33.43 9.91 24.37
N LYS D 323 34.63 10.46 24.23
CA LYS D 323 35.15 10.87 22.94
C LYS D 323 36.10 9.80 22.42
N GLY D 324 36.69 10.05 21.27
CA GLY D 324 37.62 9.11 20.69
C GLY D 324 38.35 9.66 19.48
N PRO D 325 39.43 8.99 19.09
CA PRO D 325 40.16 9.43 17.89
C PRO D 325 39.31 9.40 16.62
N PHE D 326 38.41 8.44 16.51
CA PHE D 326 37.61 8.27 15.31
C PHE D 326 36.30 9.04 15.36
N THR D 327 35.91 9.60 16.51
CA THR D 327 34.57 10.16 16.67
C THR D 327 34.58 11.62 17.11
N GLY D 328 35.72 12.30 17.03
CA GLY D 328 35.75 13.73 17.28
C GLY D 328 35.28 14.08 18.68
N GLU D 329 34.25 14.93 18.76
CA GLU D 329 33.71 15.36 20.04
C GLU D 329 32.93 14.28 20.75
N GLY D 330 32.64 13.15 20.08
CA GLY D 330 31.94 12.07 20.75
C GLY D 330 30.50 12.43 21.05
N HIS D 331 30.07 12.10 22.26
CA HIS D 331 28.69 12.26 22.68
C HIS D 331 28.39 13.64 23.25
N LYS D 332 29.24 14.63 22.99
CA LYS D 332 28.96 15.97 23.48
C LYS D 332 27.76 16.55 22.75
N GLY D 333 26.79 17.06 23.51
CA GLY D 333 25.59 17.61 22.95
C GLY D 333 24.43 16.64 22.86
N LEU D 334 24.68 15.34 23.05
CA LEU D 334 23.59 14.37 23.01
C LEU D 334 22.63 14.55 24.18
N TYR D 335 23.14 14.97 25.33
CA TYR D 335 22.26 15.23 26.48
C TYR D 335 21.32 16.38 26.18
N GLU D 336 21.82 17.44 25.54
CA GLU D 336 20.97 18.54 25.15
C GLU D 336 19.96 18.12 24.08
N VAL D 337 20.34 17.21 23.20
CA VAL D 337 19.43 16.72 22.17
C VAL D 337 18.27 15.97 22.81
N LEU D 338 18.58 15.09 23.76
CA LEU D 338 17.57 14.20 24.33
C LEU D 338 16.78 14.83 25.47
N THR D 339 17.16 16.03 25.91
CA THR D 339 16.41 16.76 26.92
C THR D 339 15.66 17.95 26.37
N THR D 340 15.79 18.23 25.06
CA THR D 340 15.08 19.33 24.43
C THR D 340 14.26 18.90 23.22
N SER D 341 14.27 17.61 22.87
CA SER D 341 13.53 17.11 21.72
C SER D 341 12.73 15.88 22.14
N TRP D 342 11.41 15.99 22.09
CA TRP D 342 10.57 14.82 22.36
C TRP D 342 10.69 13.79 21.25
N HIS D 343 10.97 14.23 20.02
CA HIS D 343 11.01 13.31 18.90
C HIS D 343 12.20 12.36 18.99
N ALA D 344 13.35 12.85 19.47
CA ALA D 344 14.50 11.96 19.65
C ALA D 344 14.22 10.89 20.70
N GLN D 345 13.62 11.30 21.82
CA GLN D 345 13.25 10.33 22.85
C GLN D 345 12.24 9.33 22.30
N LEU D 346 11.27 9.80 21.52
CA LEU D 346 10.30 8.90 20.92
C LEU D 346 10.97 7.92 19.96
N ALA D 347 11.94 8.40 19.18
CA ALA D 347 12.65 7.52 18.26
C ALA D 347 13.36 6.40 19.01
N ILE D 348 14.15 6.76 20.02
CA ILE D 348 14.90 5.75 20.77
C ILE D 348 13.93 4.79 21.45
N ASN D 349 12.94 5.33 22.14
CA ASN D 349 12.02 4.51 22.92
C ASN D 349 11.21 3.59 22.03
N LEU D 350 10.73 4.09 20.88
CA LEU D 350 9.93 3.27 19.99
C LEU D 350 10.76 2.18 19.33
N ALA D 351 12.00 2.50 18.92
CA ALA D 351 12.84 1.47 18.32
C ALA D 351 13.15 0.36 19.32
N LEU D 352 13.60 0.74 20.51
CA LEU D 352 13.93 -0.26 21.52
C LEU D 352 12.67 -0.98 22.00
N PHE D 353 11.52 -0.32 21.96
CA PHE D 353 10.27 -0.92 22.39
C PHE D 353 9.78 -1.96 21.41
N GLY D 354 9.89 -1.68 20.11
CA GLY D 354 9.58 -2.69 19.11
C GLY D 354 10.54 -3.86 19.14
N SER D 355 11.83 -3.58 19.31
CA SER D 355 12.80 -4.66 19.45
C SER D 355 12.49 -5.52 20.67
N LEU D 356 12.11 -4.87 21.78
CA LEU D 356 11.72 -5.61 22.98
C LEU D 356 10.48 -6.45 22.73
N SER D 357 9.51 -5.91 21.98
CA SER D 357 8.32 -6.69 21.67
C SER D 357 8.66 -7.94 20.87
N ILE D 358 9.56 -7.81 19.89
CA ILE D 358 9.96 -8.98 19.12
C ILE D 358 10.72 -9.99 19.99
N ILE D 359 11.59 -9.50 20.87
CA ILE D 359 12.30 -10.38 21.79
C ILE D 359 11.31 -11.11 22.70
N VAL D 360 10.30 -10.39 23.17
CA VAL D 360 9.24 -10.99 23.99
C VAL D 360 8.54 -12.08 23.20
N ALA D 361 8.20 -11.80 21.94
CA ALA D 361 7.54 -12.79 21.10
C ALA D 361 8.38 -14.05 20.99
N HIS D 362 9.69 -13.89 20.79
CA HIS D 362 10.56 -15.06 20.67
C HIS D 362 10.59 -15.85 21.97
N HIS D 363 10.86 -15.18 23.09
CA HIS D 363 10.99 -15.87 24.37
C HIS D 363 9.68 -16.46 24.85
N MET D 364 8.54 -15.99 24.34
CA MET D 364 7.25 -16.54 24.72
C MET D 364 7.11 -18.00 24.31
N TYR D 365 7.11 -18.26 22.99
CA TYR D 365 6.98 -19.64 22.55
C TYR D 365 8.23 -20.45 22.89
N ALA D 366 9.40 -19.81 22.91
CA ALA D 366 10.62 -20.55 23.21
C ALA D 366 10.56 -21.17 24.60
N MET D 367 10.10 -20.41 25.58
CA MET D 367 9.96 -20.88 26.96
C MET D 367 8.58 -20.47 27.43
N PRO D 368 7.58 -21.33 27.21
CA PRO D 368 6.20 -20.99 27.57
C PRO D 368 6.07 -20.67 29.04
N PRO D 369 5.69 -19.44 29.38
CA PRO D 369 5.66 -19.02 30.79
C PRO D 369 4.34 -19.23 31.50
N TYR D 370 3.31 -19.74 30.83
CA TYR D 370 2.00 -19.91 31.44
C TYR D 370 1.59 -21.37 31.42
N PRO D 371 0.81 -21.80 32.41
CA PRO D 371 0.33 -23.20 32.43
C PRO D 371 -0.64 -23.45 31.29
N TYR D 372 -0.44 -24.58 30.60
CA TYR D 372 -1.31 -25.03 29.52
C TYR D 372 -1.43 -24.00 28.40
N ILE D 373 -0.36 -23.25 28.15
CA ILE D 373 -0.33 -22.34 27.01
C ILE D 373 0.50 -22.89 25.86
N ALA D 374 1.46 -23.78 26.13
CA ALA D 374 2.26 -24.37 25.05
C ALA D 374 1.43 -25.32 24.21
N ILE D 375 0.46 -26.01 24.82
CA ILE D 375 -0.40 -26.93 24.08
C ILE D 375 -1.59 -26.23 23.44
N ASP D 376 -1.80 -24.95 23.72
CA ASP D 376 -2.81 -24.16 23.02
C ASP D 376 -2.12 -23.49 21.84
N TYR D 377 -2.01 -24.23 20.74
CA TYR D 377 -1.33 -23.73 19.56
C TYR D 377 -1.91 -22.43 19.02
N PRO D 378 -3.23 -22.24 18.94
CA PRO D 378 -3.73 -20.93 18.49
C PRO D 378 -3.22 -19.78 19.34
N THR D 379 -3.17 -19.95 20.65
CA THR D 379 -2.68 -18.89 21.52
C THR D 379 -1.22 -18.57 21.24
N GLN D 380 -0.38 -19.60 21.11
CA GLN D 380 1.04 -19.38 20.86
C GLN D 380 1.25 -18.67 19.53
N LEU D 381 0.60 -19.16 18.46
CA LEU D 381 0.76 -18.54 17.16
C LEU D 381 0.29 -17.09 17.16
N SER D 382 -0.88 -16.85 17.76
CA SER D 382 -1.42 -15.49 17.79
C SER D 382 -0.53 -14.56 18.60
N LEU D 383 -0.04 -15.01 19.75
CA LEU D 383 0.82 -14.17 20.58
C LEU D 383 2.10 -13.81 19.84
N PHE D 384 2.75 -14.81 19.23
CA PHE D 384 3.99 -14.52 18.50
C PHE D 384 3.73 -13.54 17.36
N THR D 385 2.74 -13.84 16.52
CA THR D 385 2.50 -12.98 15.36
C THR D 385 2.13 -11.57 15.78
N HIS D 386 1.26 -11.43 16.78
CA HIS D 386 0.84 -10.12 17.24
C HIS D 386 2.02 -9.32 17.78
N HIS D 387 2.86 -9.95 18.60
CA HIS D 387 3.96 -9.21 19.21
C HIS D 387 5.00 -8.84 18.17
N VAL D 388 5.25 -9.72 17.18
CA VAL D 388 6.21 -9.37 16.13
C VAL D 388 5.67 -8.23 15.28
N TRP D 389 4.37 -8.23 15.00
CA TRP D 389 3.77 -7.14 14.23
C TRP D 389 3.88 -5.82 14.99
N ILE D 390 3.58 -5.84 16.29
CA ILE D 390 3.69 -4.63 17.10
C ILE D 390 5.13 -4.15 17.12
N GLY D 391 6.08 -5.07 17.23
CA GLY D 391 7.49 -4.69 17.23
C GLY D 391 7.91 -4.04 15.94
N GLY D 392 7.51 -4.61 14.80
CA GLY D 392 7.86 -4.01 13.53
C GLY D 392 7.26 -2.63 13.35
N PHE D 393 5.99 -2.47 13.72
CA PHE D 393 5.36 -1.16 13.63
C PHE D 393 6.07 -0.14 14.51
N CYS D 394 6.42 -0.53 15.74
CA CYS D 394 7.07 0.39 16.66
C CYS D 394 8.47 0.75 16.17
N ILE D 395 9.17 -0.19 15.54
CA ILE D 395 10.49 0.13 15.00
C ILE D 395 10.39 1.13 13.85
N VAL D 396 9.42 0.92 12.96
CA VAL D 396 9.22 1.88 11.88
C VAL D 396 8.86 3.25 12.45
N GLY D 397 8.07 3.27 13.52
CA GLY D 397 7.75 4.54 14.16
C GLY D 397 8.95 5.22 14.78
N GLY D 398 9.84 4.45 15.38
CA GLY D 398 11.07 5.02 15.91
C GLY D 398 11.92 5.64 14.81
N ALA D 399 12.02 4.96 13.67
CA ALA D 399 12.74 5.54 12.55
C ALA D 399 12.06 6.83 12.07
N ALA D 400 10.73 6.81 12.00
CA ALA D 400 9.99 7.99 11.56
C ALA D 400 10.26 9.18 12.48
N HIS D 401 10.26 8.94 13.78
CA HIS D 401 10.45 10.06 14.70
C HIS D 401 11.90 10.50 14.79
N GLY D 402 12.85 9.60 14.51
CA GLY D 402 14.22 10.05 14.31
C GLY D 402 14.33 11.00 13.14
N ALA D 403 13.67 10.66 12.03
CA ALA D 403 13.64 11.57 10.88
C ALA D 403 12.97 12.89 11.22
N ILE D 404 11.88 12.82 12.00
CA ILE D 404 11.18 14.05 12.40
C ILE D 404 12.08 14.92 13.25
N PHE D 405 12.82 14.31 14.18
CA PHE D 405 13.77 15.08 14.98
C PHE D 405 14.82 15.74 14.09
N PHE D 406 15.35 14.99 13.13
CA PHE D 406 16.38 15.55 12.25
C PHE D 406 15.84 16.74 11.47
N VAL D 407 14.60 16.64 10.98
CA VAL D 407 14.02 17.73 10.20
C VAL D 407 13.75 18.95 11.09
N ARG D 408 13.13 18.73 12.25
CA ARG D 408 12.57 19.82 13.05
C ARG D 408 13.51 20.26 14.18
N ASP D 409 13.86 19.35 15.08
CA ASP D 409 14.51 19.70 16.32
C ASP D 409 16.03 19.64 16.25
N TYR D 410 16.61 19.35 15.09
CA TYR D 410 18.05 19.26 14.98
C TYR D 410 18.66 20.65 14.79
N ASN D 411 19.59 21.00 15.66
CA ASN D 411 20.32 22.26 15.58
C ASN D 411 21.75 21.98 15.17
N ALA D 412 22.16 22.52 14.03
CA ALA D 412 23.50 22.28 13.53
C ALA D 412 24.55 22.90 14.43
N ALA D 413 24.29 24.10 14.96
CA ALA D 413 25.27 24.78 15.80
C ALA D 413 25.55 23.99 17.07
N ASN D 414 24.49 23.46 17.71
CA ASN D 414 24.65 22.74 18.97
C ASN D 414 25.28 21.37 18.79
N ASN D 415 25.45 20.90 17.56
CA ASN D 415 25.97 19.56 17.31
C ASN D 415 27.20 19.62 16.42
N TYR D 416 28.14 20.51 16.75
CA TYR D 416 29.35 20.67 15.95
C TYR D 416 30.32 19.54 16.23
N ASN D 417 30.61 18.73 15.22
CA ASN D 417 31.62 17.67 15.27
C ASN D 417 31.31 16.60 16.30
N ASN D 418 30.05 16.44 16.68
CA ASN D 418 29.66 15.36 17.58
C ASN D 418 29.27 14.14 16.74
N LEU D 419 28.70 13.12 17.39
CA LEU D 419 28.38 11.89 16.68
C LEU D 419 27.34 12.13 15.58
N ILE D 420 26.30 12.91 15.89
CA ILE D 420 25.26 13.16 14.90
C ILE D 420 25.84 13.87 13.69
N ASP D 421 26.68 14.89 13.91
CA ASP D 421 27.30 15.61 12.82
C ASP D 421 28.16 14.70 11.97
N ARG D 422 29.00 13.88 12.61
CA ARG D 422 29.91 13.02 11.87
C ARG D 422 29.15 11.94 11.10
N VAL D 423 28.01 11.50 11.60
CA VAL D 423 27.20 10.54 10.85
C VAL D 423 26.65 11.16 9.58
N ILE D 424 26.13 12.38 9.68
CA ILE D 424 25.63 13.08 8.50
C ILE D 424 26.74 13.36 7.51
N ARG D 425 27.95 13.62 8.01
CA ARG D 425 29.05 13.99 7.14
C ARG D 425 29.51 12.85 6.23
N HIS D 426 29.25 11.60 6.61
CA HIS D 426 29.61 10.46 5.77
C HIS D 426 28.39 9.57 5.50
N ARG D 427 27.21 10.18 5.41
CA ARG D 427 25.99 9.41 5.15
C ARG D 427 26.08 8.65 3.84
N ASP D 428 26.80 9.20 2.87
CA ASP D 428 26.95 8.52 1.58
C ASP D 428 27.58 7.16 1.78
N ALA D 429 28.69 7.12 2.49
CA ALA D 429 29.40 5.84 2.70
C ALA D 429 28.49 4.82 3.37
N ILE D 430 27.79 5.25 4.42
CA ILE D 430 26.88 4.34 5.14
C ILE D 430 25.82 3.80 4.19
N ILE D 431 25.17 4.68 3.44
CA ILE D 431 24.04 4.27 2.61
C ILE D 431 24.54 3.42 1.44
N SER D 432 25.69 3.75 0.85
CA SER D 432 26.21 2.96 -0.25
C SER D 432 26.60 1.56 0.20
N HIS D 433 27.26 1.45 1.35
CA HIS D 433 27.64 0.12 1.82
C HIS D 433 26.43 -0.68 2.26
N LEU D 434 25.43 -0.03 2.85
CA LEU D 434 24.19 -0.72 3.20
C LEU D 434 23.46 -1.17 1.95
N ASN D 435 23.51 -0.36 0.88
CA ASN D 435 22.96 -0.77 -0.40
C ASN D 435 23.66 -2.01 -0.93
N TRP D 436 25.00 -2.02 -0.87
CA TRP D 436 25.73 -3.19 -1.35
C TRP D 436 25.39 -4.42 -0.53
N VAL D 437 25.29 -4.26 0.80
CA VAL D 437 24.96 -5.39 1.67
C VAL D 437 23.56 -5.90 1.34
N CYS D 438 22.61 -4.99 1.12
CA CYS D 438 21.25 -5.41 0.80
C CYS D 438 21.22 -6.17 -0.52
N ILE D 439 21.95 -5.69 -1.53
CA ILE D 439 21.98 -6.39 -2.81
C ILE D 439 22.62 -7.76 -2.64
N PHE D 440 23.74 -7.83 -1.90
CA PHE D 440 24.40 -9.10 -1.67
C PHE D 440 23.48 -10.10 -0.98
N LEU D 441 22.83 -9.67 0.10
CA LEU D 441 21.97 -10.56 0.87
C LEU D 441 20.76 -10.99 0.06
N GLY D 442 20.14 -10.06 -0.66
CA GLY D 442 18.98 -10.41 -1.47
C GLY D 442 19.34 -11.33 -2.61
N CYS D 443 20.33 -10.95 -3.42
CA CYS D 443 20.86 -11.84 -4.44
C CYS D 443 21.06 -13.24 -3.88
N HIS D 444 21.82 -13.36 -2.79
CA HIS D 444 22.14 -14.69 -2.29
C HIS D 444 20.90 -15.40 -1.77
N SER D 445 20.26 -14.89 -0.74
CA SER D 445 19.15 -15.64 -0.18
C SER D 445 18.10 -15.97 -1.25
N PHE D 446 17.55 -14.94 -1.90
CA PHE D 446 16.44 -15.18 -2.79
C PHE D 446 16.88 -15.94 -4.04
N GLY D 447 18.11 -15.73 -4.52
CA GLY D 447 18.53 -16.41 -5.72
C GLY D 447 18.90 -17.85 -5.48
N LEU D 448 19.16 -18.16 -4.21
CA LEU D 448 19.38 -19.53 -3.84
C LEU D 448 17.99 -20.14 -3.86
N TYR D 449 16.99 -19.41 -3.33
CA TYR D 449 15.63 -19.94 -3.43
C TYR D 449 15.22 -20.18 -4.88
N VAL D 450 15.51 -19.24 -5.77
CA VAL D 450 15.12 -19.35 -7.18
C VAL D 450 15.93 -20.44 -7.88
N HIS D 451 17.20 -20.59 -7.51
CA HIS D 451 18.01 -21.67 -8.04
C HIS D 451 17.46 -23.02 -7.64
N ASN D 452 17.04 -23.16 -6.38
CA ASN D 452 16.38 -24.40 -5.98
C ASN D 452 15.12 -24.64 -6.80
N ASP D 453 14.33 -23.58 -7.00
CA ASP D 453 13.08 -23.72 -7.74
C ASP D 453 13.33 -24.15 -9.19
N THR D 454 14.31 -23.54 -9.85
CA THR D 454 14.57 -23.85 -11.25
C THR D 454 15.29 -25.19 -11.40
N MET D 455 16.09 -25.61 -10.42
CA MET D 455 16.67 -26.95 -10.47
C MET D 455 15.61 -28.01 -10.29
N ARG D 456 14.65 -27.77 -9.38
CA ARG D 456 13.55 -28.72 -9.21
C ARG D 456 12.67 -28.75 -10.45
N ALA D 457 12.42 -27.60 -11.07
CA ALA D 457 11.59 -27.56 -12.27
C ALA D 457 12.27 -28.23 -13.45
N LEU D 458 13.60 -28.27 -13.47
CA LEU D 458 14.35 -28.88 -14.55
C LEU D 458 14.68 -30.34 -14.29
N GLY D 459 14.17 -30.91 -13.19
CA GLY D 459 14.42 -32.31 -12.90
C GLY D 459 15.82 -32.61 -12.43
N ARG D 460 16.51 -31.63 -11.87
CA ARG D 460 17.85 -31.82 -11.34
C ARG D 460 17.78 -31.65 -9.82
N SER D 461 17.43 -32.74 -9.14
CA SER D 461 17.22 -32.70 -7.70
C SER D 461 18.53 -32.66 -6.91
N GLN D 462 19.64 -33.09 -7.51
CA GLN D 462 20.93 -33.11 -6.85
C GLN D 462 21.68 -31.78 -6.95
N ASP D 463 21.12 -30.80 -7.67
CA ASP D 463 21.74 -29.50 -7.83
C ASP D 463 21.11 -28.44 -6.94
N LEU D 464 20.21 -28.82 -6.05
CA LEU D 464 19.53 -27.88 -5.17
C LEU D 464 20.44 -27.49 -4.00
N PHE D 465 20.01 -26.46 -3.28
CA PHE D 465 20.64 -26.10 -2.01
C PHE D 465 19.86 -26.73 -0.86
N SER D 466 19.86 -28.07 -0.86
CA SER D 466 19.10 -28.87 0.09
C SER D 466 20.04 -29.68 0.97
N ASP D 467 19.44 -30.45 1.89
CA ASP D 467 20.23 -31.29 2.79
C ASP D 467 20.78 -32.51 2.05
N ASN D 468 20.00 -33.09 1.14
CA ASN D 468 20.44 -34.20 0.31
C ASN D 468 21.13 -33.74 -0.96
N ALA D 469 21.64 -32.51 -0.96
CA ALA D 469 22.25 -31.87 -2.11
C ALA D 469 23.32 -30.93 -1.57
N ILE D 470 23.71 -29.92 -2.35
CA ILE D 470 24.58 -28.88 -1.85
C ILE D 470 23.97 -28.36 -0.55
N ALA D 471 24.67 -28.55 0.56
CA ALA D 471 24.12 -28.32 1.89
C ALA D 471 24.78 -27.11 2.53
N LEU D 472 23.95 -26.24 3.10
CA LEU D 472 24.42 -25.05 3.81
C LEU D 472 24.00 -25.20 5.25
N LYS D 473 24.82 -25.90 6.04
CA LYS D 473 24.48 -26.18 7.42
C LYS D 473 24.73 -24.94 8.28
N PRO D 474 23.74 -24.48 9.04
CA PRO D 474 24.00 -23.37 9.97
C PRO D 474 24.82 -23.82 11.17
N ILE D 475 26.13 -24.00 10.94
CA ILE D 475 26.99 -24.58 11.98
C ILE D 475 27.09 -23.67 13.20
N PHE D 476 27.10 -22.35 12.98
CA PHE D 476 27.24 -21.44 14.11
C PHE D 476 26.05 -21.53 15.05
N ALA D 477 24.84 -21.65 14.51
CA ALA D 477 23.65 -21.74 15.35
C ALA D 477 23.56 -23.10 16.04
N GLN D 478 23.99 -24.16 15.34
CA GLN D 478 24.00 -25.48 15.96
C GLN D 478 25.01 -25.56 17.09
N PHE D 479 26.15 -24.87 16.93
CA PHE D 479 27.13 -24.79 18.02
C PHE D 479 26.52 -24.13 19.26
N ILE D 480 25.78 -23.05 19.05
CA ILE D 480 25.13 -22.37 20.18
C ILE D 480 24.07 -23.28 20.81
N GLN D 481 23.30 -24.00 19.97
CA GLN D 481 22.33 -24.94 20.49
C GLN D 481 22.98 -26.01 21.36
N ASN D 482 24.12 -26.53 20.91
CA ASN D 482 24.85 -27.52 21.70
C ASN D 482 25.35 -26.91 23.00
N LEU D 483 25.80 -25.66 22.96
CA LEU D 483 26.32 -25.02 24.17
C LEU D 483 25.23 -24.86 25.23
N HIS D 484 24.00 -24.57 24.80
CA HIS D 484 22.93 -24.36 25.77
C HIS D 484 22.46 -25.67 26.38
N THR D 485 22.34 -26.72 25.57
CA THR D 485 21.90 -28.00 26.10
C THR D 485 22.94 -28.63 27.03
N LEU D 486 24.19 -28.19 26.94
CA LEU D 486 25.23 -28.63 27.87
C LEU D 486 25.42 -27.67 29.04
N ALA D 487 24.75 -26.54 29.03
CA ALA D 487 24.94 -25.54 30.10
C ALA D 487 24.59 -26.07 31.48
N PRO D 488 23.46 -26.76 31.71
CA PRO D 488 23.16 -27.23 33.06
C PRO D 488 24.20 -28.24 33.54
N GLY D 489 24.93 -27.87 34.59
CA GLY D 489 25.94 -28.71 35.17
C GLY D 489 27.36 -28.40 34.71
N SER D 490 27.52 -27.68 33.61
CA SER D 490 28.85 -27.32 33.10
C SER D 490 29.11 -25.82 33.19
N THR D 491 28.28 -25.01 32.57
CA THR D 491 28.38 -23.55 32.69
C THR D 491 27.31 -22.96 33.58
N ALA D 492 26.15 -23.59 33.69
CA ALA D 492 25.18 -23.21 34.69
C ALA D 492 25.05 -24.35 35.69
N PRO D 493 26.04 -24.53 36.57
CA PRO D 493 26.08 -25.75 37.40
C PRO D 493 24.90 -25.88 38.35
N ASN D 494 24.22 -24.80 38.68
CA ASN D 494 23.07 -24.85 39.57
C ASN D 494 21.75 -24.99 38.82
N ALA D 495 21.80 -25.16 37.50
CA ALA D 495 20.62 -25.46 36.71
C ALA D 495 20.38 -26.97 36.68
N LEU D 496 19.10 -27.34 36.66
CA LEU D 496 18.72 -28.73 36.51
C LEU D 496 18.35 -29.10 35.08
N THR D 497 17.95 -28.12 34.27
CA THR D 497 17.52 -28.36 32.90
C THR D 497 17.85 -27.13 32.08
N THR D 498 17.97 -27.33 30.77
CA THR D 498 18.23 -26.22 29.85
C THR D 498 17.12 -25.17 29.96
N VAL D 499 17.45 -23.94 29.54
CA VAL D 499 16.48 -22.86 29.61
C VAL D 499 15.27 -23.18 28.74
N SER D 500 15.51 -23.66 27.53
CA SER D 500 14.45 -24.04 26.63
C SER D 500 14.80 -25.36 25.96
N TYR D 501 13.79 -26.21 25.78
CA TYR D 501 14.00 -27.46 25.06
C TYR D 501 14.19 -27.25 23.57
N ALA D 502 13.97 -26.02 23.08
CA ALA D 502 14.25 -25.72 21.69
C ALA D 502 15.73 -25.93 21.35
N PHE D 503 16.62 -25.64 22.30
CA PHE D 503 18.04 -25.85 22.08
C PHE D 503 18.42 -27.32 22.10
N GLY D 504 17.56 -28.19 22.61
CA GLY D 504 17.86 -29.60 22.71
C GLY D 504 17.35 -30.21 23.99
N GLY D 505 17.28 -31.54 24.04
CA GLY D 505 16.76 -32.22 25.20
C GLY D 505 15.66 -33.20 24.86
N ASP D 506 14.68 -33.33 25.75
CA ASP D 506 13.59 -34.27 25.58
C ASP D 506 12.36 -33.58 24.99
N VAL D 507 11.46 -34.39 24.44
CA VAL D 507 10.18 -33.90 23.95
C VAL D 507 9.23 -33.75 25.14
N ILE D 508 8.74 -32.54 25.35
CA ILE D 508 7.84 -32.26 26.47
C ILE D 508 6.42 -32.24 25.94
N SER D 509 5.60 -33.18 26.40
CA SER D 509 4.21 -33.31 25.96
C SER D 509 3.29 -33.24 27.16
N VAL D 510 2.17 -32.52 26.98
CA VAL D 510 1.14 -32.41 28.00
C VAL D 510 -0.17 -32.90 27.39
N GLY D 511 -0.69 -33.99 27.92
CA GLY D 511 -1.92 -34.56 27.38
C GLY D 511 -1.78 -35.00 25.93
N SER D 512 -0.69 -35.68 25.60
CA SER D 512 -0.37 -36.18 24.27
C SER D 512 -0.15 -35.09 23.24
N LYS D 513 -0.04 -33.83 23.66
CA LYS D 513 0.24 -32.71 22.78
C LYS D 513 1.61 -32.15 23.10
N ILE D 514 2.41 -31.90 22.07
CA ILE D 514 3.78 -31.44 22.27
C ILE D 514 3.77 -30.00 22.76
N ALA D 515 4.45 -29.76 23.89
CA ALA D 515 4.63 -28.42 24.40
C ALA D 515 5.88 -27.76 23.82
N MET D 516 7.03 -28.42 23.95
CA MET D 516 8.27 -27.93 23.38
C MET D 516 9.11 -29.13 22.96
N MET D 517 10.00 -28.90 22.01
CA MET D 517 10.83 -29.97 21.46
C MET D 517 12.02 -29.34 20.77
N PRO D 518 13.20 -30.00 20.77
CA PRO D 518 14.36 -29.48 20.05
C PRO D 518 14.05 -29.06 18.62
N ILE D 519 14.32 -27.80 18.31
CA ILE D 519 14.06 -27.25 16.97
C ILE D 519 15.32 -27.45 16.15
N SER D 520 15.31 -28.46 15.29
CA SER D 520 16.46 -28.75 14.45
C SER D 520 16.65 -27.67 13.40
N LEU D 521 17.91 -27.29 13.17
CA LEU D 521 18.26 -26.28 12.19
C LEU D 521 19.03 -26.94 11.05
N GLY D 522 18.51 -26.84 9.84
CA GLY D 522 19.16 -27.41 8.68
C GLY D 522 19.36 -26.39 7.58
N THR D 523 19.52 -26.84 6.34
CA THR D 523 19.72 -25.90 5.24
C THR D 523 18.47 -25.05 4.98
N ALA D 524 17.29 -25.56 5.34
CA ALA D 524 16.07 -24.79 5.17
C ALA D 524 16.04 -23.59 6.10
N ASP D 525 16.55 -23.76 7.33
CA ASP D 525 16.60 -22.66 8.28
C ASP D 525 17.68 -21.65 7.92
N PHE D 526 18.78 -22.12 7.31
CA PHE D 526 19.81 -21.21 6.83
C PHE D 526 19.24 -20.21 5.84
N LEU D 527 18.52 -20.71 4.83
CA LEU D 527 17.99 -19.83 3.79
C LEU D 527 16.98 -18.84 4.35
N VAL D 528 16.08 -19.31 5.21
CA VAL D 528 15.05 -18.41 5.73
C VAL D 528 15.64 -17.40 6.71
N HIS D 529 16.68 -17.80 7.46
CA HIS D 529 17.33 -16.84 8.33
C HIS D 529 18.05 -15.76 7.53
N HIS D 530 18.68 -16.14 6.43
CA HIS D 530 19.31 -15.13 5.59
C HIS D 530 18.28 -14.26 4.88
N ILE D 531 17.10 -14.83 4.58
CA ILE D 531 16.01 -14.01 4.07
C ILE D 531 15.59 -12.98 5.11
N HIS D 532 15.50 -13.39 6.37
CA HIS D 532 15.18 -12.45 7.45
C HIS D 532 16.22 -11.35 7.53
N ALA D 533 17.50 -11.73 7.48
CA ALA D 533 18.57 -10.73 7.55
C ALA D 533 18.49 -9.75 6.39
N PHE D 534 18.22 -10.26 5.18
CA PHE D 534 18.13 -9.41 4.00
C PHE D 534 16.97 -8.43 4.10
N THR D 535 15.79 -8.92 4.50
CA THR D 535 14.63 -8.05 4.60
C THR D 535 14.85 -6.99 5.68
N ILE D 536 15.42 -7.38 6.82
CA ILE D 536 15.70 -6.43 7.89
C ILE D 536 16.69 -5.38 7.40
N HIS D 537 17.71 -5.80 6.64
CA HIS D 537 18.70 -4.87 6.14
C HIS D 537 18.09 -3.88 5.15
N VAL D 538 17.17 -4.33 4.29
CA VAL D 538 16.55 -3.41 3.35
C VAL D 538 15.64 -2.42 4.08
N THR D 539 14.90 -2.89 5.08
CA THR D 539 14.08 -1.96 5.87
C THR D 539 14.96 -0.92 6.56
N VAL D 540 16.08 -1.37 7.14
CA VAL D 540 17.02 -0.45 7.76
C VAL D 540 17.58 0.52 6.73
N LEU D 541 17.81 0.04 5.51
CA LEU D 541 18.33 0.92 4.46
C LEU D 541 17.36 2.03 4.15
N ILE D 542 16.09 1.69 3.96
CA ILE D 542 15.09 2.70 3.63
C ILE D 542 14.96 3.71 4.78
N LEU D 543 14.87 3.21 6.01
CA LEU D 543 14.64 4.10 7.15
C LEU D 543 15.87 4.97 7.43
N LEU D 544 17.07 4.40 7.32
CA LEU D 544 18.28 5.18 7.57
C LEU D 544 18.53 6.19 6.45
N LYS D 545 18.20 5.84 5.21
CA LYS D 545 18.28 6.82 4.13
C LYS D 545 17.29 7.95 4.37
N GLY D 546 16.11 7.63 4.90
CA GLY D 546 15.17 8.68 5.24
C GLY D 546 15.68 9.59 6.35
N VAL D 547 16.28 9.01 7.38
CA VAL D 547 16.74 9.81 8.51
C VAL D 547 17.93 10.67 8.11
N LEU D 548 18.91 10.08 7.42
CA LEU D 548 20.15 10.79 7.12
C LEU D 548 19.94 11.87 6.07
N TYR D 549 19.13 11.59 5.05
CA TYR D 549 18.87 12.54 3.98
C TYR D 549 17.58 13.34 4.21
N SER D 550 17.19 13.50 5.47
CA SER D 550 15.99 14.25 5.80
C SER D 550 16.20 15.76 5.73
N ARG D 551 17.43 16.23 5.89
CA ARG D 551 17.71 17.67 5.93
C ARG D 551 18.19 18.21 4.59
N ASN D 552 19.04 17.47 3.89
CA ASN D 552 19.58 17.93 2.60
C ASN D 552 20.08 16.73 1.82
N SER D 553 20.42 16.97 0.56
CA SER D 553 20.94 15.94 -0.33
C SER D 553 21.62 16.65 -1.50
N ARG D 554 22.13 15.85 -2.44
CA ARG D 554 22.64 16.43 -3.68
C ARG D 554 21.50 16.88 -4.59
N LEU D 555 20.35 16.22 -4.50
CA LEU D 555 19.18 16.66 -5.26
C LEU D 555 18.64 17.97 -4.71
N ILE D 556 18.19 17.95 -3.46
CA ILE D 556 17.57 19.11 -2.83
C ILE D 556 18.46 19.56 -1.68
N PRO D 557 19.30 20.58 -1.88
CA PRO D 557 20.20 21.01 -0.80
C PRO D 557 19.49 21.66 0.38
N ASP D 558 18.21 21.99 0.25
CA ASP D 558 17.43 22.62 1.32
C ASP D 558 16.17 21.81 1.59
N LYS D 559 16.32 20.49 1.70
CA LYS D 559 15.18 19.63 1.97
C LYS D 559 14.60 19.87 3.36
N ALA D 560 15.40 20.36 4.30
CA ALA D 560 14.88 20.64 5.64
C ALA D 560 13.89 21.80 5.63
N ASN D 561 14.04 22.73 4.69
CA ASN D 561 13.10 23.84 4.58
C ASN D 561 11.74 23.42 4.05
N LEU D 562 11.64 22.24 3.45
CA LEU D 562 10.37 21.72 2.97
C LEU D 562 9.61 20.94 4.04
N GLY D 563 10.23 20.70 5.20
CA GLY D 563 9.57 20.00 6.29
C GLY D 563 9.78 18.51 6.23
N PHE D 564 9.25 17.84 7.26
CA PHE D 564 9.32 16.38 7.32
C PHE D 564 8.34 15.73 6.34
N ARG D 565 7.15 16.31 6.20
CA ARG D 565 6.06 15.72 5.42
C ARG D 565 5.76 16.64 4.23
N PHE D 566 6.25 16.27 3.06
CA PHE D 566 5.90 16.96 1.83
C PHE D 566 5.96 15.95 0.68
N PRO D 567 5.14 16.14 -0.36
CA PRO D 567 5.09 15.12 -1.41
C PRO D 567 6.33 15.05 -2.26
N CYS D 568 6.93 16.19 -2.58
CA CYS D 568 8.00 16.25 -3.57
C CYS D 568 8.62 17.63 -3.53
N ASP D 569 9.54 17.87 -4.47
CA ASP D 569 9.98 19.21 -4.80
C ASP D 569 9.56 19.63 -6.21
N GLY D 570 9.07 18.70 -7.02
CA GLY D 570 8.60 19.00 -8.35
C GLY D 570 9.01 17.96 -9.37
N PRO D 571 8.49 18.08 -10.60
CA PRO D 571 8.88 17.14 -11.66
C PRO D 571 10.29 17.36 -12.18
N GLY D 572 10.97 18.41 -11.74
CA GLY D 572 12.30 18.70 -12.23
C GLY D 572 13.34 17.76 -11.63
N ARG D 573 14.58 17.98 -12.05
CA ARG D 573 15.70 17.10 -11.71
C ARG D 573 15.43 15.68 -12.17
N GLY D 574 14.67 15.53 -13.25
CA GLY D 574 14.19 14.25 -13.70
C GLY D 574 13.00 13.72 -12.94
N GLY D 575 12.57 14.41 -11.88
CA GLY D 575 11.51 13.93 -11.03
C GLY D 575 11.97 13.78 -9.59
N THR D 576 11.32 14.49 -8.68
CA THR D 576 11.70 14.49 -7.27
C THR D 576 10.56 14.00 -6.39
N CYS D 577 9.90 12.92 -6.82
CA CYS D 577 8.88 12.29 -5.99
C CYS D 577 9.50 11.83 -4.66
N GLN D 578 8.64 11.70 -3.65
CA GLN D 578 8.94 10.91 -2.45
C GLN D 578 10.33 11.17 -1.89
N VAL D 579 10.84 12.37 -1.97
CA VAL D 579 12.14 12.61 -1.44
C VAL D 579 12.06 12.93 0.02
N SER D 580 10.89 12.96 0.62
CA SER D 580 10.79 13.38 1.97
C SER D 580 11.41 12.39 2.81
N ALA D 581 11.07 12.46 4.06
CA ALA D 581 11.59 11.54 4.97
C ALA D 581 10.41 10.79 5.38
N TRP D 582 9.24 11.29 5.07
CA TRP D 582 8.03 10.62 5.38
C TRP D 582 7.80 9.62 4.36
N ASP D 583 8.21 9.91 3.14
CA ASP D 583 8.00 8.98 2.05
C ASP D 583 8.95 7.83 2.21
N HIS D 584 9.76 7.88 3.26
CA HIS D 584 10.69 6.83 3.49
C HIS D 584 10.16 6.01 4.60
N VAL D 585 9.30 6.58 5.40
CA VAL D 585 8.68 5.84 6.43
C VAL D 585 7.52 5.16 5.78
N PHE D 586 7.09 5.61 4.64
CA PHE D 586 6.03 4.92 3.90
C PHE D 586 6.56 3.65 3.22
N LEU D 587 7.66 3.80 2.49
CA LEU D 587 8.30 2.63 1.86
C LEU D 587 8.83 1.66 2.91
N GLY D 588 9.37 2.18 4.02
CA GLY D 588 9.84 1.32 5.08
C GLY D 588 8.72 0.56 5.76
N LEU D 589 7.53 1.15 5.83
CA LEU D 589 6.35 0.42 6.31
C LEU D 589 6.04 -0.74 5.39
N PHE D 590 6.10 -0.51 4.08
CA PHE D 590 5.90 -1.61 3.14
C PHE D 590 6.92 -2.73 3.37
N TRP D 591 8.19 -2.36 3.50
CA TRP D 591 9.21 -3.39 3.64
C TRP D 591 9.18 -4.07 5.00
N MET D 592 8.76 -3.36 6.04
CA MET D 592 8.52 -3.99 7.33
C MET D 592 7.40 -5.00 7.24
N TYR D 593 6.33 -4.66 6.51
CA TYR D 593 5.26 -5.63 6.29
C TYR D 593 5.83 -6.89 5.63
N ASN D 594 6.65 -6.70 4.58
CA ASN D 594 7.24 -7.85 3.90
C ASN D 594 8.07 -8.70 4.86
N SER D 595 8.95 -8.05 5.63
CA SER D 595 9.85 -8.78 6.52
C SER D 595 9.08 -9.52 7.61
N ILE D 596 8.13 -8.86 8.24
CA ILE D 596 7.38 -9.49 9.32
C ILE D 596 6.49 -10.61 8.79
N SER D 597 5.93 -10.42 7.58
CA SER D 597 5.15 -11.49 6.98
C SER D 597 6.00 -12.73 6.74
N ILE D 598 7.22 -12.54 6.24
CA ILE D 598 8.11 -13.69 6.04
C ILE D 598 8.47 -14.32 7.39
N VAL D 599 8.70 -13.49 8.41
CA VAL D 599 9.08 -14.01 9.72
C VAL D 599 7.95 -14.87 10.29
N ILE D 600 6.71 -14.38 10.25
CA ILE D 600 5.61 -15.13 10.81
C ILE D 600 5.29 -16.35 9.98
N PHE D 601 5.48 -16.28 8.65
CA PHE D 601 5.32 -17.48 7.83
C PHE D 601 6.33 -18.54 8.21
N HIS D 602 7.59 -18.15 8.39
CA HIS D 602 8.63 -19.08 8.82
C HIS D 602 8.27 -19.70 10.16
N PHE D 603 7.83 -18.87 11.11
CA PHE D 603 7.46 -19.41 12.42
C PHE D 603 6.32 -20.41 12.30
N SER D 604 5.24 -20.02 11.61
CA SER D 604 4.08 -20.89 11.51
C SER D 604 4.44 -22.23 10.88
N TRP D 605 5.10 -22.19 9.71
CA TRP D 605 5.41 -23.43 9.02
C TRP D 605 6.39 -24.28 9.82
N LYS D 606 7.46 -23.66 10.36
CA LYS D 606 8.45 -24.44 11.08
C LYS D 606 7.86 -25.08 12.33
N MET D 607 7.05 -24.33 13.08
CA MET D 607 6.45 -24.90 14.28
C MET D 607 5.49 -26.03 13.92
N GLN D 608 4.59 -25.80 12.96
CA GLN D 608 3.63 -26.82 12.57
C GLN D 608 4.31 -28.07 12.02
N SER D 609 5.45 -27.91 11.36
CA SER D 609 6.09 -29.02 10.67
C SER D 609 7.11 -29.76 11.52
N ASP D 610 7.74 -29.08 12.48
CA ASP D 610 8.88 -29.67 13.17
C ASP D 610 8.86 -29.44 14.69
N VAL D 611 7.79 -28.88 15.26
CA VAL D 611 7.69 -28.81 16.72
C VAL D 611 6.35 -29.35 17.18
N TRP D 612 5.26 -28.74 16.71
CA TRP D 612 3.94 -29.07 17.20
C TRP D 612 3.47 -30.40 16.64
N GLY D 613 2.53 -31.01 17.36
CA GLY D 613 1.97 -32.28 16.96
C GLY D 613 1.53 -33.06 18.17
N THR D 614 1.45 -34.38 17.99
CA THR D 614 1.05 -35.30 19.05
C THR D 614 2.14 -36.35 19.25
N VAL D 615 2.19 -36.90 20.45
CA VAL D 615 3.16 -37.93 20.81
C VAL D 615 2.40 -39.21 21.14
N SER D 616 2.75 -40.30 20.45
CA SER D 616 2.13 -41.58 20.69
C SER D 616 2.56 -42.12 22.06
N PRO D 617 1.78 -43.05 22.64
CA PRO D 617 2.15 -43.59 23.95
C PRO D 617 3.52 -44.26 23.98
N THR D 618 3.98 -44.79 22.85
CA THR D 618 5.30 -45.41 22.78
C THR D 618 6.41 -44.40 22.50
N GLY D 619 6.07 -43.12 22.29
CA GLY D 619 7.07 -42.09 22.09
C GLY D 619 7.29 -41.67 20.65
N ALA D 620 6.40 -42.03 19.73
CA ALA D 620 6.53 -41.63 18.33
C ALA D 620 5.90 -40.26 18.14
N VAL D 621 6.64 -39.36 17.51
CA VAL D 621 6.22 -37.97 17.34
C VAL D 621 5.65 -37.81 15.93
N SER D 622 4.41 -37.36 15.84
CA SER D 622 3.76 -37.04 14.58
C SER D 622 3.35 -35.58 14.60
N HIS D 623 3.78 -34.82 13.60
CA HIS D 623 3.57 -33.38 13.59
C HIS D 623 2.31 -33.01 12.82
N ILE D 624 1.98 -31.72 12.85
CA ILE D 624 0.76 -31.23 12.23
C ILE D 624 0.82 -31.43 10.72
N THR D 625 1.94 -31.08 10.10
CA THR D 625 2.09 -31.24 8.66
C THR D 625 2.92 -32.46 8.27
N GLY D 626 3.92 -32.83 9.06
CA GLY D 626 4.67 -34.05 8.82
C GLY D 626 6.09 -33.84 8.36
N GLY D 627 6.72 -32.76 8.81
CA GLY D 627 8.12 -32.54 8.48
C GLY D 627 8.40 -32.10 7.06
N ASN D 628 7.41 -31.51 6.38
CA ASN D 628 7.63 -31.05 5.01
C ASN D 628 8.44 -29.77 4.93
N PHE D 629 8.71 -29.12 6.06
CA PHE D 629 9.48 -27.87 6.05
C PHE D 629 10.91 -28.12 5.57
N ALA D 630 11.50 -29.24 5.97
CA ALA D 630 12.92 -29.46 5.69
C ALA D 630 13.20 -29.53 4.19
N GLN D 631 12.31 -30.16 3.43
CA GLN D 631 12.56 -30.40 2.02
C GLN D 631 11.75 -29.54 1.06
N SER D 632 10.65 -28.93 1.53
CA SER D 632 9.77 -28.18 0.63
C SER D 632 9.71 -26.69 0.94
N SER D 633 10.41 -26.21 1.97
CA SER D 633 10.49 -24.79 2.25
C SER D 633 11.69 -24.14 1.60
N ILE D 634 12.41 -24.87 0.74
CA ILE D 634 13.61 -24.37 0.08
C ILE D 634 13.34 -23.82 -1.31
N THR D 635 12.10 -23.93 -1.80
CA THR D 635 11.71 -23.39 -3.09
C THR D 635 10.48 -22.52 -2.93
N ILE D 636 10.36 -21.52 -3.80
CA ILE D 636 9.20 -20.64 -3.76
C ILE D 636 7.94 -21.41 -4.11
N ASN D 637 8.03 -22.37 -5.03
CA ASN D 637 6.89 -23.22 -5.33
C ASN D 637 6.50 -24.04 -4.10
N GLY D 638 7.49 -24.46 -3.31
CA GLY D 638 7.18 -25.16 -2.08
C GLY D 638 6.40 -24.30 -1.11
N TRP D 639 6.83 -23.05 -0.93
CA TRP D 639 6.09 -22.14 -0.07
C TRP D 639 4.69 -21.89 -0.59
N LEU D 640 4.55 -21.74 -1.91
CA LEU D 640 3.24 -21.49 -2.51
C LEU D 640 2.31 -22.68 -2.31
N ARG D 641 2.81 -23.90 -2.47
CA ARG D 641 1.96 -25.09 -2.51
C ARG D 641 1.81 -25.74 -1.13
N ASP D 642 2.93 -26.19 -0.55
CA ASP D 642 2.88 -26.94 0.70
C ASP D 642 2.59 -26.09 1.92
N PHE D 643 2.69 -24.76 1.83
CA PHE D 643 2.32 -23.90 2.93
C PHE D 643 1.08 -23.07 2.63
N LEU D 644 1.13 -22.20 1.62
CA LEU D 644 0.02 -21.29 1.37
C LEU D 644 -1.21 -22.05 0.90
N TRP D 645 -1.07 -22.79 -0.22
CA TRP D 645 -2.18 -23.53 -0.76
C TRP D 645 -2.66 -24.61 0.20
N SER D 646 -1.73 -25.31 0.85
CA SER D 646 -2.10 -26.44 1.69
C SER D 646 -2.81 -25.98 2.96
N GLN D 647 -2.25 -24.99 3.66
CA GLN D 647 -2.83 -24.54 4.92
C GLN D 647 -3.93 -23.50 4.74
N ALA D 648 -4.17 -23.05 3.51
CA ALA D 648 -5.32 -22.21 3.24
C ALA D 648 -6.59 -23.02 3.02
N ALA D 649 -6.49 -24.35 3.09
CA ALA D 649 -7.67 -25.20 2.90
C ALA D 649 -8.70 -24.95 3.98
N GLN D 650 -8.25 -24.75 5.22
CA GLN D 650 -9.19 -24.56 6.33
C GLN D 650 -9.93 -23.23 6.21
N VAL D 651 -9.28 -22.21 5.68
CA VAL D 651 -9.92 -20.90 5.54
C VAL D 651 -11.00 -20.94 4.46
N VAL D 652 -10.69 -21.55 3.32
CA VAL D 652 -11.64 -21.56 2.21
C VAL D 652 -12.79 -22.52 2.44
N GLN D 653 -12.59 -23.54 3.28
CA GLN D 653 -13.63 -24.51 3.60
C GLN D 653 -14.32 -24.22 4.92
N SER D 654 -14.23 -22.98 5.40
CA SER D 654 -14.81 -22.59 6.68
C SER D 654 -16.26 -22.14 6.57
N TYR D 655 -16.80 -22.00 5.36
CA TYR D 655 -18.17 -21.54 5.20
C TYR D 655 -19.16 -22.56 5.75
N GLY D 656 -20.16 -22.07 6.46
CA GLY D 656 -21.12 -22.94 7.11
C GLY D 656 -20.70 -23.44 8.47
N SER D 657 -19.44 -23.29 8.84
CA SER D 657 -18.94 -23.72 10.13
C SER D 657 -18.80 -22.53 11.07
N SER D 658 -18.32 -22.79 12.28
CA SER D 658 -18.12 -21.73 13.26
C SER D 658 -16.92 -20.86 12.94
N LEU D 659 -16.08 -21.25 11.98
CA LEU D 659 -14.94 -20.46 11.54
C LEU D 659 -15.24 -19.64 10.30
N SER D 660 -16.52 -19.55 9.91
CA SER D 660 -16.88 -18.82 8.69
C SER D 660 -16.50 -17.35 8.77
N ALA D 661 -16.50 -16.78 9.96
CA ALA D 661 -16.05 -15.40 10.11
C ALA D 661 -14.62 -15.23 9.64
N TYR D 662 -13.78 -16.25 9.83
CA TYR D 662 -12.41 -16.17 9.36
C TYR D 662 -12.34 -16.14 7.84
N GLY D 663 -13.20 -16.92 7.16
CA GLY D 663 -13.26 -16.84 5.71
C GLY D 663 -13.77 -15.51 5.23
N LEU D 664 -14.78 -14.96 5.90
CA LEU D 664 -15.29 -13.64 5.53
C LEU D 664 -14.23 -12.57 5.70
N ILE D 665 -13.47 -12.62 6.80
CA ILE D 665 -12.41 -11.64 7.01
C ILE D 665 -11.26 -11.87 6.04
N PHE D 666 -11.00 -13.13 5.67
CA PHE D 666 -10.04 -13.43 4.62
C PHE D 666 -10.40 -12.70 3.33
N LEU D 667 -11.65 -12.86 2.89
CA LEU D 667 -12.09 -12.21 1.65
C LEU D 667 -12.08 -10.68 1.79
N GLY D 668 -12.53 -10.16 2.93
CA GLY D 668 -12.58 -8.73 3.11
C GLY D 668 -11.19 -8.11 3.17
N ALA D 669 -10.24 -8.82 3.76
CA ALA D 669 -8.86 -8.33 3.80
C ALA D 669 -8.23 -8.37 2.41
N HIS D 670 -8.55 -9.41 1.63
CA HIS D 670 -8.13 -9.39 0.23
C HIS D 670 -8.70 -8.16 -0.49
N PHE D 671 -9.98 -7.88 -0.25
CA PHE D 671 -10.62 -6.73 -0.89
C PHE D 671 -9.95 -5.42 -0.47
N ILE D 672 -9.62 -5.27 0.80
CA ILE D 672 -9.01 -4.04 1.28
C ILE D 672 -7.60 -3.89 0.73
N TRP D 673 -6.84 -5.00 0.70
CA TRP D 673 -5.49 -4.95 0.15
C TRP D 673 -5.51 -4.55 -1.33
N ALA D 674 -6.45 -5.10 -2.10
CA ALA D 674 -6.57 -4.69 -3.50
C ALA D 674 -7.07 -3.26 -3.61
N PHE D 675 -7.92 -2.83 -2.68
CA PHE D 675 -8.42 -1.45 -2.67
C PHE D 675 -7.27 -0.47 -2.48
N SER D 676 -6.28 -0.85 -1.67
CA SER D 676 -5.13 0.02 -1.42
C SER D 676 -4.41 0.40 -2.71
N LEU D 677 -4.36 -0.54 -3.66
CA LEU D 677 -3.60 -0.32 -4.88
C LEU D 677 -4.18 0.80 -5.74
N MET D 678 -5.46 1.13 -5.57
CA MET D 678 -6.00 2.30 -6.24
C MET D 678 -5.30 3.57 -5.78
N PHE D 679 -5.08 3.71 -4.48
CA PHE D 679 -4.39 4.88 -3.97
C PHE D 679 -2.89 4.80 -4.22
N LEU D 680 -2.32 3.61 -4.18
CA LEU D 680 -0.87 3.48 -4.33
C LEU D 680 -0.42 3.68 -5.76
N PHE D 681 -1.24 3.27 -6.74
CA PHE D 681 -0.81 3.30 -8.13
C PHE D 681 -1.23 4.58 -8.86
N SER D 682 -2.27 5.25 -8.41
CA SER D 682 -2.84 6.39 -9.12
C SER D 682 -2.25 7.70 -8.59
N GLY D 683 -2.76 8.81 -9.12
CA GLY D 683 -2.28 10.12 -8.74
C GLY D 683 -3.43 11.08 -8.53
N ARG D 684 -3.09 12.22 -7.92
CA ARG D 684 -4.12 13.17 -7.46
C ARG D 684 -4.82 13.89 -8.60
N GLY D 685 -4.11 14.16 -9.70
CA GLY D 685 -4.69 14.97 -10.76
C GLY D 685 -5.90 14.32 -11.40
N TYR D 686 -5.83 13.01 -11.66
CA TYR D 686 -6.96 12.31 -12.26
C TYR D 686 -8.19 12.40 -11.37
N TRP D 687 -8.01 12.19 -10.06
CA TRP D 687 -9.15 12.20 -9.16
C TRP D 687 -9.71 13.61 -9.00
N GLN D 688 -8.84 14.62 -9.00
CA GLN D 688 -9.33 16.00 -8.95
C GLN D 688 -10.14 16.34 -10.20
N GLU D 689 -9.68 15.89 -11.37
CA GLU D 689 -10.41 16.21 -12.60
C GLU D 689 -11.70 15.41 -12.71
N LEU D 690 -11.76 14.22 -12.11
CA LEU D 690 -13.03 13.48 -12.05
C LEU D 690 -14.01 14.15 -11.08
N ILE D 691 -13.49 14.59 -9.93
CA ILE D 691 -14.30 15.36 -8.98
C ILE D 691 -14.81 16.63 -9.64
N GLU D 692 -14.07 17.17 -10.61
CA GLU D 692 -14.55 18.34 -11.34
C GLU D 692 -15.87 18.05 -12.05
N SER D 693 -15.94 16.92 -12.76
CA SER D 693 -17.19 16.58 -13.46
C SER D 693 -18.30 16.22 -12.48
N ILE D 694 -17.95 15.54 -11.39
CA ILE D 694 -18.97 15.23 -10.38
C ILE D 694 -19.52 16.53 -9.78
N VAL D 695 -18.65 17.49 -9.52
CA VAL D 695 -19.07 18.80 -9.02
C VAL D 695 -19.92 19.53 -10.07
N TRP D 696 -19.59 19.35 -11.35
CA TRP D 696 -20.45 19.92 -12.39
C TRP D 696 -21.85 19.37 -12.30
N ALA D 697 -21.98 18.05 -12.11
CA ALA D 697 -23.30 17.45 -11.97
C ALA D 697 -24.03 18.01 -10.75
N HIS D 698 -23.32 18.11 -9.64
CA HIS D 698 -23.93 18.64 -8.41
C HIS D 698 -24.40 20.08 -8.60
N ASN D 699 -23.58 20.91 -9.24
CA ASN D 699 -23.96 22.28 -9.53
C ASN D 699 -25.16 22.34 -10.46
N LYS D 700 -25.20 21.43 -11.45
CA LYS D 700 -26.36 21.35 -12.32
C LYS D 700 -27.62 21.02 -11.54
N LEU D 701 -27.51 20.23 -10.48
CA LEU D 701 -28.64 19.94 -9.61
C LEU D 701 -28.66 20.79 -8.36
N LYS D 702 -27.87 21.86 -8.30
CA LYS D 702 -27.89 22.83 -7.21
C LYS D 702 -27.60 22.18 -5.86
N VAL D 703 -26.72 21.17 -5.83
CA VAL D 703 -26.46 20.42 -4.61
C VAL D 703 -24.95 20.37 -4.37
N ALA D 704 -24.22 21.30 -4.95
CA ALA D 704 -22.79 21.36 -4.70
C ALA D 704 -22.54 21.86 -3.28
N PRO D 705 -21.76 21.14 -2.47
CA PRO D 705 -21.51 21.58 -1.10
C PRO D 705 -20.69 22.86 -1.06
N SER D 706 -20.92 23.64 -0.01
CA SER D 706 -20.13 24.86 0.19
C SER D 706 -18.67 24.53 0.47
N ILE D 707 -18.42 23.49 1.26
CA ILE D 707 -17.06 23.00 1.46
C ILE D 707 -16.63 22.31 0.16
N GLN D 708 -15.74 22.95 -0.59
CA GLN D 708 -15.39 22.46 -1.91
C GLN D 708 -14.71 21.10 -1.82
N PRO D 709 -15.22 20.07 -2.50
CA PRO D 709 -14.60 18.75 -2.44
C PRO D 709 -13.31 18.71 -3.24
N ARG D 710 -12.23 18.31 -2.58
CA ARG D 710 -10.92 18.18 -3.20
C ARG D 710 -10.40 16.77 -3.01
N ALA D 711 -9.68 16.28 -4.01
CA ALA D 711 -9.06 14.97 -3.91
C ALA D 711 -8.03 14.97 -2.79
N LEU D 712 -7.81 13.80 -2.20
CA LEU D 712 -6.86 13.69 -1.10
C LEU D 712 -5.48 14.13 -1.54
N SER D 713 -4.78 14.86 -0.68
CA SER D 713 -3.45 15.33 -1.00
C SER D 713 -2.52 14.15 -1.31
N ILE D 714 -1.42 14.44 -1.98
CA ILE D 714 -0.49 13.40 -2.40
C ILE D 714 -0.01 12.60 -1.21
N THR D 715 0.42 13.28 -0.15
CA THR D 715 0.87 12.60 1.04
C THR D 715 -0.26 11.80 1.68
N GLN D 716 -1.47 12.38 1.73
CA GLN D 716 -2.59 11.62 2.28
C GLN D 716 -2.97 10.46 1.38
N GLY D 717 -2.86 10.61 0.07
CA GLY D 717 -3.09 9.46 -0.80
C GLY D 717 -2.14 8.34 -0.52
N ARG D 718 -0.85 8.66 -0.33
CA ARG D 718 0.12 7.64 0.03
C ARG D 718 -0.19 7.02 1.38
N ALA D 719 -0.60 7.84 2.35
CA ALA D 719 -0.90 7.33 3.68
C ALA D 719 -2.11 6.39 3.65
N VAL D 720 -3.15 6.77 2.91
CA VAL D 720 -4.32 5.90 2.77
C VAL D 720 -3.93 4.60 2.09
N GLY D 721 -3.11 4.69 1.04
CA GLY D 721 -2.68 3.49 0.35
C GLY D 721 -1.92 2.54 1.25
N VAL D 722 -0.95 3.07 2.01
CA VAL D 722 -0.15 2.20 2.86
C VAL D 722 -0.98 1.66 4.02
N ALA D 723 -1.89 2.46 4.57
CA ALA D 723 -2.72 1.98 5.66
C ALA D 723 -3.63 0.85 5.19
N HIS D 724 -4.26 1.02 4.03
CA HIS D 724 -5.11 -0.04 3.48
C HIS D 724 -4.30 -1.27 3.12
N TYR D 725 -3.11 -1.08 2.56
CA TYR D 725 -2.25 -2.22 2.21
C TYR D 725 -1.89 -3.02 3.45
N LEU D 726 -1.45 -2.33 4.50
CA LEU D 726 -1.09 -3.01 5.74
C LEU D 726 -2.30 -3.71 6.34
N LEU D 727 -3.44 -3.02 6.39
CA LEU D 727 -4.63 -3.62 6.98
C LEU D 727 -5.05 -4.86 6.21
N GLY D 728 -5.07 -4.78 4.87
CA GLY D 728 -5.49 -5.93 4.08
C GLY D 728 -4.54 -7.11 4.21
N GLY D 729 -3.23 -6.86 4.10
CA GLY D 729 -2.28 -7.96 4.21
C GLY D 729 -2.28 -8.58 5.58
N ILE D 730 -2.24 -7.76 6.62
CA ILE D 730 -2.19 -8.28 7.98
C ILE D 730 -3.49 -8.99 8.32
N GLY D 731 -4.63 -8.48 7.85
CA GLY D 731 -5.89 -9.17 8.08
C GLY D 731 -6.00 -10.48 7.35
N THR D 732 -5.47 -10.54 6.13
CA THR D 732 -5.47 -11.81 5.39
C THR D 732 -4.62 -12.84 6.13
N THR D 733 -3.42 -12.45 6.56
CA THR D 733 -2.58 -13.38 7.32
C THR D 733 -3.24 -13.73 8.65
N TRP D 734 -3.93 -12.77 9.27
CA TRP D 734 -4.62 -13.00 10.53
C TRP D 734 -5.69 -14.06 10.40
N ALA D 735 -6.57 -13.89 9.42
CA ALA D 735 -7.63 -14.88 9.20
C ALA D 735 -7.06 -16.23 8.81
N PHE D 736 -6.06 -16.24 7.92
CA PHE D 736 -5.44 -17.49 7.51
C PHE D 736 -4.85 -18.24 8.70
N PHE D 737 -4.02 -17.55 9.48
CA PHE D 737 -3.38 -18.17 10.63
C PHE D 737 -4.40 -18.67 11.63
N LEU D 738 -5.40 -17.83 11.96
CA LEU D 738 -6.34 -18.20 13.01
C LEU D 738 -7.19 -19.39 12.59
N ALA D 739 -7.74 -19.35 11.38
CA ALA D 739 -8.56 -20.48 10.92
C ALA D 739 -7.74 -21.75 10.83
N ARG D 740 -6.52 -21.67 10.28
CA ARG D 740 -5.70 -22.86 10.14
C ARG D 740 -5.35 -23.46 11.49
N ILE D 741 -4.91 -22.62 12.44
CA ILE D 741 -4.43 -23.14 13.71
C ILE D 741 -5.55 -23.46 14.68
N ILE D 742 -6.76 -22.98 14.44
CA ILE D 742 -7.90 -23.38 15.26
C ILE D 742 -8.50 -24.68 14.73
N SER D 743 -8.55 -24.85 13.40
CA SER D 743 -9.06 -26.09 12.84
C SER D 743 -8.19 -27.28 13.20
N VAL D 744 -6.87 -27.12 13.14
CA VAL D 744 -5.95 -28.22 13.42
C VAL D 744 -5.05 -27.90 14.61
N VAL E 2 27.33 8.85 -26.41
CA VAL E 2 26.31 9.69 -25.79
C VAL E 2 25.60 10.51 -26.86
N TYR E 3 25.97 10.28 -28.12
CA TYR E 3 25.38 10.97 -29.26
C TYR E 3 24.94 9.95 -30.29
N LYS E 4 24.20 10.43 -31.28
CA LYS E 4 23.91 9.69 -32.51
C LYS E 4 22.98 8.50 -32.33
N PHE E 5 22.62 8.14 -31.09
CA PHE E 5 21.66 7.05 -30.97
C PHE E 5 20.27 7.56 -31.30
N PRO E 6 19.73 8.56 -30.56
CA PRO E 6 18.43 9.06 -31.02
C PRO E 6 18.62 10.02 -32.20
N LYS E 7 18.89 9.42 -33.36
CA LYS E 7 19.11 10.20 -34.58
C LYS E 7 17.91 11.08 -34.89
N PHE E 8 16.72 10.64 -34.50
CA PHE E 8 15.49 11.38 -34.78
C PHE E 8 15.23 12.52 -33.82
N SER E 9 16.00 12.65 -32.74
CA SER E 9 15.76 13.67 -31.72
C SER E 9 17.10 14.22 -31.25
N LYS E 10 17.36 15.49 -31.55
CA LYS E 10 18.57 16.12 -31.06
C LYS E 10 18.48 16.47 -29.58
N ALA E 11 17.26 16.73 -29.10
CA ALA E 11 17.10 17.05 -27.68
C ALA E 11 17.50 15.88 -26.79
N LEU E 12 17.17 14.66 -27.21
CA LEU E 12 17.58 13.48 -26.46
C LEU E 12 19.06 13.19 -26.63
N ALA E 13 19.58 13.39 -27.84
CA ALA E 13 20.98 13.08 -28.11
C ALA E 13 21.94 13.94 -27.30
N GLU E 14 21.47 15.08 -26.79
CA GLU E 14 22.29 15.94 -25.94
C GLU E 14 22.14 15.63 -24.46
N ASP E 15 21.32 14.65 -24.11
CA ASP E 15 21.15 14.26 -22.72
C ASP E 15 22.39 13.55 -22.24
N PRO E 16 23.05 14.00 -21.17
CA PRO E 16 24.26 13.34 -20.69
C PRO E 16 24.01 12.11 -19.83
N SER E 17 22.76 11.77 -19.59
CA SER E 17 22.39 10.70 -18.67
C SER E 17 21.92 9.46 -19.45
N THR E 18 21.64 8.40 -18.69
CA THR E 18 21.07 7.18 -19.27
C THR E 18 19.63 7.36 -19.73
N ARG E 19 19.00 8.47 -19.37
CA ARG E 19 17.64 8.74 -19.82
C ARG E 19 17.56 8.84 -21.34
N ARG E 20 18.66 9.24 -21.98
CA ARG E 20 18.66 9.32 -23.44
C ARG E 20 18.45 7.96 -24.07
N ILE E 21 19.12 6.94 -23.54
CA ILE E 21 18.94 5.58 -24.09
C ILE E 21 17.52 5.10 -23.86
N TRP E 22 16.99 5.30 -22.65
CA TRP E 22 15.64 4.84 -22.33
C TRP E 22 14.61 5.53 -23.21
N TYR E 23 14.72 6.86 -23.36
CA TYR E 23 13.77 7.60 -24.17
C TYR E 23 13.98 7.39 -25.66
N GLY E 24 15.19 7.00 -26.07
CA GLY E 24 15.41 6.70 -27.47
C GLY E 24 14.61 5.49 -27.94
N ILE E 25 14.46 4.49 -27.07
CA ILE E 25 13.66 3.33 -27.40
C ILE E 25 12.18 3.70 -27.49
N ALA E 26 11.70 4.43 -26.49
CA ALA E 26 10.27 4.66 -26.31
C ALA E 26 9.71 5.76 -27.21
N THR E 27 10.56 6.46 -27.96
CA THR E 27 10.10 7.48 -28.88
C THR E 27 10.47 7.18 -30.33
N ALA E 28 10.93 5.96 -30.60
CA ALA E 28 11.41 5.63 -31.94
C ALA E 28 10.26 5.58 -32.95
N HIS E 29 9.08 5.18 -32.53
CA HIS E 29 7.94 5.03 -33.43
C HIS E 29 7.00 6.23 -33.42
N ASP E 30 7.25 7.23 -32.57
CA ASP E 30 6.47 8.46 -32.60
C ASP E 30 7.07 9.37 -33.66
N PHE E 31 6.77 9.05 -34.91
CA PHE E 31 7.40 9.73 -36.04
C PHE E 31 7.03 11.22 -36.08
N GLU E 32 5.82 11.57 -35.64
CA GLU E 32 5.37 12.95 -35.70
C GLU E 32 6.20 13.88 -34.81
N SER E 33 6.87 13.34 -33.81
CA SER E 33 7.67 14.15 -32.88
C SER E 33 9.15 14.17 -33.25
N HIS E 34 9.53 13.57 -34.37
CA HIS E 34 10.94 13.48 -34.73
C HIS E 34 11.45 14.80 -35.31
N ASP E 35 12.75 14.99 -35.22
CA ASP E 35 13.37 16.22 -35.74
C ASP E 35 13.35 16.22 -37.26
N ALA E 36 13.20 17.42 -37.83
CA ALA E 36 13.17 17.63 -39.27
C ALA E 36 12.11 16.74 -39.92
N MET E 37 10.86 16.98 -39.53
CA MET E 37 9.76 16.08 -39.84
C MET E 37 8.77 16.78 -40.75
N THR E 38 8.35 16.11 -41.81
CA THR E 38 7.29 16.59 -42.68
C THR E 38 6.20 15.53 -42.78
N GLU E 39 5.06 15.91 -43.35
CA GLU E 39 3.94 14.98 -43.45
C GLU E 39 4.21 13.90 -44.50
N SER E 40 4.82 14.28 -45.63
CA SER E 40 5.10 13.31 -46.68
C SER E 40 6.03 12.21 -46.16
N LYS E 41 7.11 12.60 -45.48
CA LYS E 41 8.01 11.61 -44.90
C LYS E 41 7.28 10.76 -43.86
N LEU E 42 6.35 11.36 -43.12
CA LEU E 42 5.60 10.61 -42.12
C LEU E 42 4.80 9.50 -42.76
N TYR E 43 4.02 9.84 -43.80
CA TYR E 43 3.17 8.83 -44.44
C TYR E 43 4.02 7.78 -45.14
N GLN E 44 5.13 8.19 -45.78
CA GLN E 44 5.99 7.23 -46.47
C GLN E 44 6.64 6.26 -45.48
N LYS E 45 7.13 6.77 -44.34
CA LYS E 45 7.72 5.90 -43.34
C LYS E 45 6.69 4.95 -42.75
N ILE E 46 5.48 5.45 -42.50
CA ILE E 46 4.42 4.59 -41.98
C ILE E 46 4.08 3.50 -42.99
N PHE E 47 4.06 3.84 -44.28
CA PHE E 47 3.79 2.88 -45.34
C PHE E 47 4.84 1.76 -45.36
N ALA E 48 6.12 2.15 -45.31
CA ALA E 48 7.20 1.16 -45.31
C ALA E 48 7.15 0.31 -44.04
N SER E 49 6.84 0.92 -42.90
CA SER E 49 6.72 0.16 -41.66
C SER E 49 5.58 -0.83 -41.73
N HIS E 50 4.47 -0.45 -42.38
CA HIS E 50 3.38 -1.39 -42.60
C HIS E 50 3.83 -2.58 -43.41
N PHE E 51 4.61 -2.32 -44.47
CA PHE E 51 5.11 -3.42 -45.29
C PHE E 51 5.99 -4.36 -44.47
N GLY E 52 6.92 -3.79 -43.70
CA GLY E 52 7.76 -4.63 -42.84
C GLY E 52 6.95 -5.41 -41.82
N HIS E 53 5.90 -4.81 -41.29
CA HIS E 53 5.05 -5.49 -40.32
C HIS E 53 4.31 -6.67 -40.93
N ILE E 54 3.73 -6.49 -42.12
CA ILE E 54 3.06 -7.60 -42.78
C ILE E 54 4.06 -8.70 -43.10
N ALA E 55 5.28 -8.32 -43.48
CA ALA E 55 6.33 -9.31 -43.71
C ALA E 55 6.62 -10.10 -42.43
N ILE E 56 6.67 -9.41 -41.29
CA ILE E 56 6.91 -10.09 -40.02
C ILE E 56 5.78 -11.07 -39.71
N ILE E 57 4.54 -10.65 -39.94
CA ILE E 57 3.39 -11.53 -39.68
C ILE E 57 3.48 -12.79 -40.54
N PHE E 58 3.78 -12.61 -41.83
CA PHE E 58 3.86 -13.75 -42.73
C PHE E 58 5.03 -14.66 -42.37
N LEU E 59 6.16 -14.09 -41.94
CA LEU E 59 7.28 -14.91 -41.50
C LEU E 59 6.93 -15.71 -40.26
N TRP E 60 6.18 -15.11 -39.33
CA TRP E 60 5.74 -15.81 -38.14
C TRP E 60 4.83 -16.99 -38.50
N THR E 61 3.88 -16.77 -39.41
CA THR E 61 3.01 -17.87 -39.84
C THR E 61 3.81 -18.96 -40.55
N ALA E 62 4.78 -18.56 -41.38
CA ALA E 62 5.63 -19.54 -42.06
C ALA E 62 6.44 -20.35 -41.07
N GLY E 63 6.92 -19.70 -40.02
CA GLY E 63 7.65 -20.43 -38.99
C GLY E 63 6.78 -21.44 -38.26
N ASN E 64 5.54 -21.05 -37.95
CA ASN E 64 4.62 -22.00 -37.34
C ASN E 64 4.39 -23.20 -38.25
N LEU E 65 4.16 -22.93 -39.53
CA LEU E 65 3.93 -24.01 -40.49
C LEU E 65 5.15 -24.93 -40.58
N PHE E 66 6.33 -24.35 -40.69
CA PHE E 66 7.54 -25.15 -40.82
C PHE E 66 7.79 -26.00 -39.59
N HIS E 67 7.58 -25.44 -38.41
CA HIS E 67 7.86 -26.20 -37.20
C HIS E 67 6.82 -27.28 -36.95
N VAL E 68 5.57 -27.07 -37.38
CA VAL E 68 4.61 -28.16 -37.32
C VAL E 68 4.98 -29.25 -38.32
N ALA E 69 5.45 -28.85 -39.52
CA ALA E 69 5.81 -29.83 -40.53
C ALA E 69 7.04 -30.64 -40.15
N TRP E 70 7.98 -30.03 -39.43
CA TRP E 70 9.28 -30.65 -39.17
C TRP E 70 9.30 -31.43 -37.86
N GLN E 71 8.84 -30.82 -36.77
CA GLN E 71 8.91 -31.41 -35.45
C GLN E 71 7.55 -31.79 -34.88
N GLY E 72 6.48 -31.52 -35.59
CA GLY E 72 5.15 -31.87 -35.11
C GLY E 72 4.77 -33.30 -35.44
N ASN E 73 3.54 -33.63 -35.09
CA ASN E 73 2.95 -34.92 -35.40
C ASN E 73 1.63 -34.73 -36.15
N PHE E 74 1.66 -33.85 -37.16
CA PHE E 74 0.45 -33.54 -37.90
C PHE E 74 -0.12 -34.76 -38.59
N GLU E 75 0.75 -35.53 -39.27
CA GLU E 75 0.28 -36.69 -40.02
C GLU E 75 -0.33 -37.74 -39.09
N ALA E 76 0.31 -37.99 -37.94
CA ALA E 76 -0.25 -38.91 -36.97
C ALA E 76 -1.56 -38.38 -36.38
N TRP E 77 -1.63 -37.07 -36.16
CA TRP E 77 -2.84 -36.48 -35.62
C TRP E 77 -4.01 -36.57 -36.59
N ILE E 78 -3.74 -36.67 -37.90
CA ILE E 78 -4.80 -36.79 -38.88
C ILE E 78 -5.58 -38.08 -38.67
N LEU E 79 -4.87 -39.18 -38.42
CA LEU E 79 -5.51 -40.48 -38.31
C LEU E 79 -6.23 -40.69 -36.99
N ASN E 80 -5.94 -39.87 -35.97
CA ASN E 80 -6.57 -40.01 -34.65
C ASN E 80 -6.58 -38.65 -33.98
N PRO E 81 -7.48 -37.75 -34.42
CA PRO E 81 -7.47 -36.39 -33.88
C PRO E 81 -7.96 -36.28 -32.45
N LEU E 82 -8.71 -37.26 -31.94
CA LEU E 82 -9.30 -37.17 -30.61
C LEU E 82 -8.41 -37.76 -29.53
N LYS E 83 -7.36 -38.49 -29.89
CA LYS E 83 -6.45 -39.10 -28.91
C LYS E 83 -5.04 -38.56 -29.01
N VAL E 84 -4.57 -38.25 -30.21
CA VAL E 84 -3.22 -37.74 -30.39
C VAL E 84 -3.20 -36.25 -30.04
N ARG E 85 -2.25 -35.85 -29.21
CA ARG E 85 -2.11 -34.45 -28.81
C ARG E 85 -1.18 -33.73 -29.78
N PRO E 86 -1.61 -32.65 -30.40
CA PRO E 86 -0.74 -31.95 -31.36
C PRO E 86 0.53 -31.42 -30.71
N ILE E 87 1.61 -31.43 -31.47
CA ILE E 87 2.92 -30.98 -31.02
C ILE E 87 3.27 -29.69 -31.74
N ALA E 88 3.68 -28.67 -30.97
CA ALA E 88 4.02 -27.39 -31.56
C ALA E 88 5.41 -27.42 -32.18
N HIS E 89 6.43 -27.67 -31.37
CA HIS E 89 7.81 -27.73 -31.85
C HIS E 89 8.64 -28.51 -30.84
N ALA E 90 9.82 -28.95 -31.28
CA ALA E 90 10.71 -29.69 -30.41
C ALA E 90 11.44 -28.76 -29.45
N ILE E 91 12.03 -29.35 -28.43
CA ILE E 91 12.75 -28.61 -27.38
C ILE E 91 14.20 -29.08 -27.37
N TRP E 92 15.12 -28.12 -27.36
CA TRP E 92 16.53 -28.40 -27.10
C TRP E 92 17.01 -27.34 -26.10
N ASP E 93 17.06 -27.73 -24.82
CA ASP E 93 17.48 -26.84 -23.75
C ASP E 93 18.58 -27.54 -22.96
N PRO E 94 19.79 -27.00 -22.94
CA PRO E 94 20.89 -27.68 -22.23
C PRO E 94 20.68 -27.80 -20.73
N HIS E 95 19.79 -27.00 -20.15
CA HIS E 95 19.59 -27.03 -18.71
C HIS E 95 18.72 -28.18 -18.24
N PHE E 96 18.12 -28.94 -19.16
CA PHE E 96 17.27 -30.05 -18.77
C PHE E 96 18.06 -31.12 -18.04
N GLY E 97 17.46 -31.67 -17.00
CA GLY E 97 17.93 -32.92 -16.43
C GLY E 97 17.36 -34.09 -17.20
N GLN E 98 17.75 -35.29 -16.76
CA GLN E 98 17.18 -36.48 -17.38
C GLN E 98 15.69 -36.58 -17.13
N ALA E 99 15.24 -36.18 -15.94
CA ALA E 99 13.82 -36.23 -15.62
C ALA E 99 13.02 -35.28 -16.50
N ALA E 100 13.52 -34.07 -16.73
CA ALA E 100 12.81 -33.12 -17.59
C ALA E 100 12.76 -33.62 -19.03
N TYR E 101 13.87 -34.20 -19.52
CA TYR E 101 13.87 -34.78 -20.86
C TYR E 101 12.84 -35.88 -20.97
N LYS E 102 12.78 -36.77 -19.97
CA LYS E 102 11.83 -37.86 -20.00
C LYS E 102 10.38 -37.37 -19.96
N ALA E 103 10.12 -36.37 -19.13
CA ALA E 103 8.74 -35.89 -18.99
C ALA E 103 8.28 -35.13 -20.24
N PHE E 104 9.15 -34.32 -20.82
CA PHE E 104 8.78 -33.58 -22.02
C PHE E 104 8.93 -34.42 -23.29
N LEU E 105 9.45 -35.64 -23.18
CA LEU E 105 9.69 -36.47 -24.35
C LEU E 105 8.37 -36.84 -25.01
N LYS E 106 8.26 -36.52 -26.30
CA LYS E 106 7.10 -36.87 -27.11
C LYS E 106 7.62 -37.44 -28.42
N THR E 107 7.34 -38.73 -28.66
CA THR E 107 7.86 -39.47 -29.82
C THR E 107 9.38 -39.55 -29.79
N SER E 108 10.04 -38.68 -30.56
CA SER E 108 11.48 -38.79 -30.75
C SER E 108 12.31 -37.77 -29.97
N SER E 109 11.71 -36.65 -29.55
CA SER E 109 12.44 -35.59 -28.89
C SER E 109 11.50 -34.86 -27.95
N PRO E 110 12.01 -34.21 -26.90
CA PRO E 110 11.15 -33.36 -26.09
C PRO E 110 10.49 -32.29 -26.94
N ALA E 111 9.20 -32.06 -26.69
CA ALA E 111 8.44 -31.16 -27.53
C ALA E 111 7.33 -30.53 -26.71
N ASN E 112 6.77 -29.45 -27.25
CA ASN E 112 5.69 -28.71 -26.62
C ASN E 112 4.38 -29.02 -27.32
N LEU E 113 3.34 -29.32 -26.54
CA LEU E 113 2.01 -29.46 -27.12
C LEU E 113 1.57 -28.13 -27.71
N ALA E 114 0.83 -28.20 -28.82
CA ALA E 114 0.38 -27.00 -29.53
C ALA E 114 -0.99 -26.60 -29.01
N LEU E 115 -1.07 -25.42 -28.42
CA LEU E 115 -2.31 -24.87 -27.89
C LEU E 115 -2.90 -23.80 -28.79
N SER E 116 -2.31 -23.57 -29.95
CA SER E 116 -2.80 -22.56 -30.88
C SER E 116 -3.93 -23.05 -31.76
N GLY E 117 -4.23 -24.35 -31.73
CA GLY E 117 -5.28 -24.88 -32.58
C GLY E 117 -4.97 -24.84 -34.05
N VAL E 118 -3.70 -24.73 -34.42
CA VAL E 118 -3.34 -24.66 -35.83
C VAL E 118 -3.56 -26.00 -36.52
N TYR E 119 -3.41 -27.10 -35.77
CA TYR E 119 -3.63 -28.42 -36.36
C TYR E 119 -5.05 -28.56 -36.88
N GLU E 120 -6.03 -28.19 -36.06
CA GLU E 120 -7.42 -28.29 -36.47
C GLU E 120 -7.74 -27.32 -37.60
N TRP E 121 -7.20 -26.10 -37.53
CA TRP E 121 -7.46 -25.11 -38.57
C TRP E 121 -6.90 -25.57 -39.91
N TRP E 122 -5.66 -26.06 -39.92
CA TRP E 122 -5.06 -26.50 -41.18
C TRP E 122 -5.69 -27.79 -41.68
N TYR E 123 -6.10 -28.68 -40.77
CA TYR E 123 -6.81 -29.88 -41.18
C TYR E 123 -8.16 -29.55 -41.82
N THR E 124 -8.86 -28.55 -41.26
CA THR E 124 -10.17 -28.19 -41.80
C THR E 124 -10.06 -27.63 -43.20
N ILE E 125 -9.02 -26.83 -43.48
CA ILE E 125 -8.89 -26.15 -44.76
C ILE E 125 -8.25 -27.10 -45.78
N GLY E 126 -8.04 -28.34 -45.39
CA GLY E 126 -7.60 -29.35 -46.34
C GLY E 126 -6.11 -29.57 -46.43
N MET E 127 -5.46 -29.79 -45.30
CA MET E 127 -4.06 -30.19 -45.25
C MET E 127 -3.93 -31.55 -44.61
N ARG E 128 -3.26 -32.48 -45.31
CA ARG E 128 -3.14 -33.85 -44.84
C ARG E 128 -1.72 -34.37 -44.78
N THR E 129 -0.73 -33.55 -45.15
CA THR E 129 0.64 -34.03 -45.26
C THR E 129 1.60 -33.00 -44.68
N ASN E 130 2.73 -33.47 -44.14
CA ASN E 130 3.80 -32.59 -43.71
C ASN E 130 4.49 -31.91 -44.88
N ASN E 131 4.19 -32.32 -46.12
CA ASN E 131 4.65 -31.61 -47.30
C ASN E 131 3.69 -30.50 -47.73
N ASP E 132 2.42 -30.57 -47.32
CA ASP E 132 1.51 -29.45 -47.56
C ASP E 132 1.88 -28.27 -46.67
N LEU E 133 2.26 -28.54 -45.42
CA LEU E 133 2.68 -27.47 -44.52
C LEU E 133 3.98 -26.84 -45.02
N TYR E 134 4.91 -27.65 -45.52
CA TYR E 134 6.17 -27.12 -46.02
C TYR E 134 5.95 -26.20 -47.22
N GLN E 135 5.01 -26.57 -48.10
CA GLN E 135 4.67 -25.71 -49.22
C GLN E 135 4.12 -24.37 -48.73
N GLY E 136 3.27 -24.40 -47.70
CA GLY E 136 2.75 -23.17 -47.14
C GLY E 136 3.84 -22.30 -46.55
N SER E 137 4.78 -22.91 -45.84
CA SER E 137 5.90 -22.15 -45.28
C SER E 137 6.75 -21.52 -46.38
N PHE E 138 7.04 -22.28 -47.44
CA PHE E 138 7.80 -21.75 -48.57
C PHE E 138 7.09 -20.57 -49.20
N PHE E 139 5.78 -20.73 -49.46
CA PHE E 139 5.01 -19.67 -50.08
C PHE E 139 4.94 -18.43 -49.20
N LEU E 140 4.81 -18.62 -47.88
CA LEU E 140 4.72 -17.48 -46.98
C LEU E 140 6.05 -16.74 -46.87
N ILE E 141 7.16 -17.47 -46.91
CA ILE E 141 8.46 -16.78 -46.94
C ILE E 141 8.62 -16.01 -48.24
N LEU E 142 8.13 -16.56 -49.35
CA LEU E 142 8.14 -15.82 -50.61
C LEU E 142 7.31 -14.55 -50.51
N LEU E 143 6.13 -14.63 -49.87
CA LEU E 143 5.29 -13.46 -49.70
C LEU E 143 5.97 -12.42 -48.80
N SER E 144 6.66 -12.88 -47.75
CA SER E 144 7.41 -11.96 -46.89
C SER E 144 8.49 -11.25 -47.68
N SER E 145 9.18 -11.99 -48.56
CA SER E 145 10.17 -11.35 -49.42
C SER E 145 9.53 -10.32 -50.34
N LEU E 146 8.36 -10.63 -50.89
CA LEU E 146 7.61 -9.66 -51.69
C LEU E 146 7.34 -8.39 -50.91
N LEU E 147 6.85 -8.54 -49.68
CA LEU E 147 6.46 -7.38 -48.89
C LEU E 147 7.68 -6.55 -48.48
N LEU E 148 8.78 -7.21 -48.15
CA LEU E 148 10.01 -6.48 -47.84
C LEU E 148 10.52 -5.72 -49.05
N PHE E 149 10.45 -6.34 -50.24
CA PHE E 149 10.87 -5.64 -51.45
C PHE E 149 9.97 -4.44 -51.72
N ALA E 150 8.67 -4.59 -51.51
CA ALA E 150 7.75 -3.47 -51.71
C ALA E 150 8.04 -2.34 -50.72
N GLY E 151 8.30 -2.70 -49.47
CA GLY E 151 8.63 -1.68 -48.48
C GLY E 151 9.88 -0.92 -48.82
N TRP E 152 10.91 -1.63 -49.30
CA TRP E 152 12.11 -0.94 -49.77
C TRP E 152 11.81 -0.07 -50.98
N LEU E 153 11.00 -0.58 -51.91
CA LEU E 153 10.75 0.11 -53.16
C LEU E 153 10.02 1.42 -52.94
N HIS E 154 9.05 1.43 -52.04
CA HIS E 154 8.24 2.63 -51.84
C HIS E 154 8.91 3.66 -50.95
N LEU E 155 10.19 3.47 -50.63
CA LEU E 155 11.02 4.53 -50.09
C LEU E 155 11.99 5.08 -51.13
N GLN E 156 12.00 4.52 -52.33
CA GLN E 156 12.86 5.01 -53.39
C GLN E 156 12.30 6.32 -53.94
N PRO E 157 13.17 7.17 -54.53
CA PRO E 157 12.71 8.51 -54.90
C PRO E 157 11.52 8.54 -55.85
N SER E 158 11.54 7.78 -56.93
CA SER E 158 10.46 7.85 -57.91
C SER E 158 9.25 7.03 -57.54
N PHE E 159 9.29 6.30 -56.43
CA PHE E 159 8.19 5.42 -56.03
C PHE E 159 7.61 5.78 -54.67
N ARG E 160 7.94 6.96 -54.13
CA ARG E 160 7.40 7.39 -52.86
C ARG E 160 6.06 8.11 -53.09
N PRO E 161 4.95 7.60 -52.56
CA PRO E 161 3.67 8.24 -52.80
C PRO E 161 3.57 9.60 -52.11
N SER E 162 2.73 10.47 -52.67
CA SER E 162 2.53 11.81 -52.15
C SER E 162 1.39 11.81 -51.13
N LEU E 163 1.16 12.99 -50.54
CA LEU E 163 0.09 13.11 -49.54
C LEU E 163 -1.28 12.92 -50.17
N ASP E 164 -1.46 13.39 -51.40
CA ASP E 164 -2.75 13.24 -52.06
C ASP E 164 -3.11 11.77 -52.24
N TRP E 165 -2.15 10.95 -52.64
CA TRP E 165 -2.40 9.51 -52.77
C TRP E 165 -2.73 8.89 -51.43
N PHE E 166 -2.00 9.29 -50.38
CA PHE E 166 -2.24 8.72 -49.05
C PHE E 166 -3.59 9.16 -48.50
N LYS E 167 -4.04 10.37 -48.81
CA LYS E 167 -5.29 10.90 -48.30
C LYS E 167 -6.44 10.72 -49.28
N ALA E 168 -6.24 9.95 -50.35
CA ALA E 168 -7.31 9.64 -51.30
C ALA E 168 -8.22 8.61 -50.64
N ASN E 169 -9.25 9.11 -49.94
CA ASN E 169 -10.12 8.25 -49.16
C ASN E 169 -10.97 7.36 -50.05
N GLU E 170 -11.58 7.94 -51.10
CA GLU E 170 -12.55 7.19 -51.90
C GLU E 170 -11.89 6.01 -52.62
N TYR E 171 -10.72 6.26 -53.21
CA TYR E 171 -10.02 5.18 -53.92
C TYR E 171 -9.65 4.06 -52.96
N ARG E 172 -9.09 4.42 -51.81
CA ARG E 172 -8.66 3.41 -50.84
C ARG E 172 -9.84 2.62 -50.31
N LEU E 173 -10.96 3.28 -50.04
CA LEU E 173 -12.14 2.57 -49.57
C LEU E 173 -12.69 1.62 -50.63
N ASN E 174 -12.86 2.13 -51.86
CA ASN E 174 -13.35 1.26 -52.93
C ASN E 174 -12.48 0.02 -53.03
N HIS E 175 -11.16 0.21 -53.09
CA HIS E 175 -10.27 -0.92 -53.29
C HIS E 175 -10.24 -1.83 -52.07
N HIS E 176 -10.05 -1.26 -50.88
CA HIS E 176 -10.04 -2.07 -49.67
C HIS E 176 -11.29 -2.93 -49.59
N LEU E 177 -12.46 -2.30 -49.55
CA LEU E 177 -13.70 -3.05 -49.47
C LEU E 177 -13.78 -4.09 -50.58
N SER E 178 -13.94 -3.65 -51.83
CA SER E 178 -14.18 -4.59 -52.90
C SER E 178 -13.01 -5.56 -53.04
N GLY E 179 -11.85 -5.09 -53.48
CA GLY E 179 -10.71 -5.95 -53.65
C GLY E 179 -10.40 -6.74 -52.41
N LEU E 180 -9.91 -6.10 -51.35
CA LEU E 180 -9.44 -6.84 -50.20
C LEU E 180 -10.54 -7.76 -49.68
N PHE E 181 -11.63 -7.20 -49.14
CA PHE E 181 -12.59 -8.06 -48.47
C PHE E 181 -13.28 -9.00 -49.45
N GLY E 182 -13.95 -8.43 -50.47
CA GLY E 182 -14.76 -9.27 -51.35
C GLY E 182 -13.93 -10.24 -52.15
N VAL E 183 -12.84 -9.78 -52.77
CA VAL E 183 -12.04 -10.67 -53.60
C VAL E 183 -11.29 -11.70 -52.76
N SER E 184 -10.83 -11.33 -51.57
CA SER E 184 -10.21 -12.32 -50.71
C SER E 184 -11.22 -13.35 -50.25
N SER E 185 -12.46 -12.93 -49.99
CA SER E 185 -13.51 -13.89 -49.66
C SER E 185 -13.85 -14.77 -50.86
N LEU E 186 -13.83 -14.20 -52.07
CA LEU E 186 -14.09 -14.97 -53.28
C LEU E 186 -13.01 -16.02 -53.50
N ALA E 187 -11.75 -15.62 -53.33
CA ALA E 187 -10.64 -16.56 -53.46
C ALA E 187 -10.69 -17.60 -52.35
N TRP E 188 -11.09 -17.21 -51.14
CA TRP E 188 -11.20 -18.18 -50.07
C TRP E 188 -12.34 -19.15 -50.32
N THR E 189 -13.44 -18.69 -50.91
CA THR E 189 -14.49 -19.61 -51.32
C THR E 189 -14.00 -20.56 -52.39
N GLY E 190 -13.22 -20.04 -53.34
CA GLY E 190 -12.64 -20.91 -54.35
C GLY E 190 -11.77 -21.99 -53.76
N HIS E 191 -10.89 -21.61 -52.83
CA HIS E 191 -10.06 -22.61 -52.15
C HIS E 191 -10.92 -23.57 -51.34
N LEU E 192 -11.80 -23.03 -50.50
CA LEU E 192 -12.69 -23.84 -49.69
C LEU E 192 -13.33 -24.94 -50.54
N VAL E 193 -14.07 -24.53 -51.58
CA VAL E 193 -14.71 -25.51 -52.45
C VAL E 193 -13.64 -26.44 -53.00
N HIS E 194 -12.76 -25.91 -53.87
CA HIS E 194 -11.89 -26.74 -54.70
C HIS E 194 -11.07 -27.73 -53.89
N VAL E 195 -10.39 -27.25 -52.86
CA VAL E 195 -9.49 -28.08 -52.08
C VAL E 195 -10.23 -28.65 -50.89
N ALA E 196 -10.75 -27.78 -50.02
CA ALA E 196 -11.22 -28.23 -48.72
C ALA E 196 -12.42 -29.17 -48.85
N ILE E 197 -13.36 -28.89 -49.74
CA ILE E 197 -14.57 -29.70 -49.77
C ILE E 197 -14.24 -31.14 -50.18
N PRO E 198 -13.51 -31.38 -51.27
CA PRO E 198 -13.16 -32.78 -51.60
C PRO E 198 -12.22 -33.41 -50.59
N GLU E 199 -11.31 -32.65 -49.99
CA GLU E 199 -10.38 -33.23 -49.03
C GLU E 199 -11.10 -33.72 -47.78
N SER E 200 -12.19 -33.05 -47.39
CA SER E 200 -13.03 -33.58 -46.32
C SER E 200 -13.80 -34.81 -46.75
N ARG E 201 -13.89 -35.06 -48.06
CA ARG E 201 -14.57 -36.23 -48.60
C ARG E 201 -13.59 -37.25 -49.18
N GLY E 202 -12.31 -37.14 -48.83
CA GLY E 202 -11.33 -38.14 -49.21
C GLY E 202 -10.66 -37.92 -50.55
N ILE E 203 -11.13 -36.97 -51.34
CA ILE E 203 -10.55 -36.69 -52.65
C ILE E 203 -9.46 -35.64 -52.48
N HIS E 204 -8.25 -35.96 -52.93
CA HIS E 204 -7.12 -35.04 -52.80
C HIS E 204 -7.10 -34.09 -53.99
N VAL E 205 -7.13 -32.80 -53.70
CA VAL E 205 -7.06 -31.75 -54.72
C VAL E 205 -5.83 -30.92 -54.39
N GLY E 206 -4.70 -31.22 -55.04
CA GLY E 206 -3.47 -30.51 -54.84
C GLY E 206 -3.14 -29.57 -55.99
N TRP E 207 -1.91 -29.07 -55.96
CA TRP E 207 -1.46 -28.18 -57.04
C TRP E 207 -1.14 -28.91 -58.33
N ASP E 208 -1.53 -30.18 -58.47
CA ASP E 208 -1.38 -30.90 -59.73
C ASP E 208 -2.74 -31.19 -60.37
N ASN E 209 -3.62 -31.90 -59.67
CA ASN E 209 -4.94 -32.25 -60.20
C ASN E 209 -6.01 -31.30 -59.69
N PHE E 210 -5.85 -30.00 -59.96
CA PHE E 210 -6.89 -29.04 -59.64
C PHE E 210 -7.51 -28.41 -60.87
N LEU E 211 -6.82 -28.45 -62.00
CA LEU E 211 -7.38 -28.03 -63.27
C LEU E 211 -8.20 -29.13 -63.94
N THR E 212 -8.21 -30.33 -63.36
CA THR E 212 -8.92 -31.46 -63.94
C THR E 212 -9.89 -32.15 -62.98
N VAL E 213 -9.92 -31.75 -61.71
CA VAL E 213 -10.85 -32.32 -60.74
C VAL E 213 -11.97 -31.31 -60.52
N LEU E 214 -13.17 -31.67 -60.95
CA LEU E 214 -14.30 -30.75 -60.87
C LEU E 214 -14.76 -30.62 -59.42
N PRO E 215 -14.83 -29.40 -58.87
CA PRO E 215 -15.38 -29.25 -57.52
C PRO E 215 -16.82 -29.71 -57.40
N HIS E 216 -17.60 -29.60 -58.47
CA HIS E 216 -18.95 -30.13 -58.52
C HIS E 216 -19.11 -30.97 -59.76
N PRO E 217 -19.89 -32.06 -59.69
CA PRO E 217 -20.04 -32.93 -60.88
C PRO E 217 -20.59 -32.19 -62.10
N GLU E 218 -21.48 -31.23 -61.90
CA GLU E 218 -22.03 -30.50 -63.02
C GLU E 218 -21.06 -29.46 -63.57
N GLY E 219 -20.19 -28.92 -62.71
CA GLY E 219 -19.04 -28.16 -63.19
C GLY E 219 -19.33 -26.83 -63.84
N LEU E 220 -19.77 -25.85 -63.05
CA LEU E 220 -19.94 -24.46 -63.48
C LEU E 220 -21.11 -24.29 -64.42
N THR E 221 -21.73 -25.39 -64.86
CA THR E 221 -22.94 -25.29 -65.67
C THR E 221 -24.10 -24.68 -64.89
N PRO E 222 -24.41 -25.12 -63.66
CA PRO E 222 -25.52 -24.48 -62.93
C PRO E 222 -25.30 -23.00 -62.67
N PHE E 223 -24.06 -22.57 -62.43
CA PHE E 223 -23.81 -21.17 -62.12
C PHE E 223 -24.20 -20.26 -63.28
N PHE E 224 -23.72 -20.58 -64.49
CA PHE E 224 -24.06 -19.78 -65.65
C PHE E 224 -25.50 -19.99 -66.06
N SER E 225 -26.02 -21.21 -65.90
CA SER E 225 -27.41 -21.50 -66.24
C SER E 225 -28.39 -20.91 -65.23
N GLY E 226 -27.92 -20.48 -64.07
CA GLY E 226 -28.80 -19.96 -63.04
C GLY E 226 -29.42 -21.00 -62.14
N ASN E 227 -29.18 -22.29 -62.41
CA ASN E 227 -29.71 -23.37 -61.57
C ASN E 227 -28.82 -23.54 -60.33
N TRP E 228 -28.74 -22.47 -59.54
CA TRP E 228 -27.82 -22.43 -58.41
C TRP E 228 -28.21 -23.42 -57.32
N LYS E 229 -29.43 -23.94 -57.34
CA LYS E 229 -29.82 -24.96 -56.37
C LYS E 229 -29.03 -26.24 -56.54
N ALA E 230 -28.48 -26.49 -57.73
CA ALA E 230 -27.75 -27.73 -57.97
C ALA E 230 -26.52 -27.84 -57.09
N TYR E 231 -25.91 -26.71 -56.71
CA TYR E 231 -24.76 -26.73 -55.83
C TYR E 231 -25.12 -27.07 -54.39
N ALA E 232 -26.42 -27.07 -54.05
CA ALA E 232 -26.86 -27.40 -52.71
C ALA E 232 -27.45 -28.81 -52.62
N GLN E 233 -27.70 -29.46 -53.75
CA GLN E 233 -28.29 -30.79 -53.72
C GLN E 233 -27.28 -31.82 -53.20
N ASN E 234 -27.80 -32.80 -52.47
CA ASN E 234 -27.01 -33.91 -51.92
C ASN E 234 -25.90 -33.40 -51.02
N PRO E 235 -26.20 -32.85 -49.86
CA PRO E 235 -25.16 -32.41 -48.93
C PRO E 235 -24.57 -33.61 -48.19
N ASP E 236 -23.58 -33.33 -47.34
CA ASP E 236 -22.97 -34.37 -46.54
C ASP E 236 -24.00 -34.95 -45.57
N THR E 237 -24.04 -36.27 -45.47
CA THR E 237 -25.02 -36.94 -44.63
C THR E 237 -24.63 -36.81 -43.15
N ALA E 238 -25.47 -37.36 -42.29
CA ALA E 238 -25.21 -37.33 -40.85
C ALA E 238 -24.25 -38.43 -40.40
N SER E 239 -23.82 -39.30 -41.31
CA SER E 239 -22.86 -40.35 -41.00
C SER E 239 -21.55 -40.14 -41.74
N HIS E 240 -21.24 -38.90 -42.12
CA HIS E 240 -20.03 -38.62 -42.87
C HIS E 240 -18.82 -38.58 -41.95
N ILE E 241 -17.77 -39.32 -42.30
CA ILE E 241 -16.52 -39.29 -41.57
C ILE E 241 -15.61 -38.27 -42.24
N PHE E 242 -15.18 -37.27 -41.48
CA PHE E 242 -14.38 -36.19 -42.03
C PHE E 242 -13.08 -36.72 -42.59
N GLY E 243 -12.70 -36.21 -43.77
CA GLY E 243 -11.50 -36.67 -44.43
C GLY E 243 -11.64 -37.97 -45.18
N SER E 244 -12.84 -38.55 -45.21
CA SER E 244 -13.08 -39.82 -45.88
C SER E 244 -14.36 -39.72 -46.70
N GLY E 245 -14.44 -40.54 -47.73
CA GLY E 245 -15.59 -40.54 -48.62
C GLY E 245 -16.82 -41.26 -48.11
N GLU E 246 -16.75 -41.84 -46.92
CA GLU E 246 -17.87 -42.59 -46.38
C GLU E 246 -18.96 -41.64 -45.91
N GLY E 247 -20.15 -41.76 -46.50
CA GLY E 247 -21.26 -40.91 -46.12
C GLY E 247 -21.15 -39.48 -46.58
N SER E 248 -20.32 -39.20 -47.57
CA SER E 248 -20.11 -37.83 -48.04
C SER E 248 -21.21 -37.45 -49.03
N GLY E 249 -21.12 -36.22 -49.54
CA GLY E 249 -22.05 -35.74 -50.55
C GLY E 249 -21.33 -35.07 -51.71
N THR E 250 -22.09 -34.40 -52.57
CA THR E 250 -21.51 -33.67 -53.69
C THR E 250 -21.77 -32.18 -53.65
N ALA E 251 -22.57 -31.69 -52.70
CA ALA E 251 -22.88 -30.27 -52.64
C ALA E 251 -21.66 -29.47 -52.22
N ILE E 252 -21.64 -28.21 -52.64
CA ILE E 252 -20.55 -27.30 -52.29
C ILE E 252 -21.02 -26.05 -51.57
N LEU E 253 -22.27 -25.63 -51.74
CA LEU E 253 -22.82 -24.46 -51.07
C LEU E 253 -24.20 -24.83 -50.52
N THR E 254 -24.33 -24.88 -49.21
CA THR E 254 -25.57 -25.32 -48.58
C THR E 254 -25.91 -24.46 -47.38
N PHE E 255 -27.17 -24.51 -46.99
CA PHE E 255 -27.59 -24.14 -45.65
C PHE E 255 -27.85 -25.41 -44.86
N LEU E 256 -27.11 -25.59 -43.80
CA LEU E 256 -27.43 -26.70 -42.91
C LEU E 256 -27.59 -26.24 -41.47
N GLY E 257 -26.81 -25.24 -41.04
CA GLY E 257 -26.89 -24.78 -39.67
C GLY E 257 -26.33 -25.79 -38.70
N GLY E 258 -26.06 -25.36 -37.48
CA GLY E 258 -25.55 -26.31 -36.51
C GLY E 258 -24.15 -26.78 -36.87
N PHE E 259 -23.83 -28.00 -36.43
CA PHE E 259 -22.48 -28.52 -36.52
C PHE E 259 -22.46 -29.86 -37.25
N HIS E 260 -21.28 -30.23 -37.71
CA HIS E 260 -21.06 -31.56 -38.26
C HIS E 260 -21.29 -32.59 -37.17
N PRO E 261 -22.02 -33.67 -37.45
CA PRO E 261 -22.29 -34.66 -36.40
C PRO E 261 -21.04 -35.34 -35.86
N GLN E 262 -19.96 -35.40 -36.64
CA GLN E 262 -18.74 -36.08 -36.23
C GLN E 262 -17.70 -35.13 -35.65
N THR E 263 -17.36 -34.06 -36.38
CA THR E 263 -16.35 -33.13 -35.91
C THR E 263 -16.89 -32.09 -34.93
N LYS E 264 -18.21 -32.00 -34.78
CA LYS E 264 -18.83 -31.02 -33.91
C LYS E 264 -18.38 -29.60 -34.26
N SER E 265 -18.37 -29.30 -35.55
CA SER E 265 -17.96 -28.01 -36.08
C SER E 265 -18.83 -27.65 -37.26
N LEU E 266 -18.71 -26.40 -37.69
CA LEU E 266 -19.55 -25.90 -38.79
C LEU E 266 -19.27 -26.68 -40.07
N TRP E 267 -20.31 -26.83 -40.88
CA TRP E 267 -20.17 -27.51 -42.16
C TRP E 267 -19.26 -26.72 -43.08
N LEU E 268 -18.37 -27.43 -43.79
CA LEU E 268 -17.50 -26.76 -44.75
C LEU E 268 -18.31 -26.13 -45.87
N THR E 269 -19.38 -26.79 -46.29
CA THR E 269 -20.25 -26.20 -47.31
C THR E 269 -20.98 -24.98 -46.77
N ASP E 270 -21.27 -24.93 -45.47
CA ASP E 270 -21.84 -23.73 -44.87
C ASP E 270 -20.87 -22.56 -44.96
N MET E 271 -19.60 -22.80 -44.65
CA MET E 271 -18.61 -21.72 -44.61
C MET E 271 -18.26 -21.23 -46.01
N ALA E 272 -18.22 -22.15 -46.99
CA ALA E 272 -18.00 -21.73 -48.37
C ALA E 272 -19.13 -20.83 -48.86
N HIS E 273 -20.37 -21.21 -48.58
CA HIS E 273 -21.51 -20.37 -48.94
C HIS E 273 -21.45 -19.03 -48.21
N HIS E 274 -21.05 -19.05 -46.94
CA HIS E 274 -20.91 -17.82 -46.17
C HIS E 274 -19.91 -16.88 -46.83
N HIS E 275 -18.75 -17.40 -47.19
CA HIS E 275 -17.71 -16.55 -47.78
C HIS E 275 -18.11 -16.10 -49.18
N LEU E 276 -18.84 -16.91 -49.94
CA LEU E 276 -19.32 -16.46 -51.23
C LEU E 276 -20.31 -15.30 -51.09
N ALA E 277 -21.24 -15.41 -50.14
CA ALA E 277 -22.17 -14.33 -49.90
C ALA E 277 -21.45 -13.06 -49.43
N ILE E 278 -20.49 -13.21 -48.53
CA ILE E 278 -19.72 -12.08 -48.04
C ILE E 278 -18.93 -11.44 -49.19
N ALA E 279 -18.37 -12.26 -50.07
CA ALA E 279 -17.61 -11.76 -51.20
C ALA E 279 -18.50 -10.94 -52.12
N VAL E 280 -19.69 -11.47 -52.46
CA VAL E 280 -20.60 -10.73 -53.33
C VAL E 280 -21.00 -9.41 -52.69
N LEU E 281 -21.34 -9.46 -51.39
CA LEU E 281 -21.78 -8.24 -50.71
C LEU E 281 -20.68 -7.19 -50.67
N PHE E 282 -19.44 -7.59 -50.38
CA PHE E 282 -18.37 -6.62 -50.25
C PHE E 282 -17.92 -6.10 -51.60
N ILE E 283 -17.94 -6.95 -52.64
CA ILE E 283 -17.62 -6.47 -53.97
C ILE E 283 -18.65 -5.45 -54.43
N VAL E 284 -19.93 -5.71 -54.13
CA VAL E 284 -20.97 -4.73 -54.44
C VAL E 284 -20.74 -3.43 -53.68
N ALA E 285 -20.47 -3.54 -52.37
CA ALA E 285 -20.30 -2.36 -51.53
C ALA E 285 -19.04 -1.59 -51.85
N GLY E 286 -18.10 -2.19 -52.57
CA GLY E 286 -16.87 -1.50 -52.92
C GLY E 286 -16.97 -0.53 -54.07
N HIS E 287 -18.16 -0.38 -54.66
CA HIS E 287 -18.39 0.55 -55.75
C HIS E 287 -19.08 1.82 -55.28
N MET E 288 -19.15 2.04 -53.97
CA MET E 288 -19.96 3.13 -53.44
C MET E 288 -19.34 4.50 -53.72
N TYR E 289 -18.03 4.63 -53.52
CA TYR E 289 -17.39 5.93 -53.52
C TYR E 289 -16.87 6.30 -54.89
N ARG E 290 -16.77 7.61 -55.14
CA ARG E 290 -16.50 8.14 -56.46
C ARG E 290 -15.02 8.02 -56.82
N THR E 291 -14.77 7.71 -58.08
CA THR E 291 -13.42 7.62 -58.63
C THR E 291 -13.46 8.26 -60.01
N ASN E 292 -12.46 7.95 -60.84
CA ASN E 292 -12.22 8.67 -62.09
C ASN E 292 -13.33 8.51 -63.13
N TRP E 293 -14.43 7.84 -62.80
CA TRP E 293 -15.47 7.55 -63.78
C TRP E 293 -16.82 8.17 -63.42
N LEU E 294 -16.81 9.32 -62.76
CA LEU E 294 -17.93 10.24 -62.63
C LEU E 294 -19.10 9.73 -61.81
N ILE E 295 -19.08 8.48 -61.35
CA ILE E 295 -20.17 7.95 -60.54
C ILE E 295 -19.61 7.48 -59.22
N GLY E 296 -20.44 7.56 -58.18
CA GLY E 296 -20.05 7.20 -56.85
C GLY E 296 -20.39 8.31 -55.88
N HIS E 297 -19.75 8.27 -54.72
CA HIS E 297 -20.02 9.22 -53.64
C HIS E 297 -18.77 10.00 -53.28
N GLN E 298 -18.97 11.26 -52.92
CA GLN E 298 -17.94 12.09 -52.32
C GLN E 298 -18.29 12.21 -50.84
N MET E 299 -17.48 11.57 -49.99
CA MET E 299 -17.84 11.45 -48.58
C MET E 299 -17.85 12.78 -47.86
N LYS E 300 -17.13 13.78 -48.38
CA LYS E 300 -17.25 15.13 -47.82
C LYS E 300 -18.68 15.63 -47.92
N LEU E 301 -19.32 15.43 -49.07
CA LEU E 301 -20.70 15.84 -49.24
C LEU E 301 -21.64 15.06 -48.34
N ILE E 302 -21.42 13.74 -48.21
CA ILE E 302 -22.25 12.92 -47.35
C ILE E 302 -22.16 13.41 -45.91
N LEU E 303 -20.94 13.65 -45.43
CA LEU E 303 -20.77 14.12 -44.06
C LEU E 303 -21.39 15.50 -43.86
N GLU E 304 -21.20 16.40 -44.81
CA GLU E 304 -21.70 17.76 -44.65
C GLU E 304 -23.21 17.83 -44.71
N ALA E 305 -23.84 16.96 -45.51
CA ALA E 305 -25.30 17.02 -45.67
C ALA E 305 -26.05 16.39 -44.51
N HIS E 306 -25.35 15.76 -43.56
CA HIS E 306 -26.00 15.02 -42.48
C HIS E 306 -26.08 15.90 -41.23
N ARG E 307 -27.02 16.84 -41.26
CA ARG E 307 -27.35 17.67 -40.12
C ARG E 307 -28.85 17.53 -39.87
N PRO E 308 -29.28 17.04 -38.71
CA PRO E 308 -30.71 16.93 -38.44
C PRO E 308 -31.40 18.27 -38.57
N PRO E 309 -32.57 18.30 -39.22
CA PRO E 309 -33.19 19.60 -39.52
C PRO E 309 -33.67 20.35 -38.29
N GLY E 310 -34.27 19.66 -37.33
CA GLY E 310 -34.66 20.33 -36.10
C GLY E 310 -33.47 20.90 -35.37
N GLY E 311 -32.37 20.16 -35.32
CA GLY E 311 -31.12 20.63 -34.78
C GLY E 311 -30.89 20.13 -33.38
N ARG E 312 -30.15 19.04 -33.27
CA ARG E 312 -29.75 18.50 -31.97
C ARG E 312 -28.31 18.02 -31.96
N LEU E 313 -27.67 17.87 -33.13
CA LEU E 313 -26.25 17.56 -33.23
C LEU E 313 -25.44 18.78 -33.64
N GLY E 314 -25.98 19.97 -33.46
CA GLY E 314 -25.27 21.17 -33.87
C GLY E 314 -25.37 21.37 -35.35
N ILE E 315 -24.22 21.52 -36.00
CA ILE E 315 -24.17 21.67 -37.46
C ILE E 315 -23.95 20.35 -38.16
N GLY E 316 -23.91 19.24 -37.44
CA GLY E 316 -23.76 17.93 -38.06
C GLY E 316 -22.32 17.46 -38.15
N HIS E 317 -21.96 16.88 -39.29
CA HIS E 317 -20.65 16.29 -39.50
C HIS E 317 -19.84 17.06 -40.55
N ILE E 318 -20.03 18.38 -40.62
CA ILE E 318 -19.46 19.17 -41.72
C ILE E 318 -17.94 19.14 -41.69
N GLY E 319 -17.35 19.32 -40.51
CA GLY E 319 -15.91 19.38 -40.38
C GLY E 319 -15.22 18.07 -40.13
N LEU E 320 -15.95 16.95 -40.19
CA LEU E 320 -15.36 15.67 -39.86
C LEU E 320 -14.46 15.13 -40.96
N TYR E 321 -14.73 15.45 -42.21
CA TYR E 321 -13.93 14.91 -43.30
C TYR E 321 -12.49 15.38 -43.21
N GLU E 322 -12.29 16.70 -43.11
CA GLU E 322 -10.94 17.24 -42.98
C GLU E 322 -10.31 16.85 -41.64
N THR E 323 -11.13 16.67 -40.60
CA THR E 323 -10.61 16.27 -39.30
C THR E 323 -10.01 14.88 -39.35
N ILE E 324 -10.75 13.92 -39.92
CA ILE E 324 -10.26 12.54 -39.99
C ILE E 324 -9.13 12.42 -41.00
N THR E 325 -9.28 13.06 -42.16
CA THR E 325 -8.28 12.91 -43.22
C THR E 325 -6.91 13.40 -42.77
N ASN E 326 -6.86 14.54 -42.08
CA ASN E 326 -5.60 15.16 -41.70
C ASN E 326 -5.02 14.60 -40.40
N SER E 327 -5.72 13.69 -39.73
CA SER E 327 -5.25 13.11 -38.48
C SER E 327 -5.07 11.61 -38.63
N LEU E 328 -3.87 11.12 -38.33
CA LEU E 328 -3.60 9.70 -38.33
C LEU E 328 -3.95 9.03 -37.02
N HIS E 329 -4.19 9.80 -35.96
CA HIS E 329 -4.59 9.22 -34.68
C HIS E 329 -6.09 8.97 -34.60
N PHE E 330 -6.91 9.80 -35.26
CA PHE E 330 -8.33 9.52 -35.36
C PHE E 330 -8.57 8.21 -36.11
N GLN E 331 -7.92 8.05 -37.27
CA GLN E 331 -8.06 6.83 -38.04
C GLN E 331 -7.52 5.63 -37.28
N LEU E 332 -6.39 5.79 -36.60
CA LEU E 332 -5.83 4.70 -35.82
C LEU E 332 -6.77 4.30 -34.70
N GLY E 333 -7.37 5.27 -34.01
CA GLY E 333 -8.31 4.95 -32.97
C GLY E 333 -9.54 4.23 -33.49
N LEU E 334 -10.07 4.69 -34.63
CA LEU E 334 -11.21 4.00 -35.23
C LEU E 334 -10.87 2.57 -35.61
N ALA E 335 -9.70 2.38 -36.24
CA ALA E 335 -9.29 1.04 -36.63
C ALA E 335 -9.07 0.14 -35.43
N LEU E 336 -8.48 0.67 -34.37
CA LEU E 336 -8.23 -0.13 -33.17
C LEU E 336 -9.54 -0.50 -32.49
N ALA E 337 -10.50 0.43 -32.43
CA ALA E 337 -11.80 0.09 -31.84
C ALA E 337 -12.51 -0.98 -32.65
N ALA E 338 -12.49 -0.85 -33.97
CA ALA E 338 -13.12 -1.87 -34.81
C ALA E 338 -12.44 -3.21 -34.66
N LEU E 339 -11.11 -3.22 -34.61
CA LEU E 339 -10.38 -4.47 -34.44
C LEU E 339 -10.65 -5.10 -33.08
N GLY E 340 -10.75 -4.28 -32.03
CA GLY E 340 -11.08 -4.81 -30.72
C GLY E 340 -12.45 -5.45 -30.68
N VAL E 341 -13.45 -4.79 -31.27
CA VAL E 341 -14.77 -5.39 -31.35
C VAL E 341 -14.72 -6.67 -32.18
N ALA E 342 -13.97 -6.66 -33.28
CA ALA E 342 -13.90 -7.82 -34.15
C ALA E 342 -13.27 -9.02 -33.44
N THR E 343 -12.18 -8.80 -32.70
CA THR E 343 -11.54 -9.92 -32.02
C THR E 343 -12.33 -10.36 -30.79
N SER E 344 -13.06 -9.45 -30.13
CA SER E 344 -14.03 -9.88 -29.14
C SER E 344 -15.07 -10.79 -29.78
N LEU E 345 -15.52 -10.44 -31.00
CA LEU E 345 -16.46 -11.28 -31.73
C LEU E 345 -15.86 -12.64 -32.04
N THR E 346 -14.59 -12.67 -32.46
CA THR E 346 -13.92 -13.94 -32.73
C THR E 346 -13.89 -14.80 -31.49
N ALA E 347 -13.50 -14.22 -30.35
CA ALA E 347 -13.46 -14.98 -29.10
C ALA E 347 -14.84 -15.51 -28.73
N GLN E 348 -15.88 -14.66 -28.86
CA GLN E 348 -17.21 -15.07 -28.43
C GLN E 348 -17.88 -16.05 -29.40
N HIS E 349 -17.41 -16.12 -30.64
CA HIS E 349 -18.06 -17.01 -31.60
C HIS E 349 -17.30 -18.28 -31.88
N MET E 350 -15.98 -18.29 -31.69
CA MET E 350 -15.21 -19.50 -31.97
C MET E 350 -15.33 -20.54 -30.86
N TYR E 351 -15.93 -20.21 -29.73
CA TYR E 351 -16.25 -21.19 -28.71
C TYR E 351 -17.70 -21.65 -28.78
N ALA E 352 -18.63 -20.74 -29.08
CA ALA E 352 -20.03 -21.12 -29.22
C ALA E 352 -20.27 -21.84 -30.54
N LEU E 353 -19.58 -21.40 -31.61
CA LEU E 353 -19.73 -21.97 -32.94
C LEU E 353 -18.34 -22.37 -33.42
N PRO E 354 -17.82 -23.50 -32.93
CA PRO E 354 -16.47 -23.93 -33.34
C PRO E 354 -16.42 -24.19 -34.83
N PRO E 355 -15.51 -23.53 -35.55
CA PRO E 355 -15.45 -23.66 -37.00
C PRO E 355 -14.50 -24.72 -37.53
N TYR E 356 -13.66 -25.31 -36.67
CA TYR E 356 -12.63 -26.22 -37.11
C TYR E 356 -12.90 -27.63 -36.58
N ALA E 357 -12.55 -28.63 -37.38
CA ALA E 357 -12.83 -30.01 -37.03
C ALA E 357 -12.09 -30.42 -35.78
N PHE E 358 -12.81 -31.06 -34.86
CA PHE E 358 -12.26 -31.63 -33.62
C PHE E 358 -11.65 -30.57 -32.70
N LEU E 359 -11.97 -29.30 -32.93
CA LEU E 359 -11.52 -28.24 -32.04
C LEU E 359 -12.36 -28.15 -30.77
N ALA E 360 -13.61 -28.62 -30.83
CA ALA E 360 -14.47 -28.56 -29.64
C ALA E 360 -13.95 -29.45 -28.53
N SER E 361 -13.34 -30.59 -28.87
CA SER E 361 -12.83 -31.52 -27.88
C SER E 361 -11.41 -31.19 -27.43
N ASN E 362 -10.81 -30.13 -27.96
CA ASN E 362 -9.46 -29.70 -27.56
C ASN E 362 -9.63 -28.59 -26.52
N PHE E 363 -9.94 -29.01 -25.30
CA PHE E 363 -10.26 -28.05 -24.23
C PHE E 363 -9.11 -27.08 -23.93
N PRO E 364 -7.85 -27.51 -23.77
CA PRO E 364 -6.78 -26.53 -23.51
C PRO E 364 -6.65 -25.50 -24.60
N THR E 365 -6.76 -25.90 -25.87
CA THR E 365 -6.66 -24.93 -26.96
C THR E 365 -7.87 -24.02 -27.01
N GLN E 366 -9.06 -24.54 -26.67
CA GLN E 366 -10.24 -23.68 -26.58
C GLN E 366 -10.02 -22.58 -25.55
N ALA E 367 -9.59 -22.95 -24.35
CA ALA E 367 -9.35 -21.96 -23.30
C ALA E 367 -8.27 -20.98 -23.70
N ALA E 368 -7.18 -21.49 -24.28
CA ALA E 368 -6.08 -20.61 -24.68
C ALA E 368 -6.52 -19.63 -25.75
N LEU E 369 -7.28 -20.10 -26.75
CA LEU E 369 -7.73 -19.22 -27.81
C LEU E 369 -8.66 -18.14 -27.28
N TYR E 370 -9.62 -18.52 -26.44
CA TYR E 370 -10.55 -17.53 -25.92
C TYR E 370 -9.82 -16.49 -25.08
N THR E 371 -8.93 -16.95 -24.20
CA THR E 371 -8.19 -16.02 -23.35
C THR E 371 -7.31 -15.09 -24.19
N HIS E 372 -6.59 -15.65 -25.17
CA HIS E 372 -5.72 -14.86 -26.02
C HIS E 372 -6.51 -13.77 -26.74
N HIS E 373 -7.63 -14.15 -27.35
CA HIS E 373 -8.38 -13.18 -28.14
C HIS E 373 -9.05 -12.14 -27.26
N GLN E 374 -9.51 -12.51 -26.06
CA GLN E 374 -10.09 -11.50 -25.18
C GLN E 374 -9.05 -10.52 -24.67
N TYR E 375 -7.84 -11.00 -24.35
CA TYR E 375 -6.79 -10.08 -23.93
C TYR E 375 -6.39 -9.16 -25.07
N ILE E 376 -6.28 -9.69 -26.29
CA ILE E 376 -5.98 -8.84 -27.44
C ILE E 376 -7.08 -7.82 -27.65
N ALA E 377 -8.33 -8.21 -27.41
CA ALA E 377 -9.45 -7.30 -27.54
C ALA E 377 -9.35 -6.14 -26.57
N GLY E 378 -9.06 -6.45 -25.30
CA GLY E 378 -8.90 -5.39 -24.32
C GLY E 378 -7.77 -4.46 -24.67
N PHE E 379 -6.64 -5.02 -25.12
CA PHE E 379 -5.52 -4.19 -25.53
C PHE E 379 -5.90 -3.25 -26.67
N LEU E 380 -6.61 -3.79 -27.67
CA LEU E 380 -6.99 -2.98 -28.83
C LEU E 380 -7.97 -1.88 -28.43
N MET E 381 -8.90 -2.17 -27.54
CA MET E 381 -9.84 -1.15 -27.10
C MET E 381 -9.14 -0.03 -26.35
N VAL E 382 -8.23 -0.39 -25.45
CA VAL E 382 -7.49 0.63 -24.71
C VAL E 382 -6.63 1.45 -25.66
N GLY E 383 -6.06 0.81 -26.68
CA GLY E 383 -5.29 1.54 -27.66
C GLY E 383 -6.13 2.51 -28.48
N ALA E 384 -7.34 2.09 -28.83
CA ALA E 384 -8.25 2.97 -29.56
C ALA E 384 -8.55 4.21 -28.74
N PHE E 385 -8.85 4.03 -27.46
CA PHE E 385 -9.16 5.20 -26.63
C PHE E 385 -7.92 6.07 -26.40
N ALA E 386 -6.76 5.45 -26.24
CA ALA E 386 -5.53 6.21 -26.07
C ALA E 386 -5.24 7.06 -27.30
N HIS E 387 -5.46 6.50 -28.50
CA HIS E 387 -5.20 7.27 -29.71
C HIS E 387 -6.27 8.32 -29.95
N GLY E 388 -7.50 8.09 -29.47
CA GLY E 388 -8.46 9.18 -29.45
C GLY E 388 -8.01 10.34 -28.59
N ALA E 389 -7.47 10.03 -27.41
CA ALA E 389 -6.92 11.08 -26.56
C ALA E 389 -5.75 11.79 -27.23
N ILE E 390 -4.88 11.04 -27.91
CA ILE E 390 -3.76 11.65 -28.61
C ILE E 390 -4.26 12.57 -29.71
N PHE E 391 -5.31 12.15 -30.43
CA PHE E 391 -5.91 13.02 -31.44
C PHE E 391 -6.43 14.30 -30.83
N PHE E 392 -7.09 14.20 -29.67
CA PHE E 392 -7.56 15.40 -28.99
C PHE E 392 -6.40 16.32 -28.64
N VAL E 393 -5.29 15.75 -28.16
CA VAL E 393 -4.17 16.58 -27.71
C VAL E 393 -3.52 17.28 -28.89
N ARG E 394 -3.19 16.54 -29.95
CA ARG E 394 -2.25 17.02 -30.96
C ARG E 394 -2.81 17.19 -32.36
N ASP E 395 -4.00 16.65 -32.65
CA ASP E 395 -4.56 16.75 -33.99
C ASP E 395 -5.88 17.50 -34.06
N TYR E 396 -6.60 17.64 -32.95
CA TYR E 396 -7.91 18.28 -32.98
C TYR E 396 -7.78 19.78 -33.17
N ASP E 397 -8.55 20.33 -34.09
CA ASP E 397 -8.59 21.77 -34.34
C ASP E 397 -10.01 22.28 -34.13
N PRO E 398 -10.27 23.07 -33.09
CA PRO E 398 -11.63 23.55 -32.86
C PRO E 398 -12.18 24.40 -34.00
N ALA E 399 -11.32 25.11 -34.74
CA ALA E 399 -11.79 25.97 -35.81
C ALA E 399 -12.42 25.17 -36.94
N VAL E 400 -11.83 24.02 -37.28
CA VAL E 400 -12.36 23.19 -38.36
C VAL E 400 -13.71 22.62 -37.97
N ASN E 401 -13.87 22.24 -36.71
CA ASN E 401 -15.10 21.63 -36.22
C ASN E 401 -16.11 22.64 -35.73
N THR E 402 -15.97 23.90 -36.12
CA THR E 402 -16.89 24.97 -35.70
C THR E 402 -17.22 25.83 -36.90
N ARG E 403 -18.50 26.14 -37.08
CA ARG E 403 -18.96 27.01 -38.15
C ARG E 403 -19.81 28.12 -37.55
N ASN E 404 -19.28 29.33 -37.52
CA ASN E 404 -19.99 30.53 -37.04
C ASN E 404 -20.49 30.33 -35.61
N GLY E 405 -19.59 29.91 -34.73
CA GLY E 405 -19.92 29.75 -33.33
C GLY E 405 -20.50 28.40 -33.00
N GLU E 406 -21.40 27.90 -33.84
CA GLU E 406 -21.98 26.57 -33.64
C GLU E 406 -20.92 25.49 -33.87
N LYS E 407 -21.00 24.43 -33.08
CA LYS E 407 -20.01 23.36 -33.10
C LYS E 407 -20.59 22.11 -33.74
N ASN E 408 -19.71 21.35 -34.40
CA ASN E 408 -20.14 20.15 -35.12
C ASN E 408 -20.34 19.00 -34.14
N VAL E 409 -20.55 17.80 -34.69
CA VAL E 409 -20.91 16.66 -33.86
C VAL E 409 -19.75 16.26 -32.94
N LEU E 410 -18.51 16.46 -33.38
CA LEU E 410 -17.37 16.08 -32.55
C LEU E 410 -17.04 17.15 -31.53
N ALA E 411 -17.06 18.42 -31.94
CA ALA E 411 -16.77 19.50 -31.01
C ALA E 411 -17.79 19.60 -29.88
N ARG E 412 -19.02 19.16 -30.12
CA ARG E 412 -20.05 19.17 -29.08
C ARG E 412 -19.80 18.12 -28.01
N MET E 413 -18.94 17.13 -28.27
CA MET E 413 -18.60 16.16 -27.24
C MET E 413 -17.77 16.77 -26.13
N LEU E 414 -17.11 17.89 -26.39
CA LEU E 414 -16.35 18.60 -25.37
C LEU E 414 -17.18 19.63 -24.63
N GLU E 415 -18.44 19.85 -25.05
CA GLU E 415 -19.31 20.79 -24.34
C GLU E 415 -20.05 20.10 -23.19
N HIS E 416 -20.65 18.94 -23.44
CA HIS E 416 -21.25 18.12 -22.39
C HIS E 416 -20.30 17.04 -21.90
N LYS E 417 -18.99 17.30 -21.95
CA LYS E 417 -18.02 16.34 -21.43
C LYS E 417 -18.25 16.07 -19.96
N GLU E 418 -18.60 17.10 -19.19
CA GLU E 418 -18.88 16.90 -17.78
C GLU E 418 -20.10 16.00 -17.59
N ALA E 419 -21.13 16.18 -18.42
CA ALA E 419 -22.29 15.31 -18.35
C ALA E 419 -21.91 13.86 -18.66
N ILE E 420 -21.11 13.66 -19.71
CA ILE E 420 -20.70 12.31 -20.08
C ILE E 420 -19.91 11.66 -18.95
N ILE E 421 -18.94 12.39 -18.40
CA ILE E 421 -18.10 11.82 -17.36
C ILE E 421 -18.90 11.56 -16.09
N SER E 422 -19.80 12.49 -15.74
CA SER E 422 -20.62 12.32 -14.55
C SER E 422 -21.52 11.11 -14.67
N HIS E 423 -22.11 10.89 -15.84
CA HIS E 423 -23.00 9.75 -15.99
C HIS E 423 -22.24 8.44 -16.10
N LEU E 424 -21.05 8.44 -16.71
CA LEU E 424 -20.20 7.26 -16.66
C LEU E 424 -19.83 6.93 -15.21
N SER E 425 -19.49 7.95 -14.42
CA SER E 425 -19.19 7.74 -13.01
C SER E 425 -20.40 7.19 -12.26
N TRP E 426 -21.59 7.72 -12.55
CA TRP E 426 -22.79 7.24 -11.88
C TRP E 426 -23.05 5.77 -12.22
N VAL E 427 -22.93 5.40 -13.50
CA VAL E 427 -23.16 4.01 -13.88
C VAL E 427 -22.13 3.10 -13.23
N SER E 428 -20.87 3.52 -13.22
CA SER E 428 -19.83 2.71 -12.61
C SER E 428 -20.09 2.52 -11.11
N LEU E 429 -20.43 3.60 -10.42
CA LEU E 429 -20.70 3.50 -8.99
C LEU E 429 -21.94 2.64 -8.73
N PHE E 430 -22.99 2.81 -9.53
CA PHE E 430 -24.21 2.02 -9.39
C PHE E 430 -23.90 0.53 -9.51
N LEU E 431 -23.25 0.15 -10.62
CA LEU E 431 -22.95 -1.25 -10.86
C LEU E 431 -22.01 -1.81 -9.81
N GLY E 432 -20.96 -1.07 -9.46
CA GLY E 432 -20.02 -1.56 -8.47
C GLY E 432 -20.65 -1.75 -7.11
N PHE E 433 -21.34 -0.71 -6.62
CA PHE E 433 -22.02 -0.79 -5.34
C PHE E 433 -22.93 -2.01 -5.29
N HIS E 434 -23.75 -2.21 -6.31
CA HIS E 434 -24.80 -3.21 -6.16
C HIS E 434 -24.30 -4.61 -6.49
N THR E 435 -23.41 -4.76 -7.47
CA THR E 435 -22.81 -6.07 -7.71
C THR E 435 -22.00 -6.53 -6.51
N LEU E 436 -21.18 -5.64 -5.94
CA LEU E 436 -20.43 -6.01 -4.75
C LEU E 436 -21.36 -6.26 -3.57
N GLY E 437 -22.46 -5.49 -3.46
CA GLY E 437 -23.40 -5.71 -2.38
C GLY E 437 -24.05 -7.08 -2.44
N ILE E 438 -24.51 -7.46 -3.64
CA ILE E 438 -25.14 -8.78 -3.79
C ILE E 438 -24.12 -9.88 -3.58
N TYR E 439 -22.91 -9.71 -4.10
CA TYR E 439 -21.88 -10.75 -3.92
C TYR E 439 -21.53 -10.92 -2.45
N VAL E 440 -21.35 -9.81 -1.72
CA VAL E 440 -21.00 -9.89 -0.31
C VAL E 440 -22.18 -10.39 0.52
N HIS E 441 -23.42 -10.05 0.13
CA HIS E 441 -24.59 -10.60 0.78
C HIS E 441 -24.60 -12.11 0.65
N ASN E 442 -24.34 -12.61 -0.55
CA ASN E 442 -24.27 -14.06 -0.74
C ASN E 442 -23.12 -14.67 0.06
N ASP E 443 -21.97 -14.00 0.08
CA ASP E 443 -20.83 -14.47 0.87
C ASP E 443 -21.23 -14.64 2.34
N VAL E 444 -21.78 -13.59 2.94
CA VAL E 444 -22.09 -13.61 4.36
C VAL E 444 -23.19 -14.63 4.65
N VAL E 445 -24.23 -14.66 3.79
CA VAL E 445 -25.37 -15.54 4.03
C VAL E 445 -24.96 -17.00 3.91
N VAL E 446 -24.17 -17.35 2.89
CA VAL E 446 -23.70 -18.73 2.75
C VAL E 446 -22.75 -19.08 3.88
N ALA E 447 -21.86 -18.16 4.26
CA ALA E 447 -20.91 -18.44 5.33
C ALA E 447 -21.63 -18.76 6.63
N PHE E 448 -22.70 -18.04 6.92
CA PHE E 448 -23.48 -18.31 8.13
C PHE E 448 -24.32 -19.58 8.03
N GLY E 449 -24.14 -20.37 6.97
CA GLY E 449 -24.77 -21.67 6.87
C GLY E 449 -26.21 -21.67 6.43
N GLN E 450 -26.68 -20.58 5.83
CA GLN E 450 -28.09 -20.45 5.42
C GLN E 450 -28.15 -20.03 3.96
N PRO E 451 -27.73 -20.89 3.03
CA PRO E 451 -27.66 -20.48 1.62
C PRO E 451 -29.01 -20.11 1.02
N GLU E 452 -30.12 -20.51 1.65
CA GLU E 452 -31.44 -20.21 1.11
C GLU E 452 -31.76 -18.72 1.11
N LYS E 453 -31.07 -17.93 1.93
CA LYS E 453 -31.29 -16.49 1.99
C LYS E 453 -30.48 -15.73 0.94
N GLN E 454 -29.87 -16.42 0.00
CA GLN E 454 -29.12 -15.77 -1.05
C GLN E 454 -30.03 -14.97 -1.97
N ILE E 455 -29.49 -13.90 -2.53
CA ILE E 455 -30.18 -13.12 -3.54
C ILE E 455 -29.70 -13.64 -4.91
N LEU E 456 -30.56 -14.40 -5.57
CA LEU E 456 -30.25 -15.02 -6.86
C LEU E 456 -31.26 -14.53 -7.89
N VAL E 457 -30.81 -13.71 -8.83
CA VAL E 457 -31.67 -13.13 -9.85
C VAL E 457 -31.53 -13.96 -11.12
N GLU E 458 -32.64 -14.51 -11.58
CA GLU E 458 -32.62 -15.29 -12.81
C GLU E 458 -32.43 -14.36 -14.00
N PRO E 459 -31.44 -14.59 -14.85
CA PRO E 459 -31.24 -13.71 -16.01
C PRO E 459 -32.31 -13.90 -17.07
N LEU E 460 -33.51 -13.42 -16.78
CA LEU E 460 -34.64 -13.66 -17.68
C LEU E 460 -34.46 -12.96 -19.03
N PHE E 461 -33.85 -11.78 -19.02
CA PHE E 461 -33.65 -11.05 -20.28
C PHE E 461 -32.75 -11.83 -21.22
N ALA E 462 -31.67 -12.41 -20.70
CA ALA E 462 -30.75 -13.17 -21.54
C ALA E 462 -31.34 -14.53 -21.89
N GLU E 463 -32.04 -15.16 -20.96
CA GLU E 463 -32.74 -16.41 -21.27
C GLU E 463 -33.84 -16.19 -22.29
N TRP E 464 -34.45 -15.00 -22.28
CA TRP E 464 -35.42 -14.65 -23.31
C TRP E 464 -34.78 -14.67 -24.70
N ILE E 465 -33.56 -14.15 -24.80
CA ILE E 465 -32.84 -14.16 -26.08
C ILE E 465 -32.53 -15.58 -26.50
N GLN E 466 -32.10 -16.43 -25.56
CA GLN E 466 -31.81 -17.82 -25.89
C GLN E 466 -33.04 -18.54 -26.42
N ALA E 467 -34.19 -18.30 -25.80
CA ALA E 467 -35.43 -18.90 -26.28
C ALA E 467 -35.81 -18.36 -27.65
N ALA E 468 -35.51 -17.08 -27.91
CA ALA E 468 -35.82 -16.50 -29.20
C ALA E 468 -35.05 -17.17 -30.32
N SER E 469 -33.86 -17.68 -30.04
CA SER E 469 -33.05 -18.38 -31.03
C SER E 469 -33.34 -19.87 -31.10
N GLY E 470 -34.27 -20.37 -30.30
CA GLY E 470 -34.72 -21.74 -30.40
C GLY E 470 -34.46 -22.62 -29.20
N LYS E 471 -33.89 -22.12 -28.11
CA LYS E 471 -33.58 -22.96 -26.96
C LYS E 471 -34.86 -23.22 -26.17
N THR E 472 -35.31 -24.47 -26.17
CA THR E 472 -36.48 -24.87 -25.39
C THR E 472 -36.04 -25.45 -24.04
N LEU E 473 -35.54 -24.54 -23.20
CA LEU E 473 -35.00 -24.93 -21.91
C LEU E 473 -35.62 -24.10 -20.80
N TYR E 474 -36.06 -22.88 -21.13
CA TYR E 474 -36.63 -21.96 -20.17
C TYR E 474 -38.14 -21.84 -20.27
N ASN E 475 -38.77 -22.65 -21.12
CA ASN E 475 -40.22 -22.69 -21.27
C ASN E 475 -40.79 -21.31 -21.58
N PHE E 476 -40.22 -20.66 -22.59
CA PHE E 476 -40.69 -19.35 -23.02
C PHE E 476 -41.60 -19.41 -24.24
N ASP E 477 -41.37 -20.36 -25.15
CA ASP E 477 -42.23 -20.56 -26.32
C ASP E 477 -42.36 -19.26 -27.12
N LEU E 478 -41.22 -18.63 -27.40
CA LEU E 478 -41.26 -17.24 -27.84
C LEU E 478 -41.24 -17.05 -29.35
N LEU E 479 -40.12 -17.34 -30.01
CA LEU E 479 -40.06 -17.13 -31.46
C LEU E 479 -39.65 -18.39 -32.22
N LEU E 480 -38.49 -18.94 -31.86
CA LEU E 480 -38.02 -20.18 -32.46
C LEU E 480 -38.21 -21.37 -31.53
N ALA E 481 -38.49 -21.13 -30.25
CA ALA E 481 -38.98 -22.17 -29.38
C ALA E 481 -40.41 -22.57 -29.70
N SER E 482 -41.09 -21.79 -30.55
CA SER E 482 -42.43 -22.10 -31.02
C SER E 482 -42.37 -22.57 -32.47
N SER E 483 -43.11 -23.62 -32.77
CA SER E 483 -43.19 -24.14 -34.14
C SER E 483 -44.23 -23.42 -34.98
N ASN E 484 -45.05 -22.56 -34.38
CA ASN E 484 -46.11 -21.85 -35.10
C ASN E 484 -45.78 -20.40 -35.37
N SER E 485 -44.72 -19.85 -34.75
CA SER E 485 -44.36 -18.47 -34.96
C SER E 485 -43.87 -18.27 -36.40
N PRO E 486 -44.12 -17.10 -36.98
CA PRO E 486 -43.65 -16.85 -38.36
C PRO E 486 -42.15 -16.96 -38.51
N ALA E 487 -41.38 -16.70 -37.45
CA ALA E 487 -39.94 -16.85 -37.53
C ALA E 487 -39.52 -18.29 -37.76
N SER E 488 -40.28 -19.25 -37.21
CA SER E 488 -39.93 -20.66 -37.38
C SER E 488 -40.43 -21.21 -38.71
N VAL E 489 -41.67 -20.89 -39.10
CA VAL E 489 -42.19 -21.39 -40.35
C VAL E 489 -41.36 -20.90 -41.53
N ALA E 490 -40.77 -19.71 -41.41
CA ALA E 490 -40.03 -19.12 -42.52
C ALA E 490 -38.77 -19.92 -42.86
N SER E 491 -38.04 -20.40 -41.85
CA SER E 491 -36.80 -21.13 -42.07
C SER E 491 -36.92 -22.60 -41.71
N SER E 492 -38.13 -23.13 -41.61
CA SER E 492 -38.31 -24.53 -41.25
C SER E 492 -37.71 -25.46 -42.28
N GLN E 493 -37.46 -24.98 -43.49
CA GLN E 493 -36.92 -25.79 -44.57
C GLN E 493 -35.49 -25.42 -44.95
N LEU E 494 -34.87 -24.45 -44.29
CA LEU E 494 -33.55 -23.98 -44.70
C LEU E 494 -32.47 -24.29 -43.69
N TRP E 495 -32.58 -23.79 -42.45
CA TRP E 495 -31.51 -24.00 -41.48
C TRP E 495 -31.97 -24.23 -40.05
N LEU E 496 -33.28 -24.26 -39.77
CA LEU E 496 -33.71 -24.58 -38.41
C LEU E 496 -33.36 -25.99 -37.98
N PRO E 497 -33.60 -27.04 -38.77
CA PRO E 497 -33.29 -28.40 -38.26
C PRO E 497 -31.86 -28.56 -37.82
N GLY E 498 -30.91 -27.97 -38.54
CA GLY E 498 -29.53 -27.98 -38.08
C GLY E 498 -29.32 -27.09 -36.88
N TRP E 499 -29.90 -25.89 -36.89
CA TRP E 499 -29.68 -24.94 -35.80
C TRP E 499 -30.33 -25.42 -34.51
N LEU E 500 -31.57 -25.90 -34.59
CA LEU E 500 -32.27 -26.37 -33.39
C LEU E 500 -31.58 -27.58 -32.79
N SER E 501 -31.10 -28.50 -33.64
CA SER E 501 -30.40 -29.67 -33.14
C SER E 501 -29.11 -29.33 -32.42
N ALA E 502 -28.50 -28.18 -32.72
CA ALA E 502 -27.27 -27.77 -32.08
C ALA E 502 -27.52 -26.91 -30.84
N ILE E 503 -28.47 -25.97 -30.91
CA ILE E 503 -28.74 -25.12 -29.77
C ILE E 503 -29.35 -25.92 -28.63
N ASN E 504 -30.16 -26.93 -28.94
CA ASN E 504 -30.78 -27.78 -27.92
C ASN E 504 -29.96 -29.06 -27.71
N ASP E 505 -28.72 -28.86 -27.27
CA ASP E 505 -27.81 -29.96 -27.01
C ASP E 505 -26.95 -29.59 -25.81
N GLY E 506 -26.88 -30.48 -24.82
CA GLY E 506 -26.16 -30.18 -23.60
C GLY E 506 -24.65 -30.27 -23.70
N LYS E 507 -24.13 -30.88 -24.76
CA LYS E 507 -22.70 -31.06 -24.93
C LYS E 507 -22.03 -29.91 -25.68
N ASN E 508 -22.81 -29.00 -26.25
CA ASN E 508 -22.26 -27.87 -26.98
C ASN E 508 -21.93 -26.72 -26.04
N SER E 509 -21.20 -25.74 -26.56
CA SER E 509 -21.08 -24.44 -25.93
C SER E 509 -21.98 -23.40 -26.59
N LEU E 510 -22.77 -23.82 -27.59
CA LEU E 510 -23.72 -22.93 -28.26
C LEU E 510 -24.82 -22.54 -27.29
N PHE E 511 -24.81 -21.28 -26.85
CA PHE E 511 -25.82 -20.74 -25.93
C PHE E 511 -25.87 -21.56 -24.65
N LEU E 512 -24.78 -21.48 -23.90
CA LEU E 512 -24.66 -22.24 -22.67
C LEU E 512 -25.79 -21.87 -21.72
N PRO E 513 -26.39 -22.84 -21.03
CA PRO E 513 -27.43 -22.52 -20.05
C PRO E 513 -26.88 -21.60 -18.96
N ILE E 514 -27.71 -20.66 -18.54
CA ILE E 514 -27.28 -19.60 -17.63
C ILE E 514 -28.18 -19.57 -16.41
N GLY E 515 -27.63 -19.07 -15.31
CA GLY E 515 -28.36 -18.93 -14.07
C GLY E 515 -27.98 -17.66 -13.35
N PRO E 516 -28.31 -17.58 -12.05
CA PRO E 516 -27.99 -16.37 -11.29
C PRO E 516 -26.51 -16.03 -11.26
N GLY E 517 -25.63 -17.03 -11.24
CA GLY E 517 -24.21 -16.74 -11.31
C GLY E 517 -23.82 -16.04 -12.58
N ASP E 518 -24.41 -16.46 -13.71
CA ASP E 518 -24.18 -15.77 -14.97
C ASP E 518 -24.67 -14.33 -14.90
N PHE E 519 -25.83 -14.11 -14.27
CA PHE E 519 -26.34 -12.75 -14.09
C PHE E 519 -25.36 -11.88 -13.33
N LEU E 520 -24.89 -12.36 -12.18
CA LEU E 520 -24.00 -11.56 -11.35
C LEU E 520 -22.67 -11.30 -12.06
N VAL E 521 -22.12 -12.31 -12.73
CA VAL E 521 -20.83 -12.10 -13.38
C VAL E 521 -20.98 -11.20 -14.60
N HIS E 522 -22.13 -11.24 -15.28
CA HIS E 522 -22.34 -10.32 -16.38
C HIS E 522 -22.45 -8.89 -15.88
N HIS E 523 -23.05 -8.69 -14.70
CA HIS E 523 -23.08 -7.36 -14.13
C HIS E 523 -21.69 -6.90 -13.71
N ALA E 524 -20.86 -7.82 -13.21
CA ALA E 524 -19.47 -7.48 -12.93
C ALA E 524 -18.72 -7.08 -14.20
N ILE E 525 -18.98 -7.81 -15.29
CA ILE E 525 -18.36 -7.48 -16.57
C ILE E 525 -18.81 -6.10 -17.05
N ALA E 526 -20.10 -5.81 -16.89
CA ALA E 526 -20.62 -4.50 -17.27
C ALA E 526 -19.97 -3.40 -16.45
N LEU E 527 -19.79 -3.64 -15.15
CA LEU E 527 -19.11 -2.67 -14.30
C LEU E 527 -17.68 -2.44 -14.78
N GLY E 528 -16.96 -3.52 -15.11
CA GLY E 528 -15.60 -3.37 -15.59
C GLY E 528 -15.52 -2.58 -16.89
N LEU E 529 -16.41 -2.91 -17.83
CA LEU E 529 -16.45 -2.18 -19.09
C LEU E 529 -16.75 -0.71 -18.86
N HIS E 530 -17.73 -0.42 -18.01
CA HIS E 530 -18.12 0.97 -17.78
C HIS E 530 -17.00 1.75 -17.09
N THR E 531 -16.30 1.12 -16.15
CA THR E 531 -15.23 1.85 -15.46
C THR E 531 -14.03 2.08 -16.37
N THR E 532 -13.65 1.08 -17.17
CA THR E 532 -12.58 1.28 -18.14
C THR E 532 -12.94 2.37 -19.13
N THR E 533 -14.19 2.35 -19.62
CA THR E 533 -14.66 3.39 -20.51
C THR E 533 -14.65 4.76 -19.83
N LEU E 534 -15.02 4.81 -18.55
CA LEU E 534 -15.00 6.07 -17.82
C LEU E 534 -13.60 6.64 -17.77
N ILE E 535 -12.62 5.80 -17.40
CA ILE E 535 -11.25 6.29 -17.31
C ILE E 535 -10.77 6.78 -18.67
N LEU E 536 -11.01 5.98 -19.72
CA LEU E 536 -10.48 6.33 -21.03
C LEU E 536 -11.17 7.55 -21.62
N VAL E 537 -12.50 7.64 -21.48
CA VAL E 537 -13.24 8.79 -21.99
C VAL E 537 -12.89 10.05 -21.22
N LYS E 538 -12.74 9.93 -19.90
CA LYS E 538 -12.31 11.08 -19.11
C LYS E 538 -10.94 11.57 -19.54
N GLY E 539 -10.00 10.65 -19.78
CA GLY E 539 -8.69 11.06 -20.24
C GLY E 539 -8.72 11.68 -21.62
N ALA E 540 -9.58 11.15 -22.50
CA ALA E 540 -9.66 11.68 -23.86
C ALA E 540 -10.27 13.08 -23.87
N LEU E 541 -11.39 13.26 -23.17
CA LEU E 541 -12.08 14.55 -23.19
C LEU E 541 -11.31 15.59 -22.40
N ASP E 542 -10.76 15.21 -21.24
CA ASP E 542 -9.97 16.11 -20.41
C ASP E 542 -8.53 16.24 -20.90
N ALA E 543 -8.21 15.68 -22.07
CA ALA E 543 -6.85 15.73 -22.57
C ALA E 543 -6.43 17.16 -22.89
N ARG E 544 -7.35 17.96 -23.45
CA ARG E 544 -7.00 19.32 -23.86
C ARG E 544 -7.03 20.32 -22.71
N GLY E 545 -7.50 19.93 -21.54
CA GLY E 545 -7.48 20.82 -20.39
C GLY E 545 -8.61 20.52 -19.44
N SER E 546 -8.47 21.04 -18.23
CA SER E 546 -9.47 20.88 -17.17
C SER E 546 -9.40 22.11 -16.28
N LYS E 547 -10.05 22.04 -15.12
CA LYS E 547 -9.96 23.14 -14.17
C LYS E 547 -8.59 23.16 -13.48
N LEU E 548 -8.05 21.98 -13.18
CA LEU E 548 -6.73 21.90 -12.56
C LEU E 548 -5.62 22.27 -13.52
N MET E 549 -5.85 22.15 -14.83
CA MET E 549 -4.82 22.44 -15.83
C MET E 549 -5.51 22.87 -17.12
N PRO E 550 -5.92 24.14 -17.20
CA PRO E 550 -6.66 24.60 -18.39
C PRO E 550 -5.78 24.80 -19.62
N ASP E 551 -4.52 24.41 -19.56
CA ASP E 551 -3.62 24.46 -20.71
C ASP E 551 -2.92 23.12 -20.92
N LYS E 552 -3.61 22.01 -20.62
CA LYS E 552 -2.98 20.70 -20.71
C LYS E 552 -2.57 20.36 -22.12
N LYS E 553 -3.22 20.94 -23.13
CA LYS E 553 -2.85 20.67 -24.51
C LYS E 553 -1.48 21.21 -24.84
N ASP E 554 -1.04 22.26 -24.14
CA ASP E 554 0.28 22.83 -24.38
C ASP E 554 1.41 21.96 -23.84
N PHE E 555 1.10 20.96 -23.03
CA PHE E 555 2.11 20.08 -22.45
C PHE E 555 2.19 18.73 -23.14
N GLY E 556 1.32 18.48 -24.12
CA GLY E 556 1.37 17.24 -24.87
C GLY E 556 0.54 16.13 -24.26
N TYR E 557 0.55 14.99 -24.95
CA TYR E 557 -0.22 13.84 -24.51
C TYR E 557 0.36 13.23 -23.25
N SER E 558 1.69 13.09 -23.19
CA SER E 558 2.36 12.42 -22.09
C SER E 558 3.37 13.37 -21.46
N PHE E 559 3.10 13.77 -20.22
CA PHE E 559 4.02 14.53 -19.40
C PHE E 559 3.86 14.05 -17.97
N PRO E 560 4.89 14.19 -17.14
CA PRO E 560 4.80 13.63 -15.77
C PRO E 560 3.67 14.22 -14.95
N CYS E 561 3.62 15.55 -14.84
CA CYS E 561 2.70 16.22 -13.94
C CYS E 561 2.70 17.71 -14.28
N ASP E 562 2.08 18.51 -13.41
CA ASP E 562 2.22 19.95 -13.43
C ASP E 562 2.82 20.48 -12.14
N GLY E 563 3.36 19.61 -11.29
CA GLY E 563 3.99 20.05 -10.06
C GLY E 563 3.12 19.83 -8.84
N PRO E 564 3.70 20.05 -7.65
CA PRO E 564 2.91 19.92 -6.42
C PRO E 564 1.98 21.09 -6.15
N GLY E 565 2.03 22.14 -6.95
CA GLY E 565 1.18 23.29 -6.73
C GLY E 565 -0.28 23.00 -7.02
N ARG E 566 -1.13 23.93 -6.58
CA ARG E 566 -2.58 23.83 -6.75
C ARG E 566 -3.13 22.56 -6.13
N GLY E 567 -2.52 22.12 -5.03
CA GLY E 567 -2.98 20.94 -4.31
C GLY E 567 -2.31 19.64 -4.71
N GLY E 568 -1.57 19.62 -5.82
CA GLY E 568 -0.96 18.40 -6.30
C GLY E 568 -1.57 17.91 -7.60
N THR E 569 -0.72 17.58 -8.57
CA THR E 569 -1.16 17.25 -9.92
C THR E 569 -0.53 15.94 -10.40
N CYS E 570 -0.54 14.93 -9.54
CA CYS E 570 -0.04 13.62 -9.93
C CYS E 570 -0.97 12.99 -10.97
N ASP E 571 -0.38 12.36 -11.98
CA ASP E 571 -1.13 11.58 -12.97
C ASP E 571 -2.20 12.42 -13.64
N ILE E 572 -1.86 13.66 -14.00
CA ILE E 572 -2.84 14.58 -14.58
C ILE E 572 -2.88 14.53 -16.11
N SER E 573 -1.90 13.91 -16.75
CA SER E 573 -1.86 13.88 -18.20
C SER E 573 -2.84 12.84 -18.75
N ALA E 574 -3.10 12.93 -20.05
CA ALA E 574 -3.96 11.96 -20.71
C ALA E 574 -3.30 10.59 -20.79
N TRP E 575 -1.97 10.55 -20.89
CA TRP E 575 -1.25 9.28 -20.87
C TRP E 575 -1.49 8.55 -19.57
N ASP E 576 -1.56 9.30 -18.46
CA ASP E 576 -1.82 8.69 -17.17
C ASP E 576 -3.21 8.08 -17.10
N ALA E 577 -4.17 8.63 -17.85
CA ALA E 577 -5.49 8.01 -17.92
C ALA E 577 -5.43 6.65 -18.60
N PHE E 578 -4.70 6.56 -19.71
CA PHE E 578 -4.41 5.25 -20.30
C PHE E 578 -3.74 4.33 -19.30
N TYR E 579 -2.77 4.87 -18.56
CA TYR E 579 -2.01 4.05 -17.63
C TYR E 579 -2.91 3.48 -16.54
N LEU E 580 -3.84 4.29 -16.04
CA LEU E 580 -4.78 3.83 -15.02
C LEU E 580 -5.81 2.87 -15.60
N ALA E 581 -6.25 3.12 -16.83
CA ALA E 581 -7.26 2.28 -17.46
C ALA E 581 -6.70 0.94 -17.89
N MET E 582 -5.38 0.81 -18.01
CA MET E 582 -4.81 -0.50 -18.33
C MET E 582 -5.08 -1.50 -17.19
N PHE E 583 -4.98 -1.04 -15.95
CA PHE E 583 -5.29 -1.91 -14.82
C PHE E 583 -6.75 -2.36 -14.87
N TRP E 584 -7.66 -1.44 -15.19
CA TRP E 584 -9.07 -1.80 -15.25
C TRP E 584 -9.38 -2.70 -16.43
N MET E 585 -8.71 -2.51 -17.56
CA MET E 585 -8.85 -3.44 -18.67
C MET E 585 -8.36 -4.83 -18.29
N LEU E 586 -7.21 -4.90 -17.63
CA LEU E 586 -6.71 -6.20 -17.20
C LEU E 586 -7.67 -6.86 -16.23
N ASN E 587 -8.23 -6.09 -15.30
CA ASN E 587 -9.20 -6.63 -14.35
C ASN E 587 -10.46 -7.12 -15.04
N THR E 588 -10.98 -6.34 -15.99
CA THR E 588 -12.20 -6.74 -16.70
C THR E 588 -11.98 -7.98 -17.54
N ILE E 589 -10.85 -8.04 -18.26
CA ILE E 589 -10.55 -9.23 -19.04
C ILE E 589 -10.31 -10.42 -18.12
N GLY E 590 -9.72 -10.19 -16.95
CA GLY E 590 -9.58 -11.26 -15.98
C GLY E 590 -10.91 -11.79 -15.52
N TRP E 591 -11.86 -10.90 -15.24
CA TRP E 591 -13.20 -11.35 -14.86
C TRP E 591 -13.86 -12.14 -15.98
N VAL E 592 -13.76 -11.64 -17.21
CA VAL E 592 -14.38 -12.31 -18.35
C VAL E 592 -13.78 -13.70 -18.55
N THR E 593 -12.45 -13.78 -18.50
CA THR E 593 -11.77 -15.05 -18.74
C THR E 593 -11.97 -16.02 -17.58
N PHE E 594 -12.01 -15.50 -16.35
CA PHE E 594 -12.33 -16.35 -15.19
C PHE E 594 -13.72 -16.96 -15.36
N TYR E 595 -14.70 -16.13 -15.72
CA TYR E 595 -16.05 -16.63 -15.92
C TYR E 595 -16.10 -17.68 -17.01
N TRP E 596 -15.50 -17.38 -18.16
CA TRP E 596 -15.51 -18.33 -19.28
C TRP E 596 -14.84 -19.64 -18.88
N HIS E 597 -13.66 -19.55 -18.28
CA HIS E 597 -12.90 -20.75 -17.98
C HIS E 597 -13.59 -21.59 -16.91
N TRP E 598 -14.14 -20.97 -15.87
CA TRP E 598 -14.83 -21.76 -14.86
C TRP E 598 -16.09 -22.40 -15.43
N LYS E 599 -16.86 -21.64 -16.21
CA LYS E 599 -18.06 -22.22 -16.82
C LYS E 599 -17.70 -23.42 -17.69
N HIS E 600 -16.65 -23.30 -18.49
CA HIS E 600 -16.30 -24.40 -19.38
C HIS E 600 -15.61 -25.55 -18.66
N LEU E 601 -14.87 -25.28 -17.59
CA LEU E 601 -14.32 -26.37 -16.79
C LEU E 601 -15.43 -27.18 -16.14
N THR E 602 -16.46 -26.51 -15.63
CA THR E 602 -17.60 -27.24 -15.06
C THR E 602 -18.37 -27.98 -16.15
N LEU E 603 -18.51 -27.37 -17.33
CA LEU E 603 -19.21 -28.04 -18.43
C LEU E 603 -18.47 -29.29 -18.90
N TRP E 604 -17.14 -29.19 -19.04
CA TRP E 604 -16.36 -30.32 -19.53
C TRP E 604 -16.26 -31.43 -18.49
N GLN E 605 -16.02 -31.06 -17.23
CA GLN E 605 -15.95 -32.06 -16.17
C GLN E 605 -17.31 -32.67 -15.86
N GLY E 606 -18.40 -31.97 -16.16
CA GLY E 606 -19.74 -32.45 -15.92
C GLY E 606 -20.41 -31.90 -14.69
N ASN E 607 -19.64 -31.30 -13.76
CA ASN E 607 -20.20 -30.76 -12.53
C ASN E 607 -20.65 -29.31 -12.71
N GLN E 608 -21.54 -29.11 -13.68
CA GLN E 608 -22.11 -27.79 -13.90
C GLN E 608 -22.90 -27.30 -12.69
N VAL E 609 -23.33 -28.21 -11.82
CA VAL E 609 -23.98 -27.80 -10.58
C VAL E 609 -23.00 -27.12 -9.64
N GLN E 610 -21.69 -27.40 -9.76
CA GLN E 610 -20.70 -26.72 -8.94
C GLN E 610 -20.65 -25.23 -9.27
N PHE E 611 -20.69 -24.88 -10.56
CA PHE E 611 -20.69 -23.47 -10.94
C PHE E 611 -22.01 -22.81 -10.56
N ASN E 612 -23.13 -23.47 -10.88
CA ASN E 612 -24.43 -22.85 -10.69
C ASN E 612 -24.72 -22.53 -9.22
N GLU E 613 -24.07 -23.25 -8.30
CA GLU E 613 -24.27 -23.02 -6.87
C GLU E 613 -23.21 -22.13 -6.26
N SER E 614 -21.94 -22.35 -6.59
CA SER E 614 -20.84 -21.64 -5.96
C SER E 614 -20.46 -20.34 -6.66
N SER E 615 -21.00 -20.06 -7.84
CA SER E 615 -20.62 -18.86 -8.58
C SER E 615 -21.36 -17.61 -8.12
N ASN E 616 -22.29 -17.75 -7.18
CA ASN E 616 -23.08 -16.61 -6.70
C ASN E 616 -22.40 -15.86 -5.57
N TYR E 617 -21.30 -16.37 -5.03
CA TYR E 617 -20.61 -15.71 -3.94
C TYR E 617 -19.10 -15.81 -4.17
N ILE E 618 -18.37 -14.82 -3.63
CA ILE E 618 -16.96 -14.66 -3.98
C ILE E 618 -16.13 -15.84 -3.49
N MET E 619 -16.37 -16.29 -2.26
CA MET E 619 -15.63 -17.43 -1.75
C MET E 619 -15.85 -18.67 -2.60
N GLY E 620 -17.02 -18.78 -3.23
CA GLY E 620 -17.23 -19.86 -4.18
C GLY E 620 -16.21 -19.81 -5.31
N TRP E 621 -16.03 -18.62 -5.89
CA TRP E 621 -14.99 -18.47 -6.91
C TRP E 621 -13.63 -18.83 -6.36
N LEU E 622 -13.24 -18.21 -5.25
CA LEU E 622 -11.89 -18.37 -4.73
C LEU E 622 -11.58 -19.83 -4.40
N ARG E 623 -12.57 -20.56 -3.88
CA ARG E 623 -12.33 -21.92 -3.43
C ARG E 623 -12.45 -22.93 -4.57
N ASP E 624 -13.48 -22.80 -5.42
CA ASP E 624 -13.78 -23.83 -6.39
C ASP E 624 -13.15 -23.60 -7.75
N TYR E 625 -12.78 -22.37 -8.10
CA TYR E 625 -12.05 -22.16 -9.35
C TYR E 625 -10.55 -22.13 -9.07
N LEU E 626 -10.10 -21.11 -8.34
CA LEU E 626 -8.67 -20.88 -8.19
C LEU E 626 -8.02 -21.96 -7.32
N TRP E 627 -8.47 -22.06 -6.07
CA TRP E 627 -7.85 -23.01 -5.14
C TRP E 627 -8.03 -24.45 -5.61
N LEU E 628 -9.17 -24.76 -6.20
CA LEU E 628 -9.43 -26.14 -6.62
C LEU E 628 -8.58 -26.51 -7.84
N ASN E 629 -8.62 -25.68 -8.90
CA ASN E 629 -7.94 -26.05 -10.13
C ASN E 629 -6.47 -25.70 -10.14
N SER E 630 -5.97 -25.01 -9.11
CA SER E 630 -4.54 -24.73 -9.05
C SER E 630 -3.72 -25.91 -8.54
N SER E 631 -4.37 -26.96 -8.04
CA SER E 631 -3.63 -28.11 -7.53
C SER E 631 -2.80 -28.81 -8.59
N PRO E 632 -3.31 -29.15 -9.78
CA PRO E 632 -2.43 -29.76 -10.79
C PRO E 632 -1.27 -28.88 -11.21
N LEU E 633 -1.49 -27.56 -11.26
CA LEU E 633 -0.45 -26.65 -11.75
C LEU E 633 0.71 -26.57 -10.77
N ILE E 634 0.44 -26.36 -9.49
CA ILE E 634 1.51 -26.19 -8.52
C ILE E 634 2.29 -27.49 -8.33
N ASN E 635 1.66 -28.63 -8.56
CA ASN E 635 2.38 -29.91 -8.54
C ASN E 635 2.90 -30.27 -9.92
N GLY E 636 3.56 -29.30 -10.57
CA GLY E 636 4.25 -29.56 -11.82
C GLY E 636 5.64 -30.03 -11.51
N TYR E 637 6.13 -29.66 -10.33
CA TYR E 637 7.36 -30.18 -9.79
C TYR E 637 7.28 -30.06 -8.27
N ASN E 638 7.57 -31.15 -7.58
CA ASN E 638 7.54 -31.23 -6.12
C ASN E 638 8.85 -31.84 -5.66
N PRO E 639 9.10 -31.87 -4.33
CA PRO E 639 10.33 -32.51 -3.85
C PRO E 639 10.44 -33.99 -4.19
N PHE E 640 9.45 -34.54 -4.88
CA PHE E 640 9.44 -35.94 -5.29
C PHE E 640 9.65 -36.16 -6.78
N GLY E 641 9.27 -35.20 -7.62
CA GLY E 641 9.44 -35.37 -9.05
C GLY E 641 8.92 -34.16 -9.80
N MET E 642 8.58 -34.39 -11.07
CA MET E 642 8.05 -33.33 -11.92
C MET E 642 7.26 -33.96 -13.06
N ASN E 643 6.47 -33.12 -13.73
CA ASN E 643 5.62 -33.53 -14.84
C ASN E 643 5.90 -32.61 -16.03
N SER E 644 5.23 -32.88 -17.14
CA SER E 644 5.29 -31.97 -18.29
C SER E 644 4.66 -30.62 -17.98
N LEU E 645 3.91 -30.51 -16.89
CA LEU E 645 3.36 -29.25 -16.42
C LEU E 645 4.35 -28.45 -15.58
N SER E 646 5.60 -28.92 -15.46
CA SER E 646 6.58 -28.20 -14.65
C SER E 646 6.86 -26.82 -15.22
N VAL E 647 6.90 -26.70 -16.54
CA VAL E 647 7.14 -25.39 -17.15
C VAL E 647 6.02 -24.42 -16.81
N TRP E 648 4.80 -24.92 -16.67
CA TRP E 648 3.68 -24.04 -16.36
C TRP E 648 3.74 -23.55 -14.92
N ALA E 649 4.19 -24.39 -13.99
CA ALA E 649 4.38 -23.93 -12.62
C ALA E 649 5.49 -22.89 -12.53
N TRP E 650 6.58 -23.11 -13.27
CA TRP E 650 7.65 -22.12 -13.33
C TRP E 650 7.15 -20.80 -13.90
N MET E 651 6.33 -20.86 -14.96
CA MET E 651 5.75 -19.65 -15.51
C MET E 651 4.78 -18.99 -14.56
N PHE E 652 4.06 -19.78 -13.76
CA PHE E 652 3.19 -19.24 -12.72
C PHE E 652 3.98 -18.40 -11.74
N LEU E 653 5.06 -18.97 -11.20
CA LEU E 653 5.89 -18.23 -10.25
C LEU E 653 6.55 -17.03 -10.92
N PHE E 654 6.97 -17.19 -12.18
CA PHE E 654 7.57 -16.09 -12.92
C PHE E 654 6.59 -14.93 -13.07
N GLY E 655 5.33 -15.23 -13.39
CA GLY E 655 4.33 -14.20 -13.50
C GLY E 655 4.08 -13.50 -12.19
N HIS E 656 4.04 -14.25 -11.09
CA HIS E 656 3.90 -13.62 -9.78
C HIS E 656 5.06 -12.68 -9.49
N LEU E 657 6.28 -13.12 -9.81
CA LEU E 657 7.46 -12.28 -9.57
C LEU E 657 7.43 -11.00 -10.39
N VAL E 658 7.08 -11.10 -11.68
CA VAL E 658 7.02 -9.92 -12.52
C VAL E 658 5.91 -8.98 -12.05
N TRP E 659 4.78 -9.55 -11.61
CA TRP E 659 3.69 -8.75 -11.06
C TRP E 659 4.18 -7.94 -9.85
N ALA E 660 4.91 -8.58 -8.94
CA ALA E 660 5.36 -7.86 -7.76
C ALA E 660 6.48 -6.86 -8.07
N THR E 661 7.30 -7.15 -9.08
CA THR E 661 8.27 -6.14 -9.51
C THR E 661 7.56 -4.92 -10.09
N GLY E 662 6.46 -5.14 -10.81
CA GLY E 662 5.60 -4.04 -11.20
C GLY E 662 5.10 -3.27 -10.00
N PHE E 663 4.71 -4.01 -8.95
CA PHE E 663 4.31 -3.34 -7.71
C PHE E 663 5.43 -2.44 -7.19
N MET E 664 6.67 -2.93 -7.19
CA MET E 664 7.84 -2.07 -6.92
C MET E 664 7.76 -0.77 -7.70
N PHE E 665 7.68 -0.88 -9.02
CA PHE E 665 7.83 0.29 -9.87
C PHE E 665 6.64 1.23 -9.77
N LEU E 666 5.51 0.73 -9.29
CA LEU E 666 4.30 1.54 -9.17
C LEU E 666 4.18 2.22 -7.81
N ILE E 667 4.48 1.51 -6.72
CA ILE E 667 4.33 2.09 -5.38
C ILE E 667 5.45 3.07 -5.08
N SER E 668 6.69 2.62 -5.20
CA SER E 668 7.84 3.48 -4.97
C SER E 668 8.07 4.36 -6.19
N TRP E 669 8.12 5.67 -5.98
CA TRP E 669 8.29 6.64 -7.05
C TRP E 669 9.74 7.13 -7.07
N ARG E 670 10.00 8.13 -7.91
CA ARG E 670 11.35 8.62 -8.12
C ARG E 670 11.79 9.42 -6.90
N GLY E 671 12.94 9.98 -6.97
CA GLY E 671 13.30 10.79 -5.86
C GLY E 671 13.84 9.99 -4.76
N TYR E 672 13.33 8.78 -4.63
CA TYR E 672 13.85 7.93 -3.62
C TYR E 672 14.90 7.08 -4.29
N TRP E 673 14.88 7.06 -5.62
CA TRP E 673 15.78 6.24 -6.31
C TRP E 673 16.85 7.05 -6.90
N GLN E 674 16.69 8.34 -6.96
CA GLN E 674 17.76 9.21 -7.43
C GLN E 674 18.84 9.39 -6.36
N GLU E 675 18.44 9.56 -5.10
CA GLU E 675 19.43 9.71 -4.03
C GLU E 675 20.22 8.42 -3.82
N LEU E 676 19.54 7.27 -3.90
CA LEU E 676 20.25 5.99 -3.80
C LEU E 676 21.24 5.84 -4.94
N ILE E 677 20.85 6.23 -6.15
CA ILE E 677 21.76 6.16 -7.30
C ILE E 677 22.94 7.10 -7.11
N GLU E 678 22.71 8.27 -6.50
CA GLU E 678 23.80 9.18 -6.17
C GLU E 678 24.78 8.54 -5.19
N THR E 679 24.25 7.84 -4.18
CA THR E 679 25.13 7.13 -3.25
C THR E 679 25.95 6.06 -3.97
N ILE E 680 25.31 5.32 -4.87
CA ILE E 680 26.03 4.31 -5.65
C ILE E 680 27.11 4.96 -6.52
N VAL E 681 26.79 6.12 -7.10
CA VAL E 681 27.75 6.84 -7.94
C VAL E 681 28.95 7.25 -7.11
N TRP E 682 28.71 7.78 -5.91
CA TRP E 682 29.83 8.14 -5.03
C TRP E 682 30.67 6.90 -4.70
N ALA E 683 30.01 5.79 -4.39
CA ALA E 683 30.73 4.58 -4.04
C ALA E 683 31.62 4.11 -5.19
N HIS E 684 31.10 4.14 -6.41
CA HIS E 684 31.92 3.75 -7.57
C HIS E 684 33.06 4.73 -7.80
N GLU E 685 32.80 6.03 -7.66
CA GLU E 685 33.83 7.02 -7.91
C GLU E 685 34.94 7.02 -6.86
N ARG E 686 34.65 6.54 -5.64
CA ARG E 686 35.61 6.64 -4.55
C ARG E 686 36.21 5.28 -4.17
N THR E 687 36.18 4.30 -5.07
CA THR E 687 36.75 3.00 -4.77
C THR E 687 37.88 2.66 -5.73
N PRO E 688 39.01 2.18 -5.22
CA PRO E 688 40.11 1.80 -6.10
C PRO E 688 39.79 0.54 -6.90
N LEU E 689 40.53 0.36 -7.98
CA LEU E 689 40.45 -0.80 -8.88
C LEU E 689 39.17 -0.77 -9.70
N ALA E 690 38.28 0.16 -9.39
CA ALA E 690 37.08 0.41 -10.17
C ALA E 690 36.98 1.84 -10.67
N ASN E 691 37.83 2.73 -10.17
CA ASN E 691 37.93 4.07 -10.73
C ASN E 691 38.43 4.05 -12.16
N LEU E 692 39.15 2.99 -12.55
CA LEU E 692 39.63 2.87 -13.93
C LEU E 692 38.49 2.77 -14.92
N VAL E 693 37.31 2.35 -14.47
CA VAL E 693 36.14 2.19 -15.33
C VAL E 693 35.13 3.26 -14.92
N ARG E 694 34.71 4.08 -15.89
CA ARG E 694 33.73 5.13 -15.64
C ARG E 694 32.68 5.11 -16.74
N TRP E 695 31.47 5.49 -16.35
CA TRP E 695 30.34 5.51 -17.29
C TRP E 695 30.48 6.67 -18.27
N LYS E 696 29.90 6.49 -19.45
CA LYS E 696 29.80 7.58 -20.42
C LYS E 696 28.50 8.36 -20.24
N ASP E 697 27.42 7.68 -19.91
CA ASP E 697 26.15 8.32 -19.59
C ASP E 697 25.97 8.33 -18.08
N LYS E 698 25.65 9.49 -17.53
CA LYS E 698 25.49 9.61 -16.08
C LYS E 698 24.29 8.78 -15.64
N PRO E 699 24.47 7.82 -14.74
CA PRO E 699 23.34 6.98 -14.29
C PRO E 699 22.36 7.82 -13.47
N VAL E 700 21.11 7.84 -13.92
CA VAL E 700 20.04 8.55 -13.22
C VAL E 700 18.85 7.62 -13.08
N ALA E 701 17.96 7.97 -12.14
CA ALA E 701 16.76 7.19 -11.93
C ALA E 701 15.81 7.35 -13.13
N LEU E 702 14.98 6.33 -13.33
CA LEU E 702 14.01 6.37 -14.42
C LEU E 702 13.02 7.53 -14.20
N SER E 703 12.61 8.15 -15.30
CA SER E 703 11.69 9.27 -15.20
C SER E 703 10.33 8.80 -14.70
N ILE E 704 9.51 9.76 -14.28
CA ILE E 704 8.21 9.44 -13.68
C ILE E 704 7.34 8.68 -14.68
N VAL E 705 7.24 9.19 -15.90
CA VAL E 705 6.45 8.53 -16.93
C VAL E 705 7.07 7.18 -17.30
N GLN E 706 8.40 7.13 -17.42
CA GLN E 706 9.06 5.87 -17.71
C GLN E 706 8.83 4.87 -16.60
N ALA E 707 8.88 5.31 -15.34
CA ALA E 707 8.64 4.42 -14.23
C ALA E 707 7.22 3.88 -14.25
N ARG E 708 6.25 4.75 -14.55
CA ARG E 708 4.86 4.28 -14.71
C ARG E 708 4.74 3.24 -15.81
N LEU E 709 5.40 3.49 -16.94
CA LEU E 709 5.36 2.54 -18.05
C LEU E 709 5.99 1.21 -17.67
N VAL E 710 7.12 1.25 -16.97
CA VAL E 710 7.83 0.02 -16.61
C VAL E 710 7.02 -0.78 -15.60
N GLY E 711 6.44 -0.10 -14.61
CA GLY E 711 5.57 -0.78 -13.67
C GLY E 711 4.34 -1.38 -14.34
N LEU E 712 3.74 -0.64 -15.27
CA LEU E 712 2.61 -1.18 -16.01
C LEU E 712 3.01 -2.38 -16.85
N ALA E 713 4.19 -2.33 -17.48
CA ALA E 713 4.65 -3.45 -18.30
C ALA E 713 4.88 -4.68 -17.45
N HIS E 714 5.51 -4.51 -16.29
CA HIS E 714 5.71 -5.64 -15.39
C HIS E 714 4.37 -6.20 -14.92
N PHE E 715 3.46 -5.32 -14.50
CA PHE E 715 2.14 -5.73 -14.06
C PHE E 715 1.44 -6.55 -15.13
N THR E 716 1.42 -6.04 -16.36
CA THR E 716 0.71 -6.70 -17.45
C THR E 716 1.37 -8.01 -17.85
N ILE E 717 2.69 -8.03 -17.97
CA ILE E 717 3.39 -9.26 -18.37
C ILE E 717 3.20 -10.34 -17.31
N GLY E 718 3.36 -9.98 -16.03
CA GLY E 718 3.11 -10.95 -14.97
C GLY E 718 1.68 -11.45 -14.97
N TYR E 719 0.72 -10.53 -15.12
CA TYR E 719 -0.69 -10.90 -15.20
C TYR E 719 -0.93 -11.92 -16.29
N VAL E 720 -0.47 -11.61 -17.52
CA VAL E 720 -0.73 -12.48 -18.66
C VAL E 720 -0.05 -13.83 -18.47
N LEU E 721 1.21 -13.82 -18.03
CA LEU E 721 1.95 -15.07 -17.89
C LEU E 721 1.33 -15.96 -16.83
N THR E 722 1.02 -15.40 -15.66
CA THR E 722 0.46 -16.22 -14.60
C THR E 722 -0.90 -16.77 -14.98
N TYR E 723 -1.75 -15.96 -15.65
CA TYR E 723 -3.05 -16.50 -16.01
C TYR E 723 -2.96 -17.53 -17.13
N ALA E 724 -2.07 -17.32 -18.10
CA ALA E 724 -1.90 -18.31 -19.16
C ALA E 724 -1.43 -19.63 -18.57
N ALA E 725 -0.44 -19.57 -17.69
CA ALA E 725 0.04 -20.78 -17.04
C ALA E 725 -1.09 -21.46 -16.27
N PHE E 726 -1.85 -20.70 -15.50
CA PHE E 726 -2.92 -21.30 -14.71
C PHE E 726 -3.96 -21.95 -15.59
N VAL E 727 -4.48 -21.23 -16.58
CA VAL E 727 -5.57 -21.77 -17.38
C VAL E 727 -5.13 -23.02 -18.12
N ILE E 728 -3.95 -22.97 -18.75
CA ILE E 728 -3.48 -24.10 -19.53
C ILE E 728 -3.21 -25.30 -18.63
N ALA E 729 -2.45 -25.10 -17.55
CA ALA E 729 -2.10 -26.20 -16.68
C ALA E 729 -3.31 -26.79 -15.99
N SER E 730 -4.26 -25.94 -15.55
CA SER E 730 -5.45 -26.44 -14.89
C SER E 730 -6.30 -27.27 -15.85
N THR E 731 -6.51 -26.78 -17.07
CA THR E 731 -7.28 -27.55 -18.03
C THR E 731 -6.60 -28.89 -18.32
N ILE E 732 -5.29 -28.87 -18.54
CA ILE E 732 -4.57 -30.09 -18.90
C ILE E 732 -4.61 -31.09 -17.75
N GLY E 733 -4.32 -30.63 -16.53
CA GLY E 733 -4.24 -31.52 -15.39
C GLY E 733 -5.58 -31.97 -14.84
N LYS E 734 -6.65 -31.24 -15.12
CA LYS E 734 -7.96 -31.65 -14.64
C LYS E 734 -8.67 -32.54 -15.67
N LEU E 735 -8.68 -32.13 -16.93
CA LEU E 735 -9.33 -32.91 -17.98
C LEU E 735 -8.34 -33.80 -18.71
N GLY E 736 -7.61 -34.62 -17.97
CA GLY E 736 -6.65 -35.54 -18.55
C GLY E 736 -5.52 -34.88 -19.32
N LYS F 4 46.20 22.83 7.97
CA LYS F 4 44.99 22.04 8.15
C LYS F 4 44.15 22.03 6.87
N LEU F 5 43.95 23.21 6.28
CA LEU F 5 43.16 23.36 5.07
C LEU F 5 43.99 24.05 3.99
N LYS F 6 43.56 23.86 2.74
CA LYS F 6 44.33 24.37 1.61
C LYS F 6 44.42 25.89 1.63
N GLN F 7 43.31 26.56 1.94
CA GLN F 7 43.26 28.01 1.96
C GLN F 7 42.77 28.50 3.32
N SER F 8 43.27 29.67 3.72
CA SER F 8 42.92 30.21 5.03
C SER F 8 41.49 30.74 5.09
N ASP F 9 40.89 31.03 3.94
CA ASP F 9 39.54 31.58 3.90
C ASP F 9 38.46 30.50 3.85
N PHE F 10 38.84 29.23 3.76
CA PHE F 10 37.86 28.16 3.78
C PHE F 10 37.15 28.14 5.12
N PRO F 11 35.84 27.86 5.16
CA PRO F 11 35.17 27.67 6.44
C PRO F 11 35.75 26.48 7.17
N LYS F 12 35.71 26.54 8.50
CA LYS F 12 36.32 25.47 9.29
C LYS F 12 35.46 24.22 9.22
N PHE F 13 35.48 23.56 8.07
CA PHE F 13 34.70 22.36 7.81
C PHE F 13 35.64 21.16 7.83
N GLU F 14 35.17 20.07 8.44
CA GLU F 14 35.98 18.86 8.58
C GLU F 14 35.89 17.95 7.37
N GLY F 15 35.19 18.36 6.31
CA GLY F 15 35.10 17.55 5.12
C GLY F 15 34.01 16.50 5.21
N SER F 16 33.21 16.37 4.16
CA SER F 16 32.11 15.42 4.13
C SER F 16 32.14 14.65 2.82
N THR F 17 31.68 13.40 2.86
CA THR F 17 31.55 12.61 1.64
C THR F 17 30.24 12.97 0.96
N GLY F 18 30.01 14.26 0.78
CA GLY F 18 28.83 14.76 0.08
C GLY F 18 29.20 15.95 -0.76
N GLY F 19 30.50 16.24 -0.83
CA GLY F 19 31.00 17.34 -1.63
C GLY F 19 30.98 17.02 -3.10
N TRP F 20 31.78 17.74 -3.86
CA TRP F 20 31.76 17.55 -5.30
C TRP F 20 32.51 16.28 -5.68
N LEU F 21 32.31 15.86 -6.93
CA LEU F 21 32.84 14.61 -7.44
C LEU F 21 33.64 14.89 -8.70
N SER F 22 33.96 13.86 -9.48
CA SER F 22 34.75 14.04 -10.69
C SER F 22 34.10 15.00 -11.67
N ALA F 23 32.78 15.21 -11.56
CA ALA F 23 32.11 16.16 -12.45
C ALA F 23 32.62 17.57 -12.25
N ALA F 24 32.81 17.99 -11.00
CA ALA F 24 33.34 19.34 -10.75
C ALA F 24 34.86 19.33 -10.75
N LYS F 25 35.40 18.66 -11.76
CA LYS F 25 36.80 18.76 -12.14
C LYS F 25 37.00 18.79 -13.65
N ASN F 26 35.98 18.42 -14.43
CA ASN F 26 36.06 18.40 -15.89
C ASN F 26 34.86 19.02 -16.57
N GLU F 27 33.79 19.36 -15.84
CA GLU F 27 32.63 20.01 -16.43
C GLU F 27 32.42 21.41 -15.90
N GLU F 28 32.23 21.57 -14.59
CA GLU F 28 32.05 22.88 -13.97
C GLU F 28 31.97 22.76 -12.45
N LYS F 29 32.45 23.79 -11.75
CA LYS F 29 32.31 23.87 -10.31
C LYS F 29 31.86 25.27 -9.93
N TYR F 30 31.20 25.38 -8.78
CA TYR F 30 30.63 26.63 -8.33
C TYR F 30 31.27 27.03 -7.01
N VAL F 31 31.63 28.31 -6.91
CA VAL F 31 32.25 28.86 -5.71
C VAL F 31 31.40 30.00 -5.19
N ILE F 32 31.14 30.01 -3.89
CA ILE F 32 30.41 31.08 -3.22
C ILE F 32 31.36 31.76 -2.24
N ILE F 33 31.41 33.08 -2.31
CA ILE F 33 32.26 33.87 -1.44
C ILE F 33 31.38 34.81 -0.64
N TRP F 34 31.79 35.09 0.60
CA TRP F 34 31.09 36.02 1.45
C TRP F 34 32.01 36.44 2.59
N THR F 35 31.69 37.58 3.18
CA THR F 35 32.41 38.09 4.34
C THR F 35 31.47 38.11 5.54
N SER F 36 31.93 37.55 6.66
CA SER F 36 31.12 37.45 7.86
C SER F 36 31.81 38.21 8.99
N LYS F 37 30.99 38.86 9.83
CA LYS F 37 31.52 39.56 10.99
C LYS F 37 31.89 38.60 12.11
N ASP F 38 31.21 37.47 12.21
CA ASP F 38 31.41 36.52 13.30
C ASP F 38 31.67 35.13 12.74
N ALA F 39 32.39 34.32 13.52
CA ALA F 39 32.67 32.94 13.16
C ALA F 39 31.47 32.05 13.50
N SER F 40 30.35 32.36 12.86
CA SER F 40 29.10 31.66 13.14
C SER F 40 29.17 30.21 12.65
N LEU F 41 28.45 29.34 13.33
CA LEU F 41 28.37 27.94 12.97
C LEU F 41 27.14 27.73 12.08
N PHE F 42 27.37 27.24 10.87
CA PHE F 42 26.31 27.07 9.89
C PHE F 42 26.34 25.64 9.36
N GLU F 43 25.24 25.24 8.73
CA GLU F 43 25.08 23.90 8.21
C GLU F 43 25.42 23.89 6.72
N MET F 44 26.30 22.97 6.32
CA MET F 44 26.68 22.86 4.93
C MET F 44 25.50 22.34 4.11
N PRO F 45 25.34 22.81 2.86
CA PRO F 45 24.33 22.22 1.98
C PRO F 45 24.59 20.77 1.65
N THR F 46 25.83 20.31 1.79
CA THR F 46 26.19 18.94 1.45
C THR F 46 26.16 18.02 2.68
N GLY F 47 26.94 18.35 3.70
CA GLY F 47 27.05 17.48 4.85
C GLY F 47 26.52 18.06 6.14
N GLY F 48 27.42 18.40 7.07
CA GLY F 48 27.01 18.83 8.38
C GLY F 48 27.37 20.26 8.73
N THR F 49 27.86 20.47 9.95
CA THR F 49 28.10 21.81 10.47
C THR F 49 29.51 22.27 10.15
N ALA F 50 29.64 23.50 9.67
CA ALA F 50 30.91 24.15 9.45
C ALA F 50 30.94 25.47 10.19
N LYS F 51 32.13 26.01 10.39
CA LYS F 51 32.32 27.26 11.12
C LYS F 51 32.82 28.33 10.16
N MET F 52 32.14 29.48 10.14
CA MET F 52 32.56 30.59 9.32
C MET F 52 33.86 31.18 9.83
N ASN F 53 34.51 31.97 8.97
CA ASN F 53 35.65 32.77 9.36
C ASN F 53 35.19 34.19 9.62
N ALA F 54 35.79 34.83 10.64
CA ALA F 54 35.48 36.23 10.92
C ALA F 54 36.15 37.10 9.87
N GLY F 55 35.67 37.02 8.63
CA GLY F 55 36.28 37.71 7.51
C GLY F 55 35.90 37.06 6.20
N ASN F 56 36.87 36.91 5.30
CA ASN F 56 36.59 36.33 3.99
C ASN F 56 36.30 34.83 4.12
N ASN F 57 35.23 34.38 3.48
CA ASN F 57 34.86 32.97 3.44
C ASN F 57 34.64 32.55 2.00
N VAL F 58 35.19 31.39 1.64
CA VAL F 58 35.09 30.87 0.28
C VAL F 58 34.75 29.40 0.35
N ALA F 59 33.70 28.98 -0.37
CA ALA F 59 33.26 27.60 -0.39
C ALA F 59 33.01 27.16 -1.83
N TYR F 60 33.36 25.91 -2.13
CA TYR F 60 33.19 25.33 -3.46
C TYR F 60 32.13 24.24 -3.42
N PHE F 61 31.28 24.21 -4.45
CA PHE F 61 30.22 23.22 -4.54
C PHE F 61 30.10 22.73 -5.97
N ALA F 62 29.33 21.66 -6.15
CA ALA F 62 29.16 21.03 -7.46
C ALA F 62 27.96 21.56 -8.22
N ARG F 63 27.03 22.24 -7.56
CA ARG F 63 25.82 22.72 -8.19
C ARG F 63 25.57 24.18 -7.82
N LYS F 64 24.90 24.89 -8.74
CA LYS F 64 24.47 26.24 -8.43
C LYS F 64 23.42 26.24 -7.33
N GLU F 65 22.56 25.21 -7.29
CA GLU F 65 21.53 25.14 -6.27
C GLU F 65 22.13 25.00 -4.88
N GLN F 66 23.22 24.26 -4.74
CA GLN F 66 23.87 24.13 -3.44
C GLN F 66 24.40 25.47 -2.95
N CYS F 67 25.07 26.22 -3.84
CA CYS F 67 25.58 27.53 -3.48
C CYS F 67 24.43 28.47 -3.11
N LEU F 68 23.34 28.41 -3.86
CA LEU F 68 22.21 29.30 -3.57
C LEU F 68 21.50 28.91 -2.28
N ALA F 69 21.43 27.62 -1.96
CA ALA F 69 20.89 27.20 -0.67
C ALA F 69 21.76 27.70 0.47
N LEU F 70 23.09 27.61 0.30
CA LEU F 70 23.98 28.17 1.32
C LEU F 70 23.77 29.67 1.46
N GLY F 71 23.62 30.37 0.34
CA GLY F 71 23.40 31.81 0.41
C GLY F 71 22.09 32.16 1.09
N SER F 72 21.03 31.40 0.80
CA SER F 72 19.76 31.61 1.48
C SER F 72 19.89 31.37 2.98
N GLN F 73 20.69 30.38 3.37
CA GLN F 73 20.98 30.19 4.79
C GLN F 73 21.74 31.39 5.36
N LEU F 74 22.65 31.96 4.57
CA LEU F 74 23.45 33.09 5.04
C LEU F 74 22.59 34.30 5.36
N ARG F 75 21.46 34.46 4.64
CA ARG F 75 20.58 35.59 4.89
C ARG F 75 20.03 35.56 6.31
N GLY F 76 19.88 34.37 6.89
CA GLY F 76 19.48 34.27 8.28
C GLY F 76 20.52 34.76 9.26
N PHE F 77 21.77 34.84 8.84
CA PHE F 77 22.85 35.40 9.64
C PHE F 77 23.07 36.88 9.35
N LYS F 78 22.11 37.53 8.69
CA LYS F 78 22.23 38.93 8.25
C LYS F 78 23.42 39.13 7.32
N ILE F 79 23.75 38.09 6.55
CA ILE F 79 24.81 38.15 5.55
C ILE F 79 24.17 38.31 4.19
N THR F 80 24.60 39.33 3.45
CA THR F 80 23.93 39.71 2.21
C THR F 80 24.91 39.81 1.05
N ASN F 81 26.18 40.05 1.35
CA ASN F 81 27.20 40.28 0.33
C ASN F 81 27.71 38.99 -0.31
N TYR F 82 27.04 37.86 -0.12
CA TYR F 82 27.50 36.62 -0.71
C TYR F 82 27.34 36.65 -2.22
N LYS F 83 28.33 36.12 -2.92
CA LYS F 83 28.34 36.12 -4.38
C LYS F 83 28.77 34.74 -4.88
N ILE F 84 28.09 34.26 -5.91
CA ILE F 84 28.27 32.91 -6.44
C ILE F 84 28.85 33.00 -7.84
N PHE F 85 29.87 32.20 -8.11
CA PHE F 85 30.54 32.17 -9.41
C PHE F 85 30.52 30.76 -9.97
N ARG F 86 30.61 30.67 -11.29
CA ARG F 86 30.74 29.39 -11.99
C ARG F 86 32.15 29.28 -12.56
N ILE F 87 32.81 28.17 -12.28
CA ILE F 87 34.17 27.92 -12.75
C ILE F 87 34.12 26.72 -13.68
N TYR F 88 34.56 26.92 -14.91
CA TYR F 88 34.64 25.85 -15.91
C TYR F 88 35.88 25.02 -15.60
N PRO F 89 36.18 23.98 -16.40
CA PRO F 89 37.32 23.10 -16.06
C PRO F 89 38.61 23.87 -15.83
N PRO F 90 38.94 24.88 -16.66
CA PRO F 90 40.04 25.78 -16.26
C PRO F 90 39.51 26.97 -15.48
N LEU F 91 40.39 27.90 -15.07
CA LEU F 91 39.95 29.05 -14.28
C LEU F 91 39.17 30.00 -15.17
N ASP F 92 37.92 29.63 -15.45
CA ASP F 92 36.98 30.45 -16.21
C ASP F 92 35.88 30.88 -15.25
N ILE F 93 36.10 32.00 -14.57
CA ILE F 93 35.21 32.47 -13.53
C ILE F 93 34.13 33.35 -14.15
N THR F 94 32.87 33.09 -13.78
CA THR F 94 31.74 33.87 -14.25
C THR F 94 30.83 34.17 -13.07
N LEU F 95 30.61 35.45 -12.78
CA LEU F 95 29.70 35.82 -11.71
C LEU F 95 28.28 35.46 -12.10
N LEU F 96 27.56 34.80 -11.19
CA LEU F 96 26.24 34.27 -11.49
C LEU F 96 25.12 34.95 -10.70
N HIS F 97 25.16 34.88 -9.37
CA HIS F 97 23.94 35.20 -8.63
C HIS F 97 23.68 36.70 -8.55
N PRO F 98 24.58 37.52 -7.96
CA PRO F 98 24.31 38.96 -8.06
C PRO F 98 24.74 39.49 -9.42
N PHE F 99 23.95 39.15 -10.44
CA PHE F 99 24.39 39.34 -11.82
C PHE F 99 24.65 40.80 -12.14
N ASP F 100 23.76 41.69 -11.70
CA ASP F 100 23.96 43.13 -11.86
C ASP F 100 24.24 43.82 -10.54
N GLY F 101 24.68 43.07 -9.53
CA GLY F 101 24.94 43.63 -8.22
C GLY F 101 23.71 43.79 -7.36
N VAL F 102 22.51 43.60 -7.92
CA VAL F 102 21.26 43.69 -7.18
C VAL F 102 20.60 42.31 -7.23
N PHE F 103 20.06 41.89 -6.09
CA PHE F 103 19.41 40.58 -6.03
C PHE F 103 18.23 40.55 -7.00
N PRO F 104 17.94 39.38 -7.57
CA PRO F 104 16.89 39.31 -8.60
C PRO F 104 15.51 39.69 -8.09
N GLU F 105 15.27 39.64 -6.77
CA GLU F 105 13.97 39.99 -6.23
C GLU F 105 13.72 41.49 -6.23
N LYS F 106 14.77 42.30 -6.33
CA LYS F 106 14.64 43.75 -6.35
C LYS F 106 14.81 44.25 -7.78
N VAL F 107 13.90 45.13 -8.21
CA VAL F 107 13.93 45.62 -9.57
C VAL F 107 15.13 46.55 -9.76
N ASN F 108 15.89 46.31 -10.82
CA ASN F 108 17.03 47.14 -11.18
C ASN F 108 16.87 47.61 -12.61
N GLN F 109 17.17 48.89 -12.86
CA GLN F 109 17.16 49.40 -14.21
C GLN F 109 18.27 48.74 -15.02
N GLY F 110 18.02 48.61 -16.32
CA GLY F 110 18.96 47.93 -17.20
C GLY F 110 18.65 46.46 -17.44
N ARG F 111 17.54 45.95 -16.94
CA ARG F 111 17.12 44.58 -17.16
C ARG F 111 16.00 44.56 -18.20
N SER F 112 16.12 43.69 -19.18
CA SER F 112 15.08 43.56 -20.19
C SER F 112 14.27 42.28 -19.95
N PRO F 113 12.97 42.30 -20.22
CA PRO F 113 12.16 41.11 -20.00
C PRO F 113 12.53 39.99 -20.97
N VAL F 114 12.77 38.80 -20.43
CA VAL F 114 13.11 37.62 -21.21
C VAL F 114 12.02 36.58 -20.99
N GLY F 115 11.47 36.07 -22.09
CA GLY F 115 10.41 35.08 -21.99
C GLY F 115 9.05 35.65 -21.62
N LYS F 116 8.77 36.89 -22.00
CA LYS F 116 7.50 37.52 -21.70
C LYS F 116 6.57 37.42 -22.90
N ARG F 117 5.34 36.95 -22.65
CA ARG F 117 4.30 36.88 -23.67
C ARG F 117 3.24 37.92 -23.34
N ASP F 118 2.85 38.69 -24.36
CA ASP F 118 1.88 39.77 -24.17
C ASP F 118 0.44 39.28 -24.27
N ALA F 119 0.13 38.24 -23.50
CA ALA F 119 -1.20 37.65 -23.43
C ALA F 119 -1.22 36.70 -22.24
N SER F 120 -2.42 36.29 -21.86
CA SER F 120 -2.58 35.34 -20.76
C SER F 120 -2.37 33.92 -21.29
N ILE F 121 -2.64 32.92 -20.44
CA ILE F 121 -2.48 31.53 -20.86
C ILE F 121 -3.46 31.18 -21.97
N GLY F 122 -4.67 31.73 -21.92
CA GLY F 122 -5.70 31.38 -22.88
C GLY F 122 -5.39 31.78 -24.30
N GLY F 123 -4.42 32.66 -24.50
CA GLY F 123 -4.02 33.08 -25.82
C GLY F 123 -3.01 32.21 -26.52
N ASN F 124 -2.63 31.08 -25.91
CA ASN F 124 -1.64 30.20 -26.52
C ASN F 124 -2.22 29.54 -27.77
N PRO F 125 -1.41 29.32 -28.80
CA PRO F 125 -1.93 28.72 -30.03
C PRO F 125 -2.26 27.25 -29.85
N ASN F 126 -3.21 26.78 -30.66
CA ASN F 126 -3.62 25.39 -30.61
C ASN F 126 -2.50 24.48 -31.11
N PRO F 127 -2.23 23.37 -30.41
CA PRO F 127 -1.12 22.50 -30.83
C PRO F 127 -1.26 21.94 -32.24
N ALA F 128 -2.48 21.72 -32.71
CA ALA F 128 -2.68 21.17 -34.05
C ALA F 128 -2.15 22.11 -35.12
N SER F 129 -2.11 23.41 -34.83
CA SER F 129 -1.53 24.39 -35.75
C SER F 129 -0.03 24.51 -35.60
N LEU F 130 0.58 23.77 -34.69
CA LEU F 130 2.02 23.75 -34.46
C LEU F 130 2.59 22.38 -34.77
N LYS F 131 2.16 21.78 -35.87
CA LYS F 131 2.57 20.44 -36.27
C LYS F 131 3.55 20.53 -37.43
N PHE F 132 4.69 19.84 -37.30
CA PHE F 132 5.74 19.80 -38.30
C PHE F 132 6.36 21.18 -38.53
N GLN F 133 6.89 21.75 -37.45
CA GLN F 133 7.73 22.94 -37.54
C GLN F 133 8.95 22.80 -36.64
N ILE G 2 -18.79 49.10 -14.40
CA ILE G 2 -18.55 48.35 -13.16
C ILE G 2 -17.82 49.23 -12.16
N GLN G 3 -18.00 48.93 -10.88
CA GLN G 3 -17.39 49.71 -9.81
C GLN G 3 -17.24 48.81 -8.58
N LYS G 4 -16.75 49.40 -7.50
CA LYS G 4 -16.58 48.66 -6.26
C LYS G 4 -17.92 48.14 -5.76
N GLY G 5 -17.96 46.85 -5.41
CA GLY G 5 -19.16 46.21 -4.94
C GLY G 5 -20.06 45.65 -6.02
N SER G 6 -19.76 45.91 -7.29
CA SER G 6 -20.56 45.37 -8.37
C SER G 6 -20.35 43.88 -8.51
N THR G 7 -21.36 43.20 -9.06
CA THR G 7 -21.31 41.77 -9.30
C THR G 7 -21.07 41.50 -10.78
N VAL G 8 -20.04 40.72 -11.09
CA VAL G 8 -19.64 40.47 -12.47
C VAL G 8 -19.51 38.97 -12.70
N ARG G 9 -19.65 38.57 -13.96
CA ARG G 9 -19.43 37.20 -14.38
C ARG G 9 -18.07 37.11 -15.08
N ILE G 10 -17.29 36.12 -14.71
CA ILE G 10 -15.95 35.95 -15.27
C ILE G 10 -16.06 35.33 -16.65
N LEU G 11 -15.45 35.98 -17.65
CA LEU G 11 -15.44 35.48 -19.01
C LEU G 11 -14.09 34.89 -19.41
N ARG G 12 -13.11 34.91 -18.52
CA ARG G 12 -11.82 34.30 -18.81
C ARG G 12 -11.95 32.78 -18.73
N LYS G 13 -11.56 32.09 -19.82
CA LYS G 13 -11.77 30.64 -19.87
C LYS G 13 -10.82 29.90 -18.96
N GLU G 14 -9.58 30.36 -18.85
CA GLU G 14 -8.58 29.68 -18.01
C GLU G 14 -8.68 30.15 -16.55
N SER G 15 -9.90 30.17 -16.03
CA SER G 15 -10.16 30.70 -14.70
C SER G 15 -10.90 29.69 -13.86
N TYR G 16 -10.51 29.58 -12.58
CA TYR G 16 -11.25 28.75 -11.65
C TYR G 16 -12.64 29.29 -11.37
N TRP G 17 -12.93 30.53 -11.77
CA TRP G 17 -14.24 31.12 -11.56
C TRP G 17 -14.92 31.47 -12.87
N TYR G 18 -14.54 30.79 -13.96
CA TYR G 18 -15.20 31.02 -15.24
C TYR G 18 -16.67 30.68 -15.14
N ASN G 19 -17.51 31.52 -15.76
CA ASN G 19 -18.96 31.44 -15.74
C ASN G 19 -19.55 31.70 -14.36
N GLU G 20 -18.73 31.98 -13.35
CA GLU G 20 -19.20 32.25 -12.01
C GLU G 20 -19.27 33.75 -11.76
N SER G 21 -19.92 34.12 -10.67
CA SER G 21 -20.12 35.51 -10.29
C SER G 21 -19.24 35.87 -9.11
N GLY G 22 -18.61 37.05 -9.19
CA GLY G 22 -17.79 37.55 -8.12
C GLY G 22 -18.12 39.00 -7.82
N THR G 23 -17.50 39.51 -6.77
CA THR G 23 -17.71 40.89 -6.31
C THR G 23 -16.48 41.71 -6.63
N VAL G 24 -16.67 42.84 -7.31
CA VAL G 24 -15.55 43.70 -7.69
C VAL G 24 -15.06 44.43 -6.45
N VAL G 25 -13.77 44.31 -6.16
CA VAL G 25 -13.18 44.98 -5.01
C VAL G 25 -12.78 46.41 -5.38
N VAL G 26 -12.12 46.58 -6.52
CA VAL G 26 -11.69 47.90 -6.97
C VAL G 26 -11.37 47.80 -8.46
N VAL G 27 -11.75 48.82 -9.21
CA VAL G 27 -11.39 48.96 -10.62
C VAL G 27 -10.34 50.05 -10.71
N ASP G 28 -9.11 49.66 -11.08
CA ASP G 28 -8.03 50.63 -11.17
C ASP G 28 -8.26 51.58 -12.34
N GLN G 29 -7.98 52.86 -12.12
CA GLN G 29 -8.13 53.88 -13.14
C GLN G 29 -6.85 54.18 -13.89
N SER G 30 -5.76 53.48 -13.57
CA SER G 30 -4.50 53.69 -14.25
C SER G 30 -4.48 52.91 -15.57
N LYS G 31 -3.31 52.82 -16.20
CA LYS G 31 -3.16 52.16 -17.49
C LYS G 31 -2.73 50.71 -17.36
N VAL G 32 -3.12 50.04 -16.28
CA VAL G 32 -2.76 48.64 -16.10
C VAL G 32 -3.59 47.77 -17.04
N ARG G 33 -3.08 46.57 -17.31
CA ARG G 33 -3.71 45.67 -18.27
C ARG G 33 -4.95 45.00 -17.70
N TYR G 34 -4.92 44.67 -16.41
CA TYR G 34 -6.01 43.95 -15.75
C TYR G 34 -6.41 44.73 -14.51
N PRO G 35 -7.24 45.77 -14.67
CA PRO G 35 -7.55 46.65 -13.53
C PRO G 35 -8.59 46.11 -12.57
N VAL G 36 -9.54 45.32 -13.08
CA VAL G 36 -10.67 44.88 -12.26
C VAL G 36 -10.19 43.82 -11.28
N LEU G 37 -10.40 44.07 -10.00
CA LEU G 37 -10.08 43.12 -8.94
C LEU G 37 -11.39 42.55 -8.39
N VAL G 38 -11.53 41.23 -8.48
CA VAL G 38 -12.77 40.54 -8.15
C VAL G 38 -12.51 39.57 -7.01
N ARG G 39 -13.39 39.56 -6.01
CA ARG G 39 -13.31 38.64 -4.89
C ARG G 39 -14.41 37.61 -5.00
N PHE G 40 -14.07 36.35 -4.75
CA PHE G 40 -14.99 35.24 -4.88
C PHE G 40 -15.16 34.54 -3.53
N THR G 41 -16.27 33.81 -3.40
CA THR G 41 -16.52 33.05 -2.18
C THR G 41 -15.83 31.70 -2.20
N LYS G 42 -15.60 31.13 -3.38
CA LYS G 42 -14.97 29.82 -3.52
C LYS G 42 -13.48 30.00 -3.78
N VAL G 43 -12.65 29.42 -2.91
CA VAL G 43 -11.21 29.45 -3.13
C VAL G 43 -10.86 28.54 -4.30
N ASN G 44 -9.82 28.92 -5.05
CA ASN G 44 -9.38 28.12 -6.18
C ASN G 44 -8.52 26.97 -5.67
N TYR G 45 -7.88 26.25 -6.59
CA TYR G 45 -7.06 25.11 -6.20
C TYR G 45 -5.82 25.53 -5.43
N ALA G 46 -5.36 26.77 -5.60
CA ALA G 46 -4.20 27.28 -4.88
C ALA G 46 -4.57 27.90 -3.55
N GLY G 47 -5.86 28.04 -3.24
CA GLY G 47 -6.31 28.61 -1.99
C GLY G 47 -6.71 30.07 -2.06
N THR G 48 -6.33 30.77 -3.12
CA THR G 48 -6.70 32.18 -3.25
C THR G 48 -8.18 32.33 -3.60
N ASN G 49 -8.73 33.48 -3.25
CA ASN G 49 -10.13 33.78 -3.51
C ASN G 49 -10.31 35.12 -4.22
N THR G 50 -9.25 35.65 -4.82
CA THR G 50 -9.32 36.93 -5.51
C THR G 50 -8.37 36.90 -6.70
N ASN G 51 -8.68 37.73 -7.70
CA ASN G 51 -7.87 37.78 -8.90
C ASN G 51 -8.16 39.07 -9.66
N ASN G 52 -7.16 39.53 -10.43
CA ASN G 52 -7.30 40.71 -11.26
C ASN G 52 -7.74 40.30 -12.66
N PHE G 53 -8.78 40.97 -13.17
CA PHE G 53 -9.34 40.64 -14.48
C PHE G 53 -9.36 41.89 -15.35
N GLY G 54 -9.33 41.67 -16.66
CA GLY G 54 -9.44 42.77 -17.60
C GLY G 54 -10.86 43.28 -17.72
N LEU G 55 -11.01 44.38 -18.44
CA LEU G 55 -12.32 44.99 -18.59
C LEU G 55 -13.22 44.17 -19.52
N ASN G 56 -12.64 43.45 -20.47
CA ASN G 56 -13.40 42.62 -21.39
C ASN G 56 -13.56 41.19 -20.90
N GLU G 57 -12.99 40.84 -19.75
CA GLU G 57 -13.11 39.50 -19.18
C GLU G 57 -14.13 39.43 -18.05
N VAL G 58 -14.84 40.52 -17.77
CA VAL G 58 -15.87 40.54 -16.75
C VAL G 58 -17.15 41.12 -17.34
N GLU G 59 -18.28 40.53 -16.98
CA GLU G 59 -19.59 40.96 -17.45
C GLU G 59 -20.47 41.21 -16.25
N GLU G 60 -20.95 42.45 -16.11
CA GLU G 60 -21.74 42.82 -14.93
C GLU G 60 -23.08 42.09 -14.93
N VAL G 61 -23.48 41.60 -13.76
CA VAL G 61 -24.78 40.98 -13.59
C VAL G 61 -25.82 42.06 -13.36
N VAL G 62 -27.00 41.89 -13.94
CA VAL G 62 -28.07 42.87 -13.85
C VAL G 62 -28.47 43.14 -12.40
N ASP H 25 -41.95 -23.10 -14.44
CA ASP H 25 -42.72 -21.93 -14.85
C ASP H 25 -41.85 -20.92 -15.59
N ILE H 26 -41.68 -19.74 -14.99
CA ILE H 26 -40.91 -18.67 -15.61
C ILE H 26 -39.44 -19.06 -15.63
N GLY H 27 -38.86 -19.13 -16.83
CA GLY H 27 -37.46 -19.48 -16.95
C GLY H 27 -37.12 -20.90 -16.59
N GLY H 28 -38.10 -21.81 -16.65
CA GLY H 28 -37.87 -23.19 -16.29
C GLY H 28 -37.84 -23.48 -14.81
N LEU H 29 -38.06 -22.47 -13.96
CA LEU H 29 -38.06 -22.67 -12.53
C LEU H 29 -39.37 -23.30 -12.07
N ASN H 30 -39.36 -23.80 -10.84
CA ASN H 30 -40.53 -24.41 -10.23
C ASN H 30 -40.76 -23.82 -8.86
N PRO H 31 -42.00 -23.79 -8.38
CA PRO H 31 -42.26 -23.27 -7.03
C PRO H 31 -41.50 -24.06 -5.98
N CYS H 32 -41.04 -23.34 -4.96
CA CYS H 32 -40.27 -23.99 -3.90
C CYS H 32 -41.12 -24.90 -3.02
N LYS H 33 -42.44 -24.71 -3.03
CA LYS H 33 -43.32 -25.60 -2.27
C LYS H 33 -43.33 -27.02 -2.83
N ASP H 34 -42.96 -27.19 -4.10
CA ASP H 34 -42.94 -28.50 -4.75
C ASP H 34 -41.54 -28.90 -5.18
N SER H 35 -40.52 -28.24 -4.64
CA SER H 35 -39.12 -28.52 -4.98
C SER H 35 -38.56 -29.51 -3.96
N GLU H 36 -38.25 -30.72 -4.42
CA GLU H 36 -37.73 -31.74 -3.52
C GLU H 36 -36.39 -31.34 -2.92
N VAL H 37 -35.52 -30.71 -3.73
CA VAL H 37 -34.20 -30.31 -3.26
C VAL H 37 -34.32 -29.25 -2.16
N PHE H 38 -35.36 -28.41 -2.21
CA PHE H 38 -35.60 -27.44 -1.15
C PHE H 38 -35.86 -28.14 0.18
N GLN H 39 -36.74 -29.16 0.16
CA GLN H 39 -37.01 -29.92 1.37
C GLN H 39 -35.79 -30.71 1.83
N LYS H 40 -34.98 -31.19 0.89
CA LYS H 40 -33.74 -31.86 1.27
C LYS H 40 -32.80 -30.90 1.98
N ARG H 41 -32.70 -29.67 1.49
CA ARG H 41 -31.88 -28.66 2.16
C ARG H 41 -32.40 -28.40 3.57
N LEU H 42 -33.71 -28.25 3.72
CA LEU H 42 -34.28 -28.01 5.04
C LEU H 42 -33.98 -29.18 5.97
N ALA H 43 -34.17 -30.41 5.49
CA ALA H 43 -33.93 -31.58 6.31
C ALA H 43 -32.47 -31.70 6.72
N LYS H 44 -31.55 -31.42 5.79
CA LYS H 44 -30.13 -31.50 6.12
C LYS H 44 -29.73 -30.45 7.14
N THR H 45 -30.22 -29.22 6.99
CA THR H 45 -29.90 -28.18 7.97
C THR H 45 -30.46 -28.53 9.33
N VAL H 46 -31.70 -29.02 9.40
CA VAL H 46 -32.29 -29.40 10.67
C VAL H 46 -31.52 -30.55 11.30
N LYS H 47 -31.11 -31.53 10.48
CA LYS H 47 -30.37 -32.66 11.00
C LYS H 47 -29.01 -32.23 11.58
N LYS H 48 -28.31 -31.34 10.88
CA LYS H 48 -27.06 -30.82 11.40
C LYS H 48 -27.26 -30.08 12.71
N LEU H 49 -28.31 -29.26 12.79
CA LEU H 49 -28.58 -28.52 14.02
C LEU H 49 -28.93 -29.47 15.16
N GLU H 50 -29.70 -30.52 14.89
CA GLU H 50 -30.04 -31.48 15.93
C GLU H 50 -28.83 -32.27 16.40
N ASN H 51 -27.95 -32.65 15.46
CA ASN H 51 -26.72 -33.33 15.83
C ASN H 51 -25.85 -32.44 16.71
N ARG H 52 -25.79 -31.15 16.39
CA ARG H 52 -25.11 -30.21 17.29
C ARG H 52 -25.81 -30.14 18.64
N LEU H 53 -27.14 -30.19 18.64
CA LEU H 53 -27.91 -30.11 19.88
C LEU H 53 -27.65 -31.33 20.77
N LYS H 54 -27.29 -32.47 20.17
CA LYS H 54 -27.15 -33.70 20.95
C LYS H 54 -25.99 -33.62 21.93
N LYS H 55 -24.98 -32.80 21.65
CA LYS H 55 -23.75 -32.78 22.45
C LYS H 55 -23.82 -31.84 23.64
N TYR H 56 -24.97 -31.23 23.90
CA TYR H 56 -25.18 -30.41 25.08
C TYR H 56 -26.16 -31.10 26.03
N GLU H 57 -26.37 -30.50 27.19
CA GLU H 57 -27.08 -31.16 28.29
C GLU H 57 -28.32 -30.37 28.70
N GLU H 58 -29.42 -31.07 28.85
CA GLU H 58 -30.65 -30.61 29.53
C GLU H 58 -31.11 -29.27 28.95
N GLY H 59 -31.80 -28.47 29.76
CA GLY H 59 -32.31 -27.19 29.33
C GLY H 59 -31.31 -26.07 29.50
N THR H 60 -30.06 -26.34 29.16
CA THR H 60 -29.00 -25.36 29.32
C THR H 60 -29.04 -24.36 28.18
N PRO H 61 -28.58 -23.14 28.41
CA PRO H 61 -28.73 -22.09 27.39
C PRO H 61 -28.22 -22.50 26.02
N PRO H 62 -27.13 -23.28 25.90
CA PRO H 62 -26.76 -23.74 24.56
C PRO H 62 -27.84 -24.54 23.85
N GLN H 63 -28.52 -25.43 24.57
CA GLN H 63 -29.60 -26.19 23.95
C GLN H 63 -30.77 -25.30 23.57
N ILE H 64 -31.07 -24.30 24.40
CA ILE H 64 -32.13 -23.35 24.08
C ILE H 64 -31.79 -22.58 22.81
N ALA H 65 -30.53 -22.14 22.69
CA ALA H 65 -30.11 -21.40 21.51
C ALA H 65 -30.18 -22.27 20.26
N ILE H 66 -29.75 -23.53 20.35
CA ILE H 66 -29.79 -24.41 19.18
C ILE H 66 -31.24 -24.71 18.81
N GLN H 67 -32.12 -24.88 19.80
CA GLN H 67 -33.54 -25.11 19.52
C GLN H 67 -34.16 -23.90 18.85
N GLN H 68 -33.78 -22.70 19.30
CA GLN H 68 -34.25 -21.48 18.65
C GLN H 68 -33.76 -21.41 17.21
N GLN H 69 -32.51 -21.84 16.98
CA GLN H 69 -31.98 -21.90 15.62
C GLN H 69 -32.81 -22.84 14.76
N ILE H 70 -33.16 -24.01 15.29
CA ILE H 70 -33.95 -24.98 14.54
C ILE H 70 -35.32 -24.40 14.22
N THR H 71 -35.96 -23.78 15.21
CA THR H 71 -37.28 -23.19 15.00
C THR H 71 -37.24 -22.09 13.95
N GLN H 72 -36.23 -21.23 14.02
CA GLN H 72 -36.11 -20.15 13.03
C GLN H 72 -35.84 -20.70 11.64
N THR H 73 -35.02 -21.75 11.54
CA THR H 73 -34.77 -22.37 10.23
C THR H 73 -36.04 -22.93 9.64
N LYS H 74 -36.82 -23.65 10.46
CA LYS H 74 -38.08 -24.21 9.97
C LYS H 74 -39.05 -23.10 9.55
N GLN H 75 -39.14 -22.03 10.35
CA GLN H 75 -40.03 -20.93 10.01
C GLN H 75 -39.62 -20.26 8.71
N ARG H 76 -38.31 -20.03 8.54
CA ARG H 76 -37.83 -19.39 7.32
C ARG H 76 -38.10 -20.25 6.09
N PHE H 77 -37.85 -21.56 6.20
CA PHE H 77 -38.11 -22.43 5.06
C PHE H 77 -39.60 -22.50 4.75
N THR H 78 -40.45 -22.56 5.77
CA THR H 78 -41.89 -22.58 5.54
C THR H 78 -42.35 -21.28 4.89
N ARG H 79 -41.83 -20.14 5.35
CA ARG H 79 -42.24 -18.86 4.76
C ARG H 79 -41.77 -18.75 3.32
N TYR H 80 -40.56 -19.22 3.02
CA TYR H 80 -40.08 -19.18 1.64
C TYR H 80 -40.90 -20.10 0.75
N ALA H 81 -41.33 -21.24 1.28
CA ALA H 81 -42.16 -22.15 0.50
C ALA H 81 -43.50 -21.50 0.14
N ASP H 82 -44.14 -20.85 1.10
CA ASP H 82 -45.43 -20.22 0.89
C ASP H 82 -45.27 -18.73 0.58
N SER H 83 -44.50 -18.43 -0.45
CA SER H 83 -44.19 -17.04 -0.76
C SER H 83 -44.18 -16.74 -2.26
N ASN H 84 -44.75 -17.62 -3.10
CA ASN H 84 -44.70 -17.46 -4.55
C ASN H 84 -43.25 -17.31 -5.02
N LEU H 85 -42.37 -18.12 -4.44
CA LEU H 85 -40.95 -18.08 -4.77
C LEU H 85 -40.62 -19.25 -5.69
N LEU H 86 -39.86 -18.96 -6.74
CA LEU H 86 -39.45 -19.97 -7.71
C LEU H 86 -38.06 -20.47 -7.37
N CYS H 87 -37.90 -21.77 -7.32
CA CYS H 87 -36.64 -22.41 -6.98
C CYS H 87 -36.06 -23.10 -8.20
N GLY H 88 -34.75 -23.04 -8.35
CA GLY H 88 -34.07 -23.69 -9.46
C GLY H 88 -33.78 -25.14 -9.16
N ASN H 89 -32.77 -25.67 -9.87
CA ASN H 89 -32.35 -27.05 -9.64
C ASN H 89 -31.48 -27.22 -8.41
N ASP H 90 -31.08 -26.13 -7.77
CA ASP H 90 -30.30 -26.18 -6.55
C ASP H 90 -31.14 -26.01 -5.29
N GLY H 91 -32.45 -25.85 -5.42
CA GLY H 91 -33.30 -25.66 -4.26
C GLY H 91 -33.09 -24.37 -3.53
N LEU H 92 -32.87 -23.27 -4.26
CA LEU H 92 -32.71 -21.96 -3.66
C LEU H 92 -33.66 -20.99 -4.34
N PRO H 93 -34.25 -20.06 -3.59
CA PRO H 93 -35.22 -19.13 -4.19
C PRO H 93 -34.55 -18.21 -5.21
N HIS H 94 -35.09 -18.21 -6.42
CA HIS H 94 -34.62 -17.34 -7.48
C HIS H 94 -35.57 -16.15 -7.61
N LEU H 95 -35.01 -14.98 -7.88
CA LEU H 95 -35.77 -13.74 -7.97
C LEU H 95 -36.16 -13.47 -9.42
N ILE H 96 -37.44 -13.19 -9.63
CA ILE H 96 -37.98 -12.88 -10.96
C ILE H 96 -38.13 -11.38 -11.02
N THR H 97 -37.16 -10.70 -11.64
CA THR H 97 -37.10 -9.24 -11.68
C THR H 97 -37.28 -8.70 -13.10
N ASP H 98 -38.01 -9.42 -13.96
CA ASP H 98 -38.29 -8.90 -15.28
C ASP H 98 -39.29 -7.76 -15.27
N GLY H 99 -40.07 -7.64 -14.20
CA GLY H 99 -41.01 -6.54 -14.09
C GLY H 99 -42.45 -6.98 -13.84
N ARG H 100 -42.71 -8.29 -13.95
CA ARG H 100 -44.07 -8.78 -13.77
C ARG H 100 -44.53 -8.59 -12.33
N TRP H 101 -45.79 -8.17 -12.18
CA TRP H 101 -46.34 -7.90 -10.85
C TRP H 101 -46.60 -9.17 -10.07
N SER H 102 -46.63 -10.32 -10.74
CA SER H 102 -46.84 -11.58 -10.02
C SER H 102 -45.76 -11.81 -8.98
N HIS H 103 -44.49 -11.69 -9.40
CA HIS H 103 -43.37 -11.66 -8.46
C HIS H 103 -42.98 -10.22 -8.15
N GLY H 104 -43.95 -9.40 -7.77
CA GLY H 104 -43.69 -8.00 -7.51
C GLY H 104 -43.10 -7.70 -6.16
N SER H 105 -43.25 -8.61 -5.20
CA SER H 105 -42.71 -8.41 -3.86
C SER H 105 -41.24 -8.75 -3.77
N GLU H 106 -40.64 -9.30 -4.83
CA GLU H 106 -39.22 -9.65 -4.79
C GLU H 106 -38.34 -8.45 -5.12
N PHE H 107 -38.67 -7.72 -6.19
CA PHE H 107 -37.87 -6.56 -6.59
C PHE H 107 -38.67 -5.27 -6.62
N LEU H 108 -39.87 -5.28 -7.19
CA LEU H 108 -40.57 -4.04 -7.51
C LEU H 108 -40.96 -3.27 -6.26
N LEU H 109 -41.60 -3.94 -5.29
CA LEU H 109 -41.96 -3.26 -4.06
C LEU H 109 -40.75 -2.82 -3.25
N PRO H 110 -39.72 -3.64 -3.04
CA PRO H 110 -38.49 -3.11 -2.42
C PRO H 110 -37.86 -2.00 -3.23
N SER H 111 -37.98 -2.05 -4.56
CA SER H 111 -37.45 -0.97 -5.39
C SER H 111 -38.17 0.35 -5.09
N ILE H 112 -39.50 0.30 -4.99
CA ILE H 112 -40.27 1.51 -4.67
C ILE H 112 -39.91 2.00 -3.27
N LEU H 113 -39.77 1.08 -2.31
CA LEU H 113 -39.42 1.48 -0.95
C LEU H 113 -38.07 2.18 -0.91
N PHE H 114 -37.07 1.59 -1.58
CA PHE H 114 -35.76 2.22 -1.59
C PHE H 114 -35.79 3.55 -2.31
N LEU H 115 -36.51 3.63 -3.43
CA LEU H 115 -36.56 4.89 -4.15
C LEU H 115 -37.15 5.98 -3.27
N TYR H 116 -38.20 5.65 -2.52
CA TYR H 116 -38.77 6.62 -1.60
C TYR H 116 -37.75 7.05 -0.54
N ILE H 117 -37.09 6.09 0.09
CA ILE H 117 -36.18 6.42 1.19
C ILE H 117 -34.97 7.22 0.68
N SER H 118 -34.38 6.78 -0.43
CA SER H 118 -33.21 7.45 -0.97
C SER H 118 -33.55 8.83 -1.52
N GLY H 119 -34.72 8.98 -2.15
CA GLY H 119 -35.16 10.30 -2.56
C GLY H 119 -35.37 11.22 -1.36
N TRP H 120 -35.90 10.66 -0.26
CA TRP H 120 -36.00 11.42 0.98
C TRP H 120 -34.64 11.92 1.42
N ILE H 121 -33.66 11.03 1.47
CA ILE H 121 -32.32 11.40 1.94
C ILE H 121 -31.71 12.46 1.04
N GLY H 122 -31.76 12.24 -0.27
CA GLY H 122 -31.20 13.20 -1.20
C GLY H 122 -31.90 14.55 -1.15
N TRP H 123 -33.22 14.53 -1.02
CA TRP H 123 -33.98 15.78 -0.96
C TRP H 123 -33.65 16.57 0.29
N VAL H 124 -33.58 15.91 1.45
CA VAL H 124 -33.28 16.66 2.66
C VAL H 124 -31.84 17.17 2.64
N GLY H 125 -30.92 16.39 2.08
CA GLY H 125 -29.55 16.87 1.95
C GLY H 125 -29.45 18.08 1.05
N ARG H 126 -30.11 18.02 -0.12
CA ARG H 126 -30.09 19.14 -1.05
C ARG H 126 -30.75 20.38 -0.46
N LYS H 127 -31.87 20.19 0.25
CA LYS H 127 -32.56 21.32 0.86
C LYS H 127 -31.70 21.95 1.94
N TYR H 128 -31.01 21.15 2.75
CA TYR H 128 -30.13 21.71 3.76
C TYR H 128 -28.96 22.45 3.12
N ILE H 129 -28.39 21.88 2.05
CA ILE H 129 -27.28 22.55 1.37
C ILE H 129 -27.72 23.89 0.81
N ARG H 130 -28.89 23.93 0.18
CA ARG H 130 -29.36 25.19 -0.41
C ARG H 130 -29.81 26.18 0.65
N THR H 131 -30.24 25.69 1.82
CA THR H 131 -30.74 26.59 2.86
C THR H 131 -29.59 27.30 3.59
N VAL H 132 -28.59 26.53 4.03
CA VAL H 132 -27.41 27.13 4.67
C VAL H 132 -26.44 27.70 3.67
N GLY H 133 -26.71 27.55 2.37
CA GLY H 133 -25.89 28.20 1.36
C GLY H 133 -26.16 29.67 1.18
N GLN H 134 -27.22 30.19 1.81
CA GLN H 134 -27.58 31.60 1.74
C GLN H 134 -27.36 32.32 3.07
N THR H 135 -26.51 31.78 3.94
CA THR H 135 -26.19 32.40 5.21
C THR H 135 -24.77 32.99 5.15
N SER H 136 -24.39 33.65 6.24
CA SER H 136 -23.11 34.35 6.27
C SER H 136 -21.93 33.38 6.17
N ASN H 137 -22.03 32.24 6.84
CA ASN H 137 -20.93 31.26 6.90
C ASN H 137 -21.45 29.90 6.44
N PRO H 138 -21.62 29.71 5.14
CA PRO H 138 -22.14 28.42 4.66
C PRO H 138 -21.26 27.23 5.00
N THR H 139 -19.93 27.41 4.99
CA THR H 139 -19.04 26.29 5.25
C THR H 139 -19.05 25.88 6.72
N GLU H 140 -19.25 26.84 7.63
CA GLU H 140 -19.30 26.50 9.05
C GLU H 140 -20.49 25.60 9.37
N LYS H 141 -21.64 25.86 8.73
CA LYS H 141 -22.85 25.09 8.99
C LYS H 141 -22.84 23.72 8.34
N GLU H 142 -21.72 23.31 7.75
CA GLU H 142 -21.59 21.99 7.16
C GLU H 142 -20.80 21.02 8.02
N ILE H 143 -19.89 21.52 8.86
CA ILE H 143 -19.17 20.68 9.80
C ILE H 143 -19.87 20.74 11.15
N ILE H 144 -20.56 21.84 11.41
CA ILE H 144 -21.34 22.01 12.64
C ILE H 144 -22.78 22.21 12.17
N ILE H 145 -23.54 21.12 12.16
CA ILE H 145 -24.88 21.14 11.59
C ILE H 145 -25.81 21.97 12.46
N ASP H 146 -26.66 22.77 11.82
CA ASP H 146 -27.74 23.47 12.50
C ASP H 146 -28.83 22.45 12.78
N VAL H 147 -28.72 21.79 13.95
CA VAL H 147 -29.64 20.69 14.28
C VAL H 147 -31.10 21.12 14.23
N PRO H 148 -31.50 22.30 14.73
CA PRO H 148 -32.91 22.70 14.54
C PRO H 148 -33.32 22.73 13.08
N LEU H 149 -32.55 23.42 12.24
CA LEU H 149 -32.88 23.49 10.82
C LEU H 149 -32.78 22.12 10.16
N ALA H 150 -31.79 21.32 10.57
CA ALA H 150 -31.64 19.98 10.03
C ALA H 150 -32.88 19.14 10.33
N ILE H 151 -33.36 19.17 11.57
CA ILE H 151 -34.56 18.43 11.94
C ILE H 151 -35.76 18.96 11.18
N SER H 152 -35.83 20.28 11.00
CA SER H 152 -36.94 20.87 10.25
C SER H 152 -36.98 20.35 8.82
N ILE H 153 -35.82 20.27 8.18
CA ILE H 153 -35.77 19.84 6.78
C ILE H 153 -35.98 18.34 6.66
N MET H 154 -35.40 17.55 7.58
CA MET H 154 -35.41 16.09 7.46
C MET H 154 -36.82 15.53 7.52
N THR H 155 -37.65 16.03 8.45
CA THR H 155 -39.02 15.54 8.55
C THR H 155 -39.92 16.07 7.45
N SER H 156 -39.42 16.96 6.59
CA SER H 156 -40.17 17.48 5.46
C SER H 156 -39.90 16.72 4.17
N GLY H 157 -39.10 15.67 4.21
CA GLY H 157 -38.77 14.89 3.04
C GLY H 157 -39.81 13.87 2.62
N PHE H 158 -40.86 13.69 3.40
CA PHE H 158 -41.91 12.74 3.03
C PHE H 158 -42.67 13.18 1.78
N LEU H 159 -42.58 14.45 1.41
CA LEU H 159 -43.18 14.97 0.19
C LEU H 159 -42.16 15.16 -0.93
N TRP H 160 -41.01 14.49 -0.83
CA TRP H 160 -39.97 14.69 -1.85
C TRP H 160 -40.44 14.40 -3.27
N PRO H 161 -41.24 13.35 -3.55
CA PRO H 161 -41.74 13.23 -4.94
C PRO H 161 -42.58 14.41 -5.38
N PHE H 162 -43.39 14.97 -4.47
CA PHE H 162 -44.20 16.13 -4.81
C PHE H 162 -43.38 17.41 -4.85
N ALA H 163 -42.44 17.57 -3.91
CA ALA H 163 -41.59 18.76 -3.91
C ALA H 163 -40.71 18.81 -5.13
N ALA H 164 -40.17 17.66 -5.56
CA ALA H 164 -39.35 17.61 -6.76
C ALA H 164 -40.15 17.97 -7.99
N TRP H 165 -41.36 17.41 -8.13
CA TRP H 165 -42.22 17.84 -9.23
C TRP H 165 -43.13 18.97 -8.79
N GLN H 166 -42.53 19.94 -8.10
CA GLN H 166 -43.05 21.30 -7.97
C GLN H 166 -41.95 22.34 -8.06
N GLU H 167 -40.69 21.92 -7.92
CA GLU H 167 -39.52 22.76 -8.10
C GLU H 167 -38.94 22.63 -9.50
N PHE H 168 -39.07 21.45 -10.11
CA PHE H 168 -38.69 21.30 -11.51
C PHE H 168 -39.60 22.11 -12.41
N LEU H 169 -40.89 22.17 -12.09
CA LEU H 169 -41.83 22.96 -12.88
C LEU H 169 -41.50 24.44 -12.83
N SER H 170 -41.07 24.93 -11.66
CA SER H 170 -40.76 26.34 -11.49
C SER H 170 -39.34 26.69 -11.93
N GLY H 171 -38.57 25.72 -12.42
CA GLY H 171 -37.23 25.98 -12.87
C GLY H 171 -36.21 26.16 -11.77
N ASP H 172 -36.57 25.87 -10.52
CA ASP H 172 -35.68 26.04 -9.38
C ASP H 172 -34.84 24.80 -9.10
N LEU H 173 -35.01 23.72 -9.87
CA LEU H 173 -34.29 22.49 -9.62
C LEU H 173 -32.98 22.41 -10.40
N ILE H 174 -32.85 23.10 -11.53
CA ILE H 174 -31.72 22.93 -12.43
C ILE H 174 -31.06 24.29 -12.67
N ALA H 175 -29.74 24.32 -12.57
CA ALA H 175 -28.98 25.49 -13.02
C ALA H 175 -28.81 25.45 -14.53
N SER H 176 -28.55 26.62 -15.13
CA SER H 176 -28.52 26.73 -16.57
C SER H 176 -27.14 27.04 -17.13
N ASP H 177 -26.53 28.17 -16.78
CA ASP H 177 -25.23 28.53 -17.33
C ASP H 177 -24.29 29.19 -16.33
N GLU H 178 -24.69 29.34 -15.06
CA GLU H 178 -23.74 29.76 -14.04
C GLU H 178 -22.80 28.64 -13.64
N THR H 179 -23.08 27.42 -14.07
CA THR H 179 -22.18 26.30 -13.80
C THR H 179 -20.87 26.49 -14.55
N ILE H 180 -19.79 26.10 -13.90
CA ILE H 180 -18.45 26.32 -14.43
C ILE H 180 -18.10 25.22 -15.43
N THR H 181 -17.26 25.57 -16.40
CA THR H 181 -16.81 24.63 -17.42
C THR H 181 -15.31 24.78 -17.60
N THR H 182 -14.66 23.67 -17.96
CA THR H 182 -13.22 23.69 -18.20
C THR H 182 -12.91 24.46 -19.48
N SER H 183 -11.62 24.56 -19.80
CA SER H 183 -11.19 25.35 -20.95
C SER H 183 -11.74 24.82 -22.28
N PRO H 184 -11.64 23.52 -22.61
CA PRO H 184 -12.17 23.13 -23.91
C PRO H 184 -13.69 22.92 -23.92
N MET I 1 25.19 -35.22 -41.90
CA MET I 1 24.50 -34.46 -40.86
C MET I 1 22.99 -34.65 -40.96
N SER I 2 22.40 -35.26 -39.93
CA SER I 2 20.98 -35.52 -39.89
C SER I 2 20.21 -34.24 -39.56
N LEU I 3 18.89 -34.30 -39.74
CA LEU I 3 18.03 -33.16 -39.42
C LEU I 3 17.89 -32.95 -37.92
N ASP I 4 18.11 -33.99 -37.12
CA ASP I 4 17.96 -33.87 -35.67
C ASP I 4 19.15 -33.20 -35.00
N LEU I 5 20.25 -33.00 -35.73
CA LEU I 5 21.38 -32.23 -35.23
C LEU I 5 21.19 -30.73 -35.38
N LEU I 6 20.22 -30.31 -36.19
CA LEU I 6 19.97 -28.89 -36.38
C LEU I 6 19.61 -28.15 -35.10
N PRO I 7 18.78 -28.68 -34.20
CA PRO I 7 18.55 -27.97 -32.93
C PRO I 7 19.84 -27.71 -32.15
N SER I 8 20.67 -28.73 -31.99
CA SER I 8 21.92 -28.54 -31.26
C SER I 8 22.90 -27.64 -31.99
N PHE I 9 22.77 -27.52 -33.31
CA PHE I 9 23.63 -26.58 -34.04
C PHE I 9 23.13 -25.15 -33.93
N PHE I 10 21.81 -24.95 -33.92
CA PHE I 10 21.23 -23.62 -34.06
C PHE I 10 20.87 -22.96 -32.74
N VAL I 11 20.28 -23.70 -31.79
CA VAL I 11 19.86 -23.09 -30.53
C VAL I 11 21.02 -22.43 -29.79
N PRO I 12 22.17 -23.08 -29.59
CA PRO I 12 23.29 -22.34 -28.99
C PRO I 12 23.72 -21.17 -29.85
N LEU I 13 23.86 -21.41 -31.16
CA LEU I 13 24.24 -20.36 -32.09
C LEU I 13 23.37 -19.13 -31.91
N VAL I 14 22.07 -19.26 -32.15
CA VAL I 14 21.16 -18.12 -32.03
C VAL I 14 21.26 -17.57 -30.61
N GLY I 15 20.82 -18.37 -29.64
CA GLY I 15 20.53 -17.89 -28.30
C GLY I 15 21.73 -17.43 -27.49
N LEU I 16 22.95 -17.66 -27.98
CA LEU I 16 24.12 -17.12 -27.30
C LEU I 16 24.94 -16.21 -28.20
N VAL I 17 25.26 -16.64 -29.42
CA VAL I 17 26.11 -15.82 -30.29
C VAL I 17 25.35 -14.57 -30.73
N LEU I 18 24.09 -14.72 -31.16
CA LEU I 18 23.36 -13.54 -31.61
C LEU I 18 23.21 -12.50 -30.52
N PRO I 19 22.89 -12.84 -29.25
CA PRO I 19 22.98 -11.82 -28.20
C PRO I 19 24.34 -11.15 -28.12
N LEU I 20 25.44 -11.89 -28.21
CA LEU I 20 26.75 -11.28 -28.04
C LEU I 20 27.02 -10.23 -29.12
N PHE I 21 26.85 -10.60 -30.39
CA PHE I 21 27.11 -9.67 -31.46
C PHE I 21 26.11 -8.52 -31.47
N SER I 22 24.84 -8.82 -31.15
CA SER I 22 23.84 -7.75 -31.09
C SER I 22 24.16 -6.76 -29.99
N ILE I 23 24.58 -7.25 -28.82
CA ILE I 23 24.99 -6.36 -27.73
C ILE I 23 26.20 -5.53 -28.15
N ILE I 24 27.18 -6.15 -28.80
CA ILE I 24 28.35 -5.40 -29.26
C ILE I 24 27.91 -4.26 -30.18
N GLY I 25 27.10 -4.59 -31.19
CA GLY I 25 26.67 -3.58 -32.15
C GLY I 25 25.84 -2.49 -31.53
N LEU I 26 24.88 -2.87 -30.68
CA LEU I 26 24.00 -1.89 -30.06
C LEU I 26 24.75 -0.99 -29.10
N PHE I 27 25.65 -1.55 -28.30
CA PHE I 27 26.45 -0.73 -27.39
C PHE I 27 27.33 0.22 -28.17
N LEU I 28 27.99 -0.26 -29.22
CA LEU I 28 28.83 0.60 -30.04
C LEU I 28 28.00 1.72 -30.65
N TYR I 29 26.80 1.40 -31.16
CA TYR I 29 25.97 2.40 -31.81
C TYR I 29 25.48 3.45 -30.82
N ILE I 30 24.95 3.02 -29.67
CA ILE I 30 24.39 3.97 -28.71
C ILE I 30 25.47 4.72 -27.94
N GLU I 31 26.71 4.29 -28.00
CA GLU I 31 27.81 5.02 -27.37
C GLU I 31 28.62 5.84 -28.36
N LYS I 32 28.14 5.99 -29.59
CA LYS I 32 28.87 6.78 -30.59
C LYS I 32 28.83 8.26 -30.24
N GLU I 33 29.63 9.03 -30.97
CA GLU I 33 29.66 10.48 -30.82
C GLU I 33 29.43 11.14 -32.18
N ASN I 34 29.63 12.45 -32.24
CA ASN I 34 29.47 13.18 -33.49
C ASN I 34 30.66 14.07 -33.78
N MET J 1 -23.91 24.45 29.10
CA MET J 1 -24.42 23.50 28.12
C MET J 1 -24.80 24.18 26.82
N LYS J 2 -24.14 25.30 26.52
CA LYS J 2 -24.35 25.99 25.25
C LYS J 2 -23.33 25.56 24.21
N ASP J 3 -22.08 25.36 24.61
CA ASP J 3 -21.04 24.89 23.70
C ASP J 3 -20.98 23.37 23.64
N PHE J 4 -21.41 22.68 24.71
CA PHE J 4 -21.51 21.22 24.64
C PHE J 4 -22.54 20.79 23.62
N LEU J 5 -23.70 21.46 23.60
CA LEU J 5 -24.71 21.16 22.59
C LEU J 5 -24.22 21.54 21.20
N LYS J 6 -23.38 22.58 21.09
CA LYS J 6 -22.77 22.89 19.81
C LYS J 6 -21.74 21.84 19.42
N TYR J 7 -21.01 21.29 20.40
CA TYR J 7 -20.09 20.19 20.10
C TYR J 7 -20.84 18.96 19.62
N LEU J 8 -21.98 18.65 20.25
CA LEU J 8 -22.80 17.53 19.81
C LEU J 8 -23.38 17.76 18.43
N SER J 9 -23.40 19.01 17.96
CA SER J 9 -23.90 19.35 16.64
C SER J 9 -22.82 19.25 15.56
N THR J 10 -21.61 18.87 15.92
CA THR J 10 -20.54 18.72 14.94
C THR J 10 -20.82 17.52 14.04
N ALA J 11 -20.15 17.52 12.89
CA ALA J 11 -20.35 16.45 11.92
C ALA J 11 -20.03 15.06 12.45
N PRO J 12 -18.91 14.82 13.18
CA PRO J 12 -18.62 13.43 13.59
C PRO J 12 -19.61 12.90 14.59
N VAL J 13 -19.94 13.69 15.61
CA VAL J 13 -20.86 13.23 16.65
C VAL J 13 -22.24 12.99 16.05
N LEU J 14 -22.71 13.91 15.20
CA LEU J 14 -24.01 13.73 14.58
C LEU J 14 -24.04 12.53 13.65
N LEU J 15 -22.98 12.33 12.86
CA LEU J 15 -22.93 11.18 11.98
C LEU J 15 -22.88 9.88 12.78
N THR J 16 -22.11 9.85 13.87
CA THR J 16 -22.05 8.66 14.71
C THR J 16 -23.39 8.36 15.33
N ALA J 17 -24.07 9.38 15.85
CA ALA J 17 -25.39 9.16 16.44
C ALA J 17 -26.39 8.69 15.39
N TRP J 18 -26.38 9.31 14.21
CA TRP J 18 -27.34 8.93 13.17
C TRP J 18 -27.08 7.53 12.67
N LEU J 19 -25.81 7.16 12.46
CA LEU J 19 -25.50 5.83 11.99
C LEU J 19 -25.76 4.77 13.06
N THR J 20 -25.51 5.11 14.32
CA THR J 20 -25.84 4.18 15.40
C THR J 20 -27.35 3.96 15.48
N PHE J 21 -28.14 5.02 15.38
CA PHE J 21 -29.59 4.89 15.36
C PHE J 21 -30.05 4.09 14.14
N THR J 22 -29.43 4.34 12.99
CA THR J 22 -29.83 3.65 11.76
C THR J 22 -29.53 2.16 11.83
N ALA J 23 -28.30 1.81 12.20
CA ALA J 23 -27.97 0.41 12.41
C ALA J 23 -28.86 -0.20 13.48
N GLY J 24 -29.21 0.57 14.50
CA GLY J 24 -30.08 0.05 15.55
C GLY J 24 -31.44 -0.36 15.03
N PHE J 25 -32.11 0.54 14.30
CA PHE J 25 -33.45 0.16 13.86
C PHE J 25 -33.40 -0.89 12.76
N VAL J 26 -32.34 -0.92 11.95
CA VAL J 26 -32.19 -1.99 10.98
C VAL J 26 -32.02 -3.34 11.67
N ILE J 27 -31.13 -3.40 12.66
CA ILE J 27 -30.89 -4.64 13.39
C ILE J 27 -32.14 -5.09 14.11
N GLU J 28 -32.91 -4.15 14.66
CA GLU J 28 -34.10 -4.56 15.39
C GLU J 28 -35.24 -4.99 14.47
N ILE J 29 -35.36 -4.37 13.30
CA ILE J 29 -36.30 -4.89 12.30
C ILE J 29 -35.92 -6.31 11.92
N ASN J 30 -34.62 -6.55 11.71
CA ASN J 30 -34.18 -7.89 11.34
C ASN J 30 -34.26 -8.89 12.49
N ARG J 31 -34.31 -8.41 13.73
CA ARG J 31 -34.56 -9.33 14.85
C ARG J 31 -36.03 -9.70 14.94
N PHE J 32 -36.91 -8.71 14.86
CA PHE J 32 -38.34 -9.00 15.04
C PHE J 32 -38.96 -9.66 13.82
N TYR J 33 -38.46 -9.36 12.62
CA TYR J 33 -38.90 -10.04 11.39
C TYR J 33 -37.66 -10.52 10.65
N PRO J 34 -37.08 -11.63 11.08
CA PRO J 34 -35.85 -12.12 10.46
C PRO J 34 -36.12 -12.85 9.15
N ASP J 35 -35.04 -13.03 8.39
CA ASP J 35 -35.04 -13.85 7.18
C ASP J 35 -36.08 -13.36 6.17
N ALA J 36 -36.13 -12.04 5.97
CA ALA J 36 -37.08 -11.44 5.03
C ALA J 36 -36.41 -11.31 3.67
N LEU J 37 -36.68 -12.26 2.78
CA LEU J 37 -36.10 -12.23 1.44
C LEU J 37 -36.92 -11.38 0.47
N THR J 38 -38.24 -11.38 0.61
CA THR J 38 -39.12 -10.60 -0.24
C THR J 38 -39.92 -9.61 0.60
N PHE J 39 -40.67 -8.75 -0.08
CA PHE J 39 -41.54 -7.82 0.61
C PHE J 39 -42.59 -8.58 1.40
N PRO J 40 -42.89 -8.19 2.64
CA PRO J 40 -43.87 -8.94 3.44
C PRO J 40 -45.25 -8.99 2.81
N PHE J 41 -45.66 -7.93 2.13
CA PHE J 41 -46.96 -7.91 1.47
C PHE J 41 -46.95 -8.80 0.23
N VAL K 2 44.00 13.14 19.46
CA VAL K 2 44.26 12.88 18.05
C VAL K 2 42.97 12.58 17.31
N SER K 3 42.95 12.84 16.01
CA SER K 3 41.83 12.53 15.14
C SER K 3 42.34 11.78 13.93
N PHE K 4 41.70 10.65 13.61
CA PHE K 4 42.16 9.79 12.51
C PHE K 4 41.31 9.95 11.25
N ILE K 5 40.40 10.92 11.23
CA ILE K 5 39.64 11.25 10.03
C ILE K 5 39.76 12.75 9.80
N LYS K 6 40.26 13.12 8.63
CA LYS K 6 40.48 14.51 8.26
C LYS K 6 40.05 14.71 6.82
N PRO K 7 39.78 15.95 6.41
CA PRO K 7 39.45 16.20 5.00
C PRO K 7 40.57 15.74 4.08
N TYR K 8 40.19 15.22 2.92
CA TYR K 8 41.16 14.63 2.00
C TYR K 8 41.99 15.71 1.34
N ARG K 9 43.32 15.64 1.53
CA ARG K 9 44.26 16.56 0.92
C ARG K 9 43.94 18.02 1.25
N GLN K 10 43.47 18.25 2.47
CA GLN K 10 43.16 19.59 2.99
C GLN K 10 42.10 20.29 2.15
N ASP K 11 41.21 19.53 1.53
CA ASP K 11 40.09 20.10 0.77
C ASP K 11 38.78 19.67 1.43
N PRO K 12 38.13 20.55 2.20
CA PRO K 12 36.90 20.15 2.88
C PRO K 12 35.69 20.06 1.97
N PHE K 13 35.83 20.29 0.68
CA PHE K 13 34.71 20.31 -0.24
C PHE K 13 34.68 19.12 -1.19
N VAL K 14 35.70 18.25 -1.16
CA VAL K 14 35.67 17.03 -1.94
C VAL K 14 34.67 16.07 -1.32
N GLY K 15 34.08 15.21 -2.16
CA GLY K 15 33.22 14.17 -1.65
C GLY K 15 34.02 12.97 -1.22
N HIS K 16 34.97 13.19 -0.31
CA HIS K 16 35.89 12.15 0.12
C HIS K 16 36.45 12.52 1.48
N LEU K 17 37.00 11.52 2.16
CA LEU K 17 37.58 11.70 3.48
C LEU K 17 38.88 10.92 3.58
N ALA K 18 39.77 11.40 4.44
CA ALA K 18 41.05 10.74 4.70
C ALA K 18 40.90 9.89 5.97
N THR K 19 40.31 8.72 5.80
CA THR K 19 40.08 7.78 6.89
C THR K 19 41.26 6.83 7.02
N PRO K 20 41.33 6.06 8.12
CA PRO K 20 42.43 5.10 8.27
C PRO K 20 42.38 3.94 7.28
N ILE K 21 41.50 4.04 6.28
CA ILE K 21 41.39 3.04 5.24
C ILE K 21 41.67 3.62 3.86
N THR K 22 41.20 4.84 3.59
CA THR K 22 41.47 5.45 2.30
C THR K 22 42.94 5.86 2.16
N THR K 23 43.52 6.42 3.21
CA THR K 23 44.87 6.98 3.15
C THR K 23 45.77 6.41 4.24
N SER K 24 45.69 5.11 4.47
CA SER K 24 46.60 4.46 5.40
C SER K 24 47.81 3.92 4.64
N ALA K 25 48.95 3.84 5.35
CA ALA K 25 50.16 3.35 4.71
C ALA K 25 49.98 1.95 4.16
N PHE K 26 49.23 1.10 4.88
CA PHE K 26 48.94 -0.23 4.37
C PHE K 26 48.17 -0.16 3.06
N THR K 27 47.15 0.71 3.01
CA THR K 27 46.38 0.87 1.78
C THR K 27 47.28 1.38 0.66
N ARG K 28 48.14 2.35 0.95
CA ARG K 28 49.05 2.88 -0.06
C ARG K 28 49.92 1.79 -0.65
N ALA K 29 50.64 1.05 0.21
CA ALA K 29 51.54 0.02 -0.30
C ALA K 29 50.79 -1.09 -1.00
N TYR K 30 49.66 -1.54 -0.42
CA TYR K 30 48.93 -2.64 -1.01
C TYR K 30 48.38 -2.30 -2.38
N LEU K 31 47.86 -1.08 -2.55
CA LEU K 31 47.37 -0.68 -3.86
C LEU K 31 48.50 -0.38 -4.83
N LYS K 32 49.67 0.02 -4.32
CA LYS K 32 50.81 0.27 -5.20
C LYS K 32 51.54 -1.00 -5.61
N VAL K 33 51.29 -2.13 -4.95
CA VAL K 33 51.85 -3.40 -5.44
C VAL K 33 50.89 -4.14 -6.35
N LEU K 34 49.65 -3.68 -6.48
CA LEU K 34 48.71 -4.33 -7.37
C LEU K 34 49.06 -4.03 -8.83
N PRO K 35 48.76 -4.95 -9.75
CA PRO K 35 49.12 -4.73 -11.15
C PRO K 35 48.53 -3.47 -11.75
N ALA K 36 47.33 -3.07 -11.32
CA ALA K 36 46.69 -1.89 -11.90
C ALA K 36 47.44 -0.62 -11.57
N TYR K 37 48.17 -0.59 -10.45
CA TYR K 37 48.87 0.61 -10.02
C TYR K 37 50.36 0.39 -9.79
N ARG K 38 50.87 -0.81 -10.02
CA ARG K 38 52.29 -1.07 -9.77
C ARG K 38 53.15 -0.26 -10.74
N PRO K 39 54.14 0.48 -10.24
CA PRO K 39 55.00 1.26 -11.15
C PRO K 39 55.89 0.37 -11.98
N GLY K 40 56.28 0.88 -13.14
CA GLY K 40 57.19 0.17 -14.02
C GLY K 40 56.57 -0.90 -14.88
N LEU K 41 55.24 -0.91 -15.02
CA LEU K 41 54.54 -1.91 -15.81
C LEU K 41 53.95 -1.26 -17.04
N THR K 42 54.18 -1.87 -18.21
CA THR K 42 53.49 -1.49 -19.42
C THR K 42 52.03 -1.93 -19.35
N PRO K 43 51.14 -1.30 -20.12
CA PRO K 43 49.73 -1.71 -20.05
C PRO K 43 49.51 -3.17 -20.42
N LEU K 44 50.32 -3.70 -21.35
CA LEU K 44 50.25 -5.11 -21.68
C LEU K 44 50.60 -5.98 -20.49
N SER K 45 51.62 -5.59 -19.72
CA SER K 45 52.01 -6.36 -18.54
C SER K 45 50.91 -6.32 -17.47
N ARG K 46 50.32 -5.14 -17.25
CA ARG K 46 49.22 -5.03 -16.30
C ARG K 46 48.07 -5.93 -16.71
N GLY K 47 47.69 -5.87 -17.99
CA GLY K 47 46.62 -6.72 -18.48
C GLY K 47 46.95 -8.20 -18.33
N ALA K 48 48.19 -8.58 -18.63
CA ALA K 48 48.58 -9.98 -18.55
C ALA K 48 48.50 -10.48 -17.12
N GLU K 49 49.01 -9.71 -16.16
CA GLU K 49 48.95 -10.14 -14.76
C GLU K 49 47.50 -10.21 -14.27
N ILE K 50 46.70 -9.20 -14.60
CA ILE K 50 45.30 -9.20 -14.16
C ILE K 50 44.57 -10.40 -14.75
N GLY K 51 44.78 -10.67 -16.05
CA GLY K 51 44.13 -11.82 -16.67
C GLY K 51 44.58 -13.12 -16.06
N PHE K 52 45.88 -13.26 -15.77
CA PHE K 52 46.36 -14.50 -15.16
C PHE K 52 45.68 -14.74 -13.82
N THR K 53 45.69 -13.73 -12.95
CA THR K 53 45.06 -13.91 -11.64
C THR K 53 43.56 -14.20 -11.79
N HIS K 54 42.90 -13.50 -12.70
CA HIS K 54 41.46 -13.61 -12.80
C HIS K 54 41.02 -14.95 -13.38
N GLY K 55 41.69 -15.42 -14.43
CA GLY K 55 41.41 -16.77 -14.92
C GLY K 55 41.73 -17.82 -13.88
N TYR K 56 42.83 -17.63 -13.14
CA TYR K 56 43.25 -18.59 -12.12
C TYR K 56 42.16 -18.77 -11.07
N PHE K 57 41.59 -17.66 -10.57
CA PHE K 57 40.54 -17.81 -9.58
C PHE K 57 39.15 -17.99 -10.19
N LEU K 58 39.02 -17.81 -11.50
CA LEU K 58 37.72 -17.97 -12.14
C LEU K 58 37.43 -19.42 -12.49
N ILE K 59 38.48 -20.20 -12.81
CA ILE K 59 38.23 -21.60 -13.13
C ILE K 59 37.67 -22.35 -11.93
N GLY K 60 37.93 -21.86 -10.72
CA GLY K 60 37.55 -22.53 -9.50
C GLY K 60 36.05 -22.78 -9.37
N PRO K 61 35.26 -21.70 -9.28
CA PRO K 61 33.81 -21.89 -9.10
C PRO K 61 33.15 -22.67 -10.23
N PHE K 62 33.61 -22.50 -11.47
CA PHE K 62 33.01 -23.23 -12.58
C PHE K 62 33.28 -24.73 -12.47
N TYR K 63 34.51 -25.10 -12.13
CA TYR K 63 34.84 -26.52 -12.01
C TYR K 63 34.18 -27.14 -10.79
N THR K 64 34.16 -26.41 -9.67
CA THR K 64 33.65 -27.00 -8.42
C THR K 64 32.14 -27.15 -8.44
N TYR K 65 31.42 -26.13 -8.89
CA TYR K 65 29.97 -26.10 -8.76
C TYR K 65 29.23 -26.13 -10.09
N GLY K 66 29.90 -26.46 -11.19
CA GLY K 66 29.29 -26.44 -12.49
C GLY K 66 28.16 -27.44 -12.66
N PRO K 67 27.65 -27.56 -13.88
CA PRO K 67 26.63 -28.58 -14.15
C PRO K 67 27.17 -29.99 -14.27
N LEU K 68 28.49 -30.16 -14.37
CA LEU K 68 29.12 -31.45 -14.54
C LEU K 68 30.13 -31.72 -13.42
N ARG K 69 29.73 -31.43 -12.17
CA ARG K 69 30.62 -31.66 -11.05
C ARG K 69 30.92 -33.14 -10.87
N SER K 70 31.87 -33.41 -9.99
CA SER K 70 32.23 -34.77 -9.62
C SER K 70 32.92 -34.71 -8.27
N VAL K 71 32.42 -35.47 -7.30
CA VAL K 71 33.05 -35.49 -5.98
C VAL K 71 34.44 -36.08 -6.08
N GLU K 72 34.69 -36.96 -7.05
CA GLU K 72 36.02 -37.41 -7.39
C GLU K 72 36.56 -36.54 -8.52
N PHE K 73 37.79 -36.81 -8.94
CA PHE K 73 38.38 -36.04 -10.03
C PHE K 73 37.94 -36.60 -11.38
N SER K 74 37.40 -35.74 -12.22
CA SER K 74 36.97 -36.11 -13.56
C SER K 74 37.60 -35.17 -14.57
N LEU K 75 38.15 -35.74 -15.64
CA LEU K 75 38.70 -34.90 -16.71
C LEU K 75 37.61 -34.10 -17.40
N THR K 76 36.40 -34.66 -17.51
CA THR K 76 35.31 -33.93 -18.13
C THR K 76 34.91 -32.72 -17.30
N SER K 77 34.87 -32.86 -15.98
CA SER K 77 34.55 -31.72 -15.11
C SER K 77 35.61 -30.62 -15.25
N LEU K 78 36.89 -31.01 -15.27
CA LEU K 78 37.96 -30.04 -15.42
C LEU K 78 37.87 -29.34 -16.76
N ALA K 79 37.60 -30.10 -17.83
CA ALA K 79 37.48 -29.50 -19.15
C ALA K 79 36.30 -28.55 -19.22
N ALA K 80 35.17 -28.92 -18.61
CA ALA K 80 34.00 -28.06 -18.59
C ALA K 80 34.30 -26.75 -17.85
N GLY K 81 34.92 -26.86 -16.69
CA GLY K 81 35.27 -25.65 -15.94
C GLY K 81 36.26 -24.78 -16.68
N LEU K 82 37.25 -25.40 -17.33
CA LEU K 82 38.24 -24.63 -18.09
C LEU K 82 37.58 -23.92 -19.27
N LEU K 83 36.70 -24.60 -20.00
CA LEU K 83 36.03 -23.97 -21.13
C LEU K 83 35.12 -22.85 -20.67
N ALA K 84 34.38 -23.05 -19.57
CA ALA K 84 33.52 -21.99 -19.06
C ALA K 84 34.34 -20.78 -18.64
N ALA K 85 35.47 -21.01 -17.96
CA ALA K 85 36.33 -19.89 -17.54
C ALA K 85 36.89 -19.15 -18.76
N ILE K 86 37.32 -19.89 -19.78
CA ILE K 86 37.88 -19.26 -20.97
C ILE K 86 36.82 -18.44 -21.70
N THR K 87 35.60 -18.97 -21.80
CA THR K 87 34.54 -18.22 -22.47
C THR K 87 34.14 -16.98 -21.67
N LEU K 88 34.13 -17.08 -20.33
CA LEU K 88 33.87 -15.90 -19.51
C LEU K 88 34.96 -14.85 -19.69
N LEU K 89 36.21 -15.30 -19.79
CA LEU K 89 37.30 -14.36 -20.08
C LEU K 89 37.13 -13.72 -21.45
N LEU K 90 36.64 -14.49 -22.43
CA LEU K 90 36.36 -13.92 -23.74
C LEU K 90 35.28 -12.85 -23.67
N ILE K 91 34.23 -13.11 -22.89
CA ILE K 91 33.16 -12.12 -22.73
C ILE K 91 33.70 -10.86 -22.07
N LEU K 92 34.53 -11.04 -21.03
CA LEU K 92 35.12 -9.89 -20.35
C LEU K 92 36.05 -9.12 -21.29
N THR K 93 36.79 -9.82 -22.14
CA THR K 93 37.65 -9.15 -23.11
C THR K 93 36.85 -8.38 -24.14
N VAL K 94 35.72 -8.94 -24.57
CA VAL K 94 34.83 -8.22 -25.48
C VAL K 94 34.34 -6.94 -24.83
N GLY K 95 33.93 -7.02 -23.56
CA GLY K 95 33.51 -5.84 -22.83
C GLY K 95 34.62 -4.80 -22.71
N LEU K 96 35.84 -5.26 -22.40
CA LEU K 96 36.98 -4.35 -22.33
C LEU K 96 37.22 -3.67 -23.67
N SER K 97 37.16 -4.43 -24.76
CA SER K 97 37.43 -3.88 -26.08
C SER K 97 36.42 -2.81 -26.44
N ILE K 98 35.13 -3.09 -26.23
CA ILE K 98 34.12 -2.10 -26.60
C ILE K 98 34.18 -0.89 -25.68
N TYR K 99 34.48 -1.09 -24.40
CA TYR K 99 34.63 0.02 -23.47
C TYR K 99 35.77 0.94 -23.91
N GLY K 100 36.91 0.36 -24.23
CA GLY K 100 38.03 1.17 -24.71
C GLY K 100 37.75 1.83 -26.03
N GLN K 101 36.99 1.16 -26.91
CA GLN K 101 36.63 1.75 -28.19
C GLN K 101 35.77 3.00 -28.00
N VAL K 102 34.81 2.95 -27.07
CA VAL K 102 33.89 4.07 -26.91
C VAL K 102 34.37 5.11 -25.91
N THR K 103 35.42 4.83 -25.15
CA THR K 103 35.82 5.75 -24.09
C THR K 103 36.88 6.76 -24.54
N TYR K 104 38.03 6.28 -25.00
CA TYR K 104 39.17 7.14 -25.25
C TYR K 104 39.34 7.43 -26.74
N ASP K 105 39.89 8.62 -27.05
CA ASP K 105 40.51 8.90 -28.36
C ASP K 105 41.87 9.56 -28.14
N VAL K 106 42.88 8.74 -27.82
CA VAL K 106 44.24 9.20 -27.60
C VAL K 106 45.18 8.05 -27.94
N TYR K 107 46.38 8.38 -28.43
CA TYR K 107 47.43 7.39 -28.62
C TYR K 107 48.67 7.64 -27.78
N ASP K 108 48.83 8.83 -27.21
CA ASP K 108 49.96 9.12 -26.33
C ASP K 108 49.52 10.19 -25.34
N ASN K 109 49.36 9.80 -24.07
CA ASN K 109 48.82 10.67 -23.04
C ASN K 109 49.98 11.29 -22.24
N ALA K 110 49.63 12.10 -21.25
CA ALA K 110 50.53 12.89 -20.41
C ALA K 110 51.23 13.97 -21.20
N LEU K 111 51.03 14.05 -22.51
CA LEU K 111 51.55 15.11 -23.35
C LEU K 111 50.44 16.01 -23.91
N ILE K 112 49.43 15.41 -24.55
CA ILE K 112 48.36 16.18 -25.19
C ILE K 112 47.77 17.19 -24.22
N VAL K 113 47.64 16.81 -22.95
CA VAL K 113 47.14 17.73 -21.93
C VAL K 113 48.05 18.95 -21.83
N LYS K 114 49.36 18.72 -21.77
CA LYS K 114 50.30 19.84 -21.69
C LYS K 114 50.30 20.66 -22.97
N LEU K 115 50.19 20.00 -24.12
CA LEU K 115 50.17 20.72 -25.39
C LEU K 115 48.97 21.65 -25.47
N VAL K 116 47.81 21.21 -25.01
CA VAL K 116 46.63 22.06 -25.07
C VAL K 116 46.57 23.05 -23.91
N ARG K 117 47.30 22.79 -22.82
CA ARG K 117 47.47 23.79 -21.78
C ARG K 117 48.51 24.84 -22.14
N GLN K 118 49.32 24.58 -23.16
CA GLN K 118 50.36 25.51 -23.58
C GLN K 118 50.08 26.12 -24.95
N MET K 119 49.86 25.30 -25.97
CA MET K 119 49.69 25.76 -27.34
C MET K 119 48.23 25.99 -27.72
N VAL K 120 47.35 26.14 -26.73
CA VAL K 120 45.92 26.42 -26.92
C VAL K 120 45.21 25.23 -27.56
N GLY K 121 43.92 25.11 -27.29
CA GLY K 121 43.14 23.97 -27.75
C GLY K 121 41.84 24.36 -28.45
N SER K 122 41.88 25.42 -29.27
CA SER K 122 40.66 25.93 -29.87
C SER K 122 40.15 24.99 -30.96
N GLU K 123 39.65 23.83 -30.55
CA GLU K 123 39.13 22.82 -31.46
C GLU K 123 37.84 22.27 -30.87
N ARG K 124 37.36 21.15 -31.43
CA ARG K 124 36.13 20.52 -30.97
C ARG K 124 36.23 19.97 -29.55
N THR K 125 37.41 20.02 -28.92
CA THR K 125 37.63 19.62 -27.54
C THR K 125 37.34 18.13 -27.32
N GLN K 126 37.53 17.69 -26.07
CA GLN K 126 37.28 16.32 -25.61
C GLN K 126 38.32 15.35 -26.16
N ASP K 127 39.17 15.81 -27.08
CA ASP K 127 40.35 15.06 -27.51
C ASP K 127 41.63 15.85 -27.28
N LEU K 128 41.69 17.09 -27.76
CA LEU K 128 42.77 17.99 -27.42
C LEU K 128 42.61 18.42 -25.97
N PRO K 129 41.56 19.18 -25.65
CA PRO K 129 41.32 19.56 -24.26
C PRO K 129 40.71 18.42 -23.45
N GLN K 130 40.31 18.72 -22.21
CA GLN K 130 39.70 17.75 -21.32
C GLN K 130 40.69 16.63 -20.99
N ILE K 131 40.41 15.42 -21.48
CA ILE K 131 41.25 14.24 -21.26
C ILE K 131 41.33 13.91 -19.79
N LYS K 132 40.53 12.96 -19.33
CA LYS K 132 40.52 12.53 -17.95
C LYS K 132 41.60 11.48 -17.74
N GLY K 133 42.45 11.69 -16.74
CA GLY K 133 43.50 10.75 -16.41
C GLY K 133 44.72 10.87 -17.31
N THR K 134 45.91 10.72 -16.73
CA THR K 134 47.16 10.82 -17.47
C THR K 134 47.89 9.48 -17.57
N SER K 135 47.26 8.39 -17.12
CA SER K 135 47.90 7.09 -17.20
C SER K 135 47.98 6.60 -18.64
N GLU K 136 48.92 5.70 -18.89
CA GLU K 136 49.03 5.06 -20.18
C GLU K 136 47.85 4.13 -20.47
N LEU K 137 47.12 3.71 -19.44
CA LEU K 137 45.91 2.91 -19.64
C LEU K 137 44.76 3.73 -20.21
N ASP K 138 44.89 5.06 -20.24
CA ASP K 138 43.81 5.94 -20.67
C ASP K 138 43.98 6.38 -22.11
N THR K 139 44.48 5.49 -22.96
CA THR K 139 44.63 5.75 -24.39
C THR K 139 44.01 4.62 -25.19
N VAL K 140 43.74 4.88 -26.46
CA VAL K 140 43.23 3.84 -27.34
C VAL K 140 44.23 2.71 -27.47
N LEU K 141 45.50 3.07 -27.70
CA LEU K 141 46.54 2.05 -27.78
C LEU K 141 46.75 1.36 -26.45
N GLY K 142 46.77 2.12 -25.35
CA GLY K 142 47.01 1.53 -24.05
C GLY K 142 45.94 0.54 -23.64
N TRP K 143 44.67 0.92 -23.83
CA TRP K 143 43.58 0.03 -23.45
C TRP K 143 43.50 -1.19 -24.36
N GLN K 144 43.86 -1.04 -25.64
CA GLN K 144 43.87 -2.20 -26.54
C GLN K 144 44.89 -3.23 -26.08
N LYS K 145 46.11 -2.77 -25.75
CA LYS K 145 47.12 -3.69 -25.24
C LYS K 145 46.72 -4.25 -23.87
N PHE K 146 46.03 -3.44 -23.05
CA PHE K 146 45.54 -3.94 -21.78
C PHE K 146 44.55 -5.09 -21.98
N SER K 147 43.62 -4.92 -22.92
CA SER K 147 42.65 -5.99 -23.20
C SER K 147 43.33 -7.22 -23.77
N GLU K 148 44.29 -7.02 -24.68
CA GLU K 148 45.04 -8.14 -25.24
C GLU K 148 45.76 -8.92 -24.14
N GLY K 149 46.44 -8.21 -23.25
CA GLY K 149 47.11 -8.85 -22.14
C GLY K 149 46.15 -9.56 -21.21
N PHE K 150 45.02 -8.93 -20.91
CA PHE K 150 44.02 -9.58 -20.06
C PHE K 150 43.56 -10.89 -20.68
N PHE K 151 43.33 -10.89 -21.98
CA PHE K 151 42.81 -12.07 -22.66
C PHE K 151 43.84 -13.19 -22.69
N SER K 152 45.08 -12.87 -23.09
CA SER K 152 46.13 -13.89 -23.14
C SER K 152 46.46 -14.42 -21.74
N GLY K 153 46.63 -13.52 -20.78
CA GLY K 153 46.90 -13.95 -19.42
C GLY K 153 45.76 -14.74 -18.81
N GLY K 154 44.52 -14.40 -19.16
CA GLY K 154 43.40 -15.19 -18.69
C GLY K 154 43.45 -16.62 -19.19
N LEU K 155 43.74 -16.79 -20.49
CA LEU K 155 43.87 -18.14 -21.03
C LEU K 155 45.00 -18.89 -20.31
N ILE K 156 46.16 -18.26 -20.17
CA ILE K 156 47.31 -18.94 -19.57
C ILE K 156 47.04 -19.29 -18.11
N GLY K 157 46.46 -18.35 -17.36
CA GLY K 157 46.18 -18.60 -15.96
C GLY K 157 45.13 -19.66 -15.75
N SER K 158 44.10 -19.68 -16.61
CA SER K 158 43.10 -20.74 -16.52
C SER K 158 43.72 -22.10 -16.79
N ILE K 159 44.60 -22.20 -17.79
CA ILE K 159 45.26 -23.47 -18.07
C ILE K 159 46.14 -23.88 -16.90
N VAL K 160 46.88 -22.93 -16.34
CA VAL K 160 47.78 -23.24 -15.21
C VAL K 160 46.97 -23.70 -14.00
N ALA K 161 45.84 -23.05 -13.73
CA ALA K 161 45.01 -23.44 -12.60
C ALA K 161 44.38 -24.81 -12.83
N ALA K 162 43.99 -25.12 -14.07
CA ALA K 162 43.48 -26.45 -14.37
C ALA K 162 44.55 -27.51 -14.12
N VAL K 163 45.78 -27.24 -14.55
CA VAL K 163 46.88 -28.17 -14.31
C VAL K 163 47.11 -28.36 -12.82
N GLY K 164 47.10 -27.26 -12.06
CA GLY K 164 47.28 -27.37 -10.63
C GLY K 164 46.17 -28.13 -9.94
N ILE K 165 44.93 -27.91 -10.37
CA ILE K 165 43.80 -28.65 -9.81
C ILE K 165 43.93 -30.13 -10.10
N ALA K 166 44.31 -30.48 -11.33
CA ALA K 166 44.49 -31.89 -11.67
C ALA K 166 45.60 -32.52 -10.83
N LEU K 167 46.71 -31.81 -10.66
CA LEU K 167 47.81 -32.34 -9.86
C LEU K 167 47.39 -32.53 -8.40
N TYR K 168 46.68 -31.56 -7.85
CA TYR K 168 46.24 -31.65 -6.46
C TYR K 168 45.25 -32.80 -6.27
N SER K 169 44.34 -32.98 -7.23
CA SER K 169 43.34 -34.04 -7.10
C SER K 169 43.94 -35.42 -7.34
N THR K 170 45.01 -35.51 -8.14
CA THR K 170 45.60 -36.80 -8.46
C THR K 170 46.64 -37.25 -7.43
N TYR K 171 47.62 -36.39 -7.15
CA TYR K 171 48.77 -36.78 -6.34
C TYR K 171 48.61 -36.49 -4.85
N LEU K 172 47.43 -36.04 -4.43
CA LEU K 172 47.19 -35.78 -3.01
C LEU K 172 46.00 -36.59 -2.51
N MET L 1 7.87 -36.88 -42.83
CA MET L 1 9.22 -36.41 -42.57
C MET L 1 9.79 -35.67 -43.78
N ILE L 2 10.21 -34.43 -43.58
CA ILE L 2 10.78 -33.63 -44.64
C ILE L 2 12.28 -33.95 -44.76
N TYR L 3 12.81 -33.77 -45.95
CA TYR L 3 14.18 -34.16 -46.24
C TYR L 3 15.17 -33.04 -45.89
N ASP L 4 16.45 -33.36 -45.99
CA ASP L 4 17.48 -32.35 -45.78
C ASP L 4 17.43 -31.28 -46.86
N SER L 5 17.14 -31.69 -48.11
CA SER L 5 17.03 -30.72 -49.19
C SER L 5 15.90 -29.74 -48.95
N GLN L 6 14.76 -30.23 -48.45
CA GLN L 6 13.61 -29.36 -48.19
C GLN L 6 13.95 -28.32 -47.13
N VAL L 7 14.57 -28.74 -46.03
CA VAL L 7 14.93 -27.82 -44.97
C VAL L 7 16.04 -26.88 -45.42
N TYR L 8 17.01 -27.40 -46.17
CA TYR L 8 18.15 -26.59 -46.59
C TYR L 8 17.72 -25.44 -47.50
N ILE L 9 16.87 -25.73 -48.49
CA ILE L 9 16.45 -24.67 -49.40
C ILE L 9 15.53 -23.69 -48.71
N ALA L 10 14.73 -24.15 -47.73
CA ALA L 10 13.93 -23.23 -46.93
C ALA L 10 14.83 -22.31 -46.11
N LEU L 11 15.94 -22.85 -45.59
CA LEU L 11 16.91 -22.00 -44.89
C LEU L 11 17.55 -21.00 -45.84
N VAL L 12 17.88 -21.43 -47.06
CA VAL L 12 18.49 -20.53 -48.03
C VAL L 12 17.51 -19.43 -48.42
N ILE L 13 16.25 -19.78 -48.65
CA ILE L 13 15.25 -18.78 -48.97
C ILE L 13 15.03 -17.84 -47.80
N ALA L 14 15.11 -18.37 -46.57
CA ALA L 14 15.00 -17.53 -45.38
C ALA L 14 16.14 -16.52 -45.31
N VAL L 15 17.34 -16.93 -45.74
CA VAL L 15 18.47 -16.01 -45.79
C VAL L 15 18.18 -14.87 -46.76
N VAL L 16 17.63 -15.20 -47.92
CA VAL L 16 17.30 -14.17 -48.91
C VAL L 16 16.28 -13.18 -48.34
N ALA L 17 15.27 -13.70 -47.63
CA ALA L 17 14.33 -12.82 -46.96
C ALA L 17 14.98 -11.99 -45.86
N SER L 18 16.10 -12.46 -45.31
CA SER L 18 16.81 -11.68 -44.30
C SER L 18 17.56 -10.51 -44.94
N VAL L 19 18.21 -10.74 -46.07
CA VAL L 19 18.90 -9.67 -46.77
C VAL L 19 17.92 -8.63 -47.26
N LEU L 20 16.72 -9.05 -47.64
CA LEU L 20 15.67 -8.10 -47.99
C LEU L 20 15.19 -7.31 -46.77
N ALA L 21 15.27 -7.93 -45.58
CA ALA L 21 14.82 -7.24 -44.37
C ALA L 21 15.79 -6.15 -43.95
N ILE L 22 17.10 -6.44 -43.98
CA ILE L 22 18.07 -5.42 -43.62
C ILE L 22 18.06 -4.28 -44.63
N ARG L 23 17.84 -4.58 -45.91
CA ARG L 23 17.72 -3.53 -46.91
C ARG L 23 16.55 -2.62 -46.60
N LEU L 24 15.41 -3.19 -46.19
CA LEU L 24 14.30 -2.37 -45.72
C LEU L 24 14.65 -1.67 -44.42
N GLY L 25 15.35 -2.36 -43.51
CA GLY L 25 15.73 -1.75 -42.25
C GLY L 25 16.69 -0.59 -42.43
N ALA L 26 17.70 -0.77 -43.28
CA ALA L 26 18.65 0.31 -43.53
C ALA L 26 18.01 1.44 -44.33
N THR L 27 17.01 1.12 -45.17
CA THR L 27 16.36 2.15 -45.96
C THR L 27 15.43 3.00 -45.10
N LEU L 28 14.88 2.41 -44.03
CA LEU L 28 14.15 3.19 -43.02
C LEU L 28 15.08 4.00 -42.13
N TYR L 29 16.36 4.00 -42.52
CA TYR L 29 17.41 4.84 -41.96
C TYR L 29 17.87 4.38 -40.58
N ASN L 30 19.02 4.90 -40.16
CA ASN L 30 19.62 4.59 -38.87
C ASN L 30 18.65 4.81 -37.73
N UNK M 1 58.07 12.43 -29.65
CA UNK M 1 57.11 12.82 -28.63
C UNK M 1 55.91 13.53 -29.25
N UNK M 2 56.17 14.33 -30.28
CA UNK M 2 55.11 15.06 -30.97
C UNK M 2 55.59 15.56 -32.33
N UNK M 3 55.61 16.89 -32.48
CA UNK M 3 56.06 17.52 -33.71
C UNK M 3 56.42 18.98 -33.42
N UNK M 4 56.32 19.83 -34.44
CA UNK M 4 56.58 21.26 -34.30
C UNK M 4 57.95 21.54 -33.69
N UNK M 5 58.07 22.66 -32.98
CA UNK M 5 59.32 23.05 -32.34
C UNK M 5 59.12 24.23 -31.39
N UNK M 6 60.18 25.02 -31.24
CA UNK M 6 60.17 26.25 -30.45
C UNK M 6 59.86 26.02 -28.96
N UNK M 7 58.57 25.92 -28.64
CA UNK M 7 58.13 25.86 -27.25
C UNK M 7 58.23 24.45 -26.65
N UNK M 8 59.24 23.70 -27.08
CA UNK M 8 59.48 22.37 -26.53
C UNK M 8 60.11 22.48 -25.15
N UNK M 9 60.65 23.65 -24.85
CA UNK M 9 61.28 23.91 -23.56
C UNK M 9 60.25 23.88 -22.44
N UNK M 10 59.13 24.57 -22.64
CA UNK M 10 58.06 24.60 -21.65
C UNK M 10 57.32 23.26 -21.62
N UNK M 11 57.34 22.56 -22.76
CA UNK M 11 56.68 21.27 -22.86
C UNK M 11 57.44 20.21 -22.09
N UNK M 12 58.75 20.13 -22.34
CA UNK M 12 59.60 19.15 -21.66
C UNK M 12 59.73 19.47 -20.18
N UNK M 13 59.51 20.75 -19.83
CA UNK M 13 59.54 21.16 -18.44
C UNK M 13 58.32 20.62 -17.70
N UNK M 14 57.14 20.84 -18.29
CA UNK M 14 55.90 20.36 -17.70
C UNK M 14 55.84 18.83 -17.75
N UNK M 15 56.45 18.25 -18.78
CA UNK M 15 56.47 16.80 -18.95
C UNK M 15 57.23 16.13 -17.81
N UNK M 16 58.47 16.56 -17.58
CA UNK M 16 59.30 15.99 -16.53
C UNK M 16 58.71 16.29 -15.15
N UNK M 17 57.97 17.38 -15.05
CA UNK M 17 57.34 17.77 -13.79
C UNK M 17 56.09 16.92 -13.52
N UNK M 18 55.30 16.69 -14.57
CA UNK M 18 54.09 15.91 -14.45
C UNK M 18 54.38 14.41 -14.35
N UNK M 19 55.39 13.96 -15.10
CA UNK M 19 55.80 12.56 -15.05
C UNK M 19 56.36 12.24 -13.67
N UNK M 20 57.00 13.22 -13.06
CA UNK M 20 57.50 13.07 -11.69
C UNK M 20 56.33 13.03 -10.72
N UNK M 21 55.57 14.13 -10.68
CA UNK M 21 54.46 14.29 -9.74
C UNK M 21 53.49 13.10 -9.74
N UNK M 22 53.26 12.53 -10.92
CA UNK M 22 52.37 11.39 -11.05
C UNK M 22 53.00 10.14 -10.44
N UNK M 23 54.27 9.90 -10.76
CA UNK M 23 54.96 8.70 -10.32
C UNK M 23 55.58 8.85 -8.94
N UNK M 24 56.16 10.01 -8.65
CA UNK M 24 56.83 10.24 -7.37
C UNK M 24 55.85 10.22 -6.21
N UNK M 25 55.21 11.36 -5.97
CA UNK M 25 54.27 11.49 -4.88
C UNK M 25 53.00 10.69 -5.13
N UNK M 26 51.93 11.38 -5.50
CA UNK M 26 50.61 10.76 -5.65
C UNK M 26 50.27 10.00 -4.38
N UNK M 27 50.81 8.78 -4.25
CA UNK M 27 50.59 7.93 -3.09
C UNK M 27 49.10 7.76 -2.83
N UNK M 28 48.33 7.86 -3.91
CA UNK M 28 46.88 7.84 -3.88
C UNK M 28 46.39 8.03 -5.31
N UNK M 29 47.14 7.45 -6.24
CA UNK M 29 46.83 7.54 -7.66
C UNK M 29 45.43 6.99 -7.93
N UNK M 30 44.97 6.11 -7.07
CA UNK M 30 43.63 5.55 -7.15
C UNK M 30 42.57 6.63 -6.97
N UNK M 31 42.90 7.66 -6.20
CA UNK M 31 41.97 8.76 -5.94
C UNK M 31 42.54 10.09 -6.44
N UNK M 32 42.56 10.26 -7.76
CA UNK M 32 43.12 11.45 -8.38
C UNK M 32 42.03 12.45 -8.74
N UNK M 33 40.79 11.97 -8.82
CA UNK M 33 39.66 12.83 -9.12
C UNK M 33 39.10 13.46 -7.85
N UNK M 34 39.90 13.44 -6.79
CA UNK M 34 39.50 14.01 -5.50
C UNK M 34 40.47 15.11 -5.08
N UNK M 35 41.11 15.74 -6.07
CA UNK M 35 42.04 16.84 -5.82
C UNK M 35 41.99 17.83 -6.98
N UNK M 36 42.48 19.04 -6.74
CA UNK M 36 42.46 20.07 -7.77
C UNK M 36 43.55 21.12 -7.54
N UNK M 37 43.77 21.96 -8.54
CA UNK M 37 44.73 23.04 -8.45
C UNK M 37 44.15 24.30 -9.08
N UNK M 38 42.87 24.23 -9.43
CA UNK M 38 42.18 25.36 -10.04
C UNK M 38 41.29 26.06 -9.03
N UNK M 39 41.91 26.66 -8.01
CA UNK M 39 41.20 27.41 -7.00
C UNK M 39 41.52 28.89 -7.13
N UNK M 40 40.51 29.73 -6.99
CA UNK M 40 40.69 31.18 -7.14
C UNK M 40 40.75 31.86 -5.78
N UNK M 41 41.40 33.02 -5.73
CA UNK M 41 41.51 33.79 -4.51
C UNK M 41 40.25 34.63 -4.29
N UNK M 42 39.96 34.96 -3.04
CA UNK M 42 38.78 35.75 -2.71
C UNK M 42 38.91 37.15 -3.28
N UNK M 43 40.14 37.64 -3.39
CA UNK M 43 40.40 38.97 -3.92
C UNK M 43 40.03 39.05 -5.40
N UNK M 44 40.43 38.04 -6.16
CA UNK M 44 40.16 38.01 -7.59
C UNK M 44 38.67 37.82 -7.87
N UNK M 45 38.01 37.01 -7.05
CA UNK M 45 36.59 36.75 -7.20
C UNK M 45 35.76 37.97 -6.84
N UNK M 46 36.13 38.63 -5.75
CA UNK M 46 35.41 39.81 -5.30
C UNK M 46 35.58 40.99 -6.26
N UNK M 47 36.66 40.96 -7.03
CA UNK M 47 36.94 42.02 -7.98
C UNK M 47 36.08 41.91 -9.23
N UNK M 48 36.05 40.71 -9.82
CA UNK M 48 35.25 40.46 -11.01
C UNK M 48 33.78 40.64 -10.72
N UNK M 49 33.39 40.40 -9.47
CA UNK M 49 32.01 40.49 -9.05
C UNK M 49 31.48 41.92 -9.07
N UNK M 50 32.13 42.80 -8.32
CA UNK M 50 31.73 44.21 -8.25
C UNK M 50 31.83 44.87 -9.62
N UNK M 51 32.68 44.31 -10.48
CA UNK M 51 32.81 44.78 -11.86
C UNK M 51 31.52 44.48 -12.63
N UNK M 52 31.14 43.21 -12.67
CA UNK M 52 29.93 42.79 -13.37
C UNK M 52 28.68 43.30 -12.66
N UNK M 53 28.86 43.74 -11.41
CA UNK M 53 27.77 44.30 -10.63
C UNK M 53 27.29 45.63 -11.24
N UNK M 54 28.03 46.70 -10.94
CA UNK M 54 27.65 48.04 -11.35
C UNK M 54 27.55 48.20 -12.87
N UNK M 55 28.38 47.46 -13.61
CA UNK M 55 28.39 47.55 -15.06
C UNK M 55 27.10 46.99 -15.65
N SER N 2 17.42 22.21 -21.99
CA SER N 2 17.00 23.07 -20.89
C SER N 2 15.50 23.33 -20.96
N HIS N 3 14.87 23.50 -19.80
CA HIS N 3 13.44 23.75 -19.76
C HIS N 3 13.13 25.16 -20.24
N THR N 4 11.85 25.39 -20.56
CA THR N 4 11.38 26.67 -21.06
C THR N 4 10.47 27.31 -20.02
N VAL N 5 10.73 28.57 -19.71
CA VAL N 5 9.96 29.34 -18.75
C VAL N 5 9.42 30.58 -19.45
N LYS N 6 8.11 30.77 -19.41
CA LYS N 6 7.47 31.91 -20.03
C LYS N 6 6.73 32.73 -18.98
N ILE N 7 6.73 34.04 -19.17
CA ILE N 7 6.03 34.97 -18.29
C ILE N 7 4.91 35.62 -19.09
N TYR N 8 3.74 35.75 -18.45
CA TYR N 8 2.55 36.27 -19.10
C TYR N 8 2.13 37.57 -18.43
N ASP N 9 1.48 38.44 -19.21
CA ASP N 9 1.17 39.79 -18.74
C ASP N 9 0.17 39.82 -17.60
N THR N 10 -0.35 38.68 -17.15
CA THR N 10 -1.14 38.63 -15.94
C THR N 10 -0.29 38.83 -14.69
N CYS N 11 1.03 38.85 -14.84
CA CYS N 11 1.96 39.17 -13.77
C CYS N 11 1.52 40.42 -13.01
N ILE N 12 1.48 40.28 -11.68
CA ILE N 12 1.19 41.41 -10.79
C ILE N 12 2.44 41.90 -10.09
N GLY N 13 3.60 41.33 -10.41
CA GLY N 13 4.85 41.79 -9.83
C GLY N 13 4.96 41.62 -8.33
N CYS N 14 4.46 40.50 -7.80
CA CYS N 14 4.51 40.25 -6.38
C CYS N 14 5.81 39.60 -5.92
N THR N 15 6.71 39.29 -6.86
CA THR N 15 8.06 38.81 -6.63
C THR N 15 8.13 37.43 -5.98
N GLN N 16 7.00 36.78 -5.70
CA GLN N 16 7.04 35.51 -5.00
C GLN N 16 7.70 34.42 -5.84
N CYS N 17 7.62 34.51 -7.16
CA CYS N 17 8.28 33.52 -8.01
C CYS N 17 9.79 33.65 -7.94
N VAL N 18 10.30 34.89 -7.98
CA VAL N 18 11.74 35.10 -8.01
C VAL N 18 12.38 34.63 -6.71
N ARG N 19 11.77 34.95 -5.58
CA ARG N 19 12.33 34.57 -4.29
C ARG N 19 12.07 33.11 -3.94
N ALA N 20 11.41 32.36 -4.82
CA ALA N 20 11.21 30.93 -4.63
C ALA N 20 12.07 30.08 -5.55
N CYS N 21 12.68 30.67 -6.57
CA CYS N 21 13.53 29.91 -7.49
C CYS N 21 14.78 29.43 -6.78
N PRO N 22 15.05 28.13 -6.75
CA PRO N 22 16.25 27.63 -6.06
C PRO N 22 17.54 27.76 -6.86
N THR N 23 17.47 28.11 -8.15
CA THR N 23 18.65 28.14 -9.01
C THR N 23 18.87 29.50 -9.67
N ASP N 24 18.19 30.54 -9.18
CA ASP N 24 18.35 31.91 -9.69
C ASP N 24 18.11 31.95 -11.20
N VAL N 25 16.88 31.60 -11.59
CA VAL N 25 16.46 31.66 -12.98
C VAL N 25 15.63 32.89 -13.26
N LEU N 26 14.76 33.26 -12.32
CA LEU N 26 13.85 34.39 -12.50
C LEU N 26 14.39 35.63 -11.83
N GLU N 27 14.02 36.78 -12.39
CA GLU N 27 14.40 38.07 -11.83
C GLU N 27 13.29 39.07 -12.15
N MET N 28 13.25 40.15 -11.37
CA MET N 28 12.23 41.18 -11.53
C MET N 28 12.78 42.32 -12.38
N VAL N 29 12.03 42.70 -13.41
CA VAL N 29 12.48 43.73 -14.35
C VAL N 29 11.40 44.80 -14.42
N PRO N 30 11.77 46.03 -14.80
CA PRO N 30 10.79 47.10 -14.87
C PRO N 30 9.71 46.82 -15.90
N TRP N 31 8.51 47.32 -15.61
CA TRP N 31 7.34 47.11 -16.48
C TRP N 31 6.35 48.23 -16.21
N ASP N 32 5.37 48.35 -17.11
CA ASP N 32 4.32 49.35 -16.96
C ASP N 32 2.92 48.75 -17.15
N GLY N 33 2.79 47.44 -17.00
CA GLY N 33 1.53 46.77 -17.16
C GLY N 33 0.81 46.42 -15.87
N CYS N 34 1.33 46.82 -14.71
CA CYS N 34 0.71 46.50 -13.44
C CYS N 34 1.04 47.60 -12.43
N LYS N 35 0.37 47.53 -11.28
CA LYS N 35 0.54 48.56 -10.26
C LYS N 35 1.98 48.59 -9.74
N ALA N 36 2.57 47.42 -9.51
CA ALA N 36 3.91 47.35 -8.95
C ALA N 36 4.97 47.87 -9.92
N GLY N 37 4.64 47.99 -11.20
CA GLY N 37 5.60 48.45 -12.17
C GLY N 37 6.74 47.49 -12.43
N GLN N 38 6.52 46.20 -12.16
CA GLN N 38 7.56 45.19 -12.32
C GLN N 38 6.94 43.93 -12.89
N ILE N 39 7.75 43.17 -13.63
CA ILE N 39 7.32 41.90 -14.17
C ILE N 39 8.47 40.91 -14.05
N ALA N 40 8.12 39.64 -13.83
CA ALA N 40 9.13 38.59 -13.75
C ALA N 40 9.74 38.33 -15.12
N SER N 41 11.01 37.95 -15.12
CA SER N 41 11.73 37.59 -16.33
C SER N 41 12.48 36.28 -16.09
N ALA N 42 12.79 35.59 -17.17
CA ALA N 42 13.49 34.31 -17.11
C ALA N 42 14.71 34.37 -18.03
N PRO N 43 15.76 35.10 -17.63
CA PRO N 43 16.94 35.23 -18.48
C PRO N 43 17.99 34.15 -18.29
N ARG N 44 17.81 33.25 -17.33
CA ARG N 44 18.80 32.22 -17.01
C ARG N 44 18.14 30.85 -16.97
N THR N 45 17.35 30.54 -17.99
CA THR N 45 16.67 29.25 -18.06
C THR N 45 17.62 28.07 -18.21
N GLU N 46 18.89 28.33 -18.56
CA GLU N 46 19.86 27.24 -18.60
C GLU N 46 20.08 26.63 -17.23
N ASP N 47 19.81 27.38 -16.16
CA ASP N 47 19.88 26.87 -14.80
C ASP N 47 18.54 26.35 -14.30
N CYS N 48 17.48 26.47 -15.10
CA CYS N 48 16.17 25.99 -14.68
C CYS N 48 16.22 24.49 -14.45
N VAL N 49 15.74 24.06 -13.29
CA VAL N 49 15.74 22.65 -12.93
C VAL N 49 14.38 21.99 -13.14
N GLY N 50 13.32 22.77 -13.27
CA GLY N 50 11.99 22.22 -13.46
C GLY N 50 11.25 21.88 -12.19
N CYS N 51 11.74 22.31 -11.03
CA CYS N 51 11.09 21.99 -9.76
C CYS N 51 9.72 22.65 -9.64
N LYS N 52 9.45 23.69 -10.42
CA LYS N 52 8.16 24.37 -10.47
C LYS N 52 7.79 25.02 -9.14
N ARG N 53 8.79 25.33 -8.30
CA ARG N 53 8.52 26.17 -7.13
C ARG N 53 8.06 27.56 -7.55
N CYS N 54 8.46 28.00 -8.74
CA CYS N 54 8.12 29.34 -9.20
C CYS N 54 6.61 29.51 -9.33
N GLU N 55 5.94 28.52 -9.90
CA GLU N 55 4.50 28.62 -10.13
C GLU N 55 3.69 28.07 -8.97
N THR N 56 4.32 27.48 -7.96
CA THR N 56 3.62 27.19 -6.71
C THR N 56 3.42 28.45 -5.88
N ALA N 57 4.25 29.47 -6.09
CA ALA N 57 4.13 30.74 -5.38
C ALA N 57 3.40 31.81 -6.18
N CYS N 58 2.84 31.44 -7.34
CA CYS N 58 2.15 32.41 -8.18
C CYS N 58 0.73 32.63 -7.69
N PRO N 59 0.34 33.87 -7.38
CA PRO N 59 -1.02 34.10 -6.87
C PRO N 59 -2.05 34.36 -7.97
N THR N 60 -1.60 34.70 -9.18
CA THR N 60 -2.53 34.97 -10.26
C THR N 60 -3.35 33.72 -10.59
N ASP N 61 -4.47 33.93 -11.29
CA ASP N 61 -5.50 32.89 -11.34
C ASP N 61 -5.00 31.60 -11.96
N PHE N 62 -4.75 31.58 -13.28
CA PHE N 62 -3.98 30.47 -13.81
C PHE N 62 -2.56 30.88 -14.13
N LEU N 63 -1.80 31.29 -13.11
CA LEU N 63 -0.36 31.45 -13.24
C LEU N 63 0.04 32.60 -14.17
N SER N 64 1.17 33.23 -13.89
CA SER N 64 1.80 34.12 -14.84
C SER N 64 3.18 33.65 -15.25
N VAL N 65 3.76 32.70 -14.52
CA VAL N 65 4.99 32.02 -14.90
C VAL N 65 4.64 30.56 -15.19
N ARG N 66 5.06 30.08 -16.36
CA ARG N 66 4.76 28.72 -16.79
C ARG N 66 6.05 28.03 -17.17
N VAL N 67 6.25 26.83 -16.65
CA VAL N 67 7.47 26.05 -16.89
C VAL N 67 7.10 24.88 -17.79
N TYR N 68 7.71 24.84 -18.97
CA TYR N 68 7.51 23.75 -19.93
C TYR N 68 8.77 22.90 -19.93
N LEU N 69 8.66 21.67 -19.44
CA LEU N 69 9.81 20.78 -19.41
C LEU N 69 10.22 20.40 -20.82
N GLY N 70 11.53 20.40 -21.07
CA GLY N 70 12.05 20.08 -22.37
C GLY N 70 13.28 19.21 -22.34
N GLY N 71 14.28 19.53 -23.15
CA GLY N 71 15.50 18.74 -23.17
C GLY N 71 16.22 18.81 -21.83
N GLU N 72 16.86 17.70 -21.49
CA GLU N 72 17.52 17.57 -20.19
C GLU N 72 19.01 17.88 -20.32
N THR N 73 19.55 18.41 -19.23
CA THR N 73 20.96 18.74 -19.13
C THR N 73 21.43 18.42 -17.71
N THR N 74 22.74 18.26 -17.54
CA THR N 74 23.27 17.97 -16.22
C THR N 74 22.90 19.06 -15.22
N ARG N 75 22.71 20.29 -15.69
CA ARG N 75 22.21 21.35 -14.81
C ARG N 75 20.72 21.18 -14.55
N SER N 76 19.94 20.86 -15.59
CA SER N 76 18.50 20.72 -15.43
C SER N 76 18.12 19.42 -14.73
N LEU N 77 18.97 18.41 -14.79
CA LEU N 77 18.71 17.15 -14.09
C LEU N 77 19.14 17.20 -12.63
N GLY N 78 19.75 18.29 -12.18
CA GLY N 78 20.19 18.39 -10.81
C GLY N 78 21.25 17.36 -10.44
N LEU N 79 22.20 17.12 -11.34
CA LEU N 79 23.22 16.11 -11.13
C LEU N 79 24.45 16.76 -10.48
N ALA N 80 24.73 16.39 -9.24
CA ALA N 80 25.97 16.79 -8.60
C ALA N 80 27.16 15.95 -9.05
N TYR N 81 26.91 14.90 -9.83
CA TYR N 81 27.97 14.04 -10.35
C TYR N 81 28.01 14.10 -11.87
C1 XAT O . -71.12 -4.34 2.88
C2 XAT O . -72.45 -5.08 2.73
C3 XAT O . -72.79 -5.76 4.03
C4 XAT O . -73.24 -4.65 4.97
C5 XAT O . -72.16 -3.57 5.19
C6 XAT O . -71.03 -3.46 4.14
C7 XAT O . -70.61 -2.01 3.94
C8 XAT O . -69.41 -1.63 4.34
C9 XAT O . -68.97 -0.24 4.17
C10 XAT O . -68.01 0.24 4.98
C11 XAT O . -67.54 1.61 4.87
C12 XAT O . -66.91 2.12 5.92
C13 XAT O . -66.39 3.50 5.90
C14 XAT O . -65.69 3.92 6.96
C15 XAT O . -65.13 5.26 7.04
C16 XAT O . -70.89 -3.49 1.64
C17 XAT O . -69.99 -5.36 2.94
C18 XAT O . -72.53 -2.19 5.77
C19 XAT O . -69.58 0.62 3.11
C20 XAT O . -66.66 4.42 4.75
O3 XAT O . -73.85 -6.68 3.84
O4 XAT O . -70.85 -4.06 5.43
C21 XAT O . -56.59 14.36 9.84
C22 XAT O . -55.90 15.59 10.41
C23 XAT O . -56.90 16.70 10.56
C24 XAT O . -57.68 16.33 11.80
C25 XAT O . -58.42 14.99 11.63
C26 XAT O . -57.92 14.02 10.54
C27 XAT O . -58.15 12.56 10.88
C28 XAT O . -59.07 11.95 10.12
C29 XAT O . -59.44 10.54 10.29
C30 XAT O . -60.52 10.10 9.63
C31 XAT O . -60.99 8.72 9.69
C32 XAT O . -62.05 8.43 8.96
C33 XAT O . -62.63 7.07 8.93
C34 XAT O . -63.61 6.83 8.05
C35 XAT O . -64.20 5.50 7.97
C36 XAT O . -55.65 13.17 9.94
C37 XAT O . -56.87 14.61 8.37
C38 XAT O . -58.98 14.22 12.83
C39 XAT O . -58.62 9.61 11.13
C40 XAT O . -62.11 5.99 9.83
O23 XAT O . -56.23 17.95 10.77
O24 XAT O . -59.08 14.84 10.38
C1 XAT P . -43.52 18.71 26.53
C2 XAT P . -42.27 19.46 26.13
C3 XAT P . -41.39 19.56 27.36
C4 XAT P . -40.77 18.19 27.53
C5 XAT P . -41.80 17.05 27.64
C6 XAT P . -43.25 17.35 27.19
C7 XAT P . -43.91 16.10 26.59
C8 XAT P . -45.13 15.77 27.00
C9 XAT P . -45.87 14.58 26.50
C10 XAT P . -46.41 14.56 25.28
C11 XAT P . -47.16 13.39 24.85
C12 XAT P . -47.72 13.33 23.64
C13 XAT P . -48.51 12.14 23.25
C14 XAT P . -49.07 12.07 22.03
C15 XAT P . -49.87 10.91 21.65
C16 XAT P . -44.43 18.52 25.30
C17 XAT P . -44.30 19.58 27.49
C18 XAT P . -41.41 15.60 27.37
C19 XAT P . -46.05 13.40 27.40
C20 XAT P . -48.71 11.02 24.23
O3 XAT P . -40.38 20.55 27.17
O4 XAT P . -42.85 17.29 28.58
C21 XAT P . -56.25 1.91 15.46
C22 XAT P . -57.32 0.86 15.16
C23 XAT P . -58.29 0.78 16.32
C24 XAT P . -59.15 2.02 16.21
C25 XAT P . -58.31 3.29 16.40
C26 XAT P . -56.80 3.21 16.08
C27 XAT P . -56.18 4.52 15.65
C28 XAT P . -55.48 5.10 16.61
C29 XAT P . -54.76 6.37 16.51
C30 XAT P . -54.22 6.87 17.63
C31 XAT P . -53.47 8.13 17.69
C32 XAT P . -52.92 8.43 18.85
C33 XAT P . -52.12 9.66 19.07
C34 XAT P . -51.42 9.76 20.21
C35 XAT P . -50.61 10.94 20.54
C36 XAT P . -55.50 2.23 14.18
C37 XAT P . -55.28 1.31 16.46
C38 XAT P . -58.89 4.68 16.11
C39 XAT P . -54.62 7.07 15.19
C40 XAT P . -52.11 10.75 18.05
O23 XAT P . -59.12 -0.38 16.19
O24 XAT P . -57.31 3.20 17.42
C1 A1L1G Q . -67.00 20.65 16.40
C5 A1L1G Q . -65.13 21.67 15.04
C4 A1L1G Q . -69.00 21.72 15.33
C3 A1L1G Q . -67.02 23.11 15.84
C2 A1L1G Q . -66.21 18.92 18.18
C10 A1L1G Q . -69.18 19.40 16.21
C11 A1L1G Q . -68.26 20.41 15.57
C12 A1L1G Q . -65.33 22.20 17.45
C14 A1L1G Q . -59.42 7.08 30.68
C17 A1L1G Q . -57.09 5.61 29.57
C18 A1L1G Q . -60.16 5.79 33.14
C19 A1L1G Q . -61.73 4.95 31.39
C20 A1L1G Q . -58.23 4.86 30.20
C21 A1L1G Q . -57.93 3.47 30.67
C22 A1L1G Q . -59.21 2.78 31.06
C23 A1L1G Q . -59.89 3.53 32.19
C24 A1L1G Q . -60.27 4.98 31.84
C25 A1L1G Q . -59.39 5.58 30.75
C26 A1L1G Q . -59.69 9.99 30.73
C27 A1L1G Q . -60.87 13.74 26.87
C28 A1L1G Q . -64.12 13.16 20.42
C29 A1L1G Q . -59.94 7.74 29.64
C30 A1L1G Q . -60.01 9.13 29.53
C31 A1L1G Q . -60.36 9.74 28.33
C32 A1L1G Q . -59.99 10.97 27.86
C33 A1L1G Q . -60.08 11.42 26.57
C34 A1L1G Q . -60.82 12.50 26.07
C35 A1L1G Q . -61.52 12.47 24.85
C36 A1L1G Q . -62.10 13.51 24.18
C37 A1L1G Q . -63.03 13.51 23.14
C38 A1L1G Q . -63.55 14.54 22.40
C39 A1L1G Q . -64.15 14.46 21.13
C40 A1L1G Q . -64.77 15.54 20.49
C41 A1L1G Q . -65.20 15.62 19.19
C42 A1L1G Q . -66.17 16.44 18.66
C43 A1L1G Q . -65.61 17.27 16.40
C44 A1L1G Q . -66.01 17.52 17.80
C45 A1L1G Q . -66.63 19.78 17.29
C6 A1L1G Q . -66.13 21.90 16.18
C8 A1L1G Q . -68.07 22.80 14.80
O13 A1L1G Q . -58.31 9.93 31.00
O15 A1L1G Q . -59.49 4.94 29.46
O16 A1L1G Q . -58.94 1.43 31.45
O7 A1L1G Q . -68.83 23.97 14.49
O9 A1L1G Q . -67.88 19.94 14.25
C1 XAT R . -49.60 -0.39 15.28
C2 XAT R . -49.51 -1.74 14.59
C3 XAT R . -49.67 -2.84 15.61
C4 XAT R . -51.13 -2.83 15.98
C5 XAT R . -51.35 -1.59 16.86
C6 XAT R . -50.47 -0.36 16.56
C7 XAT R . -51.13 0.96 16.91
C8 XAT R . -50.55 1.54 17.94
C9 XAT R . -50.92 2.82 18.55
C10 XAT R . -50.19 3.17 19.62
C11 XAT R . -50.37 4.39 20.39
C12 XAT R . -49.44 4.61 21.31
C13 XAT R . -49.48 5.80 22.18
C14 XAT R . -48.71 5.81 23.27
C15 XAT R . -48.74 6.95 24.18
C16 XAT R . -50.15 0.65 14.30
C17 XAT R . -48.20 0.06 15.67
C18 XAT R . -52.74 -1.17 17.35
C19 XAT R . -52.02 3.68 18.02
C20 XAT R . -50.37 6.95 21.84
O3 XAT R . -49.28 -4.10 15.04
O4 XAT R . -50.23 -1.23 17.68
C21 XAT R . -45.79 15.35 33.06
C22 XAT R . -46.03 16.44 34.10
C23 XAT R . -47.48 16.41 34.54
C24 XAT R . -47.58 15.18 35.42
C25 XAT R . -47.50 13.95 34.52
C26 XAT R . -46.65 14.09 33.25
C27 XAT R . -46.04 12.77 32.79
C28 XAT R . -46.52 12.34 31.64
C29 XAT R . -46.12 11.10 30.98
C30 XAT R . -46.80 10.75 29.88
C31 XAT R . -46.53 9.55 29.11
C32 XAT R . -47.33 9.36 28.06
C33 XAT R . -47.19 8.18 27.19
C34 XAT R . -48.01 8.09 26.13
C35 XAT R . -47.95 6.95 25.23
C36 XAT R . -44.32 14.94 33.10
C37 XAT R . -46.08 15.92 31.68
C38 XAT R . -47.46 12.52 35.08
C39 XAT R . -44.98 10.27 31.48
C40 XAT R . -46.18 7.12 27.48
O23 XAT R . -47.79 17.59 35.30
O24 XAT R . -48.09 14.14 33.22
MG CLA S . -45.94 21.39 38.43
CHA CLA S . -48.97 22.59 37.24
CHB CLA S . -46.44 23.05 41.36
CHC CLA S . -42.96 20.12 39.59
CHD CLA S . -45.46 19.68 35.36
NA CLA S . -47.46 22.62 39.15
C1A CLA S . -48.65 23.00 38.51
C2A CLA S . -49.49 23.91 39.40
C3A CLA S . -48.62 24.09 40.66
C4A CLA S . -47.42 23.19 40.39
CMA CLA S . -48.22 25.54 40.86
CAA CLA S . -50.82 23.27 39.77
CBA CLA S . -50.65 21.82 40.17
CGA CLA S . -52.01 21.19 40.36
O1A CLA S . -52.99 21.24 39.62
O2A CLA S . -52.10 20.49 41.53
NB CLA S . -44.91 21.53 40.16
C1B CLA S . -45.28 22.27 41.24
C2B CLA S . -44.24 22.15 42.30
C3B CLA S . -43.25 21.33 41.82
C4B CLA S . -43.67 20.93 40.43
CMB CLA S . -44.34 22.84 43.59
CAB CLA S . -42.03 20.90 42.44
CBB CLA S . -41.62 19.64 42.57
NC CLA S . -44.47 20.15 37.61
C1C CLA S . -43.34 19.75 38.26
C2C CLA S . -42.54 18.89 37.41
C3C CLA S . -43.24 18.75 36.21
C4C CLA S . -44.46 19.55 36.34
CMC CLA S . -41.26 18.29 37.80
CAC CLA S . -42.84 17.97 35.03
CBC CLA S . -41.70 18.60 34.26
ND CLA S . -46.90 21.20 36.66
C1D CLA S . -46.61 20.44 35.50
C2D CLA S . -47.71 20.63 34.52
C3D CLA S . -48.63 21.46 35.14
C4D CLA S . -48.09 21.77 36.47
CMD CLA S . -47.78 20.04 33.20
CAD CLA S . -49.90 22.16 35.00
OBD CLA S . -50.65 22.23 34.03
CBD CLA S . -50.17 22.85 36.37
CGD CLA S . -50.47 24.32 36.22
O1D CLA S . -49.84 25.27 36.70
O2D CLA S . -51.57 24.59 35.45
CED CLA S . -52.39 25.70 35.82
C1 CLA S . -52.93 19.31 41.50
MG CLA T . -59.13 20.30 35.28
CHA CLA T . -60.60 22.05 32.68
CHB CLA T . -59.73 22.91 37.38
CHC CLA T . -57.74 18.50 37.85
CHD CLA T . -58.54 17.60 33.08
NA CLA T . -60.02 22.17 35.03
C1A CLA T . -60.58 22.72 33.87
C2A CLA T . -61.13 24.12 34.14
C3A CLA T . -60.73 24.40 35.60
C4A CLA T . -60.12 23.08 36.06
CMA CLA T . -59.75 25.54 35.71
CAA CLA T . -62.65 24.16 34.01
CBA CLA T . -63.28 22.85 34.44
CGA CLA T . -63.99 22.99 35.75
O1A CLA T . -63.51 23.09 36.88
O2A CLA T . -65.35 22.99 35.61
NB CLA T . -58.80 20.63 37.25
C1B CLA T . -59.14 21.77 37.92
C2B CLA T . -58.77 21.63 39.36
C3B CLA T . -58.21 20.38 39.51
C4B CLA T . -58.21 19.73 38.15
CMB CLA T . -59.00 22.67 40.35
CAB CLA T . -57.67 19.74 40.69
CBB CLA T . -56.42 19.33 40.83
NC CLA T . -58.28 18.40 35.43
C1C CLA T . -57.75 17.86 36.57
C2C CLA T . -57.23 16.53 36.32
C3C CLA T . -57.48 16.27 34.96
C4C CLA T . -58.13 17.45 34.41
CMC CLA T . -56.60 15.66 37.31
CAC CLA T . -57.13 15.03 34.23
CBC CLA T . -58.25 14.02 34.24
ND CLA T . -59.42 19.87 33.33
C1D CLA T . -59.15 18.71 32.56
C2D CLA T . -59.62 18.95 31.16
C3D CLA T . -60.17 20.21 31.16
C4D CLA T . -60.03 20.74 32.53
CMD CLA T . -59.48 17.98 30.08
CAD CLA T . -60.82 21.23 30.36
OBD CLA T . -61.09 21.23 29.16
CBD CLA T . -61.15 22.42 31.32
CGD CLA T . -60.60 23.73 30.81
O1D CLA T . -59.69 24.39 31.29
O2D CLA T . -61.23 24.18 29.69
CED CLA T . -61.36 25.59 29.51
MG CLA U . -48.03 20.15 24.93
CHA CLA U . -47.22 23.38 25.90
CHB CLA U . -46.76 20.78 21.83
CHC CLA U . -48.68 16.90 24.08
CHD CLA U . -49.24 19.54 28.19
NA CLA U . -47.16 21.83 24.03
C1A CLA U . -46.90 23.07 24.61
C2A CLA U . -46.23 24.00 23.60
C3A CLA U . -46.27 23.22 22.28
C4A CLA U . -46.75 21.83 22.72
CMA CLA U . -47.21 23.86 21.30
CAA CLA U . -44.79 24.24 24.03
CBA CLA U . -44.12 22.97 24.51
CGA CLA U . -43.44 22.27 23.38
O1A CLA U . -42.64 22.73 22.57
O2A CLA U . -43.80 20.96 23.24
NB CLA U . -47.78 19.06 23.26
C1B CLA U . -47.21 19.47 22.11
C2B CLA U . -47.12 18.35 21.15
C3B CLA U . -47.67 17.24 21.77
C4B CLA U . -48.09 17.69 23.13
CMB CLA U . -46.55 18.51 19.81
CAB CLA U . -47.85 15.89 21.32
CBB CLA U . -48.02 15.48 20.06
NC CLA U . -48.85 18.53 25.95
C1C CLA U . -49.05 17.29 25.39
C2C CLA U . -49.65 16.40 26.37
C3C CLA U . -49.77 17.13 27.55
C4C CLA U . -49.27 18.47 27.27
CMC CLA U . -50.00 15.00 26.13
CAC CLA U . -50.31 16.65 28.84
CBC CLA U . -49.21 16.02 29.65
ND CLA U . -48.29 21.18 26.66
C1D CLA U . -48.79 20.81 27.92
C2D CLA U . -48.73 21.97 28.83
C3D CLA U . -48.15 23.00 28.11
C4D CLA U . -47.87 22.44 26.77
CMD CLA U . -49.21 21.98 30.21
CAD CLA U . -47.71 24.38 28.09
OBD CLA U . -47.80 25.25 28.95
CBD CLA U . -47.06 24.66 26.69
CGD CLA U . -47.73 25.82 26.01
O1D CLA U . -48.92 26.15 26.07
O2D CLA U . -46.90 26.55 25.22
CED CLA U . -47.50 27.41 24.26
C1 CLA U . -43.26 20.25 22.09
C2 CLA U . -43.56 18.82 22.27
C3 CLA U . -42.99 17.80 21.61
C4 CLA U . -41.94 18.03 20.58
C5 CLA U . -43.37 16.39 21.89
C6 CLA U . -42.29 15.65 22.66
C7 CLA U . -42.76 14.27 23.10
C8 CLA U . -41.78 13.62 24.06
C9 CLA U . -40.43 13.43 23.41
C10 CLA U . -42.32 12.27 24.54
C11 CLA U . -41.98 12.03 26.00
C12 CLA U . -43.06 11.23 26.69
C13 CLA U . -42.73 10.96 28.15
C14 CLA U . -42.11 12.16 28.82
C15 CLA U . -41.82 9.74 28.31
MG CLA V . -46.90 11.66 16.96
CHA CLA V . -45.66 14.20 14.95
CHB CLA V . -45.22 12.94 19.62
CHC CLA V . -48.14 9.11 18.89
CHD CLA V . -48.62 10.34 14.15
NA CLA V . -45.66 13.32 17.22
C1A CLA V . -45.27 14.27 16.26
C2A CLA V . -44.35 15.32 16.88
C3A CLA V . -44.23 14.87 18.36
C4A CLA V . -45.09 13.62 18.43
CMA CLA V . -42.79 14.57 18.71
CAA CLA V . -44.97 16.71 16.84
CBA CLA V . -43.99 17.78 17.28
CGA CLA V . -43.09 18.13 16.14
O1A CLA V . -43.40 18.51 15.01
O2A CLA V . -41.77 17.99 16.44
NB CLA V . -46.79 11.18 18.90
C1B CLA V . -45.96 11.76 19.81
C2B CLA V . -45.91 10.96 21.05
C3B CLA V . -46.73 9.87 20.85
C4B CLA V . -47.31 10.00 19.48
CMB CLA V . -45.10 11.31 22.22
CAB CLA V . -47.04 8.77 21.72
CBB CLA V . -46.13 7.96 22.28
NC CLA V . -48.16 10.04 16.58
C1C CLA V . -48.56 9.13 17.52
C2C CLA V . -49.45 8.14 16.93
C3C CLA V . -49.58 8.48 15.58
C4C CLA V . -48.78 9.68 15.38
CMC CLA V . -50.04 7.02 17.66
CAC CLA V . -50.38 7.79 14.56
CBC CLA V . -49.73 6.51 14.08
ND CLA V . -47.08 12.07 14.98
C1D CLA V . -47.82 11.46 13.94
C2D CLA V . -47.58 12.19 12.69
C3D CLA V . -46.75 13.25 13.01
C4D CLA V . -46.49 13.14 14.46
CMD CLA V . -48.13 11.82 11.38
CAD CLA V . -46.01 14.40 12.52
OBD CLA V . -45.89 14.82 11.38
CBD CLA V . -45.34 15.07 13.76
CGD CLA V . -43.85 15.22 13.58
O1D CLA V . -42.98 14.42 13.91
O2D CLA V . -43.49 16.37 12.96
CED CLA V . -42.70 16.25 11.77
C1 CLA V . -41.01 17.08 15.62
C2 CLA V . -39.64 17.03 16.19
C3 CLA V . -38.82 15.98 16.01
C4 CLA V . -39.22 14.79 15.23
C5 CLA V . -37.45 15.97 16.60
C6 CLA V . -37.28 14.91 17.67
C7 CLA V . -37.99 15.29 18.94
C8 CLA V . -37.88 14.21 20.01
C9 CLA V . -36.49 14.19 20.61
C10 CLA V . -38.23 12.85 19.43
MG CLA W . -63.67 3.57 13.72
CHA CLA W . -64.56 0.38 12.73
CHB CLA W . -60.55 3.10 12.43
CHC CLA W . -62.84 6.77 14.68
CHD CLA W . -66.91 4.02 15.06
NA CLA W . -62.73 1.98 12.75
C1A CLA W . -63.28 0.72 12.43
C2A CLA W . -62.25 -0.15 11.71
C3A CLA W . -60.97 0.71 11.72
C4A CLA W . -61.43 2.03 12.33
CMA CLA W . -59.86 0.06 12.51
CAA CLA W . -62.68 -0.45 10.29
CBA CLA W . -62.94 0.81 9.48
CGA CLA W . -64.39 1.21 9.55
O1A CLA W . -65.37 0.62 9.10
O2A CLA W . -64.57 2.38 10.22
NB CLA W . -62.00 4.71 13.62
C1B CLA W . -60.86 4.35 12.99
C2B CLA W . -59.91 5.51 12.96
C3B CLA W . -60.56 6.55 13.59
C4B CLA W . -61.89 6.06 14.03
CMB CLA W . -58.59 5.45 12.34
CAB CLA W . -60.12 7.90 13.85
CBB CLA W . -58.92 8.24 14.34
NC CLA W . -64.69 5.11 14.70
C1C CLA W . -64.16 6.33 14.99
C2C CLA W . -65.15 7.15 15.70
C3C CLA W . -66.30 6.37 15.79
C4C CLA W . -66.01 5.10 15.17
CMC CLA W . -64.93 8.52 16.16
CAC CLA W . -67.58 6.77 16.41
CBC CLA W . -68.60 7.22 15.39
ND CLA W . -65.38 2.51 13.87
C1D CLA W . -66.64 2.80 14.46
C2D CLA W . -67.53 1.63 14.30
C3D CLA W . -66.78 0.67 13.64
C4D CLA W . -65.46 1.27 13.40
CMD CLA W . -68.92 1.57 14.77
CAD CLA W . -66.77 -0.67 13.09
OBD CLA W . -67.65 -1.51 13.05
CBD CLA W . -65.33 -0.91 12.51
CGD CLA W . -64.65 -2.08 13.15
O1D CLA W . -63.64 -2.68 12.77
O2D CLA W . -65.25 -2.50 14.31
CED CLA W . -64.41 -3.01 15.34
C1 CLA W . -65.92 2.90 10.29
C2 CLA W . -65.84 4.16 11.06
C3 CLA W . -66.86 5.02 11.19
C4 CLA W . -68.17 4.76 10.57
C5 CLA W . -66.72 6.26 11.99
C6 CLA W . -66.74 7.51 11.13
C7 CLA W . -65.36 8.11 11.00
C8 CLA W . -65.04 9.11 12.10
C9 CLA W . -66.26 9.91 12.49
C10 CLA W . -63.91 10.04 11.67
C11 CLA W . -64.40 11.08 10.67
C12 CLA W . -63.41 12.22 10.51
C13 CLA W . -63.87 13.18 9.42
C14 CLA W . -64.09 12.46 8.11
C15 CLA W . -62.87 14.32 9.24
C16 CLA W . -63.07 15.38 10.30
C17 CLA W . -63.41 16.73 9.70
C18 CLA W . -62.18 17.41 9.13
C19 CLA W . -62.53 18.78 8.58
C20 CLA W . -61.10 17.54 10.18
MG CLA X . -64.50 2.89 0.44
CHA CLA X . -64.77 -0.27 1.86
CHB CLA X . -65.49 1.62 -2.56
CHC CLA X . -64.27 6.05 -0.89
CHD CLA X . -63.37 4.13 3.56
NA CLA X . -65.04 0.98 -0.22
C1A CLA X . -65.10 -0.20 0.53
C2A CLA X . -65.55 -1.38 -0.34
C3A CLA X . -65.68 -0.76 -1.75
C4A CLA X . -65.40 0.73 -1.52
CMA CLA X . -64.71 -1.37 -2.73
CAA CLA X . -66.89 -1.93 0.13
CBA CLA X . -67.96 -0.87 0.12
CGA CLA X . -69.19 -1.39 -0.57
O1A CLA X . -70.27 -0.82 -0.76
O2A CLA X . -69.04 -2.67 -1.02
NB CLA X . -64.79 3.68 -1.38
C1B CLA X . -65.25 3.01 -2.48
C2B CLA X . -65.45 3.96 -3.60
C3B CLA X . -65.11 5.21 -3.14
C4B CLA X . -64.68 5.05 -1.72
CMB CLA X . -65.94 3.54 -4.92
CAB CLA X . -65.13 6.48 -3.83
CBB CLA X . -65.83 7.54 -3.44
NC CLA X . -63.94 4.75 1.21
C1C CLA X . -63.92 5.91 0.48
C2C CLA X . -63.50 7.01 1.33
C3C CLA X . -63.23 6.47 2.58
C4C CLA X . -63.50 5.04 2.50
CMC CLA X . -63.37 8.40 0.89
CAC CLA X . -62.78 7.18 3.79
CBC CLA X . -63.93 7.71 4.60
ND CLA X . -64.18 2.19 2.31
C1D CLA X . -63.67 2.79 3.49
C2D CLA X . -63.56 1.75 4.55
C3D CLA X . -64.02 0.58 4.00
C4D CLA X . -64.36 0.89 2.59
CMD CLA X . -63.09 2.01 5.92
CAD CLA X . -64.27 -0.84 4.21
OBD CLA X . -64.20 -1.50 5.24
CBD CLA X . -64.70 -1.43 2.83
CGD CLA X . -63.76 -2.49 2.36
O1D CLA X . -62.83 -2.38 1.55
O2D CLA X . -63.98 -3.72 2.91
CED CLA X . -65.19 -4.39 2.55
C1 CLA X . -69.97 -3.10 -2.03
MG CLA Y . -50.72 13.32 8.67
CHA CLA Y . -49.13 15.76 10.54
CHB CLA Y . -49.56 14.76 5.80
CHC CLA Y . -52.01 10.69 6.89
CHD CLA Y . -51.94 11.88 11.67
NA CLA Y . -49.59 15.03 8.26
C1A CLA Y . -48.99 15.90 9.18
C2A CLA Y . -48.25 17.02 8.46
C3A CLA Y . -48.65 16.82 6.98
C4A CLA Y . -49.31 15.44 6.98
CMA CLA Y . -49.60 17.88 6.52
CAA CLA Y . -46.75 16.89 8.66
CBA CLA Y . -46.22 15.51 8.31
CGA CLA Y . -44.73 15.51 8.45
O1A CLA Y . -43.99 16.43 8.80
O2A CLA Y . -44.15 14.31 8.13
NB CLA Y . -50.82 12.85 6.71
C1B CLA Y . -50.18 13.50 5.71
C2B CLA Y . -50.20 12.69 4.47
C3B CLA Y . -50.90 11.53 4.77
C4B CLA Y . -51.31 11.63 6.20
CMB CLA Y . -49.59 13.15 3.21
CAB CLA Y . -51.24 10.38 3.95
CBB CLA Y . -50.58 9.94 2.89
NC CLA Y . -51.84 11.63 9.18
C1C CLA Y . -52.28 10.70 8.28
C2C CLA Y . -53.02 9.65 8.99
C3C CLA Y . -52.98 9.98 10.35
C4C CLA Y . -52.24 11.24 10.46
CMC CLA Y . -53.64 8.48 8.37
CAC CLA Y . -53.59 9.23 11.46
CBC CLA Y . -55.01 9.65 11.73
ND CLA Y . -50.68 13.73 10.64
C1D CLA Y . -51.21 13.05 11.78
C2D CLA Y . -50.80 13.76 13.01
C3D CLA Y . -49.98 14.79 12.59
C4D CLA Y . -49.94 14.73 11.12
CMD CLA Y . -51.18 13.36 14.35
CAD CLA Y . -49.17 15.93 13.00
OBD CLA Y . -48.96 16.37 14.12
CBD CLA Y . -48.58 16.56 11.70
CGD CLA Y . -48.87 18.03 11.59
O1D CLA Y . -49.62 18.60 10.79
O2D CLA Y . -48.19 18.78 12.50
CED CLA Y . -47.94 20.15 12.19
C1 CLA Y . -43.95 13.39 9.21
C2 CLA Y . -42.51 13.03 9.21
C3 CLA Y . -41.98 12.17 10.08
C4 CLA Y . -40.54 11.82 10.06
C5 CLA Y . -42.81 11.50 11.13
C6 CLA Y . -42.10 11.42 12.47
MG CLA Z . -62.19 21.42 17.30
CHA CLA Z . -61.78 24.28 15.39
CHB CLA Z . -62.90 23.35 20.03
CHC CLA Z . -62.70 18.57 19.11
CHD CLA Z . -61.30 19.48 14.48
NA CLA Z . -62.33 23.49 17.62
C1A CLA Z . -62.13 24.51 16.69
C2A CLA Z . -62.33 25.88 17.34
C3A CLA Z . -62.52 25.55 18.83
C4A CLA Z . -62.62 24.02 18.85
CMA CLA Z . -61.36 26.05 19.65
CAA CLA Z . -63.58 26.56 16.80
CBA CLA Z . -64.83 25.70 16.92
CGA CLA Z . -65.49 25.88 18.25
O1A CLA Z . -65.67 26.92 18.89
O2A CLA Z . -65.93 24.70 18.79
NB CLA Z . -62.67 21.03 19.21
C1B CLA Z . -62.99 21.96 20.17
C2B CLA Z . -63.40 21.28 21.42
C3B CLA Z . -63.35 19.92 21.17
C4B CLA Z . -62.90 19.75 19.77
CMB CLA Z . -63.79 22.01 22.63
CAB CLA Z . -63.66 18.80 22.03
CBB CLA Z . -63.24 18.67 23.30
NC CLA Z . -62.03 19.39 16.87
C1C CLA Z . -62.29 18.39 17.76
C2C CLA Z . -62.09 17.09 17.11
C3C CLA Z . -61.69 17.35 15.81
C4C CLA Z . -61.65 18.80 15.66
CMC CLA Z . -62.27 15.79 17.76
CAC CLA Z . -61.36 16.37 14.76
CBC CLA Z . -62.50 16.18 13.79
ND CLA Z . -61.73 21.73 15.35
C1D CLA Z . -61.32 20.85 14.33
C2D CLA Z . -60.99 21.63 13.12
C3D CLA Z . -61.16 22.96 13.46
C4D CLA Z . -61.60 22.96 14.87
CMD CLA Z . -60.56 21.06 11.84
CAD CLA Z . -61.11 24.35 13.04
OBD CLA Z . -60.88 24.81 11.92
CBD CLA Z . -61.40 25.23 14.29
CGD CLA Z . -60.15 25.91 14.75
O1D CLA Z . -59.20 25.38 15.34
O2D CLA Z . -60.07 27.24 14.52
CED CLA Z . -59.02 27.93 15.20
C1 CLA Z . -66.40 24.74 20.16
C2 CLA Z . -66.46 23.33 20.63
C3 CLA Z . -67.52 22.78 21.25
C4 CLA Z . -68.75 23.56 21.53
C5 CLA Z . -67.51 21.37 21.68
C6 CLA Z . -68.59 20.54 21.01
C7 CLA Z . -68.37 19.06 21.23
MG CLA AA . -64.77 16.55 28.09
CHA CLA AA . -65.13 19.94 28.75
CHB CLA AA . -66.36 16.96 25.10
CHC CLA AA . -64.45 13.18 27.52
CHD CLA AA . -63.09 16.18 31.17
NA CLA AA . -65.60 18.20 27.10
C1A CLA AA . -65.64 19.54 27.53
C2A CLA AA . -66.34 20.42 26.50
C3A CLA AA . -66.71 19.44 25.37
C4A CLA AA . -66.19 18.09 25.87
CMA CLA AA . -68.20 19.42 25.12
CAA CLA AA . -65.42 21.50 25.96
CBA CLA AA . -66.21 22.58 25.24
CGA CLA AA . -67.04 23.36 26.20
O1A CLA AA . -66.68 24.25 26.98
O2A CLA AA . -68.35 23.00 26.20
NB CLA AA . -65.25 15.31 26.57
C1B CLA AA . -65.96 15.66 25.46
C2B CLA AA . -66.25 14.45 24.64
C3B CLA AA . -65.72 13.37 25.31
C4B CLA AA . -65.08 13.90 26.56
CMB CLA AA . -67.00 14.50 23.39
CAB CLA AA . -65.75 11.98 24.95
CBB CLA AA . -64.74 11.11 25.02
NC CLA AA . -63.92 14.98 29.16
C1C CLA AA . -63.90 13.67 28.74
C2C CLA AA . -63.25 12.83 29.74
C3C CLA AA . -62.84 13.68 30.76
C4C CLA AA . -63.27 15.03 30.40
CMC CLA AA . -63.08 11.38 29.64
CAC CLA AA . -62.14 13.31 32.00
CBC CLA AA . -63.08 13.08 33.16
ND CLA AA . -64.25 17.71 29.65
C1D CLA AA . -63.54 17.43 30.85
C2D CLA AA . -63.42 18.68 31.64
C3D CLA AA . -64.04 19.67 30.89
C4D CLA AA . -64.51 19.02 29.65
CMD CLA AA . -62.78 18.77 32.95
CAD CLA AA . -64.41 21.07 30.81
OBD CLA AA . -64.29 21.96 31.64
CBD CLA AA . -65.08 21.29 29.42
CGD CLA AA . -66.45 21.90 29.57
O1D CLA AA . -66.74 23.10 29.63
O2D CLA AA . -67.45 20.98 29.66
CED CLA AA . -68.50 21.23 30.59
MG CLA BA . -52.25 2.49 31.90
CHA CLA BA . -52.24 -0.68 33.33
CHB CLA BA . -54.85 3.38 33.91
CHC CLA BA . -52.18 5.63 30.50
CHD CLA BA . -49.58 1.48 29.80
NA CLA BA . -53.34 1.50 33.39
C1A CLA BA . -53.19 0.19 33.85
C2A CLA BA . -54.19 -0.13 34.95
C3A CLA BA . -55.05 1.15 35.05
C4A CLA BA . -54.38 2.10 34.06
CMA CLA BA . -56.48 0.89 34.69
CAA CLA BA . -53.47 -0.36 36.27
CBA CLA BA . -53.27 0.93 37.04
CGA CLA BA . -52.06 0.84 37.92
O1A CLA BA . -51.32 -0.12 38.09
O2A CLA BA . -51.80 1.98 38.60
NB CLA BA . -53.28 4.18 32.19
C1B CLA BA . -54.35 4.35 33.02
C2B CLA BA . -54.94 5.70 32.85
C3B CLA BA . -54.19 6.34 31.88
C4B CLA BA . -53.13 5.39 31.45
CMB CLA BA . -56.10 6.15 33.61
CAB CLA BA . -54.31 7.66 31.32
CBB CLA BA . -55.46 8.28 31.03
NC CLA BA . -51.08 3.38 30.42
C1C CLA BA . -51.22 4.68 30.02
C2C CLA BA . -50.24 4.98 28.98
C3C CLA BA . -49.51 3.81 28.76
C4C CLA BA . -50.04 2.81 29.67
CMC CLA BA . -50.10 6.28 28.31
CAC CLA BA . -48.41 3.61 27.80
CBC CLA BA . -47.06 3.62 28.47
ND CLA BA . -51.15 0.82 31.57
C1D CLA BA . -50.08 0.54 30.67
C2D CLA BA . -49.65 -0.86 30.86
C3D CLA BA . -50.45 -1.38 31.86
C4D CLA BA . -51.37 -0.29 32.28
CMD CLA BA . -48.59 -1.51 30.10
CAD CLA BA . -50.78 -2.55 32.66
OBD CLA BA . -50.30 -3.68 32.63
CBD CLA BA . -51.93 -2.13 33.64
CGD CLA BA . -53.12 -3.02 33.50
O1D CLA BA . -53.47 -3.94 34.24
O2D CLA BA . -53.89 -2.74 32.40
CED CLA BA . -55.13 -3.44 32.26
C1 CLA BA . -50.49 2.07 39.21
C2 CLA BA . -50.21 3.51 39.40
C3 CLA BA . -50.43 4.17 40.54
C4 CLA BA . -50.98 3.49 41.75
C5 CLA BA . -50.12 5.62 40.66
C6 CLA BA . -49.46 6.00 41.98
C7 CLA BA . -49.16 7.47 42.01
MG CLA CA . -45.25 1.30 23.25
CHA CLA CA . -45.48 -2.07 24.07
CHB CLA CA . -44.22 1.98 26.43
CHC CLA CA . -44.88 4.59 22.35
CHD CLA CA . -46.34 0.53 19.97
NA CLA CA . -44.93 0.12 24.95
C1A CLA CA . -45.06 -1.26 25.09
C2A CLA CA . -44.73 -1.71 26.51
C3A CLA CA . -44.47 -0.38 27.26
C4A CLA CA . -44.53 0.67 26.15
CMA CLA CA . -45.53 -0.13 28.30
CAA CLA CA . -43.47 -2.56 26.52
CBA CLA CA . -42.34 -1.92 25.74
CGA CLA CA . -41.02 -2.54 26.11
O1A CLA CA . -39.89 -2.11 25.90
O2A CLA CA . -41.15 -3.73 26.76
NB CLA CA . -44.67 2.97 24.21
C1B CLA CA . -44.24 3.04 25.49
C2B CLA CA . -43.81 4.43 25.81
C3B CLA CA . -44.00 5.17 24.66
C4B CLA CA . -44.55 4.25 23.63
CMB CLA CA . -43.30 4.82 27.13
CAB CLA CA . -43.75 6.57 24.40
CBB CLA CA . -42.69 7.27 24.81
NC CLA CA . -45.57 2.35 21.49
C1C CLA CA . -45.37 3.70 21.34
C2C CLA CA . -45.67 4.11 19.98
C3C CLA CA . -46.09 2.97 19.29
C4C CLA CA . -46.02 1.87 20.25
CMC CLA CA . -45.54 5.50 19.50
CAC CLA CA . -46.49 2.84 17.88
CBC CLA CA . -47.66 3.68 17.42
ND CLA CA . -45.82 -0.34 22.21
C1D CLA CA . -46.25 -0.52 20.87
C2D CLA CA . -46.55 -1.95 20.65
C3D CLA CA . -46.26 -2.60 21.83
C4D CLA CA . -45.81 -1.55 22.78
CMD CLA CA . -47.03 -2.52 19.39
CAD CLA CA . -46.23 -3.86 22.55
OBD CLA CA . -46.52 -4.99 22.16
CBD CLA CA . -45.73 -3.56 24.00
CGD CLA CA . -46.72 -4.00 25.04
O1D CLA CA . -47.85 -3.57 25.23
O2D CLA CA . -46.26 -4.99 25.86
CED CLA CA . -45.99 -6.27 25.27
C1 CLA CA . -39.94 -4.30 27.30
O6 SQD DA . -53.09 19.80 35.67
C44 SQD DA . -52.19 19.85 36.77
C45 SQD DA . -51.63 18.49 37.16
C46 SQD DA . -50.52 18.73 38.17
O47 SQD DA . -52.62 17.69 37.78
C7 SQD DA . -52.67 16.35 37.23
O49 SQD DA . -52.99 16.19 36.06
C8 SQD DA . -52.27 15.17 38.11
C9 SQD DA . -52.96 13.89 37.67
C10 SQD DA . -52.18 13.17 36.58
C11 SQD DA . -50.86 12.60 37.11
C12 SQD DA . -51.09 11.36 37.95
C13 SQD DA . -49.85 10.47 37.98
C14 SQD DA . -48.66 11.20 38.57
O48 SQD DA . -49.30 18.12 37.74
C23 SQD DA . -48.23 17.93 38.71
O10 SQD DA . -48.41 18.23 39.86
C24 SQD DA . -46.90 17.36 38.26
C25 SQD DA . -46.06 16.96 39.46
C26 SQD DA . -44.86 16.16 39.01
C27 SQD DA . -44.00 15.74 40.21
C1 SQD DA . -53.65 21.09 35.49
C2 SQD DA . -54.56 21.12 34.27
O2 SQD DA . -54.16 22.17 33.38
C3 SQD DA . -55.97 21.40 34.75
O3 SQD DA . -56.28 20.41 35.72
C4 SQD DA . -55.97 22.74 35.43
O4 SQD DA . -55.52 23.75 34.51
C5 SQD DA . -55.04 22.70 36.63
C6 SQD DA . -55.81 22.86 37.93
O5 SQD DA . -54.37 21.44 36.66
S SQD DA . -55.23 24.17 38.78
O7 SQD DA . -56.07 25.31 38.55
O8 SQD DA . -55.24 23.80 40.38
O9 SQD DA . -53.88 24.45 38.38
C1 XAT EA . -44.65 -4.44 33.46
C2 XAT EA . -44.34 -5.94 33.42
C3 XAT EA . -45.27 -6.65 32.48
C4 XAT EA . -44.86 -6.21 31.09
C5 XAT EA . -45.17 -4.72 30.89
C6 XAT EA . -45.14 -3.83 32.14
C7 XAT EA . -44.67 -2.41 31.85
C8 XAT EA . -45.54 -1.43 32.05
C9 XAT EA . -45.21 -0.01 31.82
C10 XAT EA . -46.18 0.90 32.01
C11 XAT EA . -45.95 2.33 31.84
C12 XAT EA . -46.99 3.14 32.06
C13 XAT EA . -46.88 4.60 31.93
C14 XAT EA . -47.99 5.35 32.08
C15 XAT EA . -47.94 6.79 31.99
C16 XAT EA . -43.39 -3.70 33.91
C17 XAT EA . -45.71 -4.19 34.53
C18 XAT EA . -44.69 -3.96 29.65
C19 XAT EA . -43.83 0.40 31.42
C20 XAT EA . -45.56 5.25 31.67
O3 XAT EA . -45.10 -8.07 32.61
O4 XAT EA . -46.36 -4.27 31.53
C21 XAT EA . -54.08 17.87 31.12
C22 XAT EA . -53.56 18.98 30.22
C23 XAT EA . -53.03 20.08 31.10
C24 XAT EA . -51.72 19.60 31.69
C25 XAT EA . -51.78 18.22 32.37
C26 XAT EA . -53.03 17.35 32.11
C27 XAT EA . -52.72 15.86 32.03
C28 XAT EA . -52.94 15.08 33.08
C29 XAT EA . -52.68 13.63 33.03
C30 XAT EA . -51.44 13.12 33.16
C31 XAT EA . -51.28 11.67 33.11
C32 XAT EA . -50.18 11.07 32.68
C33 XAT EA . -50.13 9.60 32.69
C34 XAT EA . -49.06 8.94 32.25
C35 XAT EA . -49.05 7.48 32.29
C36 XAT EA . -54.57 16.72 30.24
C37 XAT EA . -55.28 18.39 31.90
C38 XAT EA . -50.50 17.39 32.59
C39 XAT EA . -53.82 12.70 32.83
C40 XAT EA . -51.30 8.83 33.22
O23 XAT EA . -52.80 21.26 30.32
O24 XAT EA . -52.82 18.08 33.33
C1 XAT FA . -22.54 14.25 62.38
C2 XAT FA . -22.93 15.70 62.12
C3 XAT FA . -23.95 15.81 61.01
C4 XAT FA . -25.22 15.20 61.58
C5 XAT FA . -25.03 13.70 61.72
C6 XAT FA . -23.62 13.20 62.05
C7 XAT FA . -23.62 11.93 62.89
C8 XAT FA . -23.05 10.88 62.31
C9 XAT FA . -22.91 9.53 62.90
C10 XAT FA . -22.20 8.66 62.17
C11 XAT FA . -21.92 7.28 62.51
C12 XAT FA . -21.14 6.64 61.64
C13 XAT FA . -20.73 5.23 61.78
C14 XAT FA . -19.91 4.71 60.86
C15 XAT FA . -19.47 3.32 60.94
C16 XAT FA . -22.15 14.11 63.85
C17 XAT FA . -21.29 13.93 61.56
C18 XAT FA . -26.10 12.81 62.36
C19 XAT FA . -23.53 9.16 64.21
C20 XAT FA . -21.23 4.40 62.93
O3 XAT FA . -24.16 17.17 60.66
O4 XAT FA . -24.19 13.10 60.74
C21 XAT FA . -13.38 -7.67 57.19
C22 XAT FA . -13.56 -9.01 56.48
C23 XAT FA . -14.42 -9.89 57.34
C24 XAT FA . -15.84 -9.38 57.18
C25 XAT FA . -15.99 -7.90 57.57
C26 XAT FA . -14.70 -7.04 57.65
C27 XAT FA . -14.96 -5.60 57.25
C28 XAT FA . -14.94 -4.67 58.21
C29 XAT FA . -15.17 -3.26 57.90
C30 XAT FA . -15.84 -2.52 58.79
C31 XAT FA . -16.12 -1.10 58.57
C32 XAT FA . -16.94 -0.49 59.43
C33 XAT FA . -17.29 0.93 59.29
C34 XAT FA . -18.18 1.46 60.15
C35 XAT FA . -18.58 2.85 60.06
C36 XAT FA . -12.65 -6.71 56.27
C37 XAT FA . -12.51 -7.91 58.41
C38 XAT FA . -17.19 -7.08 57.10
C39 XAT FA . -14.65 -2.65 56.64
C40 XAT FA . -16.69 1.76 58.19
O23 XAT FA . -14.35 -11.24 56.89
O24 XAT FA . -15.39 -7.55 58.82
C1 XAT GA . -49.63 -6.69 41.75
C2 XAT GA . -50.36 -8.01 41.66
C3 XAT GA . -50.88 -8.43 43.02
C4 XAT GA . -52.01 -7.47 43.33
C5 XAT GA . -51.47 -6.05 43.53
C6 XAT GA . -50.18 -5.68 42.78
C7 XAT GA . -50.11 -4.22 42.38
C8 XAT GA . -49.26 -3.46 43.05
C9 XAT GA . -49.05 -2.03 42.77
C10 XAT GA . -48.26 -1.34 43.59
C11 XAT GA . -47.95 0.07 43.38
C12 XAT GA . -46.94 0.55 44.09
C13 XAT GA . -46.47 1.94 43.97
C14 XAT GA . -45.30 2.24 44.55
C15 XAT GA . -44.69 3.56 44.47
C16 XAT GA . -49.64 -6.04 40.38
C17 XAT GA . -48.16 -6.96 42.09
C18 XAT GA . -52.40 -4.85 43.68
C19 XAT GA . -49.69 -1.37 41.59
C20 XAT GA . -47.26 2.97 43.22
O3 XAT GA . -51.37 -9.77 42.97
O4 XAT GA . -50.19 -5.98 44.19
C21 XAT GA . -34.87 11.64 43.00
C22 XAT GA . -33.92 12.80 43.19
C23 XAT GA . -34.59 13.90 43.96
C24 XAT GA . -34.66 13.40 45.38
C25 XAT GA . -35.56 12.16 45.50
C26 XAT GA . -35.74 11.30 44.24
C27 XAT GA . -35.93 9.82 44.54
C28 XAT GA . -37.15 9.36 44.35
C29 XAT GA . -37.53 7.95 44.58
C30 XAT GA . -38.83 7.68 44.70
C31 XAT GA . -39.36 6.33 44.88
C32 XAT GA . -40.68 6.22 44.88
C33 XAT GA . -41.37 4.93 45.02
C34 XAT GA . -42.68 4.88 44.74
C35 XAT GA . -43.40 3.61 44.81
C36 XAT GA . -34.06 10.41 42.62
C37 XAT GA . -35.81 11.95 41.84
C38 XAT GA . -35.62 11.31 46.77
C39 XAT GA . -36.50 6.86 44.63
C40 XAT GA . -40.62 3.70 45.44
O23 XAT GA . -33.78 15.09 43.91
O24 XAT GA . -36.75 12.21 44.69
C1 XAT HA . -16.93 14.34 53.06
C2 XAT HA . -15.92 15.22 52.35
C3 XAT HA . -14.62 15.26 53.10
C4 XAT HA . -13.99 13.90 52.90
C5 XAT HA . -14.85 12.78 53.52
C6 XAT HA . -16.36 13.04 53.67
C7 XAT HA . -17.17 11.76 53.45
C8 XAT HA . -18.18 11.50 54.29
C9 XAT HA . -19.00 10.29 54.14
C10 XAT HA . -20.00 10.27 53.26
C11 XAT HA . -20.86 9.09 53.13
C12 XAT HA . -21.91 9.13 52.32
C13 XAT HA . -22.81 7.96 52.19
C14 XAT HA . -23.81 8.00 51.29
C15 XAT HA . -24.74 6.90 51.14
C16 XAT HA . -18.04 13.98 52.08
C17 XAT HA . -17.58 15.14 54.18
C18 XAT HA . -14.55 11.30 53.22
C19 XAT HA . -18.74 9.10 55.01
C20 XAT HA . -22.63 6.77 53.06
O3 XAT HA . -13.77 16.27 52.55
O4 XAT HA . -15.44 13.10 54.78
C21 XAT HA . -33.34 -1.34 47.21
C22 XAT HA . -34.31 -2.49 47.41
C23 XAT HA . -34.65 -2.68 48.86
C24 XAT HA . -35.52 -1.49 49.22
C25 XAT HA . -34.68 -0.21 49.20
C26 XAT HA . -33.48 -0.17 48.22
C27 XAT HA . -33.17 1.22 47.72
C28 XAT HA . -32.03 1.74 48.18
C29 XAT HA . -31.48 3.07 47.85
C30 XAT HA . -30.47 3.49 48.63
C31 XAT HA . -29.75 4.75 48.53
C32 XAT HA . -28.76 4.90 49.40
C33 XAT HA . -27.88 6.07 49.49
C34 XAT HA . -26.82 5.98 50.30
C35 XAT HA . -25.87 7.09 50.46
C36 XAT HA . -33.51 -0.78 45.81
C37 XAT HA . -31.92 -1.88 47.33
C38 XAT HA . -35.31 1.17 49.37
C39 XAT HA . -32.01 3.89 46.73
C40 XAT HA . -28.15 7.31 48.69
O23 XAT HA . -35.38 -3.90 49.05
O24 XAT HA . -33.33 -0.39 49.64
C1 XAT IA . -30.54 0.58 64.20
C2 XAT IA . -29.67 -0.63 64.54
C3 XAT IA . -29.33 -1.41 63.30
C4 XAT IA . -28.33 -0.56 62.55
C5 XAT IA . -28.98 0.73 62.07
C6 XAT IA . -30.18 1.27 62.87
C7 XAT IA . -30.27 2.79 62.85
C8 XAT IA . -31.23 3.29 62.07
C9 XAT IA . -31.50 4.73 61.90
C10 XAT IA . -32.34 5.10 60.92
C11 XAT IA . -32.70 6.48 60.66
C12 XAT IA . -33.48 6.73 59.61
C13 XAT IA . -33.92 8.09 59.29
C14 XAT IA . -34.97 8.22 58.47
C15 XAT IA . -35.53 9.52 58.12
C16 XAT IA . -30.45 1.58 65.34
C17 XAT IA . -31.99 0.12 64.12
C18 XAT IA . -28.14 1.87 61.47
C19 XAT IA . -30.84 5.74 62.79
C20 XAT IA . -33.24 9.29 59.88
O3 XAT IA . -28.76 -2.67 63.63
O4 XAT IA . -30.33 0.60 61.62
C21 XAT IA . -44.59 17.11 52.77
C22 XAT IA . -45.17 18.41 52.24
C23 XAT IA . -44.28 19.58 52.62
C24 XAT IA . -43.07 19.45 51.73
C25 XAT IA . -42.26 18.21 52.13
C26 XAT IA . -43.06 17.03 52.75
C27 XAT IA . -42.45 15.66 52.49
C28 XAT IA . -41.82 15.13 53.52
C29 XAT IA . -41.18 13.80 53.52
C30 XAT IA . -40.42 13.48 54.57
C31 XAT IA . -39.77 12.19 54.73
C32 XAT IA . -38.90 12.06 55.73
C33 XAT IA . -38.20 10.79 56.01
C34 XAT IA . -37.30 10.76 56.99
C35 XAT IA . -36.62 9.52 57.35
C36 XAT IA . -45.15 15.95 51.95
C37 XAT IA . -45.05 16.93 54.21
C38 XAT IA . -41.06 17.71 51.32
C39 XAT IA . -41.39 12.84 52.38
C40 XAT IA . -38.53 9.55 55.22
O23 XAT IA . -44.94 20.82 52.39
O24 XAT IA . -42.26 17.93 53.53
C1 XAT JA . -28.17 -4.93 45.14
C2 XAT JA . -29.11 -6.07 44.77
C3 XAT JA . -28.70 -7.34 45.48
C4 XAT JA . -29.07 -7.15 46.93
C5 XAT JA . -28.27 -6.00 47.56
C6 XAT JA . -27.73 -4.89 46.62
C7 XAT JA . -27.70 -3.55 47.32
C8 XAT JA . -26.52 -3.01 47.57
C9 XAT JA . -26.39 -1.73 48.27
C10 XAT JA . -25.19 -1.38 48.77
C11 XAT JA . -25.00 -0.14 49.51
C12 XAT JA . -23.81 0.06 50.07
C13 XAT JA . -23.54 1.28 50.86
C14 XAT JA . -22.37 1.40 51.49
C15 XAT JA . -22.11 2.59 52.30
C16 XAT JA . -28.84 -3.61 44.79
C17 XAT JA . -26.91 -5.03 44.28
C18 XAT JA . -28.62 -5.45 48.95
C19 XAT JA . -27.58 -0.82 48.44
C20 XAT JA . -24.59 2.35 50.96
O3 XAT JA . -29.42 -8.45 44.94
O4 XAT JA . -26.89 -5.94 47.15
C21 XAT JA . -18.12 9.92 60.95
C22 XAT JA . -18.28 11.31 61.55
C23 XAT JA . -16.94 12.03 61.59
C24 XAT JA . -16.64 12.36 60.15
C25 XAT JA . -16.37 11.07 59.34
C26 XAT JA . -17.06 9.80 59.83
C27 XAT JA . -17.39 8.81 58.72
C28 XAT JA . -17.04 7.54 58.93
C29 XAT JA . -17.28 6.44 57.98
C30 XAT JA . -18.41 6.37 57.27
C31 XAT JA . -18.58 5.23 56.37
C32 XAT JA . -19.59 5.17 55.51
C33 XAT JA . -19.73 3.98 54.65
C34 XAT JA . -20.82 3.84 53.88
C35 XAT JA . -21.01 2.66 53.05
C36 XAT JA . -19.46 9.51 60.38
C37 XAT JA . -17.75 8.96 62.07
C38 XAT JA . -16.23 11.07 57.82
C39 XAT JA . -16.24 5.37 57.83
C40 XAT JA . -18.67 2.91 54.66
O23 XAT JA . -17.08 13.22 62.36
O24 XAT JA . -15.67 10.06 60.08
MG CLA KA . -14.70 17.62 65.31
CHA CLA KA . -17.91 18.92 65.10
CHB CLA KA . -14.12 19.49 68.10
CHC CLA KA . -11.55 16.26 65.49
CHD CLA KA . -15.32 15.74 62.37
NA CLA KA . -15.85 18.98 66.40
C1A CLA KA . -17.18 19.38 66.17
C2A CLA KA . -17.63 20.39 67.22
C3A CLA KA . -16.38 20.60 68.10
C4A CLA KA . -15.37 19.61 67.52
CMA CLA KA . -15.88 22.02 68.04
CAA CLA KA . -18.80 19.90 68.08
CBA CLA KA . -18.96 18.39 68.12
CGA CLA KA . -18.21 17.77 69.25
O1A CLA KA . -17.04 17.96 69.59
O2A CLA KA . -18.97 16.89 69.97
NB CLA KA . -13.14 17.82 66.57
C1B CLA KA . -13.09 18.64 67.65
C2B CLA KA . -11.76 18.52 68.31
C3B CLA KA . -11.02 17.61 67.58
C4B CLA KA . -11.89 17.16 66.45
CMB CLA KA . -11.39 19.29 69.50
CAB CLA KA . -9.67 17.16 67.77
CBB CLA KA . -9.29 15.88 67.88
NC CLA KA . -13.64 16.25 64.14
C1C CLA KA . -12.37 15.84 64.40
C2C CLA KA . -11.93 14.88 63.39
C3C CLA KA . -12.99 14.72 62.51
C4C CLA KA . -14.06 15.59 62.98
CMC CLA KA . -10.62 14.23 63.38
CAC CLA KA . -13.05 13.85 61.32
CBC CLA KA . -12.17 14.32 60.18
ND CLA KA . -16.20 17.37 63.98
C1D CLA KA . -16.34 16.56 62.83
C2D CLA KA . -17.69 16.77 62.25
C3D CLA KA . -18.33 17.67 63.08
C4D CLA KA . -17.37 18.01 64.15
CMD CLA KA . -18.18 16.11 61.04
CAD CLA KA . -19.54 18.42 63.33
OBD CLA KA . -20.58 18.47 62.67
CBD CLA KA . -19.32 19.24 64.64
CGD CLA KA . -19.54 20.72 64.46
O1D CLA KA . -18.67 21.58 64.30
O2D CLA KA . -20.84 21.09 64.50
CED CLA KA . -21.17 22.28 65.23
MG CLA LA . -27.93 16.48 67.37
CHA CLA LA . -30.44 18.30 65.80
CHB CLA LA . -27.43 19.05 69.55
CHC CLA LA . -25.49 14.62 68.92
CHD CLA LA . -28.53 13.80 65.13
NA CLA LA . -28.81 18.36 67.62
C1A CLA LA . -29.84 18.94 66.86
C2A CLA LA . -30.20 20.32 67.39
C3A CLA LA . -29.20 20.54 68.55
C4A CLA LA . -28.41 19.23 68.60
CMA CLA LA . -28.30 21.73 68.31
CAA CLA LA . -31.62 20.33 67.94
CBA CLA LA . -31.84 19.22 68.94
CGA CLA LA . -33.31 19.00 69.20
O1A CLA LA . -34.24 19.76 68.97
O2A CLA LA . -33.58 17.79 69.77
NB CLA LA . -26.72 16.76 68.96
C1B CLA LA . -26.64 17.89 69.71
C2B CLA LA . -25.55 17.77 70.71
C3B CLA LA . -25.00 16.52 70.54
C4B CLA LA . -25.72 15.86 69.41
CMB CLA LA . -25.22 18.82 71.66
CAB CLA LA . -23.91 15.90 71.26
CBB CLA LA . -23.97 14.72 71.88
NC CLA LA . -27.14 14.57 67.06
C1C CLA LA . -26.14 14.01 67.81
C2C CLA LA . -25.85 12.66 67.34
C3C CLA LA . -26.72 12.42 66.27
C4C CLA LA . -27.54 13.62 66.11
CMC CLA LA . -24.84 11.77 67.90
CAC CLA LA . -26.81 11.20 65.46
CBC CLA LA . -27.98 10.33 65.86
ND CLA LA . -29.12 16.10 65.78
C1D CLA LA . -29.29 14.95 64.96
C2D CLA LA . -30.34 15.21 63.96
C3D CLA LA . -30.80 16.49 64.22
C4D CLA LA . -30.03 16.99 65.38
CMD CLA LA . -30.77 14.27 62.93
CAD CLA LA . -31.72 17.54 63.82
OBD CLA LA . -32.51 17.57 62.88
CBD CLA LA . -31.56 18.71 64.85
CGD CLA LA . -31.36 20.03 64.18
O1D CLA LA . -32.19 20.64 63.47
O2D CLA LA . -30.15 20.61 64.36
CED CLA LA . -30.10 22.04 64.37
C1 CLA LA . -34.82 17.15 69.40
C2 CLA LA . -34.91 15.90 70.21
C3 CLA LA . -35.67 14.85 69.87
C4 CLA LA . -35.73 13.62 70.72
C5 CLA LA . -36.50 14.83 68.62
C6 CLA LA . -36.37 13.52 67.87
C7 CLA LA . -37.67 13.16 67.18
C8 CLA LA . -37.49 12.03 66.17
C9 CLA LA . -38.66 11.99 65.21
C10 CLA LA . -37.32 10.68 66.87
C11 CLA LA . -37.48 9.52 65.92
MG CLA MA . -21.39 16.02 53.32
CHA CLA MA . -20.21 19.20 53.91
CHB CLA MA . -21.40 16.65 49.96
CHC CLA MA . -22.41 12.80 52.77
CHD CLA MA . -21.44 15.43 56.81
NA CLA MA . -20.89 17.67 52.16
C1A CLA MA . -20.40 18.91 52.59
C2A CLA MA . -20.14 19.85 51.43
C3A CLA MA . -20.73 19.08 50.22
C4A CLA MA . -21.01 17.68 50.79
CMA CLA MA . -22.00 19.75 49.76
CAA CLA MA . -18.65 20.06 51.25
CBA CLA MA . -17.85 18.78 51.33
CGA CLA MA . -17.71 18.17 49.97
O1A CLA MA . -17.41 18.72 48.92
O2A CLA MA . -17.98 16.82 49.94
NB CLA MA . -21.91 14.95 51.68
C1B CLA MA . -21.71 15.35 50.39
C2B CLA MA . -21.90 14.19 49.47
C3B CLA MA . -22.18 13.10 50.26
C4B CLA MA . -22.19 13.57 51.68
CMB CLA MA . -21.76 14.32 48.02
CAB CLA MA . -22.42 11.72 49.92
CBB CLA MA . -22.94 11.26 48.77
NC CLA MA . -21.86 14.42 54.58
C1C CLA MA . -22.28 13.19 54.15
C2C CLA MA . -22.52 12.32 55.27
C3C CLA MA . -22.23 13.06 56.42
C4C CLA MA . -21.82 14.38 55.97
CMC CLA MA . -22.99 10.93 55.19
CAC CLA MA . -22.31 12.62 57.82
CBC CLA MA . -20.97 12.22 58.36
ND CLA MA . -20.89 17.00 55.01
C1D CLA MA . -21.00 16.67 56.38
C2D CLA MA . -20.58 17.84 57.20
C3D CLA MA . -20.26 18.83 56.30
C4D CLA MA . -20.49 18.27 54.96
CMD CLA MA . -20.54 17.86 58.66
CAD CLA MA . -19.78 20.19 56.11
OBD CLA MA . -19.40 21.02 56.94
CBD CLA MA . -19.82 20.49 54.58
CGD CLA MA . -20.87 21.50 54.24
O1D CLA MA . -22.09 21.29 54.08
O2D CLA MA . -20.43 22.77 54.10
CED CLA MA . -21.19 23.62 53.25
C1 CLA MA . -18.13 16.22 48.64
C2 CLA MA . -18.27 14.76 48.89
C3 CLA MA . -18.02 13.78 48.02
C4 CLA MA . -17.57 14.04 46.63
C5 CLA MA . -18.19 12.35 48.41
C6 CLA MA . -16.87 11.62 48.45
C7 CLA MA . -16.89 10.44 49.40
C8 CLA MA . -15.58 9.66 49.40
C9 CLA MA . -15.04 9.51 47.99
C10 CLA MA . -15.75 8.29 50.03
C11 CLA MA . -16.34 8.39 51.43
C12 CLA MA . -16.86 7.05 51.92
C13 CLA MA . -16.05 6.52 53.10
C14 CLA MA . -15.51 7.64 53.97
C15 CLA MA . -14.90 5.63 52.65
C16 CLA MA . -14.79 4.37 53.49
C17 CLA MA . -13.76 4.52 54.59
C18 CLA MA . -12.89 3.28 54.78
C19 CLA MA . -13.37 2.09 53.97
C20 CLA MA . -11.45 3.59 54.44
MG CLA NA . -23.26 8.07 45.04
CHA CLA NA . -22.77 10.35 42.48
CHB CLA NA . -20.69 9.48 46.78
CHC CLA NA . -23.81 5.82 47.58
CHD CLA NA . -25.94 6.67 43.22
NA CLA NA . -21.97 9.67 44.67
C1A CLA NA . -21.94 10.50 43.55
C2A CLA NA . -20.85 11.57 43.69
C3A CLA NA . -20.20 11.24 45.05
C4A CLA NA . -21.00 10.06 45.56
CMA CLA NA . -18.74 10.91 44.89
CAA CLA NA . -21.53 12.93 43.76
CBA CLA NA . -20.62 14.00 44.32
CGA CLA NA . -19.83 14.59 43.20
O1A CLA NA . -20.10 15.54 42.47
O2A CLA NA . -18.63 13.94 43.01
NB CLA NA . -22.46 7.76 46.86
C1B CLA NA . -21.34 8.37 47.34
C2B CLA NA . -20.86 7.68 48.57
C3B CLA NA . -21.74 6.64 48.80
C4B CLA NA . -22.76 6.68 47.72
CMB CLA NA . -19.68 8.10 49.31
CAB CLA NA . -21.78 5.63 49.84
CBB CLA NA . -20.72 5.13 50.48
NC CLA NA . -24.64 6.53 45.34
C1C CLA NA . -24.70 5.75 46.46
C2C CLA NA . -25.80 4.79 46.35
C3C CLA NA . -26.39 5.03 45.11
C4C CLA NA . -25.67 6.13 44.49
CMC CLA NA . -26.15 3.80 47.36
CAC CLA NA . -27.56 4.34 44.53
CBC CLA NA . -28.83 5.15 44.66
ND CLA NA . -24.16 8.34 43.26
C1D CLA NA . -25.25 7.69 42.62
C2D CLA NA . -25.48 8.31 41.29
C3D CLA NA . -24.54 9.32 41.18
C4D CLA NA . -23.77 9.32 42.43
CMD CLA NA . -26.49 7.87 40.33
CAD CLA NA . -24.01 10.38 40.34
OBD CLA NA . -24.34 10.72 39.21
CBD CLA NA . -22.87 11.07 41.15
CGD CLA NA . -21.56 11.00 40.43
O1D CLA NA . -21.06 10.05 39.84
O2D CLA NA . -20.84 12.17 40.46
CED CLA NA . -21.51 13.37 40.05
C1 CLA NA . -17.85 14.34 41.87
C2 CLA NA . -17.24 13.12 41.32
C3 CLA NA . -16.23 12.45 41.91
C4 CLA NA . -15.64 12.88 43.18
C5 CLA NA . -15.67 11.22 41.28
MG CLA OA . -40.49 0.27 49.06
CHA CLA OA . -41.83 -2.89 48.57
CHB CLA OA . -38.35 -0.24 46.46
CHC CLA OA . -39.26 3.45 49.53
CHD CLA OA . -42.77 0.76 51.72
NA CLA OA . -40.15 -1.34 47.76
C1A CLA OA . -40.82 -2.57 47.71
C2A CLA OA . -40.28 -3.43 46.57
C3A CLA OA . -39.12 -2.59 45.98
C4A CLA OA . -39.19 -1.28 46.78
CMA CLA OA . -37.78 -3.28 46.15
CAA CLA OA . -41.30 -3.69 45.45
CBA CLA OA . -42.54 -2.78 45.38
CGA CLA OA . -42.17 -1.32 45.38
O1A CLA OA . -41.52 -0.70 44.56
O2A CLA OA . -42.60 -0.66 46.50
NB CLA OA . -39.08 1.39 48.15
C1B CLA OA . -38.31 1.00 47.11
C2B CLA OA . -37.38 2.11 46.73
C3B CLA OA . -37.62 3.15 47.60
C4B CLA OA . -38.72 2.71 48.52
CMB CLA OA . -36.41 2.00 45.65
CAB CLA OA . -37.02 4.45 47.70
CBB CLA OA . -35.70 4.69 47.75
NC CLA OA . -40.93 1.81 50.40
C1C CLA OA . -40.31 3.03 50.41
C2C CLA OA . -40.86 3.87 51.46
C3C CLA OA . -41.86 3.11 52.08
C4C CLA OA . -41.90 1.82 51.40
CMC CLA OA . -40.43 5.23 51.77
CAC CLA OA . -42.71 3.52 53.22
CBC CLA OA . -44.11 3.90 52.78
ND CLA OA . -41.93 -0.78 50.01
C1D CLA OA . -42.81 -0.45 51.08
C2D CLA OA . -43.71 -1.60 51.33
C3D CLA OA . -43.38 -2.56 50.40
C4D CLA OA . -42.28 -2.00 49.60
CMD CLA OA . -44.73 -1.63 52.38
CAD CLA OA . -43.65 -3.90 49.90
OBD CLA OA . -44.46 -4.74 50.29
CBD CLA OA . -42.71 -4.13 48.68
CGD CLA OA . -41.88 -5.38 48.80
O1D CLA OA . -41.71 -6.26 47.95
O2D CLA OA . -41.26 -5.51 50.01
CED CLA OA . -40.15 -6.40 50.09
C1 CLA OA . -43.98 -0.21 46.60
C2 CLA OA . -43.92 1.00 47.45
C3 CLA OA . -44.95 1.45 48.18
C4 CLA OA . -46.27 0.77 48.21
C5 CLA OA . -44.82 2.68 49.02
C6 CLA OA . -43.87 3.70 48.42
C7 CLA OA . -44.17 5.09 48.97
C8 CLA OA . -43.25 6.15 48.38
C9 CLA OA . -41.81 5.68 48.40
C10 CLA OA . -43.38 7.45 49.15
C11 CLA OA . -43.74 8.61 48.24
C12 CLA OA . -42.54 9.09 47.45
C13 CLA OA . -42.95 9.73 46.13
C14 CLA OA . -43.91 8.85 45.36
C15 CLA OA . -41.72 10.06 45.28
C16 CLA OA . -42.10 10.44 43.86
C17 CLA OA . -41.01 10.02 42.89
C18 CLA OA . -40.85 11.01 41.74
C19 CLA OA . -39.76 10.56 40.79
C20 CLA OA . -42.16 11.19 41.01
MG CLA PA . -46.97 2.02 38.35
CHA CLA PA . -46.86 -1.38 39.13
CHB CLA PA . -49.12 1.35 35.80
CHC CLA PA . -47.16 5.39 37.72
CHD CLA PA . -44.60 2.64 40.90
NA CLA PA . -47.82 0.26 37.60
C1A CLA PA . -47.66 -1.06 38.06
C2A CLA PA . -48.47 -2.04 37.21
C3A CLA PA . -49.02 -1.15 36.08
C4A CLA PA . -48.66 0.27 36.52
CMA CLA PA . -48.37 -1.49 34.76
CAA CLA PA . -49.58 -2.70 38.01
CBA CLA PA . -50.72 -3.12 37.09
CGA CLA PA . -51.12 -4.53 37.40
O1A CLA PA . -52.15 -4.93 37.93
O2A CLA PA . -50.18 -5.44 37.01
NB CLA PA . -47.93 3.16 36.99
C1B CLA PA . -48.83 2.70 36.08
C2B CLA PA . -49.47 3.86 35.40
C3B CLA PA . -48.93 5.00 35.94
C4B CLA PA . -47.93 4.57 36.96
CMB CLA PA . -50.49 3.72 34.38
CAB CLA PA . -49.20 6.38 35.64
CBB CLA PA . -49.71 7.27 36.49
NC CLA PA . -46.05 3.70 39.16
C1C CLA PA . -46.27 4.99 38.76
C2C CLA PA . -45.47 5.91 39.54
C3C CLA PA . -44.74 5.13 40.45
C4C CLA PA . -45.10 3.74 40.19
CMC CLA PA . -45.48 7.37 39.39
CAC CLA PA . -43.77 5.60 41.45
CBC CLA PA . -42.41 5.87 40.87
ND CLA PA . -45.97 0.95 39.74
C1D CLA PA . -45.00 1.32 40.70
C2D CLA PA . -44.57 0.12 41.43
C3D CLA PA . -45.29 -0.94 40.91
C4D CLA PA . -46.12 -0.37 39.83
CMD CLA PA . -43.59 0.11 42.51
CAD CLA PA . -45.55 -2.36 40.97
OBD CLA PA . -45.13 -3.20 41.76
CBD CLA PA . -46.51 -2.70 39.79
CGD CLA PA . -45.86 -3.70 38.86
O1D CLA PA . -44.70 -4.09 38.90
O2D CLA PA . -46.68 -4.22 37.91
CED CLA PA . -46.74 -5.63 37.78
C1 CLA PA . -50.30 -5.94 35.66
MG CLA QA . -29.22 10.72 38.70
CHA CLA QA . -26.92 12.81 40.24
CHB CLA QA . -28.94 12.54 35.84
CHC CLA QA . -31.32 8.49 37.16
CHD CLA QA . -29.54 8.92 41.74
NA CLA QA . -28.12 12.41 38.16
C1A CLA QA . -27.20 13.12 38.95
C2A CLA QA . -26.60 14.28 38.16
C3A CLA QA . -27.42 14.29 36.86
C4A CLA QA . -28.21 12.99 36.93
CMA CLA QA . -28.31 15.50 36.84
CAA CLA QA . -25.13 14.02 37.87
CBA CLA QA . -24.92 13.13 36.66
CGA CLA QA . -23.56 12.51 36.67
O1A CLA QA . -22.47 13.05 36.88
O2A CLA QA . -23.59 11.17 36.41
NB CLA QA . -29.98 10.54 36.85
C1B CLA QA . -29.71 11.36 35.81
C2B CLA QA . -30.40 10.86 34.58
C3B CLA QA . -31.08 9.72 34.95
C4B CLA QA . -30.82 9.50 36.40
CMB CLA QA . -30.31 11.53 33.28
CAB CLA QA . -31.90 8.85 34.15
CBB CLA QA . -31.63 7.56 33.88
NC CLA QA . -30.26 9.03 39.35
C1C CLA QA . -31.07 8.26 38.55
C2C CLA QA . -31.62 7.16 39.32
C3C CLA QA . -31.12 7.27 40.61
C4C CLA QA . -30.27 8.46 40.63
CMC CLA QA . -32.51 6.13 38.78
CAC CLA QA . -31.39 6.40 41.76
CBC CLA QA . -32.57 6.85 42.57
ND CLA QA . -28.49 10.82 40.59
C1D CLA QA . -28.70 10.01 41.75
C2D CLA QA . -27.88 10.56 42.86
C3D CLA QA . -27.17 11.62 42.33
C4D CLA QA . -27.58 11.73 40.92
CMD CLA QA . -27.84 10.00 44.20
CAD CLA QA . -26.21 12.68 42.59
OBD CLA QA . -25.63 12.98 43.63
CBD CLA QA . -26.02 13.47 41.26
CGD CLA QA . -26.36 14.92 41.41
O1D CLA QA . -27.48 15.41 41.55
O2D CLA QA . -25.29 15.75 41.40
CED CLA QA . -25.54 17.14 41.63
C1 CLA QA . -22.35 10.58 35.94
MG CLA RA . -37.56 17.95 52.19
CHA CLA RA . -38.09 20.90 50.45
CHB CLA RA . -37.16 19.74 55.06
CHC CLA RA . -37.21 14.99 53.91
CHD CLA RA . -38.00 16.16 49.17
NA CLA RA . -37.61 19.99 52.65
C1A CLA RA . -37.86 21.06 51.78
C2A CLA RA . -37.82 22.39 52.53
C3A CLA RA . -37.30 21.99 53.94
C4A CLA RA . -37.37 20.46 53.91
CMA CLA RA . -35.91 22.47 54.17
CAA CLA RA . -39.22 22.95 52.63
CBA CLA RA . -40.27 21.88 52.84
CGA CLA RA . -40.43 21.55 54.29
O1A CLA RA . -40.56 22.33 55.23
O2A CLA RA . -40.41 20.20 54.55
NB CLA RA . -37.15 17.46 54.10
C1B CLA RA . -37.19 18.34 55.15
C2B CLA RA . -37.25 17.60 56.44
C3B CLA RA . -37.27 16.26 56.13
C4B CLA RA . -37.21 16.16 54.63
CMB CLA RA . -37.29 18.30 57.71
CAB CLA RA . -37.35 15.11 57.00
CBB CLA RA . -36.87 15.02 58.24
NC CLA RA . -37.56 15.94 51.63
C1C CLA RA . -37.37 14.90 52.49
C2C CLA RA . -37.40 13.63 51.74
C3C CLA RA . -37.67 13.96 50.41
C4C CLA RA . -37.76 15.42 50.34
CMC CLA RA . -37.21 12.31 52.33
CAC CLA RA . -37.79 13.03 49.28
CBC CLA RA . -39.23 12.83 48.86
ND CLA RA . -37.98 18.35 50.25
C1D CLA RA . -38.11 17.53 49.11
C2D CLA RA . -38.36 18.38 47.92
C3D CLA RA . -38.36 19.69 48.38
C4D CLA RA . -38.11 19.61 49.83
CMD CLA RA . -38.55 17.89 46.56
CAD CLA RA . -38.50 21.09 48.03
OBD CLA RA . -38.71 21.61 46.94
CBD CLA RA . -38.32 21.91 49.35
CGD CLA RA . -37.15 22.86 49.27
O1D CLA RA . -36.06 22.64 48.75
O2D CLA RA . -37.36 24.06 49.85
CED CLA RA . -36.23 24.91 50.05
C1 CLA RA . -41.15 19.77 55.71
C2 CLA RA . -40.77 18.37 56.03
C3 CLA RA . -41.05 17.78 57.21
C4 CLA RA . -41.74 18.50 58.30
C5 CLA RA . -40.65 16.37 57.48
C6 CLA RA . -41.74 15.57 58.18
C7 CLA RA . -42.50 14.70 57.19
C8 CLA RA . -43.22 13.55 57.88
MG CLA SA . -35.95 12.76 63.11
CHA CLA SA . -35.92 16.11 64.01
CHB CLA SA . -38.49 13.36 60.94
CHC CLA SA . -35.93 9.43 62.28
CHD CLA SA . -33.26 12.19 65.35
NA CLA SA . -37.01 14.47 62.58
C1A CLA SA . -36.85 15.78 63.06
C2A CLA SA . -37.85 16.74 62.41
C3A CLA SA . -38.66 15.82 61.44
C4A CLA SA . -38.02 14.45 61.66
CMA CLA SA . -40.12 15.82 61.78
CAA CLA SA . -37.15 17.83 61.62
CBA CLA SA . -38.11 18.89 61.13
CGA CLA SA . -38.91 19.46 62.26
O1A CLA SA . -39.91 18.99 62.81
O2A CLA SA . -38.41 20.64 62.71
NB CLA SA . -36.97 11.62 61.81
C1B CLA SA . -38.01 12.05 61.05
C2B CLA SA . -38.62 10.89 60.33
C3B CLA SA . -37.90 9.77 60.70
C4B CLA SA . -36.84 10.23 61.65
CMB CLA SA . -39.77 11.01 59.44
CAB CLA SA . -38.07 8.39 60.31
CBB CLA SA . -38.39 7.40 61.14
NC CLA SA . -34.80 11.11 63.72
C1C CLA SA . -34.98 9.84 63.25
C2C CLA SA . -34.02 8.95 63.89
C3C CLA SA . -33.25 9.73 64.75
C4C CLA SA . -33.75 11.10 64.62
CMC CLA SA . -33.93 7.51 63.66
CAC CLA SA . -32.16 9.27 65.62
CBC CLA SA . -32.67 8.74 66.94
ND CLA SA . -34.86 13.83 64.44
C1D CLA SA . -33.75 13.47 65.27
C2D CLA SA . -33.31 14.69 66.02
C3D CLA SA . -34.13 15.71 65.60
C4D CLA SA . -35.06 15.13 64.60
CMD CLA SA . -32.23 14.70 67.00
CAD CLA SA . -34.47 17.12 65.73
OBD CLA SA . -34.03 17.96 66.50
CBD CLA SA . -35.58 17.43 64.69
CGD CLA SA . -36.78 18.06 65.33
O1D CLA SA . -37.02 19.26 65.46
O2D CLA SA . -37.68 17.15 65.82
CED CLA SA . -38.94 17.65 66.27
MG CLA TA . -23.12 -0.47 62.01
CHA CLA TA . -22.54 -3.62 63.34
CHB CLA TA . -25.15 0.28 64.65
CHC CLA TA . -23.60 2.67 60.69
CHD CLA TA . -21.01 -1.28 59.29
NA CLA TA . -23.73 -1.53 63.70
C1A CLA TA . -23.37 -2.83 64.08
C2A CLA TA . -24.05 -3.22 65.40
C3A CLA TA . -24.91 -1.97 65.75
C4A CLA TA . -24.58 -0.99 64.63
CMA CLA TA . -26.38 -2.27 65.80
CAA CLA TA . -23.02 -3.45 66.49
NB CLA TA . -24.21 1.14 62.54
C1B CLA TA . -24.93 1.27 63.68
C2B CLA TA . -25.48 2.65 63.80
C3B CLA TA . -25.06 3.34 62.68
C4B CLA TA . -24.23 2.39 61.87
CMB CLA TA . -26.30 3.09 64.92
CAB CLA TA . -25.29 4.72 62.33
CBB CLA TA . -25.80 5.14 61.19
NC CLA TA . -22.44 0.51 60.29
C1C CLA TA . -22.76 1.79 59.95
C2C CLA TA . -22.10 2.15 58.70
C3C CLA TA . -21.36 1.04 58.30
C4C CLA TA . -21.58 0.01 59.31
CMC CLA TA . -22.21 3.45 58.04
CAC CLA TA . -20.51 0.90 57.11
CBC CLA TA . -21.29 0.56 55.86
ND CLA TA . -22.00 -2.03 61.40
C1D CLA TA . -21.19 -2.23 60.25
C2D CLA TA . -20.62 -3.60 60.31
C3D CLA TA . -21.10 -4.18 61.47
C4D CLA TA . -21.96 -3.16 62.11
CMD CLA TA . -19.73 -4.17 59.30
CAD CLA TA . -21.11 -5.36 62.32
OBD CLA TA . -20.55 -6.43 62.17
CBD CLA TA . -22.04 -5.04 63.53
CGD CLA TA . -23.18 -6.02 63.64
O1D CLA TA . -23.80 -6.34 64.65
O2D CLA TA . -23.53 -6.58 62.44
CED CLA TA . -24.18 -7.85 62.48
MG CLA UA . -30.59 -1.22 40.43
CHA CLA UA . -30.54 -3.40 37.73
CHB CLA UA . -27.50 -2.31 41.37
CHC CLA UA . -30.73 0.91 43.13
CHD CLA UA . -33.83 -0.17 39.45
NA CLA UA . -29.25 -2.62 39.65
C1A CLA UA . -29.41 -3.43 38.51
C2A CLA UA . -28.18 -4.31 38.30
C3A CLA UA . -27.26 -3.95 39.48
C4A CLA UA . -28.04 -2.88 40.24
CMA CLA UA . -26.95 -5.14 40.35
CAA CLA UA . -27.48 -4.02 36.97
CBA CLA UA . -27.48 -2.53 36.66
CGA CLA UA . -26.08 -2.07 36.40
O1A CLA UA . -25.08 -2.18 37.11
O2A CLA UA . -25.95 -1.43 35.19
NB CLA UA . -29.36 -0.79 41.97
C1B CLA UA . -28.13 -1.33 42.17
C2B CLA UA . -27.51 -0.74 43.40
C3B CLA UA . -28.41 0.17 43.90
C4B CLA UA . -29.61 0.15 42.99
CMB CLA UA . -26.18 -1.11 43.88
CAB CLA UA . -28.30 1.02 45.06
CBB CLA UA . -29.22 1.13 46.03
NC CLA UA . -32.01 0.13 41.14
C1C CLA UA . -31.86 0.90 42.26
C2C CLA UA . -33.04 1.74 42.46
C3C CLA UA . -33.93 1.43 41.43
C4C CLA UA . -33.27 0.42 40.60
CMC CLA UA . -33.22 2.69 43.55
CAC CLA UA . -35.24 2.02 41.19
CBC CLA UA . -35.15 3.26 40.34
ND CLA UA . -31.90 -1.60 38.93
C1D CLA UA . -33.21 -1.11 38.66
C2D CLA UA . -33.72 -1.77 37.44
C3D CLA UA . -32.74 -2.65 37.04
C4D CLA UA . -31.63 -2.52 38.01
CMD CLA UA . -35.03 -1.51 36.85
CAD CLA UA . -32.33 -3.65 36.06
OBD CLA UA . -32.92 -4.02 35.05
CBD CLA UA . -30.94 -4.19 36.50
CGD CLA UA . -30.98 -5.66 36.79
O1D CLA UA . -30.49 -6.26 37.75
O2D CLA UA . -31.64 -6.40 35.85
CED CLA UA . -30.90 -6.85 34.71
C1 CLA UA . -25.04 -0.31 35.15
MG CLA VA . -20.45 -3.03 50.55
CHA CLA VA . -22.10 -5.69 49.07
CHB CLA VA . -19.57 -5.01 53.16
CHC CLA VA . -18.75 -0.38 51.92
CHD CLA VA . -21.38 -0.98 47.80
NA CLA VA . -20.81 -5.02 51.02
C1A CLA VA . -21.51 -5.98 50.26
C2A CLA VA . -21.52 -7.33 50.98
C3A CLA VA . -20.75 -7.07 52.29
C4A CLA VA . -20.34 -5.61 52.17
CMA CLA VA . -21.59 -7.32 53.52
CAA CLA VA . -20.80 -8.39 50.17
CBA CLA VA . -19.33 -8.08 49.99
CGA CLA VA . -19.11 -7.35 48.69
O1A CLA VA . -19.62 -7.55 47.59
O2A CLA VA . -18.22 -6.31 48.81
NB CLA VA . -19.37 -2.74 52.23
C1B CLA VA . -19.13 -3.68 53.18
C2B CLA VA . -18.30 -3.10 54.27
C3B CLA VA . -18.06 -1.78 53.92
C4B CLA VA . -18.74 -1.55 52.62
CMB CLA VA . -17.88 -3.86 55.44
CAB CLA VA . -17.31 -0.78 54.62
CBB CLA VA . -16.24 -0.15 54.14
NC CLA VA . -20.14 -1.04 49.97
C1C CLA VA . -19.40 -0.13 50.69
C2C CLA VA . -19.37 1.15 49.98
C3C CLA VA . -20.12 0.98 48.81
C4C CLA VA . -20.60 -0.40 48.81
CMC CLA VA . -18.67 2.34 50.45
CAC CLA VA . -20.38 1.99 47.78
CBC CLA VA . -21.79 2.56 47.86
ND CLA VA . -21.52 -3.20 48.84
C1D CLA VA . -21.81 -2.29 47.79
C2D CLA VA . -22.62 -2.99 46.76
C3D CLA VA . -22.76 -4.29 47.20
C4D CLA VA . -22.05 -4.37 48.49
CMD CLA VA . -23.12 -2.36 45.54
CAD CLA VA . -23.32 -5.59 46.91
OBD CLA VA . -24.00 -5.97 45.96
CBD CLA VA . -22.90 -6.53 48.08
CGD CLA VA . -24.08 -7.21 48.72
O1D CLA VA . -24.81 -6.76 49.60
O2D CLA VA . -24.32 -8.46 48.23
CED CLA VA . -25.61 -8.75 47.70
C1 CLA VA . -18.60 -5.05 48.25
C2 CLA VA . -17.43 -4.16 48.38
C3 CLA VA . -17.30 -2.98 47.74
C4 CLA VA . -18.35 -2.48 46.81
C5 CLA VA . -16.09 -2.15 47.91
C6 CLA VA . -16.36 -0.81 48.57
C7 CLA VA . -15.15 -0.38 49.38
C8 CLA VA . -14.93 1.13 49.34
C9 CLA VA . -14.88 1.62 47.91
C10 CLA VA . -13.64 1.49 50.06
C1A DGD WA . -12.69 -7.51 51.68
C2A DGD WA . -11.61 -7.20 50.67
C3A DGD WA . -10.34 -6.82 51.42
C4A DGD WA . -9.35 -6.14 50.48
O1A DGD WA . -12.53 -7.19 52.83
C1B DGD WA . -15.92 -5.26 52.15
C2B DGD WA . -14.99 -4.81 53.24
C3B DGD WA . -14.59 -3.37 52.95
C4B DGD WA . -13.97 -3.25 51.57
C5B DGD WA . -12.54 -2.74 51.66
C6B DGD WA . -12.16 -2.42 53.10
O1B DGD WA . -16.70 -4.48 51.65
O1G DGD WA . -13.91 -8.17 51.30
C1G DGD WA . -14.79 -8.64 52.32
C2G DGD WA . -15.83 -7.59 52.69
O2G DGD WA . -15.88 -6.62 51.66
C3G DGD WA . -17.18 -8.26 52.80
O3G DGD WA . -17.17 -9.19 53.87
C1D DGD WA . -17.29 -10.53 53.41
C2D DGD WA . -16.27 -11.37 54.16
O2D DGD WA . -14.95 -10.93 53.88
C3D DGD WA . -16.41 -12.81 53.71
O3D DGD WA . -15.48 -13.63 54.42
C4D DGD WA . -17.83 -13.24 53.99
O4D DGD WA . -18.06 -13.11 55.39
C5D DGD WA . -18.79 -12.34 53.25
O5D DGD WA . -21.08 -12.16 52.54
C6D DGD WA . -20.23 -12.78 53.50
O6D DGD WA . -18.60 -11.01 53.70
C1E DGD WA . -22.47 -12.37 52.84
C2E DGD WA . -23.06 -13.38 51.86
O2E DGD WA . -22.41 -14.64 52.03
C3E DGD WA . -22.88 -12.87 50.45
O3E DGD WA . -23.57 -13.75 49.55
C4E DGD WA . -23.42 -11.46 50.29
O4E DGD WA . -24.85 -11.50 50.31
C5E DGD WA . -22.92 -10.56 51.41
O6E DGD WA . -23.17 -11.15 52.68
C6E DGD WA . -23.81 -9.49 50.98
O5E DGD WA . -25.10 -10.12 51.11
C1 A1L1G XA . 65.25 -26.80 36.36
C5 A1L1G XA . 62.87 -27.38 35.76
C4 A1L1G XA . 65.71 -28.72 37.90
C3 A1L1G XA . 63.60 -27.42 38.15
C2 A1L1G XA . 66.38 -24.72 35.29
C10 A1L1G XA . 67.51 -27.94 36.36
C11 A1L1G XA . 66.01 -28.12 36.54
C12 A1L1G XA . 63.35 -25.24 36.93
C14 A1L1G XA . 56.90 -7.44 33.43
C17 A1L1G XA . 59.08 -5.57 34.33
C18 A1L1G XA . 57.02 -6.18 30.55
C19 A1L1G XA . 54.79 -6.29 31.65
C20 A1L1G XA . 57.93 -5.07 33.48
C21 A1L1G XA . 58.15 -3.82 32.70
C22 A1L1G XA . 56.80 -3.23 32.39
C23 A1L1G XA . 56.01 -4.14 31.47
C24 A1L1G XA . 56.17 -5.65 31.71
C25 A1L1G XA . 56.87 -5.98 33.03
C26 A1L1G XA . 56.43 -10.13 34.22
C27 A1L1G XA . 58.75 -14.62 34.98
C28 A1L1G XA . 65.00 -18.37 34.04
C29 A1L1G XA . 57.77 -8.36 33.06
C30 A1L1G XA . 57.71 -9.68 33.56
C31 A1L1G XA . 58.78 -10.54 33.48
C32 A1L1G XA . 58.83 -11.87 33.89
C33 A1L1G XA . 59.87 -12.77 33.78
C34 A1L1G XA . 59.96 -14.05 34.34
C35 A1L1G XA . 61.12 -14.84 34.32
C36 A1L1G XA . 61.23 -16.21 34.25
C37 A1L1G XA . 62.32 -17.04 34.07
C38 A1L1G XA . 62.59 -18.29 34.60
C39 A1L1G XA . 63.77 -19.05 34.48
C40 A1L1G XA . 63.83 -20.44 34.74
C41 A1L1G XA . 64.90 -21.18 35.20
C42 A1L1G XA . 65.24 -22.48 34.91
C43 A1L1G XA . 66.32 -22.96 37.06
C44 A1L1G XA . 65.95 -23.38 35.69
C45 A1L1G XA . 65.84 -25.77 35.83
C6 A1L1G XA . 63.77 -26.71 36.80
C8 A1L1G XA . 64.22 -28.81 38.18
O13 A1L1G XA . 56.64 -10.32 35.60
O15 A1L1G XA . 56.63 -5.09 34.14
O16 A1L1G XA . 56.95 -1.96 31.79
O7 A1L1G XA . 63.99 -29.39 39.47
O9 A1L1G XA . 65.54 -29.09 35.58
C1 XAT YA . 39.97 -30.03 6.27
C2 XAT YA . 39.17 -31.33 6.13
C3 XAT YA . 38.46 -31.65 7.42
C4 XAT YA . 37.33 -30.64 7.52
C5 XAT YA . 37.90 -29.23 7.70
C6 XAT YA . 39.30 -28.95 7.14
C7 XAT YA . 39.49 -27.51 6.67
C8 XAT YA . 40.24 -26.74 7.45
C9 XAT YA . 40.54 -25.33 7.16
C10 XAT YA . 41.15 -24.61 8.10
C11 XAT YA . 41.51 -23.21 7.89
C12 XAT YA . 42.29 -22.65 8.80
C13 XAT YA . 42.74 -21.25 8.69
C14 XAT YA . 43.76 -20.86 9.47
C15 XAT YA . 44.32 -19.52 9.42
C16 XAT YA . 40.23 -29.47 4.87
C17 XAT YA . 41.32 -30.37 6.87
C18 XAT YA . 37.00 -27.98 7.62
C19 XAT YA . 40.18 -24.73 5.83
C20 XAT YA . 42.09 -20.30 7.74
O3 XAT YA . 37.92 -32.98 7.37
O4 XAT YA . 39.06 -29.14 8.53
C21 XAT YA . 53.71 -10.94 11.13
C22 XAT YA . 54.50 -9.68 11.42
C23 XAT YA . 53.56 -8.51 11.64
C24 XAT YA . 52.92 -8.76 12.99
C25 XAT YA . 52.03 -10.00 12.96
C26 XAT YA . 52.39 -11.09 11.93
C27 XAT YA . 52.04 -12.50 12.36
C28 XAT YA . 51.03 -13.06 11.72
C29 XAT YA . 50.55 -14.42 11.99
C30 XAT YA . 49.42 -14.81 11.39
C31 XAT YA . 48.84 -16.14 11.54
C32 XAT YA . 47.73 -16.40 10.87
C33 XAT YA . 47.09 -17.73 10.93
C34 XAT YA . 46.02 -17.96 10.15
C35 XAT YA . 45.38 -19.28 10.17
C36 XAT YA . 54.60 -12.14 11.41
C37 XAT YA . 53.37 -10.96 9.64
C38 XAT YA . 51.44 -10.62 14.23
C39 XAT YA . 51.31 -15.36 12.89
C40 XAT YA . 47.62 -18.79 11.84
O23 XAT YA . 54.30 -7.29 11.66
O24 XAT YA . 51.31 -10.18 11.74
C1 XAT ZA . 52.90 -22.96 17.27
C2 XAT ZA . 51.75 -23.93 17.00
C3 XAT ZA . 50.88 -24.05 18.23
C4 XAT ZA . 50.11 -22.75 18.31
C5 XAT ZA . 51.04 -21.56 18.55
C6 XAT ZA . 52.51 -21.71 18.08
C7 XAT ZA . 53.10 -20.39 17.61
C8 XAT ZA . 54.00 -19.84 18.42
C9 XAT ZA . 54.71 -18.58 18.15
C10 XAT ZA . 55.36 -18.03 19.18
C11 XAT ZA . 56.13 -16.80 19.09
C12 XAT ZA . 56.78 -16.46 20.20
C13 XAT ZA . 57.65 -15.27 20.33
C14 XAT ZA . 58.31 -15.11 21.48
C15 XAT ZA . 59.22 -14.00 21.71
C16 XAT ZA . 53.52 -22.54 15.95
C17 XAT ZA . 53.98 -23.71 18.06
C18 XAT ZA . 50.54 -20.13 18.42
C19 XAT ZA . 54.70 -17.96 16.80
C20 XAT ZA . 57.78 -14.29 19.21
O3 XAT ZA . 49.98 -25.15 18.10
O4 XAT ZA . 52.12 -21.81 19.46
C21 XAT ZA . 67.67 -6.83 28.57
C22 XAT ZA . 68.37 -5.59 29.07
C23 XAT ZA . 68.19 -4.43 28.11
C24 XAT ZA . 66.73 -4.06 28.27
C25 XAT ZA . 65.85 -5.14 27.65
C26 XAT ZA . 66.39 -6.58 27.74
C27 XAT ZA . 65.30 -7.63 27.87
C28 XAT ZA . 65.09 -8.43 26.83
C29 XAT ZA . 64.07 -9.50 26.87
C30 XAT ZA . 63.76 -10.12 25.73
C31 XAT ZA . 62.80 -11.21 25.67
C32 XAT ZA . 62.23 -11.50 24.50
C33 XAT ZA . 61.26 -12.59 24.34
C34 XAT ZA . 60.81 -12.87 23.11
C35 XAT ZA . 59.87 -13.96 22.86
C36 XAT ZA . 67.29 -7.68 29.77
C37 XAT ZA . 68.64 -7.63 27.72
C38 XAT ZA . 64.32 -5.10 27.72
C39 XAT ZA . 63.43 -9.88 28.16
C40 XAT ZA . 60.79 -13.38 25.54
O23 XAT ZA . 69.02 -3.33 28.49
O24 XAT ZA . 66.43 -5.80 26.52
C8 A1L1F AB . 37.58 -4.65 16.47
C5 A1L1F AB . 38.21 -3.02 18.88
C4 A1L1F AB . 38.92 -4.83 15.79
C6 A1L1F AB . 38.66 -4.46 18.70
C10 A1L1F AB . 41.37 -4.33 15.91
C11 A1L1F AB . 40.00 -4.07 16.53
C2 A1L1F AB . 42.10 -5.26 19.03
C3 A1L1F AB . 37.62 -5.20 17.88
C1 A1L1F AB . 39.96 -4.51 17.97
C12 A1L1F AB . 38.80 -5.12 20.05
C14 A1L1F AB . 50.28 -16.29 32.09
C17 A1L1F AB . 47.99 -17.83 32.66
C18 A1L1F AB . 51.49 -18.94 30.56
C19 A1L1F AB . 52.91 -17.62 32.05
C20 A1L1F AB . 49.29 -18.52 33.07
C21 A1L1F AB . 49.49 -19.99 32.72
C22 A1L1F AB . 50.74 -20.45 33.43
C23 A1L1F AB . 51.97 -19.75 32.85
C24 A1L1F AB . 51.68 -18.53 32.00
C25 A1L1F AB . 50.46 -17.74 32.48
C26 A1L1F AB . 50.46 -13.44 31.45
C27 A1L1F AB . 49.17 -10.10 27.47
C28 A1L1F AB . 45.19 -10.62 21.63
C29 A1L1F AB . 50.18 -15.92 30.82
C30 A1L1F AB . 49.99 -14.50 30.49
C31 A1L1F AB . 49.41 -14.19 29.33
C32 A1L1F AB . 49.14 -12.83 28.86
C33 A1L1F AB . 48.95 -12.69 27.56
C34 A1L1F AB . 48.63 -11.39 26.94
C35 A1L1F AB . 47.84 -11.43 25.86
C36 A1L1F AB . 47.40 -10.22 25.16
C37 A1L1F AB . 46.71 -10.37 24.03
C38 A1L1F AB . 46.23 -9.18 23.33
C39 A1L1F AB . 45.50 -9.28 22.22
C40 A1L1F AB . 44.99 -8.05 21.59
C41 A1L1F AB . 43.85 -8.04 20.91
C42 A1L1F AB . 43.41 -6.76 20.35
C43 A1L1F AB . 41.69 -7.80 18.90
C44 A1L1F AB . 42.42 -6.63 19.46
C45 A1L1F AB . 49.99 -13.01 33.87
C47 A1L1F AB . 49.03 -13.10 35.04
C48 A1L1F AB . 49.84 -13.18 36.32
C49 A1L1F AB . 49.57 -11.97 37.19
C50 A1L1F AB . 50.88 -11.29 37.59
C51 A1L1F AB . 50.70 -10.47 38.87
C52 A1L1F AB . 49.31 -9.85 38.93
C53 A1L1F AB . 49.38 -8.36 38.76
C54 A1L1F AB . 36.02 -4.58 14.68
C56 A1L1F AB . 36.27 -3.11 14.67
C57 A1L1F AB . 41.01 -4.91 18.51
O13 A1L1F AB . 49.55 -13.42 32.55
O15 A1L1F AB . 50.26 -17.87 33.89
O16 A1L1F AB . 50.89 -21.86 33.25
O46 A1L1F AB . 51.11 -12.58 34.04
O55 A1L1F AB . 35.36 -5.14 13.82
O7 A1L1F AB . 36.61 -5.38 15.74
O9 A1L1F AB . 39.73 -2.68 16.44
MG CLA BB . 52.16 -2.16 34.90
CHA CLA BB . 50.37 -0.65 32.35
CHB CLA BB . 52.31 0.81 36.56
CHC CLA BB . 53.85 -3.74 37.45
CHD CLA BB . 51.92 -5.23 33.17
NA CLA BB . 51.46 -0.23 34.49
C1A CLA BB . 50.73 0.19 33.37
C2A CLA BB . 50.39 1.67 33.47
C3A CLA BB . 51.13 2.13 34.75
C4A CLA BB . 51.68 0.82 35.33
CMA CLA BB . 52.21 3.12 34.41
CAA CLA BB . 48.90 1.87 33.63
CBA CLA BB . 48.38 1.11 34.83
CGA CLA BB . 46.99 0.61 34.58
O1A CLA BB . 45.99 1.24 34.22
O2A CLA BB . 46.87 -0.74 34.75
NB CLA BB . 52.94 -1.57 36.66
C1B CLA BB . 52.86 -0.32 37.19
C2B CLA BB . 53.48 -0.30 38.54
C3B CLA BB . 53.91 -1.59 38.80
C4B CLA BB . 53.58 -2.41 37.61
CMB CLA BB . 53.56 0.90 39.37
CAB CLA BB . 54.59 -2.13 39.96
CBB CLA BB . 55.72 -1.66 40.48
NC CLA BB . 52.79 -4.12 35.22
C1C CLA BB . 53.49 -4.55 36.34
C2C CLA BB . 53.78 -5.96 36.23
C3C CLA BB . 53.21 -6.40 35.03
C4C CLA BB . 52.60 -5.24 34.41
CMC CLA BB . 54.51 -6.75 37.22
CAC CLA BB . 53.24 -7.77 34.48
CBC CLA BB . 51.94 -8.50 34.72
ND CLA BB . 51.40 -2.84 33.15
C1D CLA BB . 51.37 -4.13 32.57
C2D CLA BB . 50.65 -4.05 31.27
C3D CLA BB . 50.26 -2.73 31.14
C4D CLA BB . 50.73 -2.03 32.33
CMD CLA BB . 50.44 -5.18 30.37
CAD CLA BB . 49.57 -1.76 30.30
OBD CLA BB . 49.02 -1.92 29.21
CBD CLA BB . 49.61 -0.40 31.06
CGD CLA BB . 50.28 0.67 30.23
O1D CLA BB . 51.25 0.54 29.48
O2D CLA BB . 49.72 1.90 30.36
CED CLA BB . 50.39 3.01 29.75
C1 CLA BB . 46.38 -1.19 36.03
C2 CLA BB . 44.91 -1.05 36.02
C3 CLA BB . 44.08 -1.87 35.36
C4 CLA BB . 42.61 -1.68 35.37
C5 CLA BB . 44.60 -3.03 34.57
C6 CLA BB . 44.08 -4.35 35.07
C7 CLA BB . 44.06 -5.37 33.95
C8 CLA BB . 42.97 -5.09 32.93
C9 CLA BB . 41.61 -5.40 33.51
C10 CLA BB . 43.21 -5.85 31.63
C11 CLA BB . 42.40 -7.12 31.51
C12 CLA BB . 43.20 -8.35 31.96
C13 CLA BB . 42.42 -9.63 31.70
C14 CLA BB . 43.03 -10.79 32.46
C15 CLA BB . 42.34 -9.94 30.22
C16 CLA BB . 41.49 -11.16 29.95
MG CLA CB . 62.01 -4.06 25.31
CHA CLA CB . 62.44 -0.72 26.15
CHB CLA CB . 63.50 -3.51 22.32
CHC CLA CB . 61.64 -7.40 24.58
CHD CLA CB . 60.53 -4.61 28.49
NA CLA CB . 62.82 -2.37 24.40
C1A CLA CB . 62.92 -1.07 24.91
C2A CLA CB . 63.60 -0.14 23.91
C3A CLA CB . 63.81 -1.04 22.66
C4A CLA CB . 63.36 -2.41 23.14
CMA CLA CB . 63.03 -0.54 21.47
CAA CLA CB . 64.95 0.39 24.38
CBA CLA CB . 65.66 -0.47 25.41
CGA CLA CB . 66.12 -1.78 24.88
O1A CLA CB . 66.26 -2.83 25.50
O2A CLA CB . 66.42 -1.78 23.54
NB CLA CB . 62.51 -5.24 23.76
C1B CLA CB . 63.11 -4.82 22.62
C2B CLA CB . 63.27 -5.97 21.68
C3B CLA CB . 62.74 -7.07 22.31
C4B CLA CB . 62.24 -6.61 23.64
CMB CLA CB . 63.87 -5.83 20.36
CAB CLA CB . 62.62 -8.45 21.89
CBB CLA CB . 63.52 -9.13 21.18
NC CLA CB . 61.21 -5.69 26.34
C1C CLA CB . 61.14 -6.97 25.84
C2C CLA CB . 60.51 -7.85 26.82
C3C CLA CB . 60.24 -7.07 27.94
C4C CLA CB . 60.68 -5.72 27.63
CMC CLA CB . 60.24 -9.28 26.65
CAC CLA CB . 59.62 -7.57 29.17
CBC CLA CB . 60.61 -7.69 30.31
ND CLA CB . 61.49 -2.97 26.94
C1D CLA CB . 60.90 -3.32 28.18
C2D CLA CB . 60.78 -2.10 29.01
C3D CLA CB . 61.33 -1.06 28.27
C4D CLA CB . 61.78 -1.66 27.00
CMD CLA CB . 60.16 -2.07 30.34
CAD CLA CB . 61.63 0.35 28.22
OBD CLA CB . 61.38 1.23 29.04
CBD CLA CB . 62.40 0.60 26.88
CGD CLA CB . 61.72 1.66 26.05
O1D CLA CB . 60.85 1.50 25.19
O2D CLA CB . 62.14 2.93 26.31
CED CLA CB . 61.34 4.01 25.82
C1 CLA CB . 67.45 -2.68 23.05
C2 CLA CB . 66.89 -4.05 22.93
C3 CLA CB . 67.57 -5.06 22.34
C4 CLA CB . 68.93 -4.86 21.77
C5 CLA CB . 66.99 -6.42 22.25
C6 CLA CB . 67.24 -7.26 23.48
C7 CLA CB . 68.54 -8.04 23.37
C8 CLA CB . 68.39 -9.55 23.57
C9 CLA CB . 66.95 -9.97 23.38
C10 CLA CB . 68.92 -9.97 24.93
C11 CLA CB . 68.38 -11.31 25.39
C12 CLA CB . 67.61 -11.18 26.69
C13 CLA CB . 67.39 -12.52 27.39
C14 CLA CB . 67.33 -13.67 26.41
C15 CLA CB . 66.12 -12.48 28.22
C16 CLA CB . 65.72 -13.85 28.72
C17 CLA CB . 64.55 -13.76 29.69
C18 CLA CB . 63.40 -14.68 29.35
C19 CLA CB . 62.09 -14.12 29.87
C20 CLA CB . 63.30 -14.92 27.86
MG CLA DB . 63.90 -13.29 18.16
CHA CLA DB . 65.42 -10.93 16.11
CHB CLA DB . 65.48 -11.96 20.86
CHC CLA DB . 62.25 -15.55 20.16
CHD CLA DB . 62.29 -14.65 15.32
NA CLA DB . 65.24 -11.71 18.42
C1A CLA DB . 65.74 -10.83 17.44
C2A CLA DB . 66.68 -9.81 18.07
C3A CLA DB . 66.75 -10.22 19.55
C4A CLA DB . 65.75 -11.38 19.64
CMA CLA DB . 68.14 -10.65 19.96
CAA CLA DB . 66.10 -8.41 17.96
CBA CLA DB . 67.02 -7.36 18.52
CGA CLA DB . 67.99 -6.91 17.46
O1A CLA DB . 67.76 -6.67 16.28
O2A CLA DB . 69.26 -6.75 17.93
NB CLA DB . 63.84 -13.65 20.14
C1B CLA DB . 64.60 -13.04 21.08
C2B CLA DB . 64.41 -13.69 22.40
C3B CLA DB . 63.49 -14.70 22.22
C4B CLA DB . 63.12 -14.70 20.78
CMB CLA DB . 65.11 -13.25 23.60
CAB CLA DB . 62.94 -15.67 23.13
CBB CLA DB . 63.54 -16.18 24.21
NC CLA DB . 62.53 -14.82 17.79
C1C CLA DB . 61.98 -15.61 18.77
C2C CLA DB . 61.05 -16.57 18.16
C3C CLA DB . 61.07 -16.33 16.80
C4C CLA DB . 62.01 -15.22 16.57
CMC CLA DB . 60.28 -17.56 18.90
CAC CLA DB . 60.29 -17.02 15.76
CBC CLA DB . 59.00 -16.31 15.45
ND CLA DB . 63.88 -12.98 16.16
C1D CLA DB . 63.17 -13.60 15.11
C2D CLA DB . 63.51 -12.94 13.83
C3D CLA DB . 64.36 -11.90 14.17
C4D CLA DB . 64.56 -11.96 15.63
CMD CLA DB . 62.99 -13.33 12.53
CAD CLA DB . 65.16 -10.79 13.67
OBD CLA DB . 65.32 -10.38 12.52
CBD CLA DB . 65.84 -10.12 14.90
CGD CLA DB . 67.33 -10.05 14.75
O1D CLA DB . 68.03 -9.04 14.55
O2D CLA DB . 67.96 -11.26 14.84
CED CLA DB . 69.33 -11.34 14.42
C1 CLA DB . 70.01 -7.95 18.21
C2 CLA DB . 71.22 -7.53 18.96
C3 CLA DB . 72.10 -8.39 19.50
C4 CLA DB . 73.29 -7.92 20.24
C5 CLA DB . 71.90 -9.86 19.40
C6 CLA DB . 71.90 -10.55 20.75
C7 CLA DB . 72.75 -11.80 20.72
C8 CLA DB . 71.97 -13.01 20.23
C9 CLA DB . 71.17 -13.63 21.36
MG CLA EB . 45.50 -20.93 16.11
CHA CLA EB . 44.11 -24.01 15.29
CHB CLA EB . 48.50 -21.95 14.83
CHC CLA EB . 46.79 -17.83 16.82
CHD CLA EB . 42.39 -19.96 17.48
NA CLA EB . 46.17 -22.71 15.23
C1A CLA EB . 45.44 -23.87 14.97
C2A CLA EB . 46.31 -24.93 14.30
C3A CLA EB . 47.72 -24.29 14.29
C4A CLA EB . 47.47 -22.87 14.82
CMA CLA EB . 48.70 -25.05 15.15
CAA CLA EB . 45.85 -25.16 12.87
CBA CLA EB . 45.85 -23.89 12.05
CGA CLA EB . 44.49 -23.25 12.06
O1A CLA EB . 43.42 -23.73 11.68
O2A CLA EB . 44.47 -21.98 12.58
NB CLA EB . 47.31 -20.07 15.91
C1B CLA EB . 48.38 -20.62 15.30
C2B CLA EB . 49.48 -19.62 15.19
C3B CLA EB . 49.00 -18.45 15.75
C4B CLA EB . 47.62 -18.72 16.21
CMB CLA EB . 50.77 -19.93 14.57
CAB CLA EB . 49.62 -17.15 15.90
CBB CLA EB . 50.92 -16.91 16.12
NC CLA EB . 44.73 -19.22 17.00
C1C CLA EB . 45.43 -18.06 17.19
C2C CLA EB . 44.58 -17.06 17.83
C3C CLA EB . 43.34 -17.67 18.03
C4C CLA EB . 43.43 -19.02 17.50
CMC CLA EB . 45.00 -15.71 18.18
CAC CLA EB . 42.14 -17.06 18.64
CBC CLA EB . 41.10 -16.67 17.62
ND CLA EB . 43.65 -21.72 16.34
C1D CLA EB . 42.47 -21.23 16.94
C2D CLA EB . 41.41 -22.25 16.85
C3D CLA EB . 41.97 -23.33 16.20
C4D CLA EB . 43.38 -22.96 15.92
CMD CLA EB . 40.04 -22.07 17.33
CAD CLA EB . 41.77 -24.67 15.68
OBD CLA EB . 40.74 -25.35 15.63
CBD CLA EB . 43.14 -25.16 15.12
CGD CLA EB . 43.60 -26.43 15.79
O1D CLA EB . 43.87 -27.51 15.26
O2D CLA EB . 43.74 -26.33 17.14
CED CLA EB . 44.55 -27.29 17.81
C1 CLA EB . 43.18 -21.43 12.85
C2 CLA EB . 43.35 -20.03 13.29
C3 CLA EB . 42.29 -19.22 13.54
C4 CLA EB . 40.91 -19.69 13.35
C5 CLA EB . 42.47 -17.81 13.97
C6 CLA EB . 43.70 -17.15 13.40
C7 CLA EB . 43.55 -15.64 13.43
C8 CLA EB . 44.86 -14.92 13.16
C9 CLA EB . 45.94 -15.39 14.13
C10 CLA EB . 44.69 -13.41 13.28
C11 CLA EB . 44.81 -12.74 11.93
C12 CLA EB . 46.13 -13.07 11.27
C13 CLA EB . 46.39 -12.17 10.06
C14 CLA EB . 46.23 -12.94 8.76
C15 CLA EB . 47.78 -11.55 10.14
C16 CLA EB . 47.80 -10.31 11.02
C17 CLA EB . 47.62 -9.05 10.20
C18 CLA EB . 48.46 -7.90 10.73
C19 CLA EB . 48.59 -7.92 12.23
C20 CLA EB . 49.84 -7.91 10.09
MG CLA FB . 43.27 -22.06 2.59
CHA CLA FB . 43.38 -25.33 3.76
CHB CLA FB . 41.83 -23.14 -0.29
CHC CLA FB . 43.06 -18.79 1.56
CHD CLA FB . 44.83 -21.00 5.59
NA CLA FB . 42.72 -23.94 1.87
C1A CLA FB . 42.83 -25.18 2.51
C2A CLA FB . 42.32 -26.31 1.61
C3A CLA FB . 42.01 -25.59 0.28
C4A CLA FB . 42.18 -24.12 0.63
CMA CLA FB . 42.94 -26.03 -0.82
CAA CLA FB . 41.08 -26.98 2.19
CBA CLA FB . 39.88 -26.05 2.21
CGA CLA FB . 38.62 -26.86 2.17
O1A CLA FB . 37.52 -26.58 2.65
O2A CLA FB . 38.77 -28.06 1.53
NB CLA FB . 42.65 -21.15 0.91
C1B CLA FB . 41.95 -21.75 -0.08
C2B CLA FB . 41.31 -20.73 -0.96
C3B CLA FB . 41.66 -19.50 -0.45
C4B CLA FB . 42.51 -19.75 0.75
CMB CLA FB . 40.50 -21.06 -2.12
CAB CLA FB . 41.31 -18.19 -0.91
CBB CLA FB . 42.17 -17.26 -1.33
NC CLA FB . 43.87 -20.24 3.42
C1C CLA FB . 43.70 -19.03 2.81
C2C CLA FB . 44.25 -17.97 3.66
C3C CLA FB . 44.71 -18.58 4.82
C4C CLA FB . 44.48 -20.01 4.66
CMC CLA FB . 44.24 -16.54 3.31
CAC CLA FB . 45.35 -17.92 5.96
CBC CLA FB . 46.85 -18.12 6.00
ND CLA FB . 43.93 -22.89 4.32
C1D CLA FB . 44.58 -22.35 5.46
C2D CLA FB . 44.91 -23.45 6.40
C3D CLA FB . 44.45 -24.61 5.80
C4D CLA FB . 43.87 -24.21 4.50
CMD CLA FB . 45.58 -23.28 7.68
CAD CLA FB . 44.33 -26.06 5.91
OBD CLA FB . 44.69 -26.80 6.81
CBD CLA FB . 43.64 -26.56 4.60
CGD CLA FB . 44.45 -27.56 3.84
O1D CLA FB . 45.04 -27.38 2.77
O2D CLA FB . 44.49 -28.80 4.41
CED CLA FB . 44.22 -29.92 3.58
C1 CLA FB . 38.30 -28.11 0.17
MG CLA GB . 59.98 -12.36 9.70
CHA CLA GB . 61.68 -9.87 11.41
CHB CLA GB . 61.34 -11.28 6.78
CHC CLA GB . 58.43 -14.97 8.09
CHD CLA GB . 58.57 -13.44 12.76
NA CLA GB . 61.28 -10.80 9.20
C1A CLA GB . 61.89 -9.89 10.06
C2A CLA GB . 62.78 -8.91 9.28
C3A CLA GB . 62.49 -9.28 7.79
C4A CLA GB . 61.66 -10.56 7.91
CMA CLA GB . 61.77 -8.18 7.07
CAA CLA GB . 64.24 -9.16 9.61
CBA CLA GB . 64.76 -10.46 9.02
CGA CLA GB . 66.02 -10.91 9.68
O1A CLA GB . 66.96 -10.21 10.09
O2A CLA GB . 66.11 -12.26 9.83
NB CLA GB . 59.87 -12.98 7.80
C1B CLA GB . 60.55 -12.45 6.75
C2B CLA GB . 60.36 -13.28 5.53
C3B CLA GB . 59.54 -14.32 5.89
C4B CLA GB . 59.21 -14.15 7.34
CMB CLA GB . 60.98 -12.95 4.24
CAB CLA GB . 59.04 -15.42 5.11
CBB CLA GB . 59.77 -16.14 4.25
NC CLA GB . 58.70 -13.90 10.33
C1C CLA GB . 58.19 -14.85 9.49
C2C CLA GB . 57.34 -15.77 10.25
C3C CLA GB . 57.38 -15.34 11.58
C4C CLA GB . 58.24 -14.17 11.62
CMC CLA GB . 56.63 -16.92 9.69
CAC CLA GB . 56.69 -15.96 12.72
CBC CLA GB . 55.30 -15.41 12.95
ND CLA GB . 60.04 -11.82 11.65
C1D CLA GB . 59.41 -12.34 12.81
C2D CLA GB . 59.81 -11.53 13.98
C3D CLA GB . 60.69 -10.57 13.51
C4D CLA GB . 60.79 -10.79 12.05
CMD CLA GB . 59.36 -11.76 15.35
CAD CLA GB . 61.52 -9.43 13.82
OBD CLA GB . 61.71 -8.87 14.90
CBD CLA GB . 62.21 -8.96 12.50
CGD CLA GB . 61.94 -7.51 12.22
O1D CLA GB . 61.08 -7.03 11.47
O2D CLA GB . 62.76 -6.66 12.88
CED CLA GB . 63.55 -5.75 12.12
C1 CLA GB . 66.85 -12.77 10.96
C2 CLA GB . 66.68 -14.24 10.95
C3 CLA GB . 66.66 -15.01 12.05
C4 CLA GB . 66.48 -16.48 11.97
C5 CLA GB . 66.81 -14.43 13.42
C6 CLA GB . 67.59 -15.33 14.35
C7 CLA GB . 66.83 -15.62 15.63
C8 CLA GB . 67.16 -14.65 16.76
C9 CLA GB . 68.63 -14.23 16.70
C10 CLA GB . 66.86 -15.20 18.15
C11 CLA GB . 66.15 -16.53 18.14
C12 CLA GB . 65.89 -17.02 19.56
C13 CLA GB . 65.17 -18.36 19.61
C14 CLA GB . 64.09 -18.43 18.55
C15 CLA GB . 64.60 -18.60 21.01
C16 CLA GB . 63.33 -19.43 21.00
C17 CLA GB . 62.57 -19.26 22.29
C18 CLA GB . 61.23 -19.98 22.27
C19 CLA GB . 61.34 -21.38 22.83
C20 CLA GB . 60.19 -19.19 23.05
MG CLA HB . 48.04 -3.28 17.77
CHA CLA HB . 48.71 -0.73 15.53
CHB CLA HB . 47.15 -0.99 20.12
CHC CLA HB . 47.33 -5.86 19.93
CHD CLA HB . 49.01 -5.63 15.29
NA CLA HB . 47.92 -1.20 17.79
C1A CLA HB . 48.24 -0.31 16.76
C2A CLA HB . 48.00 1.13 17.18
C3A CLA HB . 47.56 1.01 18.65
C4A CLA HB . 47.52 -0.49 18.89
CMA CLA HB . 48.55 1.69 19.56
CAA CLA HB . 46.85 1.69 16.36
CBA CLA HB . 45.66 0.74 16.36
CGA CLA HB . 44.61 1.16 15.37
O1A CLA HB . 44.27 2.30 15.05
O2A CLA HB . 43.97 0.09 14.80
NB CLA HB . 47.32 -3.40 19.65
C1B CLA HB . 47.10 -2.36 20.48
C2B CLA HB . 46.82 -2.85 21.86
C3B CLA HB . 46.88 -4.22 21.81
C4B CLA HB . 47.19 -4.59 20.40
CMB CLA HB . 46.56 -1.94 22.98
CAB CLA HB . 46.69 -5.21 22.84
CBB CLA HB . 45.77 -5.17 23.81
NC CLA HB . 48.13 -5.36 17.62
C1C CLA HB . 47.78 -6.23 18.62
C2C CLA HB . 47.93 -7.60 18.17
C3C CLA HB . 48.43 -7.54 16.87
C4C CLA HB . 48.55 -6.13 16.53
CMC CLA HB . 47.63 -8.78 18.99
CAC CLA HB . 48.74 -8.68 16.00
CBC CLA HB . 47.48 -9.21 15.34
ND CLA HB . 48.71 -3.26 15.86
C1D CLA HB . 49.10 -4.29 14.97
C2D CLA HB . 49.58 -3.68 13.70
C3D CLA HB . 49.45 -2.31 13.87
C4D CLA HB . 48.91 -2.11 15.23
CMD CLA HB . 50.06 -4.43 12.55
CAD CLA HB . 49.62 -1.00 13.27
OBD CLA HB . 50.03 -0.70 12.15
CBD CLA HB . 49.20 0.04 14.34
CGD CLA HB . 50.36 0.90 14.75
O1D CLA HB . 51.53 0.54 14.86
O2D CLA HB . 50.05 2.19 15.04
CED CLA HB . 50.99 2.92 15.85
C1 CLA HB . 42.62 0.31 14.34
C2 CLA HB . 42.69 0.66 12.90
C3 CLA HB . 42.06 -0.05 11.95
C4 CLA HB . 41.24 -1.24 12.26
C5 CLA HB . 42.17 0.35 10.51
C6 CLA HB . 42.40 -0.84 9.60
C7 CLA HB . 42.64 -0.38 8.17
C8 CLA HB . 42.93 -1.55 7.23
MG CLA IB . 45.60 -6.83 29.32
CHA CLA IB . 45.40 -3.37 29.54
CHB CLA IB . 43.76 -6.75 26.47
CHC CLA IB . 45.78 -10.25 29.18
CHD CLA IB . 47.44 -6.86 32.34
NA CLA IB . 44.75 -5.29 28.19
C1A CLA IB . 44.77 -3.91 28.44
C2A CLA IB . 44.01 -3.14 27.37
C3A CLA IB . 43.45 -4.25 26.46
C4A CLA IB . 44.03 -5.53 27.06
CMA CLA IB . 41.94 -4.27 26.48
CAA CLA IB . 44.88 -2.19 26.58
CBA CLA IB . 44.03 -1.38 25.62
CGA CLA IB . 43.14 -0.45 26.38
O1A CLA IB . 43.34 0.73 26.69
O2A CLA IB . 41.95 -1.02 26.77
NB CLA IB . 44.88 -8.24 28.07
C1B CLA IB . 44.20 -8.00 26.93
C2B CLA IB . 43.96 -9.27 26.20
C3B CLA IB . 44.52 -10.29 26.95
C4B CLA IB . 45.11 -9.63 28.16
CMB CLA IB . 43.24 -9.35 24.93
CAB CLA IB . 44.52 -11.70 26.63
CBB CLA IB . 45.14 -12.69 27.27
NC CLA IB . 46.47 -8.27 30.54
C1C CLA IB . 46.40 -9.62 30.30
C2C CLA IB . 47.07 -10.35 31.37
C3C CLA IB . 47.56 -9.39 32.26
C4C CLA IB . 47.16 -8.09 31.73
CMC CLA IB . 47.19 -11.81 31.46
CAC CLA IB . 48.29 -9.63 33.51
CBC CLA IB . 47.40 -9.54 34.72
ND CLA IB . 46.35 -5.48 30.63
C1D CLA IB . 47.07 -5.62 31.85
C2D CLA IB . 47.31 -4.29 32.43
C3D CLA IB . 46.67 -3.39 31.59
C4D CLA IB . 46.09 -4.18 30.49
CMD CLA IB . 48.04 -4.04 33.67
CAD CLA IB . 46.37 -1.99 31.32
OBD CLA IB . 46.68 -0.99 31.96
CBD CLA IB . 45.49 -1.94 30.04
CGD CLA IB . 44.12 -1.41 30.35
O1D CLA IB . 43.11 -2.06 30.62
O2D CLA IB . 44.03 -0.05 30.32
CED CLA IB . 42.86 0.54 30.88
C1 CLA IB . 41.16 -0.26 27.70
C2 CLA IB . 40.28 -1.20 28.44
C3 CLA IB . 39.01 -1.44 28.10
C4 CLA IB . 38.37 -0.79 26.93
C5 CLA IB . 38.17 -2.41 28.87
C6 CLA IB . 37.49 -3.44 28.01
C7 CLA IB . 38.26 -4.75 28.03
MG CLA JB . 57.13 -20.24 34.58
CHA CLA JB . 57.19 -23.27 36.25
CHB CLA JB . 54.32 -19.35 36.28
CHC CLA JB . 57.14 -17.24 32.90
CHD CLA JB . 59.99 -21.24 32.76
NA CLA JB . 55.96 -21.18 36.03
C1A CLA JB . 56.15 -22.44 36.60
C2A CLA JB . 55.06 -22.75 37.63
C3A CLA JB . 54.11 -21.53 37.51
C4A CLA JB . 54.84 -20.60 36.56
CMA CLA JB . 52.75 -21.93 37.01
CAA CLA JB . 55.64 -22.84 39.03
NB CLA JB . 55.92 -18.63 34.55
C1B CLA JB . 54.89 -18.41 35.40
C2B CLA JB . 54.43 -16.99 35.29
C3B CLA JB . 55.22 -16.39 34.33
C4B CLA JB . 56.18 -17.43 33.85
CMB CLA JB . 53.32 -16.45 36.08
CAB CLA JB . 55.21 -15.04 33.84
CBB CLA JB . 54.17 -14.47 33.24
NC CLA JB . 58.35 -19.40 33.10
C1C CLA JB . 58.17 -18.16 32.55
C2C CLA JB . 59.19 -17.90 31.53
C3C CLA JB . 59.99 -19.04 31.50
C4C CLA JB . 59.46 -19.98 32.48
CMC CLA JB . 59.30 -16.68 30.74
CAC CLA JB . 61.16 -19.26 30.61
CBC CLA JB . 62.48 -18.98 31.27
ND CLA JB . 58.40 -21.82 34.53
C1D CLA JB . 59.51 -22.11 33.71
C2D CLA JB . 60.03 -23.44 34.07
C3D CLA JB . 59.19 -23.94 35.06
C4D CLA JB . 58.17 -22.89 35.29
CMD CLA JB . 61.21 -24.05 33.47
CAD CLA JB . 58.89 -25.04 35.96
OBD CLA JB . 59.52 -26.06 36.16
CBD CLA JB . 57.55 -24.68 36.70
CGD CLA JB . 56.46 -25.66 36.40
O1D CLA JB . 55.24 -25.45 36.36
O2D CLA JB . 56.89 -26.92 36.14
CED CLA JB . 56.95 -27.85 37.23
MG CLA KB . 59.15 -16.20 -0.63
CHA CLA KB . 60.54 -13.02 -0.28
CHB CLA KB . 56.56 -14.87 -2.40
CHC CLA KB . 57.78 -19.34 -0.89
CHD CLA KB . 61.78 -17.52 1.34
NA CLA KB . 58.67 -14.27 -1.25
C1A CLA KB . 59.37 -13.07 -1.01
C2A CLA KB . 58.65 -11.88 -1.64
C3A CLA KB . 57.38 -12.49 -2.26
C4A CLA KB . 57.53 -13.98 -1.97
CMA CLA KB . 56.12 -11.93 -1.65
CAA CLA KB . 59.50 -11.22 -2.71
CBA CLA KB . 59.21 -11.75 -4.09
CGA CLA KB . 58.40 -10.77 -4.87
O1A CLA KB . 57.17 -10.62 -4.88
O2A CLA KB . 59.16 -9.96 -5.66
NB CLA KB . 57.51 -16.96 -1.52
C1B CLA KB . 56.56 -16.26 -2.19
C2B CLA KB . 55.48 -17.16 -2.67
C3B CLA KB . 55.83 -18.43 -2.24
C4B CLA KB . 57.11 -18.33 -1.49
CMB CLA KB . 54.32 -16.70 -3.41
CAB CLA KB . 55.12 -19.68 -2.41
CBB CLA KB . 55.59 -20.75 -3.05
NC CLA KB . 59.70 -18.09 0.08
C1C CLA KB . 59.00 -19.24 -0.15
C2C CLA KB . 59.66 -20.36 0.49
C3C CLA KB . 60.78 -19.85 1.14
C4C CLA KB . 60.80 -18.42 0.87
CMC CLA KB . 59.19 -21.75 0.44
CAC CLA KB . 61.78 -20.60 1.92
CBC CLA KB . 61.31 -20.91 3.33
ND CLA KB . 60.80 -15.51 0.31
C1D CLA KB . 61.79 -16.15 1.09
C2D CLA KB . 62.78 -15.14 1.55
C3D CLA KB . 62.35 -13.94 1.04
C4D CLA KB . 61.10 -14.20 0.29
CMD CLA KB . 63.95 -15.44 2.37
CAD CLA KB . 62.61 -12.50 0.95
OBD CLA KB . 63.54 -11.85 1.42
CBD CLA KB . 61.46 -11.88 0.12
CGD CLA KB . 60.75 -10.78 0.87
O1D CLA KB . 60.95 -9.57 0.79
O2D CLA KB . 59.79 -11.21 1.74
CED CLA KB . 59.23 -10.24 2.64
O6 SQD LB . 43.10 6.76 26.63
C44 SQD LB . 42.01 5.87 26.42
C45 SQD LB . 42.57 4.44 26.36
C46 SQD LB . 42.26 3.71 27.66
O47 SQD LB . 42.09 3.70 25.22
C7 SQD LB . 40.70 3.28 25.27
O49 SQD LB . 39.80 4.08 25.53
C8 SQD LB . 40.33 1.84 24.99
C9 SQD LB . 39.91 1.71 23.54
C10 SQD LB . 38.87 0.61 23.37
C11 SQD LB . 39.52 -0.62 22.77
C12 SQD LB . 38.88 -1.89 23.33
C13 SQD LB . 39.47 -3.13 22.68
C14 SQD LB . 40.93 -3.32 23.08
C15 SQD LB . 41.34 -4.78 22.93
C16 SQD LB . 40.30 -5.68 23.60
C17 SQD LB . 40.69 -7.14 23.54
C18 SQD LB . 40.32 -7.75 22.20
C19 SQD LB . 40.42 -9.28 22.26
O48 SQD LB . 40.93 4.00 28.11
C23 SQD LB . 40.56 3.74 29.49
O10 SQD LB . 41.33 4.07 30.38
C24 SQD LB . 39.24 3.09 29.82
C25 SQD LB . 39.14 2.87 31.32
C26 SQD LB . 37.75 2.44 31.75
C27 SQD LB . 37.41 1.06 31.20
C28 SQD LB . 36.17 0.48 31.87
C29 SQD LB . 34.94 1.33 31.61
C30 SQD LB . 33.67 0.51 31.78
C31 SQD LB . 33.71 -0.73 30.88
C32 SQD LB . 32.41 -1.51 30.97
C1 SQD LB . 43.21 7.12 28.01
C2 SQD LB . 44.66 7.43 28.35
O2 SQD LB . 45.47 6.30 28.04
C3 SQD LB . 44.78 7.76 29.83
O3 SQD LB . 46.10 8.28 30.09
C4 SQD LB . 43.74 8.81 30.23
O4 SQD LB . 43.73 8.92 31.66
C5 SQD LB . 42.35 8.42 29.75
C6 SQD LB . 41.34 9.49 30.14
O5 SQD LB . 42.37 8.23 28.33
S SQD LB . 40.71 9.13 31.63
O7 SQD LB . 41.22 7.86 32.07
O8 SQD LB . 41.14 10.29 32.70
O9 SQD LB . 39.28 9.04 31.54
MG CLA MB . -3.92 -14.78 -1.56
CHA CLA MB . -2.10 -13.82 1.23
CHB CLA MB . -3.69 -11.64 -2.78
CHC CLA MB . -5.31 -15.91 -4.48
CHD CLA MB . -4.13 -18.05 -0.22
NA CLA MB . -3.12 -13.00 -0.82
C1A CLA MB . -2.37 -12.81 0.35
C2A CLA MB . -2.00 -11.33 0.49
C3A CLA MB . -2.82 -10.66 -0.61
C4A CLA MB . -3.25 -11.83 -1.49
CMA CLA MB . -4.00 -9.92 -0.05
CAA CLA MB . -0.53 -11.05 0.24
CBA CLA MB . -0.28 -9.56 0.38
CGA CLA MB . 1.12 -9.20 -0.02
O1A CLA MB . 1.58 -8.09 -0.23
O2A CLA MB . 1.95 -10.25 -0.17
NB CLA MB . -4.46 -13.91 -3.28
C1B CLA MB . -4.11 -12.65 -3.66
C2B CLA MB . -4.28 -12.52 -5.14
C3B CLA MB . -4.74 -13.71 -5.61
C4B CLA MB . -4.87 -14.61 -4.44
CMB CLA MB . -3.99 -11.28 -5.86
CAB CLA MB . -5.10 -14.11 -6.94
CBB CLA MB . -6.05 -13.51 -7.66
NC CLA MB . -4.68 -16.61 -2.18
C1C CLA MB . -5.24 -16.84 -3.41
C2C CLA MB . -5.66 -18.23 -3.52
C3C CLA MB . -5.30 -18.85 -2.32
C4C CLA MB . -4.68 -17.82 -1.50
CMC CLA MB . -6.31 -18.80 -4.69
CAC CLA MB . -5.52 -20.23 -1.92
CBC CLA MB . -6.50 -20.29 -0.77
ND CLA MB . -3.42 -15.72 0.16
C1D CLA MB . -3.52 -17.08 0.54
C2D CLA MB . -2.90 -17.24 1.87
C3D CLA MB . -2.29 -16.05 2.14
C4D CLA MB . -2.62 -15.14 1.05
CMD CLA MB . -2.89 -18.48 2.64
CAD CLA MB . -1.63 -15.25 3.15
OBD CLA MB . -1.45 -15.44 4.33
CBD CLA MB . -1.20 -13.94 2.44
CGD CLA MB . -1.19 -12.77 3.36
O1D CLA MB . -1.99 -12.49 4.24
O2D CLA MB . -0.08 -12.02 3.15
CED CLA MB . 1.10 -12.70 2.75
C1 CLA MB . 3.37 -10.02 -0.01
C2 CLA MB . 4.02 -11.33 -0.26
C3 CLA MB . 4.83 -11.92 0.61
C4 CLA MB . 5.16 -11.32 1.91
C5 CLA MB . 5.44 -13.24 0.31
C6 CLA MB . 4.38 -14.18 -0.23
C7 CLA MB . 4.57 -15.60 0.29
C8 CLA MB . 5.70 -16.31 -0.44
C9 CLA MB . 5.14 -17.31 -1.42
C10 CLA MB . 6.58 -17.04 0.55
C11 CLA MB . 8.00 -17.09 0.05
C12 CLA MB . 8.94 -16.63 1.13
C13 CLA MB . 10.33 -17.20 0.89
C14 CLA MB . 10.98 -17.53 2.21
C15 CLA MB . 11.20 -16.23 0.12
C16 CLA MB . 10.73 -14.81 0.34
C17 CLA MB . 11.77 -13.83 -0.13
C18 CLA MB . 11.25 -12.42 -0.07
C19 CLA MB . 9.86 -12.39 0.54
C20 CLA MB . 12.18 -11.56 0.75
MG CLA NB . -10.70 1.50 -8.64
CHA CLA NB . -12.80 3.84 -10.10
CHB CLA NB . -13.25 0.50 -6.61
CHC CLA NB . -8.71 -1.03 -7.46
CHD CLA NB . -8.10 2.59 -10.73
NA CLA NB . -12.67 2.13 -8.38
C1A CLA NB . -13.38 3.10 -9.11
C2A CLA NB . -14.81 3.22 -8.60
C3A CLA NB . -14.79 2.39 -7.31
C4A CLA NB . -13.50 1.59 -7.44
CMA CLA NB . -14.79 3.28 -6.09
CAA CLA NB . -15.72 2.59 -9.64
CBA CLA NB . -17.18 2.72 -9.31
CGA CLA NB . -17.60 1.64 -8.36
O1A CLA NB . -17.43 0.42 -8.47
O2A CLA NB . -18.26 2.12 -7.26
NB CLA NB . -10.95 0.00 -7.32
C1B CLA NB . -12.08 -0.26 -6.62
C2B CLA NB . -11.91 -1.49 -5.81
C3B CLA NB . -10.62 -1.94 -6.03
C4B CLA NB . -9.99 -0.98 -6.98
CMB CLA NB . -12.97 -1.99 -4.95
CAB CLA NB . -9.93 -3.07 -5.48
CBB CLA NB . -10.48 -4.24 -5.13
NC CLA NB . -8.73 0.93 -8.98
C1C CLA NB . -8.11 -0.12 -8.37
C2C CLA NB . -6.73 -0.22 -8.86
C3C CLA NB . -6.56 0.79 -9.81
C4C CLA NB . -7.83 1.50 -9.88
CMC CLA NB . -5.76 -1.21 -8.41
CAC CLA NB . -5.35 1.10 -10.57
CBC CLA NB . -4.68 2.36 -10.09
ND CLA NB . -10.39 2.98 -9.97
C1D CLA NB . -9.28 3.29 -10.80
C2D CLA NB . -9.63 4.42 -11.68
C3D CLA NB . -10.98 4.67 -11.46
C4D CLA NB . -11.40 3.72 -10.41
CMD CLA NB . -8.70 5.08 -12.59
CAD CLA NB . -12.12 5.52 -11.76
OBD CLA NB . -12.18 6.53 -12.46
CBD CLA NB . -13.35 4.92 -11.02
CGD CLA NB . -14.20 5.94 -10.30
O1D CLA NB . -13.85 6.74 -9.43
O2D CLA NB . -15.50 5.92 -10.68
CED CLA NB . -16.38 6.87 -10.08
C1 CLA NB . -18.60 1.17 -6.25
C2 CLA NB . -17.48 1.14 -5.27
C3 CLA NB . -17.07 0.01 -4.70
C4 CLA NB . -17.70 -1.31 -5.02
C5 CLA NB . -15.95 -0.01 -3.72
C6 CLA NB . -16.23 0.82 -2.48
C7 CLA NB . -17.48 0.35 -1.78
C8 CLA NB . -17.22 0.05 -0.31
C9 CLA NB . -17.17 -1.44 -0.07
C10 CLA NB . -18.29 0.68 0.58
C11 CLA NB . -18.10 0.32 2.04
C12 CLA NB . -18.75 1.32 2.97
C13 CLA NB . -18.48 0.97 4.43
MG CLA OB . 7.51 -10.00 -3.07
CHA CLA OB . 5.35 -12.17 -4.67
CHB CLA OB . 10.03 -12.24 -3.48
CHC CLA OB . 9.67 -7.72 -1.70
CHD CLA OB . 4.82 -7.75 -2.56
NA CLA OB . 7.63 -11.91 -3.89
C1A CLA OB . 6.62 -12.65 -4.51
C2A CLA OB . 7.13 -14.01 -4.95
C3A CLA OB . 8.52 -14.10 -4.27
C4A CLA OB . 8.78 -12.66 -3.86
CMA CLA OB . 8.50 -15.01 -3.08
CAA CLA OB . 7.25 -14.09 -6.46
CBA CLA OB . 7.22 -15.52 -6.96
CGA CLA OB . 8.62 -16.04 -7.10
O1A CLA OB . 9.67 -15.52 -6.72
O2A CLA OB . 8.67 -17.26 -7.71
NB CLA OB . 9.45 -10.04 -2.55
C1B CLA OB . 10.33 -10.94 -3.06
C2B CLA OB . 11.70 -10.36 -3.12
C3B CLA OB . 11.60 -9.08 -2.62
C4B CLA OB . 10.18 -8.87 -2.24
CMB CLA OB . 12.84 -11.12 -3.63
CAB CLA OB . 12.59 -8.07 -2.42
CBB CLA OB . 13.90 -8.22 -2.56
NC CLA OB . 7.28 -8.10 -2.23
C1C CLA OB . 8.29 -7.37 -1.69
C2C CLA OB . 7.77 -6.12 -1.13
C3C CLA OB . 6.39 -6.11 -1.42
C4C CLA OB . 6.08 -7.37 -2.09
CMC CLA OB . 8.57 -5.09 -0.47
CAC CLA OB . 5.42 -5.07 -1.03
CBC CLA OB . 4.99 -5.21 0.42
ND CLA OB . 5.55 -9.87 -3.55
C1D CLA OB . 4.55 -8.92 -3.26
C2D CLA OB . 3.27 -9.38 -3.85
C3D CLA OB . 3.54 -10.59 -4.46
C4D CLA OB . 4.96 -10.88 -4.19
CMD CLA OB . 2.02 -8.62 -3.82
CAD CLA OB . 3.02 -11.70 -5.25
OBD CLA OB . 1.97 -11.81 -5.86
CBD CLA OB . 4.13 -12.79 -5.28
CGD CLA OB . 3.74 -14.02 -4.50
O1D CLA OB . 3.90 -14.22 -3.29
O2D CLA OB . 3.14 -14.98 -5.23
CED CLA OB . 2.45 -16.02 -4.52
C1 CLA OB . 9.96 -17.75 -8.08
C2 CLA OB . 10.40 -16.98 -9.28
C3 CLA OB . 10.77 -17.57 -10.44
C4 CLA OB . 10.79 -19.04 -10.59
C5 CLA OB . 11.19 -16.76 -11.60
C6 CLA OB . 12.69 -16.87 -11.85
C7 CLA OB . 13.14 -15.84 -12.86
C8 CLA OB . 14.63 -15.55 -12.72
C9 CLA OB . 14.87 -14.53 -11.63
C10 CLA OB . 15.20 -15.03 -14.04
C11 CLA OB . 14.97 -16.02 -15.17
C12 CLA OB . 15.79 -15.63 -16.38
C13 CLA OB . 15.38 -16.44 -17.62
C14 CLA OB . 15.49 -17.93 -17.35
C15 CLA OB . 16.24 -16.05 -18.82
C16 CLA OB . 15.77 -16.75 -20.07
C17 CLA OB . 16.18 -15.99 -21.32
C18 CLA OB . 16.55 -16.93 -22.44
C19 CLA OB . 17.28 -16.18 -23.54
C20 CLA OB . 15.33 -17.61 -23.00
MG CLA PB . -13.71 13.62 13.45
CHA CLA PB . -15.01 14.27 10.30
CHB CLA PB . -13.65 10.29 12.73
CHC CLA PB . -12.42 13.03 16.58
CHD CLA PB . -13.92 17.06 14.19
NA CLA PB . -14.21 12.49 11.76
C1A CLA PB . -14.73 12.95 10.54
C2A CLA PB . -14.96 11.79 9.59
C3A CLA PB . -14.62 10.54 10.43
C4A CLA PB . -14.09 11.13 11.74
CMA CLA PB . -15.85 9.69 10.66
CAA CLA PB . -13.95 11.89 8.45
CBA CLA PB . -14.40 11.12 7.22
CGA CLA PB . -15.42 11.93 6.50
O1A CLA PB . -15.40 13.14 6.26
O2A CLA PB . -16.49 11.22 6.05
NB CLA PB . -13.20 11.97 14.48
C1B CLA PB . -13.17 10.71 13.99
C2B CLA PB . -12.59 9.78 15.00
C3B CLA PB . -12.23 10.53 16.09
C4B CLA PB . -12.61 11.95 15.77
CMB CLA PB . -12.44 8.34 14.73
CAB CLA PB . -11.62 10.17 17.33
CBB CLA PB . -11.73 9.01 17.97
NC CLA PB . -13.23 14.84 15.07
C1C CLA PB . -12.71 14.38 16.25
C2C CLA PB . -12.51 15.51 17.16
C3C CLA PB . -12.95 16.65 16.50
C4C CLA PB . -13.40 16.22 15.18
CMC CLA PB . -11.97 15.41 18.50
CAC CLA PB . -12.96 18.03 17.00
CBC CLA PB . -14.29 18.41 17.59
ND CLA PB . -14.17 15.33 12.47
C1D CLA PB . -14.29 16.68 12.92
C2D CLA PB . -14.84 17.51 11.84
C3D CLA PB . -15.12 16.64 10.80
C4D CLA PB . -14.73 15.30 11.26
CMD CLA PB . -15.05 18.96 11.91
CAD CLA PB . -15.64 16.50 9.45
OBD CLA PB . -16.02 17.37 8.67
CBD CLA PB . -15.67 14.98 9.12
CGD CLA PB . -17.09 14.56 8.86
O1D CLA PB . -17.95 15.20 8.25
O2D CLA PB . -17.44 13.35 9.35
CED CLA PB . -18.30 12.55 8.53
C1 CLA PB . -17.19 11.79 4.94
C2 CLA PB . -18.62 11.40 5.06
C3 CLA PB . -19.51 11.67 4.11
C4 CLA PB . -19.11 12.37 2.86
C5 CLA PB . -20.94 11.28 4.25
C6 CLA PB . -21.10 9.91 4.87
C7 CLA PB . -20.89 8.82 3.85
C8 CLA PB . -21.35 7.46 4.34
C9 CLA PB . -22.65 7.56 5.10
C10 CLA PB . -20.28 6.80 5.22
MG CLA QB . -7.33 13.07 20.25
CHA CLA QB . -7.63 16.49 20.73
CHB CLA QB . -6.01 12.75 23.38
CHC CLA QB . -7.14 9.67 19.77
CHD CLA QB . -8.55 13.47 16.96
NA CLA QB . -6.90 14.42 21.79
C1A CLA QB . -7.10 15.80 21.81
C2A CLA QB . -6.63 16.41 23.12
C3A CLA QB . -5.99 15.22 23.86
C4A CLA QB . -6.33 14.03 22.97
CMA CLA QB . -4.49 15.37 23.95
CAA CLA QB . -7.80 17.00 23.91
CBA CLA QB . -8.48 15.99 24.81
CGA CLA QB . -9.77 16.58 25.30
O1A CLA QB . -10.02 17.76 25.56
O2A CLA QB . -10.77 15.65 25.44
NB CLA QB . -6.65 11.52 21.35
C1B CLA QB . -6.24 11.58 22.64
C2B CLA QB . -6.06 10.21 23.19
C3B CLA QB . -6.38 9.33 22.18
C4B CLA QB . -6.76 10.15 20.99
CMB CLA QB . -5.62 9.97 24.57
CAB CLA QB . -6.38 7.89 22.13
CBB CLA QB . -5.63 7.06 22.87
NC CLA QB . -7.77 11.81 18.66
C1C CLA QB . -7.62 10.45 18.68
C2C CLA QB . -8.02 9.89 17.39
C3C CLA QB . -8.41 10.96 16.59
C4C CLA QB . -8.25 12.17 17.39
CMC CLA QB . -8.00 8.46 17.06
CAC CLA QB . -8.88 10.91 15.19
CBC CLA QB . -7.75 10.82 14.20
ND CLA QB . -8.01 14.57 19.10
C1D CLA QB . -8.45 14.61 17.74
C2D CLA QB . -8.77 16.01 17.37
C3D CLA QB . -8.51 16.77 18.51
C4D CLA QB . -8.01 15.84 19.52
CMD CLA QB . -9.29 16.44 16.08
CAD CLA QB . -8.51 18.10 19.09
OBD CLA QB . -8.91 19.16 18.62
CBD CLA QB . -7.88 17.97 20.51
CGD CLA QB . -6.60 18.75 20.64
O1D CLA QB . -5.45 18.35 20.46
O2D CLA QB . -6.78 20.06 20.99
CED CLA QB . -5.62 20.82 21.30
C1 CLA QB . -10.62 14.69 26.51
C2 CLA QB . -11.78 14.89 27.42
C3 CLA QB . -12.56 13.87 27.83
C4 CLA QB . -13.71 14.09 28.74
C5 CLA QB . -12.31 12.46 27.39
C6 CLA QB . -13.58 11.73 26.97
C7 CLA QB . -14.13 12.27 25.66
C8 CLA QB . -15.01 11.26 24.92
C9 CLA QB . -16.17 11.98 24.26
C10 CLA QB . -15.54 10.18 25.86
MG CLA RB . 3.28 9.68 23.34
CHA CLA RB . 5.17 7.32 24.95
CHB CLA RB . 0.51 7.82 23.88
CHC CLA RB . 1.44 12.09 21.77
CHD CLA RB . 6.22 11.53 22.76
NA CLA RB . 2.93 7.86 24.27
C1A CLA RB . 3.85 7.04 24.88
C2A CLA RB . 3.18 5.83 25.45
C3A CLA RB . 1.76 5.91 24.93
C4A CLA RB . 1.69 7.30 24.33
CMA CLA RB . 1.53 4.87 23.88
CAA CLA RB . 3.12 6.06 26.93
CBA CLA RB . 2.28 5.01 27.58
CGA CLA RB . 3.28 4.05 28.11
O1A CLA RB . 4.21 4.31 28.84
O2A CLA RB . 3.14 2.76 27.66
NB CLA RB . 1.33 9.94 22.97
C1B CLA RB . 0.35 9.06 23.27
C2B CLA RB . -0.95 9.60 22.83
C3B CLA RB . -0.69 10.81 22.24
C4B CLA RB . 0.77 11.03 22.30
CMB CLA RB . -2.19 8.87 23.02
CAB CLA RB . -1.58 11.73 21.61
CBB CLA RB . -2.87 11.82 21.86
NC CLA RB . 3.76 11.46 22.39
C1C CLA RB . 2.85 12.26 21.79
C2C CLA RB . 3.55 13.39 21.19
C3C CLA RB . 4.89 13.25 21.52
C4C CLA RB . 5.01 12.03 22.26
CMC CLA RB . 2.91 14.44 20.42
CAC CLA RB . 6.01 14.09 21.13
CBC CLA RB . 6.80 13.45 20.02
ND CLA RB . 5.26 9.49 23.66
C1D CLA RB . 6.35 10.35 23.42
C2D CLA RB . 7.56 9.75 23.98
C3D CLA RB . 7.16 8.56 24.54
C4D CLA RB . 5.73 8.47 24.34
CMD CLA RB . 8.89 10.34 23.90
CAD CLA RB . 7.57 7.38 25.23
OBD CLA RB . 8.68 6.99 25.51
CBD CLA RB . 6.31 6.57 25.58
CGD CLA RB . 6.45 5.21 25.01
O1D CLA RB . 5.93 4.16 25.36
O2D CLA RB . 7.26 5.14 23.94
CED CLA RB . 7.07 4.01 23.12
C1 CLA RB . 1.83 2.20 27.66
C2 CLA RB . 1.70 1.18 28.72
C3 CLA RB . 2.62 0.31 29.13
C4 CLA RB . 3.98 0.18 28.57
C5 CLA RB . 2.23 -0.59 30.22
C6 CLA RB . 0.77 -0.31 30.54
C7 CLA RB . 0.29 -1.14 31.68
C8 CLA RB . -1.22 -1.00 31.80
C9 CLA RB . -1.56 0.42 32.18
C10 CLA RB . -1.79 -1.97 32.81
C11 CLA RB . -1.05 -2.02 34.12
C12 CLA RB . -1.51 -3.21 34.92
C13 CLA RB . -0.71 -3.37 36.19
C14 CLA RB . -1.27 -4.47 37.04
C15 CLA RB . -0.69 -2.07 36.95
C16 CLA RB . -0.22 -2.29 38.36
C17 CLA RB . -1.07 -1.49 39.31
C18 CLA RB . -0.34 -1.14 40.58
C19 CLA RB . 0.13 0.29 40.53
C20 CLA RB . 0.85 -2.04 40.73
MG CLA SB . -2.06 2.65 21.55
CHA CLA SB . -3.44 5.35 19.86
CHB CLA SB . 1.06 3.67 20.63
CHC CLA SB . -0.74 0.04 23.35
CHD CLA SB . -5.32 1.60 22.44
NA CLA SB . -1.33 4.25 20.42
C1A CLA SB . -2.07 5.28 19.82
C2A CLA SB . -1.14 6.25 19.09
C3A CLA SB . 0.26 5.61 19.24
C4A CLA SB . 0.00 4.44 20.18
CMA CLA SB . 0.78 5.13 17.91
CAA CLA SB . -1.16 7.63 19.74
CBA CLA SB . -1.68 8.70 18.81
CGA CLA SB . -0.61 9.14 17.86
O1A CLA SB . -0.03 10.24 17.82
O2A CLA SB . -0.27 8.20 16.94
NB CLA SB . -0.20 2.02 21.96
C1B CLA SB . 0.95 2.54 21.47
C2B CLA SB . 2.11 1.73 21.92
C3B CLA SB . 1.61 0.71 22.68
C4B CLA SB . 0.13 0.87 22.72
CMB CLA SB . 3.50 2.04 21.54
CAB CLA SB . 2.28 -0.38 23.33
CBB CLA SB . 2.20 -0.65 24.63
NC CLA SB . -2.89 1.10 22.68
C1C CLA SB . -2.17 0.14 23.33
C2C CLA SB . -3.06 -0.78 24.03
C3C CLA SB . -4.36 -0.34 23.76
C4C CLA SB . -4.24 0.84 22.92
CMC CLA SB . -2.63 -1.93 24.82
CAC CLA SB . -5.62 -0.94 24.22
CBC CLA SB . -6.24 -1.80 23.16
ND CLA SB . -3.96 3.23 21.20
C1D CLA SB . -5.21 2.72 21.63
C2D CLA SB . -6.30 3.57 21.10
C3D CLA SB . -5.67 4.59 20.40
C4D CLA SB . -4.22 4.34 20.52
CMD CLA SB . -7.72 3.33 21.30
CAD CLA SB . -5.85 5.79 19.60
OBD CLA SB . -6.88 6.32 19.22
CBD CLA SB . -4.42 6.33 19.27
CGD CLA SB . -4.23 6.49 17.78
O1D CLA SB . -4.35 7.52 17.11
O2D CLA SB . -3.87 5.34 17.15
CED CLA SB . -4.21 5.21 15.77
C1 CLA SB . -0.71 8.42 15.58
C2 CLA SB . -0.58 7.12 14.88
C3 CLA SB . 0.16 6.98 13.76
C4 CLA SB . 0.89 8.11 13.15
C5 CLA SB . 0.27 5.66 13.08
C6 CLA SB . -0.84 4.70 13.48
C7 CLA SB . -0.34 3.64 14.44
C8 CLA SB . -0.46 2.23 13.87
C9 CLA SB . -1.73 2.07 13.06
C10 CLA SB . -0.45 1.19 14.99
C11 CLA SB . 0.95 0.71 15.29
C12 CLA SB . 0.98 -0.30 16.43
C13 CLA SB . 0.75 0.39 17.77
C14 CLA SB . 1.96 0.20 18.67
C15 CLA SB . -0.49 -0.13 18.47
C16 CLA SB . -1.61 0.89 18.43
C17 CLA SB . -2.90 0.34 19.03
C18 CLA SB . -4.06 0.47 18.06
C19 CLA SB . -4.11 1.83 17.40
C20 CLA SB . -5.37 0.20 18.78
MG CLA TB . -18.22 -5.03 26.46
CHA CLA TB . -21.08 -6.72 25.46
CHB CLA TB . -16.96 -5.33 23.32
CHC CLA TB . -15.44 -3.30 27.50
CHD CLA TB . -19.58 -4.80 29.73
NA CLA TB . -18.93 -5.89 24.69
C1A CLA TB . -20.15 -6.53 24.48
C2A CLA TB . -20.28 -7.00 23.02
C3A CLA TB . -18.93 -6.58 22.39
C4A CLA TB . -18.20 -5.87 23.53
CMA CLA TB . -18.16 -7.77 21.88
CAA CLA TB . -21.41 -6.25 22.33
CBA CLA TB . -21.22 -4.76 22.44
CGA CLA TB . -22.40 -4.02 21.86
O1A CLA TB . -23.17 -4.38 20.98
O2A CLA TB . -22.59 -2.80 22.43
NB CLA TB . -16.55 -4.39 25.57
C1B CLA TB . -16.18 -4.67 24.29
C2B CLA TB . -14.80 -4.17 24.04
C3B CLA TB . -14.36 -3.60 25.21
C4B CLA TB . -15.47 -3.73 26.20
CMB CLA TB . -14.12 -4.33 22.76
CAB CLA TB . -13.10 -2.98 25.51
CBB CLA TB . -12.95 -1.69 25.86
NC CLA TB . -17.63 -4.21 28.29
C1C CLA TB . -16.46 -3.53 28.48
C2C CLA TB . -16.37 -3.06 29.86
C3C CLA TB . -17.53 -3.50 30.50
C4C CLA TB . -18.31 -4.22 29.50
CMC CLA TB . -15.27 -2.29 30.42
CAC CLA TB . -17.91 -3.27 31.90
CBC CLA TB . -18.92 -2.15 32.04
ND CLA TB . -19.89 -5.64 27.45
C1D CLA TB . -20.33 -5.46 28.78
C2D CLA TB . -21.66 -6.10 28.95
C3D CLA TB . -21.99 -6.60 27.71
C4D CLA TB . -20.87 -6.28 26.81
CMD CLA TB . -22.41 -6.15 30.20
CAD CLA TB . -22.99 -7.32 26.92
OBD CLA TB . -24.06 -7.80 27.27
CBD CLA TB . -22.44 -7.39 25.46
CGD CLA TB . -22.35 -8.81 24.96
O1D CLA TB . -21.33 -9.45 24.69
O2D CLA TB . -23.55 -9.41 24.82
CED CLA TB . -23.58 -10.83 24.82
C1 CLA TB . -23.35 -1.84 21.67
C2 CLA TB . -23.12 -0.51 22.29
C3 CLA TB . -23.70 0.62 21.85
C4 CLA TB . -24.62 0.63 20.69
C5 CLA TB . -23.45 1.92 22.52
C6 CLA TB . -23.01 3.00 21.54
MG CLA UB . -13.39 -10.23 18.64
CHA CLA UB . -11.09 -10.73 21.19
CHB CLA UB . -14.61 -7.50 20.27
CHC CLA UB . -15.45 -9.63 15.97
CHD CLA UB . -12.10 -13.10 17.00
NA CLA UB . -12.92 -9.30 20.45
C1A CLA UB . -11.91 -9.64 21.35
C2A CLA UB . -11.90 -8.68 22.52
C3A CLA UB . -13.16 -7.82 22.32
C4A CLA UB . -13.60 -8.20 20.90
CMA CLA UB . -14.22 -8.14 23.33
CAA CLA UB . -10.64 -7.83 22.38
CBA CLA UB . -10.91 -6.42 21.87
CGA CLA UB . -9.80 -6.03 20.95
O1A CLA UB . -9.17 -6.77 20.19
O2A CLA UB . -9.47 -4.71 21.00
NB CLA UB . -14.76 -8.82 18.19
C1B CLA UB . -15.10 -7.78 18.99
C2B CLA UB . -16.16 -6.95 18.31
C3B CLA UB . -16.39 -7.55 17.09
C4B CLA UB . -15.51 -8.74 17.01
CMB CLA UB . -16.73 -5.77 18.94
CAB CLA UB . -17.30 -7.21 16.01
CBB CLA UB . -18.28 -6.31 16.03
NC CLA UB . -13.75 -11.21 16.84
C1C CLA UB . -14.64 -10.79 15.89
C2C CLA UB . -14.61 -11.70 14.75
C3C CLA UB . -13.66 -12.68 15.03
C4C CLA UB . -13.12 -12.37 16.34
CMC CLA UB . -15.44 -11.57 13.55
CAC CLA UB . -13.28 -13.83 14.20
CBC CLA UB . -14.01 -15.09 14.58
ND CLA UB . -12.01 -11.67 19.00
C1D CLA UB . -11.56 -12.78 18.23
C2D CLA UB . -10.49 -13.47 18.96
C3D CLA UB . -10.26 -12.72 20.11
C4D CLA UB . -11.23 -11.60 20.07
CMD CLA UB . -9.81 -14.68 18.51
CAD CLA UB . -9.49 -12.60 21.34
OBD CLA UB . -8.63 -13.34 21.79
CBD CLA UB . -9.96 -11.29 22.04
CGD CLA UB . -10.35 -11.53 23.48
O1D CLA UB . -9.59 -11.76 24.42
O2D CLA UB . -11.69 -11.51 23.72
CED CLA UB . -12.11 -11.71 25.07
C1 CLA UB . -9.66 -3.92 19.80
C2 CLA UB . -8.55 -4.19 18.85
C3 CLA UB . -8.33 -3.46 17.75
C4 CLA UB . -9.18 -2.30 17.40
C5 CLA UB . -7.20 -3.77 16.83
C6 CLA UB . -7.66 -4.18 15.45
C7 CLA UB . -6.48 -4.54 14.57
C8 CLA UB . -6.59 -5.96 14.05
C9 CLA UB . -5.74 -6.90 14.88
C10 CLA UB . -6.17 -6.03 12.59
C11 CLA UB . -6.43 -7.41 12.00
C12 CLA UB . -7.35 -7.34 10.81
C13 CLA UB . -8.82 -7.35 11.23
C14 CLA UB . -9.23 -8.75 11.64
C15 CLA UB . -9.75 -6.84 10.15
C16 CLA UB . -9.08 -6.71 8.80
C17 CLA UB . -9.95 -7.22 7.68
C18 CLA UB . -11.19 -6.36 7.48
C19 CLA UB . -10.87 -5.12 6.66
C20 CLA UB . -12.30 -7.15 6.83
MG CLA VB . -22.14 -8.74 13.38
CHA CLA VB . -21.74 -8.46 16.83
CHB CLA VB . -24.87 -6.70 13.55
CHC CLA VB . -22.52 -9.08 9.99
CHD CLA VB . -19.39 -10.96 13.29
NA CLA VB . -23.11 -7.73 14.95
C1A CLA VB . -22.78 -7.72 16.31
C2A CLA VB . -23.76 -6.85 17.10
C3A CLA VB . -24.70 -6.27 16.02
C4A CLA VB . -24.20 -6.93 14.73
CMA CLA VB . -26.14 -6.60 16.30
CAA CLA VB . -23.09 -5.73 17.88
CBA CLA VB . -21.98 -5.05 17.10
CGA CLA VB . -20.84 -4.77 18.03
O1A CLA VB . -20.02 -5.55 18.49
O2A CLA VB . -20.74 -3.45 18.41
NB CLA VB . -23.40 -7.96 12.02
C1B CLA VB . -24.53 -7.26 12.30
C2B CLA VB . -25.39 -7.15 11.08
C3B CLA VB . -24.73 -7.83 10.07
C4B CLA VB . -23.45 -8.35 10.66
CMB CLA VB . -26.67 -6.46 11.06
CAB CLA VB . -25.10 -8.05 8.71
CBB CLA VB . -25.44 -7.10 7.84
NC CLA VB . -21.11 -9.79 11.91
C1C CLA VB . -21.41 -9.76 10.57
C2C CLA VB . -20.47 -10.58 9.82
C3C CLA VB . -19.61 -11.15 10.76
C4C CLA VB . -20.02 -10.64 12.07
CMC CLA VB . -20.48 -10.75 8.38
CAC CLA VB . -18.47 -12.04 10.49
CBC CLA VB . -17.20 -11.27 10.24
ND CLA VB . -20.84 -9.56 14.69
C1D CLA VB . -19.77 -10.47 14.52
C2D CLA VB . -19.18 -10.76 15.84
C3D CLA VB . -19.88 -10.00 16.76
C4D CLA VB . -20.91 -9.28 15.99
CMD CLA VB . -18.07 -11.69 16.07
CAD CLA VB . -20.03 -9.65 18.16
OBD CLA VB . -19.38 -10.02 19.14
CBD CLA VB . -21.23 -8.66 18.25
CGD CLA VB . -22.29 -9.16 19.18
O1D CLA VB . -23.37 -9.68 18.88
O2D CLA VB . -21.99 -8.98 20.49
CED CLA VB . -22.58 -9.88 21.43
C1 CLA VB . -19.50 -3.09 19.03
C2 CLA VB . -19.81 -2.20 20.18
C3 CLA VB . -18.91 -1.94 21.15
C4 CLA VB . -17.55 -2.52 21.12
C5 CLA VB . -19.24 -1.06 22.29
C6 CLA VB . -18.34 0.16 22.37
C7 CLA VB . -19.10 1.41 22.00
C8 CLA VB . -18.69 2.60 22.86
C9 CLA VB . -19.44 3.85 22.44
C10 CLA VB . -17.18 2.83 22.78
C11 CLA VB . -16.77 4.11 23.47
C12 CLA VB . -15.31 4.10 23.89
C13 CLA VB . -14.85 5.50 24.30
C14 CLA VB . -14.64 6.38 23.09
C15 CLA VB . -13.59 5.44 25.15
C16 CLA VB . -13.87 5.85 26.58
C17 CLA VB . -13.11 7.11 26.96
C18 CLA VB . -11.64 6.83 27.20
C19 CLA VB . -11.41 6.31 28.61
C20 CLA VB . -10.81 8.07 26.96
MG CLA WB . 0.19 13.12 40.32
CHA CLA WB . 0.58 15.97 42.27
CHB CLA WB . 3.43 13.41 39.29
CHC CLA WB . -0.17 10.20 38.57
CHD CLA WB . -3.18 12.93 41.34
NA CLA WB . 1.73 14.49 40.72
C1A CLA WB . 1.69 15.60 41.58
C2A CLA WB . 3.04 16.33 41.57
C3A CLA WB . 3.85 15.58 40.50
C4A CLA WB . 2.96 14.40 40.13
CMA CLA WB . 4.14 16.48 39.31
CAA CLA WB . 3.71 16.19 42.93
CBA CLA WB . 3.63 14.77 43.44
CGA CLA WB . 4.71 14.50 44.43
O1A CLA WB . 5.60 15.24 44.83
O2A CLA WB . 4.67 13.22 44.92
NB CLA WB . 1.41 12.01 39.15
C1B CLA WB . 2.71 12.29 38.85
C2B CLA WB . 3.25 11.23 37.97
C3B CLA WB . 2.25 10.31 37.77
C4B CLA WB . 1.06 10.80 38.52
CMB CLA WB . 4.64 11.26 37.48
CAB CLA WB . 2.22 9.10 37.00
CBB CLA WB . 2.80 8.91 35.80
NC CLA WB . -1.39 11.82 40.01
C1C CLA WB . -1.31 10.67 39.26
C2C CLA WB . -2.60 9.98 39.27
C3C CLA WB . -3.47 10.76 40.03
C4C CLA WB . -2.70 11.92 40.49
CMC CLA WB . -2.88 8.71 38.59
CAC CLA WB . -4.88 10.48 40.34
CBC CLA WB . -5.06 9.89 41.72
ND CLA WB . -1.08 14.19 41.48
C1D CLA WB . -2.45 13.99 41.81
C2D CLA WB . -2.87 15.08 42.73
C3D CLA WB . -1.74 15.85 42.95
C4D CLA WB . -0.66 15.25 42.15
CMD CLA WB . -4.21 15.22 43.28
CAD CLA WB . -1.20 17.02 43.61
OBD CLA WB . -1.75 17.83 44.37
CBD CLA WB . 0.31 17.12 43.21
CGD CLA WB . 0.66 18.44 42.60
O1D CLA WB . -0.01 19.09 41.79
O2D CLA WB . 1.86 18.94 42.99
CED CLA WB . 1.87 20.24 43.59
C1 CLA WB . 4.06 13.05 46.22
C2 CLA WB . 3.60 11.63 46.30
C3 CLA WB . 2.80 11.20 47.29
C4 CLA WB . 2.32 12.09 48.37
C5 CLA WB . 2.36 9.77 47.34
C6 CLA WB . 0.85 9.65 47.31
C7 CLA WB . 0.43 8.24 46.91
C8 CLA WB . -1.04 8.20 46.49
C9 CLA WB . -1.93 8.66 47.62
C10 CLA WB . -1.43 6.79 46.07
C11 CLA WB . -1.99 6.77 44.66
MG CLA XB . -9.08 18.90 28.08
CHA CLA XB . -7.36 20.85 25.79
CHB CLA XB . -11.72 21.04 27.92
CHC CLA XB . -10.86 16.77 30.11
CHD CLA XB . -6.31 16.70 28.22
NA CLA XB . -9.45 20.66 27.05
C1A CLA XB . -8.61 21.30 26.11
C2A CLA XB . -9.27 22.55 25.56
C3A CLA XB . -10.55 22.69 26.41
C4A CLA XB . -10.61 21.37 27.17
CMA CLA XB . -10.48 23.89 27.32
CAA CLA XB . -9.65 22.27 24.11
CBA CLA XB . -10.21 20.88 23.95
CGA CLA XB . -10.65 20.57 22.54
O1A CLA XB . -11.08 21.33 21.69
O2A CLA XB . -10.52 19.23 22.22
NB CLA XB . -10.93 18.91 28.88
C1B CLA XB . -11.87 19.86 28.67
C2B CLA XB . -13.14 19.49 29.38
C3B CLA XB . -12.89 18.28 30.00
C4B CLA XB . -11.49 17.90 29.70
CMB CLA XB . -14.34 20.32 29.34
CAB CLA XB . -13.75 17.45 30.82
CBB CLA XB . -15.04 17.22 30.60
NC CLA XB . -8.64 17.07 29.00
C1C CLA XB . -9.53 16.37 29.78
C2C CLA XB . -8.92 15.13 30.23
C3C CLA XB . -7.61 15.12 29.71
C4C CLA XB . -7.46 16.35 28.95
CMC CLA XB . -9.58 14.11 31.05
CAC CLA XB . -6.61 14.06 29.87
CBC CLA XB . -6.62 13.10 28.70
ND CLA XB . -7.23 18.76 27.27
C1D CLA XB . -6.17 17.84 27.43
C2D CLA XB . -5.01 18.27 26.63
C3D CLA XB . -5.43 19.40 25.94
C4D CLA XB . -6.81 19.66 26.39
CMD CLA XB . -3.73 17.58 26.55
CAD CLA XB . -5.06 20.45 25.01
OBD CLA XB . -4.00 20.61 24.39
CBD CLA XB . -6.28 21.40 24.88
CGD CLA XB . -5.92 22.83 25.22
O1D CLA XB . -6.42 23.54 26.09
O2D CLA XB . -4.91 23.34 24.46
CED CLA XB . -5.26 24.32 23.48
C1 CLA XB . -11.69 18.40 22.41
C2 CLA XB . -11.24 17.02 22.09
C3 CLA XB . -12.00 15.92 22.19
C4 CLA XB . -13.41 15.95 22.64
C5 CLA XB . -11.44 14.59 21.82
C6 CLA XB . -11.46 13.55 22.93
C7 CLA XB . -10.34 12.56 22.69
C8 CLA XB . -10.54 11.26 23.43
C9 CLA XB . -9.69 11.23 24.69
C10 CLA XB . -10.20 10.08 22.53
C11 CLA XB . -10.84 8.80 23.03
C12 CLA XB . -11.31 7.93 21.89
C13 CLA XB . -11.04 6.46 22.15
C14 CLA XB . -9.56 6.24 22.37
C15 CLA XB . -11.54 5.58 21.01
C16 CLA XB . -10.83 5.89 19.72
C17 CLA XB . -11.39 5.11 18.57
MG CLA YB . 10.27 10.32 44.82
CHA CLA YB . 10.07 13.35 43.16
CHB CLA YB . 13.42 11.09 45.84
CHC CLA YB . 10.40 7.32 46.49
CHD CLA YB . 7.03 9.53 43.65
NA CLA YB . 11.51 11.97 44.54
C1A CLA YB . 11.24 13.14 43.82
C2A CLA YB . 12.42 14.11 43.88
C3A CLA YB . 13.49 13.33 44.67
C4A CLA YB . 12.78 12.04 45.07
CMA CLA YB . 14.72 13.05 43.82
CAA CLA YB . 12.02 15.36 44.64
CBA CLA YB . 11.47 15.06 46.03
CGA CLA YB . 9.96 14.96 46.03
O1A CLA YB . 9.14 15.87 45.88
O2A CLA YB . 9.52 13.69 46.21
NB CLA YB . 11.66 9.38 45.94
C1B CLA YB . 12.88 9.87 46.26
C2B CLA YB . 13.58 8.92 47.17
C3B CLA YB . 12.74 7.84 47.35
C4B CLA YB . 11.49 8.12 46.57
CMB CLA YB . 14.92 9.17 47.70
CAB CLA YB . 12.95 6.65 48.14
CBB CLA YB . 12.13 6.19 49.09
NC CLA YB . 8.94 8.72 45.03
C1C CLA YB . 9.20 7.59 45.76
C2C CLA YB . 8.06 6.69 45.70
C3C CLA YB . 7.11 7.31 44.89
C4C CLA YB . 7.67 8.58 44.47
CMC CLA YB . 7.97 5.39 46.38
CAC CLA YB . 5.78 6.79 44.54
CBC CLA YB . 4.67 7.44 45.34
ND CLA YB . 8.82 11.19 43.71
C1D CLA YB . 7.55 10.74 43.28
C2D CLA YB . 6.92 11.79 42.43
C3D CLA YB . 7.85 12.82 42.35
C4D CLA YB . 9.01 12.39 43.16
CMD CLA YB . 5.60 11.69 41.81
CAD CLA YB . 8.15 14.13 41.81
OBD CLA YB . 7.46 14.86 41.11
CBD CLA YB . 9.59 14.50 42.30
CGD CLA YB . 10.53 14.76 41.15
O1D CLA YB . 11.38 13.99 40.68
O2D CLA YB . 10.42 16.00 40.60
CED CLA YB . 11.51 16.48 39.81
C1 CLA YB . 8.21 13.50 46.78
C2 CLA YB . 8.09 12.05 47.06
C3 CLA YB . 7.36 11.53 48.06
C4 CLA YB . 6.60 12.40 48.99
C5 CLA YB . 7.28 10.06 48.28
C6 CLA YB . 5.96 9.59 48.85
C7 CLA YB . 5.96 8.10 49.04
C8 CLA YB . 4.82 7.62 49.93
C9 CLA YB . 4.36 6.24 49.52
MG CLA ZB . 6.59 8.50 36.14
CHA CLA ZB . 5.16 8.20 32.99
CHB CLA ZB . 5.42 5.40 36.95
CHC CLA ZB . 8.13 8.77 39.18
CHD CLA ZB . 7.79 11.69 35.23
NA CLA ZB . 5.46 7.06 35.12
C1A CLA ZB . 4.98 7.12 33.81
C2A CLA ZB . 4.20 5.85 33.45
C3A CLA ZB . 4.21 5.05 34.77
C4A CLA ZB . 5.10 5.87 35.69
CMA CLA ZB . 2.81 4.92 35.33
CAA CLA ZB . 4.91 5.08 32.36
CBA CLA ZB . 3.92 4.21 31.60
CGA CLA ZB . 4.06 2.78 32.04
O1A CLA ZB . 5.08 2.10 32.15
O2A CLA ZB . 2.86 2.21 32.36
NB CLA ZB . 6.77 7.30 37.75
C1B CLA ZB . 6.20 6.08 37.90
C2B CLA ZB . 6.49 5.54 39.26
C3B CLA ZB . 7.26 6.49 39.90
C4B CLA ZB . 7.44 7.62 38.94
CMB CLA ZB . 5.99 4.25 39.72
CAB CLA ZB . 7.82 6.50 41.22
CBB CLA ZB . 8.38 5.47 41.85
NC CLA ZB . 7.75 9.97 37.04
C1C CLA ZB . 8.29 9.87 38.30
C2C CLA ZB . 9.05 11.07 38.60
C3C CLA ZB . 8.96 11.91 37.49
C4C CLA ZB . 8.14 11.21 36.50
CMC CLA ZB . 9.75 11.32 39.86
CAC CLA ZB . 9.57 13.24 37.34
CBC CLA ZB . 10.87 13.21 36.56
ND CLA ZB . 6.48 9.74 34.55
C1D CLA ZB . 7.01 11.04 34.30
C2D CLA ZB . 6.60 11.47 32.95
C3D CLA ZB . 5.90 10.43 32.40
C4D CLA ZB . 5.86 9.37 33.43
CMD CLA ZB . 6.89 12.77 32.34
CAD CLA ZB . 5.14 9.95 31.26
OBD CLA ZB . 4.88 10.52 30.21
CBD CLA ZB . 4.69 8.48 31.58
CGD CLA ZB . 3.21 8.32 31.45
O1D CLA ZB . 2.59 7.33 31.03
O2D CLA ZB . 2.50 9.40 31.87
CED CLA ZB . 1.23 9.17 32.49
C1 CLA ZB . 2.80 1.47 33.60
C2 CLA ZB . 1.52 1.84 34.24
C3 CLA ZB . 1.12 1.35 35.42
C4 CLA ZB . 1.96 0.37 36.17
C5 CLA ZB . -0.17 1.75 36.03
C6 CLA ZB . -0.08 2.09 37.51
C7 CLA ZB . 0.77 3.32 37.75
C8 CLA ZB . 0.11 4.28 38.73
C9 CLA ZB . -0.47 5.47 37.99
C10 CLA ZB . 1.12 4.73 39.80
C11 CLA ZB . 1.87 5.98 39.40
C12 CLA ZB . 2.80 6.45 40.51
C13 CLA ZB . 2.67 7.95 40.75
C14 CLA ZB . 3.98 8.65 40.43
C15 CLA ZB . 2.25 8.25 42.18
C16 CLA ZB . 1.83 9.69 42.34
C17 CLA ZB . 0.46 9.80 42.96
C18 CLA ZB . 0.03 11.25 43.17
C19 CLA ZB . 1.15 12.09 43.74
C20 CLA ZB . -1.17 11.32 44.10
MG CLA AC . -2.23 -9.37 44.15
CHA CLA AC . -5.33 -10.91 44.05
CHB CLA AC . -2.47 -8.67 40.82
CHC CLA AC . 0.84 -7.81 44.31
CHD CLA AC . -1.98 -10.18 47.58
NA CLA AC . -3.67 -9.75 42.70
C1A CLA AC . -4.91 -10.40 42.85
C2A CLA AC . -5.66 -10.46 41.52
C3A CLA AC . -4.68 -9.83 40.51
C4A CLA AC . -3.52 -9.37 41.39
CMA CLA AC . -4.24 -10.81 39.46
CAA CLA AC . -6.98 -9.71 41.58
CBA CLA AC . -6.78 -8.21 41.64
CGA CLA AC . -8.07 -7.55 42.02
O1A CLA AC . -9.13 -8.08 42.36
O2A CLA AC . -8.02 -6.18 41.96
NB CLA AC . -1.03 -8.44 42.82
C1B CLA AC . -1.33 -8.21 41.52
C2B CLA AC . -0.27 -7.37 40.89
C3B CLA AC . 0.66 -7.12 41.87
C4B CLA AC . 0.19 -7.81 43.11
CMB CLA AC . -0.33 -6.96 39.49
CAB CLA AC . 1.90 -6.38 41.81
CBB CLA AC . 2.74 -6.31 40.78
NC CLA AC . -0.83 -9.07 45.67
C1C CLA AC . 0.36 -8.41 45.52
C2C CLA AC . 1.09 -8.39 46.77
C3C CLA AC . 0.30 -9.06 47.71
C4C CLA AC . -0.91 -9.49 47.00
CMC CLA AC . 2.40 -7.77 46.97
CAC CLA AC . 0.60 -9.31 49.13
CBC CLA AC . 1.37 -10.58 49.34
ND CLA AC . -3.34 -10.31 45.55
C1D CLA AC . -3.13 -10.58 46.93
C2D CLA AC . -4.30 -11.30 47.47
C3D CLA AC . -5.19 -11.45 46.41
C4D CLA AC . -4.53 -10.82 45.24
CMD CLA AC . -4.46 -11.73 48.86
CAD CLA AC . -6.47 -11.95 45.98
OBD CLA AC . -7.35 -12.52 46.62
CBD CLA AC . -6.59 -11.65 44.44
CGD CLA AC . -6.77 -12.89 43.62
O1D CLA AC . -7.77 -13.24 42.98
O2D CLA AC . -5.68 -13.71 43.61
CED CLA AC . -5.62 -14.71 42.59
MG CLA BC . 6.63 -11.70 51.82
CHA CLA BC . 5.61 -13.15 54.80
CHB CLA BC . 4.22 -9.32 52.17
CHC CLA BC . 7.70 -10.27 48.90
CHD CLA BC . 9.07 -14.24 51.48
NA CLA BC . 5.17 -11.32 53.27
C1A CLA BC . 4.91 -12.03 54.44
C2A CLA BC . 3.75 -11.41 55.23
C3A CLA BC . 3.28 -10.26 54.31
C4A CLA BC . 4.29 -10.28 53.16
CMA CLA BC . 1.87 -10.48 53.82
CAA CLA BC . 4.27 -10.85 56.54
CBA CLA BC . 5.34 -9.81 56.31
CGA CLA BC . 6.23 -9.65 57.50
O1A CLA BC . 6.12 -10.16 58.62
O2A CLA BC . 7.27 -8.79 57.27
NB CLA BC . 6.06 -10.11 50.72
C1B CLA BC . 5.08 -9.24 51.06
C2B CLA BC . 4.99 -8.15 50.04
C3B CLA BC . 5.98 -8.41 49.11
C4B CLA BC . 6.66 -9.66 49.53
CMB CLA BC . 4.02 -7.06 50.14
CAB CLA BC . 6.36 -7.69 47.91
CBB CLA BC . 6.28 -6.38 47.71
NC CLA BC . 8.13 -12.17 50.45
C1C CLA BC . 8.39 -11.44 49.32
C2C CLA BC . 9.50 -12.05 48.59
C3C CLA BC . 9.89 -13.17 49.32
C4C CLA BC . 9.01 -13.24 50.49
CMC CLA BC . 10.04 -11.51 47.35
CAC CLA BC . 10.97 -14.11 49.01
CBC CLA BC . 12.19 -13.93 49.89
ND CLA BC . 7.26 -13.32 52.87
C1D CLA BC . 8.27 -14.28 52.60
C2D CLA BC . 8.26 -15.29 53.69
C3D CLA BC . 7.27 -14.90 54.57
C4D CLA BC . 6.67 -13.67 54.00
CMD CLA BC . 9.16 -16.44 53.77
CAD CLA BC . 6.56 -15.20 55.80
OBD CLA BC . 6.72 -16.11 56.60
CBD CLA BC . 5.47 -14.09 55.98
CGD CLA BC . 4.08 -14.65 56.04
O1D CLA BC . 3.19 -14.39 56.86
O2D CLA BC . 3.79 -15.55 55.06
CED CLA BC . 2.43 -15.96 54.90
C1 CLA BC . 7.51 -7.76 58.25
C2 CLA BC . 7.55 -6.48 57.50
C3 CLA BC . 8.60 -5.65 57.55
C4 CLA BC . 9.81 -5.93 58.36
C5 CLA BC . 8.59 -4.37 56.78
MG CLA CC . -8.83 -9.57 49.65
CHA CLA CC . -12.09 -10.59 49.00
CHB CLA CC . -8.48 -8.60 46.41
CHC CLA CC . -5.65 -8.51 50.38
CHD CLA CC . -9.29 -10.50 53.05
NA CLA CC . -10.09 -9.63 48.00
C1A CLA CC . -11.43 -10.07 47.93
C2A CLA CC . -11.98 -9.90 46.51
C3A CLA CC . -10.79 -9.34 45.71
C4A CLA CC . -9.71 -9.16 46.76
CMA CLA CC . -10.37 -10.25 44.59
CAA CLA CC . -13.12 -8.89 46.51
CBA CLA CC . -12.86 -7.76 47.49
CGA CLA CC . -13.04 -6.42 46.83
O1A CLA CC . -14.00 -5.65 46.91
O2A CLA CC . -11.97 -6.06 46.06
NB CLA CC . -7.36 -8.69 48.60
C1B CLA CC . -7.40 -8.40 47.28
C2B CLA CC . -6.08 -7.84 46.85
C3B CLA CC . -5.27 -7.82 47.96
C4B CLA CC . -6.07 -8.36 49.10
CMB CLA CC . -5.80 -7.44 45.47
CAB CLA CC . -3.91 -7.38 48.09
CBB CLA CC . -3.47 -6.44 48.92
NC CLA CC . -7.67 -9.55 51.39
C1C CLA CC . -6.38 -9.07 51.46
C2C CLA CC . -5.89 -9.20 52.82
C3C CLA CC . -6.92 -9.74 53.58
C4C CLA CC . -8.05 -9.96 52.68
CMC CLA CC . -4.54 -8.81 53.26
CAC CLA CC . -6.89 -10.06 55.02
CBC CLA CC . -7.70 -9.08 55.84
ND CLA CC . -10.26 -10.45 50.79
C1D CLA CC . -10.33 -10.74 52.19
C2D CLA CC . -11.66 -11.32 52.50
C3D CLA CC . -12.36 -11.32 51.30
C4D CLA CC . -11.46 -10.74 50.29
CMD CLA CC . -12.07 -11.78 53.81
CAD CLA CC . -13.61 -11.66 50.64
OBD CLA CC . -14.58 -12.26 51.07
CBD CLA CC . -13.50 -11.12 49.17
CGD CLA CC . -13.87 -12.16 48.15
O1D CLA CC . -15.00 -12.47 47.77
O2D CLA CC . -12.81 -12.81 47.60
CED CLA CC . -13.03 -13.57 46.42
MG CLA DC . 19.33 -15.80 44.57
CHA CLA DC . 20.35 -19.11 44.16
CHB CLA DC . 17.56 -16.71 47.32
CHC CLA DC . 18.47 -12.51 45.00
CHD CLA DC . 21.21 -14.93 41.70
NA CLA DC . 19.01 -17.62 45.56
C1A CLA DC . 19.53 -18.88 45.23
C2A CLA DC . 19.04 -19.94 46.23
C3A CLA DC . 18.09 -19.16 47.17
C4A CLA DC . 18.22 -17.71 46.67
CMA CLA DC . 16.68 -19.68 47.13
CAA CLA DC . 20.21 -20.52 47.01
CBA CLA DC . 20.60 -19.66 48.19
CGA CLA DC . 21.50 -18.53 47.80
O1A CLA DC . 21.19 -17.43 47.37
O2A CLA DC . 22.82 -18.83 47.94
NB CLA DC . 18.17 -14.80 45.87
C1B CLA DC . 17.61 -15.34 46.99
C2B CLA DC . 17.05 -14.27 47.85
C3B CLA DC . 17.30 -13.07 47.22
C4B CLA DC . 18.03 -13.39 45.95
CMB CLA DC . 16.38 -14.53 49.12
CAB CLA DC . 16.96 -11.74 47.69
CBB CLA DC . 17.56 -10.59 47.38
NC CLA DC . 19.74 -14.06 43.51
C1C CLA DC . 19.26 -12.81 43.85
C2C CLA DC . 19.73 -11.82 42.89
C3C CLA DC . 20.53 -12.50 41.97
C4C CLA DC . 20.53 -13.90 42.36
CMC CLA DC . 19.42 -10.40 42.94
CAC CLA DC . 21.25 -11.91 40.82
CBC CLA DC . 20.66 -12.30 39.48
ND CLA DC . 20.51 -16.73 43.20
C1D CLA DC . 21.21 -16.25 42.07
C2D CLA DC . 21.92 -17.38 41.44
C3D CLA DC . 21.64 -18.50 42.20
C4D CLA DC . 20.75 -18.04 43.29
CMD CLA DC . 22.75 -17.26 40.24
CAD CLA DC . 21.84 -19.93 42.38
OBD CLA DC . 22.52 -20.71 41.72
CBD CLA DC . 21.03 -20.36 43.64
CGD CLA DC . 20.09 -21.49 43.34
O1D CLA DC . 20.39 -22.63 42.96
O2D CLA DC . 18.77 -21.21 43.51
CED CLA DC . 17.91 -22.29 43.92
C1 CLA DC . 23.29 -19.02 49.30
C2 CLA DC . 23.04 -17.74 50.01
C3 CLA DC . 23.90 -16.71 49.98
C4 CLA DC . 25.17 -16.78 49.22
C5 CLA DC . 23.61 -15.44 50.71
C6 CLA DC . 23.88 -14.20 49.88
C7 CLA DC . 23.68 -12.95 50.71
C8 CLA DC . 24.04 -11.68 49.96
C9 CLA DC . 25.35 -11.84 49.22
C10 CLA DC . 24.15 -10.51 50.94
C11 CLA DC . 24.26 -9.19 50.20
MG CLA EC . 15.61 -14.83 34.08
CHA CLA EC . 13.65 -15.81 31.38
CHB CLA EC . 14.51 -17.54 35.84
CHC CLA EC . 17.54 -13.80 36.73
CHD CLA EC . 16.76 -12.07 32.18
NA CLA EC . 14.29 -16.40 33.66
C1A CLA EC . 13.56 -16.63 32.48
C2A CLA EC . 12.72 -17.90 32.59
C3A CLA EC . 12.96 -18.36 34.05
C4A CLA EC . 14.00 -17.37 34.57
CMA CLA EC . 11.68 -18.32 34.87
CAA CLA EC . 13.19 -18.95 31.60
CBA CLA EC . 13.45 -20.30 32.26
CGA CLA EC . 14.90 -20.46 32.57
O1A CLA EC . 15.53 -21.50 32.77
O2A CLA EC . 15.59 -19.28 32.63
NB CLA EC . 15.95 -15.53 35.94
C1B CLA EC . 15.45 -16.69 36.45
C2B CLA EC . 15.99 -16.90 37.83
C3B CLA EC . 16.84 -15.85 38.09
C4B CLA EC . 16.83 -14.97 36.89
CMB CLA EC . 15.63 -18.05 38.66
CAB CLA EC . 17.63 -15.58 39.26
CBB CLA EC . 18.95 -15.46 39.28
NC CLA EC . 16.89 -13.21 34.40
C1C CLA EC . 17.56 -12.98 35.56
C2C CLA EC . 18.35 -11.75 35.44
C3C CLA EC . 18.16 -11.28 34.14
C4C CLA EC . 17.24 -12.21 33.50
CMC CLA EC . 19.19 -11.19 36.49
CAC CLA EC . 18.78 -10.07 33.55
CBC CLA EC . 17.83 -8.92 33.33
ND CLA EC . 15.30 -14.05 32.24
C1D CLA EC . 15.86 -12.92 31.58
C2D CLA EC . 15.29 -12.84 30.21
C3D CLA EC . 14.42 -13.91 30.10
C4D CLA EC . 14.49 -14.65 31.38
CMD CLA EC . 15.61 -11.79 29.24
CAD CLA EC . 13.50 -14.61 29.23
OBD CLA EC . 13.14 -14.35 28.10
CBD CLA EC . 12.98 -15.85 30.03
CGD CLA EC . 11.48 -15.81 30.16
O1D CLA EC . 10.83 -15.41 31.13
O2D CLA EC . 10.81 -16.26 29.07
CED CLA EC . 9.38 -16.14 29.06
C1 CLA EC . 16.84 -19.30 33.34
C2 CLA EC . 17.34 -17.91 33.36
C3 CLA EC . 18.59 -17.57 32.98
C4 CLA EC . 19.57 -18.58 32.52
C5 CLA EC . 19.05 -16.16 33.01
C6 CLA EC . 20.03 -15.90 34.14
C7 CLA EC . 20.75 -14.59 33.93
C8 CLA EC . 21.56 -14.19 35.16
C9 CLA EC . 22.18 -12.82 34.97
MG CLA FC . 7.67 -10.11 34.06
CHA CLA FC . 4.93 -12.24 34.01
CHB CLA FC . 9.49 -12.45 32.37
CHC CLA FC . 10.33 -7.94 34.02
CHD CLA FC . 5.76 -7.74 35.84
NA CLA FC . 7.26 -12.03 33.33
C1A CLA FC . 6.05 -12.74 33.40
C2A CLA FC . 6.18 -14.09 32.72
C3A CLA FC . 7.69 -14.20 32.40
C4A CLA FC . 8.20 -12.79 32.70
CMA CLA FC . 8.36 -15.25 33.24
CAA CLA FC . 5.38 -14.06 31.42
CBA CLA FC . 6.23 -13.83 30.18
CGA CLA FC . 6.58 -12.38 29.99
O1A CLA FC . 6.27 -11.42 30.69
O2A CLA FC . 7.33 -12.15 28.87
NB CLA FC . 9.56 -10.20 33.37
C1B CLA FC . 10.08 -11.20 32.63
C2B CLA FC . 11.42 -10.81 32.13
C3B CLA FC . 11.69 -9.55 32.59
C4B CLA FC . 10.50 -9.14 33.39
CMB CLA FC . 12.22 -11.72 31.29
CAB CLA FC . 12.83 -8.69 32.40
CBB CLA FC . 14.10 -9.09 32.28
NC CLA FC . 7.98 -8.20 34.82
C1C CLA FC . 9.15 -7.50 34.69
C2C CLA FC . 9.02 -6.20 35.34
C3C CLA FC . 7.73 -6.13 35.85
C4C CLA FC . 7.08 -7.39 35.51
CMC CLA FC . 10.09 -5.19 35.40
CAC CLA FC . 7.12 -5.01 36.58
CBC CLA FC . 6.55 -3.98 35.64
ND CLA FC . 5.79 -9.94 34.76
C1D CLA FC . 5.13 -8.93 35.50
C2D CLA FC . 3.74 -9.36 35.79
C3D CLA FC . 3.62 -10.62 35.23
C4D CLA FC . 4.91 -10.94 34.61
CMD CLA FC . 2.76 -8.57 36.52
CAD CLA FC . 2.73 -11.76 34.99
OBD CLA FC . 1.55 -11.90 35.28
CBD CLA FC . 3.57 -12.85 34.25
CGD CLA FC . 3.70 -14.10 35.08
O1D CLA FC . 4.10 -14.19 36.24
O2D CLA FC . 3.33 -15.24 34.44
CED CLA FC . 3.79 -16.49 34.97
C1 CLA FC . 8.77 -12.18 29.00
C2 CLA FC . 9.30 -10.79 28.91
C3 CLA FC . 10.48 -10.52 28.33
C4 CLA FC . 11.29 -11.61 27.73
C5 CLA FC . 11.05 -9.15 28.22
C6 CLA FC . 10.90 -8.27 29.44
C7 CLA FC . 11.91 -7.13 29.36
C8 CLA FC . 11.72 -6.06 30.43
C9 CLA FC . 10.41 -5.32 30.23
C10 CLA FC . 12.88 -5.07 30.40
C11 CLA FC . 14.14 -5.67 30.98
C12 CLA FC . 15.38 -5.25 30.21
C13 CLA FC . 16.65 -5.72 30.90
C14 CLA FC . 17.35 -4.57 31.58
C15 CLA FC . 17.60 -6.40 29.91
C16 CLA FC . 16.90 -7.51 29.16
C17 CLA FC . 17.46 -7.66 27.75
C18 CLA FC . 16.44 -8.22 26.76
C19 CLA FC . 15.01 -8.02 27.21
C20 CLA FC . 16.71 -9.68 26.49
MG CLA GC . 16.61 4.98 47.39
CHA CLA GC . 18.01 7.95 46.25
CHB CLA GC . 18.97 4.81 49.84
CHC CLA GC . 15.20 2.03 48.47
CHD CLA GC . 14.20 5.17 44.82
NA CLA GC . 18.21 6.20 47.93
C1A CLA GC . 18.63 7.40 47.34
C2A CLA GC . 19.86 7.96 48.06
C3A CLA GC . 20.17 6.91 49.15
C4A CLA GC . 19.04 5.89 48.99
CMA CLA GC . 21.52 6.27 48.95
CAA CLA GC . 19.55 9.31 48.69
CBA CLA GC . 20.79 9.96 49.28
CGA CLA GC . 20.89 9.64 50.74
O1A CLA GC . 21.91 9.53 51.43
O2A CLA GC . 19.68 9.44 51.33
NB CLA GC . 17.01 3.68 48.88
C1B CLA GC . 18.01 3.79 49.79
C2B CLA GC . 17.97 2.64 50.74
C3B CLA GC . 16.90 1.85 50.36
C4B CLA GC . 16.28 2.50 49.17
CMB CLA GC . 18.92 2.47 51.83
CAB CLA GC . 16.39 0.62 50.90
CBB CLA GC . 17.13 -0.42 51.30
NC CLA GC . 14.99 3.82 46.76
C1C CLA GC . 14.60 2.65 47.35
C2C CLA GC . 13.45 2.10 46.65
C3C CLA GC . 13.15 2.99 45.61
C4C CLA GC . 14.13 4.07 45.68
CMC CLA GC . 12.76 0.86 47.00
CAC CLA GC . 12.06 2.87 44.63
CBC CLA GC . 10.94 3.84 44.89
ND CLA GC . 16.16 6.22 45.87
C1D CLA GC . 15.13 6.19 44.88
C2D CLA GC . 15.27 7.37 44.00
C3D CLA GC . 16.36 8.07 44.48
C4D CLA GC . 16.87 7.32 45.64
CMD CLA GC . 14.40 7.67 42.87
CAD CLA GC . 17.20 9.24 44.31
OBD CLA GC . 17.15 10.14 43.47
CBD CLA GC . 18.28 9.21 45.45
CGD CLA GC . 19.68 9.24 44.89
O1D CLA GC . 20.46 10.21 44.89
O2D CLA GC . 20.11 8.06 44.37
CED CLA GC . 21.29 8.08 43.57
MG CLA HC . 20.78 1.25 32.16
CHA CLA HC . 23.16 3.46 30.96
CHB CLA HC . 18.44 2.72 30.15
CHC CLA HC . 18.51 -1.12 33.17
CHD CLA HC . 23.24 -0.21 34.24
NA CLA HC . 20.82 2.85 30.81
C1A CLA HC . 21.92 3.63 30.43
C2A CLA HC . 21.52 4.69 29.41
C3A CLA HC . 19.97 4.53 29.32
C4A CLA HC . 19.70 3.28 30.14
CMA CLA HC . 19.27 5.73 29.89
CAA CLA HC . 22.16 4.37 28.06
CBA CLA HC . 21.67 3.05 27.50
CGA CLA HC . 22.78 2.29 26.86
O1A CLA HC . 23.99 2.56 26.84
O2A CLA HC . 22.35 1.17 26.21
NB CLA HC . 18.85 0.87 31.75
C1B CLA HC . 18.08 1.57 30.87
C2B CLA HC . 16.74 0.93 30.77
C3B CLA HC . 16.75 -0.15 31.61
C4B CLA HC . 18.08 -0.20 32.26
CMB CLA HC . 15.69 1.45 29.90
CAB CLA HC . 15.71 -1.12 31.90
CBB CLA HC . 14.82 -1.62 31.03
NC CLA HC . 20.86 -0.34 33.50
C1C CLA HC . 19.81 -1.18 33.77
C2C CLA HC . 20.21 -2.18 34.75
C3C CLA HC . 21.55 -1.93 35.05
C4C CLA HC . 21.95 -0.77 34.26
CMC CLA HC . 19.35 -3.24 35.27
CAC CLA HC . 22.41 -2.68 36.00
CBC CLA HC . 23.48 -3.50 35.32
ND CLA HC . 22.73 1.56 32.60
C1D CLA HC . 23.63 0.88 33.47
C2D CLA HC . 24.97 1.51 33.38
C3D CLA HC . 24.85 2.50 32.42
C4D CLA HC . 23.44 2.48 31.97
CMD CLA HC . 26.13 1.10 34.14
CAD CLA HC . 25.51 3.58 31.71
OBD CLA HC . 26.66 3.98 31.79
CBD CLA HC . 24.47 4.19 30.72
CGD CLA HC . 24.34 5.67 30.88
O1D CLA HC . 23.75 6.29 31.78
O2D CLA HC . 24.96 6.39 29.92
CED CLA HC . 24.78 7.81 29.90
C1 CLA HC . 23.30 0.54 25.32
C2 CLA HC . 22.65 0.46 23.99
C3 CLA HC . 21.81 -0.53 23.64
C4 CLA HC . 21.46 -1.63 24.57
C5 CLA HC . 21.18 -0.57 22.29
C6 CLA HC . 21.40 0.71 21.51
C7 CLA HC . 20.51 0.71 20.28
C8 CLA HC . 20.68 1.96 19.43
C9 CLA HC . 19.40 2.77 19.43
C10 CLA HC . 21.09 1.58 18.01
C11 CLA HC . 20.86 2.69 17.01
C12 CLA HC . 21.50 2.36 15.68
C13 CLA HC . 21.23 3.43 14.63
C14 CLA HC . 21.98 3.12 13.34
C15 CLA HC . 21.58 4.82 15.13
C16 CLA HC . 21.52 5.84 14.03
C17 CLA HC . 21.88 7.23 14.52
C18 CLA HC . 21.95 8.24 13.37
C19 CLA HC . 22.48 9.56 13.86
C20 CLA HC . 20.59 8.41 12.73
MG CLA IC . 29.09 4.35 39.29
CHA CLA IC . 30.09 7.01 41.29
CHB CLA IC . 32.06 4.47 37.63
CHC CLA IC . 28.03 1.73 37.33
CHD CLA IC . 26.00 4.29 41.02
NA CLA IC . 30.80 5.54 39.48
C1A CLA IC . 31.03 6.59 40.38
C2A CLA IC . 32.42 7.19 40.17
C3A CLA IC . 33.01 6.36 39.01
C4A CLA IC . 31.90 5.37 38.67
CMA CLA IC . 33.38 7.22 37.83
CAA CLA IC . 33.27 7.05 41.42
CBA CLA IC . 34.27 5.92 41.35
CGA CLA IC . 34.84 5.64 42.69
O1A CLA IC . 34.76 6.31 43.72
O2A CLA IC . 35.55 4.46 42.75
NB CLA IC . 29.91 3.26 37.81
C1B CLA IC . 31.10 3.53 37.21
C2B CLA IC . 31.26 2.68 35.99
C3B CLA IC . 30.12 1.90 35.90
C4B CLA IC . 29.26 2.27 37.06
CMB CLA IC . 32.45 2.75 35.15
CAB CLA IC . 29.71 0.89 34.95
CBB CLA IC . 30.32 0.55 33.81
NC CLA IC . 27.34 3.21 39.21
C1C CLA IC . 27.13 2.17 38.34
C2C CLA IC . 25.82 1.57 38.58
C3C CLA IC . 25.24 2.31 39.61
C4C CLA IC . 26.20 3.34 40.00
CMC CLA IC . 25.27 0.44 37.85
CAC CLA IC . 23.93 2.09 40.23
CBC CLA IC . 24.07 1.41 41.57
ND CLA IC . 28.18 5.38 40.78
C1D CLA IC . 26.91 5.24 41.39
C2D CLA IC . 26.77 6.28 42.44
C3D CLA IC . 27.95 7.00 42.43
C4D CLA IC . 28.81 6.39 41.39
CMD CLA IC . 25.57 6.46 43.27
CAD CLA IC . 28.70 8.09 43.02
OBD CLA IC . 28.36 8.90 43.89
CBD CLA IC . 30.10 8.11 42.33
CGD CLA IC . 30.40 9.46 41.72
O1D CLA IC . 30.78 10.48 42.30
O2D CLA IC . 30.22 9.52 40.37
CED CLA IC . 30.19 10.81 39.76
C1 CLA IC . 35.38 3.65 43.93
C2 CLA IC . 35.91 2.31 43.59
C3 CLA IC . 35.34 1.17 44.02
C4 CLA IC . 34.12 1.17 44.86
MG CLA JC . 32.85 4.02 30.18
CHA CLA JC . 33.22 6.45 32.63
CHB CLA JC . 35.94 4.76 28.96
CHC CLA JC . 32.45 1.54 27.83
CHD CLA JC . 29.64 3.28 31.47
NA CLA JC . 34.32 5.40 30.73
C1A CLA JC . 34.29 6.31 31.78
C2A CLA JC . 35.58 7.14 31.82
C3A CLA JC . 36.34 6.68 30.56
C4A CLA JC . 35.49 5.52 30.03
CMA CLA JC . 36.42 7.81 29.57
CAA CLA JC . 36.38 6.85 33.08
CBA CLA JC . 36.33 5.37 33.45
CGA CLA JC . 36.53 5.23 34.92
O1A CLA JC . 36.21 6.00 35.83
O2A CLA JC . 37.16 4.06 35.28
NB CLA JC . 33.96 3.31 28.66
C1B CLA JC . 35.24 3.69 28.37
C2B CLA JC . 35.80 2.81 27.32
C3B CLA JC . 34.83 1.90 27.00
C4B CLA JC . 33.64 2.21 27.84
CMB CLA JC . 37.15 2.95 26.79
CAB CLA JC . 34.86 0.82 26.03
CBB CLA JC . 34.64 -0.47 26.29
NC CLA JC . 31.31 2.68 29.73
C1C CLA JC . 31.35 1.76 28.71
C2C CLA JC . 30.11 1.00 28.66
C3C CLA JC . 29.32 1.48 29.72
C4C CLA JC . 30.08 2.53 30.37
CMC CLA JC . 29.82 -0.06 27.70
CAC CLA JC . 27.96 1.02 30.08
CBC CLA JC . 26.89 1.59 29.19
ND CLA JC . 31.66 4.66 31.69
C1D CLA JC . 30.36 4.29 32.11
C2D CLA JC . 29.96 5.11 33.26
C3D CLA JC . 31.03 5.97 33.50
C4D CLA JC . 32.05 5.64 32.49
CMD CLA JC . 28.70 5.02 33.97
CAD CLA JC . 31.55 7.04 34.32
OBD CLA JC . 31.03 7.62 35.28
CBD CLA JC . 32.96 7.39 33.78
CGD CLA JC . 33.04 8.83 33.33
O1D CLA JC . 33.20 9.24 32.19
O2D CLA JC . 32.93 9.73 34.34
CED CLA JC . 33.17 11.10 34.04
C1 CLA JC . 36.80 3.49 36.55
MG CLA KC . 27.29 5.46 21.28
CHA CLA KC . 26.45 5.16 24.63
CHB CLA KC . 29.99 3.45 21.78
CHC CLA KC . 28.01 5.69 17.93
CHD CLA KC . 24.50 7.59 20.82
NA CLA KC . 28.07 4.47 22.95
C1A CLA KC . 27.56 4.46 24.26
C2A CLA KC . 28.42 3.60 25.16
C3A CLA KC . 29.59 3.15 24.26
C4A CLA KC . 29.20 3.71 22.88
CMA CLA KC . 30.91 3.70 24.74
CAA CLA KC . 27.65 2.37 25.61
CBA CLA KC . 26.75 1.84 24.50
CGA CLA KC . 27.01 0.39 24.21
O1A CLA KC . 27.97 -0.30 24.56
O2A CLA KC . 26.03 -0.19 23.45
NB CLA KC . 28.70 4.67 20.08
C1B CLA KC . 29.76 3.93 20.48
C2B CLA KC . 30.69 3.69 19.34
C3B CLA KC . 30.14 4.33 18.25
C4B CLA KC . 28.86 4.96 18.70
CMB CLA KC . 31.92 2.93 19.46
CAB CLA KC . 30.62 4.42 16.89
CBB CLA KC . 29.98 3.96 15.82
NC CLA KC . 26.41 6.46 19.67
C1C CLA KC . 26.86 6.40 18.38
C2C CLA KC . 25.99 7.18 17.52
C3C CLA KC . 25.01 7.74 18.34
C4C CLA KC . 25.28 7.28 19.69
CMC CLA KC . 26.15 7.34 16.07
CAC CLA KC . 23.89 8.62 17.92
CBC CLA KC . 24.29 10.06 17.96
ND CLA KC . 25.82 6.27 22.41
C1D CLA KC . 24.74 7.14 22.10
C2D CLA KC . 23.97 7.42 23.34
C3D CLA KC . 24.58 6.69 24.33
C4D CLA KC . 25.72 5.99 23.70
CMD CLA KC . 22.80 8.29 23.41
CAD CLA KC . 24.59 6.34 25.75
OBD CLA KC . 23.85 6.72 26.65
CBD CLA KC . 25.77 5.34 25.98
CGD CLA KC . 26.74 5.85 27.00
O1D CLA KC . 27.05 7.03 27.22
O2D CLA KC . 27.32 4.87 27.75
CED CLA KC . 28.22 5.28 28.78
C1 CLA KC . 26.45 -1.15 22.45
C2 CLA KC . 25.38 -1.17 21.41
C3 CLA KC . 25.44 -1.90 20.29
C4 CLA KC . 24.34 -1.89 19.29
C5 CLA KC . 26.61 -2.78 19.98
C6 CLA KC . 26.88 -2.92 18.48
C7 CLA KC . 28.11 -3.76 18.23
C8 CLA KC . 28.29 -4.10 16.75
C9 CLA KC . 29.47 -5.03 16.55
C10 CLA KC . 28.47 -2.84 15.92
MG CLA LC . 16.80 6.42 27.48
CHA CLA LC . 13.77 5.56 28.95
CHB CLA LC . 16.73 3.57 25.64
CHC CLA LC . 19.91 7.22 26.24
CHD CLA LC . 16.83 9.41 29.39
NA CLA LC . 15.43 4.86 27.31
C1A CLA LC . 14.23 4.67 28.01
C2A CLA LC . 13.55 3.37 27.56
C3A CLA LC . 14.43 2.88 26.39
C4A CLA LC . 15.62 3.81 26.44
CMA CLA LC . 14.82 1.42 26.49
CAA CLA LC . 12.12 3.59 27.07
CBA CLA LC . 11.38 2.29 26.95
CGA CLA LC . 9.92 2.54 26.70
O1A CLA LC . 9.39 3.05 25.71
O2A CLA LC . 9.13 2.13 27.74
NB CLA LC . 18.05 5.58 26.15
C1B CLA LC . 17.89 4.37 25.58
C2B CLA LC . 19.11 3.96 24.84
C3B CLA LC . 20.02 4.99 25.00
C4B CLA LC . 19.35 6.04 25.84
CMB CLA LC . 19.20 2.69 24.12
CAB CLA LC . 21.37 5.18 24.51
CBB CLA LC . 22.04 4.37 23.69
NC CLA LC . 18.11 8.04 27.75
C1C CLA LC . 19.31 8.16 27.12
C2C CLA LC . 19.97 9.40 27.53
C3C CLA LC . 19.09 10.03 28.44
C4C CLA LC . 17.93 9.16 28.55
CMC CLA LC . 21.28 9.86 27.08
CAC CLA LC . 19.30 11.31 29.12
CBC CLA LC . 18.53 12.44 28.48
ND CLA LC . 15.61 7.34 28.84
C1D CLA LC . 15.75 8.56 29.55
C2D CLA LC . 14.58 8.73 30.44
C3D CLA LC . 13.81 7.59 30.28
C4D CLA LC . 14.49 6.76 29.26
CMD CLA LC . 14.38 9.87 31.33
CAD CLA LC . 12.60 6.90 30.67
OBD CLA LC . 11.74 7.22 31.50
CBD CLA LC . 12.54 5.58 29.84
CGD CLA LC . 12.47 4.37 30.73
O1D CLA LC . 11.46 3.71 31.01
O2D CLA LC . 13.66 3.98 31.24
CED CLA LC . 13.64 3.19 32.43
C1 CLA LC . 7.81 2.70 27.81
C2 CLA LC . 7.94 4.03 28.47
C3 CLA LC . 8.10 4.16 29.81
C4 CLA LC . 8.16 2.98 30.71
C5 CLA LC . 8.24 5.50 30.44
C6 CLA LC . 8.23 6.64 29.45
C7 CLA LC . 8.85 7.88 30.06
C8 CLA LC . 8.76 9.10 29.17
C9 CLA LC . 7.39 9.19 28.54
C10 CLA LC . 9.83 9.07 28.09
C11 CLA LC . 10.98 10.01 28.42
C12 CLA LC . 10.48 11.41 28.71
C13 CLA LC . 11.51 12.46 28.34
C14 CLA LC . 12.90 12.07 28.80
C15 CLA LC . 11.15 13.82 28.92
C16 CLA LC . 12.17 14.88 28.52
C17 CLA LC . 11.94 15.38 27.12
C18 CLA LC . 12.20 16.88 27.02
C19 CLA LC . 11.90 17.40 25.64
C20 CLA LC . 11.40 17.63 28.05
MG CLA MC . 16.05 -5.80 14.22
CHA CLA MC . 15.91 -9.00 15.53
CHB CLA MC . 19.02 -5.28 15.82
CHC CLA MC . 16.25 -2.72 12.73
CHD CLA MC . 12.93 -6.37 12.64
NA CLA MC . 17.24 -6.97 15.47
C1A CLA MC . 17.01 -8.28 15.89
C2A CLA MC . 18.15 -8.77 16.77
C3A CLA MC . 19.00 -7.51 17.01
C4A CLA MC . 18.41 -6.50 16.02
CMA CLA MC . 18.90 -7.03 18.44
CAA CLA MC . 18.94 -9.71 15.89
CBA CLA MC . 20.36 -9.96 16.36
CGA CLA MC . 21.00 -10.89 15.40
O1A CLA MC . 20.49 -11.48 14.43
O2A CLA MC . 22.32 -11.10 15.66
NB CLA MC . 17.36 -4.27 14.30
C1B CLA MC . 18.55 -4.28 14.96
C2B CLA MC . 19.30 -3.03 14.66
C3B CLA MC . 18.53 -2.31 13.79
C4B CLA MC . 17.28 -3.09 13.54
CMB CLA MC . 20.63 -2.77 15.23
CAB CLA MC . 18.78 -1.04 13.15
CBB CLA MC . 19.96 -0.61 12.69
NC CLA MC . 14.80 -4.74 12.93
C1C CLA MC . 15.08 -3.50 12.43
C2C CLA MC . 14.02 -3.06 11.54
C3C CLA MC . 13.07 -4.09 11.53
C4C CLA MC . 13.57 -5.14 12.40
CMC CLA MC . 14.00 -1.79 10.81
CAC CLA MC . 11.80 -4.12 10.77
CBC CLA MC . 11.86 -5.05 9.58
ND CLA MC . 14.70 -7.31 14.05
C1D CLA MC . 13.45 -7.40 13.40
C2D CLA MC . 12.86 -8.74 13.68
C3D CLA MC . 13.77 -9.40 14.48
C4D CLA MC . 14.89 -8.46 14.69
CMD CLA MC . 11.58 -9.21 13.17
CAD CLA MC . 14.08 -10.62 15.20
OBD CLA MC . 13.45 -11.67 15.26
CBD CLA MC . 15.44 -10.38 15.94
CGD CLA MC . 15.26 -10.47 17.43
O1D CLA MC . 15.33 -9.55 18.23
O2D CLA MC . 14.98 -11.71 17.88
CED CLA MC . 14.46 -11.82 19.21
C1 CLA MC . 22.89 -12.29 15.06
C2 CLA MC . 23.78 -12.89 16.08
C3 CLA MC . 25.06 -12.53 16.23
C4 CLA MC . 25.70 -11.50 15.38
C5 CLA MC . 25.91 -13.17 17.28
C6 CLA MC . 26.07 -12.28 18.50
C7 CLA MC . 26.25 -13.12 19.75
C8 CLA MC . 27.20 -12.46 20.73
C9 CLA MC . 26.64 -11.12 21.17
C10 CLA MC . 28.57 -12.29 20.10
C11 CLA MC . 29.64 -13.02 20.88
C12 CLA MC . 30.40 -12.09 21.80
C13 CLA MC . 31.84 -12.56 22.00
C14 CLA MC . 32.59 -12.55 20.68
C15 CLA MC . 31.89 -13.94 22.63
C16 CLA MC . 33.25 -14.21 23.23
C17 CLA MC . 33.63 -13.18 24.25
C18 CLA MC . 35.13 -13.16 24.52
C19 CLA MC . 35.89 -12.82 23.26
C20 CLA MC . 35.48 -12.16 25.61
MG CLA NC . 17.44 -14.85 23.40
CHA CLA NC . 18.31 -12.25 21.28
CHB CLA NC . 18.75 -13.13 26.04
CHC CLA NC . 16.52 -17.42 25.45
CHD CLA NC . 16.02 -16.56 20.62
NA CLA NC . 18.40 -12.99 23.59
C1A CLA NC . 18.65 -12.05 22.59
C2A CLA NC . 19.37 -10.83 23.17
C3A CLA NC . 19.57 -11.19 24.66
C4A CLA NC . 18.85 -12.53 24.80
CMA CLA NC . 21.02 -11.29 25.03
CAA CLA NC . 18.52 -9.58 23.03
CBA CLA NC . 19.30 -8.37 23.49
CGA CLA NC . 18.63 -7.13 22.98
O1A CLA NC . 18.27 -6.86 21.84
O2A CLA NC . 18.43 -6.20 23.97
NB CLA NC . 17.60 -15.20 25.37
C1B CLA NC . 18.15 -14.37 26.30
C2B CLA NC . 18.04 -14.97 27.65
C3B CLA NC . 17.41 -16.19 27.50
C4B CLA NC . 17.13 -16.35 26.03
CMB CLA NC . 18.54 -14.32 28.86
CAB CLA NC . 17.05 -17.20 28.46
CBB CLA NC . 16.63 -17.00 29.71
NC CLA NC . 16.47 -16.67 23.08
C1C CLA NC . 16.21 -17.57 24.06
C2C CLA NC . 15.54 -18.73 23.48
C3C CLA NC . 15.38 -18.48 22.13
C4C CLA NC . 15.96 -17.17 21.88
CMC CLA NC . 15.14 -19.92 24.24
CAC CLA NC . 14.75 -19.34 21.11
CBC CLA NC . 15.71 -20.34 20.51
ND CLA NC . 17.23 -14.57 21.40
C1D CLA NC . 16.62 -15.34 20.39
C2D CLA NC . 16.74 -14.64 19.09
C3D CLA NC . 17.41 -13.46 19.38
C4D CLA NC . 17.67 -13.45 20.84
CMD CLA NC . 16.25 -15.14 17.82
CAD CLA NC . 17.95 -12.24 18.84
OBD CLA NC . 17.99 -11.88 17.67
CBD CLA NC . 18.51 -11.40 20.04
CGD CLA NC . 19.95 -11.00 19.85
O1D CLA NC . 20.46 -9.91 20.10
O2D CLA NC . 20.73 -11.99 19.36
CED CLA NC . 22.14 -11.78 19.35
C1 CLA NC . 17.65 -5.05 23.60
C2 CLA NC . 17.21 -4.42 24.86
C3 CLA NC . 15.99 -3.88 25.01
C4 CLA NC . 15.02 -3.87 23.90
C5 CLA NC . 15.57 -3.25 26.29
C6 CLA NC . 16.74 -2.81 27.15
C7 CLA NC . 17.24 -1.45 26.70
C8 CLA NC . 18.29 -0.88 27.67
C9 CLA NC . 18.92 0.36 27.10
C10 CLA NC . 19.35 -1.93 27.98
C11 CLA NC . 20.43 -1.38 28.88
C12 CLA NC . 21.31 -2.48 29.43
C13 CLA NC . 22.38 -1.94 30.36
C14 CLA NC . 23.26 -0.95 29.63
C15 CLA NC . 23.23 -3.04 30.97
C16 CLA NC . 22.56 -4.41 30.90
C17 CLA NC . 22.12 -4.90 32.26
C18 CLA NC . 22.56 -6.33 32.51
C19 CLA NC . 22.05 -7.26 31.42
C20 CLA NC . 22.11 -6.81 33.87
MG CLA OC . -3.31 -8.25 17.16
CHA CLA OC . -5.38 -8.30 19.94
CHB CLA OC . -3.29 -11.64 17.13
CHC CLA OC . -1.55 -8.13 14.23
CHD CLA OC . -3.35 -4.71 17.27
NA CLA OC . -4.14 -9.72 18.40
C1A CLA OC . -4.99 -9.53 19.49
C2A CLA OC . -5.36 -10.88 20.12
C3A CLA OC . -4.42 -11.87 19.37
C4A CLA OC . -3.91 -11.05 18.21
CMA CLA OC . -3.31 -12.36 20.26
CAA CLA OC . -6.82 -11.21 19.92
CBA CLA OC . -7.14 -11.73 18.53
CGA CLA OC . -7.49 -10.57 17.63
O1A CLA OC . -7.32 -10.47 16.42
O2A CLA OC . -8.05 -9.53 18.31
NB CLA OC . -2.48 -9.63 15.96
C1B CLA OC . -2.76 -10.96 16.01
C2B CLA OC . -2.45 -11.61 14.71
C3B CLA OC . -1.96 -10.62 13.88
C4B CLA OC . -1.96 -9.35 14.67
CMB CLA OC . -2.66 -13.04 14.49
CAB CLA OC . -1.49 -10.66 12.52
CBB CLA OC . -1.26 -11.73 11.77
NC CLA OC . -2.52 -6.70 16.01
C1C CLA OC . -1.80 -6.88 14.87
C2C CLA OC . -1.38 -5.59 14.33
C3C CLA OC . -1.93 -4.61 15.17
C4C CLA OC . -2.64 -5.32 16.22
CMC CLA OC . -0.57 -5.39 13.13
CAC CLA OC . -1.78 -3.15 15.05
CBC CLA OC . -3.05 -2.47 14.59
ND CLA OC . -4.09 -6.79 18.33
C1D CLA OC . -4.05 -5.37 18.26
C2D CLA OC . -4.85 -4.80 19.36
C3D CLA OC . -5.42 -5.89 20.00
C4D CLA OC . -4.91 -7.09 19.33
CMD CLA OC . -5.02 -3.38 19.62
CAD CLA OC . -6.26 -6.32 21.11
OBD CLA OC . -6.87 -5.65 21.95
CBD CLA OC . -6.30 -7.88 21.07
CGD CLA OC . -5.92 -8.48 22.39
O1D CLA OC . -4.88 -9.05 22.67
O2D CLA OC . -6.88 -8.34 23.34
CED CLA OC . -7.30 -9.53 24.01
C1 CLA OC . -8.24 -8.32 17.54
C2 CLA OC . -9.70 -8.04 17.54
C3 CLA OC . -10.49 -8.21 16.47
C4 CLA OC . -9.95 -8.72 15.18
C5 CLA OC . -11.93 -7.90 16.51
C6 CLA OC . -12.37 -6.97 15.40
C7 CLA OC . -11.87 -5.57 15.64
C8 CLA OC . -12.12 -4.67 14.43
C9 CLA OC . -10.83 -4.40 13.69
C10 CLA OC . -12.82 -3.37 14.84
C11 CLA OC . -11.92 -2.15 14.84
C12 CLA OC . -12.66 -0.94 14.34
C13 CLA OC . -12.33 0.34 15.10
C14 CLA OC . -10.86 0.39 15.48
C15 CLA OC . -13.20 0.49 16.34
C16 CLA OC . -12.88 1.77 17.08
C17 CLA OC . -13.68 1.91 18.36
MG CLA PC . 1.27 -7.55 24.93
CHA CLA PC . 0.64 -10.24 27.04
CHB CLA PC . -1.96 -7.61 23.89
CHC CLA PC . 1.95 -4.86 22.94
CHD CLA PC . 4.62 -7.52 26.09
NA CLA PC . -0.36 -8.77 25.38
C1A CLA PC . -0.44 -9.84 26.29
C2A CLA PC . -1.82 -10.47 26.28
C3A CLA PC . -2.53 -9.76 25.10
C4A CLA PC . -1.57 -8.63 24.75
CMA CLA PC . -2.67 -10.72 23.95
CAA CLA PC . -2.56 -10.26 27.59
CBA CLA PC . -2.73 -8.79 27.92
CGA CLA PC . -2.38 -8.59 29.36
O1A CLA PC . -3.07 -8.10 30.27
O2A CLA PC . -1.11 -9.01 29.67
NB CLA PC . 0.21 -6.49 23.60
C1B CLA PC . -1.14 -6.54 23.49
C2B CLA PC . -1.64 -5.30 22.80
C3B CLA PC . -0.54 -4.53 22.53
C4B CLA PC . 0.65 -5.28 23.03
CMB CLA PC . -3.06 -5.08 22.51
CAB CLA PC . -0.41 -3.24 21.88
CBB CLA PC . -1.16 -2.81 20.86
NC CLA PC . 2.99 -6.45 24.55
C1C CLA PC . 3.05 -5.43 23.64
C2C CLA PC . 4.42 -4.94 23.55
C3C CLA PC . 5.17 -5.61 24.51
C4C CLA PC . 4.26 -6.57 25.12
CMC CLA PC . 4.85 -3.89 22.64
CAC CLA PC . 6.61 -5.47 24.79
CBC CLA PC . 6.87 -4.79 26.12
ND CLA PC . 2.42 -8.60 26.23
C1D CLA PC . 3.79 -8.48 26.62
C2D CLA PC . 4.10 -9.49 27.63
C3D CLA PC . 2.92 -10.21 27.83
C4D CLA PC . 1.92 -9.61 26.93
CMD CLA PC . 5.41 -9.66 28.24
CAD CLA PC . 2.27 -11.31 28.53
OBD CLA PC . 2.74 -12.09 29.36
CBD CLA PC . 0.79 -11.34 28.05
CGD CLA PC . 0.40 -12.66 27.45
O1D CLA PC . 0.95 -13.25 26.52
O2D CLA PC . -0.69 -13.23 28.01
CED CLA PC . -0.98 -14.58 27.66
C1 CLA PC . -0.52 -8.37 30.81
C2 CLA PC . 0.96 -8.54 30.67
C3 CLA PC . 1.66 -9.33 31.50
C4 CLA PC . 1.02 -10.09 32.59
C5 CLA PC . 3.14 -9.46 31.35
C6 CLA PC . 3.86 -8.16 31.64
C7 CLA PC . 5.36 -8.38 31.68
C8 CLA PC . 6.12 -7.20 31.10
C9 CLA PC . 7.59 -7.53 30.96
C10 CLA PC . 5.92 -5.95 31.96
C11 CLA PC . 6.75 -4.79 31.48
C12 CLA PC . 6.05 -3.47 31.71
C13 CLA PC . 7.01 -2.30 31.69
C14 CLA PC . 6.49 -1.16 32.53
C15 CLA PC . 7.29 -1.83 30.27
C16 CLA PC . 8.73 -2.09 29.87
C17 CLA PC . 9.46 -0.81 29.52
C18 CLA PC . 10.93 -0.88 29.88
C19 CLA PC . 11.46 0.49 30.24
C20 CLA PC . 11.74 -1.47 28.75
MG CLA QC . 3.80 8.76 14.78
CHA CLA QC . 3.39 11.67 12.94
CHB CLA QC . 3.10 10.48 17.64
CHC CLA QC . 3.97 5.81 16.54
CHD CLA QC . 4.51 7.02 11.80
NA CLA QC . 3.35 10.76 15.20
C1A CLA QC . 3.19 11.81 14.29
C2A CLA QC . 2.83 13.11 15.00
C3A CLA QC . 2.88 12.72 16.50
C4A CLA QC . 3.12 11.21 16.47
CMA CLA QC . 4.01 13.44 17.21
CAA CLA QC . 1.40 13.50 14.65
CBA CLA QC . 0.45 12.33 14.80
CGA CLA QC . -0.95 12.71 14.46
O1A CLA QC . -1.46 13.83 14.44
O2A CLA QC . -1.74 11.64 14.13
NB CLA QC . 3.51 8.23 16.70
C1B CLA QC . 3.31 9.10 17.73
C2B CLA QC . 3.39 8.36 19.01
C3B CLA QC . 3.64 7.03 18.73
C4B CLA QC . 3.74 6.94 17.25
CMB CLA QC . 3.22 9.05 20.28
CAB CLA QC . 3.83 5.89 19.59
CBB CLA QC . 4.24 5.89 20.85
NC CLA QC . 4.19 6.79 14.26
C1C CLA QC . 4.19 5.74 15.14
C2C CLA QC . 4.44 4.49 14.44
C3C CLA QC . 4.63 4.83 13.09
C4C CLA QC . 4.46 6.28 12.99
CMC CLA QC . 4.48 3.19 15.10
CAC CLA QC . 4.89 3.91 11.98
CBC CLA QC . 3.62 3.60 11.22
ND CLA QC . 4.09 9.20 12.83
C1D CLA QC . 4.33 8.39 11.70
C2D CLA QC . 4.36 9.22 10.49
C3D CLA QC . 3.99 10.50 10.90
C4D CLA QC . 3.80 10.43 12.37
CMD CLA QC . 4.65 8.73 9.16
CAD CLA QC . 3.78 11.87 10.51
OBD CLA QC . 3.92 12.41 9.42
CBD CLA QC . 3.28 12.64 11.77
CGD CLA QC . 4.02 13.95 11.96
O1D CLA QC . 3.92 14.96 11.27
O2D CLA QC . 4.89 13.96 13.01
CED CLA QC . 5.41 15.24 13.41
C1 CLA QC . -3.13 11.76 14.46
C2 CLA QC . -3.74 10.41 14.37
C3 CLA QC . -4.22 9.89 13.22
C4 CLA QC . -4.16 10.64 11.95
C5 CLA QC . -4.82 8.53 13.19
C6 CLA QC . -4.79 7.91 11.81
C7 CLA QC . -5.47 6.54 11.81
C8 CLA QC . -4.50 5.40 11.57
C9 CLA QC . -3.49 5.78 10.50
C10 CLA QC . -5.24 4.14 11.15
C11 CLA QC . -5.40 3.19 12.31
C12 CLA QC . -6.31 2.02 11.96
C13 CLA QC . -6.59 1.17 13.18
C14 CLA QC . -5.49 0.15 13.40
C15 CLA QC . -7.94 0.47 13.07
C16 CLA QC . -8.09 -0.25 11.74
C17 CLA QC . -9.13 -1.35 11.81
C18 CLA QC . -10.10 -1.27 10.64
C19 CLA QC . -10.91 -2.54 10.53
C20 CLA QC . -11.02 -0.08 10.78
MG CLA RC . 30.66 4.83 10.04
CHA CLA RC . 32.93 7.20 11.19
CHB CLA RC . 32.64 4.26 7.33
CHC CLA RC . 28.42 2.45 8.99
CHD CLA RC . 28.59 5.55 12.81
NA CLA RC . 32.49 5.61 9.39
C1A CLA RC . 33.28 6.58 10.02
C2A CLA RC . 34.54 6.85 9.20
C3A CLA RC . 34.33 6.02 7.91
C4A CLA RC . 33.07 5.21 8.22
CMA CLA RC . 34.14 6.90 6.71
CAA CLA RC . 35.77 6.37 9.94
CBA CLA RC . 36.27 5.05 9.39
CGA CLA RC . 37.26 4.43 10.32
O1A CLA RC . 38.10 4.98 11.02
O2A CLA RC . 37.19 3.06 10.34
NB CLA RC . 30.55 3.60 8.45
C1B CLA RC . 31.47 3.47 7.49
C2B CLA RC . 31.09 2.38 6.56
C3B CLA RC . 29.91 1.87 7.02
C4B CLA RC . 29.53 2.64 8.24
CMB CLA RC . 31.89 2.00 5.40
CAB CLA RC . 29.10 0.79 6.50
CBB CLA RC . 29.54 -0.44 6.25
NC CLA RC . 28.83 4.14 10.77
C1C CLA RC . 28.08 3.16 10.18
C2C CLA RC . 26.87 2.93 10.95
C3C CLA RC . 26.91 3.81 12.04
C4C CLA RC . 28.15 4.57 11.92
CMC CLA RC . 25.83 1.96 10.62
CAC CLA RC . 25.91 3.95 13.11
CBC CLA RC . 26.26 3.16 14.35
ND CLA RC . 30.69 6.05 11.66
C1D CLA RC . 29.77 6.25 12.72
C2D CLA RC . 30.29 7.31 13.61
C3D CLA RC . 31.50 7.70 13.07
C4D CLA RC . 31.70 6.89 11.85
CMD CLA RC . 29.62 7.79 14.82
CAD CLA RC . 32.64 8.58 13.20
OBD CLA RC . 32.88 9.44 14.04
CBD CLA RC . 33.60 8.29 11.99
CGD CLA RC . 33.85 9.52 11.16
O1D CLA RC . 34.85 10.24 11.18
O2D CLA RC . 32.82 9.84 10.32
CED CLA RC . 33.12 10.71 9.22
C1 CLA RC . 37.98 2.39 11.35
C2 CLA RC . 37.84 0.93 11.09
C3 CLA RC . 37.73 0.03 12.09
C4 CLA RC . 37.76 0.43 13.51
C5 CLA RC . 37.60 -1.41 11.78
MG CLA SC . 34.26 -0.36 1.98
CHA CLA SC . 35.61 2.76 2.69
CHB CLA SC . 34.14 0.45 -1.32
CHC CLA SC . 33.02 -3.50 1.32
CHD CLA SC . 34.27 -1.09 5.43
NA CLA SC . 34.80 1.33 0.88
C1A CLA SC . 35.38 2.52 1.37
C2A CLA SC . 35.61 3.51 0.23
C3A CLA SC . 35.00 2.79 -1.01
C4A CLA SC . 34.63 1.41 -0.46
CMA CLA SC . 33.81 3.53 -1.54
CAA CLA SC . 37.11 3.70 0.02
CBA CLA SC . 37.76 2.41 -0.43
CGA CLA SC . 39.25 2.48 -0.32
O1A CLA SC . 39.96 3.44 -0.03
O2A CLA SC . 39.86 1.28 -0.60
NB CLA SC . 33.70 -1.34 0.31
C1B CLA SC . 33.73 -0.84 -0.94
C2B CLA SC . 33.25 -1.86 -1.91
C3B CLA SC . 32.93 -2.98 -1.17
C4B CLA SC . 33.21 -2.66 0.26
CMB CLA SC . 33.16 -1.59 -3.35
CAB CLA SC . 32.41 -4.27 -1.57
CBB CLA SC . 31.70 -4.54 -2.67
NC CLA SC . 33.77 -2.00 3.17
C1C CLA SC . 33.28 -3.19 2.69
C2C CLA SC . 33.06 -4.11 3.80
C3C CLA SC . 33.40 -3.43 4.97
C4C CLA SC . 33.85 -2.11 4.55
CMC CLA SC . 32.56 -5.48 3.66
CAC CLA SC . 33.36 -3.94 6.35
CBC CLA SC . 32.21 -3.39 7.14
ND CLA SC . 34.81 0.55 3.69
C1D CLA SC . 34.70 0.16 5.06
C2D CLA SC . 35.16 1.26 5.92
C3D CLA SC . 35.57 2.27 5.07
C4D CLA SC . 35.32 1.78 3.70
CMD CLA SC . 35.13 1.20 7.38
CAD CLA SC . 36.11 3.62 4.95
OBD CLA SC . 36.52 4.38 5.83
CBD CLA SC . 36.12 3.98 3.43
CGD CLA SC . 35.27 5.19 3.14
O1D CLA SC . 34.08 5.21 2.82
O2D CLA SC . 35.94 6.38 3.25
CED CLA SC . 35.30 7.54 2.72
C1 CLA SC . 40.91 0.87 0.30
C2 CLA SC . 41.38 -0.45 -0.17
C3 CLA SC . 41.91 -1.36 0.67
C4 CLA SC . 42.06 -1.09 2.12
C5 CLA SC . 42.38 -2.68 0.19
C6 CLA SC . 41.89 -3.83 1.05
C7 CLA SC . 42.16 -5.17 0.40
C8 CLA SC . 41.84 -6.34 1.31
C9 CLA SC . 42.50 -6.16 2.68
C10 CLA SC . 42.31 -7.66 0.69
MG CLA TC . 28.81 -14.59 -4.73
CHA CLA TC . 28.40 -11.16 -5.15
CHB CLA TC . 26.82 -15.16 -7.42
CHC CLA TC . 29.36 -17.95 -4.34
CHD CLA TC . 30.84 -13.94 -1.91
NA CLA TC . 27.76 -13.35 -6.04
C1A CLA TC . 27.73 -11.94 -6.07
C2A CLA TC . 26.82 -11.44 -7.18
C3A CLA TC . 26.20 -12.73 -7.75
C4A CLA TC . 26.97 -13.84 -7.04
CMA CLA TC . 24.72 -12.80 -7.45
CAA CLA TC . 27.59 -10.69 -8.26
CBA CLA TC . 26.66 -10.13 -9.32
CGA CLA TC . 25.72 -9.15 -8.70
O1A CLA TC . 25.85 -8.52 -7.64
O2A CLA TC . 24.59 -8.95 -9.43
NB CLA TC . 28.16 -16.24 -5.66
C1B CLA TC . 27.47 -16.26 -6.84
C2B CLA TC . 27.47 -17.64 -7.41
C3B CLA TC . 28.19 -18.43 -6.54
C4B CLA TC . 28.63 -17.56 -5.41
CMB CLA TC . 26.80 -17.98 -8.66
CAB CLA TC . 28.48 -19.83 -6.60
CBB CLA TC . 29.62 -20.35 -7.07
NC CLA TC . 29.87 -15.73 -3.34
C1C CLA TC . 29.94 -17.10 -3.35
C2C CLA TC . 30.74 -17.57 -2.23
C3C CLA TC . 31.20 -16.43 -1.56
C4C CLA TC . 30.63 -15.28 -2.26
CMC CLA TC . 31.02 -18.97 -1.92
CAC CLA TC . 32.04 -16.38 -0.35
CBC CLA TC . 31.22 -16.36 0.92
ND CLA TC . 29.49 -12.98 -3.71
C1D CLA TC . 30.32 -12.85 -2.58
C2D CLA TC . 30.52 -11.41 -2.26
C3D CLA TC . 29.81 -10.72 -3.24
C4D CLA TC . 29.19 -11.74 -4.11
CMD CLA TC . 31.32 -10.88 -1.17
CAD CLA TC . 29.41 -9.42 -3.74
OBD CLA TC . 29.69 -8.30 -3.32
CBD CLA TC . 28.51 -9.66 -4.98
CGD CLA TC . 27.17 -9.02 -4.85
O1D CLA TC . 26.12 -9.53 -4.42
O2D CLA TC . 27.14 -7.72 -5.25
CED CLA TC . 26.19 -6.85 -4.63
C1 CLA TC . 23.79 -7.80 -9.05
C2 CLA TC . 23.09 -7.34 -10.27
C3 CLA TC . 22.91 -6.03 -10.53
C4 CLA TC . 23.40 -4.97 -9.62
C5 CLA TC . 22.20 -5.58 -11.77
C6 CLA TC . 21.94 -6.71 -12.76
C7 CLA TC . 21.37 -6.14 -14.05
C8 CLA TC . 20.39 -7.09 -14.71
C9 CLA TC . 21.05 -8.43 -15.00
C10 CLA TC . 19.84 -6.48 -15.99
C11 CLA TC . 18.94 -7.44 -16.73
C12 CLA TC . 18.11 -6.73 -17.78
C13 CLA TC . 16.94 -5.99 -17.15
C14 CLA TC . 15.73 -6.88 -17.02
C15 CLA TC . 16.57 -4.75 -17.96
C16 CLA TC . 16.15 -5.12 -19.37
C17 CLA TC . 15.41 -3.99 -20.04
C18 CLA TC . 16.09 -3.53 -21.33
C19 CLA TC . 15.79 -4.48 -22.48
C20 CLA TC . 17.59 -3.42 -21.13
MG CLA UC . 22.47 -20.67 -9.96
CHA CLA UC . 24.14 -23.31 -11.47
CHB CLA UC . 24.79 -20.62 -7.47
CHC CLA UC . 20.84 -17.99 -8.57
CHD CLA UC . 20.03 -20.82 -12.51
NA CLA UC . 24.19 -21.78 -9.57
C1A CLA UC . 24.72 -22.85 -10.32
C2A CLA UC . 26.00 -23.36 -9.67
C3A CLA UC . 26.08 -22.59 -8.34
C4A CLA UC . 24.95 -21.57 -8.46
CMA CLA UC . 25.88 -23.51 -7.16
CAA CLA UC . 27.18 -23.00 -10.55
CBA CLA UC . 27.18 -21.54 -10.99
CGA CLA UC . 28.53 -21.17 -11.54
O1A CLA UC . 29.06 -21.55 -12.57
O2A CLA UC . 29.19 -20.28 -10.74
NB CLA UC . 22.73 -19.56 -8.30
C1B CLA UC . 23.79 -19.63 -7.46
C2B CLA UC . 23.76 -18.50 -6.49
C3B CLA UC . 22.64 -17.75 -6.80
C4B CLA UC . 21.97 -18.42 -7.95
CMB CLA UC . 24.77 -18.30 -5.46
CAB CLA UC . 22.13 -16.55 -6.20
CBB CLA UC . 22.86 -15.47 -5.91
NC CLA UC . 20.74 -19.61 -10.45
C1C CLA UC . 20.26 -18.55 -9.74
C2C CLA UC . 19.04 -18.05 -10.36
C3C CLA UC . 18.79 -18.85 -11.47
C4C CLA UC . 19.87 -19.83 -11.52
CMC CLA UC . 18.26 -16.91 -9.86
CAC CLA UC . 17.68 -18.75 -12.41
CBC CLA UC . 17.93 -17.71 -13.49
ND CLA UC . 22.14 -21.72 -11.66
C1D CLA UC . 21.08 -21.70 -12.59
C2D CLA UC . 21.31 -22.75 -13.61
C3D CLA UC . 22.49 -23.39 -13.24
C4D CLA UC . 22.94 -22.73 -12.00
CMD CLA UC . 20.45 -23.01 -14.77
CAD CLA UC . 23.44 -24.43 -13.56
OBD CLA UC . 23.48 -25.18 -14.53
CBD CLA UC . 24.48 -24.47 -12.40
CGD CLA UC . 24.46 -25.82 -11.75
O1D CLA UC . 23.98 -26.86 -12.23
O2D CLA UC . 25.04 -25.90 -10.52
CED CLA UC . 24.53 -26.88 -9.61
C1 CLA UC . 30.02 -19.30 -11.38
C2 CLA UC . 30.65 -18.52 -10.29
C3 CLA UC . 31.57 -17.57 -10.48
C4 CLA UC . 32.05 -17.19 -11.82
C5 CLA UC . 32.14 -16.83 -9.31
C6 CLA UC . 31.12 -15.92 -8.66
C7 CLA UC . 31.22 -15.96 -7.14
C8 CLA UC . 32.58 -15.49 -6.63
C9 CLA UC . 33.25 -16.60 -5.83
C10 CLA UC . 32.42 -14.24 -5.76
C11 CLA UC . 33.69 -13.95 -4.99
C12 CLA UC . 33.57 -12.71 -4.11
C13 CLA UC . 34.84 -12.49 -3.30
C14 CLA UC . 34.80 -13.27 -2.01
C15 CLA UC . 35.06 -11.00 -3.03
C16 CLA UC . 36.27 -10.78 -2.15
C17 CLA UC . 37.57 -10.94 -2.92
C18 CLA UC . 38.78 -10.60 -2.06
C19 CLA UC . 38.72 -9.18 -1.54
C20 CLA UC . 40.06 -10.82 -2.83
MG CLA VC . 24.50 -18.03 24.90
CHA CLA VC . 23.81 -19.21 28.09
CHB CLA VC . 21.35 -16.73 24.70
CHC CLA VC . 25.30 -16.70 21.83
CHD CLA VC . 27.75 -19.39 25.16
NA CLA VC . 22.86 -18.02 26.19
C1A CLA VC . 22.78 -18.53 27.49
C2A CLA VC . 21.40 -18.29 28.09
C3A CLA VC . 20.60 -17.70 26.92
C4A CLA VC . 21.66 -17.44 25.85
CMA CLA VC . 19.58 -18.69 26.42
CAA CLA VC . 21.50 -17.30 29.24
CBA CLA VC . 22.26 -16.06 28.83
CGA CLA VC . 22.55 -15.18 30.02
O1A CLA VC . 23.43 -15.30 30.86
O2A CLA VC . 21.69 -14.12 30.12
NB CLA VC . 23.52 -16.92 23.54
C1B CLA VC . 22.24 -16.47 23.65
C2B CLA VC . 21.89 -15.65 22.45
C3B CLA VC . 23.00 -15.64 21.64
C4B CLA VC . 24.04 -16.46 22.31
CMB CLA VC . 20.59 -15.03 22.26
CAB CLA VC . 23.18 -15.00 20.37
CBB CLA VC . 23.42 -15.63 19.22
NC CLA VC . 26.21 -18.08 23.70
C1C CLA VC . 26.31 -17.47 22.48
C2C CLA VC . 27.64 -17.70 21.92
C3C CLA VC . 28.35 -18.44 22.86
C4C CLA VC . 27.44 -18.67 23.98
CMC CLA VC . 28.10 -17.19 20.63
CAC CLA VC . 29.74 -18.90 22.76
CBC CLA VC . 30.67 -18.05 23.58
ND CLA VC . 25.56 -19.13 26.22
C1D CLA VC . 26.90 -19.61 26.21
C2D CLA VC . 27.15 -20.35 27.47
C3D CLA VC . 26.00 -20.23 28.23
C4D CLA VC . 25.05 -19.44 27.41
CMD CLA VC . 28.41 -21.03 27.80
CAD CLA VC . 25.32 -20.58 29.46
OBD CLA VC . 25.70 -21.29 30.39
CBD CLA VC . 23.93 -19.87 29.44
CGD CLA VC . 22.79 -20.83 29.69
O1D CLA VC . 22.34 -21.68 28.92
O2D CLA VC . 22.21 -20.67 30.91
CED CLA VC . 21.49 -21.79 31.45
C1 CLA VC . 22.18 -12.84 29.69
C2 CLA VC . 21.08 -11.87 29.93
C3 CLA VC . 21.06 -10.63 29.39
C4 CLA VC . 22.16 -10.13 28.52
C5 CLA VC . 19.93 -9.70 29.65
MG CLA WC . 28.32 -19.26 33.86
CHA CLA WC . 26.49 -19.29 36.81
CHB CLA WC . 25.77 -17.67 32.29
CHC CLA WC . 30.18 -19.28 30.97
CHD CLA WC . 30.88 -21.06 35.51
NA CLA WC . 26.44 -18.57 34.48
C1A CLA WC . 25.86 -18.67 35.75
C2A CLA WC . 24.47 -18.05 35.76
C3A CLA WC . 24.24 -17.63 34.29
C4A CLA WC . 25.58 -17.96 33.62
CMA CLA WC . 23.09 -18.40 33.66
CAA CLA WC . 24.45 -16.82 36.65
CBA CLA WC . 25.53 -15.84 36.25
CGA CLA WC . 25.56 -14.67 37.18
O1A CLA WC . 24.93 -14.51 38.23
O2A CLA WC . 26.40 -13.68 36.77
NB CLA WC . 28.00 -18.66 31.97
C1B CLA WC . 26.93 -17.93 31.55
C2B CLA WC . 27.18 -17.42 30.18
C3B CLA WC . 28.42 -17.86 29.80
C4B CLA WC . 28.96 -18.65 30.93
CMB CLA WC . 26.20 -16.59 29.46
CAB CLA WC . 29.13 -17.66 28.56
CBB CLA WC . 30.31 -17.03 28.45
NC CLA WC . 30.20 -20.02 33.35
C1C CLA WC . 30.76 -19.92 32.10
C2C CLA WC . 32.06 -20.57 32.09
C3C CLA WC . 32.27 -21.08 33.38
C4C CLA WC . 31.08 -20.73 34.16
CMC CLA WC . 32.95 -20.65 30.93
CAC CLA WC . 33.44 -21.82 33.87
CBC CLA WC . 34.37 -20.96 34.70
ND CLA WC . 28.72 -19.92 35.73
C1D CLA WC . 29.79 -20.69 36.26
C2D CLA WC . 29.51 -20.99 37.69
C3D CLA WC . 28.27 -20.45 37.95
C4D CLA WC . 27.81 -19.83 36.70
CMD CLA WC . 30.41 -21.72 38.58
CAD CLA WC . 27.24 -20.24 38.95
OBD CLA WC . 27.24 -20.51 40.15
CBD CLA WC . 26.03 -19.58 38.22
CGD CLA WC . 24.85 -20.49 38.24
O1D CLA WC . 24.84 -21.70 38.47
O2D CLA WC . 23.66 -19.88 37.95
CED CLA WC . 22.50 -20.41 38.58
MG CLA XC . 16.12 -17.32 14.94
CHA CLA XC . 18.72 -18.95 16.55
CHB CLA XC . 18.13 -14.63 14.40
CHC CLA XC . 13.50 -15.76 13.35
CHD CLA XC . 14.04 -20.11 15.59
NA CLA XC . 18.11 -16.89 15.41
C1A CLA XC . 19.03 -17.70 16.08
C2A CLA XC . 20.38 -16.98 16.23
C3A CLA XC . 20.14 -15.60 15.57
C4A CLA XC . 18.70 -15.70 15.08
CMA CLA XC . 20.31 -14.48 16.57
CAA CLA XC . 21.55 -17.70 15.56
CBA CLA XC . 22.81 -17.47 16.36
CGA CLA XC . 24.03 -17.69 15.53
O1A CLA XC . 24.24 -18.57 14.70
O2A CLA XC . 25.02 -16.78 15.78
NB CLA XC . 15.87 -15.53 14.06
C1B CLA XC . 16.82 -14.58 13.89
C2B CLA XC . 16.28 -13.43 13.12
C3B CLA XC . 14.96 -13.75 12.82
C4B CLA XC . 14.69 -15.09 13.41
CMB CLA XC . 17.08 -12.26 12.79
CAB CLA XC . 13.96 -13.03 12.10
CBB CLA XC . 13.83 -11.70 12.02
NC CLA XC . 14.14 -17.85 14.55
C1C CLA XC . 13.25 -17.05 13.88
C2C CLA XC . 11.96 -17.72 13.79
C3C CLA XC . 12.09 -18.95 14.42
C4C CLA XC . 13.47 -19.02 14.90
CMC CLA XC . 10.76 -17.16 13.16
CAC CLA XC . 11.06 -19.98 14.60
CBC CLA XC . 11.29 -21.18 13.72
ND CLA XC . 16.28 -19.13 15.82
C1D CLA XC . 15.34 -20.18 16.02
C2D CLA XC . 16.01 -21.28 16.77
C3D CLA XC . 17.31 -20.85 16.99
C4D CLA XC . 17.42 -19.51 16.40
CMD CLA XC . 15.37 -22.54 17.16
CAD CLA XC . 18.58 -21.18 17.59
OBD CLA XC . 18.92 -22.18 18.20
CBD CLA XC . 19.53 -19.96 17.33
CGD CLA XC . 20.05 -19.39 18.62
O1D CLA XC . 21.23 -19.28 18.97
O2D CLA XC . 19.08 -18.93 19.45
CED CLA XC . 19.45 -18.02 20.48
C1 CLA XC . 26.36 -17.31 15.92
C2 CLA XC . 27.28 -16.16 16.05
C3 CLA XC . 28.58 -16.30 16.38
C4 CLA XC . 29.18 -17.63 16.65
C5 CLA XC . 29.48 -15.12 16.48
C6 CLA XC . 30.47 -15.23 17.61
MG CLA YC . 25.50 -15.48 7.88
CHA CLA YC . 24.13 -17.39 10.42
CHB CLA YC . 23.47 -12.88 8.74
CHC CLA YC . 26.99 -13.58 5.43
CHD CLA YC . 27.59 -18.20 7.04
NA CLA YC . 24.03 -15.21 9.34
C1A CLA YC . 23.60 -16.13 10.31
C2A CLA YC . 22.52 -15.53 11.19
C3A CLA YC . 22.25 -14.15 10.55
C4A CLA YC . 23.32 -14.04 9.47
CMA CLA YC . 20.85 -14.03 10.00
CAA CLA YC . 23.03 -15.36 12.61
CBA CLA YC . 24.25 -14.46 12.69
CGA CLA YC . 25.54 -15.24 12.56
O1A CLA YC . 25.78 -16.39 12.94
O2A CLA YC . 26.52 -14.55 11.94
NB CLA YC . 25.28 -13.59 7.22
C1B CLA YC . 24.40 -12.68 7.71
C2B CLA YC . 24.54 -11.39 6.97
C3B CLA YC . 25.55 -11.57 6.03
C4B CLA YC . 26.01 -12.98 6.17
CMB CLA YC . 23.73 -10.22 7.28
CAB CLA YC . 26.10 -10.68 5.05
CBB CLA YC . 26.27 -9.37 5.17
NC CLA YC . 26.99 -15.84 6.47
C1C CLA YC . 27.45 -14.93 5.56
C2C CLA YC . 28.50 -15.51 4.74
C3C CLA YC . 28.68 -16.81 5.20
C4C CLA YC . 27.73 -17.01 6.28
CMC CLA YC . 29.20 -14.81 3.66
CAC CLA YC . 29.64 -17.80 4.69
CBC CLA YC . 30.88 -17.89 5.54
ND CLA YC . 25.78 -17.38 8.48
C1D CLA YC . 26.69 -18.39 8.07
C2D CLA YC . 26.52 -19.59 8.91
C3D CLA YC . 25.55 -19.26 9.83
C4D CLA YC . 25.13 -17.88 9.53
CMD CLA YC . 27.25 -20.84 8.76
CAD CLA YC . 24.74 -19.71 10.97
OBD CLA YC . 24.75 -20.79 11.55
CBD CLA YC . 23.84 -18.51 11.40
CGD CLA YC . 22.38 -18.85 11.48
O1D CLA YC . 21.58 -18.51 12.36
O2D CLA YC . 21.92 -19.63 10.46
CED CLA YC . 20.56 -20.06 10.54
C1 CLA YC . 27.15 -15.18 10.80
C2 CLA YC . 28.60 -15.25 11.10
C3 CLA YC . 29.56 -14.99 10.19
C4 CLA YC . 31.00 -15.07 10.53
C5 CLA YC . 29.19 -14.60 8.79
C6 CLA YC . 30.34 -13.99 8.01
C7 CLA YC . 30.31 -12.47 8.11
C8 CLA YC . 31.33 -11.84 7.17
C9 CLA YC . 31.99 -10.64 7.82
C10 CLA YC . 30.67 -11.42 5.86
C11 CLA YC . 31.68 -10.89 4.87
C12 CLA YC . 31.10 -10.76 3.48
C13 CLA YC . 32.21 -10.72 2.44
C14 CLA YC . 33.03 -11.99 2.47
C15 CLA YC . 33.11 -9.50 2.66
C16 CLA YC . 34.36 -9.56 1.81
C17 CLA YC . 34.29 -8.63 0.61
C18 CLA YC . 34.70 -7.21 0.95
C19 CLA YC . 35.08 -6.44 -0.30
C20 CLA YC . 35.86 -7.19 1.94
MG CLA ZC . 24.80 -5.43 9.40
CHA CLA ZC . 23.23 -7.86 11.32
CHB CLA ZC . 22.46 -3.15 10.37
CHC CLA ZC . 26.37 -3.07 7.45
CHD CLA ZC . 27.11 -7.87 8.28
NA CLA ZC . 23.13 -5.51 10.66
C1A CLA ZC . 22.64 -6.62 11.36
C2A CLA ZC . 21.38 -6.24 12.15
C3A CLA ZC . 21.16 -4.75 11.80
C4A CLA ZC . 22.33 -4.43 10.88
CMA CLA ZC . 19.84 -4.52 11.12
CAA CLA ZC . 21.53 -6.44 13.65
CBA CLA ZC . 22.80 -5.85 14.21
CGA CLA ZC . 23.00 -6.39 15.59
O1A CLA ZC . 22.94 -7.57 15.97
O2A CLA ZC . 23.27 -5.42 16.52
NB CLA ZC . 24.42 -3.50 8.91
C1B CLA ZC . 23.49 -2.72 9.52
C2B CLA ZC . 23.71 -1.29 9.14
C3B CLA ZC . 24.80 -1.26 8.32
C4B CLA ZC . 25.28 -2.66 8.17
CMB CLA ZC . 22.86 -0.20 9.64
CAB CLA ZC . 25.44 -0.12 7.70
CBB CLA ZC . 25.80 -0.03 6.42
NC CLA ZC . 26.45 -5.46 8.12
C1C CLA ZC . 26.92 -4.38 7.44
C2C CLA ZC . 28.09 -4.76 6.65
C3C CLA ZC . 28.29 -6.13 6.86
C4C CLA ZC . 27.25 -6.56 7.79
CMC CLA ZC . 28.87 -3.85 5.81
CAC CLA ZC . 29.35 -6.97 6.29
CBC CLA ZC . 30.48 -7.23 7.25
ND CLA ZC . 25.24 -7.35 9.79
C1D CLA ZC . 26.17 -8.26 9.23
C2D CLA ZC . 25.98 -9.60 9.82
C3D CLA ZC . 24.88 -9.49 10.66
C4D CLA ZC . 24.43 -8.09 10.57
CMD CLA ZC . 26.81 -10.77 9.54
CAD CLA ZC . 24.01 -10.17 11.59
OBD CLA ZC . 24.10 -11.29 12.07
CBD CLA ZC . 22.86 -9.19 11.93
CGD CLA ZC . 21.54 -9.67 11.39
O1D CLA ZC . 21.35 -10.31 10.35
O2D CLA ZC . 20.46 -9.36 12.15
CED CLA ZC . 19.17 -9.53 11.57
C1 CLA ZC . 23.27 -5.83 17.91
C2 CLA ZC . 24.64 -6.34 18.20
C3 CLA ZC . 24.86 -7.55 18.75
C4 CLA ZC . 23.75 -8.46 19.09
C5 CLA ZC . 26.24 -8.04 19.03
C6 CLA ZC . 27.08 -7.04 19.82
C7 CLA ZC . 28.18 -7.77 20.56
C8 CLA ZC . 29.20 -6.83 21.19
C9 CLA ZC . 30.12 -7.60 22.11
C10 CLA ZC . 28.53 -5.68 21.93
C11 CLA ZC . 29.41 -5.06 22.98
C12 CLA ZC . 29.00 -3.64 23.31
C13 CLA ZC . 29.63 -3.16 24.62
C14 CLA ZC . 31.13 -3.03 24.49
C15 CLA ZC . 29.28 -4.08 25.78
C16 CLA ZC . 28.07 -3.58 26.54
C17 CLA ZC . 26.79 -4.26 26.10
C18 CLA ZC . 25.56 -3.70 26.81
C19 CLA ZC . 25.83 -3.50 28.29
C20 CLA ZC . 24.38 -4.62 26.62
MG CLA AD . -23.64 12.75 -4.62
CHA CLA AD . -23.22 11.57 -7.86
CHB CLA AD . -26.79 13.77 -5.42
CHC CLA AD . -24.10 13.69 -1.35
CHD CLA AD . -20.35 11.70 -3.86
NA CLA AD . -24.78 12.69 -6.37
C1A CLA AD . -24.43 12.14 -7.60
C2A CLA AD . -25.57 12.30 -8.61
C3A CLA AD . -26.58 13.18 -7.85
C4A CLA AD . -26.04 13.21 -6.43
CMA CLA AD . -26.56 14.58 -8.41
CAA CLA AD . -26.18 10.95 -8.94
CBA CLA AD . -26.66 10.19 -7.71
CGA CLA AD . -25.56 9.33 -7.17
O1A CLA AD . -24.72 8.67 -7.79
O2A CLA AD . -25.50 9.30 -5.80
NB CLA AD . -25.17 13.53 -3.57
C1B CLA AD . -26.37 13.89 -4.07
C2B CLA AD . -27.22 14.51 -3.01
C3B CLA AD . -26.46 14.50 -1.87
C4B CLA AD . -25.15 13.89 -2.20
CMB CLA AD . -28.56 15.03 -3.25
CAB CLA AD . -26.80 15.00 -0.55
CBB CLA AD . -26.89 14.27 0.55
NC CLA AD . -22.42 12.73 -2.93
C1C CLA AD . -22.82 13.17 -1.69
C2C CLA AD . -21.72 12.98 -0.74
C3C CLA AD . -20.66 12.42 -1.44
C4C CLA AD . -21.12 12.27 -2.82
CMC CLA AD . -21.79 13.34 0.67
CAC CLA AD . -19.34 12.05 -0.91
CBC CLA AD . -19.21 10.57 -0.68
ND CLA AD . -22.07 11.94 -5.60
C1D CLA AD . -20.79 11.53 -5.16
C2D CLA AD . -20.06 10.92 -6.30
C3D CLA AD . -20.94 10.92 -7.36
C4D CLA AD . -22.18 11.54 -6.87
CMD CLA AD . -18.68 10.42 -6.24
CAD CLA AD . -21.16 10.58 -8.76
OBD CLA AD . -20.37 10.12 -9.58
CBD CLA AD . -22.64 10.93 -9.10
CGD CLA AD . -22.77 11.82 -10.31
O1D CLA AD . -22.13 12.85 -10.56
O2D CLA AD . -23.73 11.41 -11.19
CED CLA AD . -24.38 12.40 -11.96
C1 CLA AD . -24.17 9.19 -5.25
C2 CLA AD . -24.29 9.02 -3.78
C3 CLA AD . -23.28 8.52 -3.05
C4 CLA AD . -21.99 8.13 -3.66
C5 CLA AD . -23.41 8.35 -1.57
C6 CLA AD . -23.69 9.65 -0.83
C7 CLA AD . -23.32 9.51 0.63
C8 CLA AD . -24.48 9.87 1.56
C9 CLA AD . -25.60 8.86 1.46
C10 CLA AD . -25.00 11.27 1.27
C11 CLA AD . -24.74 12.21 2.43
C12 CLA AD . -25.96 12.39 3.31
C13 CLA AD . -25.87 13.69 4.08
C14 CLA AD . -24.86 13.57 5.21
C15 CLA AD . -27.23 14.12 4.63
C16 CLA AD . -27.11 15.35 5.48
C17 CLA AD . -28.31 16.25 5.36
C18 CLA AD . -28.87 16.66 6.71
C19 CLA AD . -30.14 17.47 6.56
C20 CLA AD . -27.84 17.42 7.51
MG CLA BD . -11.06 3.65 4.46
CHA CLA BD . -8.76 5.64 6.13
CHB CLA BD . -10.50 1.15 6.68
CHC CLA BD . -13.41 1.76 2.81
CHD CLA BD . -11.51 6.25 2.08
NA CLA BD . -9.82 3.45 6.12
C1A CLA BD . -8.94 4.41 6.66
C2A CLA BD . -8.23 3.85 7.89
C3A CLA BD . -8.71 2.38 7.96
C4A CLA BD . -9.77 2.31 6.87
CMA CLA BD . -7.57 1.42 7.75
CAA CLA BD . -8.66 4.60 9.15
CBA CLA BD . -10.14 4.89 9.13
CGA CLA BD . -10.80 4.22 10.30
O1A CLA BD . -10.55 3.13 10.82
O2A CLA BD . -11.83 4.96 10.81
NB CLA BD . -11.79 1.79 4.69
C1B CLA BD . -11.48 0.95 5.69
C2B CLA BD . -12.33 -0.28 5.60
C3B CLA BD . -13.15 -0.13 4.52
C4B CLA BD . -12.83 1.21 3.91
CMB CLA BD . -12.22 -1.39 6.55
CAB CLA BD . -14.16 -1.01 4.00
CBB CLA BD . -14.35 -1.34 2.72
NC CLA BD . -12.24 3.96 2.75
C1C CLA BD . -13.14 3.05 2.26
C2C CLA BD . -13.79 3.59 1.07
C3C CLA BD . -13.25 4.87 0.87
C4C CLA BD . -12.27 5.08 1.93
CMC CLA BD . -14.81 2.89 0.29
CAC CLA BD . -13.59 5.81 -0.22
CBC CLA BD . -12.62 5.74 -1.38
ND CLA BD . -10.36 5.53 4.13
C1D CLA BD . -10.61 6.48 3.11
C2D CLA BD . -9.80 7.69 3.36
C3D CLA BD . -9.09 7.44 4.52
C4D CLA BD . -9.46 6.07 4.95
CMD CLA BD . -9.81 8.89 2.53
CAD CLA BD . -8.12 7.95 5.48
OBD CLA BD . -7.58 9.04 5.54
CBD CLA BD . -7.86 6.81 6.51
CGD CLA BD . -6.41 6.39 6.53
O1D CLA BD . -5.94 5.30 6.20
O2D CLA BD . -5.57 7.37 6.96
CED CLA BD . -4.18 7.06 7.06
C1 CLA BD . -12.85 4.25 11.53
C2 CLA BD . -13.68 5.27 12.20
C3 CLA BD . -14.51 4.99 13.21
C4 CLA BD . -14.68 3.61 13.74
C5 CLA BD . -15.32 6.07 13.86
C6 CLA BD . -16.81 5.78 13.81
C7 CLA BD . -17.32 5.82 12.38
C8 CLA BD . -18.78 5.42 12.30
C9 CLA BD . -19.65 6.46 12.97
C10 CLA BD . -19.01 4.06 12.94
C11 CLA BD . -20.48 3.70 12.99
C12 CLA BD . -20.73 2.23 12.78
C13 CLA BD . -22.19 1.95 12.50
C14 CLA BD . -22.83 1.21 13.66
C15 CLA BD . -22.39 1.18 11.21
C16 CLA BD . -23.58 1.72 10.44
C17 CLA BD . -23.86 0.91 9.19
C18 CLA BD . -25.02 1.50 8.40
C19 CLA BD . -25.26 0.73 7.12
C20 CLA BD . -26.28 1.51 9.24
C1 PQN CD . -7.33 7.93 -5.06
O1 PQN CD . -7.15 6.76 -5.46
C2 PQN CD . -8.70 8.41 -4.80
C2M PQN CD . -9.86 7.49 -5.04
C3 PQN CD . -8.92 9.81 -4.32
C4 PQN CD . -7.76 10.69 -4.09
O4 PQN CD . -7.94 11.86 -3.69
C5 PQN CD . -6.38 10.20 -4.35
C6 PQN CD . -5.28 11.03 -4.15
C7 PQN CD . -3.99 10.53 -4.39
C8 PQN CD . -3.80 9.24 -4.85
C9 PQN CD . -4.87 8.38 -5.07
C10 PQN CD . -6.16 8.82 -4.83
C11 PQN CD . -10.32 10.30 -4.05
C12 PQN CD . -10.72 9.83 -2.68
C13 PQN CD . -11.50 10.54 -1.86
C14 PQN CD . -12.03 11.87 -2.28
C15 PQN CD . -11.82 9.98 -0.49
C16 PQN CD . -13.31 10.08 -0.20
C17 PQN CD . -13.57 9.56 1.22
C18 PQN CD . -15.03 9.68 1.61
C19 PQN CD . -15.61 11.03 1.22
C20 PQN CD . -15.15 9.46 3.11
C21 PQN CD . -14.89 8.01 3.49
C22 PQN CD . -16.11 7.14 3.23
C23 PQN CD . -15.88 5.70 3.68
C24 PQN CD . -17.11 4.85 3.38
C25 PQN CD . -15.54 5.67 5.16
C26 PQN CD . -14.45 4.65 5.47
C27 PQN CD . -15.02 3.31 5.90
C28 PQN CD . -14.99 3.13 7.41
C29 PQN CD . -15.39 1.72 7.81
C30 PQN CD . -13.63 3.50 7.98
MG CLA DD . 38.24 3.77 21.68
CHA CLA DD . 41.39 3.55 20.24
CHB CLA DD . 37.23 1.08 19.84
CHC CLA DD . 35.26 3.82 23.38
CHD CLA DD . 39.40 6.48 23.63
NA CLA DD . 39.16 2.57 20.22
C1A CLA DD . 40.49 2.63 19.78
C2A CLA DD . 40.75 1.56 18.73
C3A CLA DD . 39.36 0.93 18.48
C4A CLA DD . 38.50 1.56 19.59
CMA CLA DD . 38.83 1.21 17.10
CAA CLA DD . 41.72 0.53 19.28
CBA CLA DD . 41.89 -0.67 18.36
CGA CLA DD . 43.06 -1.46 18.83
O1A CLA DD . 43.35 -1.81 19.98
O2A CLA DD . 43.90 -1.83 17.82
NB CLA DD . 36.56 2.66 21.61
C1B CLA DD . 36.35 1.57 20.83
C2B CLA DD . 35.03 0.96 21.15
C3B CLA DD . 34.47 1.73 22.15
C4B CLA DD . 35.43 2.83 22.45
CMB CLA DD . 34.55 -0.23 20.46
CAB CLA DD . 33.21 1.63 22.85
CBB CLA DD . 32.22 0.77 22.63
NC CLA DD . 37.45 4.98 23.18
C1C CLA DD . 36.20 4.83 23.71
C2C CLA DD . 35.98 5.84 24.74
C3C CLA DD . 37.16 6.58 24.84
C4C CLA DD . 38.08 6.03 23.86
CMC CLA DD . 34.75 5.99 25.52
CAC CLA DD . 37.44 7.70 25.75
CBC CLA DD . 38.50 7.37 26.77
ND CLA DD . 39.91 4.90 21.83
C1D CLA DD . 40.27 5.96 22.71
C2D CLA DD . 41.66 6.36 22.45
C3D CLA DD . 42.15 5.47 21.52
C4D CLA DD . 41.03 4.56 21.18
CMD CLA DD . 42.35 7.48 23.10
CAD CLA DD . 43.28 5.08 20.70
OBD CLA DD . 44.38 5.62 20.55
CBD CLA DD . 42.87 3.77 19.95
CGD CLA DD . 43.18 3.79 18.48
O1D CLA DD . 43.46 2.83 17.76
O2D CLA DD . 43.17 5.03 17.93
CED CLA DD . 43.65 5.14 16.59
C1 CLA DD . 44.36 -3.19 17.85
C2 CLA DD . 44.75 -3.53 16.46
C3 CLA DD . 44.95 -4.80 16.05
C4 CLA DD . 44.78 -5.95 16.96
C5 CLA DD . 45.34 -5.10 14.64
C6 CLA DD . 45.54 -3.85 13.80
C7 CLA DD . 46.05 -4.22 12.43
C8 CLA DD . 46.56 -3.02 11.66
C9 CLA DD . 45.67 -1.82 11.89
C10 CLA DD . 46.64 -3.33 10.17
C11 CLA DD . 48.01 -3.03 9.61
C12 CLA DD . 48.16 -3.56 8.20
C13 CLA DD . 48.83 -4.93 8.19
C14 CLA DD . 50.09 -4.91 7.33
C15 CLA DD . 47.91 -6.04 7.72
C16 CLA DD . 46.59 -5.55 7.13
C17 CLA DD . 45.77 -6.70 6.58
C18 CLA DD . 44.84 -7.27 7.64
C19 CLA DD . 44.75 -8.77 7.53
C20 CLA DD . 43.45 -6.67 7.48
O1 LHG ED . -2.26 21.65 7.30
C1 LHG ED . -1.12 20.96 6.91
C2 LHG ED . -1.41 19.46 6.99
O2 LHG ED . -0.87 18.95 8.16
C3 LHG ED . -0.77 18.75 5.79
O3 LHG ED . -1.60 17.69 5.44
P LHG ED . -0.94 16.42 4.63
O4 LHG ED . 0.56 16.45 4.80
O5 LHG ED . -1.28 16.52 3.16
O6 LHG ED . -1.54 14.99 5.25
C4 LHG ED . -0.80 13.80 5.00
C5 LHG ED . -1.41 12.64 5.79
C6 LHG ED . -0.43 12.16 6.84
O7 LHG ED . -2.60 13.06 6.41
C7 LHG ED . -3.57 12.05 6.53
O9 LHG ED . -3.41 11.02 5.96
C8 LHG ED . -4.82 12.25 7.39
C9 LHG ED . -5.56 10.92 7.63
C10 LHG ED . -6.33 10.90 8.97
O8 LHG ED . -1.00 12.33 8.10
C23 LHG ED . -0.11 12.16 9.15
O10 LHG ED . 1.07 12.27 8.96
C24 LHG ED . -0.63 11.81 10.56
C11 LHG ED . -7.87 10.83 8.76
C12 LHG ED . -8.56 10.00 9.90
C13 LHG ED . -10.03 9.59 9.56
C14 LHG ED . -10.76 8.95 10.75
C15 LHG ED . -9.81 8.64 11.93
C16 LHG ED . -9.70 7.14 12.24
C17 LHG ED . -9.37 6.86 13.70
C18 LHG ED . -8.77 5.47 13.91
C19 LHG ED . -8.89 5.01 15.36
C20 LHG ED . -7.93 3.88 15.68
C21 LHG ED . -8.25 3.21 17.03
C25 LHG ED . -0.88 10.32 10.68
C26 LHG ED . -0.31 9.51 9.75
C27 LHG ED . -0.53 7.96 9.79
C28 LHG ED . -0.44 7.33 8.37
C29 LHG ED . 0.95 6.73 8.08
C30 LHG ED . 0.88 5.19 7.87
C31 LHG ED . -0.37 4.57 8.52
C32 LHG ED . -0.22 3.06 8.78
C33 LHG ED . -1.54 2.44 9.28
C34 LHG ED . -1.41 0.92 9.53
C35 LHG ED . -2.76 0.26 9.86
C36 LHG ED . -2.68 -1.27 9.76
C37 LHG ED . -3.52 -1.96 10.84
C38 LHG ED . -3.33 -3.49 10.81
O1 LHG FD . 31.70 6.02 21.25
C1 LHG FD . 32.77 6.21 22.12
C2 LHG FD . 33.66 7.27 21.50
O2 LHG FD . 33.02 7.80 20.38
C3 LHG FD . 34.98 6.63 21.07
O3 LHG FD . 34.78 6.03 19.82
P LHG FD . 36.04 6.00 18.79
O4 LHG FD . 37.27 5.49 19.49
O5 LHG FD . 36.31 7.38 18.26
O6 LHG FD . 35.68 4.98 17.51
C4 LHG FD . 36.17 3.64 17.58
C5 LHG FD . 35.40 2.80 16.55
C6 LHG FD . 34.82 1.57 17.24
O7 LHG FD . 34.35 3.57 16.03
C7 LHG FD . 34.52 3.88 14.67
O9 LHG FD . 35.60 4.11 14.24
C8 LHG FD . 33.29 3.92 13.72
C9 LHG FD . 33.60 3.30 12.36
C10 LHG FD . 32.55 2.25 11.91
O8 LHG FD . 34.99 0.48 16.40
C23 LHG FD . 33.80 0.02 15.86
O10 LHG FD . 32.76 0.32 16.36
C24 LHG FD . 33.80 -0.88 14.59
C11 LHG FD . 33.03 1.40 10.71
C12 LHG FD . 32.05 0.22 10.38
C13 LHG FD . 32.82 -1.09 9.99
C25 LHG FD . 32.68 -1.91 14.62
C1 BCR GD . -5.88 -3.51 38.25
C2 BCR GD . -6.01 -3.27 36.75
C3 BCR GD . -6.10 -4.57 35.96
C4 BCR GD . -4.85 -5.39 36.20
C5 BCR GD . -4.77 -5.68 37.67
C6 BCR GD . -5.08 -4.76 38.60
C7 BCR GD . -4.70 -4.95 40.01
C8 BCR GD . -3.44 -4.74 40.42
C9 BCR GD . -3.06 -4.93 41.82
C10 BCR GD . -1.84 -4.56 42.22
C11 BCR GD . -1.39 -4.69 43.59
C33 BCR GD . -4.32 -7.05 38.09
C31 BCR GD . -7.26 -3.67 38.87
C32 BCR GD . -5.20 -2.29 38.86
C34 BCR GD . -4.03 -5.52 42.81
C12 BCR GD . -0.16 -4.24 43.88
C13 BCR GD . 0.41 -4.30 45.24
C14 BCR GD . 1.66 -3.86 45.43
C15 BCR GD . 2.30 -3.87 46.73
C16 BCR GD . 3.55 -3.42 46.82
C17 BCR GD . 4.26 -3.39 48.09
C18 BCR GD . 5.56 -3.09 48.13
C19 BCR GD . 6.26 -3.04 49.43
C20 BCR GD . 7.57 -2.80 49.48
C21 BCR GD . 8.22 -2.75 50.79
C22 BCR GD . 9.54 -2.53 50.91
C23 BCR GD . 10.12 -2.49 52.26
C24 BCR GD . 11.44 -2.59 52.44
C25 BCR GD . 12.02 -2.54 53.80
C26 BCR GD . 12.08 -1.36 54.45
C27 BCR GD . 12.24 -1.27 55.95
C28 BCR GD . 12.16 -2.65 56.57
C29 BCR GD . 13.10 -3.58 55.81
C30 BCR GD . 12.56 -3.81 54.41
C35 BCR GD . -0.39 -4.86 46.38
C36 BCR GD . 6.30 -2.78 46.87
C37 BCR GD . 10.40 -2.32 49.70
C38 BCR GD . 12.01 -0.08 53.67
C39 BCR GD . 11.43 -4.83 54.48
C40 BCR GD . 13.67 -4.33 53.50
C1 BCR HD . -0.13 -4.51 28.14
C2 BCR HD . -0.21 -3.46 27.03
C3 BCR HD . 1.01 -3.51 26.14
C4 BCR HD . 2.25 -3.20 26.96
C5 BCR HD . 2.34 -4.20 28.08
C6 BCR HD . 1.24 -4.56 28.75
C7 BCR HD . 1.37 -5.06 30.14
C8 BCR HD . 1.74 -4.21 31.09
C9 BCR HD . 1.86 -4.62 32.50
C10 BCR HD . 2.57 -3.84 33.31
C11 BCR HD . 2.74 -4.17 34.72
C33 BCR HD . 3.68 -4.77 28.42
C31 BCR HD . -0.47 -5.89 27.59
C32 BCR HD . -1.15 -4.15 29.21
C34 BCR HD . 1.21 -5.88 33.01
C12 BCR HD . 3.13 -3.17 35.51
C13 BCR HD . 3.33 -3.34 36.95
C14 BCR HD . 3.66 -2.28 37.67
C15 BCR HD . 3.85 -2.37 39.10
C16 BCR HD . 4.15 -1.27 39.78
C17 BCR HD . 4.34 -1.36 41.23
C18 BCR HD . 4.62 -0.29 41.96
C19 BCR HD . 4.79 -0.46 43.41
C20 BCR HD . 4.86 0.57 44.24
C21 BCR HD . 5.04 0.25 45.65
C22 BCR HD . 5.31 1.19 46.56
C23 BCR HD . 5.48 0.77 47.96
C24 BCR HD . 5.59 1.65 48.94
C25 BCR HD . 5.75 1.23 50.35
C26 BCR HD . 4.77 0.58 50.99
C27 BCR HD . 5.02 -0.18 52.28
C28 BCR HD . 6.51 -0.28 52.54
C29 BCR HD . 7.14 1.09 52.43
C30 BCR HD . 7.06 1.60 51.01
C35 BCR HD . 3.14 -4.69 37.60
C36 BCR HD . 4.75 1.06 41.32
C37 BCR HD . 5.48 2.63 46.16
C38 BCR HD . 3.36 0.59 50.48
C39 BCR HD . 8.19 0.99 50.19
C40 BCR HD . 7.18 3.12 50.99
C1 BCR ID . 35.28 -8.23 21.35
C2 BCR ID . 35.74 -9.16 22.48
C3 BCR ID . 36.26 -8.50 23.75
C4 BCR ID . 35.47 -7.25 24.10
C5 BCR ID . 35.65 -6.35 22.91
C6 BCR ID . 35.20 -6.77 21.73
C7 BCR ID . 34.56 -5.86 20.76
C8 BCR ID . 33.70 -4.93 21.15
C9 BCR ID . 33.06 -4.02 20.17
C10 BCR ID . 32.16 -3.14 20.62
C11 BCR ID . 31.47 -2.22 19.74
C33 BCR ID . 36.38 -5.05 23.08
C31 BCR ID . 33.89 -8.67 20.89
C32 BCR ID . 36.25 -8.34 20.18
C34 BCR ID . 33.42 -4.07 18.72
C12 BCR ID . 30.55 -1.43 20.30
C13 BCR ID . 29.78 -0.46 19.52
C14 BCR ID . 28.79 0.19 20.14
C15 BCR ID . 27.97 1.16 19.43
C16 BCR ID . 26.91 1.66 20.05
C17 BCR ID . 26.07 2.61 19.35
C18 BCR ID . 24.96 3.09 19.93
C19 BCR ID . 24.13 4.04 19.19
C20 BCR ID . 23.07 4.61 19.72
C21 BCR ID . 22.34 5.54 18.87
C22 BCR ID . 21.31 6.27 19.33
C23 BCR ID . 20.64 7.17 18.39
C24 BCR ID . 19.56 7.86 18.74
C25 BCR ID . 18.91 8.76 17.78
C26 BCR ID . 18.17 8.26 16.79
C27 BCR ID . 17.71 9.12 15.64
C28 BCR ID . 17.29 10.45 16.22
C29 BCR ID . 18.50 11.10 16.87
C30 BCR ID . 19.11 10.25 17.99
C35 BCR ID . 30.08 -0.21 18.07
C36 BCR ID . 24.56 2.64 21.31
C37 BCR ID . 20.88 6.17 20.76
C38 BCR ID . 17.74 6.81 16.80
C39 BCR ID . 18.47 10.61 19.32
C40 BCR ID . 20.60 10.55 18.05
C1 BCR JD . 16.82 2.93 11.94
C2 BCR JD . 16.80 4.26 11.21
C3 BCR JD . 17.40 5.33 12.11
C4 BCR JD . 16.48 5.58 13.28
C5 BCR JD . 16.05 4.27 13.91
C6 BCR JD . 16.31 3.08 13.36
C7 BCR JD . 16.12 1.82 14.12
C8 BCR JD . 16.97 1.47 15.08
C9 BCR JD . 16.80 0.22 15.84
C10 BCR JD . 17.75 -0.10 16.72
C11 BCR JD . 17.69 -1.32 17.53
C33 BCR JD . 15.29 4.36 15.20
C31 BCR JD . 18.25 2.41 11.98
C32 BCR JD . 15.94 1.92 11.22
C34 BCR JD . 15.59 -0.65 15.63
C12 BCR JD . 18.78 -1.62 18.22
C13 BCR JD . 18.90 -2.81 19.06
C14 BCR JD . 20.09 -3.10 19.59
C15 BCR JD . 20.29 -4.27 20.42
C16 BCR JD . 21.50 -4.52 20.90
C17 BCR JD . 21.72 -5.70 21.72
C18 BCR JD . 22.92 -5.92 22.27
C19 BCR JD . 23.12 -7.13 23.09
C20 BCR JD . 24.33 -7.41 23.58
C21 BCR JD . 24.51 -8.61 24.39
C22 BCR JD . 25.74 -9.10 24.57
C23 BCR JD . 25.94 -10.33 25.36
C24 BCR JD . 26.40 -11.39 24.70
C25 BCR JD . 26.66 -12.69 25.33
C26 BCR JD . 27.93 -13.05 25.51
C27 BCR JD . 28.33 -14.50 25.57
C28 BCR JD . 27.28 -15.28 26.33
C29 BCR JD . 25.92 -15.05 25.69
C30 BCR JD . 25.50 -13.58 25.71
C35 BCR JD . 17.73 -3.69 19.34
C36 BCR JD . 24.05 -4.97 22.03
C37 BCR JD . 26.92 -8.39 23.98
C38 BCR JD . 29.00 -12.00 25.66
C39 BCR JD . 25.01 -13.20 27.10
C40 BCR JD . 24.39 -13.38 24.69
FE1 SF4 KD . 3.74 13.30 -8.09
FE2 SF4 KD . 6.66 14.03 -8.37
FE3 SF4 KD . 4.77 15.89 -6.99
FE4 SF4 KD . 4.57 15.47 -9.97
S1 SF4 KD . 6.12 16.07 -8.64
S2 SF4 KD . 3.21 15.37 -8.34
S3 SF4 KD . 5.12 13.42 -9.71
S4 SF4 KD . 5.29 13.84 -6.75
C1 XAT LD . 29.56 4.57 45.43
C2 XAT LD . 30.53 4.93 44.32
C3 XAT LD . 31.27 3.66 43.93
C4 XAT LD . 30.31 2.78 43.16
C5 XAT LD . 28.94 2.57 43.83
C6 XAT LD . 28.59 3.48 45.02
C7 XAT LD . 27.10 3.82 45.07
C8 XAT LD . 26.39 3.12 45.93
C9 XAT LD . 24.95 3.28 46.19
C10 XAT LD . 24.22 2.16 46.23
C11 XAT LD . 22.80 2.16 46.53
C12 XAT LD . 22.31 0.94 46.74
C13 XAT LD . 20.94 0.67 47.15
C14 XAT LD . 20.35 -0.48 46.80
C15 XAT LD . 19.01 -0.73 47.33
C16 XAT LD . 28.81 5.83 45.86
C17 XAT LD . 30.35 4.08 46.64
C18 XAT LD . 27.73 2.16 42.98
C19 XAT LD . 24.33 4.62 46.42
C20 XAT LD . 20.23 1.64 48.04
O3 XAT LD . 32.36 4.00 43.08
O4 XAT LD . 28.99 2.10 45.17
C21 XAT LD . 10.43 -9.00 52.44
C22 XAT LD . 9.04 -9.40 52.91
C23 XAT LD . 8.25 -8.16 53.27
C24 XAT LD . 7.89 -7.52 51.94
C25 XAT LD . 9.15 -7.03 51.21
C26 XAT LD . 10.47 -7.74 51.55
C27 XAT LD . 11.48 -7.77 50.41
C28 XAT LD . 12.40 -6.82 50.53
C29 XAT LD . 13.54 -6.60 49.61
C30 XAT LD . 13.99 -5.35 49.49
C31 XAT LD . 15.15 -5.04 48.69
C32 XAT LD . 15.49 -3.78 48.48
C33 XAT LD . 16.73 -3.51 47.73
C34 XAT LD . 17.31 -2.32 47.93
C35 XAT LD . 18.58 -1.98 47.32
C36 XAT LD . 11.06 -10.17 51.68
C37 XAT LD . 11.30 -8.73 53.67
C38 XAT LD . 9.11 -6.56 49.76
C39 XAT LD . 14.18 -7.74 48.89
C40 XAT LD . 17.35 -4.54 46.84
O23 XAT LD . 7.06 -8.53 53.97
O24 XAT LD . 10.14 -6.46 52.07
C1 LMG MD . 25.17 -22.02 45.37
O1 LMG MD . 25.86 -20.78 45.30
C2 LMG MD . 26.15 -23.16 45.60
O2 LMG MD . 27.13 -23.19 44.55
C3 LMG MD . 25.39 -24.47 45.64
O3 LMG MD . 26.28 -25.54 45.97
C4 LMG MD . 24.26 -24.40 46.65
O4 LMG MD . 24.82 -24.46 47.97
C5 LMG MD . 23.43 -23.14 46.52
O5 LMG MD . 21.18 -23.46 47.33
C6 LMG MD . 22.48 -22.99 47.69
O6 LMG MD . 24.26 -21.98 46.47
C7 LMG MD . 24.96 -19.68 45.15
C8 LMG MD . 25.22 -19.00 43.80
C9 LMG MD . 24.33 -17.77 43.68
O7 LMG MD . 26.58 -18.60 43.73
C10 LMG MD . 26.78 -17.57 42.73
O9 LMG MD . 27.06 -17.90 41.59
C11 LMG MD . 26.65 -16.11 43.09
C12 LMG MD . 26.62 -15.29 41.81
C13 LMG MD . 25.46 -14.31 41.83
C14 LMG MD . 25.78 -13.08 40.97
C15 LMG MD . 26.50 -12.02 41.78
C16 LMG MD . 27.08 -10.95 40.88
C17 LMG MD . 26.23 -9.68 40.95
O8 LMG MD . 24.51 -16.93 44.82
C28 LMG MD . 23.44 -16.04 45.24
O10 LMG MD . 22.86 -16.26 46.28
C29 LMG MD . 23.08 -14.85 44.40
C30 LMG MD . 22.39 -13.81 45.27
C31 LMG MD . 23.15 -12.48 45.22
C32 LMG MD . 22.34 -11.38 45.89
C33 LMG MD . 22.85 -10.01 45.47
C34 LMG MD . 22.89 -9.06 46.66
MG CLA ND . -18.78 15.89 0.91
CHA CLA ND . -21.59 16.73 2.75
CHB CLA ND . -16.96 15.71 3.78
CHC CLA ND . -16.10 14.79 -0.93
CHD CLA ND . -20.69 16.17 -2.05
NA CLA ND . -19.22 16.22 2.93
C1A CLA ND . -20.47 16.53 3.49
C2A CLA ND . -20.35 16.68 5.01
C3A CLA ND . -18.84 16.54 5.27
C4A CLA ND . -18.28 16.12 3.91
CMA CLA ND . -18.24 17.85 5.74
CAA CLA ND . -21.10 15.57 5.72
CBA CLA ND . -21.80 16.09 6.96
CGA CLA ND . -21.97 14.97 7.95
O1A CLA ND . -21.09 14.34 8.56
O2A CLA ND . -23.28 14.65 8.17
NB CLA ND . -16.89 15.37 1.34
C1B CLA ND . -16.35 15.31 2.59
C2B CLA ND . -14.97 14.75 2.51
C3B CLA ND . -14.71 14.48 1.18
C4B CLA ND . -15.93 14.89 0.42
CMB CLA ND . -14.12 14.56 3.68
CAB CLA ND . -13.54 13.94 0.57
CBB CLA ND . -12.64 14.65 -0.12
NC CLA ND . -18.46 15.58 -1.12
C1C CLA ND . -17.28 15.12 -1.66
C2C CLA ND . -17.42 14.98 -3.10
C3C CLA ND . -18.71 15.38 -3.43
C4C CLA ND . -19.36 15.74 -2.18
CMC CLA ND . -16.36 14.51 -4.01
CAC CLA ND . -19.33 15.41 -4.76
CBC CLA ND . -19.35 16.80 -5.35
ND CLA ND . -20.67 16.40 0.39
C1D CLA ND . -21.32 16.47 -0.86
C2D CLA ND . -22.73 16.87 -0.65
C3D CLA ND . -22.91 16.95 0.72
C4D CLA ND . -21.59 16.65 1.32
CMD CLA ND . -23.72 17.07 -1.71
CAD CLA ND . -23.82 17.24 1.81
OBD CLA ND . -25.00 17.56 1.77
CBD CLA ND . -23.01 17.08 3.13
CGD CLA ND . -23.06 18.33 3.98
O1D CLA ND . -22.17 19.18 4.12
O2D CLA ND . -24.23 18.49 4.64
CED CLA ND . -24.23 19.37 5.76
C1 CLA ND . -23.77 14.89 9.51
C2 CLA ND . -25.24 14.98 9.39
C3 CLA ND . -26.05 13.90 9.44
C4 CLA ND . -25.52 12.53 9.63
C5 CLA ND . -27.53 14.04 9.32
C6 CLA ND . -28.27 13.64 10.57
C7 CLA ND . -28.18 14.73 11.63
C8 CLA ND . -29.54 15.00 12.26
C9 CLA ND . -29.54 16.34 12.97
C10 CLA ND . -29.94 13.88 13.20
C11 CLA ND . -29.35 14.05 14.59
C12 CLA ND . -28.97 12.73 15.22
C13 CLA ND . -30.10 12.19 16.10
C14 CLA ND . -30.53 13.23 17.12
C15 CLA ND . -29.68 10.90 16.80
C16 CLA ND . -30.78 10.37 17.69
C17 CLA ND . -31.98 9.92 16.88
C18 CLA ND . -33.27 10.14 17.64
C19 CLA ND . -34.46 10.11 16.71
C20 CLA ND . -33.44 9.09 18.72
MG CLA OD . 28.54 -1.46 -10.42
CHA CLA OD . 28.29 -1.67 -6.96
CHB CLA OD . 31.92 -1.73 -10.19
CHC CLA OD . 28.73 -1.39 -13.85
CHD CLA OD . 25.02 -1.18 -10.61
NA CLA OD . 29.86 -1.65 -8.82
C1A CLA OD . 29.56 -1.73 -7.45
C2A CLA OD . 30.84 -1.86 -6.61
C3A CLA OD . 31.97 -1.78 -7.66
C4A CLA OD . 31.22 -1.72 -8.99
CMA CLA OD . 32.80 -0.54 -7.46
CAA CLA OD . 30.90 -3.19 -5.88
CBA CLA OD . 31.06 -4.36 -6.85
CGA CLA OD . 29.82 -5.20 -6.84
O1A CLA OD . 29.53 -6.13 -6.09
O2A CLA OD . 28.94 -4.85 -7.82
NB CLA OD . 30.04 -1.53 -11.76
C1B CLA OD . 31.35 -1.67 -11.47
C2B CLA OD . 32.14 -1.74 -12.74
C3B CLA OD . 31.25 -1.64 -13.78
C4B CLA OD . 29.89 -1.51 -13.17
CMB CLA OD . 33.59 -1.88 -12.77
CAB CLA OD . 31.49 -1.66 -15.20
CBB CLA OD . 30.97 -2.53 -16.05
NC CLA OD . 27.13 -1.30 -11.94
C1C CLA OD . 27.43 -1.28 -13.28
C2C CLA OD . 26.20 -1.16 -14.07
C3C CLA OD . 25.15 -1.11 -13.15
C4C CLA OD . 25.74 -1.19 -11.81
CMC CLA OD . 26.14 -1.13 -15.52
CAC CLA OD . 23.72 -1.00 -13.46
CBC CLA OD . 23.08 -2.36 -13.64
ND CLA OD . 26.98 -1.40 -9.14
C1D CLA OD . 25.57 -1.27 -9.35
C2D CLA OD . 24.90 -1.28 -8.03
C3D CLA OD . 25.88 -1.44 -7.09
C4D CLA OD . 27.16 -1.51 -7.83
CMD CLA OD . 23.45 -1.16 -7.84
CAD CLA OD . 26.19 -1.55 -5.67
OBD CLA OD . 25.44 -1.53 -4.71
CBD CLA OD . 27.73 -1.71 -5.55
CGD CLA OD . 28.34 -0.64 -4.68
O1D CLA OD . 28.23 0.59 -4.81
O2D CLA OD . 29.09 -1.12 -3.65
CED CLA OD . 29.44 -0.21 -2.61
C1 CLA OD . 28.06 -5.89 -8.28
C2 CLA OD . 27.19 -5.30 -9.32
C3 CLA OD . 27.43 -5.42 -10.64
C4 CLA OD . 26.52 -4.80 -11.64
C5 CLA OD . 28.60 -6.19 -11.15
C6 CLA OD . 29.74 -5.32 -11.63
C7 CLA OD . 29.67 -5.06 -13.12
C8 CLA OD . 30.40 -6.10 -13.96
C9 CLA OD . 31.90 -5.99 -13.71
C10 CLA OD . 30.07 -5.93 -15.43
C11 CLA OD . 31.26 -6.16 -16.35
C12 CLA OD . 31.17 -7.49 -17.06
C13 CLA OD . 30.02 -7.53 -18.05
C14 CLA OD . 28.99 -8.56 -17.62
C15 CLA OD . 30.53 -7.81 -19.46
C16 CLA OD . 29.56 -8.65 -20.27
C17 CLA OD . 28.85 -7.84 -21.33
C18 CLA OD . 29.28 -8.25 -22.72
C19 CLA OD . 28.24 -9.14 -23.38
C20 CLA OD . 29.54 -7.03 -23.58
MG CLA PD . -10.46 -6.57 -7.44
CHA CLA PD . -9.45 -9.05 -5.24
CHB CLA PD . -13.69 -7.09 -6.50
CHC CLA PD . -11.37 -3.88 -9.33
CHD CLA PD . -7.09 -6.11 -8.40
NA CLA PD . -11.40 -7.92 -6.15
C1A CLA PD . -10.80 -8.87 -5.32
C2A CLA PD . -11.85 -9.68 -4.56
C3A CLA PD . -13.17 -9.24 -5.25
C4A CLA PD . -12.75 -7.99 -6.02
CMA CLA PD . -13.70 -10.31 -6.16
CAA CLA PD . -11.82 -9.34 -3.08
CBA CLA PD . -12.74 -10.25 -2.29
CGA CLA PD . -14.06 -9.55 -2.10
O1A CLA PD . -14.40 -8.44 -2.50
O2A CLA PD . -14.96 -10.28 -1.38
NB CLA PD . -12.22 -5.75 -7.96
C1B CLA PD . -13.36 -5.93 -7.22
C2B CLA PD . -14.21 -4.72 -7.25
C3B CLA PD . -13.57 -3.80 -8.06
C4B CLA PD . -12.31 -4.45 -8.52
CMB CLA PD . -15.49 -4.64 -6.54
CAB CLA PD . -13.94 -2.46 -8.45
CBB CLA PD . -15.17 -1.96 -8.53
NC CLA PD . -9.42 -5.29 -8.72
C1C CLA PD . -10.01 -4.30 -9.45
C2C CLA PD . -9.01 -3.64 -10.28
C3C CLA PD . -7.79 -4.23 -9.96
C4C CLA PD . -8.06 -5.28 -8.99
CMC CLA PD . -9.27 -2.54 -11.21
CAC CLA PD . -6.46 -3.92 -10.56
CBC CLA PD . -6.11 -4.87 -11.67
ND CLA PD . -8.66 -7.36 -6.98
C1D CLA PD . -7.35 -7.08 -7.45
C2D CLA PD . -6.38 -7.93 -6.72
C3D CLA PD . -7.13 -8.66 -5.82
C4D CLA PD . -8.54 -8.30 -6.05
CMD CLA PD . -4.94 -7.88 -6.93
CAD CLA PD . -7.11 -9.66 -4.75
OBD CLA PD . -6.18 -10.18 -4.17
CBD CLA PD . -8.59 -9.97 -4.39
CGD CLA PD . -8.93 -11.42 -4.56
O1D CLA PD . -9.70 -11.92 -5.39
O2D CLA PD . -8.30 -12.23 -3.68
CED CLA PD . -8.14 -13.60 -4.04
C1 CLA PD . -15.61 -9.58 -0.30
C2 CLA PD . -16.31 -10.61 0.48
C3 CLA PD . -16.56 -10.50 1.79
C4 CLA PD . -17.26 -11.56 2.54
C5 CLA PD . -16.15 -9.29 2.56
C6 CLA PD . -17.19 -8.91 3.60
C7 CLA PD . -16.56 -8.73 4.97
C8 CLA PD . -17.60 -8.75 6.09
C9 CLA PD . -18.89 -8.09 5.65
C10 CLA PD . -17.06 -8.10 7.36
C11 CLA PD . -17.33 -6.61 7.41
C12 CLA PD . -16.07 -5.80 7.16
C13 CLA PD . -16.38 -4.47 6.48
C14 CLA PD . -15.46 -4.25 5.29
C15 CLA PD . -16.30 -3.30 7.45
C16 CLA PD . -15.14 -3.45 8.41
C17 CLA PD . -15.16 -2.39 9.50
C18 CLA PD . -16.28 -2.63 10.50
C19 CLA PD . -16.04 -3.89 11.29
C20 CLA PD . -16.40 -1.44 11.43
MG CLA QD . -2.14 -15.97 -6.83
CHA CLA QD . -3.63 -15.14 -9.84
CHB CLA QD . -0.89 -12.82 -6.58
CHC CLA QD . -1.07 -16.73 -3.66
CHD CLA QD . -3.44 -19.24 -7.15
NA CLA QD . -2.18 -14.30 -8.08
C1A CLA QD . -2.88 -14.15 -9.29
C2A CLA QD . -2.61 -12.76 -9.86
C3A CLA QD . -1.46 -12.22 -8.98
C4A CLA QD . -1.49 -13.16 -7.77
CMA CLA QD . -0.13 -12.30 -9.71
CAA CLA QD . -3.82 -11.85 -9.78
CBA CLA QD . -3.62 -10.62 -10.63
CGA CLA QD . -4.70 -9.62 -10.36
O1A CLA QD . -4.66 -8.40 -10.46
O2A CLA QD . -5.87 -10.21 -9.98
NB CLA QD . -1.11 -14.98 -5.41
C1B CLA QD . -0.86 -13.64 -5.43
C2B CLA QD . -0.52 -13.17 -4.05
C3B CLA QD . -0.57 -14.27 -3.23
C4B CLA QD . -0.92 -15.44 -4.08
CMB CLA QD . -0.19 -11.78 -3.71
CAB CLA QD . -0.30 -14.40 -1.82
CBB CLA QD . 0.78 -13.94 -1.19
NC CLA QD . -2.16 -17.71 -5.66
C1C CLA QD . -1.62 -17.80 -4.41
C2C CLA QD . -1.80 -19.16 -3.90
C3C CLA QD . -2.51 -19.86 -4.87
C4C CLA QD . -2.73 -18.93 -5.98
CMC CLA QD . -1.35 -19.62 -2.60
CAC CLA QD . -2.93 -21.26 -4.83
CBC CLA QD . -1.90 -22.17 -5.47
ND CLA QD . -3.14 -17.05 -8.21
C1D CLA QD . -3.66 -18.36 -8.18
C2D CLA QD . -4.46 -18.60 -9.39
C3D CLA QD . -4.52 -17.38 -10.05
C4D CLA QD . -3.68 -16.45 -9.27
CMD CLA QD . -5.10 -19.86 -9.72
CAD CLA QD . -5.00 -16.67 -11.22
OBD CLA QD . -5.63 -17.09 -12.18
CBD CLA QD . -4.53 -15.19 -11.07
CGD CLA QD . -3.91 -14.71 -12.35
O1D CLA QD . -3.31 -15.38 -13.16
O2D CLA QD . -4.08 -13.38 -12.59
CED CLA QD . -5.23 -12.98 -13.34
C1 CLA QD . -7.05 -9.39 -10.07
C2 CLA QD . -8.16 -10.21 -9.55
C3 CLA QD . -9.01 -10.89 -10.34
C4 CLA QD . -8.91 -10.87 -11.82
C5 CLA QD . -10.11 -11.70 -9.75
C6 CLA QD . -9.64 -12.43 -8.50
C7 CLA QD . -10.42 -13.70 -8.28
C8 CLA QD . -11.80 -13.43 -7.68
C9 CLA QD . -11.95 -14.15 -6.36
C10 CLA QD . -12.89 -13.86 -8.64
C11 CLA QD . -13.77 -12.69 -9.00
C12 CLA QD . -14.78 -13.05 -10.08
C13 CLA QD . -16.04 -12.21 -9.92
C14 CLA QD . -17.01 -12.49 -11.03
C15 CLA QD . -15.72 -10.73 -9.85
C16 CLA QD . -16.52 -10.04 -8.77
C17 CLA QD . -16.92 -8.65 -9.22
C18 CLA QD . -17.16 -7.68 -8.07
C19 CLA QD . -18.01 -6.51 -8.53
C20 CLA QD . -17.84 -8.38 -6.90
MG CLA RD . 12.00 -3.95 -3.68
CHA CLA RD . 15.03 -2.54 -2.68
CHB CLA RD . 13.72 -6.47 -5.20
CHC CLA RD . 9.01 -5.42 -4.57
CHD CLA RD . 10.30 -1.11 -2.53
NA CLA RD . 14.03 -4.42 -3.85
C1A CLA RD . 15.13 -3.74 -3.34
C2A CLA RD . 16.44 -4.43 -3.73
C3A CLA RD . 15.95 -5.53 -4.70
C4A CLA RD . 14.45 -5.51 -4.54
CMA CLA RD . 16.32 -5.20 -6.13
CAA CLA RD . 17.15 -5.04 -2.55
CBA CLA RD . 18.54 -5.48 -2.96
CGA CLA RD . 18.47 -6.84 -3.59
O1A CLA RD . 18.11 -7.90 -3.09
O2A CLA RD . 18.83 -6.84 -4.92
NB CLA RD . 11.47 -5.65 -4.62
C1B CLA RD . 12.32 -6.54 -5.20
C2B CLA RD . 11.58 -7.64 -5.86
C3B CLA RD . 10.24 -7.35 -5.68
C4B CLA RD . 10.14 -6.09 -4.88
CMB CLA RD . 12.25 -8.73 -6.58
CAB CLA RD . 9.08 -8.08 -6.16
CBB CLA RD . 8.97 -9.41 -6.07
NC CLA RD . 10.01 -3.37 -3.56
C1C CLA RD . 8.95 -4.14 -3.97
C2C CLA RD . 7.71 -3.40 -3.73
C3C CLA RD . 8.07 -2.17 -3.19
C4C CLA RD . 9.52 -2.15 -3.09
CMC CLA RD . 6.37 -3.90 -4.06
CAC CLA RD . 7.13 -1.08 -2.86
CBC CLA RD . 7.17 -0.58 -1.44
ND CLA RD . 12.48 -2.20 -2.82
C1D CLA RD . 11.69 -1.11 -2.40
C2D CLA RD . 12.56 -0.09 -1.79
C3D CLA RD . 13.85 -0.61 -1.83
C4D CLA RD . 13.74 -1.91 -2.50
CMD CLA RD . 12.08 1.17 -1.24
CAD CLA RD . 15.26 -0.38 -1.54
OBD CLA RD . 15.80 0.59 -1.01
CBD CLA RD . 16.06 -1.62 -2.06
CGD CLA RD . 17.16 -1.25 -3.03
O1D CLA RD . 17.26 -0.26 -3.75
O2D CLA RD . 18.19 -2.14 -3.08
CED CLA RD . 19.21 -2.03 -2.09
C1 CLA RD . 19.09 -8.14 -5.49
C2 CLA RD . 18.03 -8.45 -6.47
C3 CLA RD . 17.10 -9.40 -6.28
C4 CLA RD . 17.07 -10.23 -5.06
C5 CLA RD . 16.06 -9.67 -7.31
C6 CLA RD . 16.21 -11.04 -7.93
C7 CLA RD . 17.60 -11.20 -8.54
C8 CLA RD . 17.96 -12.65 -8.83
C9 CLA RD . 17.40 -13.59 -7.78
C10 CLA RD . 19.47 -12.82 -8.92
C11 CLA RD . 20.03 -12.21 -10.20
C12 CLA RD . 19.32 -12.77 -11.43
C13 CLA RD . 20.15 -12.61 -12.69
C14 CLA RD . 20.91 -11.29 -12.70
C15 CLA RD . 19.29 -12.72 -13.94
C16 CLA RD . 20.11 -12.53 -15.20
C17 CLA RD . 19.41 -13.09 -16.42
C18 CLA RD . 18.57 -12.04 -17.13
C19 CLA RD . 19.45 -10.95 -17.70
C20 CLA RD . 17.75 -12.68 -18.22
MG CLA SD . 12.01 -0.12 -34.63
CHA CLA SD . 14.06 2.53 -35.55
CHB CLA SD . 10.69 -0.19 -37.77
CHC CLA SD . 10.18 -2.89 -33.74
CHD CLA SD . 13.37 0.03 -31.36
NA CLA SD . 12.31 1.01 -36.35
C1A CLA SD . 13.23 2.06 -36.54
C2A CLA SD . 13.14 2.61 -37.96
C3A CLA SD . 11.94 1.85 -38.57
C4A CLA SD . 11.62 0.80 -37.51
CMA CLA SD . 10.78 2.76 -38.84
CAA CLA SD . 14.42 2.28 -38.72
CBA CLA SD . 14.75 0.79 -38.66
CGA CLA SD . 16.14 0.57 -38.16
O1A CLA SD . 17.05 1.38 -38.02
O2A CLA SD . 16.39 -0.73 -37.82
NB CLA SD . 10.69 -1.32 -35.58
C1B CLA SD . 10.29 -1.20 -36.86
C2B CLA SD . 9.33 -2.28 -37.20
C3B CLA SD . 9.18 -3.05 -36.06
C4B CLA SD . 10.04 -2.45 -35.01
CMB CLA SD . 8.71 -2.40 -38.52
CAB CLA SD . 8.36 -4.21 -35.81
CBB CLA SD . 7.13 -4.42 -36.27
NC CLA SD . 11.80 -1.20 -32.85
C1C CLA SD . 11.00 -2.31 -32.72
C2C CLA SD . 11.11 -2.83 -31.35
C3C CLA SD . 12.00 -2.00 -30.68
C4C CLA SD . 12.43 -0.99 -31.63
CMC CLA SD . 10.40 -4.00 -30.85
CAC CLA SD . 12.43 -2.12 -29.27
CBC CLA SD . 11.35 -1.71 -28.30
ND CLA SD . 13.32 1.03 -33.61
C1D CLA SD . 13.80 0.98 -32.27
C2D CLA SD . 14.81 2.04 -32.07
C3D CLA SD . 14.95 2.66 -33.30
C4D CLA SD . 14.01 1.99 -34.22
CMD CLA SD . 15.50 2.32 -30.82
CAD CLA SD . 15.62 3.71 -34.05
OBD CLA SD . 16.43 4.55 -33.67
CBD CLA SD . 15.11 3.62 -35.52
CGD CLA SD . 14.61 4.95 -36.04
O1D CLA SD . 15.28 5.87 -36.49
O2D CLA SD . 13.26 5.10 -35.98
CED CLA SD . 12.71 6.26 -36.59
C1 CLA SD . 17.75 -1.18 -37.91
C2 CLA SD . 17.75 -2.66 -38.04
C3 CLA SD . 18.85 -3.37 -38.33
C4 CLA SD . 20.16 -2.73 -38.53
C5 CLA SD . 18.80 -4.86 -38.44
C6 CLA SD . 17.48 -5.45 -37.99
C7 CLA SD . 16.92 -6.40 -39.04
C8 CLA SD . 17.91 -7.48 -39.46
C9 CLA SD . 17.43 -8.14 -40.74
C10 CLA SD . 18.12 -8.50 -38.36
C11 CLA SD . 18.49 -9.87 -38.87
C12 CLA SD . 19.23 -10.71 -37.84
C13 CLA SD . 19.22 -12.18 -38.21
C14 CLA SD . 17.98 -12.86 -37.65
C15 CLA SD . 20.48 -12.89 -37.73
C16 CLA SD . 20.37 -14.39 -37.86
C17 CLA SD . 20.90 -15.11 -36.63
C18 CLA SD . 20.54 -16.59 -36.61
C19 CLA SD . 19.26 -16.89 -37.35
C20 CLA SD . 21.69 -17.43 -37.16
MG CLA TD . 0.80 1.86 -38.04
CHA CLA TD . -2.10 0.32 -39.17
CHB CLA TD . 2.36 -1.16 -37.92
CHC CLA TD . 3.66 3.44 -37.00
CHD CLA TD . -0.90 4.97 -38.09
NA CLA TD . 0.20 -0.09 -38.49
C1A CLA TD . -1.04 -0.53 -38.95
C2A CLA TD . -1.05 -2.03 -39.15
C3A CLA TD . 0.29 -2.48 -38.55
C4A CLA TD . 1.03 -1.16 -38.31
CMA CLA TD . 0.07 -3.21 -37.25
CAA CLA TD . -1.03 -2.28 -40.65
CBA CLA TD . -1.94 -3.42 -41.05
CGA CLA TD . -1.26 -4.72 -40.79
O1A CLA TD . -0.06 -4.94 -40.61
O2A CLA TD . -2.13 -5.78 -40.78
NB CLA TD . 2.65 1.25 -37.55
C1B CLA TD . 3.11 -0.02 -37.63
C2B CLA TD . 4.57 -0.06 -37.31
C3B CLA TD . 4.96 1.25 -37.05
C4B CLA TD . 3.73 2.09 -37.19
CMB CLA TD . 5.34 -1.30 -37.30
CAB CLA TD . 6.22 1.81 -36.69
CBB CLA TD . 7.43 1.32 -36.99
NC CLA TD . 1.28 3.84 -37.62
C1C CLA TD . 2.52 4.27 -37.20
C2C CLA TD . 2.49 5.71 -36.98
C3C CLA TD . 1.20 6.14 -37.30
C4C CLA TD . 0.45 4.96 -37.69
CMC CLA TD . 3.63 6.51 -36.51
CAC CLA TD . 0.68 7.52 -37.22
CBC CLA TD . -0.19 7.73 -35.99
ND CLA TD . -1.04 2.55 -38.52
C1D CLA TD . -1.62 3.85 -38.49
C2D CLA TD . -3.03 3.77 -38.93
C3D CLA TD . -3.27 2.44 -39.20
C4D CLA TD . -2.00 1.73 -38.92
CMD CLA TD . -3.93 4.92 -39.03
CAD CLA TD . -4.24 1.45 -39.64
OBD CLA TD . -5.41 1.61 -39.98
CBD CLA TD . -3.52 0.06 -39.61
CGD CLA TD . -4.21 -0.90 -38.68
O1D CLA TD . -4.13 -2.13 -38.67
O2D CLA TD . -5.01 -0.30 -37.76
CED CLA TD . -5.04 -0.85 -36.44
C1 CLA TD . -2.61 -6.20 -39.48
C2 CLA TD . -3.93 -5.55 -39.27
C3 CLA TD . -5.07 -5.98 -39.84
C4 CLA TD . -5.10 -7.17 -40.73
C5 CLA TD . -6.36 -5.30 -39.59
C6 CLA TD . -7.01 -4.78 -40.85
C7 CLA TD . -6.27 -3.57 -41.39
C8 CLA TD . -7.08 -2.77 -42.40
C9 CLA TD . -7.92 -3.69 -43.26
C10 CLA TD . -6.16 -1.93 -43.28
C11 CLA TD . -5.83 -0.61 -42.64
C12 CLA TD . -4.61 0.03 -43.27
C13 CLA TD . -4.76 1.54 -43.35
C14 CLA TD . -5.31 1.95 -44.70
C15 CLA TD . -3.44 2.26 -43.09
C16 CLA TD . -3.68 3.74 -42.92
C17 CLA TD . -2.38 4.51 -42.70
C18 CLA TD . -1.91 5.16 -43.99
C19 CLA TD . -0.43 5.51 -43.91
C20 CLA TD . -2.71 6.40 -44.29
MG CLA UD . 1.93 -6.59 -34.04
CHA CLA UD . 4.49 -4.42 -33.18
CHB CLA UD . -0.31 -4.05 -33.77
CHC CLA UD . -0.52 -8.71 -35.15
CHD CLA UD . 4.31 -9.19 -34.37
NA CLA UD . 2.09 -4.58 -33.51
C1A CLA UD . 3.26 -3.86 -33.21
C2A CLA UD . 2.92 -2.40 -32.89
C3A CLA UD . 1.37 -2.38 -32.87
C4A CLA UD . 1.00 -3.76 -33.44
CMA CLA UD . 0.83 -2.20 -31.48
CAA CLA UD . 3.44 -1.49 -33.99
CBA CLA UD . 3.05 -0.05 -33.74
CGA CLA UD . 3.99 0.57 -32.76
O1A CLA UD . 5.14 0.96 -32.95
O2A CLA UD . 3.46 0.71 -31.52
NB CLA UD . -0.04 -6.42 -34.39
C1B CLA UD . -0.77 -5.27 -34.27
C2B CLA UD . -2.16 -5.50 -34.76
C3B CLA UD . -2.23 -6.83 -35.15
C4B CLA UD . -0.89 -7.42 -34.91
CMB CLA UD . -3.17 -4.45 -34.76
CAB CLA UD . -3.31 -7.62 -35.68
CBB CLA UD . -4.40 -7.17 -36.32
NC CLA UD . 1.90 -8.60 -34.59
C1C CLA UD . 0.77 -9.28 -35.00
C2C CLA UD . 1.10 -10.66 -35.29
C3C CLA UD . 2.48 -10.80 -35.11
C4C CLA UD . 2.97 -9.50 -34.67
CMC CLA UD . 0.14 -11.67 -35.74
CAC CLA UD . 3.29 -12.01 -35.29
CBC CLA UD . 3.42 -12.78 -34.00
ND CLA UD . 3.92 -6.85 -33.75
C1D CLA UD . 4.78 -7.97 -33.95
C2D CLA UD . 6.16 -7.57 -33.64
C3D CLA UD . 6.11 -6.22 -33.34
C4D CLA UD . 4.69 -5.81 -33.44
CMD CLA UD . 7.32 -8.46 -33.69
CAD CLA UD . 6.87 -5.05 -32.93
OBD CLA UD . 8.05 -4.95 -32.67
CBD CLA UD . 5.87 -3.86 -32.89
CGD CLA UD . 5.92 -3.12 -31.57
O1D CLA UD . 5.19 -3.29 -30.59
O2D CLA UD . 6.89 -2.16 -31.52
CED CLA UD . 7.39 -1.79 -30.24
C1 CLA UD . 4.36 0.41 -30.42
C2 CLA UD . 3.57 -0.36 -29.42
C3 CLA UD . 2.85 0.26 -28.47
C4 CLA UD . 2.82 1.73 -28.36
C5 CLA UD . 2.08 -0.52 -27.46
C6 CLA UD . 2.58 -1.94 -27.29
C7 CLA UD . 1.52 -2.94 -27.70
C8 CLA UD . 1.55 -4.19 -26.83
C9 CLA UD . 2.96 -4.73 -26.75
C10 CLA UD . 0.61 -5.27 -27.36
C11 CLA UD . -0.67 -4.69 -27.93
C12 CLA UD . -1.55 -5.76 -28.55
C13 CLA UD . -1.24 -5.96 -30.03
C14 CLA UD . -2.52 -6.02 -30.84
C15 CLA UD . -0.41 -7.21 -30.28
C16 CLA UD . 1.01 -6.85 -30.65
C17 CLA UD . 1.82 -8.09 -30.99
C18 CLA UD . 2.95 -8.33 -30.00
C19 CLA UD . 3.65 -7.04 -29.63
C20 CLA UD . 3.94 -9.31 -30.57
MG CLA VD . 12.70 -21.52 -36.27
CHA CLA VD . 14.73 -23.54 -34.31
CHB CLA VD . 11.35 -20.16 -33.46
CHC CLA VD . 10.75 -19.52 -38.25
CHD CLA VD . 14.06 -23.06 -39.15
NA CLA VD . 13.02 -21.81 -34.23
C1A CLA VD . 13.90 -22.70 -33.61
C2A CLA VD . 13.83 -22.59 -32.09
C3A CLA VD . 12.64 -21.63 -31.86
C4A CLA VD . 12.31 -21.13 -33.26
CMA CLA VD . 11.48 -22.35 -31.23
CAA CLA VD . 15.12 -22.01 -31.53
CBA CLA VD . 15.51 -20.70 -32.20
CGA CLA VD . 16.49 -20.93 -33.31
O1A CLA VD . 17.49 -21.64 -33.33
O2A CLA VD . 16.19 -20.22 -34.44
NB CLA VD . 11.27 -20.15 -35.92
C1B CLA VD . 10.94 -19.65 -34.70
C2B CLA VD . 10.05 -18.46 -34.86
C3B CLA VD . 9.88 -18.28 -36.22
C4B CLA VD . 10.66 -19.34 -36.91
CMB CLA VD . 9.53 -17.70 -33.73
CAB CLA VD . 9.14 -17.28 -36.95
CBB CLA VD . 9.17 -15.97 -36.73
NC CLA VD . 12.45 -21.33 -38.33
C1C CLA VD . 11.59 -20.46 -38.93
C2C CLA VD . 11.65 -20.60 -40.37
C3C CLA VD . 12.60 -21.60 -40.64
C4C CLA VD . 13.09 -22.06 -39.35
CMC CLA VD . 10.86 -19.83 -41.33
CAC CLA VD . 13.00 -22.11 -41.96
CBC CLA VD . 14.35 -21.58 -42.37
ND CLA VD . 14.12 -22.88 -36.71
C1D CLA VD . 14.55 -23.46 -37.93
C2D CLA VD . 15.57 -24.50 -37.66
C3D CLA VD . 15.68 -24.56 -36.28
C4D CLA VD . 14.75 -23.56 -35.74
CMD CLA VD . 16.28 -25.27 -38.67
CAD CLA VD . 16.35 -25.19 -35.15
OBD CLA VD . 17.25 -26.01 -35.14
CBD CLA VD . 15.68 -24.62 -33.85
CGD CLA VD . 14.92 -25.68 -33.12
O1D CLA VD . 13.93 -26.30 -33.51
O2D CLA VD . 15.41 -25.98 -31.88
CED CLA VD . 14.69 -26.95 -31.11
C1 CLA VD . 16.92 -20.55 -35.65
C2 CLA VD . 16.08 -20.11 -36.78
C3 CLA VD . 16.52 -20.12 -38.05
C4 CLA VD . 17.88 -20.56 -38.42
C5 CLA VD . 15.64 -19.67 -39.18
C6 CLA VD . 15.35 -18.18 -39.16
C7 CLA VD . 14.02 -17.90 -38.51
C8 CLA VD . 13.16 -16.90 -39.28
C9 CLA VD . 13.29 -17.09 -40.77
C10 CLA VD . 13.53 -15.48 -38.90
C11 CLA VD . 12.37 -14.74 -38.28
C12 CLA VD . 12.77 -13.40 -37.73
C13 CLA VD . 11.63 -12.72 -36.98
C14 CLA VD . 10.47 -12.46 -37.90
C15 CLA VD . 12.08 -11.42 -36.31
C16 CLA VD . 13.57 -11.41 -36.03
C17 CLA VD . 13.92 -10.52 -34.86
C18 CLA VD . 15.41 -10.21 -34.82
C19 CLA VD . 15.72 -8.94 -35.60
C20 CLA VD . 15.89 -10.07 -33.39
MG CLA WD . 6.94 -21.93 -28.00
CHA CLA WD . 4.23 -22.13 -30.14
CHB CLA WD . 8.74 -20.37 -30.43
CHC CLA WD . 9.45 -21.39 -25.72
CHD CLA WD . 4.98 -23.42 -25.47
NA CLA WD . 6.56 -21.43 -29.98
C1A CLA WD . 5.36 -21.57 -30.68
C2A CLA WD . 5.49 -21.03 -32.09
C3A CLA WD . 7.01 -20.77 -32.24
C4A CLA WD . 7.49 -20.85 -30.79
CMA CLA WD . 7.68 -21.78 -33.12
CAA CLA WD . 4.71 -19.73 -32.15
CBA CLA WD . 5.33 -18.60 -31.33
CGA CLA WD . 4.79 -18.53 -29.93
O1A CLA WD . 3.73 -18.07 -29.53
O2A CLA WD . 5.62 -19.02 -28.96
NB CLA WD . 8.77 -21.08 -28.07
C1B CLA WD . 9.28 -20.41 -29.14
C2B CLA WD . 10.55 -19.73 -28.75
C3B CLA WD . 10.75 -20.01 -27.42
C4B CLA WD . 9.63 -20.89 -26.97
CMB CLA WD . 11.35 -18.93 -29.68
CAB CLA WD . 11.84 -19.61 -26.55
CBB CLA WD . 11.69 -18.95 -25.41
NC CLA WD . 7.21 -22.42 -25.98
C1C CLA WD . 8.33 -22.13 -25.27
C2C CLA WD . 8.16 -22.61 -23.90
C3C CLA WD . 6.88 -23.16 -23.81
C4C CLA WD . 6.29 -23.03 -25.13
CMC CLA WD . 9.16 -22.48 -22.84
CAC CLA WD . 6.25 -23.77 -22.63
CBC CLA WD . 5.44 -22.77 -21.85
ND CLA WD . 5.11 -22.77 -27.84
C1D CLA WD . 4.41 -23.29 -26.71
C2D CLA WD . 3.03 -23.63 -27.12
C3D CLA WD . 2.91 -23.23 -28.43
C4D CLA WD . 4.22 -22.67 -28.82
CMD CLA WD . 2.05 -24.22 -26.22
CAD CLA WD . 2.05 -23.15 -29.60
OBD CLA WD . 0.92 -23.62 -29.77
CBD CLA WD . 2.82 -22.35 -30.69
CGD CLA WD . 2.76 -23.02 -32.04
O1D CLA WD . 1.77 -23.07 -32.79
O2D CLA WD . 3.90 -23.62 -32.45
CED CLA WD . 3.88 -24.28 -33.71
C1 CLA WD . 5.00 -19.16 -27.66
C2 CLA WD . 6.06 -19.05 -26.62
C3 CLA WD . 5.83 -19.23 -25.31
C4 CLA WD . 4.50 -19.57 -24.79
C5 CLA WD . 6.92 -19.10 -24.31
C6 CLA WD . 7.09 -17.67 -23.81
C7 CLA WD . 8.55 -17.27 -23.86
C8 CLA WD . 8.80 -16.12 -24.82
C9 CLA WD . 7.79 -15.01 -24.59
C10 CLA WD . 8.72 -16.58 -26.26
C11 CLA WD . 8.95 -15.44 -27.24
C12 CLA WD . 7.80 -15.28 -28.21
C13 CLA WD . 8.10 -15.92 -29.55
C14 CLA WD . 9.52 -15.63 -29.99
C15 CLA WD . 7.10 -15.47 -30.62
C16 CLA WD . 7.44 -14.09 -31.15
C17 CLA WD . 6.76 -13.80 -32.47
C18 CLA WD . 7.70 -13.07 -33.43
C19 CLA WD . 6.96 -12.54 -34.64
C20 CLA WD . 8.81 -13.99 -33.87
MG CLA XD . 14.18 -23.26 -20.85
CHA CLA XD . 13.42 -23.48 -24.22
CHB CLA XD . 16.95 -21.45 -21.58
CHC CLA XD . 14.76 -22.87 -17.48
CHD CLA XD . 11.31 -25.19 -20.11
NA CLA XD . 15.05 -22.63 -22.63
C1A CLA XD . 14.57 -22.80 -23.94
C2A CLA XD . 15.54 -22.18 -24.95
C3A CLA XD . 16.74 -21.74 -24.09
C4A CLA XD . 16.24 -21.93 -22.66
CMA CLA XD . 17.96 -22.58 -24.36
CAA CLA XD . 14.92 -20.99 -25.67
CBA CLA XD . 15.30 -20.99 -27.13
CGA CLA XD . 15.87 -19.67 -27.53
O1A CLA XD . 16.37 -19.33 -28.60
O2A CLA XD . 15.81 -18.75 -26.51
NB CLA XD . 15.61 -22.38 -19.74
C1B CLA XD . 16.60 -21.59 -20.23
C2B CLA XD . 17.31 -20.91 -19.11
C3B CLA XD . 16.68 -21.31 -17.94
C4B CLA XD . 15.60 -22.25 -18.33
CMB CLA XD . 18.42 -20.00 -19.33
CAB CLA XD . 16.95 -20.97 -16.56
CBB CLA XD . 18.13 -20.67 -16.04
NC CLA XD . 13.23 -23.95 -19.12
C1C CLA XD . 13.64 -23.68 -17.84
C2C CLA XD . 12.75 -24.32 -16.88
C3C CLA XD . 11.76 -24.96 -17.62
C4C CLA XD . 12.07 -24.73 -19.03
CMC CLA XD . 12.89 -24.24 -15.42
CAC CLA XD . 10.64 -25.76 -17.10
CBC CLA XD . 10.92 -27.24 -17.16
ND CLA XD . 12.70 -24.19 -21.86
C1D CLA XD . 11.58 -24.95 -21.44
C2D CLA XD . 10.80 -25.35 -22.63
C3D CLA XD . 11.44 -24.80 -23.72
C4D CLA XD . 12.63 -24.09 -23.20
CMD CLA XD . 9.57 -26.15 -22.59
CAD CLA XD . 11.46 -24.65 -25.17
OBD CLA XD . 10.68 -25.08 -26.02
CBD CLA XD . 12.72 -23.79 -25.53
CGD CLA XD . 13.62 -24.48 -26.52
O1D CLA XD . 14.38 -25.43 -26.32
O2D CLA XD . 13.55 -23.95 -27.76
CED CLA XD . 14.62 -24.25 -28.67
C1 CLA XD . 16.32 -17.42 -26.80
C2 CLA XD . 15.23 -16.47 -26.51
C3 CLA XD . 14.25 -16.21 -27.39
C4 CLA XD . 14.21 -16.84 -28.72
C5 CLA XD . 13.14 -15.25 -27.08
C6 CLA XD . 13.40 -14.42 -25.83
C7 CLA XD . 12.28 -13.41 -25.67
C8 CLA XD . 12.80 -12.04 -25.25
C9 CLA XD . 12.36 -11.74 -23.84
C10 CLA XD . 12.32 -10.96 -26.21
C11 CLA XD . 13.42 -10.50 -27.13
C12 CLA XD . 14.54 -9.79 -26.39
C13 CLA XD . 14.35 -8.28 -26.43
C14 CLA XD . 14.24 -7.78 -27.85
C15 CLA XD . 15.50 -7.57 -25.70
C16 CLA XD . 16.79 -7.66 -26.50
C17 CLA XD . 18.00 -7.61 -25.59
C18 CLA XD . 19.31 -7.45 -26.37
C19 CLA XD . 19.25 -8.13 -27.72
C20 CLA XD . 20.45 -8.03 -25.56
MG CLA YD . 22.94 -21.02 -20.03
CHA CLA YD . 24.84 -23.32 -18.26
CHB CLA YD . 23.39 -22.83 -22.87
CHC CLA YD . 20.93 -18.80 -21.69
CHD CLA YD . 22.39 -19.24 -17.02
NA CLA YD . 23.97 -22.78 -20.47
C1A CLA YD . 24.69 -23.60 -19.60
C2A CLA YD . 25.27 -24.81 -20.34
C3A CLA YD . 24.98 -24.49 -21.82
C4A CLA YD . 24.02 -23.29 -21.74
CMA CLA YD . 26.24 -24.15 -22.57
CAA CLA YD . 24.47 -26.05 -19.98
CBA CLA YD . 25.14 -26.95 -18.97
CGA CLA YD . 25.94 -28.02 -19.64
O1A CLA YD . 25.75 -29.24 -19.66
O2A CLA YD . 27.02 -27.51 -20.32
NB CLA YD . 22.33 -20.82 -21.94
C1B CLA YD . 22.51 -21.73 -22.92
C2B CLA YD . 21.68 -21.38 -24.11
C3B CLA YD . 20.99 -20.23 -23.77
C4B CLA YD . 21.40 -19.86 -22.40
CMB CLA YD . 21.69 -22.18 -25.34
CAB CLA YD . 20.03 -19.43 -24.51
CBB CLA YD . 19.43 -19.73 -25.65
NC CLA YD . 21.90 -19.30 -19.46
C1C CLA YD . 21.17 -18.52 -20.32
C2C CLA YD . 20.62 -17.38 -19.61
C3C CLA YD . 20.98 -17.53 -18.26
C4C CLA YD . 21.79 -18.75 -18.18
CMC CLA YD . 19.80 -16.33 -20.21
CAC CLA YD . 20.65 -16.63 -17.15
CBC CLA YD . 19.25 -16.83 -16.65
ND CLA YD . 23.47 -21.17 -18.08
C1D CLA YD . 23.19 -20.37 -16.95
C2D CLA YD . 23.88 -20.93 -15.77
C3D CLA YD . 24.57 -22.03 -16.23
C4D CLA YD . 24.26 -22.15 -17.67
CMD CLA YD . 23.85 -20.35 -14.43
CAD CLA YD . 25.47 -23.12 -15.89
OBD CLA YD . 26.05 -23.36 -14.83
CBD CLA YD . 25.64 -23.99 -17.17
CGD CLA YD . 27.09 -24.08 -17.54
O1D CLA YD . 27.66 -24.94 -18.20
O2D CLA YD . 27.84 -23.03 -17.08
CED CLA YD . 28.97 -22.63 -17.85
C1 CLA YD . 28.31 -27.73 -19.72
C2 CLA YD . 29.19 -26.65 -20.23
C3 CLA YD . 30.39 -26.89 -20.75
C4 CLA YD . 30.93 -28.27 -20.86
C5 CLA YD . 31.25 -25.79 -21.27
C6 CLA YD . 30.43 -24.69 -21.94
C7 CLA YD . 31.21 -23.39 -21.97
C8 CLA YD . 30.78 -22.49 -23.12
C9 CLA YD . 29.30 -22.22 -23.07
C10 CLA YD . 31.16 -23.09 -24.46
C11 CLA YD . 31.19 -22.05 -25.54
C12 CLA YD . 32.19 -22.36 -26.62
C13 CLA YD . 32.62 -21.11 -27.36
C14 CLA YD . 32.32 -21.21 -28.84
C15 CLA YD . 34.09 -20.81 -27.13
C16 CLA YD . 34.55 -19.61 -27.95
C17 CLA YD . 36.04 -19.65 -28.24
C18 CLA YD . 36.88 -19.38 -27.00
C19 CLA YD . 37.66 -20.61 -26.58
C20 CLA YD . 37.84 -18.23 -27.25
MG CLA ZD . 2.89 -0.97 -55.28
CHA CLA ZD . 3.43 1.42 -57.75
CHB CLA ZD . 0.54 1.05 -53.86
CHC CLA ZD . 2.24 -3.44 -52.99
CHD CLA ZD . 5.40 -2.98 -56.75
NA CLA ZD . 2.14 0.92 -55.75
C1A CLA ZD . 2.47 1.74 -56.83
C2A CLA ZD . 1.69 3.05 -56.80
C3A CLA ZD . 0.96 2.98 -55.44
C4A CLA ZD . 1.19 1.55 -54.98
CMA CLA ZD . 1.59 3.98 -54.50
CAA CLA ZD . 0.69 3.08 -57.94
CBA CLA ZD . -0.09 1.79 -58.04
CGA CLA ZD . -1.07 1.81 -59.17
O1A CLA ZD . -1.29 2.69 -60.00
O2A CLA ZD . -1.81 0.65 -59.24
NB CLA ZD . 1.62 -1.16 -53.72
C1B CLA ZD . 0.72 -0.24 -53.33
C2B CLA ZD . -0.07 -0.78 -52.19
C3B CLA ZD . 0.40 -2.04 -51.93
C4B CLA ZD . 1.50 -2.30 -52.90
CMB CLA ZD . -1.14 -0.02 -51.52
CAB CLA ZD . -0.01 -3.00 -50.93
NC CLA ZD . 3.70 -2.86 -54.93
C1C CLA ZD . 3.28 -3.70 -53.93
C2C CLA ZD . 4.05 -4.94 -53.98
C3C CLA ZD . 4.96 -4.81 -55.04
C4C CLA ZD . 4.72 -3.50 -55.62
CMC CLA ZD . 3.88 -6.07 -53.07
CAC CLA ZD . 5.95 -5.80 -55.48
CBC CLA ZD . 7.33 -5.50 -54.96
ND CLA ZD . 4.17 -0.86 -56.84
C1D CLA ZD . 5.16 -1.76 -57.32
C2D CLA ZD . 5.82 -1.14 -58.50
C3D CLA ZD . 5.19 0.07 -58.71
C4D CLA ZD . 4.18 0.19 -57.65
CMD CLA ZD . 6.89 -1.77 -59.25
CAD CLA ZD . 5.13 1.28 -59.51
OBD CLA ZD . 5.82 1.63 -60.48
CBD CLA ZD . 3.99 2.17 -58.93
CGD CLA ZD . 4.46 3.53 -58.49
O1D CLA ZD . 4.64 3.92 -57.32
O2D CLA ZD . 4.71 4.41 -59.50
CED CLA ZD . 5.38 5.62 -59.17
C1 CLA ZD . -2.22 0.21 -60.55
C2 CLA ZD . -2.69 -1.19 -60.37
C3 CLA ZD . -2.49 -2.15 -61.29
C4 CLA ZD . -1.79 -1.87 -62.57
C5 CLA ZD . -2.98 -3.53 -61.07
C6 CLA ZD . -1.86 -4.56 -61.12
C7 CLA ZD . -2.40 -5.96 -60.90
C8 CLA ZD . -1.30 -7.01 -60.96
C9 CLA ZD . -1.54 -7.97 -62.11
C10 CLA ZD . -1.19 -7.77 -59.65
MG CLA AE . -7.11 -0.65 -58.98
CHA CLA AE . -5.47 2.36 -58.43
CHB CLA AE . -9.51 0.98 -60.77
CHC CLA AE . -8.64 -3.67 -59.58
CHD CLA AE . -4.63 -2.28 -57.06
NA CLA AE . -7.42 1.35 -59.50
C1A CLA AE . -6.61 2.45 -59.19
C2A CLA AE . -7.20 3.74 -59.77
C3A CLA AE . -8.54 3.28 -60.39
C4A CLA AE . -8.50 1.77 -60.23
CMA CLA AE . -9.69 3.88 -59.63
CAA CLA AE . -6.29 4.32 -60.85
CBA CLA AE . -6.49 3.65 -62.20
CGA CLA AE . -5.75 2.34 -62.26
O1A CLA AE . -4.59 2.11 -61.94
O2A CLA AE . -6.52 1.32 -62.73
NB CLA AE . -8.74 -1.24 -60.02
C1B CLA AE . -9.59 -0.42 -60.67
C2B CLA AE . -10.71 -1.22 -61.25
C3B CLA AE . -10.48 -2.53 -60.92
C4B CLA AE . -9.22 -2.56 -60.11
CMB CLA AE . -11.81 -0.62 -62.01
CAB CLA AE . -11.22 -3.73 -61.20
CBB CLA AE . -11.76 -4.05 -62.38
NC CLA AE . -6.71 -2.62 -58.41
C1C CLA AE . -7.47 -3.70 -58.77
C2C CLA AE . -6.89 -4.92 -58.21
C3C CLA AE . -5.76 -4.53 -57.49
C4C CLA AE . -5.64 -3.08 -57.63
CMC CLA AE . -7.44 -6.26 -58.39
CAC CLA AE . -4.84 -5.41 -56.74
CBC CLA AE . -3.55 -5.65 -57.48
ND CLA AE . -5.47 -0.15 -57.92
C1D CLA AE . -4.52 -0.92 -57.19
C2D CLA AE . -3.49 -0.01 -56.63
C3D CLA AE . -3.81 1.26 -57.07
C4D CLA AE . -5.04 1.12 -57.88
CMD CLA AE . -2.38 -0.45 -55.80
CAD CLA AE . -3.46 2.66 -57.05
OBD CLA AE . -2.55 3.24 -56.44
CBD CLA AE . -4.49 3.40 -57.96
CGD CLA AE . -5.18 4.54 -57.26
O1D CLA AE . -6.36 4.61 -56.91
O2D CLA AE . -4.36 5.59 -56.98
CED CLA AE . -4.97 6.80 -56.51
C1 CLA AE . -5.99 -0.02 -62.59
C2 CLA AE . -6.64 -0.85 -63.64
C3 CLA AE . -6.74 -2.19 -63.56
C4 CLA AE . -6.22 -2.95 -62.40
C5 CLA AE . -7.41 -2.96 -64.65
C6 CLA AE . -8.03 -4.25 -64.15
C7 CLA AE . -8.31 -5.21 -65.29
C8 CLA AE . -9.75 -5.12 -65.78
MG CLA BE . -4.06 -0.98 -49.94
CHA CLA BE . -2.48 -1.04 -46.87
CHB CLA BE . -4.57 -4.34 -49.74
CHC CLA BE . -5.63 -0.86 -52.99
CHD CLA BE . -3.54 2.52 -50.10
NA CLA BE . -3.58 -2.43 -48.51
C1A CLA BE . -2.93 -2.25 -47.29
C2A CLA BE . -2.79 -3.59 -46.55
C3A CLA BE . -3.44 -4.61 -47.51
C4A CLA BE . -3.92 -3.75 -48.67
CMA CLA BE . -2.45 -5.66 -47.95
CAA CLA BE . -3.57 -3.56 -45.24
CBA CLA BE . -2.92 -4.46 -44.21
CGA CLA BE . -3.33 -5.88 -44.42
O1A CLA BE . -2.62 -6.83 -44.76
O2A CLA BE . -4.66 -6.10 -44.19
NB CLA BE . -4.97 -2.33 -51.11
C1B CLA BE . -5.04 -3.67 -50.88
C2B CLA BE . -5.68 -4.36 -52.03
C3B CLA BE . -5.98 -3.39 -52.95
C4B CLA BE . -5.53 -2.09 -52.39
CMB CLA BE . -5.88 -5.80 -52.06
CAB CLA BE . -6.60 -3.48 -54.25
CBB CLA BE . -7.59 -4.32 -54.59
NC CLA BE . -4.50 0.56 -51.29
C1C CLA BE . -5.16 0.38 -52.48
C2C CLA BE . -5.29 1.66 -53.17
C3C CLA BE . -4.71 2.63 -52.35
C4C CLA BE . -4.22 1.92 -51.17
CMC CLA BE . -5.93 1.85 -54.48
CAC CLA BE . -4.58 4.07 -52.63
CBC CLA BE . -5.85 4.87 -52.51
ND CLA BE . -3.18 0.46 -48.82
C1D CLA BE . -3.04 1.86 -49.00
C2D CLA BE . -2.31 2.42 -47.84
C3D CLA BE . -2.04 1.34 -47.00
C4D CLA BE . -2.63 0.15 -47.65
CMD CLA BE . -1.95 3.82 -47.67
CAD CLA BE . -1.42 0.91 -45.77
OBD CLA BE . -0.77 1.55 -44.94
CBD CLA BE . -1.72 -0.62 -45.63
CGD CLA BE . -0.47 -1.44 -45.46
O1D CLA BE . -0.22 -2.28 -44.60
O2D CLA BE . 0.46 -1.20 -46.43
CED CLA BE . 1.48 -2.18 -46.64
C1 CLA BE . -5.12 -7.45 -44.36
C2 CLA BE . -6.58 -7.46 -44.07
C3 CLA BE . -7.39 -8.45 -44.48
C4 CLA BE . -6.88 -9.59 -45.26
C5 CLA BE . -8.85 -8.43 -44.18
C6 CLA BE . -9.18 -8.01 -42.77
C7 CLA BE . -10.42 -8.73 -42.28
C8 CLA BE . -11.22 -7.91 -41.28
C9 CLA BE . -10.38 -7.53 -40.08
C10 CLA BE . -12.45 -8.68 -40.83
C11 CLA BE . -13.72 -7.85 -40.89
C12 CLA BE . -14.95 -8.73 -40.99
C13 CLA BE . -16.16 -8.12 -40.31
C14 CLA BE . -16.49 -6.78 -40.92
C15 CLA BE . -15.95 -7.97 -38.80
C16 CLA BE . -17.11 -7.22 -38.15
C17 CLA BE . -18.30 -8.11 -37.93
C18 CLA BE . -19.57 -7.52 -38.56
C19 CLA BE . -19.66 -6.03 -38.37
C20 CLA BE . -20.80 -8.19 -37.99
MG CLA CE . -5.42 -22.05 -52.04
CHA CLA CE . -3.40 -24.82 -51.40
CHB CLA CE . -4.53 -20.73 -49.05
CHC CLA CE . -7.32 -19.28 -52.77
CHD CLA CE . -6.31 -23.48 -55.15
NA CLA CE . -4.17 -22.70 -50.49
C1A CLA CE . -3.40 -23.87 -50.42
C2A CLA CE . -2.64 -23.93 -49.08
C3A CLA CE . -3.11 -22.65 -48.34
C4A CLA CE . -3.99 -21.96 -49.36
CMA CLA CE . -3.92 -22.97 -47.11
CAA CLA CE . -1.12 -23.97 -49.18
CBA CLA CE . -0.52 -23.61 -50.52
CGA CLA CE . -0.32 -22.14 -50.67
O1A CLA CE . -1.10 -21.22 -50.38
O2A CLA CE . 0.90 -21.80 -51.20
NB CLA CE . -5.80 -20.31 -51.12
C1B CLA CE . -5.38 -19.98 -49.88
C2B CLA CE . -5.98 -18.67 -49.46
C3B CLA CE . -6.77 -18.25 -50.51
C4B CLA CE . -6.67 -19.30 -51.57
CMB CLA CE . -5.70 -18.07 -48.15
CAB CLA CE . -7.60 -17.08 -50.66
CBB CLA CE . -8.13 -16.35 -49.68
NC CLA CE . -6.62 -21.51 -53.66
C1C CLA CE . -7.30 -20.33 -53.74
C2C CLA CE . -8.02 -20.26 -55.03
C3C CLA CE . -7.74 -21.45 -55.70
C4C CLA CE . -6.84 -22.22 -54.84
CMC CLA CE . -8.86 -19.15 -55.46
CAC CLA CE . -8.21 -21.85 -57.03
CBC CLA CE . -9.54 -22.57 -56.98
ND CLA CE . -5.08 -23.78 -53.04
C1D CLA CE . -5.48 -24.22 -54.33
C2D CLA CE . -4.87 -25.54 -54.60
C3D CLA CE . -4.07 -25.83 -53.50
C4D CLA CE . -4.21 -24.68 -52.58
CMD CLA CE . -5.10 -26.34 -55.80
CAD CLA CE . -3.18 -26.79 -52.88
OBD CLA CE . -2.84 -27.90 -53.24
CBD CLA CE . -2.66 -26.13 -51.56
CGD CLA CE . -2.76 -27.03 -50.35
O1D CLA CE . -1.91 -27.20 -49.48
O2D CLA CE . -3.94 -27.69 -50.25
CED CLA CE . -3.86 -29.12 -50.18
C1 CLA CE . 1.29 -22.48 -52.42
C2 CLA CE . 0.89 -21.60 -53.55
C3 CLA CE . 1.33 -21.81 -54.81
C4 CLA CE . 2.24 -22.93 -55.15
C5 CLA CE . 0.92 -20.92 -55.93
C6 CLA CE . -0.05 -19.83 -55.51
C7 CLA CE . 0.10 -18.62 -56.41
C8 CLA CE . -1.22 -18.20 -57.05
C9 CLA CE . -1.34 -18.77 -58.44
C10 CLA CE . -1.36 -16.69 -57.08
MG CLA DE . -13.84 -21.85 -59.53
CHA CLA DE . -13.84 -24.24 -62.04
CHB CLA DE . -10.77 -20.78 -60.55
CHC CLA DE . -14.00 -19.34 -57.19
CHD CLA DE . -17.01 -23.03 -58.49
NA CLA DE . -12.52 -22.45 -61.04
C1A CLA DE . -12.72 -23.45 -62.00
C2A CLA DE . -11.50 -23.56 -62.92
C3A CLA DE . -10.49 -22.58 -62.30
C4A CLA DE . -11.30 -21.86 -61.22
CMA CLA DE . -9.31 -23.31 -61.71
CAA CLA DE . -11.86 -23.12 -64.33
CBA CLA DE . -12.80 -21.94 -64.34
CGA CLA DE . -13.23 -21.62 -65.73
O1A CLA DE . -13.18 -22.34 -66.73
O2A CLA DE . -13.75 -20.36 -65.86
NB CLA DE . -12.62 -20.34 -58.98
C1B CLA DE . -11.42 -20.07 -59.52
C2B CLA DE . -10.82 -18.87 -58.86
C3B CLA DE . -11.73 -18.46 -57.90
C4B CLA DE . -12.89 -19.40 -57.97
CMB CLA DE . -9.50 -18.33 -59.22
CAB CLA DE . -11.68 -17.36 -56.97
CBB CLA DE . -11.17 -16.15 -57.21
NC CLA DE . -15.24 -21.32 -58.08
C1C CLA DE . -15.11 -20.25 -57.23
C2C CLA DE . -16.28 -20.14 -56.38
C3C CLA DE . -17.13 -21.19 -56.74
C4C CLA DE . -16.48 -21.93 -57.81
CMC CLA DE . -16.47 -19.10 -55.37
CAC CLA DE . -18.45 -21.49 -56.15
CBC CLA DE . -19.58 -21.07 -57.06
ND CLA DE . -15.13 -23.33 -60.03
C1D CLA DE . -16.41 -23.69 -59.54
C2D CLA DE . -16.92 -24.83 -60.31
C3D CLA DE . -15.97 -25.09 -61.30
C4D CLA DE . -14.89 -24.11 -61.08
CMD CLA DE . -18.20 -25.51 -60.07
CAD CLA DE . -15.59 -25.92 -62.42
OBD CLA DE . -16.16 -26.90 -62.90
CBD CLA DE . -14.25 -25.37 -62.97
CGD CLA DE . -13.19 -26.43 -63.10
O1D CLA DE . -13.04 -27.24 -64.02
O2D CLA DE . -12.33 -26.47 -62.06
CED CLA DE . -11.56 -27.67 -61.89
MG CLA EE . -26.98 -17.70 -52.23
CHA CLA EE . -29.41 -20.02 -51.42
CHB CLA EE . -25.73 -19.85 -54.56
CHC CLA EE . -24.68 -15.31 -53.12
CHD CLA EE . -28.23 -15.57 -49.71
NA CLA EE . -27.51 -19.61 -52.87
C1A CLA EE . -28.56 -20.42 -52.41
C2A CLA EE . -28.61 -21.75 -53.15
C3A CLA EE . -27.32 -21.73 -54.00
C4A CLA EE . -26.81 -20.29 -53.83
CMA CLA EE . -26.32 -22.74 -53.51
CAA CLA EE . -29.82 -21.75 -54.08
CBA CLA EE . -30.19 -20.35 -54.52
CGA CLA EE . -30.98 -20.32 -55.78
O1A CLA EE . -31.90 -21.06 -56.15
O2A CLA EE . -30.62 -19.28 -56.61
NB CLA EE . -25.44 -17.63 -53.54
C1B CLA EE . -25.16 -18.57 -54.48
C2B CLA EE . -24.13 -18.06 -55.42
C3B CLA EE . -23.83 -16.77 -55.02
C4B CLA EE . -24.66 -16.48 -53.82
CMB CLA EE . -23.64 -18.86 -56.54
CAB CLA EE . -22.92 -15.81 -55.58
CBB CLA EE . -22.72 -15.59 -56.89
NC CLA EE . -26.54 -15.77 -51.54
C1C CLA EE . -25.57 -14.97 -52.06
C2C CLA EE . -25.55 -13.70 -51.34
C3C CLA EE . -26.54 -13.78 -50.36
C4C CLA EE . -27.16 -15.10 -50.48
CMC CLA EE . -24.67 -12.57 -51.63
CAC CLA EE . -26.91 -12.74 -49.38
CBC CLA EE . -28.20 -12.04 -49.75
ND CLA EE . -28.51 -17.68 -50.93
C1D CLA EE . -28.88 -16.76 -49.89
C2D CLA EE . -30.03 -17.32 -49.15
C3D CLA EE . -30.31 -18.54 -49.73
C4D CLA EE . -29.30 -18.73 -50.79
CMD CLA EE . -30.72 -16.64 -48.06
CAD CLA EE . -31.16 -19.73 -49.71
OBD CLA EE . -32.17 -19.96 -49.07
CBD CLA EE . -30.53 -20.74 -50.72
CGD CLA EE . -29.98 -21.96 -50.03
O1D CLA EE . -28.85 -22.43 -50.14
O2D CLA EE . -30.86 -22.59 -49.21
CED CLA EE . -30.48 -23.89 -48.74
C1 CLA EE . -31.70 -18.56 -57.26
C2 CLA EE . -31.21 -17.19 -57.55
C3 CLA EE . -30.75 -16.83 -58.77
C4 CLA EE . -30.72 -17.79 -59.90
C5 CLA EE . -30.27 -15.45 -59.05
C6 CLA EE . -30.57 -14.44 -57.97
C7 CLA EE . -29.70 -13.21 -58.16
C8 CLA EE . -30.21 -12.00 -57.38
C9 CLA EE . -31.52 -11.52 -57.94
C10 CLA EE . -29.18 -10.87 -57.40
MG CLA FE . -22.80 -16.01 -41.98
CHA CLA FE . -21.44 -16.96 -38.95
CHB CLA FE . -23.13 -19.29 -42.85
CHC CLA FE . -24.22 -15.02 -44.95
CHD CLA FE . -22.39 -12.62 -41.06
NA CLA FE . -22.34 -17.81 -41.03
C1A CLA FE . -21.79 -18.00 -39.76
C2A CLA FE . -21.64 -19.49 -39.45
C3A CLA FE . -22.04 -20.18 -40.77
C4A CLA FE . -22.56 -19.03 -41.62
CMA CLA FE . -20.87 -20.87 -41.43
CAA CLA FE . -22.63 -19.91 -38.37
CBA CLA FE . -23.44 -21.12 -38.82
CGA CLA FE . -24.76 -21.19 -38.13
O1A CLA FE . -25.08 -21.79 -37.11
O2A CLA FE . -25.73 -20.44 -38.76
NB CLA FE . -23.56 -16.97 -43.57
C1B CLA FE . -23.60 -18.31 -43.74
C2B CLA FE . -24.18 -18.64 -45.06
C3B CLA FE . -24.50 -17.45 -45.67
C4B CLA FE . -24.10 -16.36 -44.73
CMB CLA FE . -24.31 -20.02 -45.51
CAB CLA FE . -25.09 -17.18 -46.95
CBB CLA FE . -26.27 -16.57 -47.13
NC CLA FE . -23.21 -14.15 -42.84
C1C CLA FE . -23.79 -13.98 -44.07
C2C CLA FE . -23.94 -12.56 -44.35
C3C CLA FE . -23.43 -11.88 -43.26
C4C CLA FE . -22.97 -12.88 -42.30
CMC CLA FE . -24.53 -12.01 -45.58
CAC CLA FE . -23.36 -10.42 -43.07
CBC CLA FE . -24.52 -9.90 -42.25
ND CLA FE . -22.05 -14.96 -40.43
C1D CLA FE . -21.96 -13.58 -40.16
C2D CLA FE . -21.34 -13.38 -38.84
C3D CLA FE . -21.11 -14.65 -38.34
C4D CLA FE . -21.59 -15.60 -39.36
CMD CLA FE . -21.04 -12.08 -38.23
CAD CLA FE . -20.59 -15.44 -37.23
OBD CLA FE . -20.05 -15.05 -36.21
CBD CLA FE . -20.80 -16.94 -37.58
CGD CLA FE . -19.50 -17.68 -37.60
O1D CLA FE . -18.56 -17.52 -38.40
O2D CLA FE . -19.34 -18.59 -36.61
CED CLA FE . -18.01 -19.02 -36.30
C1 CLA FE . -27.09 -20.86 -38.58
C2 CLA FE . -27.94 -19.79 -39.18
C3 CLA FE . -28.18 -18.63 -38.55
C4 CLA FE . -27.64 -18.33 -37.19
C5 CLA FE . -29.03 -17.58 -39.16
C6 CLA FE . -28.21 -16.37 -39.60
C7 CLA FE . -27.17 -16.76 -40.62
C8 CLA FE . -26.19 -15.64 -40.92
C9 CLA FE . -25.51 -15.18 -39.65
C10 CLA FE . -26.88 -14.47 -41.61
C11 CLA FE . -27.43 -14.86 -42.95
C12 CLA FE . -27.93 -13.65 -43.71
C13 CLA FE . -29.12 -13.99 -44.59
C14 CLA FE . -29.76 -12.73 -45.14
MG CLA GE . -13.70 -15.54 -42.69
CHA CLA GE . -12.23 -18.58 -41.92
CHB CLA GE . -16.27 -16.24 -40.56
CHC CLA GE . -15.11 -12.49 -43.43
CHD CLA GE . -11.07 -14.88 -44.95
NA CLA GE . -14.16 -17.16 -41.46
C1A CLA GE . -13.41 -18.34 -41.28
C2A CLA GE . -14.11 -19.27 -40.30
C3A CLA GE . -15.47 -18.58 -40.03
C4A CLA GE . -15.30 -17.22 -40.71
CMA CLA GE . -16.62 -19.36 -40.62
CAA CLA GE . -13.30 -19.38 -39.01
CBA CLA GE . -14.01 -18.72 -37.84
CGA CLA GE . -13.63 -17.28 -37.72
O1A CLA GE . -13.16 -16.52 -38.57
O2A CLA GE . -13.87 -16.78 -36.46
NB CLA GE . -15.42 -14.60 -42.19
C1B CLA GE . -16.21 -14.98 -41.16
C2B CLA GE . -17.09 -13.84 -40.74
C3B CLA GE . -16.76 -12.77 -41.55
C4B CLA GE . -15.71 -13.24 -42.49
CMB CLA GE . -18.04 -13.93 -39.64
CAB CLA GE . -17.28 -11.43 -41.58
CBB CLA GE . -18.57 -11.11 -41.73
NC CLA GE . -13.19 -13.98 -43.96
C1C CLA GE . -13.91 -12.83 -44.13
C2C CLA GE . -13.28 -11.97 -45.13
C3C CLA GE . -12.12 -12.64 -45.54
C4C CLA GE . -12.07 -13.91 -44.82
CMC CLA GE . -13.77 -10.66 -45.56
CAC CLA GE . -11.14 -12.18 -46.52
CBC CLA GE . -9.88 -11.66 -45.87
ND CLA GE . -11.96 -16.40 -43.24
C1D CLA GE . -11.00 -16.05 -44.22
C2D CLA GE . -9.96 -17.11 -44.28
C3D CLA GE . -10.37 -18.08 -43.38
C4D CLA GE . -11.64 -17.61 -42.81
CMD CLA GE . -8.78 -17.07 -45.12
CAD CLA GE . -10.07 -19.37 -42.77
OBD CLA GE . -9.04 -20.06 -42.85
CBD CLA GE . -11.31 -19.78 -41.91
CGD CLA GE . -12.00 -20.96 -42.52
O1D CLA GE . -12.55 -21.04 -43.62
O2D CLA GE . -12.00 -22.07 -41.73
CED CLA GE . -12.44 -23.30 -42.30
C1 CLA GE . -15.12 -16.10 -36.28
C2 CLA GE . -14.85 -14.66 -36.44
C3 CLA GE . -15.76 -13.71 -36.18
C4 CLA GE . -17.12 -14.04 -35.70
C5 CLA GE . -15.44 -12.26 -36.35
C6 CLA GE . -15.70 -11.78 -37.76
C7 CLA GE . -14.48 -11.11 -38.32
C8 CLA GE . -13.32 -12.06 -38.57
C9 CLA GE . -12.06 -11.51 -37.95
C10 CLA GE . -13.14 -12.29 -40.08
C11 CLA GE . -11.71 -12.56 -40.49
C12 CLA GE . -11.34 -14.03 -40.38
C13 CLA GE . -10.07 -14.37 -41.15
C14 CLA GE . -9.23 -15.38 -40.37
C15 CLA GE . -9.24 -13.14 -41.48
MG CLA HE . -19.41 1.14 -45.10
CHA CLA HE . -20.37 4.45 -44.71
CHB CLA HE . -16.50 1.80 -43.47
CHC CLA HE . -18.63 -2.19 -45.29
CHD CLA HE . -22.47 0.51 -46.76
NA CLA HE . -18.57 2.86 -44.26
C1A CLA HE . -19.13 4.14 -44.18
C2A CLA HE . -18.19 5.10 -43.47
C3A CLA HE . -16.90 4.28 -43.32
C4A CLA HE . -17.33 2.87 -43.69
CMA CLA HE . -15.80 4.79 -44.21
CAA CLA HE . -18.75 5.44 -42.10
CBA CLA HE . -19.32 4.21 -41.41
CGA CLA HE . -19.72 4.49 -39.99
O1A CLA HE . -20.13 5.54 -39.51
O2A CLA HE . -19.61 3.40 -39.18
NB CLA HE . -17.83 0.02 -44.54
C1B CLA HE . -16.79 0.47 -43.80
C2B CLA HE . -15.96 -0.69 -43.38
C3B CLA HE . -16.55 -1.82 -43.88
C4B CLA HE . -17.75 -1.38 -44.64
CMB CLA HE . -14.75 -0.56 -42.57
CAB CLA HE . -16.15 -3.19 -43.76
CBB CLA HE . -16.79 -4.10 -43.02
NC CLA HE . -20.37 -0.53 -45.93
C1C CLA HE . -19.85 -1.79 -45.90
C2C CLA HE . -20.77 -2.71 -46.57
C3C CLA HE . -21.87 -1.95 -46.96
C4C CLA HE . -21.61 -0.58 -46.56
CMC CLA HE . -20.53 -4.15 -46.73
CAC CLA HE . -23.07 -2.44 -47.67
CBC CLA HE . -24.23 -2.65 -46.73
ND CLA HE . -21.04 2.18 -45.68
C1D CLA HE . -22.23 1.80 -46.35
C2D CLA HE . -23.09 3.00 -46.51
C3D CLA HE . -22.43 4.04 -45.90
C4D CLA HE . -21.16 3.48 -45.38
CMD CLA HE . -24.39 3.00 -47.18
CAD CLA HE . -22.44 5.46 -45.57
OBD CLA HE . -23.27 6.32 -45.83
CBD CLA HE . -21.13 5.75 -44.77
CGD CLA HE . -20.32 6.83 -45.41
O1D CLA HE . -19.40 6.70 -46.23
O2D CLA HE . -20.66 8.09 -45.04
CED CLA HE . -19.61 9.07 -44.97
C1 CLA HE . -20.36 3.46 -37.95
C2 CLA HE . -20.51 2.05 -37.46
C3 CLA HE . -21.49 1.67 -36.64
C4 CLA HE . -22.53 2.62 -36.16
C5 CLA HE . -21.60 0.26 -36.18
C6 CLA HE . -22.71 -0.49 -36.90
C7 CLA HE . -22.73 -1.96 -36.48
C8 CLA HE . -23.65 -2.79 -37.35
C9 CLA HE . -24.95 -2.06 -37.64
C10 CLA HE . -23.94 -4.14 -36.71
MG CLA IE . -15.44 -2.74 -60.63
CHA CLA IE . -15.05 0.70 -60.54
CHB CLA IE . -17.74 -2.42 -63.11
CHC CLA IE . -15.84 -6.16 -60.62
CHD CLA IE . -13.15 -3.03 -57.95
NA CLA IE . -16.22 -1.11 -61.66
C1A CLA IE . -15.93 0.25 -61.47
C2A CLA IE . -16.72 1.11 -62.46
C3A CLA IE . -17.63 0.09 -63.20
C4A CLA IE . -17.17 -1.26 -62.64
CMA CLA IE . -19.09 0.35 -62.94
CAA CLA IE . -15.77 1.78 -63.43
CBA CLA IE . -15.73 1.08 -64.77
CGA CLA IE . -14.36 0.53 -65.07
O1A CLA IE . -13.27 0.94 -64.68
O2A CLA IE . -14.40 -0.57 -65.87
NB CLA IE . -16.62 -4.03 -61.63
C1B CLA IE . -17.42 -3.72 -62.68
C2B CLA IE . -17.94 -4.96 -63.31
C3B CLA IE . -17.42 -6.03 -62.62
C4B CLA IE . -16.56 -5.45 -61.53
CMB CLA IE . -18.84 -4.94 -64.47
CAB CLA IE . -17.56 -7.45 -62.80
CBB CLA IE . -18.68 -8.08 -63.12
NC CLA IE . -14.62 -4.30 -59.51
C1C CLA IE . -14.92 -5.63 -59.68
C2C CLA IE . -14.16 -6.44 -58.73
C3C CLA IE . -13.40 -5.55 -57.97
C4C CLA IE . -13.71 -4.21 -58.46
CMC CLA IE . -14.23 -7.90 -58.63
CAC CLA IE . -12.47 -5.86 -56.88
CBC CLA IE . -11.04 -5.91 -57.37
ND CLA IE . -14.22 -1.53 -59.57
C1D CLA IE . -13.38 -1.77 -58.45
C2D CLA IE . -12.84 -0.48 -57.97
C3D CLA IE . -13.42 0.50 -58.76
C4D CLA IE . -14.30 -0.21 -59.71
CMD CLA IE . -11.87 -0.33 -56.88
CAD CLA IE . -13.50 1.91 -59.07
OBD CLA IE . -12.82 2.83 -58.65
CBD CLA IE . -14.66 2.08 -60.09
CGD CLA IE . -15.79 2.73 -59.35
O1D CLA IE . -16.07 2.62 -58.16
O2D CLA IE . -16.61 3.51 -60.12
CED CLA IE . -17.82 3.94 -59.49
C1 CLA IE . -13.89 -1.81 -65.32
C2 CLA IE . -14.21 -2.88 -66.28
C3 CLA IE . -14.50 -4.15 -65.88
C4 CLA IE . -14.82 -5.21 -66.85
C5 CLA IE . -14.50 -4.52 -64.44
MG CLA JE . -25.95 5.26 -53.26
CHA CLA JE . -25.79 7.40 -56.00
CHB CLA JE . -28.26 7.29 -51.82
CHC CLA JE . -26.00 3.16 -50.54
CHD CLA JE . -23.51 3.20 -54.79
NA CLA JE . -26.89 7.03 -53.84
C1A CLA JE . -26.69 7.77 -55.02
C2A CLA JE . -27.58 9.02 -55.05
C3A CLA JE . -28.38 8.91 -53.72
C4A CLA JE . -27.82 7.66 -53.06
CMA CLA JE . -28.22 10.14 -52.86
CAA CLA JE . -28.52 9.01 -56.23
CBA CLA JE . -29.31 7.73 -56.33
CGA CLA JE . -29.87 7.58 -57.71
O1A CLA JE . -29.26 7.54 -58.79
O2A CLA JE . -31.23 7.51 -57.75
NB CLA JE . -26.97 5.21 -51.52
C1B CLA JE . -27.84 6.16 -51.09
C2B CLA JE . -28.28 5.85 -49.70
C3B CLA JE . -27.64 4.68 -49.33
C4B CLA JE . -26.79 4.26 -50.49
CMB CLA JE . -29.22 6.70 -48.97
CAB CLA JE . -27.68 3.90 -48.12
CBB CLA JE . -28.00 4.33 -46.90
NC CLA JE . -24.95 3.49 -52.78
C1C CLA JE . -25.14 2.79 -51.61
C2C CLA JE . -24.30 1.60 -51.61
C3C CLA JE . -23.58 1.61 -52.81
C4C CLA JE . -24.01 2.80 -53.53
CMC CLA JE . -24.24 0.62 -50.53
CAC CLA JE . -22.61 0.61 -53.27
CBC CLA JE . -23.19 -0.28 -54.35
ND CLA JE . -24.88 5.22 -54.98
C1D CLA JE . -23.91 4.33 -55.48
C2D CLA JE . -23.42 4.81 -56.79
C3D CLA JE . -24.10 6.00 -57.03
C4D CLA JE . -25.00 6.21 -55.88
CMD CLA JE . -22.41 4.15 -57.61
CAD CLA JE . -24.28 7.11 -57.93
OBD CLA JE . -23.72 7.36 -59.00
CBD CLA JE . -25.37 8.04 -57.30
CGD CLA JE . -24.86 9.44 -57.11
O1D CLA JE . -24.87 10.37 -57.94
O2D CLA JE . -24.33 9.68 -55.88
CED CLA JE . -23.90 11.01 -55.59
C1 CLA JE . -31.84 6.33 -57.17
C2 CLA JE . -31.53 5.19 -58.07
C3 CLA JE . -32.44 4.24 -58.36
C4 CLA JE . -33.81 4.27 -57.79
C5 CLA JE . -32.10 3.11 -59.26
C6 CLA JE . -32.19 1.76 -58.56
MG CLA KE . -28.89 9.52 -45.43
CHA CLA KE . -27.97 11.15 -48.36
CHB CLA KE . -31.37 11.80 -44.95
CHC CLA KE . -29.81 7.82 -42.61
CHD CLA KE . -26.30 7.17 -46.01
NA CLA KE . -29.54 11.20 -46.50
C1A CLA KE . -29.03 11.71 -47.70
C2A CLA KE . -29.81 12.93 -48.15
C3A CLA KE . -30.77 13.21 -46.96
C4A CLA KE . -30.58 11.99 -46.07
CMA CLA KE . -30.42 14.50 -46.25
CAA CLA KE . -30.62 12.57 -49.39
CBA CLA KE . -31.20 11.18 -49.27
CGA CLA KE . -31.94 10.73 -50.50
O1A CLA KE . -32.93 11.25 -51.03
O2A CLA KE . -31.43 9.61 -51.07
NB CLA KE . -30.26 9.82 -44.00
C1B CLA KE . -31.27 10.73 -44.05
C2B CLA KE . -32.28 10.44 -42.99
C3B CLA KE . -31.84 9.31 -42.33
C4B CLA KE . -30.56 8.90 -42.96
CMB CLA KE . -33.48 11.24 -42.80
CAB CLA KE . -32.43 8.57 -41.24
CBB CLA KE . -32.99 9.11 -40.15
NC CLA KE . -28.16 7.82 -44.48
C1C CLA KE . -28.69 7.30 -43.32
C2C CLA KE . -27.93 6.12 -42.92
C3C CLA KE . -26.96 5.92 -43.89
C4C CLA KE . -27.11 6.99 -44.87
CMC CLA KE . -28.20 5.32 -41.72
CAC CLA KE . -25.95 4.84 -43.95
CBC CLA KE . -24.76 5.09 -43.06
ND CLA KE . -27.49 9.14 -46.85
C1D CLA KE . -26.46 8.17 -46.94
C2D CLA KE . -25.66 8.42 -48.15
C3D CLA KE . -26.20 9.56 -48.74
C4D CLA KE . -27.32 9.97 -47.88
CMD CLA KE . -24.53 7.61 -48.59
CAD CLA KE . -26.12 10.50 -49.84
OBD CLA KE . -25.38 10.51 -50.81
CBD CLA KE . -27.22 11.57 -49.59
CGD CLA KE . -26.57 12.92 -49.38
O1D CLA KE . -26.66 13.63 -48.38
O2D CLA KE . -25.80 13.34 -50.41
CED CLA KE . -24.75 14.27 -50.12
C1 CLA KE . -32.28 8.89 -51.99
C2 CLA KE . -31.56 7.65 -52.35
C3 CLA KE . -32.02 6.71 -53.20
C4 CLA KE . -33.33 6.86 -53.90
C5 CLA KE . -31.23 5.50 -53.52
C6 CLA KE . -31.67 4.28 -52.71
C7 CLA KE . -30.94 4.24 -51.38
C8 CLA KE . -31.24 2.95 -50.62
C9 CLA KE . -31.70 3.27 -49.21
C10 CLA KE . -30.00 2.05 -50.57
C11 CLA KE . -30.36 0.64 -50.18
C12 CLA KE . -29.14 -0.22 -49.97
C13 CLA KE . -28.65 -0.17 -48.53
C14 CLA KE . -27.45 -1.07 -48.31
C15 CLA KE . -29.76 -0.54 -47.54
MG CLA LE . -22.06 10.18 -36.36
CHA CLA LE . -21.69 8.94 -39.58
CHB CLA LE . -25.43 9.75 -36.59
CHC CLA LE . -22.35 11.20 -33.10
CHD CLA LE . -18.57 10.69 -36.20
NA CLA LE . -23.33 9.48 -37.86
C1A CLA LE . -22.98 8.98 -39.12
C2A CLA LE . -24.21 8.58 -39.92
C3A CLA LE . -25.38 9.03 -39.01
C4A CLA LE . -24.69 9.44 -37.71
CMA CLA LE . -26.08 10.19 -39.66
CAA CLA LE . -24.27 7.09 -40.21
CBA CLA LE . -23.78 6.21 -39.07
CGA CLA LE . -24.32 4.83 -39.28
O1A CLA LE . -25.49 4.48 -39.46
O2A CLA LE . -23.35 3.85 -39.25
NB CLA LE . -23.60 10.41 -35.08
C1B CLA LE . -24.91 10.17 -35.36
C2B CLA LE . -25.73 10.44 -34.14
C3B CLA LE . -24.86 10.85 -33.16
C4B CLA LE . -23.49 10.85 -33.75
CMB CLA LE . -27.18 10.28 -34.11
CAB CLA LE . -25.10 11.25 -31.79
CBB CLA LE . -25.81 10.58 -30.89
NC CLA LE . -20.69 10.86 -34.94
C1C CLA LE . -21.04 11.23 -33.66
C2C CLA LE . -19.84 11.63 -32.92
C3C CLA LE . -18.77 11.49 -33.80
C4C CLA LE . -19.31 11.00 -35.06
CMC CLA LE . -19.83 12.10 -31.54
CAC CLA LE . -17.35 11.79 -33.52
CBC CLA LE . -16.50 10.54 -33.40
ND CLA LE . -20.47 9.97 -37.58
C1D CLA LE . -19.08 10.20 -37.39
C2D CLA LE . -18.36 9.84 -38.63
C3D CLA LE . -19.31 9.34 -39.50
C4D CLA LE . -20.60 9.45 -38.80
CMD CLA LE . -16.92 9.96 -38.81
CAD CLA LE . -19.57 8.81 -40.83
OBD CLA LE . -18.79 8.62 -41.75
CBD CLA LE . -21.09 8.49 -40.90
CGD CLA LE . -21.78 9.16 -42.06
O1D CLA LE . -21.62 10.32 -42.46
O2D CLA LE . -22.65 8.36 -42.72
CED CLA LE . -23.77 8.96 -43.36
C1 CLA LE . -22.94 3.29 -40.51
C2 CLA LE . -23.92 2.24 -40.88
C3 CLA LE . -23.72 1.42 -41.93
C4 CLA LE . -22.51 1.50 -42.78
C5 CLA LE . -24.73 0.37 -42.29
C6 CLA LE . -25.06 0.35 -43.77
C7 CLA LE . -26.39 1.02 -44.03
C8 CLA LE . -27.57 0.11 -43.67
MG CLA ME . -12.95 4.72 -41.84
CHA CLA ME . -10.74 2.28 -42.97
CHB CLA ME . -13.85 2.69 -39.26
CHC CLA ME . -15.27 7.06 -40.88
CHD CLA ME . -11.91 6.83 -44.49
NA CLA ME . -12.35 2.81 -41.22
C1A CLA ME . -11.43 1.95 -41.83
C2A CLA ME . -11.28 0.65 -41.03
C3A CLA ME . -12.17 0.90 -39.78
C4A CLA ME . -12.86 2.23 -40.09
CMA CLA ME . -13.16 -0.21 -39.54
CAA CLA ME . -9.85 0.41 -40.60
CBA CLA ME . -9.64 -0.95 -39.96
CGA CLA ME . -10.31 -2.03 -40.78
O1A CLA ME . -10.48 -2.08 -41.99
O2A CLA ME . -10.76 -3.06 -40.01
NB CLA ME . -14.28 4.86 -40.34
C1B CLA ME . -14.56 3.89 -39.43
C2B CLA ME . -15.73 4.29 -38.60
C3B CLA ME . -16.13 5.53 -39.05
C4B CLA ME . -15.22 5.91 -40.16
CMB CLA ME . -16.26 3.45 -37.53
CAB CLA ME . -17.20 6.38 -38.61
CBB CLA ME . -17.55 6.62 -37.34
NC CLA ME . -13.47 6.61 -42.55
C1C CLA ME . -14.44 7.40 -42.00
C2C CLA ME . -14.54 8.66 -42.73
C3C CLA ME . -13.59 8.60 -43.75
C4C CLA ME . -12.92 7.30 -43.63
CMC CLA ME . -15.48 9.73 -42.42
CAC CLA ME . -13.31 9.63 -44.75
CBC CLA ME . -12.38 10.71 -44.22
ND CLA ME . -11.63 4.65 -43.38
C1D CLA ME . -11.30 5.59 -44.39
C2D CLA ME . -10.28 5.00 -45.27
C3D CLA ME . -10.06 3.71 -44.81
C4D CLA ME . -10.92 3.55 -43.61
CMD CLA ME . -9.69 5.67 -46.43
CAD CLA ME . -9.32 2.48 -44.97
OBD CLA ME . -8.50 2.16 -45.84
CBD CLA ME . -9.74 1.52 -43.82
CGD CLA ME . -10.30 0.24 -44.34
O1D CLA ME . -9.67 -0.77 -44.71
O2D CLA ME . -11.65 0.20 -44.43
CED CLA ME . -12.25 -0.85 -45.19
C1 CLA ME . -12.03 -3.63 -40.38
C2 CLA ME . -12.57 -4.26 -39.14
C3 CLA ME . -13.87 -4.27 -38.83
C4 CLA ME . -14.36 -4.91 -37.60
C5 CLA ME . -14.89 -3.64 -39.71
C6 CLA ME . -15.90 -2.83 -38.92
C7 CLA ME . -17.16 -2.55 -39.71
C8 CLA ME . -17.61 -1.10 -39.64
C9 CLA ME . -16.89 -0.33 -38.56
C10 CLA ME . -19.11 -1.02 -39.40
C11 CLA ME . -19.85 -0.56 -40.64
C12 CLA ME . -21.22 -1.19 -40.77
C13 CLA ME . -21.16 -2.62 -41.30
C14 CLA ME . -20.04 -2.80 -42.30
C15 CLA ME . -22.48 -3.05 -41.93
C16 CLA ME . -22.36 -4.41 -42.57
C17 CLA ME . -22.20 -5.51 -41.54
C18 CLA ME . -21.41 -6.70 -42.09
C19 CLA ME . -19.93 -6.41 -42.12
C20 CLA ME . -21.89 -7.09 -43.47
MG CLA NE . -16.54 -3.11 -25.35
CHA CLA NE . -17.86 -6.24 -26.01
CHB CLA NE . -19.19 -1.66 -26.91
CHC CLA NE . -15.31 -0.03 -24.45
CHD CLA NE . -13.78 -4.67 -23.78
NA CLA NE . -18.22 -3.86 -26.31
C1A CLA NE . -18.61 -5.18 -26.47
C2A CLA NE . -19.92 -5.29 -27.22
C3A CLA NE . -20.18 -3.86 -27.70
C4A CLA NE . -19.15 -3.05 -26.91
CMA CLA NE . -19.97 -3.76 -29.18
CAA CLA NE . -20.95 -5.67 -26.17
CBA CLA NE . -22.36 -5.27 -26.52
CGA CLA NE . -23.24 -5.57 -25.34
O1A CLA NE . -22.98 -6.23 -24.34
O2A CLA NE . -24.48 -5.00 -25.45
NB CLA NE . -17.11 -1.21 -25.67
C1B CLA NE . -18.28 -0.83 -26.25
C2B CLA NE . -18.46 0.64 -26.11
C3B CLA NE . -17.36 1.11 -25.42
C4B CLA NE . -16.50 -0.06 -25.12
CMB CLA NE . -19.64 1.33 -26.65
CAB CLA NE . -17.01 2.44 -24.99
CBB CLA NE . -17.45 3.60 -25.49
NC CLA NE . -14.83 -2.47 -24.33
C1C CLA NE . -14.52 -1.16 -24.07
C2C CLA NE . -13.28 -1.07 -23.34
C3C CLA NE . -12.84 -2.39 -23.13
C4C CLA NE . -13.83 -3.26 -23.76
CMC CLA NE . -12.64 0.17 -22.89
CAC CLA NE . -11.63 -2.83 -22.43
CBC CLA NE . -11.95 -3.35 -21.05
ND CLA NE . -15.90 -4.98 -24.95
C1D CLA NE . -14.73 -5.49 -24.31
C2D CLA NE . -14.77 -6.97 -24.35
C3D CLA NE . -15.96 -7.31 -24.97
C4D CLA NE . -16.61 -6.04 -25.33
CMD CLA NE . -13.75 -7.85 -23.80
CAD CLA NE . -16.82 -8.39 -25.44
OBD CLA NE . -16.67 -9.61 -25.33
CBD CLA NE . -18.04 -7.73 -26.14
CGD CLA NE . -18.13 -8.12 -27.59
O1D CLA NE . -18.03 -7.39 -28.57
O2D CLA NE . -18.34 -9.45 -27.78
CED CLA NE . -18.52 -9.90 -29.12
C1 CLA NE . -25.43 -5.33 -24.42
C2 CLA NE . -26.51 -4.32 -24.53
C3 CLA NE . -27.71 -4.59 -25.06
C4 CLA NE . -28.04 -5.92 -25.60
C5 CLA NE . -28.76 -3.54 -25.14
C6 CLA NE . -29.56 -3.42 -23.87
C7 CLA NE . -30.53 -2.25 -23.95
C8 CLA NE . -31.31 -2.07 -22.67
C9 CLA NE . -32.80 -1.99 -22.94
C10 CLA NE . -30.82 -0.85 -21.91
C11 CLA NE . -31.59 0.42 -22.25
C12 CLA NE . -31.51 1.44 -21.12
C13 CLA NE . -32.17 2.75 -21.49
C14 CLA NE . -33.63 2.55 -21.84
C15 CLA NE . -31.45 3.44 -22.64
C16 CLA NE . -32.00 4.82 -22.88
C17 CLA NE . -31.19 5.57 -23.93
C18 CLA NE . -31.45 7.07 -23.86
C19 CLA NE . -31.10 7.75 -25.17
MG CLA OE . -23.34 -12.84 -31.30
CHA CLA OE . -22.52 -9.68 -30.13
CHB CLA OE . -24.11 -11.52 -34.33
CHC CLA OE . -24.07 -16.00 -32.42
CHD CLA OE . -22.54 -14.17 -28.12
NA CLA OE . -23.33 -10.90 -32.07
C1A CLA OE . -22.96 -9.72 -31.43
C2A CLA OE . -23.13 -8.51 -32.36
C3A CLA OE . -23.76 -9.11 -33.64
C4A CLA OE . -23.74 -10.62 -33.36
CMA CLA OE . -25.15 -8.60 -33.88
CAA CLA OE . -21.79 -7.85 -32.65
CBA CLA OE . -21.82 -7.00 -33.92
CGA CLA OE . -21.21 -5.67 -33.61
O1A CLA OE . -21.58 -4.83 -32.79
O2A CLA OE . -20.10 -5.41 -34.37
NB CLA OE . -24.11 -13.59 -33.01
C1B CLA OE . -24.13 -12.91 -34.18
C2B CLA OE . -24.17 -13.86 -35.33
C3B CLA OE . -24.16 -15.13 -34.79
C4B CLA OE . -24.12 -14.98 -33.32
CMB CLA OE . -24.19 -13.41 -36.72
CAB CLA OE . -24.17 -16.44 -35.42
CBB CLA OE . -24.64 -16.74 -36.63
NC CLA OE . -23.34 -14.74 -30.42
C1C CLA OE . -23.70 -15.89 -31.06
C2C CLA OE . -23.63 -17.01 -30.13
C3C CLA OE . -23.14 -16.50 -28.91
C4C CLA OE . -22.98 -15.07 -29.10
CMC CLA OE . -23.96 -18.40 -30.47
CAC CLA OE . -22.90 -17.23 -27.66
CBC CLA OE . -24.01 -17.04 -26.65
ND CLA OE . -22.58 -12.18 -29.55
C1D CLA OE . -22.35 -12.82 -28.31
C2D CLA OE . -21.88 -11.82 -27.33
C3D CLA OE . -21.90 -10.62 -27.98
C4D CLA OE . -22.38 -10.88 -29.36
CMD CLA OE . -21.48 -12.12 -25.95
CAD CLA OE . -21.63 -9.19 -27.89
OBD CLA OE . -21.13 -8.58 -26.97
CBD CLA OE . -22.13 -8.54 -29.22
CGD CLA OE . -23.29 -7.63 -28.99
O1D CLA OE . -24.22 -7.78 -28.19
O2D CLA OE . -23.29 -6.51 -29.77
CED CLA OE . -24.38 -5.60 -29.61
C1 CLA OE . -20.16 -4.22 -35.18
C2 CLA OE . -19.58 -3.11 -34.39
C3 CLA OE . -18.33 -2.67 -34.56
C4 CLA OE . -17.41 -3.26 -35.57
C5 CLA OE . -17.79 -1.56 -33.72
C6 CLA OE . -17.68 -0.25 -34.47
C7 CLA OE . -17.28 0.87 -33.53
C8 CLA OE . -17.19 2.21 -34.24
C9 CLA OE . -16.24 3.14 -33.51
C10 CLA OE . -18.56 2.86 -34.37
C11 CLA OE . -19.14 3.21 -33.03
C12 CLA OE . -20.48 3.91 -33.15
C13 CLA OE . -21.27 3.85 -31.85
C14 CLA OE . -22.70 4.30 -32.08
C15 CLA OE . -20.61 4.69 -30.75
C16 CLA OE . -21.49 4.82 -29.52
C17 CLA OE . -21.53 3.55 -28.72
C18 CLA OE . -22.33 3.70 -27.43
C19 CLA OE . -23.81 3.85 -27.71
C20 CLA OE . -21.83 4.88 -26.61
MG CLA PE . -1.13 -15.23 -26.71
CHA CLA PE . 0.19 -17.13 -29.30
CHB CLA PE . -2.72 -17.98 -25.50
CHC CLA PE . -2.33 -13.32 -24.12
CHD CLA PE . 0.53 -12.40 -28.01
NA CLA PE . -1.25 -17.22 -27.34
C1A CLA PE . -0.63 -17.82 -28.44
C2A CLA PE . -1.01 -19.30 -28.54
C3A CLA PE . -2.08 -19.47 -27.44
C4A CLA PE . -2.02 -18.15 -26.68
CMA CLA PE . -3.44 -19.72 -28.03
CAA CLA PE . 0.20 -20.18 -28.28
CBA CLA PE . 1.05 -19.67 -27.14
CGA CLA PE . 0.63 -20.34 -25.86
O1A CLA PE . -0.26 -21.16 -25.68
O2A CLA PE . 1.38 -19.94 -24.79
NB CLA PE . -2.36 -15.57 -25.14
C1B CLA PE . -2.77 -16.80 -24.73
C2B CLA PE . -3.31 -16.72 -23.35
C3B CLA PE . -3.20 -15.40 -22.95
C4B CLA PE . -2.60 -14.66 -24.10
CMB CLA PE . -3.84 -17.89 -22.64
CAB CLA PE . -3.57 -14.74 -21.73
CBB CLA PE . -3.46 -15.25 -20.49
NC CLA PE . -0.97 -13.21 -26.19
C1C CLA PE . -1.57 -12.64 -25.12
C2C CLA PE . -1.28 -11.21 -25.08
C3C CLA PE . -0.43 -10.94 -26.16
C4C CLA PE . -0.24 -12.21 -26.86
CMC CLA PE . -1.77 -10.28 -24.06
CAC CLA PE . 0.13 -9.64 -26.55
CBC CLA PE . 1.62 -9.54 -26.30
ND CLA PE . 0.09 -14.79 -28.26
C1D CLA PE . 0.71 -13.59 -28.68
C2D CLA PE . 1.53 -13.86 -29.87
C3D CLA PE . 1.38 -15.20 -30.15
C4D CLA PE . 0.46 -15.74 -29.12
CMD CLA PE . 2.33 -12.85 -30.56
CAD CLA PE . 1.75 -16.30 -31.02
OBD CLA PE . 2.51 -16.31 -32.00
CBD CLA PE . 0.97 -17.56 -30.52
CGD CLA PE . 0.13 -18.13 -31.63
O1D CLA PE . -0.85 -17.64 -32.13
O2D CLA PE . 0.58 -19.33 -32.10
CED CLA PE . 0.30 -19.63 -33.47
C1 CLA PE . 0.66 -19.54 -23.60
C2 CLA PE . 0.44 -18.08 -23.71
C3 CLA PE . 1.20 -17.18 -23.06
C4 CLA PE . 2.32 -17.60 -22.17
C5 CLA PE . 0.95 -15.72 -23.20
C6 CLA PE . 2.06 -14.98 -23.92
C7 CLA PE . 2.41 -15.66 -25.23
C8 CLA PE . 3.28 -14.79 -26.13
C9 CLA PE . 4.00 -15.64 -27.14
C10 CLA PE . 4.28 -13.97 -25.32
C11 CLA PE . 4.46 -12.59 -25.88
C12 CLA PE . 5.73 -12.48 -26.71
C13 CLA PE . 6.35 -11.10 -26.60
C14 CLA PE . 5.51 -10.08 -27.34
C15 CLA PE . 7.79 -11.08 -27.09
C16 CLA PE . 7.87 -11.09 -28.60
C17 CLA PE . 8.82 -10.02 -29.12
C18 CLA PE . 10.24 -10.53 -29.32
C19 CLA PE . 10.92 -9.77 -30.45
C20 CLA PE . 10.28 -12.02 -29.61
MG CLA QE . -5.88 -14.29 -34.26
CHA CLA QE . -6.80 -17.45 -35.36
CHB CLA QE . -2.94 -15.55 -33.12
CHC CLA QE . -4.91 -11.11 -33.43
CHD CLA QE . -8.96 -13.03 -35.46
NA CLA QE . -5.04 -16.20 -34.22
C1A CLA QE . -5.58 -17.39 -34.75
C2A CLA QE . -4.64 -18.56 -34.51
C3A CLA QE . -3.58 -17.97 -33.56
C4A CLA QE . -3.84 -16.47 -33.64
CMA CLA QE . -3.78 -18.50 -32.17
CAA CLA QE . -4.03 -19.06 -35.81
CBA CLA QE . -2.81 -18.27 -36.23
CGA CLA QE . -3.11 -17.39 -37.40
O1A CLA QE . -4.01 -16.55 -37.51
O2A CLA QE . -2.26 -17.58 -38.45
NB CLA QE . -4.27 -13.49 -33.37
C1B CLA QE . -3.11 -14.16 -33.13
C2B CLA QE . -2.02 -13.19 -32.80
C3B CLA QE . -2.56 -11.93 -32.88
C4B CLA QE . -4.00 -12.10 -33.23
CMB CLA QE . -0.66 -13.61 -32.48
CAB CLA QE . -1.95 -10.65 -32.67
CBB CLA QE . -2.36 -9.73 -31.80
NC CLA QE . -6.81 -12.42 -34.37
C1C CLA QE . -6.23 -11.26 -33.95
C2C CLA QE . -7.15 -10.14 -34.16
C3C CLA QE . -8.29 -10.68 -34.77
C4C CLA QE . -8.06 -12.12 -34.90
CMC CLA QE . -6.88 -8.74 -33.82
CAC CLA QE . -9.50 -9.95 -35.19
CBC CLA QE . -9.39 -9.43 -36.60
ND CLA QE . -7.54 -15.01 -35.17
C1D CLA QE . -8.74 -14.38 -35.59
C2D CLA QE . -9.62 -15.41 -36.20
C3D CLA QE . -8.92 -16.61 -36.14
C4D CLA QE . -7.64 -16.29 -35.49
CMD CLA QE . -10.95 -15.15 -36.74
CAD CLA QE . -8.94 -18.02 -36.43
OBD CLA QE . -9.81 -18.72 -36.96
CBD CLA QE . -7.57 -18.61 -35.95
CGD CLA QE . -7.74 -19.69 -34.93
O1D CLA QE . -8.25 -19.60 -33.81
O2D CLA QE . -7.26 -20.91 -35.32
CED CLA QE . -7.28 -21.96 -34.37
C1 CLA QE . -1.98 -16.43 -39.28
C2 CLA QE . -2.91 -16.50 -40.44
C3 CLA QE . -2.72 -15.78 -41.57
C4 CLA QE . -1.58 -14.86 -41.74
C5 CLA QE . -3.68 -15.91 -42.71
C6 CLA QE . -3.85 -14.63 -43.49
C7 CLA QE . -4.65 -14.88 -44.75
C8 CLA QE . -5.54 -13.70 -45.08
C9 CLA QE . -6.60 -13.52 -44.02
C10 CLA QE . -6.22 -13.89 -46.44
C11 CLA QE . -5.27 -13.59 -47.58
C12 CLA QE . -6.01 -13.54 -48.90
C13 CLA QE . -5.11 -13.77 -50.11
C14 CLA QE . -3.71 -13.23 -49.89
C15 CLA QE . -5.73 -13.13 -51.35
C16 CLA QE . -5.58 -14.02 -52.57
C17 CLA QE . -6.43 -13.52 -53.71
C18 CLA QE . -6.16 -14.28 -54.99
C19 CLA QE . -4.73 -14.08 -55.44
C20 CLA QE . -7.11 -13.84 -56.08
MG CLA RE . 0.14 3.14 -29.66
CHA CLA RE . 2.02 5.89 -28.67
CHB CLA RE . 1.30 3.52 -32.84
CHC CLA RE . -1.55 0.28 -30.57
CHD CLA RE . -0.96 2.74 -26.34
NA CLA RE . 1.43 4.51 -30.58
C1A CLA RE . 2.14 5.56 -29.99
C2A CLA RE . 2.99 6.29 -31.02
C3A CLA RE . 2.66 5.59 -32.35
C4A CLA RE . 1.73 4.45 -31.92
CMA CLA RE . 1.98 6.53 -33.31
CAA CLA RE . 4.45 6.06 -30.68
CBA CLA RE . 4.73 4.60 -30.36
CGA CLA RE . 6.04 4.46 -29.64
O1A CLA RE . 6.82 5.34 -29.29
O2A CLA RE . 6.36 3.15 -29.37
NB CLA RE . -0.01 2.06 -31.35
C1B CLA RE . 0.44 2.44 -32.56
C2B CLA RE . -0.14 1.57 -33.62
C3B CLA RE . -0.95 0.65 -33.00
C4B CLA RE . -0.89 0.96 -31.54
CMB CLA RE . 0.17 1.77 -35.01
CAB CLA RE . -1.76 -0.42 -33.52
CBB CLA RE . -1.62 -1.04 -34.70
NC CLA RE . -1.06 1.79 -28.64
C1C CLA RE . -1.63 0.67 -29.20
C2C CLA RE . -2.36 -0.08 -28.20
C3C CLA RE . -2.21 0.62 -27.00
C4C CLA RE . -1.37 1.78 -27.28
CMC CLA RE . -3.09 -1.32 -28.46
CAC CLA RE . -2.74 0.22 -25.68
CBC CLA RE . -1.78 -0.67 -24.94
ND CLA RE . 0.29 4.15 -27.92
C1D CLA RE . -0.19 3.85 -26.62
C2D CLA RE . 0.30 4.89 -25.70
C3D CLA RE . 1.15 5.71 -26.43
C4D CLA RE . 1.14 5.17 -27.80
CMD CLA RE . -0.04 5.01 -24.30
CAD CLA RE . 2.00 6.88 -26.40
OBD CLA RE . 2.21 7.67 -25.50
CBD CLA RE . 2.67 6.96 -27.80
CGD CLA RE . 2.57 8.36 -28.36
O1D CLA RE . 3.21 9.35 -28.00
O2D CLA RE . 1.64 8.52 -29.35
CED CLA RE . 1.64 9.77 -30.04
C1 CLA RE . 7.30 2.95 -28.29
C2 CLA RE . 7.47 1.48 -28.13
C3 CLA RE . 7.81 0.93 -26.96
C4 CLA RE . 8.05 1.74 -25.74
C5 CLA RE . 7.96 -0.54 -26.81
C6 CLA RE . 7.11 -1.12 -25.70
C7 CLA RE . 7.13 -2.63 -25.72
C8 CLA RE . 6.22 -3.23 -24.66
C9 CLA RE . 6.68 -2.81 -23.28
C10 CLA RE . 6.19 -4.74 -24.76
C11 CLA RE . 7.57 -5.34 -24.73
C12 CLA RE . 7.71 -6.39 -23.65
C13 CLA RE . 7.62 -7.81 -24.20
C14 CLA RE . 6.20 -8.32 -24.12
C15 CLA RE . 8.61 -8.72 -23.49
C16 CLA RE . 8.00 -10.03 -23.01
C17 CLA RE . 8.54 -10.41 -21.64
C18 CLA RE . 8.88 -11.89 -21.54
C19 CLA RE . 7.66 -12.74 -21.76
C20 CLA RE . 9.49 -12.19 -20.20
MG CLA SE . -24.84 13.23 -25.35
CHA CLA SE . -25.91 16.08 -26.98
CHB CLA SE . -26.44 14.26 -22.52
CHC CLA SE . -23.81 10.34 -23.80
CHD CLA SE . -23.21 12.20 -28.32
NA CLA SE . -25.99 14.90 -24.86
C1A CLA SE . -26.34 15.97 -25.69
C2A CLA SE . -27.20 16.98 -24.94
C3A CLA SE . -27.26 16.43 -23.50
C4A CLA SE . -26.53 15.09 -23.61
CMA CLA SE . -26.59 17.34 -22.52
CAA CLA SE . -28.59 17.04 -25.54
NB CLA SE . -25.09 12.44 -23.52
C1B CLA SE . -25.77 13.02 -22.50
C2B CLA SE . -25.71 12.15 -21.29
C3B CLA SE . -24.97 11.04 -21.64
C4B CLA SE . -24.56 11.21 -23.06
CMB CLA SE . -26.35 12.50 -20.03
CAB CLA SE . -24.61 9.89 -20.86
CBB CLA SE . -25.47 9.11 -20.21
NC CLA SE . -23.70 11.58 -25.95
C1C CLA SE . -23.40 10.51 -25.15
C2C CLA SE . -22.60 9.54 -25.88
C3C CLA SE . -22.43 10.07 -27.17
C4C CLA SE . -23.14 11.34 -27.21
CMC CLA SE . -22.09 8.29 -25.34
CAC CLA SE . -21.70 9.45 -28.30
CBC CLA SE . -22.63 8.80 -29.31
ND CLA SE . -24.54 13.93 -27.22
C1D CLA SE . -23.86 13.41 -28.34
C2D CLA SE . -23.96 14.38 -29.45
C3D CLA SE . -24.70 15.44 -28.97
C4D CLA SE . -25.06 15.10 -27.58
CMD CLA SE . -23.34 14.21 -30.76
CAD CLA SE . -25.27 16.75 -29.25
OBD CLA SE . -25.13 17.46 -30.25
CBD CLA SE . -26.10 17.16 -28.00
CGD CLA SE . -25.68 18.48 -27.41
O1D CLA SE . -26.34 19.52 -27.33
O2D CLA SE . -24.41 18.47 -26.93
CED CLA SE . -23.97 19.64 -26.23
MG CLA TE . -29.39 12.31 -16.21
CHA CLA TE . -29.27 15.36 -17.85
CHB CLA TE . -28.89 13.90 -13.24
CHC CLA TE . -29.55 9.27 -14.62
CHD CLA TE . -29.81 10.70 -19.33
NA CLA TE . -29.13 14.31 -15.66
C1A CLA TE . -29.12 15.44 -16.49
C2A CLA TE . -28.91 16.71 -15.69
C3A CLA TE . -28.67 16.20 -14.25
C4A CLA TE . -28.92 14.69 -14.37
CMA CLA TE . -27.28 16.51 -13.76
CAA CLA TE . -30.14 17.58 -15.75
CBA CLA TE . -31.27 17.00 -14.91
CGA CLA TE . -32.58 17.09 -15.64
O1A CLA TE . -32.89 17.82 -16.58
O2A CLA TE . -33.53 16.25 -15.14
NB CLA TE . -29.19 11.69 -14.30
C1B CLA TE . -29.10 12.50 -13.22
C2B CLA TE . -29.22 11.71 -11.96
C3B CLA TE . -29.41 10.40 -12.35
C4B CLA TE . -29.39 10.37 -13.84
CMB CLA TE . -29.17 12.33 -10.64
CAB CLA TE . -29.61 9.21 -11.56
CBB CLA TE . -30.23 9.12 -10.38
NC CLA TE . -29.64 10.34 -16.86
C1C CLA TE . -29.66 9.25 -16.04
C2C CLA TE . -29.84 8.04 -16.83
C3C CLA TE . -29.93 8.43 -18.17
C4C CLA TE . -29.78 9.89 -18.18
CMC CLA TE . -29.92 6.68 -16.28
CAC CLA TE . -30.10 7.56 -19.35
CBC CLA TE . -31.44 7.74 -20.02
ND CLA TE . -29.60 12.84 -18.15
C1D CLA TE . -29.73 12.08 -19.34
C2D CLA TE . -29.77 13.00 -20.50
C3D CLA TE . -29.62 14.27 -19.98
C4D CLA TE . -29.50 14.11 -18.53
CMD CLA TE . -29.93 12.57 -21.89
CAD CLA TE . -29.54 15.69 -20.28
OBD CLA TE . -29.67 16.27 -21.35
CBD CLA TE . -29.24 16.42 -18.93
CGD CLA TE . -27.92 17.13 -18.96
O1D CLA TE . -26.85 16.74 -18.51
O2D CLA TE . -27.96 18.35 -19.57
CED CLA TE . -26.87 19.24 -19.35
C1 CLA TE . -34.84 16.82 -14.91
C2 CLA TE . -35.49 16.01 -13.85
C3 CLA TE . -36.31 14.99 -14.11
C4 CLA TE . -36.64 14.57 -15.50
MG CLA UE . -29.32 1.34 -3.87
CHA CLA UE . -27.71 4.19 -5.06
CHB CLA UE . -27.22 1.28 -1.19
CHC CLA UE . -31.00 -1.41 -2.70
CHD CLA UE . -31.47 1.48 -6.66
NA CLA UE . -27.71 2.55 -3.25
C1A CLA UE . -27.20 3.68 -3.89
C2A CLA UE . -26.03 4.27 -3.10
C3A CLA UE . -25.85 3.27 -1.93
C4A CLA UE . -27.00 2.29 -2.11
CMA CLA UE . -24.50 2.58 -1.96
CAA CLA UE . -26.35 5.66 -2.60
CBA CLA UE . -27.10 5.62 -1.28
CGA CLA UE . -28.20 6.64 -1.23
O1A CLA UE . -29.38 6.50 -1.52
O2A CLA UE . -27.76 7.86 -0.81
NB CLA UE . -29.10 0.13 -2.28
C1B CLA UE . -28.24 0.31 -1.26
C2B CLA UE . -28.51 -0.66 -0.16
C3B CLA UE . -29.59 -1.43 -0.59
C4B CLA UE . -29.98 -0.93 -1.93
CMB CLA UE . -27.73 -0.70 1.07
CAB CLA UE . -30.30 -2.51 0.04
CBB CLA UE . -29.87 -3.27 1.06
NC CLA UE . -30.94 0.24 -4.57
C1C CLA UE . -31.46 -0.86 -3.94
C2C CLA UE . -32.57 -1.40 -4.71
C3C CLA UE . -32.72 -0.57 -5.83
C4C CLA UE . -31.68 0.45 -5.73
CMC CLA UE . -33.37 -2.57 -4.34
CAC CLA UE . -33.71 -0.70 -6.92
CBC CLA UE . -34.63 0.50 -7.03
ND CLA UE . -29.61 2.53 -5.47
C1D CLA UE . -30.53 2.47 -6.56
C2D CLA UE . -30.26 3.59 -7.49
C3D CLA UE . -29.19 4.28 -6.97
C4D CLA UE . -28.82 3.57 -5.72
CMD CLA UE . -31.02 3.85 -8.71
CAD CLA UE . -28.29 5.40 -7.12
OBD CLA UE . -28.26 6.26 -8.00
CBD CLA UE . -27.29 5.35 -5.93
CGD CLA UE . -25.87 5.18 -6.39
O1D CLA UE . -25.00 4.45 -5.89
O2D CLA UE . -25.54 5.91 -7.48
CED CLA UE . -24.32 5.56 -8.14
C1 CLA UE . -28.76 8.88 -0.60
C2 CLA UE . -29.05 9.49 -1.92
C3 CLA UE . -28.22 10.38 -2.52
C4 CLA UE . -26.96 10.83 -1.90
C5 CLA UE . -28.57 10.96 -3.85
C6 CLA UE . -29.93 10.54 -4.36
C7 CLA UE . -29.84 9.30 -5.24
C8 CLA UE . -31.17 8.56 -5.26
C9 CLA UE . -30.96 7.10 -5.62
C10 CLA UE . -32.13 9.21 -6.25
C11 CLA UE . -33.47 8.52 -6.25
C12 CLA UE . -34.56 9.38 -6.86
C13 CLA UE . -34.36 9.55 -8.35
C14 CLA UE . -35.22 10.68 -8.89
C15 CLA UE . -34.68 8.26 -9.10
C16 CLA UE . -33.58 7.89 -10.06
C17 CLA UE . -34.09 7.77 -11.48
C18 CLA UE . -33.50 6.57 -12.21
C19 CLA UE . -34.07 5.27 -11.67
C20 CLA UE . -31.99 6.56 -12.09
MG CLA VE . -31.32 -12.84 -31.63
CHA CLA VE . -31.42 -15.08 -34.27
CHB CLA VE . -27.93 -13.12 -31.54
CHC CLA VE . -31.25 -10.40 -29.22
CHD CLA VE . -34.86 -12.64 -31.75
NA CLA VE . -29.93 -13.96 -32.71
C1A CLA VE . -30.17 -14.82 -33.79
C2A CLA VE . -28.87 -15.44 -34.29
C3A CLA VE . -27.84 -14.99 -33.23
C4A CLA VE . -28.60 -13.93 -32.43
CMA CLA VE . -27.45 -16.15 -32.34
CAA CLA VE . -28.54 -14.91 -35.67
CBA CLA VE . -27.51 -13.80 -35.60
CGA CLA VE . -27.99 -12.55 -36.28
O1A CLA VE . -27.84 -11.39 -35.91
O2A CLA VE . -28.68 -12.80 -37.44
NB CLA VE . -29.87 -11.97 -30.55
C1B CLA VE . -28.53 -12.14 -30.73
C2B CLA VE . -27.78 -11.13 -29.92
C3B CLA VE . -28.71 -10.36 -29.27
C4B CLA VE . -30.05 -10.88 -29.65
CMB CLA VE . -26.31 -11.06 -29.91
CAB CLA VE . -28.54 -9.25 -28.37
CBB CLA VE . -27.70 -9.22 -27.33
NC CLA VE . -32.80 -11.75 -30.64
C1C CLA VE . -32.54 -10.82 -29.67
C2C CLA VE . -33.79 -10.25 -29.19
C3C CLA VE . -34.81 -10.87 -29.90
C4C CLA VE . -34.18 -11.82 -30.81
CMC CLA VE . -33.89 -9.22 -28.15
CAC CLA VE . -36.26 -10.63 -29.76
CBC CLA VE . -36.76 -9.60 -30.76
ND CLA VE . -32.84 -13.65 -32.70
C1D CLA VE . -34.24 -13.49 -32.64
C2D CLA VE . -34.87 -14.36 -33.67
C3D CLA VE . -33.82 -14.95 -34.35
C4D CLA VE . -32.59 -14.49 -33.69
CMD CLA VE . -36.31 -14.49 -33.92
CAD CLA VE . -33.45 -15.88 -35.40
OBD CLA VE . -34.17 -16.49 -36.20
CBD CLA VE . -31.90 -15.98 -35.39
CGD CLA VE . -31.44 -17.40 -35.21
O1D CLA VE . -30.85 -17.89 -34.24
O2D CLA VE . -31.73 -18.20 -36.27
CED CLA VE . -31.02 -19.43 -36.40
C1 CLA VE . -28.16 -12.18 -38.63
C2 CLA VE . -28.75 -10.82 -38.70
C3 CLA VE . -29.21 -10.27 -39.83
C4 CLA VE . -29.20 -10.99 -41.13
C5 CLA VE . -29.79 -8.90 -39.82
C6 CLA VE . -31.18 -8.88 -39.20
C7 CLA VE . -31.43 -7.54 -38.50
C8 CLA VE . -32.91 -7.31 -38.23
C9 CLA VE . -33.12 -6.10 -37.36
C10 CLA VE . -33.53 -8.54 -37.58
C11 CLA VE . -35.02 -8.57 -37.82
C12 CLA VE . -35.34 -8.51 -39.30
C13 CLA VE . -36.81 -8.79 -39.61
C14 CLA VE . -37.61 -9.08 -38.35
C15 CLA VE . -36.96 -9.95 -40.58
C16 CLA VE . -38.41 -10.20 -40.91
C17 CLA VE . -38.72 -9.92 -42.35
C18 CLA VE . -38.28 -11.07 -43.24
C19 CLA VE . -39.43 -11.60 -44.07
C20 CLA VE . -37.14 -10.63 -44.13
MG CLA WE . -36.21 -12.70 -38.08
CHA CLA WE . -36.07 -14.02 -41.29
CHB CLA WE . -32.81 -12.66 -37.96
CHC CLA WE . -36.40 -11.23 -34.99
CHD CLA WE . -39.75 -12.89 -38.20
NA CLA WE . -34.71 -13.26 -39.42
C1A CLA WE . -34.86 -13.78 -40.71
C2A CLA WE . -33.49 -14.05 -41.34
C3A CLA WE . -32.50 -13.77 -40.20
C4A CLA WE . -33.38 -13.17 -39.10
CMA CLA WE . -31.80 -15.04 -39.73
CAA CLA WE . -33.25 -13.09 -42.49
CBA CLA WE . -33.76 -11.70 -42.16
CGA CLA WE . -33.02 -10.66 -42.93
O1A CLA WE . -31.95 -10.77 -43.53
O2A CLA WE . -33.65 -9.45 -42.93
NB CLA WE . -34.86 -12.11 -36.70
C1B CLA WE . -33.52 -12.08 -36.89
C2B CLA WE . -32.87 -11.34 -35.78
C3B CLA WE . -33.87 -10.93 -34.93
C4B CLA WE . -35.15 -11.41 -35.51
CMB CLA WE . -31.42 -11.14 -35.70
CAB CLA WE . -33.77 -10.17 -33.71
CBB CLA WE . -34.36 -9.00 -33.49
NC CLA WE . -37.80 -12.18 -36.82
C1C CLA WE . -37.63 -11.59 -35.59
C2C CLA WE . -38.95 -11.37 -34.98
C3C CLA WE . -39.89 -11.84 -35.88
C4C CLA WE . -39.17 -12.34 -37.05
CMC CLA WE . -39.14 -10.77 -33.66
CAC CLA WE . -41.35 -11.84 -35.72
CBC CLA WE . -41.97 -10.47 -35.81
ND CLA WE . -37.64 -13.26 -39.40
C1D CLA WE . -39.05 -13.32 -39.31
C2D CLA WE . -39.58 -13.88 -40.58
C3D CLA WE . -38.48 -14.13 -41.38
C4D CLA WE . -37.30 -13.76 -40.59
CMD CLA WE . -40.99 -14.07 -40.89
CAD CLA WE . -38.02 -14.63 -42.66
OBD CLA WE . -38.65 -14.99 -43.65
CBD CLA WE . -36.46 -14.61 -42.61
CGD CLA WE . -35.91 -16.00 -42.79
O1D CLA WE . -35.83 -16.67 -43.84
O2D CLA WE . -35.45 -16.58 -41.64
CED CLA WE . -36.40 -17.16 -40.74
C1 CLA WE . -32.89 -8.33 -43.44
C2 CLA WE . -33.18 -7.18 -42.55
C3 CLA WE . -32.27 -6.23 -42.28
C4 CLA WE . -30.91 -6.26 -42.86
C5 CLA WE . -32.60 -5.08 -41.39
C6 CLA WE . -31.96 -3.78 -41.83
C7 CLA WE . -32.34 -2.65 -40.90
C8 CLA WE . -31.41 -1.46 -41.03
MG CLA XE . -22.07 -12.92 -22.56
CHA CLA XE . -25.38 -13.36 -23.46
CHB CLA XE . -22.34 -9.58 -23.15
CHC CLA XE . -18.77 -12.53 -21.65
CHD CLA XE . -21.80 -16.40 -22.02
NA CLA XE . -23.63 -11.69 -23.19
C1A CLA XE . -24.95 -12.06 -23.51
C2A CLA XE . -25.77 -10.84 -23.94
C3A CLA XE . -24.76 -9.66 -23.84
C4A CLA XE . -23.48 -10.34 -23.36
CMA CLA XE . -24.56 -8.98 -25.16
CAA CLA XE . -26.99 -10.58 -23.08
CBA CLA XE . -27.80 -9.46 -23.70
CGA CLA XE . -29.16 -9.34 -23.10
O1A CLA XE . -29.59 -9.81 -22.04
O2A CLA XE . -30.00 -8.57 -23.86
NB CLA XE . -20.82 -11.34 -22.37
C1B CLA XE . -21.10 -10.07 -22.73
C2B CLA XE . -19.88 -9.23 -22.65
C3B CLA XE . -18.86 -10.06 -22.22
C4B CLA XE . -19.45 -11.42 -22.04
CMB CLA XE . -19.89 -7.80 -22.99
CAB CLA XE . -17.46 -9.81 -21.96
CBB CLA XE . -16.81 -8.65 -22.05
NC CLA XE . -20.58 -14.24 -21.93
C1C CLA XE . -19.31 -13.86 -21.59
C2C CLA XE . -18.53 -15.03 -21.18
C3C CLA XE . -19.37 -16.14 -21.31
C4C CLA XE . -20.66 -15.63 -21.78
CMC CLA XE . -17.13 -14.98 -20.76
CAC CLA XE . -18.99 -17.54 -21.03
CBC CLA XE . -19.83 -18.26 -20.00
ND CLA XE . -23.25 -14.55 -22.70
C1D CLA XE . -23.01 -15.93 -22.44
C2D CLA XE . -24.26 -16.68 -22.72
C3D CLA XE . -25.19 -15.74 -23.12
C4D CLA XE . -24.52 -14.43 -23.08
CMD CLA XE . -24.40 -18.13 -22.58
CAD CLA XE . -26.55 -15.52 -23.58
OBD CLA XE . -27.44 -16.33 -23.79
CBD CLA XE . -26.72 -13.98 -23.78
CGD CLA XE . -27.16 -13.64 -25.18
O1D CLA XE . -28.00 -12.81 -25.53
O2D CLA XE . -26.51 -14.35 -26.14
CED CLA XE . -26.19 -13.69 -27.36
C1 CLA XE . -30.88 -7.66 -23.18
C2 CLA XE . -32.22 -8.28 -23.22
C3 CLA XE . -33.29 -7.65 -23.74
C4 CLA XE . -34.63 -8.28 -23.77
C5 CLA XE . -33.17 -6.28 -24.32
C6 CLA XE . -33.85 -6.17 -25.67
C7 CLA XE . -34.38 -4.77 -25.89
C8 CLA XE . -33.44 -3.95 -26.77
C9 CLA XE . -33.89 -2.51 -26.81
C10 CLA XE . -33.37 -4.52 -28.18
C11 CLA XE . -32.19 -4.01 -28.94
C12 CLA XE . -30.87 -4.36 -28.27
C13 CLA XE . -30.71 -5.87 -28.13
MG CLA YE . -29.05 -5.60 -15.98
CHA CLA YE . -28.93 -8.42 -17.98
CHB CLA YE . -26.34 -4.33 -17.60
CHC CLA YE . -29.27 -2.77 -14.03
CHD CLA YE . -31.81 -6.99 -14.27
NA CLA YE . -27.84 -6.29 -17.53
C1A CLA YE . -27.95 -7.50 -18.23
C2A CLA YE . -26.87 -7.60 -19.29
C3A CLA YE . -25.97 -6.37 -19.03
C4A CLA YE . -26.76 -5.58 -17.99
CMA CLA YE . -24.62 -6.79 -18.51
CAA CLA YE . -27.49 -7.55 -20.68
CBA CLA YE . -28.17 -6.24 -21.02
CGA CLA YE . -29.53 -6.10 -20.39
O1A CLA YE . -30.38 -6.96 -20.17
O2A CLA YE . -29.82 -4.81 -20.03
NB CLA YE . -28.00 -3.88 -15.84
C1B CLA YE . -26.96 -3.52 -16.64
C2B CLA YE . -26.54 -2.12 -16.32
C3B CLA YE . -27.36 -1.68 -15.30
C4B CLA YE . -28.31 -2.80 -14.98
CMB CLA YE . -25.43 -1.46 -17.00
CAB CLA YE . -27.39 -0.42 -14.61
CBB CLA YE . -27.23 0.79 -15.16
NC CLA YE . -30.31 -5.01 -14.41
C1C CLA YE . -30.21 -3.82 -13.75
C2C CLA YE . -31.22 -3.75 -12.70
C3C CLA YE . -31.95 -4.94 -12.76
C4C CLA YE . -31.35 -5.73 -13.84
CMC CLA YE . -31.40 -2.61 -11.79
CAC CLA YE . -33.07 -5.32 -11.89
CBC CLA YE . -34.36 -5.62 -12.60
ND CLA YE . -30.13 -7.30 -16.03
C1D CLA YE . -31.26 -7.74 -15.29
C2D CLA YE . -31.69 -9.06 -15.79
C3D CLA YE . -30.84 -9.37 -16.84
C4D CLA YE . -29.88 -8.24 -16.94
CMD CLA YE . -32.83 -9.83 -15.27
CAD CLA YE . -30.47 -10.34 -17.86
OBD CLA YE . -30.99 -11.41 -18.14
CBD CLA YE . -29.26 -9.74 -18.64
CGD CLA YE . -28.07 -10.67 -18.71
O1D CLA YE . -27.24 -10.76 -19.62
O2D CLA YE . -27.92 -11.49 -17.64
CED CLA YE . -26.89 -12.47 -17.70
C1 CLA YE . -30.84 -4.65 -19.03
C2 CLA YE . -30.99 -3.18 -18.86
C3 CLA YE . -31.78 -2.63 -17.93
C4 CLA YE . -32.58 -3.45 -17.00
C5 CLA YE . -31.89 -1.14 -17.80
C6 CLA YE . -31.35 -0.65 -16.47
C7 CLA YE . -31.10 0.83 -16.51
C8 CLA YE . -31.82 1.56 -15.37
C9 CLA YE . -31.30 2.97 -15.23
C10 CLA YE . -31.64 0.81 -14.06
C11 CLA YE . -32.45 1.46 -12.95
C12 CLA YE . -33.65 0.63 -12.57
C13 CLA YE . -34.46 1.31 -11.45
C14 CLA YE . -33.55 1.80 -10.35
C15 CLA YE . -35.51 0.38 -10.88
C16 CLA YE . -36.90 0.96 -11.06
C17 CLA YE . -37.90 0.31 -10.12
C18 CLA YE . -39.32 0.38 -10.66
C19 CLA YE . -39.63 1.74 -11.25
C20 CLA YE . -40.32 0.05 -9.56
MG CLA ZE . -23.81 1.97 -21.06
CHA CLA ZE . -23.67 -1.39 -21.92
CHB CLA ZE . -20.83 2.48 -22.61
CHC CLA ZE . -23.99 5.27 -20.15
CHD CLA ZE . -26.86 1.34 -19.38
NA CLA ZE . -22.49 0.72 -22.10
C1A CLA ZE . -22.61 -0.65 -22.34
C2A CLA ZE . -21.40 -1.16 -23.14
C3A CLA ZE . -20.48 0.06 -23.23
C4A CLA ZE . -21.31 1.19 -22.63
CMA CLA ZE . -19.18 -0.15 -22.48
CAA CLA ZE . -21.81 -1.65 -24.53
CBA CLA ZE . -22.92 -0.81 -25.12
CGA CLA ZE . -23.02 -1.07 -26.59
O1A CLA ZE . -22.41 -0.52 -27.51
O2A CLA ZE . -23.93 -2.05 -26.91
NB CLA ZE . -22.58 3.54 -21.23
C1B CLA ZE . -21.50 3.59 -22.06
C2B CLA ZE . -21.10 5.00 -22.32
C3B CLA ZE . -21.98 5.79 -21.63
C4B CLA ZE . -22.94 4.88 -20.93
CMB CLA ZE . -19.98 5.38 -23.17
CAB CLA ZE . -22.06 7.23 -21.55
CBB CLA ZE . -21.99 7.94 -20.42
NC CLA ZE . -25.18 3.10 -19.97
C1C CLA ZE . -25.05 4.44 -19.70
C2C CLA ZE . -26.17 4.89 -18.89
C3C CLA ZE . -27.00 3.78 -18.68
C4C CLA ZE . -26.36 2.65 -19.35
CMC CLA ZE . -26.37 6.26 -18.41
CAC CLA ZE . -28.25 3.75 -17.91
CBC CLA ZE . -29.48 3.65 -18.78
ND CLA ZE . -25.09 0.42 -20.82
C1D CLA ZE . -26.30 0.29 -20.06
C2D CLA ZE . -26.76 -1.11 -20.14
C3D CLA ZE . -25.80 -1.79 -20.85
C4D CLA ZE . -24.77 -0.81 -21.22
CMD CLA ZE . -27.99 -1.61 -19.54
CAD CLA ZE . -25.38 -3.07 -21.41
OBD CLA ZE . -25.97 -4.14 -21.43
CBD CLA ZE . -23.96 -2.86 -22.01
CGD CLA ZE . -22.93 -3.65 -21.25
O1D CLA ZE . -22.07 -3.22 -20.48
O2D CLA ZE . -22.98 -5.00 -21.47
CED CLA ZE . -22.00 -5.81 -20.81
C1 CLA ZE . -24.31 -2.13 -28.29
C2 CLA ZE . -25.38 -1.13 -28.50
C3 CLA ZE . -26.64 -1.48 -28.85
C4 CLA ZE . -27.03 -2.89 -29.04
C5 CLA ZE . -27.70 -0.45 -29.05
C6 CLA ZE . -27.23 0.95 -28.69
C7 CLA ZE . -28.42 1.91 -28.65
C8 CLA ZE . -28.05 3.22 -27.96
C9 CLA ZE . -29.29 3.89 -27.43
C10 CLA ZE . -27.31 4.14 -28.92
C11 CLA ZE . -27.02 5.49 -28.30
C12 CLA ZE . -26.26 6.39 -29.25
C13 CLA ZE . -26.99 6.52 -30.57
C14 CLA ZE . -26.03 6.47 -31.73
C15 CLA ZE . -27.81 7.80 -30.62
C16 CLA ZE . -29.25 7.53 -30.96
C17 CLA ZE . -30.12 8.74 -30.66
C18 CLA ZE . -31.51 8.63 -31.27
C19 CLA ZE . -32.30 9.90 -31.08
C20 CLA ZE . -31.41 8.31 -32.74
MG CLA AF . 25.31 1.97 -16.44
CHA CLA AF . 28.07 1.36 -18.45
CHB CLA AF . 23.27 1.61 -19.15
CHC CLA AF . 22.60 2.49 -14.39
CHD CLA AF . 27.47 2.32 -13.66
NA CLA AF . 25.64 1.55 -18.46
C1A CLA AF . 26.87 1.32 -19.10
C2A CLA AF . 26.66 1.03 -20.58
C3A CLA AF . 25.13 1.14 -20.77
C4A CLA AF . 24.63 1.45 -19.36
CMA CLA AF . 24.77 2.23 -21.77
CAA CLA AF . 27.09 -0.39 -20.89
CBA CLA AF . 26.28 -1.40 -20.11
CGA CLA AF . 27.16 -2.16 -19.17
O1A CLA AF . 28.37 -2.00 -18.94
O2A CLA AF . 26.51 -3.16 -18.49
NB CLA AF . 23.32 2.00 -16.71
C1B CLA AF . 22.68 1.90 -17.90
C2B CLA AF . 21.23 2.17 -17.73
C3B CLA AF . 21.02 2.42 -16.39
C4B CLA AF . 22.36 2.32 -15.72
CMB CLA AF . 20.27 2.14 -18.84
CAB CLA AF . 19.80 2.72 -15.68
CBB CLA AF . 19.51 3.91 -15.16
NC CLA AF . 25.09 2.33 -14.40
C1C CLA AF . 23.88 2.49 -13.76
C2C CLA AF . 24.09 2.70 -12.34
C3C CLA AF . 25.47 2.67 -12.12
C4C CLA AF . 26.09 2.43 -13.43
CMC CLA AF . 23.03 2.89 -11.35
CAC CLA AF . 26.19 2.82 -10.85
CBC CLA AF . 26.81 4.18 -10.66
ND CLA AF . 27.29 1.90 -16.07
C1D CLA AF . 28.06 2.08 -14.88
C2D CLA AF . 29.50 1.93 -15.21
C3D CLA AF . 29.56 1.66 -16.56
C4D CLA AF . 28.16 1.65 -17.05
CMD CLA AF . 30.58 2.06 -14.25
CAD CLA AF . 30.42 1.37 -17.70
OBD CLA AF . 31.64 1.27 -17.75
CBD CLA AF . 29.50 1.20 -18.94
CGD CLA AF . 29.80 2.23 -20.00
O1D CLA AF . 29.15 3.24 -20.26
O2D CLA AF . 30.92 1.97 -20.71
CED CLA AF . 31.40 3.02 -21.57
C1 CLA AF . 27.12 -4.46 -18.50
C2 CLA AF . 26.13 -5.40 -17.92
C3 CLA AF . 25.90 -5.51 -16.61
C4 CLA AF . 26.63 -4.68 -15.61
C5 CLA AF . 24.89 -6.46 -16.08
C6 CLA AF . 25.32 -7.11 -14.77
C7 CLA AF . 26.21 -8.31 -15.02
C8 CLA AF . 26.25 -9.29 -13.86
C9 CLA AF . 25.20 -8.98 -12.81
C10 CLA AF . 27.63 -9.32 -13.21
C11 CLA AF . 28.67 -9.85 -14.16
C12 CLA AF . 29.88 -10.40 -13.43
C13 CLA AF . 30.98 -10.82 -14.39
C14 CLA AF . 30.42 -11.42 -15.66
C15 CLA AF . 31.93 -11.82 -13.73
C16 CLA AF . 33.38 -11.41 -13.94
C17 CLA AF . 33.85 -10.46 -12.87
C18 CLA AF . 35.24 -10.82 -12.39
C19 CLA AF . 35.36 -12.31 -12.10
C20 CLA AF . 36.28 -10.42 -13.41
MG CLA BF . 12.78 -6.28 -14.95
CHA CLA BF . 11.95 -4.85 -18.01
CHB CLA BF . 11.37 -9.22 -15.93
CHC CLA BF . 13.59 -7.62 -11.89
CHD CLA BF . 14.29 -3.23 -13.99
NA CLA BF . 11.81 -6.92 -16.70
C1A CLA BF . 11.57 -6.16 -17.87
C2A CLA BF . 10.82 -7.01 -18.90
C3A CLA BF . 10.68 -8.40 -18.22
C4A CLA BF . 11.33 -8.18 -16.85
CMA CLA BF . 9.26 -8.85 -18.12
CAA CLA BF . 11.56 -7.10 -20.23
CBA CLA BF . 12.58 -8.21 -20.28
CGA CLA BF . 12.92 -8.49 -21.72
O1A CLA BF . 12.15 -8.73 -22.65
O2A CLA BF . 14.25 -8.44 -21.97
NB CLA BF . 12.51 -8.08 -14.07
C1B CLA BF . 11.93 -9.16 -14.65
C2B CLA BF . 11.99 -10.31 -13.69
C3B CLA BF . 12.61 -9.87 -12.55
C4B CLA BF . 12.95 -8.44 -12.77
CMB CLA BF . 11.46 -11.64 -13.99
CAB CLA BF . 12.92 -10.59 -11.33
CBB CLA BF . 12.72 -10.16 -10.09
NC CLA BF . 13.75 -5.56 -13.26
C1C CLA BF . 13.97 -6.27 -12.12
C2C CLA BF . 14.66 -5.47 -11.13
C3C CLA BF . 14.89 -4.22 -11.73
C4C CLA BF . 14.31 -4.29 -13.06
CMC CLA BF . 15.04 -5.96 -9.80
CAC CLA BF . 15.57 -3.07 -11.14
CBC CLA BF . 14.84 -2.49 -9.95
ND CLA BF . 13.08 -4.45 -15.75
C1D CLA BF . 13.72 -3.29 -15.25
C2D CLA BF . 13.64 -2.21 -16.26
C3D CLA BF . 12.95 -2.75 -17.33
C4D CLA BF . 12.64 -4.15 -16.97
CMD CLA BF . 14.17 -0.86 -16.09
CAD CLA BF . 12.41 -2.52 -18.66
OBD CLA BF . 12.41 -1.49 -19.33
CBD CLA BF . 11.79 -3.86 -19.14
CGD CLA BF . 10.36 -3.72 -19.60
O1D CLA BF . 9.73 -4.47 -20.36
O2D CLA BF . 9.73 -2.62 -19.11
CED CLA BF . 9.17 -1.70 -20.06
C1 CLA BF . 14.90 -9.71 -22.23
C2 CLA BF . 16.31 -9.55 -21.85
C3 CLA BF . 17.11 -10.60 -21.60
C4 CLA BF . 16.61 -12.00 -21.67
C5 CLA BF . 18.55 -10.40 -21.24
C6 CLA BF . 19.13 -9.18 -21.92
C7 CLA BF . 20.64 -9.17 -21.81
C8 CLA BF . 21.14 -8.22 -20.72
C9 CLA BF . 20.40 -6.89 -20.79
C10 CLA BF . 22.64 -8.00 -20.85
C11 CLA BF . 23.40 -9.18 -20.32
C12 CLA BF . 23.03 -9.49 -18.88
C13 CLA BF . 23.92 -10.57 -18.29
C14 CLA BF . 23.59 -10.81 -16.83
C15 CLA BF . 25.40 -10.22 -18.45
C16 CLA BF . 26.29 -11.36 -18.00
C17 CLA BF . 26.67 -12.26 -19.17
C18 CLA BF . 27.15 -13.63 -18.70
C19 CLA BF . 27.93 -14.33 -19.79
C20 CLA BF . 27.97 -13.53 -17.44
MG CLA CF . -34.23 12.67 -39.39
CHA CLA CF . -30.98 12.11 -38.34
CHB CLA CF . -35.37 10.66 -36.89
CHC CLA CF . -37.43 13.28 -40.44
CHD CLA CF . -32.99 14.69 -42.01
NA CLA CF . -33.29 11.58 -37.86
C1A CLA CF . -31.93 11.50 -37.58
C2A CLA CF . -31.67 10.60 -36.37
C3A CLA CF . -33.09 10.16 -35.93
C4A CLA CF . -34.00 10.84 -36.95
CMA CLA CF . -33.24 8.67 -35.97
CAA CLA CF . -31.02 11.37 -35.24
CBA CLA CF . -31.91 12.49 -34.74
CGA CLA CF . -31.13 13.42 -33.86
O1A CLA CF . -30.93 14.62 -34.00
O2A CLA CF . -30.60 12.79 -32.77
NB CLA CF . -36.05 12.18 -38.71
C1B CLA CF . -36.29 11.21 -37.78
C2B CLA CF . -37.72 10.77 -37.85
C3B CLA CF . -38.30 11.51 -38.85
C4B CLA CF . -37.26 12.41 -39.41
CMB CLA CF . -38.28 9.73 -37.00
CAB CLA CF . -39.64 11.47 -39.35
CBB CLA CF . -40.18 10.39 -39.92
NC CLA CF . -35.06 13.81 -40.93
C1C CLA CF . -36.39 13.95 -41.16
C2C CLA CF . -36.63 14.85 -42.28
C3C CLA CF . -35.37 15.21 -42.76
C4C CLA CF . -34.39 14.56 -41.89
CMC CLA CF . -37.94 15.23 -42.80
CAC CLA CF . -35.06 16.10 -43.89
CBC CLA CF . -34.76 15.33 -45.15
ND CLA CF . -32.43 13.23 -40.12
C1D CLA CF . -32.06 14.08 -41.20
C2D CLA CF . -30.59 14.17 -41.26
C3D CLA CF . -30.11 13.41 -40.20
C4D CLA CF . -31.30 12.87 -39.51
CMD CLA CF . -29.83 14.91 -42.26
CAD CLA CF . -28.95 12.92 -39.48
OBD CLA CF . -27.76 13.06 -39.75
CBD CLA CF . -29.48 12.11 -38.26
CGD CLA CF . -29.00 10.69 -38.20
O1D CLA CF . -28.42 10.12 -37.27
O2D CLA CF . -29.27 9.97 -39.32
CED CLA CF . -29.45 8.57 -39.17
C1 CLA CF . -30.34 13.63 -31.62
C2 CLA CF . -29.30 12.94 -30.83
C3 CLA CF . -28.87 13.39 -29.64
C4 CLA CF . -29.41 14.63 -29.03
C5 CLA CF . -27.82 12.67 -28.88
C6 CLA CF . -28.38 11.85 -27.73
C7 CLA CF . -27.37 10.80 -27.32
C8 CLA CF . -27.82 10.00 -26.10
C9 CLA CF . -27.98 10.90 -24.90
C10 CLA CF . -26.82 8.89 -25.82
C11 CLA CF . -27.12 8.16 -24.54
C12 CLA CF . -25.98 7.25 -24.14
C13 CLA CF . -26.48 5.85 -23.81
C14 CLA CF . -27.06 5.79 -22.42
C15 CLA CF . -25.37 4.82 -23.98
C16 CLA CF . -25.81 3.46 -23.49
C17 CLA CF . -25.91 2.45 -24.62
C18 CLA CF . -27.03 1.44 -24.42
C19 CLA CF . -27.76 1.59 -23.09
C20 CLA CF . -26.49 0.02 -24.53
C1 PQN DF . 12.02 2.35 -9.05
O1 PQN DF . 11.16 1.66 -8.47
C2 PQN DF . 13.40 1.85 -9.22
C2M PQN DF . 13.75 0.48 -8.69
C3 PQN DF . 14.44 2.65 -9.91
C4 PQN DF . 14.09 4.00 -10.42
O4 PQN DF . 14.96 4.68 -10.99
C5 PQN DF . 12.71 4.52 -10.26
C6 PQN DF . 12.36 5.77 -10.74
C7 PQN DF . 11.06 6.22 -10.57
C8 PQN DF . 10.10 5.45 -9.92
C9 PQN DF . 10.40 4.19 -9.43
C10 PQN DF . 11.68 3.69 -9.58
C11 PQN DF . 15.85 2.14 -10.06
C12 PQN DF . 16.00 1.23 -11.26
C13 PQN DF . 16.87 1.55 -12.22
C14 PQN DF . 17.66 2.81 -12.15
C15 PQN DF . 17.05 0.63 -13.41
C16 PQN DF . 18.38 -0.05 -13.21
C17 PQN DF . 18.93 -0.61 -14.51
C18 PQN DF . 18.09 -1.77 -15.00
C19 PQN DF . 18.22 -2.96 -14.06
C20 PQN DF . 18.54 -2.14 -16.40
C21 PQN DF . 20.03 -2.44 -16.44
C22 PQN DF . 20.46 -2.78 -17.85
C23 PQN DF . 21.96 -2.99 -17.99
C24 PQN DF . 22.75 -1.88 -17.31
C25 PQN DF . 22.31 -3.08 -19.46
C26 PQN DF . 22.16 -1.74 -20.17
C27 PQN DF . 20.96 -1.71 -21.11
C28 PQN DF . 20.77 -0.31 -21.69
C29 PQN DF . 21.90 0.04 -22.65
C30 PQN DF . 19.41 -0.19 -22.37
C1 BCR EF . -25.98 4.04 -60.60
C2 BCR EF . -27.05 5.07 -60.23
C3 BCR EF . -27.95 4.69 -59.06
C4 BCR EF . -27.11 4.08 -57.94
C5 BCR EF . -26.58 2.81 -58.52
C6 BCR EF . -25.89 2.86 -59.66
C7 BCR EF . -24.99 1.76 -60.06
C8 BCR EF . -23.93 1.39 -59.34
C9 BCR EF . -23.13 0.27 -59.86
C10 BCR EF . -22.66 -0.66 -59.02
C11 BCR EF . -21.88 -1.78 -59.55
C33 BCR EF . -26.88 1.51 -57.83
C31 BCR EF . -24.61 4.73 -60.62
C32 BCR EF . -26.28 3.50 -61.99
C34 BCR EF . -22.83 0.17 -61.33
C12 BCR EF . -21.74 -2.87 -58.82
C13 BCR EF . -20.98 -4.01 -59.34
C14 BCR EF . -20.92 -5.13 -58.62
C15 BCR EF . -20.17 -6.27 -59.13
C16 BCR EF . -20.28 -7.45 -58.52
C17 BCR EF . -19.53 -8.57 -59.05
C18 BCR EF . -19.54 -9.76 -58.44
C19 BCR EF . -18.77 -10.86 -59.04
C20 BCR EF . -18.79 -12.09 -58.54
C21 BCR EF . -17.97 -13.07 -59.26
C22 BCR EF . -18.04 -14.38 -59.02
C23 BCR EF . -17.18 -15.25 -59.82
C24 BCR EF . -16.91 -16.50 -59.46
C25 BCR EF . -16.04 -17.34 -60.31
C26 BCR EF . -14.73 -17.09 -60.41
C27 BCR EF . -13.91 -17.69 -61.52
C28 BCR EF . -14.29 -19.15 -61.59
C29 BCR EF . -15.75 -19.28 -61.97
C30 BCR EF . -16.70 -18.50 -61.05
C35 BCR EF . -20.30 -3.92 -60.67
C36 BCR EF . -20.32 -9.97 -57.17
C37 BCR EF . -18.98 -14.94 -57.98
C38 BCR EF . -14.03 -16.19 -59.42
C39 BCR EF . -17.29 -19.43 -60.01
C40 BCR EF . -17.82 -17.93 -61.91
C1 BCR FF . -6.24 -9.00 -62.60
C2 BCR FF . -5.86 -9.11 -64.07
C3 BCR FF . -5.24 -10.44 -64.44
C4 BCR FF . -3.99 -10.63 -63.60
C5 BCR FF . -4.42 -10.68 -62.15
C6 BCR FF . -5.49 -9.98 -61.72
C7 BCR FF . -5.94 -10.19 -60.33
C8 BCR FF . -5.50 -9.44 -59.31
C9 BCR FF . -5.97 -9.72 -57.95
C10 BCR FF . -5.29 -9.24 -56.91
C11 BCR FF . -5.72 -9.51 -55.54
C33 BCR FF . -3.65 -11.55 -61.21
C31 BCR FF . -7.73 -9.29 -62.45
C32 BCR FF . -5.95 -7.58 -62.13
C34 BCR FF . -7.21 -10.54 -57.74
C12 BCR FF . -4.97 -9.08 -54.53
C13 BCR FF . -5.34 -9.38 -53.14
C14 BCR FF . -4.40 -9.30 -52.19
C15 BCR FF . -4.70 -9.61 -50.80
C16 BCR FF . -3.73 -9.53 -49.89
C17 BCR FF . -4.05 -9.90 -48.52
C18 BCR FF . -3.17 -9.81 -47.52
C19 BCR FF . -3.60 -10.26 -46.19
C20 BCR FF . -2.85 -10.21 -45.09
C21 BCR FF . -3.51 -10.73 -43.89
C22 BCR FF . -3.05 -10.57 -42.65
C23 BCR FF . -3.85 -11.16 -41.56
C24 BCR FF . -3.70 -10.79 -40.29
C25 BCR FF . -4.52 -11.42 -39.22
C26 BCR FF . -5.86 -11.48 -39.31
C27 BCR FF . -6.65 -12.62 -38.69
C28 BCR FF . -5.68 -13.59 -38.02
C29 BCR FF . -4.71 -12.82 -37.16
C30 BCR FF . -3.79 -11.97 -38.03
C35 BCR FF . -6.75 -9.78 -52.80
C36 BCR FF . -1.77 -9.32 -47.75
C37 BCR FF . -1.78 -9.81 -42.37
C38 BCR FF . -6.65 -10.39 -40.00
C39 BCR FF . -2.64 -12.84 -38.54
C40 BCR FF . -3.23 -10.81 -37.23
C1 BCR GF . -8.66 -16.33 -64.53
C2 BCR GF . -9.44 -15.38 -65.42
C3 BCR GF . -10.92 -15.69 -65.34
C4 BCR GF . -11.17 -17.04 -65.99
C5 BCR GF . -10.20 -18.07 -65.46
C6 BCR GF . -9.09 -17.76 -64.79
C7 BCR GF . -8.26 -18.91 -64.35
C8 BCR GF . -7.87 -19.11 -63.08
C9 BCR GF . -7.06 -20.31 -62.80
C10 BCR GF . -6.35 -20.45 -61.67
C11 BCR GF . -6.27 -19.42 -60.64
C33 BCR GF . -10.50 -19.52 -65.74
C31 BCR GF . -8.94 -15.96 -63.08
C32 BCR GF . -7.18 -16.20 -64.83
C34 BCR GF . -7.05 -21.43 -63.80
C12 BCR GF . -5.73 -19.75 -59.47
C13 BCR GF . -5.57 -18.80 -58.36
C14 BCR GF . -5.01 -19.23 -57.22
C15 BCR GF . -4.80 -18.32 -56.10
C16 BCR GF . -4.17 -18.77 -55.01
C17 BCR GF . -3.93 -17.86 -53.89
C18 BCR GF . -3.28 -18.27 -52.80
C19 BCR GF . -3.03 -17.31 -51.71
C20 BCR GF . -2.50 -17.66 -50.54
C21 BCR GF . -2.29 -16.60 -49.57
C22 BCR GF . -2.07 -16.84 -48.26
C23 BCR GF . -2.08 -18.20 -47.71
C24 BCR GF . -1.62 -18.36 -46.46
C25 BCR GF . -1.58 -19.66 -45.76
C26 BCR GF . -0.72 -20.63 -46.14
C27 BCR GF . -0.77 -22.02 -45.56
C28 BCR GF . -1.28 -21.95 -44.12
C29 BCR GF . -2.64 -21.27 -44.13
C30 BCR GF . -2.51 -19.82 -44.57
C35 BCR GF . -6.01 -17.37 -58.51
C36 BCR GF . -2.82 -19.70 -52.68
C37 BCR GF . -1.85 -15.67 -47.34
C38 BCR GF . 0.34 -20.36 -47.17
C39 BCR GF . -1.95 -19.00 -43.42
C40 BCR GF . -3.89 -19.31 -44.96
C1 BCR HF . -34.24 2.24 -42.90
C2 BCR HF . -34.51 1.55 -44.25
C3 BCR HF . -33.50 1.82 -45.36
C4 BCR HF . -32.09 1.98 -44.80
C5 BCR HF . -32.17 3.18 -43.89
C6 BCR HF . -33.04 3.15 -42.89
C7 BCR HF . -32.82 4.01 -41.70
C8 BCR HF . -31.79 3.76 -40.90
C9 BCR HF . -31.51 4.57 -39.70
C10 BCR HF . -30.31 4.42 -39.13
C11 BCR HF . -29.87 5.15 -37.96
C33 BCR HF . -31.30 4.37 -44.16
C31 BCR HF . -34.03 1.16 -41.84
C32 BCR HF . -35.46 3.07 -42.53
C34 BCR HF . -32.53 5.53 -39.16
C12 BCR HF . -28.56 5.17 -37.77
C13 BCR HF . -27.90 5.84 -36.65
C14 BCR HF . -26.56 5.79 -36.59
C15 BCR HF . -25.81 6.42 -35.51
C16 BCR HF . -24.48 6.42 -35.57
C17 BCR HF . -23.72 7.02 -34.49
C18 BCR HF . -22.39 7.05 -34.51
C19 BCR HF . -21.70 7.68 -33.38
C20 BCR HF . -20.38 7.59 -33.18
C21 BCR HF . -19.88 8.24 -31.99
C22 BCR HF . -18.66 8.00 -31.49
C23 BCR HF . -18.26 8.71 -30.27
C24 BCR HF . -17.17 8.38 -29.61
C25 BCR HF . -16.78 9.08 -28.37
C26 BCR HF . -16.23 10.31 -28.40
C27 BCR HF . -15.82 11.05 -27.15
C28 BCR HF . -16.57 10.51 -25.95
C29 BCR HF . -16.35 9.01 -25.88
C30 BCR HF . -16.99 8.32 -27.07
C35 BCR HF . -28.69 6.55 -35.60
C36 BCR HF . -21.61 6.47 -35.66
C37 BCR HF . -17.73 7.03 -32.16
C38 BCR HF . -15.98 11.01 -29.72
C39 BCR HF . -18.49 8.18 -26.83
C40 BCR HF . -16.37 6.93 -27.24
C1 BCR IF . -11.93 8.53 -31.76
C2 BCR IF . -11.97 10.04 -32.02
C3 BCR IF . -11.53 10.87 -30.83
C4 BCR IF . -12.40 10.53 -29.64
C5 BCR IF . -12.20 9.07 -29.33
C6 BCR IF . -12.18 8.17 -30.31
C7 BCR IF . -12.40 6.74 -30.02
C8 BCR IF . -13.61 6.31 -29.66
C9 BCR IF . -13.83 4.89 -29.41
C10 BCR IF . -15.09 4.45 -29.47
C11 BCR IF . -15.46 3.06 -29.28
C33 BCR IF . -11.99 8.66 -27.89
C31 BCR IF . -10.57 7.97 -32.16
C32 BCR IF . -13.01 7.88 -32.62
C34 BCR IF . -12.70 3.95 -29.10
C12 BCR IF . -16.65 2.77 -29.79
C13 BCR IF . -17.27 1.45 -29.76
C14 BCR IF . -18.54 1.37 -30.14
C15 BCR IF . -19.24 0.10 -30.19
C16 BCR IF . -20.38 0.12 -30.86
C17 BCR IF . -21.17 -1.08 -31.00
C18 BCR IF . -22.36 -1.03 -31.59
C19 BCR IF . -23.11 -2.28 -31.74
C20 BCR IF . -24.27 -2.30 -32.39
C21 BCR IF . -24.92 -3.59 -32.49
C22 BCR IF . -26.13 -3.72 -33.02
C23 BCR IF . -26.71 -5.06 -33.08
C24 BCR IF . -27.98 -5.22 -33.43
C25 BCR IF . -28.59 -6.57 -33.52
C26 BCR IF . -28.92 -7.25 -32.41
C27 BCR IF . -29.51 -8.63 -32.52
C28 BCR IF . -28.80 -9.33 -33.67
C29 BCR IF . -29.09 -8.60 -34.97
C30 BCR IF . -28.86 -7.09 -34.92
C35 BCR IF . -16.51 0.22 -29.36
C36 BCR IF . -22.91 0.27 -32.10
C37 BCR IF . -26.88 -2.52 -33.53
C38 BCR IF . -28.73 -6.67 -31.04
C39 BCR IF . -30.10 -6.36 -35.41
C40 BCR IF . -27.70 -6.75 -35.84
C1 BCR JF . 11.88 -19.74 -20.60
C2 BCR JF . 11.23 -21.09 -20.29
C3 BCR JF . 10.43 -21.01 -19.01
C4 BCR JF . 9.26 -20.05 -19.15
C5 BCR JF . 9.69 -18.77 -19.83
C6 BCR JF . 10.93 -18.59 -20.33
C7 BCR JF . 11.38 -17.22 -20.64
C8 BCR JF . 11.83 -16.45 -19.65
C9 BCR JF . 12.30 -15.08 -19.85
C10 BCR JF . 12.77 -14.46 -18.76
C11 BCR JF . 13.28 -13.09 -18.70
C33 BCR JF . 8.67 -17.67 -19.95
C31 BCR JF . 12.29 -19.68 -22.06
C32 BCR JF . 13.10 -19.59 -19.72
C34 BCR JF . 12.26 -14.41 -21.18
C12 BCR JF . 13.83 -12.79 -17.53
C13 BCR JF . 14.40 -11.48 -17.20
C14 BCR JF . 14.84 -11.30 -15.95
C15 BCR JF . 15.38 -10.03 -15.50
C16 BCR JF . 16.06 -9.97 -14.36
C17 BCR JF . 16.53 -8.65 -13.93
C18 BCR JF . 17.05 -8.49 -12.71
C19 BCR JF . 17.46 -7.13 -12.31
C20 BCR JF . 18.15 -6.86 -11.22
C21 BCR JF . 18.40 -5.44 -10.99
C22 BCR JF . 18.96 -4.95 -9.89
C23 BCR JF . 19.11 -3.49 -9.80
C24 BCR JF . 19.72 -2.89 -8.77
C25 BCR JF . 19.82 -1.42 -8.69
C26 BCR JF . 20.46 -0.69 -9.63
C27 BCR JF . 20.34 0.82 -9.68
C28 BCR JF . 19.23 1.32 -8.77
C29 BCR JF . 19.42 0.69 -7.39
C30 BCR JF . 19.17 -0.81 -7.47
C35 BCR JF . 14.47 -10.38 -18.21
C36 BCR JF . 17.18 -9.63 -11.76
C37 BCR JF . 19.42 -5.85 -8.77
C38 BCR JF . 21.33 -1.31 -10.67
C39 BCR JF . 17.67 -1.07 -7.56
C40 BCR JF . 19.74 -1.48 -6.24
O1 LHG KF . -39.75 17.32 -39.59
C1 LHG KF . -39.64 16.77 -38.31
C2 LHG KF . -38.25 17.10 -37.76
O2 LHG KF . -37.50 17.66 -38.79
C3 LHG KF . -37.57 15.81 -37.28
O3 LHG KF . -36.27 15.80 -37.75
P LHG KF . -35.06 15.50 -36.68
O4 LHG KF . -33.90 14.86 -37.40
O5 LHG KF . -34.60 16.78 -36.05
O6 LHG KF . -35.61 14.46 -35.49
C4 LHG KF . -35.40 14.85 -34.13
C5 LHG KF . -35.55 13.60 -33.25
C6 LHG KF . -36.29 13.98 -31.97
O7 LHG KF . -36.28 12.61 -33.93
C7 LHG KF . -35.96 11.31 -33.51
O9 LHG KF . -34.87 11.07 -33.13
C8 LHG KF . -37.03 10.19 -33.56
C9 LHG KF . -36.45 8.82 -33.19
C10 LHG KF . -37.33 8.07 -32.15
O8 LHG KF . -35.42 13.83 -30.89
C23 LHG KF . -36.06 13.91 -29.65
O10 LHG KF . -36.12 14.94 -29.07
C24 LHG KF . -36.69 12.64 -29.03
C11 LHG KF . -37.39 8.80 -30.79
C12 LHG KF . -36.40 8.20 -29.74
C25 LHG KF . -36.71 12.68 -27.51
C26 LHG KF . -37.22 11.64 -26.81
C27 LHG KF . -37.23 11.68 -25.24
C28 LHG KF . -38.42 10.87 -24.66
C29 LHG KF . -38.58 11.05 -23.12
C30 LHG KF . -38.83 12.54 -22.72
C1 BCR LF . -16.39 -12.85 -63.75
C2 BCR LF . -15.42 -13.85 -64.35
C3 BCR LF . -15.90 -15.28 -64.11
C4 BCR LF . -17.22 -15.54 -64.80
C5 BCR LF . -18.15 -14.35 -64.68
C6 BCR LF . -17.82 -13.29 -63.94
C7 BCR LF . -18.89 -12.47 -63.32
C8 BCR LF . -19.63 -12.96 -62.32
C9 BCR LF . -20.69 -12.16 -61.70
C10 BCR LF . -21.42 -12.71 -60.73
C11 BCR LF . -22.48 -11.99 -60.04
C33 BCR LF . -19.45 -14.38 -65.42
C31 BCR LF . -16.21 -11.48 -64.40
C32 BCR LF . -16.12 -12.73 -62.25
C34 BCR LF . -20.94 -10.75 -62.15
C12 BCR LF . -23.02 -12.60 -59.00
C13 BCR LF . -24.10 -12.02 -58.18
C14 BCR LF . -24.69 -12.84 -57.29
C15 BCR LF . -25.76 -12.40 -56.41
C16 BCR LF . -26.40 -13.33 -55.72
C17 BCR LF . -27.47 -12.96 -54.81
C18 BCR LF . -28.25 -13.90 -54.26
C19 BCR LF . -29.32 -13.48 -53.34
C20 BCR LF . -30.11 -14.35 -52.75
C21 BCR LF . -31.11 -13.77 -51.87
C22 BCR LF . -32.07 -14.48 -51.27
C23 BCR LF . -32.99 -13.74 -50.41
C24 BCR LF . -33.90 -14.35 -49.63
C25 BCR LF . -34.79 -13.53 -48.80
C26 BCR LF . -35.87 -12.94 -49.36
C27 BCR LF . -36.73 -11.96 -48.60
C28 BCR LF . -35.96 -11.42 -47.41
C29 BCR LF . -35.45 -12.57 -46.55
C30 BCR LF . -34.46 -13.43 -47.32
C35 BCR LF . -24.51 -10.60 -58.33
C36 BCR LF . -28.05 -15.36 -54.56
C37 BCR LF . -32.21 -15.96 -51.46
C38 BCR LF . -36.27 -13.26 -50.77
C39 BCR LF . -34.46 -14.84 -46.75
C40 BCR LF . -33.06 -12.82 -47.14
C1A DGD MF . 10.23 5.43 -21.33
C2A DGD MF . 9.99 3.95 -21.24
C3A DGD MF . 11.26 3.21 -21.61
C4A DGD MF . 10.90 2.01 -22.48
C5A DGD MF . 12.08 1.07 -22.63
C6A DGD MF . 11.62 -0.38 -22.53
C7A DGD MF . 11.95 -1.13 -23.80
C8A DGD MF . 11.99 -2.64 -23.54
C9A DGD MF . 11.22 -3.38 -24.61
CAA DGD MF . 12.02 -4.56 -25.16
O1A DGD MF . 11.29 5.84 -21.77
C1B DGD MF . 6.51 6.15 -23.40
C2B DGD MF . 5.15 6.12 -24.02
C3B DGD MF . 5.22 5.33 -25.32
C4B DGD MF . 5.06 3.82 -25.09
C5B DGD MF . 3.66 3.35 -25.41
C6B DGD MF . 3.01 2.67 -24.21
C7B DGD MF . 3.05 1.15 -24.32
C8B DGD MF . 2.83 0.52 -22.94
C9B DGD MF . 2.32 -0.92 -23.06
CAB DGD MF . 2.40 -1.66 -21.75
CBB DGD MF . 1.89 -3.09 -21.89
CCB DGD MF . 3.01 -4.10 -21.73
CDB DGD MF . 2.98 -5.15 -22.83
CEB DGD MF . 2.18 -6.37 -22.39
CFB DGD MF . 2.84 -7.66 -22.86
CGB DGD MF . 2.03 -8.87 -22.43
CHB DGD MF . 2.80 -10.16 -22.62
O1B DGD MF . 7.25 5.18 -23.51
O1G DGD MF . 9.24 6.37 -20.88
C1G DGD MF . 9.12 7.63 -21.51
C2G DGD MF . 8.43 7.39 -22.85
O2G DGD MF . 7.02 7.29 -22.67
C3G DGD MF . 8.76 8.56 -23.73
O3G DGD MF . 7.83 9.58 -23.39
C1D DGD MF . 7.89 10.63 -24.34
C2D DGD MF . 6.67 11.56 -24.14
O2D DGD MF . 5.58 10.82 -24.54
C3D DGD MF . 6.84 12.72 -25.16
O3D DGD MF . 5.89 13.68 -24.90
C4D DGD MF . 8.18 13.44 -24.99
O4D DGD MF . 8.30 13.98 -23.73
C5D DGD MF . 9.28 12.37 -25.10
O5D DGD MF . 10.62 14.03 -25.88
C6D DGD MF . 10.68 12.96 -24.96
O6D DGD MF . 9.08 11.38 -24.11
C1E DGD MF . 11.74 14.38 -26.59
C2E DGD MF . 11.54 15.82 -27.22
O2E DGD MF . 11.06 16.62 -26.19
C3E DGD MF . 10.55 15.82 -28.35
O3E DGD MF . 10.62 17.11 -28.84
C4E DGD MF . 11.04 14.83 -29.40
O4E DGD MF . 12.32 15.17 -29.75
C5E DGD MF . 11.07 13.44 -28.74
O6E DGD MF . 11.93 13.41 -27.60
C6E DGD MF . 11.69 12.40 -29.65
O5E DGD MF . 10.62 11.93 -30.38
C1 BCR NF . -28.12 -5.38 -9.47
C2 BCR NF . -27.17 -4.45 -10.21
C3 BCR NF . -27.92 -3.22 -10.70
C4 BCR NF . -28.44 -2.43 -9.52
C5 BCR NF . -29.18 -3.31 -8.54
C6 BCR NF . -29.01 -4.64 -8.49
C7 BCR NF . -29.69 -5.47 -7.48
C8 BCR NF . -30.99 -5.78 -7.54
C9 BCR NF . -31.58 -6.62 -6.48
C10 BCR NF . -32.35 -6.09 -5.54
C11 BCR NF . -32.93 -6.92 -4.49
C33 BCR NF . -30.13 -2.62 -7.59
C31 BCR NF . -27.32 -6.43 -8.71
C32 BCR NF . -29.05 -6.05 -10.48
C34 BCR NF . -31.33 -8.09 -6.50
C12 BCR NF . -33.82 -6.40 -3.65
C13 BCR NF . -34.43 -7.22 -2.58
C14 BCR NF . -35.08 -6.58 -1.60
C15 BCR NF . -35.70 -7.27 -0.48
C16 BCR NF . -36.41 -6.52 0.38
C17 BCR NF . -37.05 -7.09 1.57
C18 BCR NF . -37.84 -6.30 2.31
C19 BCR NF . -38.47 -6.82 3.53
C20 BCR NF . -39.03 -5.96 4.39
C21 BCR NF . -39.63 -6.42 5.63
C22 BCR NF . -40.28 -5.55 6.43
C23 BCR NF . -40.87 -6.01 7.70
C24 BCR NF . -41.83 -5.33 8.31
C25 BCR NF . -42.39 -5.80 9.60
C26 BCR NF . -41.75 -5.48 10.72
C27 BCR NF . -41.93 -6.23 12.02
C28 BCR NF . -42.91 -7.39 11.84
C29 BCR NF . -44.11 -6.95 11.01
C30 BCR NF . -43.70 -6.56 9.60
C35 BCR NF . -34.30 -8.71 -2.61
C36 BCR NF . -38.05 -4.87 1.91
C37 BCR NF . -40.40 -4.11 6.03
C38 BCR NF . -40.80 -4.31 10.72
C39 BCR NF . -44.76 -5.68 8.98
C40 BCR NF . -43.57 -7.84 8.76
C1 BCR OF . -34.52 -1.84 1.23
C2 BCR OF . -34.69 -3.35 1.06
C3 BCR OF . -34.34 -4.15 2.29
C4 BCR OF . -32.93 -3.80 2.72
C5 BCR OF . -32.94 -2.35 3.10
C6 BCR OF . -33.49 -1.45 2.28
C7 BCR OF . -33.10 -0.02 2.40
C8 BCR OF . -31.87 0.33 2.06
C9 BCR OF . -31.38 1.72 2.11
C10 BCR OF . -30.04 1.89 2.06
C11 BCR OF . -29.38 3.19 2.08
C33 BCR OF . -32.35 -1.94 4.43
C31 BCR OF . -35.85 -1.21 1.61
C32 BCR OF . -34.04 -1.28 -0.10
C34 BCR OF . -32.31 2.88 2.24
C12 BCR OF . -28.06 3.15 1.99
C13 BCR OF . -27.20 4.34 1.96
C14 BCR OF . -25.92 4.14 1.63
C15 BCR OF . -24.93 5.20 1.51
C16 BCR OF . -23.75 4.84 1.00
C17 BCR OF . -22.67 5.79 0.77
C18 BCR OF . -21.50 5.35 0.31
C19 BCR OF . -20.41 6.31 0.02
C20 BCR OF . -19.46 5.94 -0.82
C21 BCR OF . -18.38 6.85 -1.19
C22 BCR OF . -17.51 6.51 -2.15
C23 BCR OF . -16.44 7.44 -2.56
C24 BCR OF . -16.51 7.87 -3.81
C25 BCR OF . -15.56 8.80 -4.48
C26 BCR OF . -15.45 10.10 -4.12
C27 BCR OF . -14.80 11.11 -5.04
C28 BCR OF . -13.68 10.46 -5.82
C29 BCR OF . -14.24 9.28 -6.58
C30 BCR OF . -14.76 8.21 -5.62
C35 BCR OF . -27.73 5.70 2.27
C36 BCR OF . -21.28 3.88 0.07
C37 BCR OF . -17.63 5.18 -2.83
C38 BCR OF . -15.97 10.62 -2.82
C39 BCR OF . -13.59 7.43 -5.04
C40 BCR OF . -15.68 7.27 -6.40
MG CLA PF . -31.39 6.95 6.26
CHA CLA PF . -34.03 9.19 6.64
CHB CLA PF . -33.57 4.35 6.47
CHC CLA PF . -28.76 4.80 5.86
CHD CLA PF . -29.17 9.70 6.08
NA CLA PF . -33.47 6.82 6.51
C1A CLA PF . -34.39 7.87 6.64
C2A CLA PF . -35.81 7.31 6.82
C3A CLA PF . -35.62 5.78 6.83
C4A CLA PF . -34.11 5.62 6.58
CMA CLA PF . -36.05 5.16 8.13
CAA CLA PF . -36.70 7.71 5.64
CBA CLA PF . -38.15 7.34 5.89
CGA CLA PF . -38.62 8.01 7.15
O1A CLA PF . -38.26 9.08 7.63
O2A CLA PF . -39.58 7.29 7.81
NB CLA PF . -31.19 4.95 6.24
C1B CLA PF . -32.22 4.06 6.24
C2B CLA PF . -31.70 2.69 5.97
C3B CLA PF . -30.33 2.81 5.80
C4B CLA PF . -30.00 4.25 5.96
CMB CLA PF . -32.58 1.52 5.90
CAB CLA PF . -29.33 1.83 5.49
CBB CLA PF . -29.32 0.55 5.88
NC CLA PF . -29.34 7.21 6.02
C1C CLA PF . -28.45 6.19 5.88
C2C CLA PF . -27.09 6.72 5.75
C3C CLA PF . -27.20 8.11 5.80
C4C CLA PF . -28.62 8.41 5.98
CMC CLA PF . -25.89 5.90 5.59
CAC CLA PF . -26.11 9.10 5.70
CBC CLA PF . -25.66 9.59 7.05
ND CLA PF . -31.50 8.98 6.27
C1D CLA PF . -30.51 9.99 6.22
C2D CLA PF . -31.15 11.32 6.33
C3D CLA PF . -32.50 11.06 6.47
C4D CLA PF . -32.67 9.60 6.45
CMD CLA PF . -30.45 12.59 6.29
CAD CLA PF . -33.83 11.64 6.62
OBD CLA PF . -34.17 12.83 6.63
CBD CLA PF . -34.82 10.46 6.80
CGD CLA PF . -35.50 10.51 8.14
O1D CLA PF . -35.69 9.57 8.93
O2D CLA PF . -35.94 11.74 8.49
CED CLA PF . -37.00 11.84 9.44
C1 CLA PF . -40.82 7.10 7.11
C2 CLA PF . -41.84 7.94 7.79
C3 CLA PF . -43.12 8.01 7.38
C4 CLA PF . -43.61 7.25 6.19
C5 CLA PF . -44.12 8.85 8.09
C6 CLA PF . -44.56 10.04 7.25
C7 CLA PF . -45.90 10.58 7.73
C8 CLA PF . -47.04 10.17 6.82
C9 CLA PF . -47.26 11.23 5.75
C10 CLA PF . -48.32 9.94 7.60
C11 CLA PF . -48.15 8.81 8.60
C12 CLA PF . -49.48 8.16 8.93
C13 CLA PF . -49.40 7.18 10.10
C14 CLA PF . -48.07 7.27 10.84
C15 CLA PF . -49.65 5.75 9.67
C16 CLA PF . -51.09 5.56 9.22
C17 CLA PF . -51.72 4.34 9.87
C18 CLA PF . -53.00 3.93 9.16
C19 CLA PF . -52.89 2.53 8.58
C20 CLA PF . -54.19 4.01 10.11
MG CLA QF . -40.78 -6.25 -18.71
CHA CLA QF . -43.71 -5.66 -16.95
CHB CLA QF . -39.88 -3.00 -18.31
CHC CLA QF . -37.90 -6.90 -20.47
CHD CLA QF . -41.73 -9.64 -19.03
NA CLA QF . -41.67 -4.61 -17.76
C1A CLA QF . -42.89 -4.57 -17.07
C2A CLA QF . -43.15 -3.17 -16.52
C3A CLA QF . -41.94 -2.35 -17.02
C4A CLA QF . -41.09 -3.38 -17.74
CMA CLA QF . -42.37 -1.23 -17.93
CAA CLA QF . -43.15 -3.20 -15.01
CBA CLA QF . -44.41 -2.57 -14.42
CGA CLA QF . -44.51 -1.15 -14.88
O1A CLA QF . -43.61 -0.31 -15.00
O2A CLA QF . -45.79 -0.79 -15.17
NB CLA QF . -39.17 -5.17 -19.23
C1B CLA QF . -39.01 -3.83 -19.02
C2B CLA QF . -37.76 -3.36 -19.67
C3B CLA QF . -37.20 -4.45 -20.29
C4B CLA QF . -38.08 -5.62 -20.02
CMB CLA QF . -37.32 -1.97 -19.64
CAB CLA QF . -35.99 -4.53 -21.08
CBB CLA QF . -34.95 -5.33 -20.82
NC CLA QF . -39.97 -7.96 -19.59
C1C CLA QF . -38.77 -7.99 -20.27
C2C CLA QF . -38.52 -9.35 -20.75
C3C CLA QF . -39.60 -10.14 -20.33
C4C CLA QF . -40.50 -9.26 -19.60
CMC CLA QF . -37.35 -9.76 -21.53
CAC CLA QF . -39.80 -11.57 -20.58
CBC CLA QF . -40.89 -11.84 -21.57
ND CLA QF . -42.35 -7.42 -18.19
C1D CLA QF . -42.60 -8.81 -18.38
C2D CLA QF . -43.92 -9.14 -17.78
C3D CLA QF . -44.41 -7.96 -17.25
C4D CLA QF . -43.38 -6.93 -17.51
CMD CLA QF . -44.53 -10.47 -17.81
CAD CLA QF . -45.50 -7.32 -16.54
OBD CLA QF . -46.57 -7.78 -16.17
CBD CLA QF . -45.06 -5.84 -16.28
CGD CLA QF . -46.07 -4.87 -16.83
O1D CLA QF . -46.98 -4.30 -16.22
O2D CLA QF . -45.91 -4.60 -18.16
CED CLA QF . -46.58 -3.46 -18.71
C1 CLA QF . -45.96 0.47 -15.87
C2 CLA QF . -45.80 0.18 -17.32
C3 CLA QF . -46.33 0.98 -18.27
C4 CLA QF . -47.12 2.19 -17.93
C5 CLA QF . -46.15 0.66 -19.71
C6 CLA QF . -45.43 1.76 -20.48
C7 CLA QF . -44.05 1.99 -19.93
C1 BCR RF . -31.85 14.44 -6.42
C2 BCR RF . -32.15 14.24 -4.94
C3 BCR RF . -33.25 13.21 -4.77
C4 BCR RF . -34.54 13.76 -5.33
C5 BCR RF . -34.32 14.25 -6.74
C6 BCR RF . -33.09 14.40 -7.27
C7 BCR RF . -32.94 14.53 -8.73
C8 BCR RF . -33.10 13.49 -9.55
C9 BCR RF . -32.94 13.67 -11.01
C10 BCR RF . -33.01 12.61 -11.82
C11 BCR RF . -32.85 12.77 -13.26
C33 BCR RF . -35.54 14.60 -7.56
C31 BCR RF . -30.90 13.33 -6.89
C32 BCR RF . -31.18 15.79 -6.63
C34 BCR RF . -32.69 15.04 -11.58
C12 BCR RF . -33.09 11.74 -14.08
C13 BCR RF . -32.93 11.91 -15.53
C14 BCR RF . -33.12 10.86 -16.35
C15 BCR RF . -33.50 9.58 -15.79
C16 BCR RF . -33.61 8.50 -16.56
C17 BCR RF . -34.02 7.24 -15.95
C18 BCR RF . -34.22 6.14 -16.67
C19 BCR RF . -34.67 4.91 -15.98
C20 BCR RF . -34.86 3.78 -16.63
C21 BCR RF . -35.32 2.64 -15.84
C22 BCR RF . -35.67 1.48 -16.39
C23 BCR RF . -36.15 0.39 -15.54
C24 BCR RF . -36.75 -0.67 -16.07
C25 BCR RF . -37.26 -1.78 -15.23
C26 BCR RF . -38.47 -1.66 -14.66
C27 BCR RF . -39.02 -2.71 -13.73
C28 BCR RF . -37.89 -3.52 -13.14
C29 BCR RF . -37.06 -4.11 -14.25
C30 BCR RF . -36.40 -3.02 -15.10
C35 BCR RF . -32.55 13.25 -16.09
C36 BCR RF . -34.05 6.14 -18.16
C37 BCR RF . -35.60 1.30 -17.89
C38 BCR RF . -39.34 -0.48 -14.98
C39 BCR RF . -36.17 -3.56 -16.50
C40 BCR RF . -35.06 -2.65 -14.48
C1 BCR SF . 13.21 -15.62 -33.24
C2 BCR SF . 13.00 -16.33 -34.57
C3 BCR SF . 14.16 -17.27 -34.82
C4 BCR SF . 15.42 -16.46 -35.07
C5 BCR SF . 15.52 -15.28 -34.12
C6 BCR SF . 14.61 -15.06 -33.16
C7 BCR SF . 14.91 -14.25 -31.96
C8 BCR SF . 15.88 -14.57 -31.10
C9 BCR SF . 16.13 -13.74 -29.91
C10 BCR SF . 17.08 -14.11 -29.05
C11 BCR SF . 17.39 -13.36 -27.84
C33 BCR SF . 16.67 -14.34 -34.32
C31 BCR SF . 13.02 -16.61 -32.10
C32 BCR SF . 12.24 -14.46 -33.08
C34 BCR SF . 15.33 -12.50 -29.67
C12 BCR SF . 18.32 -13.88 -27.04
C13 BCR SF . 18.73 -13.27 -25.76
C14 BCR SF . 19.64 -13.91 -25.03
C15 BCR SF . 20.10 -13.40 -23.74
C16 BCR SF . 21.07 -14.05 -23.10
C17 BCR SF . 21.53 -13.60 -21.80
C18 BCR SF . 22.45 -14.28 -21.13
C19 BCR SF . 22.88 -13.82 -19.79
C20 BCR SF . 23.44 -14.68 -18.95
C21 BCR SF . 23.85 -14.30 -17.61
C22 BCR SF . 24.33 -15.25 -16.79
C23 BCR SF . 24.75 -14.95 -15.41
C24 BCR SF . 23.85 -15.20 -14.46
C25 BCR SF . 24.01 -15.01 -13.00
C26 BCR SF . 24.47 -13.89 -12.42
C27 BCR SF . 24.58 -13.78 -10.92
C28 BCR SF . 23.39 -14.52 -10.32
C29 BCR SF . 23.54 -15.99 -10.68
C30 BCR SF . 23.56 -16.21 -12.18
C35 BCR SF . 18.13 -11.97 -25.31
C36 BCR SF . 23.06 -15.52 -21.71
C37 BCR SF . 24.46 -16.65 -17.28
C38 BCR SF . 24.88 -12.66 -13.19
C39 BCR SF . 22.16 -16.58 -12.63
C40 BCR SF . 24.50 -17.36 -12.50
MG CLA TF . 28.35 -25.22 -31.63
CHA CLA TF . 28.28 -28.56 -32.53
CHB CLA TF . 27.47 -26.05 -28.46
CHC CLA TF . 28.73 -21.92 -30.73
CHD CLA TF . 29.32 -24.41 -34.94
NA CLA TF . 27.91 -27.02 -30.68
C1A CLA TF . 27.95 -28.31 -31.22
C2A CLA TF . 27.56 -29.35 -30.18
C3A CLA TF . 27.12 -28.51 -28.97
C4A CLA TF . 27.53 -27.08 -29.37
CMA CLA TF . 25.64 -28.61 -28.75
CAA CLA TF . 28.81 -30.16 -29.87
CBA CLA TF . 28.66 -31.13 -28.73
CGA CLA TF . 30.03 -31.43 -28.20
O1A CLA TF . 31.03 -31.75 -28.83
O2A CLA TF . 30.13 -31.31 -26.84
NB CLA TF . 28.14 -24.18 -29.92
C1B CLA TF . 27.80 -24.71 -28.71
C2B CLA TF . 27.79 -23.64 -27.68
C3B CLA TF . 28.14 -22.47 -28.30
C4B CLA TF . 28.37 -22.80 -29.74
CMB CLA TF . 27.46 -23.88 -26.27
CAB CLA TF . 28.30 -21.15 -27.76
CBB CLA TF . 27.62 -20.07 -28.16
NC CLA TF . 28.87 -23.48 -32.67
C1C CLA TF . 28.96 -22.23 -32.10
C2C CLA TF . 29.36 -21.26 -33.11
C3C CLA TF . 29.54 -21.96 -34.30
C4C CLA TF . 29.24 -23.36 -34.01
CMC CLA TF . 29.54 -19.83 -32.87
CAC CLA TF . 29.96 -21.43 -35.60
CBC CLA TF . 28.79 -21.19 -36.53
ND CLA TF . 28.63 -26.18 -33.39
C1D CLA TF . 29.05 -25.73 -34.67
C2D CLA TF . 29.13 -26.89 -35.59
C3D CLA TF . 28.85 -28.01 -34.81
C4D CLA TF . 28.56 -27.50 -33.45
CMD CLA TF . 29.48 -26.82 -37.00
CAD CLA TF . 28.68 -29.45 -34.79
OBD CLA TF . 28.72 -30.27 -35.71
CBD CLA TF . 28.39 -29.85 -33.30
CGD CLA TF . 27.15 -30.68 -33.15
O1D CLA TF . 27.05 -31.83 -32.71
O2D CLA TF . 26.01 -30.03 -33.54
CED CLA TF . 25.07 -30.79 -34.30
C1 CLA TF . 31.42 -30.95 -26.32
C2 CLA TF . 31.20 -29.98 -25.22
C3 CLA TF . 30.96 -28.68 -25.43
C4 CLA TF . 30.73 -27.73 -24.32
C5 CLA TF . 30.95 -28.10 -26.79
C6 CLA TF . 31.87 -26.89 -26.86
C7 CLA TF . 31.49 -25.99 -28.01
C8 CLA TF . 31.79 -26.63 -29.35
C9 CLA TF . 33.23 -27.11 -29.39
C10 CLA TF . 31.50 -25.65 -30.47
C11 CLA TF . 32.60 -25.54 -31.50
C12 CLA TF . 33.22 -24.16 -31.52
C13 CLA TF . 33.06 -23.49 -32.87
C14 CLA TF . 33.01 -24.50 -34.00
C15 CLA TF . 34.20 -22.50 -33.12
C16 CLA TF . 34.07 -21.28 -32.23
C17 CLA TF . 34.89 -20.12 -32.75
C1 XAT UF . -16.38 10.75 17.22
C2 XAT UF . -15.69 12.11 17.32
C3 XAT UF . -15.84 12.65 18.72
C4 XAT UF . -14.90 11.83 19.58
C5 XAT UF . -15.35 10.38 19.62
C6 XAT UF . -16.16 9.84 18.43
C7 XAT UF . -15.89 8.36 18.19
C8 XAT UF . -16.98 7.61 18.19
C9 XAT UF . -17.04 6.16 18.03
C10 XAT UF . -18.14 5.61 17.50
C11 XAT UF . -18.27 4.17 17.39
C12 XAT UF . -19.53 3.77 17.45
C13 XAT UF . -19.97 2.37 17.45
C14 XAT UF . -21.28 2.14 17.38
C15 XAT UF . -21.82 0.78 17.47
C16 XAT UF . -15.90 10.05 15.94
C17 XAT UF . -17.87 10.99 17.07
C18 XAT UF . -14.45 9.28 20.23
C19 XAT UF . -15.91 5.29 18.51
C20 XAT UF . -18.98 1.25 17.61
O3 XAT UF . -15.48 14.04 18.77
O4 XAT UF . -16.76 10.18 19.69
C21 XAT UF . -30.02 -8.56 19.09
C22 XAT UF . -30.74 -9.81 19.59
C23 XAT UF . -30.30 -10.17 20.99
C24 XAT UF . -30.87 -9.09 21.89
C25 XAT UF . -30.18 -7.76 21.61
C26 XAT UF . -29.66 -7.53 20.18
C27 XAT UF . -29.68 -6.07 19.77
C28 XAT UF . -28.54 -5.64 19.24
C29 XAT UF . -28.33 -4.24 18.80
C30 XAT UF . -27.06 -3.91 18.52
C31 XAT UF . -26.67 -2.56 18.13
C32 XAT UF . -25.40 -2.37 17.78
C33 XAT UF . -24.95 -1.00 17.47
C34 XAT UF . -23.64 -0.75 17.51
C35 XAT UF . -23.13 0.59 17.31
C36 XAT UF . -30.87 -7.87 18.03
C37 XAT UF . -28.74 -8.99 18.39
C38 XAT UF . -30.64 -6.45 22.25
C39 XAT UF . -29.45 -3.27 18.69
C40 XAT UF . -25.94 0.08 17.16
O23 XAT UF . -30.85 -11.43 21.36
O24 XAT UF . -28.80 -7.88 21.27
MG CLA VF . -28.26 -7.98 2.59
CHA CLA VF . -30.48 -9.73 4.60
CHB CLA VF . -30.83 -7.04 0.58
CHC CLA VF . -26.04 -6.12 0.74
CHD CLA VF . -25.63 -8.97 4.74
NA CLA VF . -30.32 -8.35 2.60
C1A CLA VF . -31.05 -9.07 3.54
C2A CLA VF . -32.54 -9.09 3.19
C3A CLA VF . -32.60 -8.29 1.86
C4A CLA VF . -31.16 -7.84 1.64
CMA CLA VF . -33.07 -9.17 0.74
CAA CLA VF . -33.38 -8.45 4.28
CBA CLA VF . -33.33 -6.94 4.24
CGA CLA VF . -33.96 -6.37 5.47
O1A CLA VF . -33.52 -6.37 6.62
O2A CLA VF . -35.19 -5.80 5.24
NB CLA VF . -28.42 -6.75 1.01
C1B CLA VF . -29.54 -6.58 0.26
C2B CLA VF . -29.22 -5.81 -0.99
C3B CLA VF . -27.86 -5.55 -0.94
C4B CLA VF . -27.34 -6.14 0.32
CMB CLA VF . -30.21 -5.47 -2.00
CAB CLA VF . -27.04 -4.85 -1.89
CBB CLA VF . -26.36 -3.74 -1.64
NC CLA VF . -26.20 -7.62 2.72
C1C CLA VF . -25.50 -6.81 1.86
C2C CLA VF . -24.10 -6.76 2.27
C3C CLA VF . -23.99 -7.59 3.39
C4C CLA VF . -25.31 -8.11 3.67
CMC CLA VF . -23.06 -5.99 1.58
CAC CLA VF . -22.77 -7.85 4.18
CBC CLA VF . -22.70 -7.00 5.43
ND CLA VF . -28.01 -9.17 4.21
C1D CLA VF . -26.88 -9.47 5.00
C2D CLA VF . -27.29 -10.37 6.11
C3D CLA VF . -28.66 -10.50 6.00
C4D CLA VF . -29.06 -9.71 4.81
CMD CLA VF . -26.39 -10.94 7.11
CAD CLA VF . -29.87 -11.13 6.53
OBD CLA VF . -29.99 -11.94 7.44
CBD CLA VF . -31.07 -10.57 5.70
CGD CLA VF . -31.97 -11.64 5.16
O1D CLA VF . -32.96 -12.12 5.68
O2D CLA VF . -31.61 -12.10 3.92
CED CLA VF . -32.62 -12.73 3.14
C1 CLA VF . -35.92 -5.35 6.41
C2 CLA VF . -35.50 -3.96 6.69
C3 CLA VF . -35.89 -2.90 5.97
C4 CLA VF . -36.80 -3.04 4.81
C5 CLA VF . -35.42 -1.52 6.33
C6 CLA VF . -36.34 -0.42 5.85
C7 CLA VF . -37.47 -0.18 6.82
C8 CLA VF . -37.83 1.30 6.94
C9 CLA VF . -37.66 1.78 8.37
C10 CLA VF . -39.25 1.57 6.44
C11 CLA VF . -39.76 2.93 6.88
C12 CLA VF . -40.49 3.66 5.78
C13 CLA VF . -41.92 3.17 5.63
MG CLA WF . -33.54 -1.65 21.29
CHA CLA WF . -35.90 -3.51 23.04
CHB CLA WF . -36.01 -0.36 19.34
CHC CLA WF . -31.19 0.23 19.64
CHD CLA WF . -31.00 -3.06 23.30
NA CLA WF . -35.62 -1.91 21.22
C1A CLA WF . -36.41 -2.73 22.04
C2A CLA WF . -37.88 -2.62 21.64
C3A CLA WF . -37.86 -1.69 20.39
C4A CLA WF . -36.40 -1.27 20.30
CMA CLA WF . -38.34 -2.40 19.15
CAA CLA WF . -38.71 -2.01 22.75
CBA CLA WF . -38.04 -0.79 23.34
NB CLA WF . -33.59 -0.34 19.76
C1B CLA WF . -34.70 0.12 19.14
C2B CLA WF . -34.35 1.21 18.19
C3B CLA WF . -32.99 1.38 18.27
C4B CLA WF . -32.48 0.40 19.26
CMB CLA WF . -35.34 1.90 17.37
CAB CLA WF . -32.12 2.30 17.56
CBB CLA WF . -31.28 3.15 18.13
NC CLA WF . -31.47 -1.47 21.45
C1C CLA WF . -30.70 -0.65 20.66
C2C CLA WF . -29.30 -0.77 21.03
C3C CLA WF . -29.24 -1.69 22.07
C4C CLA WF . -30.61 -2.13 22.32
CMC CLA WF . -28.21 -0.03 20.40
CAC CLA WF . -28.04 -2.15 22.79
CBC CLA WF . -27.25 -3.20 22.03
ND CLA WF . -33.40 -2.96 22.82
C1D CLA WF . -32.30 -3.46 23.55
C2D CLA WF . -32.78 -4.42 24.57
C3D CLA WF . -34.15 -4.46 24.43
C4D CLA WF . -34.49 -3.55 23.32
CMD CLA WF . -31.92 -5.13 25.52
CAD CLA WF . -35.39 -5.04 24.91
OBD CLA WF . -35.56 -5.83 25.84
CBD CLA WF . -36.55 -4.47 24.03
CGD CLA WF . -37.38 -5.53 23.38
O1D CLA WF . -38.25 -5.40 22.51
O2D CLA WF . -37.13 -6.80 23.81
CED CLA WF . -38.23 -7.56 24.29
C1 BCR XF . -10.54 -0.20 22.07
C2 BCR XF . -10.05 0.82 23.07
C3 BCR XF . -10.94 0.87 24.29
C4 BCR XF . -12.32 1.33 23.86
C5 BCR XF . -12.85 0.48 22.75
C6 BCR XF . -12.03 -0.11 21.85
C7 BCR XF . -12.56 -0.68 20.60
C8 BCR XF . -13.15 -1.87 20.54
C9 BCR XF . -13.65 -2.39 19.25
C10 BCR XF . -14.87 -2.05 18.84
C11 BCR XF . -15.38 -2.54 17.58
C33 BCR XF . -14.34 0.30 22.68
C31 BCR XF . -10.23 -1.61 22.59
C32 BCR XF . -9.84 0.00 20.74
C34 BCR XF . -12.81 -3.31 18.41
C12 BCR XF . -16.64 -2.25 17.26
C13 BCR XF . -17.24 -2.70 16.00
C14 BCR XF . -18.53 -2.46 15.76
C15 BCR XF . -19.17 -2.87 14.53
C16 BCR XF . -20.50 -2.79 14.42
C17 BCR XF . -21.11 -3.19 13.18
C18 BCR XF . -22.43 -3.04 12.97
C19 BCR XF . -22.98 -3.44 11.67
C20 BCR XF . -24.22 -3.14 11.32
C21 BCR XF . -24.66 -3.57 9.99
C22 BCR XF . -25.89 -3.32 9.53
C23 BCR XF . -26.23 -3.77 8.19
C24 BCR XF . -27.45 -3.58 7.67
C25 BCR XF . -27.74 -4.04 6.30
C26 BCR XF . -27.01 -3.59 5.28
C27 BCR XF . -26.79 -4.49 4.10
C28 BCR XF . -28.19 -4.84 3.64
C29 BCR XF . -28.89 -5.66 4.71
C30 BCR XF . -28.90 -5.00 6.09
C35 BCR XF . -16.41 -3.43 14.98
C36 BCR XF . -23.31 -2.46 14.04
C37 BCR XF . -26.88 -2.57 10.37
C38 BCR XF . -26.45 -2.20 5.25
C39 BCR XF . -28.81 -6.08 7.16
C40 BCR XF . -30.22 -4.26 6.22
C1 LMG YF . -27.27 23.81 19.04
O1 LMG YF . -28.62 23.51 19.40
C2 LMG YF . -27.28 24.19 17.56
O2 LMG YF . -27.68 23.08 16.74
C3 LMG YF . -25.88 24.62 17.14
O3 LMG YF . -25.88 25.04 15.78
C4 LMG YF . -25.41 25.74 18.05
O4 LMG YF . -26.25 26.88 17.87
C5 LMG YF . -25.48 25.29 19.50
O5 LMG YF . -24.41 27.46 19.78
C6 LMG YF . -25.07 26.39 20.47
O6 LMG YF . -26.81 24.90 19.81
C7 LMG YF . -28.69 22.72 20.58
C8 LMG YF . -28.83 21.28 20.14
C9 LMG YF . -29.84 21.24 19.00
O7 LMG YF . -27.57 20.83 19.68
C10 LMG YF . -27.45 19.39 19.75
O9 LMG YF . -26.53 18.84 19.17
C11 LMG YF . -28.45 18.58 20.55
C12 LMG YF . -28.11 17.11 20.38
C13 LMG YF . -28.62 16.61 19.04
C14 LMG YF . -27.80 15.41 18.59
C15 LMG YF . -26.73 15.04 19.61
C16 LMG YF . -26.66 13.52 19.74
C17 LMG YF . -25.39 13.10 20.45
C18 LMG YF . -25.55 11.71 21.06
O8 LMG YF . -31.14 21.17 19.56
C28 LMG YF . -32.02 20.09 19.16
O10 LMG YF . -32.65 20.18 18.13
C29 LMG YF . -32.13 18.86 20.02
C30 LMG YF . -32.44 17.65 19.14
C31 LMG YF . -33.89 17.24 19.29
C1 BCR ZF . 35.74 -4.49 -6.73
C2 BCR ZF . 36.96 -3.81 -7.31
C3 BCR ZF . 37.89 -4.83 -7.94
C4 BCR ZF . 38.44 -5.74 -6.85
C5 BCR ZF . 37.32 -6.31 -6.02
C6 BCR ZF . 36.10 -5.77 -6.00
C7 BCR ZF . 35.04 -6.43 -5.20
C8 BCR ZF . 34.28 -7.42 -5.68
C9 BCR ZF . 33.26 -8.01 -4.79
C10 BCR ZF . 32.33 -8.84 -5.27
C11 BCR ZF . 32.28 -9.19 -6.69
C33 BCR ZF . 37.63 -7.52 -5.19
C31 BCR ZF . 34.76 -4.81 -7.86
C32 BCR ZF . 35.07 -3.56 -5.73
C34 BCR ZF . 33.27 -7.68 -3.33
C12 BCR ZF . 31.44 -10.16 -7.06
C13 BCR ZF . 31.33 -10.58 -8.46
C14 BCR ZF . 30.76 -11.76 -8.73
C15 BCR ZF . 30.63 -12.25 -10.10
C16 BCR ZF . 29.79 -13.25 -10.36
C17 BCR ZF . 29.69 -13.73 -11.73
C18 BCR ZF . 28.97 -14.82 -12.05
C19 BCR ZF . 28.93 -15.23 -13.46
C20 BCR ZF . 28.37 -16.36 -13.86
C21 BCR ZF . 28.44 -16.62 -15.30
C22 BCR ZF . 27.97 -17.73 -15.88
C23 BCR ZF . 28.13 -17.85 -17.33
C24 BCR ZF . 28.04 -19.04 -17.94
C25 BCR ZF . 28.22 -19.15 -19.41
C26 BCR ZF . 29.46 -19.07 -19.91
C27 BCR ZF . 29.70 -18.93 -21.39
C28 BCR ZF . 28.46 -18.39 -22.06
C29 BCR ZF . 27.28 -19.30 -21.77
C30 BCR ZF . 27.01 -19.40 -20.27
C35 BCR ZF . 31.83 -9.71 -9.58
C36 BCR ZF . 28.23 -15.59 -11.00
C37 BCR ZF . 27.30 -18.81 -15.06
C38 BCR ZF . 30.67 -19.15 -19.03
C39 BCR ZF . 26.53 -20.81 -19.97
C40 BCR ZF . 25.90 -18.41 -19.94
MG CLA AG . 50.00 -12.06 -7.61
CHA CLA AG . 53.14 -11.72 -9.06
CHB CLA AG . 49.40 -14.78 -9.56
CHC CLA AG . 46.98 -12.44 -6.04
CHD CLA AG . 50.67 -9.20 -5.63
NA CLA AG . 51.11 -13.06 -9.07
C1A CLA AG . 52.41 -12.77 -9.52
C2A CLA AG . 52.83 -13.75 -10.61
C3A CLA AG . 51.57 -14.60 -10.86
C4A CLA AG . 50.62 -14.14 -9.76
CMA CLA AG . 51.00 -14.36 -12.23
CAA CLA AG . 53.98 -14.63 -10.12
CBA CLA AG . 53.68 -15.26 -8.78
NB CLA AG . 48.47 -13.34 -7.79
C1B CLA AG . 48.44 -14.43 -8.60
C2B CLA AG . 47.19 -15.21 -8.36
C3B CLA AG . 46.49 -14.55 -7.36
C4B CLA AG . 47.31 -13.36 -6.98
CMB CLA AG . 46.87 -16.42 -9.10
CAB CLA AG . 45.24 -14.86 -6.73
CBB CLA AG . 44.14 -15.32 -7.34
NC CLA AG . 49.01 -11.00 -6.11
C1C CLA AG . 47.76 -11.33 -5.62
C2C CLA AG . 47.37 -10.39 -4.59
C3C CLA AG . 48.41 -9.46 -4.47
C4C CLA AG . 49.44 -9.86 -5.44
CMC CLA AG . 46.11 -10.43 -3.85
CAC CLA AG . 48.49 -8.31 -3.55
CBC CLA AG . 49.38 -8.59 -2.36
ND CLA AG . 51.51 -10.74 -7.34
C1D CLA AG . 51.65 -9.59 -6.51
C2D CLA AG . 52.97 -8.96 -6.77
C3D CLA AG . 53.59 -9.75 -7.72
C4D CLA AG . 52.64 -10.83 -8.05
CMD CLA AG . 53.47 -7.77 -6.08
CAD CLA AG . 54.77 -9.95 -8.54
OBD CLA AG . 55.82 -9.30 -8.56
CBD CLA AG . 54.51 -11.20 -9.43
CGD CLA AG . 54.58 -10.85 -10.89
O1D CLA AG . 54.28 -9.77 -11.42
O2D CLA AG . 55.03 -11.85 -11.69
CED CLA AG . 54.81 -11.74 -13.09
MG CLA BG . 39.47 -8.14 -9.15
CHA CLA BG . 42.81 -7.45 -8.59
CHB CLA BG . 39.63 -10.76 -6.99
CHC CLA BG . 36.10 -8.68 -9.63
CHD CLA BG . 39.33 -5.39 -11.37
NA CLA BG . 41.00 -8.96 -8.00
C1A CLA BG . 42.31 -8.51 -7.89
C2A CLA BG . 43.09 -9.38 -6.90
C3A CLA BG . 42.09 -10.49 -6.52
C4A CLA BG . 40.80 -10.05 -7.20
CMA CLA BG . 42.56 -11.85 -6.99
CAA CLA BG . 43.38 -8.53 -5.67
CBA CLA BG . 42.08 -8.08 -5.01
CGA CLA BG . 42.24 -6.90 -4.12
O1A CLA BG . 43.13 -6.68 -3.30
O2A CLA BG . 41.23 -5.98 -4.26
NB CLA BG . 38.12 -9.45 -8.43
C1B CLA BG . 38.39 -10.46 -7.57
C2B CLA BG . 37.15 -11.26 -7.32
C3B CLA BG . 36.16 -10.68 -8.06
C4B CLA BG . 36.75 -9.52 -8.79
CMB CLA BG . 37.13 -12.42 -6.43
CAB CLA BG . 34.76 -11.04 -8.19
CBB CLA BG . 34.29 -12.29 -8.35
NC CLA BG . 37.99 -7.21 -10.30
C1C CLA BG . 36.68 -7.59 -10.34
C2C CLA BG . 35.93 -6.70 -11.23
C3C CLA BG . 36.85 -5.77 -11.73
C4C CLA BG . 38.14 -6.09 -11.14
CMC CLA BG . 34.50 -6.82 -11.49
CAC CLA BG . 36.57 -4.66 -12.64
CBC CLA BG . 36.66 -3.33 -11.93
ND CLA BG . 40.73 -6.75 -9.90
C1D CLA BG . 40.55 -5.68 -10.81
C2D CLA BG . 41.84 -4.99 -11.02
C3D CLA BG . 42.75 -5.64 -10.20
C4D CLA BG . 42.01 -6.71 -9.51
CMD CLA BG . 42.06 -3.86 -11.92
CAD CLA BG . 44.13 -5.70 -9.73
OBD CLA BG . 45.10 -5.03 -10.06
CBD CLA BG . 44.20 -6.86 -8.69
CGD CLA BG . 45.20 -7.91 -9.10
O1D CLA BG . 45.37 -8.37 -10.23
O2D CLA BG . 45.97 -8.37 -8.08
CED CLA BG . 46.86 -9.45 -8.37
C1 CLA BG . 41.13 -4.98 -3.23
C2 CLA BG . 39.69 -4.70 -3.03
C3 CLA BG . 39.17 -3.45 -2.99
C4 CLA BG . 40.02 -2.25 -3.14
C5 CLA BG . 37.71 -3.23 -2.79
C6 CLA BG . 37.40 -2.45 -1.54
C7 CLA BG . 37.49 -3.34 -0.31
C8 CLA BG . 37.30 -2.59 1.01
C9 CLA BG . 37.70 -1.13 0.89
C10 CLA BG . 38.11 -3.27 2.10
C11 CLA BG . 37.59 -2.93 3.49
C12 CLA BG . 37.43 -4.17 4.34
C13 CLA BG . 38.23 -4.08 5.63
C14 CLA BG . 37.69 -2.98 6.52
C15 CLA BG . 39.71 -3.86 5.36
MG CLA CG . 39.33 -20.65 -5.45
CHA CLA CG . 42.16 -22.64 -5.66
CHB CLA CG . 37.36 -23.42 -5.67
CHC CLA CG . 36.56 -18.64 -5.14
CHD CLA CG . 41.41 -17.79 -5.22
NA CLA CG . 39.73 -22.69 -5.63
C1A CLA CG . 40.97 -23.33 -5.70
C2A CLA CG . 40.82 -24.84 -5.83
C3A CLA CG . 39.28 -25.04 -5.97
C4A CLA CG . 38.73 -23.63 -5.73
CMA CLA CG . 38.92 -25.57 -7.34
CAA CLA CG . 41.28 -25.48 -4.54
CBA CLA CG . 41.34 -26.99 -4.65
CGA CLA CG . 42.54 -27.38 -5.45
O1A CLA CG . 42.71 -28.38 -6.16
O2A CLA CG . 43.56 -26.46 -5.37
NB CLA CG . 37.34 -20.97 -5.47
C1B CLA CG . 36.74 -22.19 -5.47
C2B CLA CG . 35.27 -22.04 -5.24
C3B CLA CG . 35.04 -20.68 -5.09
C4B CLA CG . 36.35 -19.99 -5.24
CMB CLA CG . 34.35 -23.16 -5.18
CAB CLA CG . 33.81 -19.97 -4.83
CBB CLA CG . 32.65 -20.18 -5.45
NC CLA CG . 39.05 -18.59 -5.23
C1C CLA CG . 37.83 -17.99 -5.14
C2C CLA CG . 37.99 -16.55 -5.00
C3C CLA CG . 39.36 -16.30 -5.01
C4C CLA CG . 40.03 -17.60 -5.15
CMC CLA CG . 36.88 -15.60 -4.88
CAC CLA CG . 40.03 -14.99 -4.91
CBC CLA CG . 40.62 -14.75 -3.54
ND CLA CG . 41.31 -20.25 -5.39
C1D CLA CG . 42.03 -19.03 -5.32
C2D CLA CG . 43.48 -19.32 -5.38
C3D CLA CG . 43.59 -20.69 -5.52
C4D CLA CG . 42.21 -21.22 -5.52
CMD CLA CG . 44.54 -18.32 -5.32
CAD CLA CG . 44.49 -21.82 -5.63
OBD CLA CG . 45.72 -21.85 -5.65
CBD CLA CG . 43.59 -23.10 -5.77
CGD CLA CG . 43.84 -23.79 -7.08
O1D CLA CG . 43.09 -23.84 -8.06
O2D CLA CG . 45.05 -24.40 -7.17
CED CLA CG . 45.41 -24.99 -8.42
C1 CLA CG . 44.66 -26.80 -4.51
C1 BCR DG . 18.77 -0.44 -28.14
C2 BCR DG . 18.16 -0.38 -29.54
C3 BCR DG . 16.74 -0.92 -29.60
C4 BCR DG . 16.72 -2.36 -29.13
C5 BCR DG . 17.23 -2.38 -27.71
C6 BCR DG . 18.28 -1.64 -27.34
C7 BCR DG . 18.99 -2.01 -26.09
C8 BCR DG . 19.90 -2.98 -26.14
C9 BCR DG . 20.66 -3.43 -24.96
C10 BCR DG . 21.99 -3.35 -25.00
C11 BCR DG . 22.83 -3.78 -23.89
C33 BCR DG . 16.53 -3.25 -26.73
C31 BCR DG . 18.43 0.83 -27.38
C32 BCR DG . 20.28 -0.47 -28.27
C34 BCR DG . 19.96 -3.99 -23.76
C12 BCR DG . 24.14 -3.57 -23.99
C13 BCR DG . 25.08 -4.00 -22.95
C14 BCR DG . 26.38 -3.68 -23.07
C15 BCR DG . 27.34 -4.10 -22.08
C16 BCR DG . 28.59 -3.70 -22.15
C17 BCR DG . 29.54 -4.16 -21.14
C18 BCR DG . 30.72 -3.56 -20.94
C19 BCR DG . 31.61 -4.10 -19.90
C20 BCR DG . 32.75 -3.51 -19.58
C21 BCR DG . 33.56 -4.12 -18.53
C22 BCR DG . 34.75 -3.62 -18.18
C23 BCR DG . 35.53 -4.29 -17.13
C24 BCR DG . 36.77 -4.67 -17.39
C25 BCR DG . 37.63 -5.35 -16.41
C26 BCR DG . 38.59 -4.66 -15.79
C27 BCR DG . 39.78 -5.34 -15.17
C28 BCR DG . 39.36 -6.68 -14.59
C29 BCR DG . 38.67 -7.50 -15.65
C30 BCR DG . 37.41 -6.83 -16.17
C35 BCR DG . 24.61 -4.81 -21.78
C36 BCR DG . 31.13 -2.37 -21.77
C37 BCR DG . 35.28 -2.39 -18.85
C38 BCR DG . 38.51 -3.16 -15.73
C39 BCR DG . 36.27 -7.04 -15.18
C40 BCR DG . 37.04 -7.46 -17.51
O1 LHG EG . 23.28 9.14 -41.12
C1 LHG EG . 23.53 7.82 -40.75
C2 LHG EG . 24.52 7.23 -41.75
O2 LHG EG . 25.80 7.65 -41.45
C3 LHG EG . 24.15 7.70 -43.17
O3 LHG EG . 24.31 6.64 -44.06
P LHG EG . 23.07 5.58 -44.24
O4 LHG EG . 21.79 6.23 -43.78
O5 LHG EG . 22.93 5.21 -45.69
O6 LHG EG . 23.36 4.21 -43.34
C4 LHG EG . 22.77 4.10 -42.05
C5 LHG EG . 23.57 3.07 -41.22
C6 LHG EG . 24.80 2.63 -42.00
O7 LHG EG . 23.97 3.66 -40.00
C7 LHG EG . 23.88 2.80 -38.90
O9 LHG EG . 24.79 2.72 -38.14
C8 LHG EG . 22.60 1.97 -38.67
C9 LHG EG . 22.62 1.22 -37.32
C10 LHG EG . 21.33 0.40 -37.08
O8 LHG EG . 25.49 1.69 -41.23
C23 LHG EG . 25.44 0.39 -41.74
O10 LHG EG . 26.40 -0.09 -42.26
C24 LHG EG . 24.14 -0.44 -41.62
C11 LHG EG . 20.25 1.20 -36.30
C12 LHG EG . 20.07 0.68 -34.83
C13 LHG EG . 18.60 0.88 -34.31
C14 LHG EG . 17.94 -0.46 -33.89
C15 LHG EG . 16.47 -0.58 -34.37
C16 LHG EG . 16.05 -2.04 -34.64
C17 LHG EG . 15.18 -2.60 -33.52
C18 LHG EG . 15.30 -4.12 -33.40
C19 LHG EG . 14.46 -4.68 -32.27
C25 LHG EG . 24.37 -1.78 -40.95
C26 LHG EG . 24.89 -1.85 -39.70
C27 LHG EG . 25.12 -3.24 -39.04
C28 LHG EG . 23.77 -3.94 -38.69
C29 LHG EG . 23.95 -5.43 -38.30
C30 LHG EG . 24.74 -6.22 -39.38
C31 LHG EG . 23.84 -7.14 -40.21
C32 LHG EG . 22.82 -7.90 -39.33
C33 LHG EG . 21.58 -8.33 -40.12
C34 LHG EG . 21.90 -9.36 -41.24
C35 LHG EG . 20.64 -10.01 -41.82
C36 LHG EG . 20.90 -10.73 -43.14
C37 LHG EG . 21.68 -12.04 -42.96
C38 LHG EG . 21.02 -12.96 -41.92
C1 BCR FG . 12.36 -4.37 -39.98
C2 BCR FG . 12.24 -2.97 -39.44
C3 BCR FG . 13.16 -2.76 -38.27
C4 BCR FG . 12.91 -3.75 -37.17
C5 BCR FG . 12.56 -5.10 -37.65
C6 BCR FG . 12.31 -5.41 -38.91
C7 BCR FG . 11.97 -6.76 -39.33
C8 BCR FG . 12.94 -7.64 -39.65
C9 BCR FG . 12.69 -8.97 -40.15
C10 BCR FG . 13.69 -9.85 -40.09
C11 BCR FG . 13.72 -11.11 -40.79
C33 BCR FG . 12.50 -6.11 -36.59
C31 BCR FG . 11.26 -4.58 -40.99
C32 BCR FG . 13.69 -4.45 -40.70
C34 BCR FG . 11.50 -9.19 -41.00
C12 BCR FG . 14.78 -11.91 -40.58
C13 BCR FG . 14.99 -13.19 -41.18
C14 BCR FG . 16.06 -13.91 -40.79
C15 BCR FG . 16.55 -15.08 -41.46
C16 BCR FG . 17.85 -15.37 -41.42
C17 BCR FG . 18.23 -16.75 -41.58
C18 BCR FG . 19.47 -17.23 -41.39
C19 BCR FG . 19.69 -18.64 -41.65
C20 BCR FG . 20.91 -19.15 -41.83
C21 BCR FG . 21.02 -20.53 -42.23
C22 BCR FG . 22.15 -21.25 -42.20
C23 BCR FG . 22.07 -22.67 -42.50
C24 BCR FG . 23.07 -23.35 -43.07
C25 BCR FG . 22.92 -24.64 -43.72
C26 BCR FG . 22.41 -24.76 -44.95
C27 BCR FG . 22.22 -26.03 -45.70
C28 BCR FG . 22.90 -27.20 -45.04
C29 BCR FG . 22.75 -27.10 -43.55
C30 BCR FG . 23.37 -25.85 -42.97
C35 BCR FG . 14.21 -13.61 -42.36
C36 BCR FG . 20.62 -16.38 -41.07
C37 BCR FG . 23.41 -20.68 -41.69
C38 BCR FG . 21.96 -23.61 -45.74
C39 BCR FG . 23.12 -25.74 -41.48
C40 BCR FG . 24.87 -26.06 -43.13
FE1 SF4 GG . 12.91 25.86 -10.39
FE2 SF4 GG . 12.80 28.85 -10.79
FE3 SF4 GG . 10.44 27.16 -11.55
FE4 SF4 GG . 12.99 27.00 -13.16
S1 SF4 GG . 11.67 28.56 -12.58
S2 SF4 GG . 11.75 25.58 -12.16
S3 SF4 GG . 14.13 27.29 -11.39
S4 SF4 GG . 11.59 27.42 -9.77
FE1 SF4 HG . 3.03 35.33 -11.28
FE2 SF4 HG . 5.97 35.68 -10.86
FE3 SF4 HG . 4.09 36.04 -8.55
FE4 SF4 HG . 4.14 38.09 -10.81
S1 SF4 HG . 5.57 37.26 -9.48
S2 SF4 HG . 2.65 36.89 -9.87
S3 SF4 HG . 4.54 36.51 -12.20
S4 SF4 HG . 4.47 34.47 -9.96
#